data_4AYK
#
_entry.id   4AYK
#
_cell.length_a   1.000
_cell.length_b   1.000
_cell.length_c   1.000
_cell.angle_alpha   90.00
_cell.angle_beta   90.00
_cell.angle_gamma   90.00
#
_symmetry.space_group_name_H-M   'P 1'
#
loop_
_entity.id
_entity.type
_entity.pdbx_description
1 polymer 'PROTEIN (COLLAGENASE)'
2 non-polymer 'ZINC ION'
3 non-polymer 'CALCIUM ION'
4 non-polymer 'N-HYDROXY-2(R)-[[(4-METHOXYPHENYL)SULFONYL](3-PICOLYL)AMINO]-3-METHYLBUTANAMIDE HYDROCHLORIDE'
#
_entity_poly.entity_id   1
_entity_poly.type   'polypeptide(L)'
_entity_poly.pdbx_seq_one_letter_code
;VLTEGNPRWEQTHLTYRIENYTPDLPRADVDHAIEKAFQLWSNVTPLTFTKVSEGQADIMISFVRGDHRDNSPFDGPGGN
LAHAFQPGPGIGGDAHFDEDERWTNNFREYNLHRVAAHELGHSLGLSHSTDIGALMYPSYTFSGDVQLAQDDIDGIQAIY
GRSQNPVQP
;
_entity_poly.pdbx_strand_id   A
#
loop_
_chem_comp.id
_chem_comp.type
_chem_comp.name
_chem_comp.formula
CA non-polymer 'CALCIUM ION' 'Ca 2'
CGS non-polymer 'N-HYDROXY-2(R)-[[(4-METHOXYPHENYL)SULFONYL](3-PICOLYL)AMINO]-3-METHYLBUTANAMIDE HYDROCHLORIDE' 'C18 H23 N3 O5 S'
ZN non-polymer 'ZINC ION' 'Zn 2'
#
# COMPACT_ATOMS: atom_id res chain seq x y z
N VAL A 1 -15.12 14.89 0.15
CA VAL A 1 -16.39 15.48 0.62
C VAL A 1 -17.56 14.85 -0.14
N LEU A 2 -17.39 14.67 -1.43
CA LEU A 2 -18.49 14.07 -2.25
C LEU A 2 -18.80 12.67 -1.71
N THR A 3 -17.78 11.94 -1.33
CA THR A 3 -18.00 10.57 -0.80
C THR A 3 -18.11 10.65 0.73
N GLU A 4 -18.98 9.87 1.31
CA GLU A 4 -19.14 9.92 2.79
C GLU A 4 -18.07 9.06 3.50
N GLY A 5 -17.06 9.67 4.04
CA GLY A 5 -16.01 8.89 4.77
C GLY A 5 -15.02 8.22 3.83
N ASN A 6 -15.04 8.53 2.56
CA ASN A 6 -14.06 7.87 1.63
C ASN A 6 -13.73 8.80 0.47
N PRO A 7 -13.06 9.90 0.74
CA PRO A 7 -12.70 10.88 -0.34
C PRO A 7 -11.49 10.41 -1.15
N ARG A 8 -11.48 10.68 -2.43
CA ARG A 8 -10.33 10.27 -3.28
C ARG A 8 -9.27 11.36 -3.23
N TRP A 9 -8.08 11.08 -3.70
CA TRP A 9 -7.01 12.12 -3.67
C TRP A 9 -7.21 13.06 -4.87
N GLU A 10 -7.43 14.31 -4.62
CA GLU A 10 -7.64 15.28 -5.74
C GLU A 10 -6.28 15.72 -6.31
N GLN A 11 -5.21 15.41 -5.62
CA GLN A 11 -3.86 15.80 -6.11
C GLN A 11 -3.35 14.77 -7.11
N THR A 12 -2.53 15.19 -8.05
CA THR A 12 -1.98 14.23 -9.05
C THR A 12 -0.61 13.75 -8.56
N HIS A 13 -0.15 14.29 -7.45
CA HIS A 13 1.17 13.90 -6.88
C HIS A 13 0.97 13.57 -5.40
N LEU A 14 1.69 12.59 -4.90
CA LEU A 14 1.54 12.20 -3.45
C LEU A 14 2.92 12.04 -2.82
N THR A 15 2.99 12.13 -1.51
CA THR A 15 4.29 11.98 -0.79
C THR A 15 4.11 10.95 0.32
N TYR A 16 5.16 10.25 0.66
CA TYR A 16 5.05 9.21 1.74
C TYR A 16 6.33 9.20 2.58
N ARG A 17 6.26 8.69 3.77
CA ARG A 17 7.47 8.67 4.65
C ARG A 17 7.40 7.46 5.60
N ILE A 18 8.46 6.70 5.67
CA ILE A 18 8.47 5.52 6.58
C ILE A 18 8.93 5.96 7.97
N GLU A 19 8.12 5.74 8.97
CA GLU A 19 8.51 6.18 10.35
C GLU A 19 9.70 5.36 10.86
N ASN A 20 9.73 4.08 10.60
CA ASN A 20 10.87 3.26 11.08
C ASN A 20 10.94 1.94 10.31
N TYR A 21 12.10 1.31 10.32
CA TYR A 21 12.25 0.01 9.60
C TYR A 21 12.16 -1.14 10.61
N THR A 22 11.47 -2.19 10.26
CA THR A 22 11.34 -3.35 11.20
C THR A 22 12.71 -4.03 11.33
N PRO A 23 13.12 -4.45 12.51
CA PRO A 23 14.44 -5.14 12.67
C PRO A 23 14.46 -6.49 11.93
N ASP A 24 13.32 -6.96 11.52
CA ASP A 24 13.26 -8.25 10.80
C ASP A 24 14.10 -8.16 9.53
N LEU A 25 14.04 -7.04 8.85
CA LEU A 25 14.84 -6.86 7.60
C LEU A 25 15.44 -5.44 7.59
N PRO A 26 16.58 -5.24 6.97
CA PRO A 26 17.20 -3.88 6.93
C PRO A 26 16.33 -2.88 6.15
N ARG A 27 16.85 -1.70 5.89
CA ARG A 27 16.06 -0.68 5.14
C ARG A 27 16.29 -0.86 3.64
N ALA A 28 17.46 -1.30 3.26
CA ALA A 28 17.74 -1.50 1.81
C ALA A 28 16.70 -2.43 1.18
N ASP A 29 16.42 -3.52 1.82
CA ASP A 29 15.43 -4.48 1.27
C ASP A 29 14.02 -3.89 1.37
N VAL A 30 13.72 -3.22 2.46
CA VAL A 30 12.36 -2.63 2.62
C VAL A 30 12.18 -1.45 1.65
N ASP A 31 13.16 -0.60 1.53
CA ASP A 31 13.02 0.57 0.60
C ASP A 31 12.77 0.05 -0.81
N HIS A 32 13.47 -0.97 -1.21
CA HIS A 32 13.27 -1.51 -2.58
C HIS A 32 11.82 -1.97 -2.73
N ALA A 33 11.33 -2.75 -1.79
CA ALA A 33 9.93 -3.24 -1.88
C ALA A 33 8.94 -2.06 -1.92
N ILE A 34 9.12 -1.08 -1.08
CA ILE A 34 8.19 0.08 -1.08
C ILE A 34 8.40 0.91 -2.36
N GLU A 35 9.62 1.09 -2.76
CA GLU A 35 9.89 1.89 -4.00
C GLU A 35 9.41 1.13 -5.23
N LYS A 36 9.63 -0.15 -5.28
CA LYS A 36 9.20 -0.94 -6.46
C LYS A 36 7.67 -0.87 -6.57
N ALA A 37 6.98 -0.92 -5.47
CA ALA A 37 5.49 -0.87 -5.52
C ALA A 37 5.02 0.48 -6.09
N PHE A 38 5.58 1.56 -5.63
CA PHE A 38 5.16 2.89 -6.17
C PHE A 38 5.43 2.93 -7.68
N GLN A 39 6.54 2.39 -8.11
CA GLN A 39 6.85 2.41 -9.57
C GLN A 39 5.76 1.67 -10.35
N LEU A 40 5.29 0.56 -9.85
CA LEU A 40 4.24 -0.20 -10.58
C LEU A 40 2.99 0.67 -10.77
N TRP A 41 2.62 1.41 -9.77
CA TRP A 41 1.40 2.26 -9.89
C TRP A 41 1.68 3.47 -10.81
N SER A 42 2.82 4.07 -10.67
CA SER A 42 3.16 5.26 -11.52
C SER A 42 3.40 4.81 -12.96
N ASN A 43 3.89 3.61 -13.15
CA ASN A 43 4.18 3.13 -14.54
C ASN A 43 2.91 3.14 -15.39
N VAL A 44 1.75 2.91 -14.82
CA VAL A 44 0.49 2.90 -15.64
C VAL A 44 -0.39 4.12 -15.34
N THR A 45 0.13 5.09 -14.61
CA THR A 45 -0.69 6.32 -14.32
C THR A 45 0.23 7.56 -14.34
N PRO A 46 -0.26 8.72 -14.73
CA PRO A 46 0.60 9.95 -14.74
C PRO A 46 0.87 10.43 -13.31
N LEU A 47 0.52 9.64 -12.33
CA LEU A 47 0.75 10.03 -10.91
C LEU A 47 2.24 10.02 -10.59
N THR A 48 2.66 10.85 -9.67
CA THR A 48 4.10 10.91 -9.28
C THR A 48 4.19 10.81 -7.76
N PHE A 49 5.18 10.09 -7.26
CA PHE A 49 5.35 9.93 -5.79
C PHE A 49 6.70 10.50 -5.35
N THR A 50 6.84 10.85 -4.11
CA THR A 50 8.14 11.42 -3.64
C THR A 50 8.30 11.17 -2.13
N LYS A 51 9.38 10.56 -1.74
CA LYS A 51 9.60 10.28 -0.29
C LYS A 51 10.07 11.57 0.41
N VAL A 52 9.50 11.88 1.55
CA VAL A 52 9.89 13.11 2.30
C VAL A 52 10.45 12.72 3.66
N SER A 53 11.54 13.32 4.07
CA SER A 53 12.15 12.97 5.39
C SER A 53 11.69 13.97 6.45
N GLU A 54 10.90 14.95 6.08
CA GLU A 54 10.42 15.95 7.09
C GLU A 54 9.01 16.41 6.72
N GLY A 55 8.27 16.89 7.69
CA GLY A 55 6.88 17.35 7.41
C GLY A 55 5.94 16.14 7.39
N GLN A 56 4.65 16.37 7.47
CA GLN A 56 3.70 15.22 7.45
C GLN A 56 3.50 14.77 6.01
N ALA A 57 3.60 13.50 5.75
CA ALA A 57 3.42 13.00 4.35
C ALA A 57 1.98 12.56 4.13
N ASP A 58 1.52 12.56 2.90
CA ASP A 58 0.12 12.14 2.62
C ASP A 58 -0.07 10.70 3.08
N ILE A 59 0.90 9.85 2.85
CA ILE A 59 0.77 8.42 3.28
C ILE A 59 1.90 8.09 4.27
N MET A 60 1.56 7.84 5.51
CA MET A 60 2.60 7.51 6.52
C MET A 60 2.64 5.99 6.72
N ILE A 61 3.81 5.42 6.73
CA ILE A 61 3.94 3.94 6.92
C ILE A 61 4.69 3.66 8.23
N SER A 62 4.16 2.80 9.06
CA SER A 62 4.85 2.49 10.36
C SER A 62 4.53 1.06 10.79
N PHE A 63 5.41 0.48 11.57
CA PHE A 63 5.20 -0.92 12.07
C PHE A 63 4.74 -0.85 13.52
N VAL A 64 3.77 -1.65 13.90
CA VAL A 64 3.26 -1.60 15.32
C VAL A 64 3.18 -3.00 15.94
N ARG A 65 3.14 -3.07 17.24
CA ARG A 65 3.06 -4.38 17.96
C ARG A 65 1.94 -4.33 18.99
N GLY A 66 1.23 -5.43 19.17
CA GLY A 66 0.13 -5.46 20.17
C GLY A 66 -0.74 -4.19 20.06
N ASP A 67 -1.19 -3.69 21.16
CA ASP A 67 -2.04 -2.46 21.13
C ASP A 67 -1.18 -1.22 20.90
N HIS A 68 -1.56 -0.41 19.96
CA HIS A 68 -0.78 0.83 19.64
C HIS A 68 -1.74 2.02 19.58
N ARG A 69 -2.50 2.23 20.64
CA ARG A 69 -3.47 3.36 20.67
C ARG A 69 -4.43 3.25 19.48
N ASP A 70 -5.02 2.11 19.30
CA ASP A 70 -5.99 1.91 18.17
C ASP A 70 -7.13 1.00 18.64
N ASN A 71 -8.24 1.00 17.96
CA ASN A 71 -9.40 0.15 18.36
C ASN A 71 -9.32 -1.23 17.70
N SER A 72 -8.22 -1.55 17.05
CA SER A 72 -8.09 -2.89 16.38
C SER A 72 -6.73 -3.53 16.67
N PRO A 73 -6.49 -3.97 17.88
CA PRO A 73 -5.19 -4.62 18.23
C PRO A 73 -5.05 -6.01 17.59
N PHE A 74 -3.85 -6.42 17.30
CA PHE A 74 -3.65 -7.75 16.68
C PHE A 74 -3.77 -8.84 17.75
N ASP A 75 -4.35 -9.97 17.41
CA ASP A 75 -4.49 -11.08 18.41
C ASP A 75 -3.53 -12.22 18.05
N GLY A 76 -2.26 -11.97 18.14
CA GLY A 76 -1.26 -13.03 17.80
C GLY A 76 -1.23 -13.24 16.28
N PRO A 77 -0.61 -14.29 15.82
CA PRO A 77 -0.52 -14.57 14.35
C PRO A 77 -1.90 -14.67 13.70
N GLY A 78 -2.95 -14.69 14.49
CA GLY A 78 -4.33 -14.77 13.93
C GLY A 78 -4.86 -13.36 13.67
N GLY A 79 -6.03 -13.25 13.12
CA GLY A 79 -6.61 -11.90 12.84
C GLY A 79 -6.06 -11.36 11.53
N ASN A 80 -6.20 -10.08 11.29
CA ASN A 80 -5.69 -9.49 10.02
C ASN A 80 -4.16 -9.38 10.08
N LEU A 81 -3.51 -9.27 8.96
CA LEU A 81 -2.02 -9.16 8.93
C LEU A 81 -1.62 -7.67 8.88
N ALA A 82 -2.52 -6.82 8.49
CA ALA A 82 -2.18 -5.37 8.41
C ALA A 82 -3.47 -4.57 8.20
N HIS A 83 -3.42 -3.28 8.31
CA HIS A 83 -4.65 -2.47 8.11
C HIS A 83 -4.28 -1.01 7.84
N ALA A 84 -5.26 -0.18 7.60
CA ALA A 84 -4.97 1.24 7.32
C ALA A 84 -6.27 2.06 7.43
N PHE A 85 -6.18 3.35 7.24
CA PHE A 85 -7.39 4.21 7.35
C PHE A 85 -7.79 4.71 5.95
N GLN A 86 -9.04 5.03 5.75
CA GLN A 86 -9.46 5.51 4.41
C GLN A 86 -8.65 6.76 4.04
N PRO A 87 -8.39 7.00 2.77
CA PRO A 87 -7.60 8.19 2.37
C PRO A 87 -8.28 9.51 2.81
N GLY A 88 -7.74 10.16 3.79
CA GLY A 88 -8.35 11.44 4.26
C GLY A 88 -7.36 12.18 5.18
N PRO A 89 -7.68 13.38 5.57
CA PRO A 89 -6.77 14.16 6.46
C PRO A 89 -6.62 13.51 7.84
N GLY A 90 -5.80 14.08 8.68
CA GLY A 90 -5.60 13.50 10.04
C GLY A 90 -4.92 12.13 9.94
N ILE A 91 -5.44 11.15 10.62
CA ILE A 91 -4.84 9.79 10.57
C ILE A 91 -5.15 9.13 9.22
N GLY A 92 -6.05 9.70 8.47
CA GLY A 92 -6.40 9.11 7.14
C GLY A 92 -5.14 9.00 6.28
N GLY A 93 -5.03 7.95 5.51
CA GLY A 93 -3.84 7.77 4.63
C GLY A 93 -2.76 6.95 5.35
N ASP A 94 -2.82 6.93 6.66
CA ASP A 94 -1.81 6.15 7.44
C ASP A 94 -1.99 4.65 7.18
N ALA A 95 -0.94 3.88 7.32
CA ALA A 95 -1.05 2.40 7.10
C ALA A 95 -0.09 1.69 8.04
N HIS A 96 -0.60 0.79 8.86
CA HIS A 96 0.27 0.05 9.82
C HIS A 96 0.48 -1.38 9.35
N PHE A 97 1.59 -1.97 9.72
CA PHE A 97 1.89 -3.38 9.32
C PHE A 97 2.05 -4.23 10.59
N ASP A 98 1.54 -5.42 10.57
CA ASP A 98 1.70 -6.30 11.78
C ASP A 98 3.17 -6.64 11.93
N GLU A 99 3.77 -6.28 13.04
CA GLU A 99 5.22 -6.58 13.24
C GLU A 99 5.37 -7.84 14.10
N ASP A 100 4.27 -8.46 14.47
CA ASP A 100 4.36 -9.69 15.30
C ASP A 100 4.82 -10.86 14.45
N GLU A 101 4.65 -10.78 13.15
CA GLU A 101 5.08 -11.90 12.25
C GLU A 101 6.42 -11.51 11.60
N ARG A 102 7.20 -12.47 11.20
CA ARG A 102 8.51 -12.15 10.56
C ARG A 102 8.30 -11.88 9.07
N TRP A 103 8.79 -10.77 8.59
CA TRP A 103 8.62 -10.43 7.16
C TRP A 103 9.79 -10.99 6.34
N THR A 104 9.55 -11.40 5.13
CA THR A 104 10.64 -11.97 4.27
C THR A 104 10.63 -11.29 2.91
N ASN A 105 11.67 -11.47 2.14
CA ASN A 105 11.75 -10.84 0.78
C ASN A 105 11.66 -11.93 -0.30
N ASN A 106 10.96 -12.99 -0.01
CA ASN A 106 10.84 -14.09 -1.00
C ASN A 106 9.49 -14.80 -0.83
N PHE A 107 9.35 -15.98 -1.38
CA PHE A 107 8.06 -16.72 -1.26
C PHE A 107 8.00 -17.47 0.06
N ARG A 108 8.63 -16.95 1.08
CA ARG A 108 8.61 -17.64 2.40
C ARG A 108 7.25 -17.44 3.07
N GLU A 109 7.18 -17.56 4.37
CA GLU A 109 5.88 -17.43 5.09
C GLU A 109 5.04 -16.29 4.51
N TYR A 110 5.53 -15.07 4.51
CA TYR A 110 4.72 -13.93 3.96
C TYR A 110 5.59 -13.04 3.07
N ASN A 111 4.98 -12.40 2.10
CA ASN A 111 5.75 -11.49 1.19
C ASN A 111 5.46 -10.04 1.59
N LEU A 112 6.45 -9.33 2.05
CA LEU A 112 6.22 -7.92 2.48
C LEU A 112 5.83 -7.05 1.29
N HIS A 113 6.49 -7.19 0.18
CA HIS A 113 6.16 -6.35 -1.00
C HIS A 113 4.70 -6.59 -1.42
N ARG A 114 4.25 -7.81 -1.43
CA ARG A 114 2.84 -8.07 -1.84
C ARG A 114 1.88 -7.34 -0.90
N VAL A 115 2.17 -7.33 0.37
CA VAL A 115 1.26 -6.63 1.33
C VAL A 115 1.35 -5.11 1.14
N ALA A 116 2.53 -4.59 0.95
CA ALA A 116 2.66 -3.12 0.76
C ALA A 116 1.86 -2.69 -0.48
N ALA A 117 1.93 -3.47 -1.52
CA ALA A 117 1.18 -3.14 -2.76
C ALA A 117 -0.32 -3.13 -2.45
N HIS A 118 -0.76 -4.05 -1.63
CA HIS A 118 -2.21 -4.13 -1.28
C HIS A 118 -2.59 -2.92 -0.43
N GLU A 119 -1.79 -2.57 0.54
CA GLU A 119 -2.13 -1.40 1.39
C GLU A 119 -2.23 -0.14 0.53
N LEU A 120 -1.34 0.00 -0.42
CA LEU A 120 -1.40 1.19 -1.30
C LEU A 120 -2.74 1.21 -2.04
N GLY A 121 -3.20 0.06 -2.47
CA GLY A 121 -4.52 0.02 -3.18
C GLY A 121 -5.58 0.63 -2.27
N HIS A 122 -5.55 0.33 -1.01
CA HIS A 122 -6.55 0.93 -0.08
C HIS A 122 -6.33 2.43 -0.02
N SER A 123 -5.09 2.85 0.01
CA SER A 123 -4.79 4.31 0.07
C SER A 123 -5.16 4.97 -1.26
N LEU A 124 -5.13 4.22 -2.33
CA LEU A 124 -5.48 4.80 -3.66
C LEU A 124 -7.00 4.79 -3.83
N GLY A 125 -7.72 4.26 -2.89
CA GLY A 125 -9.21 4.24 -2.99
C GLY A 125 -9.67 2.96 -3.71
N LEU A 126 -8.79 2.03 -3.94
CA LEU A 126 -9.19 0.78 -4.64
C LEU A 126 -9.77 -0.20 -3.61
N SER A 127 -10.99 -0.65 -3.83
CA SER A 127 -11.62 -1.61 -2.86
C SER A 127 -11.26 -3.05 -3.25
N HIS A 128 -11.68 -4.00 -2.46
CA HIS A 128 -11.36 -5.42 -2.78
C HIS A 128 -12.10 -5.84 -4.05
N SER A 129 -11.58 -6.84 -4.75
CA SER A 129 -12.24 -7.31 -6.01
C SER A 129 -12.38 -8.84 -5.96
N THR A 130 -13.13 -9.40 -6.87
CA THR A 130 -13.31 -10.90 -6.89
C THR A 130 -12.43 -11.50 -7.99
N ASP A 131 -11.54 -10.71 -8.55
CA ASP A 131 -10.66 -11.23 -9.62
C ASP A 131 -9.48 -12.00 -9.00
N ILE A 132 -9.24 -13.19 -9.47
CA ILE A 132 -8.11 -14.00 -8.92
C ILE A 132 -6.77 -13.27 -9.13
N GLY A 133 -6.59 -12.65 -10.26
CA GLY A 133 -5.29 -11.96 -10.54
C GLY A 133 -5.22 -10.61 -9.82
N ALA A 134 -6.23 -10.23 -9.09
CA ALA A 134 -6.17 -8.91 -8.39
C ALA A 134 -5.39 -9.09 -7.08
N LEU A 135 -4.43 -8.23 -6.84
CA LEU A 135 -3.63 -8.33 -5.59
C LEU A 135 -4.50 -7.95 -4.40
N MET A 136 -5.53 -7.18 -4.64
CA MET A 136 -6.40 -6.75 -3.52
C MET A 136 -7.23 -7.93 -3.02
N TYR A 137 -6.60 -9.06 -2.85
CA TYR A 137 -7.35 -10.27 -2.37
C TYR A 137 -7.76 -10.05 -0.90
N PRO A 138 -9.02 -10.25 -0.52
CA PRO A 138 -9.41 -10.07 0.91
C PRO A 138 -8.44 -10.79 1.87
N SER A 139 -8.50 -12.10 1.90
CA SER A 139 -7.58 -12.87 2.80
C SER A 139 -6.20 -13.00 2.16
N TYR A 140 -5.23 -13.45 2.89
CA TYR A 140 -3.86 -13.61 2.32
C TYR A 140 -3.77 -14.96 1.61
N THR A 141 -3.19 -14.99 0.44
CA THR A 141 -3.06 -16.28 -0.32
C THR A 141 -1.76 -16.26 -1.13
N PHE A 142 -1.41 -17.37 -1.73
CA PHE A 142 -0.14 -17.42 -2.53
C PHE A 142 -0.46 -17.20 -4.00
N SER A 143 0.05 -16.12 -4.57
CA SER A 143 -0.20 -15.82 -6.01
C SER A 143 1.05 -16.14 -6.83
N GLY A 144 0.94 -16.20 -8.12
CA GLY A 144 2.14 -16.50 -8.96
C GLY A 144 3.12 -15.32 -8.87
N ASP A 145 3.43 -14.71 -9.98
CA ASP A 145 4.37 -13.56 -9.95
C ASP A 145 3.61 -12.30 -9.51
N VAL A 146 4.30 -11.32 -8.99
CA VAL A 146 3.62 -10.09 -8.54
C VAL A 146 3.48 -9.10 -9.71
N GLN A 147 2.29 -8.99 -10.25
CA GLN A 147 2.07 -8.04 -11.39
C GLN A 147 0.66 -7.47 -11.29
N LEU A 148 0.44 -6.28 -11.80
CA LEU A 148 -0.92 -5.69 -11.73
C LEU A 148 -1.82 -6.37 -12.77
N ALA A 149 -3.06 -6.58 -12.44
CA ALA A 149 -3.99 -7.24 -13.41
C ALA A 149 -4.73 -6.18 -14.22
N GLN A 150 -5.37 -6.58 -15.28
CA GLN A 150 -6.12 -5.59 -16.11
C GLN A 150 -7.20 -4.92 -15.26
N ASP A 151 -7.86 -5.68 -14.42
CA ASP A 151 -8.93 -5.08 -13.57
C ASP A 151 -8.33 -3.98 -12.69
N ASP A 152 -7.15 -4.20 -12.16
CA ASP A 152 -6.52 -3.15 -11.30
C ASP A 152 -6.04 -1.99 -12.17
N ILE A 153 -5.48 -2.29 -13.31
CA ILE A 153 -5.00 -1.19 -14.20
C ILE A 153 -6.18 -0.34 -14.67
N ASP A 154 -7.22 -0.96 -15.16
CA ASP A 154 -8.40 -0.17 -15.62
C ASP A 154 -9.00 0.61 -14.45
N GLY A 155 -9.06 -0.02 -13.29
CA GLY A 155 -9.66 0.66 -12.10
C GLY A 155 -8.92 1.96 -11.76
N ILE A 156 -7.64 1.90 -11.51
CA ILE A 156 -6.90 3.14 -11.17
C ILE A 156 -6.88 4.10 -12.36
N GLN A 157 -6.69 3.59 -13.54
CA GLN A 157 -6.68 4.49 -14.74
C GLN A 157 -8.05 5.11 -14.93
N ALA A 158 -9.09 4.35 -14.72
CA ALA A 158 -10.46 4.89 -14.90
C ALA A 158 -10.68 6.06 -13.92
N ILE A 159 -10.27 5.91 -12.69
CA ILE A 159 -10.45 7.01 -11.70
C ILE A 159 -9.73 8.28 -12.18
N TYR A 160 -8.48 8.16 -12.55
CA TYR A 160 -7.73 9.37 -13.03
C TYR A 160 -7.69 9.37 -14.56
N GLY A 161 -7.05 8.41 -15.15
CA GLY A 161 -6.97 8.34 -16.63
C GLY A 161 -5.85 7.39 -17.04
N ARG A 162 -5.62 7.23 -18.31
CA ARG A 162 -4.54 6.31 -18.77
C ARG A 162 -3.24 7.09 -18.91
N SER A 163 -2.13 6.44 -18.70
CA SER A 163 -0.83 7.15 -18.83
C SER A 163 -0.56 7.40 -20.31
N GLN A 164 -1.02 8.51 -20.82
CA GLN A 164 -0.81 8.82 -22.26
C GLN A 164 0.63 9.27 -22.49
N ASN A 165 1.56 8.73 -21.75
CA ASN A 165 2.98 9.10 -21.93
C ASN A 165 3.89 7.95 -21.45
N PRO A 166 3.95 6.88 -22.20
CA PRO A 166 4.78 5.71 -21.81
C PRO A 166 6.26 5.89 -22.21
N VAL A 167 6.85 6.98 -21.79
CA VAL A 167 8.29 7.23 -22.14
C VAL A 167 9.18 6.62 -21.06
N GLN A 168 9.89 5.57 -21.38
CA GLN A 168 10.79 4.93 -20.37
C GLN A 168 11.92 5.89 -19.96
N PRO A 169 12.79 6.35 -20.85
CA PRO A 169 13.88 7.28 -20.44
C PRO A 169 13.38 8.36 -19.46
ZN ZN B . -7.52 -5.26 2.02
ZN ZN C . -2.08 -0.31 13.60
CA CA D . -1.67 -11.63 12.63
N1 CGS E . -6.93 -8.41 5.93
CC CGS E . -7.94 -9.36 5.33
CA CGS E . -7.08 -6.91 5.96
S4 CGS E . -5.25 -9.00 5.93
C5 CGS E . -8.80 -10.22 6.24
CD CGS E . -8.22 -11.01 7.30
CE CGS E . -9.04 -11.83 8.18
CZ CGS E . -10.46 -11.82 7.96
N11 CGS E . -11.05 -11.07 6.96
CY CGS E . -10.25 -10.28 6.13
C17 CGS E . -4.56 -8.84 4.29
CE2 CGS E . -4.73 -9.89 3.30
CD2 CGS E . -4.21 -9.73 1.95
C20 CGS E . -3.48 -8.50 1.58
CD1 CGS E . -3.30 -7.47 2.61
CE1 CGS E . -3.83 -7.65 3.94
O27 CGS E . -2.97 -8.34 0.28
COM CGS E . -1.65 -8.84 0.04
O32 CGS E . -5.38 -10.38 6.27
O33 CGS E . -4.58 -8.11 6.82
C34 CGS E . -6.98 -6.33 4.53
N35 CGS E . -5.90 -5.59 4.29
CB CGS E . -8.18 -6.22 6.80
CG2 CGS E . -7.64 -5.15 7.75
CG1 CGS E . -9.00 -7.19 7.66
O47 CGS E . -7.83 -6.52 3.66
O48 CGS E . -5.73 -5.02 3.04
HC1 CGS E . -8.59 -8.76 4.69
HC2 CGS E . -7.40 -10.02 4.65
HA CGS E . -6.16 -6.57 6.44
HD CGS E . -7.15 -11.02 7.46
HE CGS E . -8.60 -12.44 8.96
HZ CGS E . -11.12 -12.40 8.57
HY CGS E . -10.73 -9.71 5.36
HE2 CGS E . -5.27 -10.79 3.57
HD2 CGS E . -4.36 -10.52 1.23
HD1 CGS E . -2.77 -6.55 2.38
HE1 CGS E . -3.70 -6.88 4.69
HOM1 CGS E . -1.19 -9.19 0.96
HOM2 CGS E . -1.67 -9.67 -0.66
HOM3 CGS E . -1.01 -8.08 -0.38
H49 CGS E . -5.25 -5.47 5.04
HB CGS E . -8.88 -5.73 6.15
HG21 CGS E . -7.08 -5.60 8.56
HG22 CGS E . -8.45 -4.57 8.18
HG23 CGS E . -6.98 -4.47 7.21
HG11 CGS E . -8.37 -8.00 8.02
HG12 CGS E . -9.81 -7.62 7.08
HG13 CGS E . -9.42 -6.67 8.53
H50 CGS E . -6.37 -5.35 2.38
N VAL A 1 -20.38 16.33 1.59
CA VAL A 1 -20.82 17.18 0.45
C VAL A 1 -19.62 17.50 -0.45
N LEU A 2 -18.43 17.47 0.08
CA LEU A 2 -17.24 17.77 -0.77
C LEU A 2 -17.22 16.81 -1.97
N THR A 3 -16.71 15.62 -1.78
CA THR A 3 -16.65 14.64 -2.92
C THR A 3 -17.83 13.66 -2.82
N GLU A 4 -18.44 13.34 -3.93
CA GLU A 4 -19.58 12.39 -3.90
C GLU A 4 -19.06 10.97 -3.71
N GLY A 5 -19.77 10.13 -3.01
CA GLY A 5 -19.30 8.74 -2.82
C GLY A 5 -18.15 8.73 -1.80
N ASN A 6 -17.20 7.85 -1.98
CA ASN A 6 -16.06 7.79 -1.02
C ASN A 6 -15.03 8.89 -1.37
N PRO A 7 -14.32 9.43 -0.41
CA PRO A 7 -13.31 10.49 -0.71
C PRO A 7 -12.21 9.99 -1.65
N ARG A 8 -11.55 10.88 -2.34
CA ARG A 8 -10.45 10.48 -3.27
C ARG A 8 -9.37 11.57 -3.27
N TRP A 9 -8.20 11.26 -3.74
CA TRP A 9 -7.12 12.30 -3.75
C TRP A 9 -7.28 13.20 -4.99
N GLU A 10 -7.45 14.47 -4.78
CA GLU A 10 -7.61 15.40 -5.95
C GLU A 10 -6.23 15.79 -6.47
N GLN A 11 -5.20 15.54 -5.73
CA GLN A 11 -3.83 15.91 -6.19
C GLN A 11 -3.30 14.84 -7.15
N THR A 12 -2.47 15.24 -8.09
CA THR A 12 -1.89 14.25 -9.04
C THR A 12 -0.52 13.83 -8.51
N HIS A 13 -0.10 14.43 -7.43
CA HIS A 13 1.22 14.10 -6.82
C HIS A 13 1.02 13.73 -5.35
N LEU A 14 1.64 12.66 -4.89
CA LEU A 14 1.47 12.24 -3.47
C LEU A 14 2.86 12.01 -2.85
N THR A 15 2.97 12.20 -1.56
CA THR A 15 4.29 12.00 -0.87
C THR A 15 4.12 10.93 0.22
N TYR A 16 5.19 10.28 0.59
CA TYR A 16 5.11 9.22 1.64
C TYR A 16 6.39 9.24 2.48
N ARG A 17 6.33 8.70 3.68
CA ARG A 17 7.56 8.68 4.54
C ARG A 17 7.52 7.47 5.47
N ILE A 18 8.62 6.76 5.59
CA ILE A 18 8.65 5.58 6.50
C ILE A 18 9.13 6.06 7.87
N GLU A 19 8.32 5.90 8.90
CA GLU A 19 8.74 6.39 10.25
C GLU A 19 9.95 5.60 10.76
N ASN A 20 10.00 4.31 10.56
CA ASN A 20 11.16 3.54 11.06
C ASN A 20 11.25 2.17 10.35
N TYR A 21 12.43 1.67 10.19
CA TYR A 21 12.61 0.34 9.51
C TYR A 21 12.68 -0.75 10.59
N THR A 22 11.95 -1.82 10.41
CA THR A 22 11.98 -2.91 11.43
C THR A 22 13.34 -3.64 11.38
N PRO A 23 13.90 -4.07 12.50
CA PRO A 23 15.21 -4.79 12.47
C PRO A 23 15.12 -6.15 11.76
N ASP A 24 13.94 -6.62 11.46
CA ASP A 24 13.81 -7.93 10.76
C ASP A 24 14.56 -7.88 9.43
N LEU A 25 14.46 -6.78 8.73
CA LEU A 25 15.16 -6.66 7.41
C LEU A 25 15.79 -5.25 7.33
N PRO A 26 16.90 -5.08 6.62
CA PRO A 26 17.52 -3.73 6.50
C PRO A 26 16.59 -2.73 5.80
N ARG A 27 17.04 -1.51 5.64
CA ARG A 27 16.21 -0.48 4.96
C ARG A 27 16.43 -0.57 3.45
N ALA A 28 17.61 -0.94 3.04
CA ALA A 28 17.90 -1.06 1.59
C ALA A 28 16.92 -2.05 0.95
N ASP A 29 16.77 -3.20 1.54
CA ASP A 29 15.84 -4.23 0.98
C ASP A 29 14.38 -3.79 1.13
N VAL A 30 14.04 -3.21 2.26
CA VAL A 30 12.64 -2.77 2.47
C VAL A 30 12.34 -1.57 1.57
N ASP A 31 13.26 -0.66 1.44
CA ASP A 31 13.02 0.52 0.57
C ASP A 31 12.75 0.05 -0.85
N HIS A 32 13.48 -0.93 -1.30
CA HIS A 32 13.27 -1.43 -2.68
C HIS A 32 11.84 -1.94 -2.80
N ALA A 33 11.39 -2.69 -1.83
CA ALA A 33 10.00 -3.24 -1.86
C ALA A 33 8.99 -2.09 -1.93
N ILE A 34 9.16 -1.10 -1.11
CA ILE A 34 8.20 0.05 -1.11
C ILE A 34 8.37 0.86 -2.39
N GLU A 35 9.58 1.05 -2.84
CA GLU A 35 9.80 1.84 -4.07
C GLU A 35 9.31 1.04 -5.28
N LYS A 36 9.56 -0.24 -5.29
CA LYS A 36 9.11 -1.08 -6.44
C LYS A 36 7.58 -1.03 -6.57
N ALA A 37 6.87 -1.06 -5.48
CA ALA A 37 5.38 -1.04 -5.55
C ALA A 37 4.90 0.29 -6.11
N PHE A 38 5.49 1.39 -5.71
CA PHE A 38 5.05 2.70 -6.25
C PHE A 38 5.27 2.70 -7.76
N GLN A 39 6.36 2.14 -8.22
CA GLN A 39 6.62 2.11 -9.70
C GLN A 39 5.49 1.36 -10.40
N LEU A 40 5.04 0.26 -9.84
CA LEU A 40 3.96 -0.52 -10.50
C LEU A 40 2.70 0.35 -10.66
N TRP A 41 2.36 1.12 -9.66
CA TRP A 41 1.14 1.95 -9.76
C TRP A 41 1.39 3.15 -10.69
N SER A 42 2.53 3.76 -10.56
CA SER A 42 2.86 4.94 -11.42
C SER A 42 3.05 4.50 -12.87
N ASN A 43 3.59 3.34 -13.09
CA ASN A 43 3.83 2.86 -14.48
C ASN A 43 2.52 2.78 -15.28
N VAL A 44 1.41 2.50 -14.64
CA VAL A 44 0.10 2.40 -15.40
C VAL A 44 -0.81 3.57 -15.04
N THR A 45 -0.31 4.58 -14.37
CA THR A 45 -1.17 5.77 -14.03
C THR A 45 -0.35 7.06 -14.13
N PRO A 46 -0.95 8.19 -14.48
CA PRO A 46 -0.17 9.46 -14.56
C PRO A 46 0.20 10.01 -13.18
N LEU A 47 -0.14 9.29 -12.15
CA LEU A 47 0.17 9.77 -10.76
C LEU A 47 1.67 9.68 -10.52
N THR A 48 2.16 10.44 -9.57
CA THR A 48 3.62 10.41 -9.25
C THR A 48 3.79 10.34 -7.74
N PHE A 49 4.87 9.76 -7.27
CA PHE A 49 5.10 9.63 -5.80
C PHE A 49 6.50 10.15 -5.45
N THR A 50 6.70 10.60 -4.23
CA THR A 50 8.04 11.12 -3.84
C THR A 50 8.24 10.97 -2.34
N LYS A 51 9.37 10.43 -1.94
CA LYS A 51 9.65 10.26 -0.48
C LYS A 51 10.08 11.61 0.11
N VAL A 52 9.57 11.96 1.26
CA VAL A 52 9.95 13.27 1.89
C VAL A 52 10.58 13.01 3.26
N SER A 53 11.72 13.60 3.52
CA SER A 53 12.42 13.39 4.82
C SER A 53 12.13 14.57 5.76
N GLU A 54 11.19 15.40 5.41
CA GLU A 54 10.86 16.58 6.30
C GLU A 54 9.36 16.84 6.25
N GLY A 55 8.81 17.42 7.28
CA GLY A 55 7.35 17.70 7.28
C GLY A 55 6.57 16.38 7.26
N GLN A 56 5.29 16.44 7.49
CA GLN A 56 4.48 15.18 7.47
C GLN A 56 4.12 14.85 6.02
N ALA A 57 4.02 13.58 5.70
CA ALA A 57 3.68 13.18 4.29
C ALA A 57 2.21 12.79 4.19
N ASP A 58 1.67 12.81 2.99
CA ASP A 58 0.23 12.44 2.81
C ASP A 58 0.00 11.01 3.29
N ILE A 59 0.92 10.12 3.02
CA ILE A 59 0.77 8.69 3.45
C ILE A 59 1.93 8.32 4.39
N MET A 60 1.61 7.95 5.60
CA MET A 60 2.67 7.56 6.57
C MET A 60 2.72 6.05 6.73
N ILE A 61 3.90 5.47 6.69
CA ILE A 61 4.03 3.99 6.85
C ILE A 61 4.88 3.69 8.08
N SER A 62 4.39 2.86 8.98
CA SER A 62 5.17 2.53 10.21
C SER A 62 4.82 1.11 10.67
N PHE A 63 5.73 0.50 11.41
CA PHE A 63 5.49 -0.88 11.92
C PHE A 63 5.13 -0.81 13.41
N VAL A 64 4.20 -1.61 13.87
CA VAL A 64 3.80 -1.55 15.33
C VAL A 64 3.59 -2.95 15.89
N ARG A 65 3.45 -3.05 17.20
CA ARG A 65 3.25 -4.37 17.86
C ARG A 65 2.18 -4.26 18.95
N GLY A 66 1.45 -5.33 19.19
CA GLY A 66 0.41 -5.30 20.26
C GLY A 66 -0.44 -4.04 20.16
N ASP A 67 -0.89 -3.53 21.28
CA ASP A 67 -1.73 -2.31 21.26
C ASP A 67 -0.89 -1.09 20.88
N HIS A 68 -1.36 -0.33 19.92
CA HIS A 68 -0.62 0.88 19.48
C HIS A 68 -1.61 2.04 19.27
N ARG A 69 -2.38 2.36 20.28
CA ARG A 69 -3.36 3.48 20.16
C ARG A 69 -4.32 3.19 19.01
N ASP A 70 -4.88 2.01 18.95
CA ASP A 70 -5.84 1.65 17.87
C ASP A 70 -6.95 0.78 18.44
N ASN A 71 -8.09 0.73 17.79
CA ASN A 71 -9.21 -0.11 18.30
C ASN A 71 -9.13 -1.52 17.71
N SER A 72 -8.06 -1.83 17.02
CA SER A 72 -7.91 -3.19 16.41
C SER A 72 -6.51 -3.74 16.69
N PRO A 73 -6.22 -4.13 17.91
CA PRO A 73 -4.88 -4.66 18.27
C PRO A 73 -4.65 -6.10 17.75
N PHE A 74 -3.43 -6.43 17.42
CA PHE A 74 -3.14 -7.81 16.94
C PHE A 74 -3.13 -8.77 18.13
N ASP A 75 -3.56 -9.99 17.93
CA ASP A 75 -3.59 -10.97 19.06
C ASP A 75 -3.06 -12.34 18.60
N GLY A 76 -1.77 -12.46 18.44
CA GLY A 76 -1.19 -13.77 18.01
C GLY A 76 -1.12 -13.82 16.48
N PRO A 77 -0.66 -14.91 15.91
CA PRO A 77 -0.57 -15.02 14.43
C PRO A 77 -1.96 -14.95 13.80
N GLY A 78 -2.98 -14.93 14.60
CA GLY A 78 -4.37 -14.86 14.06
C GLY A 78 -4.77 -13.39 13.89
N GLY A 79 -5.92 -13.13 13.33
CA GLY A 79 -6.36 -11.73 13.13
C GLY A 79 -5.80 -11.20 11.81
N ASN A 80 -5.98 -9.93 11.53
CA ASN A 80 -5.45 -9.37 10.26
C ASN A 80 -3.93 -9.22 10.37
N LEU A 81 -3.23 -9.31 9.27
CA LEU A 81 -1.73 -9.20 9.31
C LEU A 81 -1.32 -7.73 9.14
N ALA A 82 -2.22 -6.89 8.72
CA ALA A 82 -1.88 -5.45 8.53
C ALA A 82 -3.17 -4.67 8.27
N HIS A 83 -3.14 -3.36 8.40
CA HIS A 83 -4.38 -2.58 8.15
C HIS A 83 -4.03 -1.11 7.91
N ALA A 84 -5.02 -0.30 7.67
CA ALA A 84 -4.76 1.15 7.40
C ALA A 84 -6.07 1.93 7.53
N PHE A 85 -5.99 3.23 7.44
CA PHE A 85 -7.23 4.08 7.54
C PHE A 85 -7.67 4.51 6.15
N GLN A 86 -8.92 4.81 5.98
CA GLN A 86 -9.42 5.23 4.64
C GLN A 86 -8.65 6.48 4.20
N PRO A 87 -8.43 6.69 2.91
CA PRO A 87 -7.69 7.90 2.45
C PRO A 87 -8.43 9.20 2.83
N GLY A 88 -8.00 9.85 3.88
CA GLY A 88 -8.68 11.11 4.29
C GLY A 88 -7.74 11.95 5.18
N PRO A 89 -8.13 13.16 5.49
CA PRO A 89 -7.29 14.05 6.35
C PRO A 89 -7.08 13.47 7.76
N GLY A 90 -6.54 14.24 8.65
CA GLY A 90 -6.31 13.75 10.03
C GLY A 90 -5.40 12.52 10.00
N ILE A 91 -5.78 11.48 10.68
CA ILE A 91 -4.95 10.24 10.70
C ILE A 91 -5.18 9.44 9.42
N GLY A 92 -6.16 9.81 8.65
CA GLY A 92 -6.45 9.06 7.39
C GLY A 92 -5.19 9.00 6.52
N GLY A 93 -5.01 7.93 5.78
CA GLY A 93 -3.82 7.80 4.89
C GLY A 93 -2.72 6.99 5.60
N ASP A 94 -2.73 6.94 6.90
CA ASP A 94 -1.67 6.17 7.63
C ASP A 94 -1.85 4.67 7.35
N ALA A 95 -0.79 3.91 7.46
CA ALA A 95 -0.87 2.44 7.21
C ALA A 95 0.08 1.72 8.16
N HIS A 96 -0.43 0.80 8.95
CA HIS A 96 0.43 0.07 9.93
C HIS A 96 0.70 -1.35 9.44
N PHE A 97 1.87 -1.88 9.76
CA PHE A 97 2.23 -3.26 9.34
C PHE A 97 2.50 -4.11 10.59
N ASP A 98 1.96 -5.31 10.64
CA ASP A 98 2.19 -6.17 11.85
C ASP A 98 3.67 -6.57 11.91
N GLU A 99 4.34 -6.26 12.99
CA GLU A 99 5.80 -6.62 13.10
C GLU A 99 5.93 -7.94 13.87
N ASP A 100 4.86 -8.50 14.34
CA ASP A 100 4.94 -9.79 15.08
C ASP A 100 5.17 -10.93 14.10
N GLU A 101 4.97 -10.67 12.83
CA GLU A 101 5.17 -11.73 11.80
C GLU A 101 6.59 -11.64 11.25
N ARG A 102 7.13 -12.73 10.78
CA ARG A 102 8.52 -12.70 10.23
C ARG A 102 8.46 -12.31 8.76
N TRP A 103 9.01 -11.18 8.42
CA TRP A 103 8.97 -10.72 7.00
C TRP A 103 10.23 -11.18 6.26
N THR A 104 10.08 -11.52 5.01
CA THR A 104 11.25 -11.99 4.19
C THR A 104 11.30 -11.18 2.89
N ASN A 105 12.33 -11.38 2.10
CA ASN A 105 12.46 -10.63 0.82
C ASN A 105 12.11 -11.56 -0.35
N ASN A 106 11.36 -12.60 -0.10
CA ASN A 106 10.99 -13.54 -1.19
C ASN A 106 9.63 -14.20 -0.89
N PHE A 107 9.28 -15.24 -1.60
CA PHE A 107 7.97 -15.91 -1.36
C PHE A 107 8.04 -16.85 -0.15
N ARG A 108 8.87 -16.54 0.81
CA ARG A 108 8.97 -17.42 2.02
C ARG A 108 7.76 -17.20 2.93
N GLU A 109 7.87 -17.55 4.18
CA GLU A 109 6.74 -17.41 5.15
C GLU A 109 5.86 -16.20 4.83
N TYR A 110 6.40 -15.01 4.83
CA TYR A 110 5.57 -13.80 4.53
C TYR A 110 6.35 -12.84 3.61
N ASN A 111 5.68 -12.26 2.65
CA ASN A 111 6.36 -11.31 1.71
C ASN A 111 5.93 -9.87 2.05
N LEU A 112 6.87 -9.04 2.40
CA LEU A 112 6.54 -7.63 2.75
C LEU A 112 6.04 -6.87 1.52
N HIS A 113 6.64 -7.09 0.38
CA HIS A 113 6.23 -6.35 -0.85
C HIS A 113 4.76 -6.62 -1.19
N ARG A 114 4.30 -7.83 -1.10
CA ARG A 114 2.88 -8.10 -1.44
C ARG A 114 1.94 -7.29 -0.53
N VAL A 115 2.26 -7.19 0.73
CA VAL A 115 1.38 -6.42 1.65
C VAL A 115 1.48 -4.91 1.32
N ALA A 116 2.66 -4.44 1.03
CA ALA A 116 2.82 -2.98 0.72
C ALA A 116 1.96 -2.60 -0.48
N ALA A 117 1.94 -3.40 -1.51
CA ALA A 117 1.12 -3.07 -2.71
C ALA A 117 -0.37 -3.06 -2.32
N HIS A 118 -0.78 -3.97 -1.50
CA HIS A 118 -2.23 -4.03 -1.09
C HIS A 118 -2.56 -2.80 -0.23
N GLU A 119 -1.75 -2.49 0.73
CA GLU A 119 -2.03 -1.32 1.61
C GLU A 119 -2.16 -0.07 0.75
N LEU A 120 -1.33 0.08 -0.25
CA LEU A 120 -1.43 1.27 -1.13
C LEU A 120 -2.80 1.28 -1.81
N GLY A 121 -3.28 0.13 -2.22
CA GLY A 121 -4.60 0.08 -2.89
C GLY A 121 -5.66 0.68 -1.96
N HIS A 122 -5.58 0.40 -0.69
CA HIS A 122 -6.58 0.97 0.26
C HIS A 122 -6.48 2.50 0.26
N SER A 123 -5.29 3.02 0.21
CA SER A 123 -5.13 4.50 0.19
C SER A 123 -5.60 5.05 -1.16
N LEU A 124 -5.58 4.22 -2.18
CA LEU A 124 -6.03 4.69 -3.53
C LEU A 124 -7.55 4.57 -3.61
N GLY A 125 -8.17 4.03 -2.60
CA GLY A 125 -9.66 3.90 -2.60
C GLY A 125 -10.09 2.65 -3.38
N LEU A 126 -9.20 1.73 -3.64
CA LEU A 126 -9.59 0.51 -4.40
C LEU A 126 -10.22 -0.49 -3.42
N SER A 127 -11.38 -1.01 -3.74
CA SER A 127 -12.03 -1.99 -2.84
C SER A 127 -11.55 -3.40 -3.19
N HIS A 128 -11.85 -4.36 -2.34
CA HIS A 128 -11.41 -5.76 -2.62
C HIS A 128 -12.19 -6.30 -3.82
N SER A 129 -11.67 -7.33 -4.44
CA SER A 129 -12.35 -7.94 -5.63
C SER A 129 -12.44 -9.46 -5.43
N THR A 130 -13.20 -10.15 -6.25
CA THR A 130 -13.33 -11.63 -6.10
C THR A 130 -12.48 -12.33 -7.18
N ASP A 131 -11.66 -11.59 -7.87
CA ASP A 131 -10.81 -12.22 -8.93
C ASP A 131 -9.60 -12.87 -8.27
N ILE A 132 -9.37 -14.11 -8.58
CA ILE A 132 -8.22 -14.85 -7.99
C ILE A 132 -6.90 -14.15 -8.34
N GLY A 133 -6.76 -13.68 -9.54
CA GLY A 133 -5.48 -13.02 -9.95
C GLY A 133 -5.37 -11.60 -9.40
N ALA A 134 -6.34 -11.14 -8.64
CA ALA A 134 -6.25 -9.76 -8.10
C ALA A 134 -5.38 -9.76 -6.83
N LEU A 135 -4.50 -8.80 -6.69
CA LEU A 135 -3.64 -8.75 -5.48
C LEU A 135 -4.49 -8.40 -4.26
N MET A 136 -5.58 -7.72 -4.47
CA MET A 136 -6.45 -7.33 -3.33
C MET A 136 -7.23 -8.57 -2.87
N TYR A 137 -6.55 -9.65 -2.59
CA TYR A 137 -7.27 -10.89 -2.14
C TYR A 137 -7.81 -10.66 -0.71
N PRO A 138 -9.03 -11.07 -0.40
CA PRO A 138 -9.57 -10.87 0.99
C PRO A 138 -8.73 -11.62 2.04
N SER A 139 -7.65 -12.24 1.64
CA SER A 139 -6.80 -12.97 2.61
C SER A 139 -5.40 -13.17 2.03
N TYR A 140 -4.49 -13.74 2.78
CA TYR A 140 -3.11 -13.94 2.24
C TYR A 140 -3.04 -15.27 1.50
N THR A 141 -2.55 -15.26 0.28
CA THR A 141 -2.46 -16.51 -0.51
C THR A 141 -1.33 -16.37 -1.53
N PHE A 142 -1.21 -17.31 -2.45
CA PHE A 142 -0.12 -17.22 -3.48
C PHE A 142 -0.66 -17.69 -4.83
N SER A 143 -0.16 -17.14 -5.90
CA SER A 143 -0.62 -17.55 -7.25
C SER A 143 0.20 -16.80 -8.30
N GLY A 144 0.86 -17.51 -9.17
CA GLY A 144 1.69 -16.84 -10.21
C GLY A 144 2.57 -15.77 -9.57
N ASP A 145 3.17 -14.92 -10.36
CA ASP A 145 4.04 -13.85 -9.79
C ASP A 145 3.18 -12.67 -9.34
N VAL A 146 3.76 -11.73 -8.63
CA VAL A 146 2.97 -10.56 -8.15
C VAL A 146 2.92 -9.50 -9.25
N GLN A 147 1.78 -9.32 -9.86
CA GLN A 147 1.63 -8.30 -10.94
C GLN A 147 0.23 -7.67 -10.86
N LEU A 148 0.05 -6.52 -11.44
CA LEU A 148 -1.30 -5.88 -11.38
C LEU A 148 -2.24 -6.61 -12.34
N ALA A 149 -3.47 -6.79 -11.94
CA ALA A 149 -4.46 -7.47 -12.83
C ALA A 149 -5.21 -6.42 -13.64
N GLN A 150 -5.76 -6.79 -14.77
CA GLN A 150 -6.49 -5.80 -15.59
C GLN A 150 -7.60 -5.18 -14.75
N ASP A 151 -8.25 -5.96 -13.93
CA ASP A 151 -9.33 -5.38 -13.08
C ASP A 151 -8.72 -4.23 -12.28
N ASP A 152 -7.52 -4.39 -11.80
CA ASP A 152 -6.89 -3.30 -11.02
C ASP A 152 -6.46 -2.18 -11.98
N ILE A 153 -5.95 -2.51 -13.13
CA ILE A 153 -5.54 -1.44 -14.09
C ILE A 153 -6.78 -0.63 -14.49
N ASP A 154 -7.83 -1.29 -14.90
CA ASP A 154 -9.07 -0.57 -15.31
C ASP A 154 -9.67 0.18 -14.12
N GLY A 155 -9.66 -0.41 -12.95
CA GLY A 155 -10.25 0.26 -11.75
C GLY A 155 -9.51 1.55 -11.41
N ILE A 156 -8.22 1.50 -11.26
CA ILE A 156 -7.46 2.75 -10.91
C ILE A 156 -7.47 3.70 -12.10
N GLN A 157 -7.33 3.18 -13.30
CA GLN A 157 -7.35 4.08 -14.48
C GLN A 157 -8.74 4.68 -14.64
N ALA A 158 -9.76 3.93 -14.38
CA ALA A 158 -11.14 4.48 -14.52
C ALA A 158 -11.30 5.67 -13.57
N ILE A 159 -10.88 5.53 -12.35
CA ILE A 159 -11.01 6.66 -11.39
C ILE A 159 -10.24 7.88 -11.91
N TYR A 160 -9.00 7.69 -12.30
CA TYR A 160 -8.19 8.84 -12.81
C TYR A 160 -8.26 8.85 -14.34
N GLY A 161 -7.65 7.90 -14.97
CA GLY A 161 -7.68 7.86 -16.47
C GLY A 161 -6.54 6.97 -16.97
N ARG A 162 -6.29 7.02 -18.25
CA ARG A 162 -5.19 6.19 -18.82
C ARG A 162 -3.88 6.98 -18.73
N SER A 163 -2.78 6.32 -18.60
CA SER A 163 -1.49 7.05 -18.51
C SER A 163 -1.17 7.65 -19.88
N GLN A 164 -1.61 8.85 -20.12
CA GLN A 164 -1.35 9.51 -21.43
C GLN A 164 0.09 10.02 -21.48
N ASN A 165 1.01 9.30 -20.87
CA ASN A 165 2.43 9.74 -20.90
C ASN A 165 3.35 8.51 -20.78
N PRO A 166 3.46 7.73 -21.83
CA PRO A 166 4.33 6.51 -21.80
C PRO A 166 5.80 6.86 -22.07
N VAL A 167 6.40 7.66 -21.24
CA VAL A 167 7.82 8.03 -21.46
C VAL A 167 8.73 6.95 -20.87
N GLN A 168 9.75 6.55 -21.60
CA GLN A 168 10.68 5.49 -21.11
C GLN A 168 12.07 6.13 -20.92
N PRO A 169 12.88 5.65 -19.99
CA PRO A 169 14.23 6.23 -19.78
C PRO A 169 14.98 6.45 -21.11
ZN ZN B . -7.20 -5.20 2.01
ZN ZN C . -2.08 -0.34 13.62
CA CA D . -1.06 -11.62 13.13
N1 CGS E . -6.53 -8.63 5.82
CC CGS E . -7.48 -9.61 5.15
CA CGS E . -6.61 -7.13 5.69
S4 CGS E . -4.90 -9.28 6.16
C5 CGS E . -8.49 -10.38 5.99
CD CGS E . -8.07 -11.39 6.95
CE CGS E . -9.02 -12.13 7.75
CZ CGS E . -10.41 -11.83 7.55
N11 CGS E . -10.85 -10.89 6.64
CY CGS E . -9.91 -10.18 5.88
C17 CGS E . -3.92 -9.32 4.66
CE2 CGS E . -3.99 -10.47 3.76
CD2 CGS E . -3.14 -10.51 2.57
C20 CGS E . -2.21 -9.41 2.27
CD1 CGS E . -2.17 -8.27 3.19
CE1 CGS E . -3.02 -8.24 4.38
O27 CGS E . -1.39 -9.45 1.12
COM CGS E . -1.94 -8.96 -0.10
O32 CGS E . -5.15 -10.61 6.62
O33 CGS E . -4.35 -8.31 7.06
C34 CGS E . -6.42 -6.71 4.21
N35 CGS E . -5.28 -6.09 3.92
CB CGS E . -7.70 -6.32 6.41
CG2 CGS E . -7.16 -5.37 7.48
CG1 CGS E . -8.76 -7.19 7.09
O47 CGS E . -7.25 -6.93 3.34
O48 CGS E . -5.04 -5.68 2.62
HC1 CGS E . -8.01 -9.06 4.38
HC2 CGS E . -6.86 -10.33 4.61
HA CGS E . -5.69 -6.79 6.17
HD CGS E . -7.02 -11.59 7.09
HE CGS E . -8.70 -12.87 8.46
HZ CGS E . -11.18 -12.36 8.10
HY CGS E . -10.29 -9.46 5.19
HE2 CGS E . -4.66 -11.28 3.98
HD2 CGS E . -3.21 -11.37 1.92
HD1 CGS E . -1.51 -7.43 3.00
HE1 CGS E . -2.97 -7.39 5.04
HOM1 CGS E . -1.20 -8.98 -0.90
HOM2 CGS E . -2.80 -9.56 -0.42
HOM3 CGS E . -2.28 -7.93 0.01
H49 CGS E . -4.63 -5.94 4.68
HB CGS E . -8.24 -5.71 5.69
HG21 CGS E . -6.84 -4.43 7.02
HG22 CGS E . -6.30 -5.81 7.99
HG23 CGS E . -7.92 -5.15 8.23
HG11 CGS E . -9.08 -6.76 8.04
HG12 CGS E . -8.38 -8.19 7.28
HG13 CGS E . -9.64 -7.29 6.46
H50 CGS E . -4.52 -4.85 2.58
N VAL A 1 -12.24 20.87 -1.95
CA VAL A 1 -13.07 20.49 -0.77
C VAL A 1 -13.00 18.97 -0.57
N LEU A 2 -13.59 18.48 0.50
CA LEU A 2 -13.57 17.00 0.77
C LEU A 2 -14.92 16.40 0.38
N THR A 3 -14.91 15.30 -0.33
CA THR A 3 -16.22 14.67 -0.73
C THR A 3 -16.58 13.58 0.29
N GLU A 4 -17.79 13.60 0.79
CA GLU A 4 -18.21 12.58 1.80
C GLU A 4 -18.50 11.24 1.10
N GLY A 5 -17.96 10.16 1.60
CA GLY A 5 -18.21 8.81 0.99
C GLY A 5 -16.88 8.21 0.52
N ASN A 6 -16.18 8.87 -0.37
CA ASN A 6 -14.88 8.32 -0.86
C ASN A 6 -13.96 9.49 -1.29
N PRO A 7 -13.43 10.24 -0.35
CA PRO A 7 -12.53 11.38 -0.70
C PRO A 7 -11.29 10.91 -1.48
N ARG A 8 -11.23 11.20 -2.75
CA ARG A 8 -10.05 10.77 -3.56
C ARG A 8 -8.96 11.85 -3.45
N TRP A 9 -7.78 11.55 -3.91
CA TRP A 9 -6.67 12.55 -3.82
C TRP A 9 -6.80 13.54 -4.97
N GLU A 10 -6.84 14.81 -4.67
CA GLU A 10 -6.96 15.82 -5.76
C GLU A 10 -5.58 16.05 -6.38
N GLN A 11 -4.54 15.65 -5.70
CA GLN A 11 -3.17 15.85 -6.25
C GLN A 11 -2.84 14.71 -7.23
N THR A 12 -2.07 15.00 -8.25
CA THR A 12 -1.70 13.94 -9.24
C THR A 12 -0.33 13.38 -8.85
N HIS A 13 0.26 13.97 -7.84
CA HIS A 13 1.60 13.51 -7.35
C HIS A 13 1.46 13.17 -5.87
N LEU A 14 1.92 12.01 -5.45
CA LEU A 14 1.80 11.63 -4.00
C LEU A 14 3.19 11.40 -3.40
N THR A 15 3.33 11.65 -2.12
CA THR A 15 4.65 11.43 -1.44
C THR A 15 4.42 10.51 -0.24
N TYR A 16 5.44 9.81 0.18
CA TYR A 16 5.27 8.89 1.36
C TYR A 16 6.52 8.92 2.22
N ARG A 17 6.41 8.51 3.46
CA ARG A 17 7.59 8.52 4.37
C ARG A 17 7.46 7.38 5.38
N ILE A 18 8.49 6.59 5.54
CA ILE A 18 8.43 5.47 6.53
C ILE A 18 8.85 5.99 7.90
N GLU A 19 8.05 5.78 8.91
CA GLU A 19 8.41 6.28 10.25
C GLU A 19 9.61 5.52 10.80
N ASN A 20 9.69 4.24 10.58
CA ASN A 20 10.85 3.46 11.09
C ASN A 20 10.94 2.11 10.38
N TYR A 21 12.11 1.53 10.33
CA TYR A 21 12.28 0.21 9.66
C TYR A 21 12.33 -0.87 10.74
N THR A 22 11.66 -1.97 10.55
CA THR A 22 11.68 -3.04 11.58
C THR A 22 13.09 -3.70 11.58
N PRO A 23 13.63 -4.06 12.73
CA PRO A 23 14.97 -4.70 12.76
C PRO A 23 14.98 -6.05 12.03
N ASP A 24 13.82 -6.57 11.73
CA ASP A 24 13.75 -7.88 11.03
C ASP A 24 14.47 -7.82 9.67
N LEU A 25 14.32 -6.73 8.96
CA LEU A 25 15.00 -6.61 7.62
C LEU A 25 15.57 -5.18 7.49
N PRO A 26 16.67 -4.98 6.78
CA PRO A 26 17.24 -3.62 6.64
C PRO A 26 16.31 -2.68 5.86
N ARG A 27 16.74 -1.47 5.59
CA ARG A 27 15.87 -0.51 4.84
C ARG A 27 16.06 -0.74 3.34
N ALA A 28 17.25 -1.10 2.93
CA ALA A 28 17.50 -1.33 1.48
C ALA A 28 16.52 -2.35 0.95
N ASP A 29 16.36 -3.46 1.62
CA ASP A 29 15.41 -4.50 1.13
C ASP A 29 13.97 -4.02 1.31
N VAL A 30 13.67 -3.37 2.40
CA VAL A 30 12.28 -2.88 2.61
C VAL A 30 12.00 -1.72 1.67
N ASP A 31 12.93 -0.82 1.52
CA ASP A 31 12.70 0.33 0.62
C ASP A 31 12.42 -0.17 -0.80
N HIS A 32 13.19 -1.13 -1.25
CA HIS A 32 12.99 -1.67 -2.63
C HIS A 32 11.58 -2.26 -2.74
N ALA A 33 11.17 -3.04 -1.78
CA ALA A 33 9.81 -3.65 -1.85
C ALA A 33 8.75 -2.54 -1.90
N ILE A 34 8.88 -1.55 -1.07
CA ILE A 34 7.88 -0.44 -1.08
C ILE A 34 8.06 0.42 -2.34
N GLU A 35 9.28 0.70 -2.72
CA GLU A 35 9.50 1.55 -3.93
C GLU A 35 9.10 0.77 -5.18
N LYS A 36 9.44 -0.49 -5.24
CA LYS A 36 9.07 -1.30 -6.44
C LYS A 36 7.55 -1.32 -6.57
N ALA A 37 6.85 -1.36 -5.47
CA ALA A 37 5.36 -1.39 -5.51
C ALA A 37 4.82 -0.10 -6.14
N PHE A 38 5.34 1.05 -5.75
CA PHE A 38 4.82 2.32 -6.35
C PHE A 38 5.03 2.30 -7.87
N GLN A 39 6.17 1.82 -8.32
CA GLN A 39 6.41 1.78 -9.80
C GLN A 39 5.35 0.91 -10.49
N LEU A 40 4.97 -0.19 -9.91
CA LEU A 40 3.95 -1.05 -10.57
C LEU A 40 2.68 -0.25 -10.78
N TRP A 41 2.23 0.44 -9.77
CA TRP A 41 0.98 1.24 -9.95
C TRP A 41 1.25 2.44 -10.86
N SER A 42 2.38 3.07 -10.70
CA SER A 42 2.71 4.26 -11.53
C SER A 42 2.90 3.88 -13.01
N ASN A 43 3.52 2.76 -13.27
CA ASN A 43 3.77 2.35 -14.68
C ASN A 43 2.47 2.29 -15.48
N VAL A 44 1.36 1.99 -14.84
CA VAL A 44 0.06 1.88 -15.59
C VAL A 44 -0.87 3.04 -15.23
N THR A 45 -0.37 4.06 -14.57
CA THR A 45 -1.23 5.24 -14.22
C THR A 45 -0.37 6.53 -14.29
N PRO A 46 -0.94 7.67 -14.62
CA PRO A 46 -0.13 8.93 -14.67
C PRO A 46 0.26 9.43 -13.27
N LEU A 47 -0.10 8.70 -12.25
CA LEU A 47 0.25 9.12 -10.87
C LEU A 47 1.75 8.96 -10.66
N THR A 48 2.34 9.80 -9.86
CA THR A 48 3.81 9.71 -9.59
C THR A 48 4.01 9.63 -8.08
N PHE A 49 5.04 8.95 -7.64
CA PHE A 49 5.31 8.84 -6.17
C PHE A 49 6.73 9.30 -5.88
N THR A 50 6.98 9.80 -4.70
CA THR A 50 8.35 10.27 -4.36
C THR A 50 8.58 10.16 -2.86
N LYS A 51 9.67 9.57 -2.46
CA LYS A 51 9.98 9.42 -1.02
C LYS A 51 10.49 10.75 -0.46
N VAL A 52 10.14 11.06 0.76
CA VAL A 52 10.61 12.33 1.39
C VAL A 52 11.25 12.00 2.73
N SER A 53 12.38 12.58 3.04
CA SER A 53 13.06 12.28 4.33
C SER A 53 12.69 13.34 5.37
N GLU A 54 12.03 14.39 4.95
CA GLU A 54 11.63 15.47 5.90
C GLU A 54 10.27 16.04 5.49
N GLY A 55 9.57 16.64 6.41
CA GLY A 55 8.24 17.23 6.07
C GLY A 55 7.15 16.16 6.15
N GLN A 56 5.92 16.55 6.01
CA GLN A 56 4.79 15.59 6.08
C GLN A 56 4.67 14.88 4.73
N ALA A 57 4.01 13.75 4.70
CA ALA A 57 3.85 13.00 3.41
C ALA A 57 2.40 12.57 3.25
N ASP A 58 1.95 12.46 2.03
CA ASP A 58 0.54 12.08 1.77
C ASP A 58 0.24 10.69 2.37
N ILE A 59 1.16 9.76 2.24
CA ILE A 59 0.92 8.39 2.80
C ILE A 59 1.99 8.08 3.85
N MET A 60 1.58 7.82 5.07
CA MET A 60 2.56 7.50 6.15
C MET A 60 2.56 6.00 6.40
N ILE A 61 3.73 5.40 6.46
CA ILE A 61 3.83 3.92 6.71
C ILE A 61 4.45 3.71 8.10
N SER A 62 3.87 2.87 8.91
CA SER A 62 4.45 2.63 10.27
C SER A 62 4.22 1.17 10.67
N PHE A 63 4.98 0.69 11.61
CA PHE A 63 4.84 -0.72 12.09
C PHE A 63 4.42 -0.70 13.56
N VAL A 64 3.48 -1.53 13.94
CA VAL A 64 3.00 -1.54 15.36
C VAL A 64 2.95 -2.97 15.89
N ARG A 65 2.94 -3.11 17.20
CA ARG A 65 2.89 -4.46 17.83
C ARG A 65 1.73 -4.50 18.83
N GLY A 66 0.99 -5.57 18.85
CA GLY A 66 -0.15 -5.71 19.80
C GLY A 66 -0.98 -4.43 19.83
N ASP A 67 -1.57 -4.13 20.96
CA ASP A 67 -2.40 -2.91 21.07
C ASP A 67 -1.51 -1.67 20.94
N HIS A 68 -1.89 -0.75 20.08
CA HIS A 68 -1.08 0.49 19.88
C HIS A 68 -2.00 1.71 19.97
N ARG A 69 -2.84 1.76 20.98
CA ARG A 69 -3.78 2.92 21.15
C ARG A 69 -4.70 3.03 19.92
N ASP A 70 -5.34 1.95 19.54
CA ASP A 70 -6.24 1.98 18.35
C ASP A 70 -7.53 1.21 18.65
N ASN A 71 -8.52 1.34 17.81
CA ASN A 71 -9.79 0.60 18.03
C ASN A 71 -9.71 -0.74 17.30
N SER A 72 -8.54 -1.08 16.80
CA SER A 72 -8.36 -2.37 16.08
C SER A 72 -7.04 -3.01 16.52
N PRO A 73 -6.98 -3.52 17.74
CA PRO A 73 -5.74 -4.15 18.25
C PRO A 73 -5.46 -5.49 17.56
N PHE A 74 -4.21 -5.82 17.38
CA PHE A 74 -3.87 -7.11 16.71
C PHE A 74 -4.06 -8.26 17.70
N ASP A 75 -4.42 -9.42 17.20
CA ASP A 75 -4.63 -10.60 18.09
C ASP A 75 -3.46 -11.58 17.93
N GLY A 76 -2.31 -11.21 18.41
CA GLY A 76 -1.14 -12.12 18.28
C GLY A 76 -1.00 -12.57 16.82
N PRO A 77 -0.35 -13.69 16.57
CA PRO A 77 -0.17 -14.17 15.17
C PRO A 77 -1.51 -14.29 14.43
N GLY A 78 -2.60 -14.37 15.16
CA GLY A 78 -3.93 -14.49 14.51
C GLY A 78 -4.52 -13.10 14.31
N GLY A 79 -5.72 -13.01 13.79
CA GLY A 79 -6.34 -11.68 13.58
C GLY A 79 -5.92 -11.12 12.22
N ASN A 80 -6.16 -9.85 11.98
CA ASN A 80 -5.77 -9.25 10.66
C ASN A 80 -4.25 -9.11 10.59
N LEU A 81 -3.70 -9.14 9.41
CA LEU A 81 -2.21 -9.01 9.27
C LEU A 81 -1.85 -7.53 9.04
N ALA A 82 -2.79 -6.72 8.65
CA ALA A 82 -2.48 -5.27 8.40
C ALA A 82 -3.78 -4.50 8.18
N HIS A 83 -3.72 -3.19 8.25
CA HIS A 83 -4.95 -2.37 8.04
C HIS A 83 -4.54 -0.94 7.75
N ALA A 84 -5.48 -0.07 7.55
CA ALA A 84 -5.14 1.36 7.24
C ALA A 84 -6.38 2.22 7.46
N PHE A 85 -6.20 3.52 7.51
CA PHE A 85 -7.38 4.43 7.73
C PHE A 85 -7.90 4.94 6.39
N GLN A 86 -9.12 5.40 6.36
CA GLN A 86 -9.72 5.90 5.10
C GLN A 86 -8.83 7.04 4.54
N PRO A 87 -8.79 7.24 3.24
CA PRO A 87 -7.95 8.34 2.66
C PRO A 87 -8.39 9.73 3.15
N GLY A 88 -7.65 10.31 4.06
CA GLY A 88 -8.02 11.66 4.56
C GLY A 88 -6.79 12.31 5.22
N PRO A 89 -6.89 13.55 5.62
CA PRO A 89 -5.74 14.25 6.26
C PRO A 89 -5.44 13.70 7.67
N GLY A 90 -4.35 14.11 8.25
CA GLY A 90 -3.99 13.65 9.62
C GLY A 90 -3.60 12.17 9.59
N ILE A 91 -4.22 11.37 10.41
CA ILE A 91 -3.87 9.92 10.42
C ILE A 91 -4.44 9.25 9.18
N GLY A 92 -5.31 9.93 8.49
CA GLY A 92 -5.91 9.33 7.27
C GLY A 92 -4.79 8.99 6.28
N GLY A 93 -4.92 7.92 5.56
CA GLY A 93 -3.87 7.54 4.57
C GLY A 93 -2.77 6.73 5.27
N ASP A 94 -2.65 6.83 6.56
CA ASP A 94 -1.60 6.07 7.28
C ASP A 94 -1.87 4.57 7.20
N ALA A 95 -0.92 3.81 6.74
CA ALA A 95 -1.10 2.32 6.64
C ALA A 95 -0.33 1.65 7.78
N HIS A 96 -0.97 0.77 8.50
CA HIS A 96 -0.28 0.06 9.64
C HIS A 96 0.10 -1.36 9.21
N PHE A 97 1.26 -1.82 9.65
CA PHE A 97 1.72 -3.20 9.28
C PHE A 97 1.93 -4.04 10.55
N ASP A 98 1.49 -5.27 10.54
CA ASP A 98 1.67 -6.16 11.72
C ASP A 98 3.16 -6.51 11.88
N GLU A 99 3.75 -6.18 13.00
CA GLU A 99 5.20 -6.50 13.22
C GLU A 99 5.32 -7.79 14.04
N ASP A 100 4.22 -8.33 14.48
CA ASP A 100 4.28 -9.59 15.28
C ASP A 100 4.53 -10.77 14.33
N GLU A 101 4.33 -10.56 13.07
CA GLU A 101 4.54 -11.66 12.08
C GLU A 101 5.97 -11.56 11.55
N ARG A 102 6.50 -12.64 11.03
CA ARG A 102 7.88 -12.60 10.48
C ARG A 102 7.83 -12.16 9.02
N TRP A 103 8.39 -11.03 8.71
CA TRP A 103 8.37 -10.53 7.31
C TRP A 103 9.61 -11.06 6.57
N THR A 104 9.45 -11.46 5.33
CA THR A 104 10.61 -12.00 4.54
C THR A 104 10.72 -11.25 3.21
N ASN A 105 11.83 -11.42 2.54
CA ASN A 105 12.02 -10.74 1.21
C ASN A 105 12.03 -11.79 0.11
N ASN A 106 11.27 -12.84 0.27
CA ASN A 106 11.25 -13.92 -0.76
C ASN A 106 9.89 -14.63 -0.75
N PHE A 107 9.80 -15.76 -1.39
CA PHE A 107 8.51 -16.52 -1.46
C PHE A 107 8.36 -17.39 -0.20
N ARG A 108 8.88 -16.95 0.91
CA ARG A 108 8.77 -17.75 2.16
C ARG A 108 7.36 -17.64 2.74
N GLU A 109 7.19 -17.97 3.99
CA GLU A 109 5.85 -17.92 4.62
C GLU A 109 5.14 -16.59 4.34
N TYR A 110 5.71 -15.47 4.74
CA TYR A 110 5.02 -14.14 4.52
C TYR A 110 5.89 -13.21 3.68
N ASN A 111 5.31 -12.59 2.66
CA ASN A 111 6.07 -11.64 1.80
C ASN A 111 5.62 -10.20 2.11
N LEU A 112 6.54 -9.35 2.46
CA LEU A 112 6.17 -7.93 2.79
C LEU A 112 5.73 -7.19 1.53
N HIS A 113 6.40 -7.42 0.44
CA HIS A 113 6.05 -6.69 -0.82
C HIS A 113 4.58 -6.93 -1.21
N ARG A 114 4.12 -8.16 -1.16
CA ARG A 114 2.70 -8.42 -1.57
C ARG A 114 1.74 -7.64 -0.68
N VAL A 115 1.97 -7.63 0.62
CA VAL A 115 1.05 -6.88 1.51
C VAL A 115 1.22 -5.37 1.31
N ALA A 116 2.43 -4.91 1.17
CA ALA A 116 2.65 -3.45 0.98
C ALA A 116 1.92 -3.00 -0.29
N ALA A 117 2.01 -3.80 -1.32
CA ALA A 117 1.33 -3.44 -2.59
C ALA A 117 -0.18 -3.39 -2.35
N HIS A 118 -0.67 -4.29 -1.53
CA HIS A 118 -2.13 -4.31 -1.25
C HIS A 118 -2.53 -3.09 -0.41
N GLU A 119 -1.72 -2.74 0.56
CA GLU A 119 -2.06 -1.55 1.40
C GLU A 119 -2.20 -0.32 0.50
N LEU A 120 -1.32 -0.17 -0.44
CA LEU A 120 -1.41 1.01 -1.36
C LEU A 120 -2.74 0.94 -2.12
N GLY A 121 -3.13 -0.24 -2.54
CA GLY A 121 -4.41 -0.36 -3.28
C GLY A 121 -5.54 0.22 -2.42
N HIS A 122 -5.51 -0.04 -1.14
CA HIS A 122 -6.57 0.52 -0.26
C HIS A 122 -6.45 2.05 -0.23
N SER A 123 -5.25 2.56 -0.29
CA SER A 123 -5.08 4.04 -0.27
C SER A 123 -5.61 4.64 -1.58
N LEU A 124 -5.56 3.89 -2.65
CA LEU A 124 -6.08 4.41 -3.94
C LEU A 124 -7.61 4.23 -3.96
N GLY A 125 -8.16 3.59 -2.95
CA GLY A 125 -9.64 3.41 -2.88
C GLY A 125 -10.07 2.16 -3.64
N LEU A 126 -9.18 1.25 -3.89
CA LEU A 126 -9.58 0.01 -4.62
C LEU A 126 -10.22 -0.96 -3.63
N SER A 127 -11.37 -1.49 -3.96
CA SER A 127 -12.06 -2.44 -3.04
C SER A 127 -11.55 -3.86 -3.31
N HIS A 128 -11.84 -4.79 -2.45
CA HIS A 128 -11.36 -6.18 -2.66
C HIS A 128 -11.97 -6.78 -3.92
N SER A 129 -11.37 -7.80 -4.47
CA SER A 129 -11.90 -8.44 -5.72
C SER A 129 -12.03 -9.96 -5.49
N THR A 130 -12.73 -10.63 -6.37
CA THR A 130 -12.92 -12.11 -6.24
C THR A 130 -12.07 -12.84 -7.29
N ASP A 131 -11.23 -12.13 -7.99
CA ASP A 131 -10.39 -12.79 -9.02
C ASP A 131 -9.17 -13.46 -8.38
N ILE A 132 -8.94 -14.70 -8.68
CA ILE A 132 -7.77 -15.43 -8.10
C ILE A 132 -6.48 -14.70 -8.50
N GLY A 133 -6.40 -14.23 -9.71
CA GLY A 133 -5.16 -13.53 -10.17
C GLY A 133 -5.05 -12.12 -9.58
N ALA A 134 -6.03 -11.67 -8.83
CA ALA A 134 -5.95 -10.30 -8.23
C ALA A 134 -5.15 -10.33 -6.91
N LEU A 135 -4.29 -9.37 -6.71
CA LEU A 135 -3.49 -9.33 -5.44
C LEU A 135 -4.42 -8.99 -4.29
N MET A 136 -5.49 -8.29 -4.56
CA MET A 136 -6.42 -7.90 -3.47
C MET A 136 -7.28 -9.11 -3.07
N TYR A 137 -6.64 -10.17 -2.66
CA TYR A 137 -7.39 -11.39 -2.25
C TYR A 137 -8.08 -11.11 -0.89
N PRO A 138 -9.35 -11.42 -0.72
CA PRO A 138 -10.01 -11.17 0.59
C PRO A 138 -9.13 -11.66 1.75
N SER A 139 -8.97 -12.94 1.87
CA SER A 139 -8.12 -13.50 2.96
C SER A 139 -6.65 -13.54 2.51
N TYR A 140 -5.77 -13.91 3.39
CA TYR A 140 -4.32 -13.98 3.01
C TYR A 140 -4.07 -15.31 2.31
N THR A 141 -3.51 -15.30 1.13
CA THR A 141 -3.26 -16.57 0.40
C THR A 141 -2.00 -16.41 -0.47
N PHE A 142 -1.32 -17.50 -0.76
CA PHE A 142 -0.10 -17.41 -1.61
C PHE A 142 -0.50 -17.39 -3.09
N SER A 143 -0.15 -16.33 -3.79
CA SER A 143 -0.51 -16.23 -5.22
C SER A 143 0.62 -16.83 -6.07
N GLY A 144 1.73 -16.16 -6.16
CA GLY A 144 2.87 -16.67 -6.98
C GLY A 144 3.72 -15.48 -7.43
N ASP A 145 3.72 -15.18 -8.69
CA ASP A 145 4.52 -14.03 -9.19
C ASP A 145 3.74 -12.74 -8.90
N VAL A 146 4.42 -11.68 -8.52
CA VAL A 146 3.69 -10.41 -8.21
C VAL A 146 3.50 -9.58 -9.47
N GLN A 147 2.29 -9.56 -9.98
CA GLN A 147 1.99 -8.76 -11.21
C GLN A 147 0.60 -8.16 -11.06
N LEU A 148 0.34 -7.03 -11.65
CA LEU A 148 -1.02 -6.44 -11.52
C LEU A 148 -2.00 -7.19 -12.42
N ALA A 149 -3.21 -7.36 -11.98
CA ALA A 149 -4.21 -8.08 -12.83
C ALA A 149 -4.90 -7.07 -13.74
N GLN A 150 -5.44 -7.53 -14.83
CA GLN A 150 -6.13 -6.60 -15.75
C GLN A 150 -7.28 -5.94 -14.99
N ASP A 151 -7.97 -6.69 -14.18
CA ASP A 151 -9.11 -6.12 -13.41
C ASP A 151 -8.63 -4.96 -12.53
N ASP A 152 -7.48 -5.06 -11.91
CA ASP A 152 -7.00 -3.94 -11.05
C ASP A 152 -6.55 -2.78 -11.94
N ILE A 153 -5.89 -3.09 -13.02
CA ILE A 153 -5.42 -2.02 -13.95
C ILE A 153 -6.63 -1.27 -14.54
N ASP A 154 -7.60 -1.98 -15.03
CA ASP A 154 -8.80 -1.30 -15.61
C ASP A 154 -9.51 -0.47 -14.54
N GLY A 155 -9.62 -0.97 -13.34
CA GLY A 155 -10.34 -0.21 -12.26
C GLY A 155 -9.61 1.10 -11.91
N ILE A 156 -8.35 1.03 -11.60
CA ILE A 156 -7.60 2.29 -11.24
C ILE A 156 -7.57 3.23 -12.44
N GLN A 157 -7.39 2.69 -13.61
CA GLN A 157 -7.37 3.57 -14.82
C GLN A 157 -8.75 4.21 -14.98
N ALA A 158 -9.78 3.46 -14.74
CA ALA A 158 -11.16 4.04 -14.86
C ALA A 158 -11.32 5.18 -13.85
N ILE A 159 -10.81 5.02 -12.66
CA ILE A 159 -10.94 6.12 -11.65
C ILE A 159 -10.26 7.38 -12.17
N TYR A 160 -9.03 7.27 -12.62
CA TYR A 160 -8.31 8.46 -13.15
C TYR A 160 -8.37 8.45 -14.67
N GLY A 161 -7.69 7.50 -15.28
CA GLY A 161 -7.70 7.42 -16.77
C GLY A 161 -6.47 6.63 -17.23
N ARG A 162 -6.19 6.63 -18.50
CA ARG A 162 -5.02 5.86 -19.01
C ARG A 162 -3.76 6.73 -18.91
N SER A 163 -2.61 6.12 -18.77
CA SER A 163 -1.36 6.92 -18.65
C SER A 163 -0.99 7.51 -20.02
N GLN A 164 -1.68 8.55 -20.43
CA GLN A 164 -1.36 9.19 -21.74
C GLN A 164 -0.41 10.36 -21.46
N ASN A 165 0.87 10.11 -21.45
CA ASN A 165 1.85 11.19 -21.16
C ASN A 165 3.20 10.83 -21.78
N PRO A 166 3.39 11.11 -23.06
CA PRO A 166 4.68 10.78 -23.72
C PRO A 166 5.77 11.81 -23.42
N VAL A 167 5.99 12.09 -22.16
CA VAL A 167 7.06 13.06 -21.78
C VAL A 167 8.37 12.29 -21.62
N GLN A 168 9.45 12.83 -22.11
CA GLN A 168 10.78 12.14 -21.98
C GLN A 168 11.80 13.08 -21.33
N PRO A 169 11.76 13.24 -20.01
CA PRO A 169 12.72 14.15 -19.32
C PRO A 169 14.18 13.73 -19.56
ZN ZN B . -7.57 -5.62 2.05
ZN ZN C . -2.46 -0.36 13.56
CA CA D . -1.08 -11.36 13.01
N1 CGS E . -7.19 -8.64 6.30
CC CGS E . -8.16 -9.67 5.76
CA CGS E . -7.39 -7.16 6.19
S4 CGS E . -5.49 -9.16 6.34
C5 CGS E . -8.97 -10.53 6.72
CD CGS E . -8.33 -11.44 7.67
CE CGS E . -9.12 -12.25 8.57
CZ CGS E . -10.54 -12.14 8.50
N11 CGS E . -11.17 -11.30 7.61
CY CGS E . -10.41 -10.51 6.75
C17 CGS E . -4.80 -9.08 4.68
CE2 CGS E . -5.02 -10.16 3.73
CD2 CGS E . -4.45 -10.08 2.39
C20 CGS E . -3.65 -8.92 1.98
CD1 CGS E . -3.43 -7.85 2.97
CE1 CGS E . -4.01 -7.94 4.30
O27 CGS E . -3.10 -8.83 0.69
COM CGS E . -1.81 -9.42 0.48
O32 CGS E . -5.56 -10.51 6.78
O33 CGS E . -4.86 -8.18 7.16
C34 CGS E . -7.26 -6.69 4.72
N35 CGS E . -6.19 -5.95 4.45
CB CGS E . -8.53 -6.42 6.95
CG2 CGS E . -8.03 -5.32 7.89
CG1 CGS E . -9.42 -7.34 7.79
O47 CGS E . -8.09 -6.96 3.83
O48 CGS E . -5.99 -5.49 3.17
HC1 CGS E . -8.84 -9.14 5.10
HC2 CGS E . -7.58 -10.32 5.10
HA CGS E . -6.50 -6.73 6.66
HD CGS E . -7.26 -11.50 7.70
HE CGS E . -8.64 -12.92 9.27
HZ CGS E . -11.18 -12.72 9.15
HY CGS E . -10.94 -9.87 6.07
HE2 CGS E . -5.61 -11.01 4.01
HD2 CGS E . -4.64 -10.89 1.69
HD1 CGS E . -2.85 -6.98 2.71
HE1 CGS E . -3.84 -7.15 5.01
HOM1 CGS E . -1.19 -9.37 1.38
HOM2 CGS E . -1.89 -10.48 0.20
HOM3 CGS E . -1.26 -8.92 -0.32
H49 CGS E . -5.57 -5.77 5.21
HB CGS E . -9.18 -5.93 6.24
HG21 CGS E . -8.87 -4.78 8.33
HG22 CGS E . -7.41 -4.61 7.35
HG23 CGS E . -7.45 -5.75 8.70
HG11 CGS E . -10.11 -7.89 7.15
HG12 CGS E . -10.00 -6.77 8.51
HG13 CGS E . -8.82 -8.06 8.34
H50 CGS E . -6.09 -4.52 3.10
N VAL A 1 -20.77 12.06 3.60
CA VAL A 1 -21.01 13.53 3.75
C VAL A 1 -19.74 14.22 4.24
N LEU A 2 -18.90 13.51 4.96
CA LEU A 2 -17.65 14.14 5.48
C LEU A 2 -16.82 14.61 4.30
N THR A 3 -16.55 13.74 3.37
CA THR A 3 -15.76 14.13 2.16
C THR A 3 -16.71 14.36 0.99
N GLU A 4 -16.41 15.28 0.12
CA GLU A 4 -17.30 15.55 -1.04
C GLU A 4 -17.19 14.38 -2.02
N GLY A 5 -18.29 13.87 -2.48
CA GLY A 5 -18.24 12.73 -3.44
C GLY A 5 -17.48 11.56 -2.79
N ASN A 6 -16.70 10.85 -3.56
CA ASN A 6 -15.92 9.72 -2.96
C ASN A 6 -14.60 10.29 -2.40
N PRO A 7 -14.08 9.77 -1.31
CA PRO A 7 -12.80 10.29 -0.74
C PRO A 7 -11.59 10.00 -1.66
N ARG A 8 -11.08 10.99 -2.35
CA ARG A 8 -9.91 10.75 -3.25
C ARG A 8 -8.95 11.96 -3.20
N TRP A 9 -7.73 11.77 -3.63
CA TRP A 9 -6.74 12.89 -3.60
C TRP A 9 -6.91 13.74 -4.87
N GLU A 10 -7.12 15.02 -4.73
CA GLU A 10 -7.30 15.88 -5.94
C GLU A 10 -5.95 16.23 -6.56
N GLN A 11 -4.87 15.99 -5.88
CA GLN A 11 -3.53 16.33 -6.45
C GLN A 11 -3.03 15.14 -7.28
N THR A 12 -2.15 15.38 -8.23
CA THR A 12 -1.63 14.26 -9.08
C THR A 12 -0.29 13.77 -8.51
N HIS A 13 0.20 14.42 -7.49
CA HIS A 13 1.51 13.99 -6.86
C HIS A 13 1.24 13.59 -5.41
N LEU A 14 1.73 12.45 -5.00
CA LEU A 14 1.51 11.98 -3.59
C LEU A 14 2.86 11.83 -2.88
N THR A 15 2.86 11.94 -1.57
CA THR A 15 4.15 11.80 -0.79
C THR A 15 3.92 10.79 0.33
N TYR A 16 4.96 10.13 0.76
CA TYR A 16 4.80 9.12 1.87
C TYR A 16 6.05 9.14 2.75
N ARG A 17 5.96 8.61 3.95
CA ARG A 17 7.15 8.60 4.85
C ARG A 17 7.14 7.35 5.72
N ILE A 18 8.27 6.73 5.88
CA ILE A 18 8.38 5.53 6.76
C ILE A 18 8.70 6.04 8.16
N GLU A 19 7.78 5.92 9.07
CA GLU A 19 8.03 6.43 10.44
C GLU A 19 9.16 5.65 11.10
N ASN A 20 9.24 4.36 10.89
CA ASN A 20 10.32 3.57 11.55
C ASN A 20 10.60 2.29 10.76
N TYR A 21 11.83 1.85 10.74
CA TYR A 21 12.18 0.60 10.00
C TYR A 21 12.20 -0.58 10.97
N THR A 22 11.68 -1.71 10.56
CA THR A 22 11.66 -2.90 11.46
C THR A 22 13.11 -3.42 11.64
N PRO A 23 13.56 -3.75 12.84
CA PRO A 23 14.95 -4.26 13.01
C PRO A 23 15.15 -5.60 12.28
N ASP A 24 14.07 -6.23 11.88
CA ASP A 24 14.18 -7.54 11.18
C ASP A 24 14.99 -7.37 9.90
N LEU A 25 14.80 -6.29 9.19
CA LEU A 25 15.54 -6.05 7.91
C LEU A 25 16.05 -4.60 7.89
N PRO A 26 17.17 -4.32 7.25
CA PRO A 26 17.70 -2.92 7.21
C PRO A 26 16.69 -1.96 6.56
N ARG A 27 17.08 -0.73 6.39
CA ARG A 27 16.17 0.27 5.76
C ARG A 27 16.35 0.23 4.24
N ALA A 28 17.55 0.01 3.77
CA ALA A 28 17.78 -0.03 2.30
C ALA A 28 16.90 -1.10 1.68
N ASP A 29 16.76 -2.23 2.33
CA ASP A 29 15.92 -3.32 1.76
C ASP A 29 14.43 -2.94 1.86
N VAL A 30 14.04 -2.34 2.95
CA VAL A 30 12.60 -1.98 3.09
C VAL A 30 12.26 -0.86 2.11
N ASP A 31 13.13 0.10 1.94
CA ASP A 31 12.86 1.20 0.97
C ASP A 31 12.67 0.59 -0.42
N HIS A 32 13.48 -0.38 -0.75
CA HIS A 32 13.38 -1.02 -2.09
C HIS A 32 11.97 -1.56 -2.29
N ALA A 33 11.47 -2.30 -1.35
CA ALA A 33 10.09 -2.86 -1.48
C ALA A 33 9.06 -1.73 -1.61
N ILE A 34 9.22 -0.68 -0.84
CA ILE A 34 8.25 0.45 -0.90
C ILE A 34 8.41 1.19 -2.23
N GLU A 35 9.62 1.37 -2.69
CA GLU A 35 9.83 2.09 -3.98
C GLU A 35 9.24 1.27 -5.13
N LYS A 36 9.42 -0.02 -5.12
CA LYS A 36 8.86 -0.85 -6.23
C LYS A 36 7.33 -0.77 -6.25
N ALA A 37 6.71 -0.78 -5.11
CA ALA A 37 5.22 -0.72 -5.10
C ALA A 37 4.77 0.58 -5.77
N PHE A 38 5.32 1.70 -5.37
CA PHE A 38 4.92 2.99 -6.00
C PHE A 38 5.25 2.94 -7.49
N GLN A 39 6.39 2.38 -7.85
CA GLN A 39 6.76 2.32 -9.29
C GLN A 39 5.71 1.50 -10.06
N LEU A 40 5.27 0.40 -9.51
CA LEU A 40 4.25 -0.42 -10.24
C LEU A 40 2.98 0.41 -10.49
N TRP A 41 2.54 1.18 -9.53
CA TRP A 41 1.29 1.98 -9.75
C TRP A 41 1.59 3.16 -10.67
N SER A 42 2.71 3.81 -10.49
CA SER A 42 3.06 4.98 -11.36
C SER A 42 3.34 4.51 -12.80
N ASN A 43 3.83 3.31 -12.95
CA ASN A 43 4.15 2.79 -14.32
C ASN A 43 2.91 2.78 -15.22
N VAL A 44 1.75 2.55 -14.65
CA VAL A 44 0.52 2.50 -15.50
C VAL A 44 -0.33 3.76 -15.28
N THR A 45 0.18 4.74 -14.57
CA THR A 45 -0.61 5.99 -14.34
C THR A 45 0.33 7.22 -14.35
N PRO A 46 -0.13 8.39 -14.77
CA PRO A 46 0.74 9.61 -14.77
C PRO A 46 1.00 10.11 -13.35
N LEU A 47 0.57 9.37 -12.37
CA LEU A 47 0.79 9.80 -10.96
C LEU A 47 2.27 9.70 -10.60
N THR A 48 2.71 10.51 -9.68
CA THR A 48 4.15 10.49 -9.26
C THR A 48 4.22 10.41 -7.74
N PHE A 49 5.25 9.82 -7.20
CA PHE A 49 5.38 9.69 -5.71
C PHE A 49 6.73 10.26 -5.25
N THR A 50 6.82 10.65 -4.00
CA THR A 50 8.10 11.22 -3.48
C THR A 50 8.18 11.02 -1.97
N LYS A 51 9.26 10.45 -1.50
CA LYS A 51 9.42 10.21 -0.04
C LYS A 51 9.91 11.49 0.66
N VAL A 52 9.39 11.78 1.82
CA VAL A 52 9.83 13.01 2.57
C VAL A 52 10.35 12.59 3.94
N SER A 53 11.45 13.15 4.39
CA SER A 53 12.00 12.79 5.73
C SER A 53 11.53 13.80 6.75
N GLU A 54 10.76 14.77 6.33
CA GLU A 54 10.26 15.81 7.29
C GLU A 54 8.90 16.32 6.80
N GLY A 55 8.12 16.89 7.68
CA GLY A 55 6.79 17.42 7.27
C GLY A 55 5.75 16.30 7.27
N GLN A 56 4.49 16.63 7.24
CA GLN A 56 3.45 15.57 7.23
C GLN A 56 3.38 15.01 5.81
N ALA A 57 3.24 13.71 5.70
CA ALA A 57 3.16 13.08 4.34
C ALA A 57 1.73 12.62 4.06
N ASP A 58 1.37 12.54 2.81
CA ASP A 58 -0.02 12.12 2.46
C ASP A 58 -0.29 10.71 3.01
N ILE A 59 0.67 9.83 2.92
CA ILE A 59 0.47 8.44 3.43
C ILE A 59 1.51 8.16 4.51
N MET A 60 1.07 7.89 5.72
CA MET A 60 2.02 7.60 6.82
C MET A 60 2.09 6.08 7.04
N ILE A 61 3.27 5.51 6.97
CA ILE A 61 3.42 4.03 7.17
C ILE A 61 4.20 3.79 8.45
N SER A 62 3.71 2.94 9.31
CA SER A 62 4.44 2.66 10.59
C SER A 62 4.22 1.21 11.00
N PHE A 63 5.17 0.65 11.72
CA PHE A 63 5.05 -0.77 12.17
C PHE A 63 4.67 -0.79 13.65
N VAL A 64 3.77 -1.65 14.04
CA VAL A 64 3.35 -1.68 15.48
C VAL A 64 3.20 -3.13 15.97
N ARG A 65 3.19 -3.31 17.27
CA ARG A 65 3.05 -4.68 17.86
C ARG A 65 2.02 -4.64 18.99
N GLY A 66 1.37 -5.75 19.25
CA GLY A 66 0.35 -5.80 20.34
C GLY A 66 -0.56 -4.56 20.30
N ASP A 67 -1.07 -4.16 21.43
CA ASP A 67 -1.98 -2.97 21.47
C ASP A 67 -1.19 -1.69 21.20
N HIS A 68 -1.67 -0.87 20.30
CA HIS A 68 -0.97 0.41 19.97
C HIS A 68 -2.01 1.54 19.88
N ARG A 69 -2.87 1.64 20.86
CA ARG A 69 -3.92 2.71 20.85
C ARG A 69 -4.73 2.61 19.55
N ASP A 70 -5.32 1.48 19.30
CA ASP A 70 -6.14 1.30 18.06
C ASP A 70 -7.35 0.43 18.39
N ASN A 71 -8.38 0.48 17.59
CA ASN A 71 -9.61 -0.33 17.87
C ASN A 71 -9.48 -1.72 17.24
N SER A 72 -8.32 -2.03 16.70
CA SER A 72 -8.11 -3.37 16.08
C SER A 72 -6.74 -3.91 16.51
N PRO A 73 -6.60 -4.30 17.76
CA PRO A 73 -5.31 -4.83 18.27
C PRO A 73 -4.94 -6.16 17.60
N PHE A 74 -3.68 -6.37 17.35
CA PHE A 74 -3.24 -7.63 16.70
C PHE A 74 -3.27 -8.77 17.72
N ASP A 75 -3.56 -9.98 17.29
CA ASP A 75 -3.61 -11.14 18.23
C ASP A 75 -2.74 -12.28 17.69
N GLY A 76 -1.46 -12.17 17.83
CA GLY A 76 -0.55 -13.24 17.34
C GLY A 76 -0.60 -13.30 15.81
N PRO A 77 0.04 -14.27 15.21
CA PRO A 77 0.04 -14.40 13.72
C PRO A 77 -1.38 -14.53 13.15
N GLY A 78 -2.37 -14.62 13.99
CA GLY A 78 -3.76 -14.77 13.49
C GLY A 78 -4.38 -13.38 13.31
N GLY A 79 -5.61 -13.31 12.86
CA GLY A 79 -6.27 -12.00 12.67
C GLY A 79 -5.80 -11.36 11.36
N ASN A 80 -6.06 -10.09 11.18
CA ASN A 80 -5.63 -9.40 9.94
C ASN A 80 -4.12 -9.20 9.96
N LEU A 81 -3.50 -9.16 8.81
CA LEU A 81 -2.02 -8.96 8.77
C LEU A 81 -1.70 -7.46 8.67
N ALA A 82 -2.65 -6.66 8.30
CA ALA A 82 -2.38 -5.20 8.19
C ALA A 82 -3.70 -4.44 7.97
N HIS A 83 -3.69 -3.15 8.16
CA HIS A 83 -4.93 -2.36 7.95
C HIS A 83 -4.56 -0.88 7.75
N ALA A 84 -5.53 -0.06 7.50
CA ALA A 84 -5.23 1.39 7.29
C ALA A 84 -6.52 2.20 7.36
N PHE A 85 -6.41 3.51 7.30
CA PHE A 85 -7.61 4.39 7.36
C PHE A 85 -7.89 5.01 6.00
N GLN A 86 -9.12 5.33 5.73
CA GLN A 86 -9.46 5.96 4.42
C GLN A 86 -8.67 7.28 4.27
N PRO A 87 -8.37 7.70 3.06
CA PRO A 87 -7.60 8.97 2.85
C PRO A 87 -8.32 10.18 3.47
N GLY A 88 -7.84 10.67 4.57
CA GLY A 88 -8.48 11.84 5.23
C GLY A 88 -7.51 12.49 6.21
N PRO A 89 -7.86 13.64 6.73
CA PRO A 89 -6.98 14.36 7.71
C PRO A 89 -6.79 13.55 9.01
N GLY A 90 -5.94 14.00 9.88
CA GLY A 90 -5.72 13.27 11.16
C GLY A 90 -5.08 11.91 10.89
N ILE A 91 -5.67 10.86 11.40
CA ILE A 91 -5.10 9.49 11.22
C ILE A 91 -5.45 8.96 9.82
N GLY A 92 -6.26 9.67 9.09
CA GLY A 92 -6.62 9.20 7.72
C GLY A 92 -5.36 9.09 6.87
N GLY A 93 -5.30 8.10 6.01
CA GLY A 93 -4.09 7.92 5.14
C GLY A 93 -3.04 7.05 5.85
N ASP A 94 -3.10 6.96 7.14
CA ASP A 94 -2.10 6.13 7.89
C ASP A 94 -2.27 4.64 7.54
N ALA A 95 -1.22 3.86 7.71
CA ALA A 95 -1.30 2.40 7.40
C ALA A 95 -0.44 1.62 8.41
N HIS A 96 -1.03 0.70 9.14
CA HIS A 96 -0.27 -0.10 10.16
C HIS A 96 0.13 -1.46 9.58
N PHE A 97 1.31 -1.92 9.92
CA PHE A 97 1.79 -3.26 9.44
C PHE A 97 2.07 -4.17 10.65
N ASP A 98 1.62 -5.39 10.59
CA ASP A 98 1.87 -6.33 11.72
C ASP A 98 3.37 -6.64 11.80
N GLU A 99 4.02 -6.27 12.88
CA GLU A 99 5.49 -6.53 13.00
C GLU A 99 5.71 -7.77 13.87
N ASP A 100 4.66 -8.40 14.28
CA ASP A 100 4.80 -9.62 15.14
C ASP A 100 5.20 -10.81 14.27
N GLU A 101 5.07 -10.68 12.98
CA GLU A 101 5.44 -11.80 12.05
C GLU A 101 6.82 -11.55 11.44
N ARG A 102 7.45 -12.57 10.92
CA ARG A 102 8.79 -12.40 10.31
C ARG A 102 8.65 -12.00 8.84
N TRP A 103 9.12 -10.84 8.48
CA TRP A 103 9.02 -10.38 7.07
C TRP A 103 10.29 -10.76 6.31
N THR A 104 10.17 -11.00 5.02
CA THR A 104 11.36 -11.38 4.20
C THR A 104 11.44 -10.46 2.97
N ASN A 105 12.56 -10.47 2.29
CA ASN A 105 12.74 -9.60 1.09
C ASN A 105 12.93 -10.49 -0.15
N ASN A 106 12.31 -11.65 -0.16
CA ASN A 106 12.47 -12.56 -1.34
C ASN A 106 11.21 -13.40 -1.51
N PHE A 107 11.30 -14.46 -2.28
CA PHE A 107 10.10 -15.33 -2.50
C PHE A 107 9.91 -16.29 -1.31
N ARG A 108 10.26 -15.85 -0.12
CA ARG A 108 10.10 -16.73 1.07
C ARG A 108 8.63 -16.81 1.50
N GLU A 109 8.38 -17.31 2.68
CA GLU A 109 6.97 -17.45 3.17
C GLU A 109 6.24 -16.10 3.22
N TYR A 110 6.77 -15.14 3.94
CA TYR A 110 6.06 -13.82 4.05
C TYR A 110 6.58 -12.86 2.98
N ASN A 111 5.71 -12.31 2.17
CA ASN A 111 6.15 -11.34 1.12
C ASN A 111 5.77 -9.92 1.58
N LEU A 112 6.73 -9.16 2.02
CA LEU A 112 6.43 -7.78 2.50
C LEU A 112 6.05 -6.88 1.32
N HIS A 113 6.71 -7.01 0.20
CA HIS A 113 6.38 -6.13 -0.96
C HIS A 113 4.92 -6.32 -1.39
N ARG A 114 4.48 -7.55 -1.52
CA ARG A 114 3.07 -7.78 -1.94
C ARG A 114 2.10 -7.15 -0.94
N VAL A 115 2.37 -7.24 0.33
CA VAL A 115 1.44 -6.66 1.33
C VAL A 115 1.50 -5.13 1.25
N ALA A 116 2.66 -4.57 1.10
CA ALA A 116 2.76 -3.08 1.00
C ALA A 116 1.99 -2.59 -0.23
N ALA A 117 2.04 -3.32 -1.30
CA ALA A 117 1.31 -2.90 -2.54
C ALA A 117 -0.19 -2.83 -2.25
N HIS A 118 -0.72 -3.76 -1.50
CA HIS A 118 -2.18 -3.73 -1.23
C HIS A 118 -2.54 -2.53 -0.34
N GLU A 119 -1.79 -2.26 0.69
CA GLU A 119 -2.15 -1.10 1.56
C GLU A 119 -2.16 0.18 0.74
N LEU A 120 -1.22 0.34 -0.14
CA LEU A 120 -1.22 1.58 -0.96
C LEU A 120 -2.51 1.63 -1.76
N GLY A 121 -2.94 0.51 -2.29
CA GLY A 121 -4.21 0.51 -3.07
C GLY A 121 -5.37 0.98 -2.18
N HIS A 122 -5.41 0.54 -0.95
CA HIS A 122 -6.51 0.98 -0.04
C HIS A 122 -6.38 2.48 0.18
N SER A 123 -5.18 2.98 0.25
CA SER A 123 -4.99 4.44 0.46
C SER A 123 -5.41 5.18 -0.82
N LEU A 124 -5.41 4.50 -1.93
CA LEU A 124 -5.82 5.15 -3.21
C LEU A 124 -7.34 5.01 -3.38
N GLY A 125 -7.98 4.32 -2.47
CA GLY A 125 -9.46 4.16 -2.54
C GLY A 125 -9.84 2.98 -3.46
N LEU A 126 -8.95 2.06 -3.68
CA LEU A 126 -9.28 0.90 -4.56
C LEU A 126 -10.03 -0.16 -3.76
N SER A 127 -11.07 -0.71 -4.31
CA SER A 127 -11.87 -1.75 -3.59
C SER A 127 -11.30 -3.14 -3.88
N HIS A 128 -11.71 -4.12 -3.12
CA HIS A 128 -11.20 -5.50 -3.35
C HIS A 128 -11.76 -6.01 -4.68
N SER A 129 -11.17 -7.04 -5.23
CA SER A 129 -11.65 -7.60 -6.54
C SER A 129 -11.94 -9.09 -6.38
N THR A 130 -12.70 -9.67 -7.27
CA THR A 130 -13.02 -11.13 -7.17
C THR A 130 -12.13 -11.92 -8.13
N ASP A 131 -11.15 -11.27 -8.70
CA ASP A 131 -10.24 -11.99 -9.65
C ASP A 131 -9.15 -12.71 -8.87
N ILE A 132 -8.94 -13.96 -9.16
CA ILE A 132 -7.91 -14.74 -8.41
C ILE A 132 -6.51 -14.14 -8.65
N GLY A 133 -6.20 -13.73 -9.85
CA GLY A 133 -4.85 -13.17 -10.13
C GLY A 133 -4.73 -11.73 -9.61
N ALA A 134 -5.75 -11.21 -8.99
CA ALA A 134 -5.66 -9.81 -8.48
C ALA A 134 -4.96 -9.82 -7.10
N LEU A 135 -3.98 -8.97 -6.93
CA LEU A 135 -3.27 -8.91 -5.62
C LEU A 135 -4.28 -8.54 -4.54
N MET A 136 -5.22 -7.73 -4.89
CA MET A 136 -6.23 -7.27 -3.90
C MET A 136 -7.19 -8.41 -3.54
N TYR A 137 -6.68 -9.59 -3.31
CA TYR A 137 -7.57 -10.72 -2.92
C TYR A 137 -8.11 -10.43 -1.50
N PRO A 138 -9.36 -10.70 -1.19
CA PRO A 138 -9.86 -10.43 0.17
C PRO A 138 -8.90 -10.96 1.24
N SER A 139 -8.60 -12.23 1.18
CA SER A 139 -7.67 -12.85 2.18
C SER A 139 -6.27 -12.99 1.58
N TYR A 140 -5.33 -13.45 2.35
CA TYR A 140 -3.94 -13.61 1.83
C TYR A 140 -3.84 -14.95 1.08
N THR A 141 -3.02 -15.01 0.06
CA THR A 141 -2.88 -16.28 -0.72
C THR A 141 -1.41 -16.46 -1.14
N PHE A 142 -0.86 -17.62 -0.89
CA PHE A 142 0.56 -17.88 -1.27
C PHE A 142 0.73 -17.74 -2.78
N SER A 143 -0.21 -18.23 -3.55
CA SER A 143 -0.12 -18.14 -5.04
C SER A 143 -0.36 -16.69 -5.48
N GLY A 144 0.02 -16.35 -6.69
CA GLY A 144 -0.19 -14.96 -7.21
C GLY A 144 1.14 -14.34 -7.60
N ASP A 145 1.27 -13.89 -8.82
CA ASP A 145 2.54 -13.27 -9.28
C ASP A 145 2.59 -11.80 -8.85
N VAL A 146 3.75 -11.23 -8.75
CA VAL A 146 3.85 -9.80 -8.35
C VAL A 146 3.66 -8.90 -9.56
N GLN A 147 2.43 -8.76 -10.00
CA GLN A 147 2.15 -7.90 -11.18
C GLN A 147 0.73 -7.33 -11.02
N LEU A 148 0.46 -6.16 -11.53
CA LEU A 148 -0.92 -5.59 -11.38
C LEU A 148 -1.85 -6.28 -12.37
N ALA A 149 -3.10 -6.42 -12.01
CA ALA A 149 -4.07 -7.09 -12.92
C ALA A 149 -4.80 -6.05 -13.77
N GLN A 150 -5.36 -6.47 -14.87
CA GLN A 150 -6.10 -5.52 -15.75
C GLN A 150 -7.24 -4.88 -14.96
N ASP A 151 -7.90 -5.64 -14.15
CA ASP A 151 -9.03 -5.07 -13.36
C ASP A 151 -8.50 -3.91 -12.49
N ASP A 152 -7.32 -4.06 -11.93
CA ASP A 152 -6.77 -2.96 -11.08
C ASP A 152 -6.28 -1.80 -11.95
N ILE A 153 -5.63 -2.11 -13.05
CA ILE A 153 -5.12 -1.02 -13.93
C ILE A 153 -6.29 -0.19 -14.45
N ASP A 154 -7.31 -0.82 -14.98
CA ASP A 154 -8.47 -0.03 -15.48
C ASP A 154 -9.07 0.78 -14.33
N GLY A 155 -9.15 0.21 -13.17
CA GLY A 155 -9.74 0.93 -12.01
C GLY A 155 -8.93 2.20 -11.69
N ILE A 156 -7.67 2.08 -11.41
CA ILE A 156 -6.86 3.30 -11.09
C ILE A 156 -6.79 4.23 -12.30
N GLN A 157 -6.65 3.68 -13.47
CA GLN A 157 -6.57 4.54 -14.69
C GLN A 157 -7.92 5.23 -14.91
N ALA A 158 -9.00 4.53 -14.71
CA ALA A 158 -10.34 5.16 -14.92
C ALA A 158 -10.50 6.35 -13.96
N ILE A 159 -10.13 6.19 -12.73
CA ILE A 159 -10.26 7.30 -11.75
C ILE A 159 -9.46 8.51 -12.23
N TYR A 160 -8.21 8.32 -12.56
CA TYR A 160 -7.36 9.46 -13.02
C TYR A 160 -7.33 9.50 -14.54
N GLY A 161 -6.79 8.49 -15.17
CA GLY A 161 -6.74 8.49 -16.66
C GLY A 161 -5.76 7.43 -17.14
N ARG A 162 -5.72 7.16 -18.42
CA ARG A 162 -4.78 6.15 -18.94
C ARG A 162 -3.47 6.81 -19.32
N SER A 163 -2.36 6.19 -19.00
CA SER A 163 -1.06 6.79 -19.36
C SER A 163 -0.84 6.63 -20.86
N GLN A 164 -1.32 7.55 -21.63
CA GLN A 164 -1.16 7.46 -23.12
C GLN A 164 0.11 8.19 -23.55
N ASN A 165 1.05 7.47 -24.10
CA ASN A 165 2.31 8.11 -24.56
C ASN A 165 2.96 7.19 -25.61
N PRO A 166 3.63 7.70 -26.62
CA PRO A 166 4.26 6.82 -27.64
C PRO A 166 5.57 6.22 -27.13
N VAL A 167 5.75 6.24 -25.84
CA VAL A 167 6.99 5.67 -25.23
C VAL A 167 6.74 4.23 -24.82
N GLN A 168 7.62 3.34 -25.19
CA GLN A 168 7.42 1.91 -24.81
C GLN A 168 7.62 1.76 -23.29
N PRO A 169 6.96 0.83 -22.64
CA PRO A 169 7.13 0.64 -21.17
C PRO A 169 8.57 0.25 -20.79
ZN ZN B . -7.66 -5.36 1.64
ZN ZN C . -2.66 -0.92 13.84
CA CA D . -1.29 -11.06 12.34
N1 CGS E . -6.77 -8.70 5.48
CC CGS E . -7.76 -9.77 5.07
CA CGS E . -6.94 -7.25 5.19
S4 CGS E . -5.08 -9.23 5.62
C5 CGS E . -8.72 -10.33 6.11
CD CGS E . -8.29 -11.33 7.06
CE CGS E . -9.20 -11.86 8.05
CZ CGS E . -10.55 -11.37 8.05
N11 CGS E . -10.99 -10.41 7.15
CY CGS E . -10.09 -9.91 6.20
C17 CGS E . -4.25 -9.12 4.04
CE2 CGS E . -4.49 -10.10 2.99
CD2 CGS E . -3.83 -9.97 1.70
C20 CGS E . -2.92 -8.86 1.43
CD1 CGS E . -2.70 -7.87 2.50
CE1 CGS E . -3.36 -8.02 3.79
O27 CGS E . -2.28 -8.72 0.18
COM CGS E . -1.00 -9.35 0.04
O32 CGS E . -5.16 -10.59 6.05
O33 CGS E . -4.52 -8.25 6.50
C34 CGS E . -6.82 -6.98 3.68
N35 CGS E . -5.73 -6.35 3.30
CB CGS E . -8.07 -6.40 5.86
CG2 CGS E . -7.62 -5.00 6.26
CG1 CGS E . -8.65 -7.04 7.12
O47 CGS E . -7.66 -7.34 2.85
O48 CGS E . -5.53 -6.08 1.96
HC1 CGS E . -8.33 -9.38 4.23
HC2 CGS E . -7.19 -10.60 4.65
HA CGS E . -6.04 -6.79 5.61
HD CGS E . -7.28 -11.69 7.04
HE CGS E . -8.89 -12.61 8.77
HZ CGS E . -11.28 -11.72 8.76
HY CGS E . -10.47 -9.17 5.52
HE2 CGS E . -5.15 -10.93 3.18
HD2 CGS E . -4.03 -10.72 0.93
HD1 CGS E . -2.03 -7.04 2.35
HE1 CGS E . -3.18 -7.29 4.57
HOM1 CGS E . -0.37 -8.81 -0.67
HOM2 CGS E . -0.47 -9.38 0.98
HOM3 CGS E . -1.11 -10.37 -0.33
H49 CGS E . -5.07 -6.08 4.02
HB CGS E . -8.89 -6.28 5.17
HG21 CGS E . -7.12 -4.50 5.43
HG22 CGS E . -6.92 -5.04 7.09
HG23 CGS E . -8.47 -4.39 6.56
HG11 CGS E . -8.18 -6.62 8.01
HG12 CGS E . -8.47 -8.12 7.13
HG13 CGS E . -9.71 -6.88 7.18
H50 CGS E . -5.62 -6.88 1.41
N VAL A 1 -18.35 8.89 2.60
CA VAL A 1 -19.23 10.09 2.76
C VAL A 1 -18.50 11.15 3.59
N LEU A 2 -17.54 10.73 4.38
CA LEU A 2 -16.81 11.71 5.23
C LEU A 2 -16.12 12.74 4.33
N THR A 3 -15.56 12.31 3.24
CA THR A 3 -14.89 13.27 2.31
C THR A 3 -15.88 13.70 1.23
N GLU A 4 -15.59 14.77 0.55
CA GLU A 4 -16.51 15.23 -0.53
C GLU A 4 -16.41 14.28 -1.73
N GLY A 5 -17.53 13.82 -2.25
CA GLY A 5 -17.48 12.89 -3.40
C GLY A 5 -16.95 11.53 -2.94
N ASN A 6 -16.33 10.79 -3.82
CA ASN A 6 -15.79 9.45 -3.44
C ASN A 6 -14.40 9.66 -2.82
N PRO A 7 -13.98 8.84 -1.87
CA PRO A 7 -12.64 9.03 -1.25
C PRO A 7 -11.50 8.86 -2.27
N ARG A 8 -11.06 9.94 -2.85
CA ARG A 8 -9.95 9.87 -3.86
C ARG A 8 -9.07 11.12 -3.71
N TRP A 9 -7.84 11.04 -4.12
CA TRP A 9 -6.94 12.23 -4.01
C TRP A 9 -7.16 13.14 -5.24
N GLU A 10 -7.30 14.41 -5.03
CA GLU A 10 -7.53 15.34 -6.17
C GLU A 10 -6.23 15.57 -6.95
N GLN A 11 -5.12 15.64 -6.28
CA GLN A 11 -3.83 15.87 -6.98
C GLN A 11 -3.34 14.55 -7.59
N THR A 12 -2.54 14.62 -8.62
CA THR A 12 -2.01 13.39 -9.26
C THR A 12 -0.63 13.09 -8.67
N HIS A 13 -0.16 13.96 -7.81
CA HIS A 13 1.18 13.77 -7.17
C HIS A 13 0.98 13.46 -5.68
N LEU A 14 1.68 12.49 -5.15
CA LEU A 14 1.52 12.13 -3.71
C LEU A 14 2.90 11.94 -3.07
N THR A 15 2.97 12.03 -1.76
CA THR A 15 4.27 11.88 -1.06
C THR A 15 4.10 10.88 0.09
N TYR A 16 5.15 10.21 0.48
CA TYR A 16 5.05 9.22 1.58
C TYR A 16 6.33 9.23 2.41
N ARG A 17 6.27 8.78 3.64
CA ARG A 17 7.47 8.76 4.51
C ARG A 17 7.36 7.61 5.50
N ILE A 18 8.43 6.90 5.70
CA ILE A 18 8.42 5.77 6.67
C ILE A 18 8.85 6.28 8.05
N GLU A 19 8.02 6.11 9.04
CA GLU A 19 8.39 6.61 10.39
C GLU A 19 9.61 5.83 10.91
N ASN A 20 9.67 4.55 10.68
CA ASN A 20 10.84 3.77 11.17
C ASN A 20 10.96 2.45 10.39
N TYR A 21 12.13 1.86 10.37
CA TYR A 21 12.33 0.57 9.65
C TYR A 21 12.31 -0.58 10.65
N THR A 22 11.60 -1.63 10.35
CA THR A 22 11.54 -2.79 11.28
C THR A 22 12.91 -3.51 11.29
N PRO A 23 13.37 -4.04 12.41
CA PRO A 23 14.69 -4.75 12.43
C PRO A 23 14.65 -6.03 11.56
N ASP A 24 13.48 -6.42 11.12
CA ASP A 24 13.37 -7.65 10.29
C ASP A 24 14.19 -7.48 9.00
N LEU A 25 14.16 -6.32 8.41
CA LEU A 25 14.91 -6.09 7.14
C LEU A 25 15.56 -4.68 7.18
N PRO A 26 16.69 -4.47 6.53
CA PRO A 26 17.34 -3.14 6.55
C PRO A 26 16.44 -2.04 5.94
N ARG A 27 16.95 -0.84 5.81
CA ARG A 27 16.14 0.27 5.23
C ARG A 27 16.31 0.30 3.70
N ALA A 28 17.49 0.02 3.21
CA ALA A 28 17.71 0.04 1.73
C ALA A 28 16.79 -0.98 1.06
N ASP A 29 16.68 -2.16 1.62
CA ASP A 29 15.81 -3.20 1.01
C ASP A 29 14.35 -2.84 1.21
N VAL A 30 14.00 -2.27 2.33
CA VAL A 30 12.58 -1.89 2.58
C VAL A 30 12.19 -0.73 1.67
N ASP A 31 13.05 0.22 1.50
CA ASP A 31 12.70 1.36 0.61
C ASP A 31 12.41 0.82 -0.78
N HIS A 32 13.20 -0.10 -1.24
CA HIS A 32 12.97 -0.69 -2.59
C HIS A 32 11.60 -1.34 -2.63
N ALA A 33 11.26 -2.10 -1.62
CA ALA A 33 9.92 -2.76 -1.59
C ALA A 33 8.83 -1.70 -1.65
N ILE A 34 8.97 -0.65 -0.89
CA ILE A 34 7.93 0.42 -0.91
C ILE A 34 8.04 1.21 -2.23
N GLU A 35 9.23 1.51 -2.67
CA GLU A 35 9.38 2.28 -3.94
C GLU A 35 8.98 1.39 -5.13
N LYS A 36 9.34 0.15 -5.11
CA LYS A 36 8.97 -0.75 -6.24
C LYS A 36 7.45 -0.79 -6.39
N ALA A 37 6.73 -0.83 -5.30
CA ALA A 37 5.23 -0.87 -5.41
C ALA A 37 4.72 0.42 -6.08
N PHE A 38 5.25 1.56 -5.68
CA PHE A 38 4.80 2.84 -6.31
C PHE A 38 5.11 2.80 -7.81
N GLN A 39 6.25 2.28 -8.17
CA GLN A 39 6.62 2.23 -9.62
C GLN A 39 5.57 1.42 -10.39
N LEU A 40 5.09 0.35 -9.83
CA LEU A 40 4.06 -0.46 -10.54
C LEU A 40 2.83 0.39 -10.81
N TRP A 41 2.42 1.18 -9.85
CA TRP A 41 1.22 2.03 -10.07
C TRP A 41 1.56 3.15 -11.06
N SER A 42 2.70 3.75 -10.89
CA SER A 42 3.10 4.85 -11.80
C SER A 42 3.40 4.31 -13.20
N ASN A 43 3.77 3.06 -13.31
CA ASN A 43 4.11 2.49 -14.64
C ASN A 43 2.90 2.57 -15.59
N VAL A 44 1.71 2.32 -15.10
CA VAL A 44 0.50 2.35 -16.00
C VAL A 44 -0.38 3.56 -15.69
N THR A 45 0.09 4.50 -14.90
CA THR A 45 -0.74 5.71 -14.57
C THR A 45 0.16 6.96 -14.57
N PRO A 46 -0.33 8.10 -15.02
CA PRO A 46 0.50 9.36 -15.04
C PRO A 46 0.70 9.91 -13.63
N LEU A 47 0.40 9.13 -12.63
CA LEU A 47 0.57 9.60 -11.23
C LEU A 47 2.06 9.65 -10.90
N THR A 48 2.43 10.39 -9.90
CA THR A 48 3.88 10.46 -9.51
C THR A 48 3.98 10.38 -7.99
N PHE A 49 5.06 9.82 -7.51
CA PHE A 49 5.26 9.69 -6.03
C PHE A 49 6.64 10.21 -5.64
N THR A 50 6.79 10.65 -4.42
CA THR A 50 8.12 11.17 -3.98
C THR A 50 8.27 10.99 -2.46
N LYS A 51 9.37 10.43 -2.05
CA LYS A 51 9.60 10.23 -0.59
C LYS A 51 10.11 11.53 0.03
N VAL A 52 9.64 11.86 1.21
CA VAL A 52 10.10 13.11 1.89
C VAL A 52 10.81 12.72 3.19
N SER A 53 11.89 13.39 3.51
CA SER A 53 12.65 13.05 4.76
C SER A 53 12.29 14.04 5.87
N GLU A 54 11.54 15.06 5.57
CA GLU A 54 11.17 16.06 6.61
C GLU A 54 9.73 16.54 6.34
N GLY A 55 9.07 17.04 7.34
CA GLY A 55 7.67 17.51 7.14
C GLY A 55 6.71 16.32 7.14
N GLN A 56 5.43 16.57 7.18
CA GLN A 56 4.44 15.45 7.18
C GLN A 56 4.17 15.01 5.74
N ALA A 57 4.07 13.72 5.53
CA ALA A 57 3.80 13.21 4.15
C ALA A 57 2.32 12.82 4.02
N ASP A 58 1.81 12.81 2.82
CA ASP A 58 0.37 12.43 2.63
C ASP A 58 0.14 11.02 3.14
N ILE A 59 1.06 10.11 2.90
CA ILE A 59 0.87 8.70 3.37
C ILE A 59 1.97 8.36 4.38
N MET A 60 1.58 8.04 5.59
CA MET A 60 2.57 7.68 6.64
C MET A 60 2.62 6.15 6.78
N ILE A 61 3.80 5.60 6.83
CA ILE A 61 3.94 4.12 6.96
C ILE A 61 4.72 3.78 8.23
N SER A 62 4.22 2.88 9.04
CA SER A 62 4.92 2.53 10.30
C SER A 62 4.67 1.08 10.69
N PHE A 63 5.43 0.59 11.64
CA PHE A 63 5.28 -0.84 12.09
C PHE A 63 4.82 -0.83 13.56
N VAL A 64 3.88 -1.69 13.92
CA VAL A 64 3.37 -1.72 15.33
C VAL A 64 3.36 -3.15 15.87
N ARG A 65 3.34 -3.30 17.17
CA ARG A 65 3.32 -4.66 17.82
C ARG A 65 2.12 -4.75 18.77
N GLY A 66 1.39 -5.85 18.73
CA GLY A 66 0.22 -6.01 19.64
C GLY A 66 -0.59 -4.71 19.73
N ASP A 67 -0.89 -4.28 20.93
CA ASP A 67 -1.68 -3.03 21.09
C ASP A 67 -0.75 -1.82 20.96
N HIS A 68 -1.11 -0.87 20.14
CA HIS A 68 -0.27 0.34 19.95
C HIS A 68 -1.17 1.57 19.94
N ARG A 69 -2.01 1.71 20.93
CA ARG A 69 -2.94 2.88 21.00
C ARG A 69 -3.83 2.93 19.75
N ASP A 70 -4.53 1.86 19.45
CA ASP A 70 -5.42 1.84 18.25
C ASP A 70 -6.71 1.10 18.58
N ASN A 71 -7.69 1.16 17.72
CA ASN A 71 -8.99 0.46 17.97
C ASN A 71 -8.94 -0.94 17.36
N SER A 72 -7.78 -1.37 16.91
CA SER A 72 -7.65 -2.73 16.31
C SER A 72 -6.32 -3.36 16.76
N PRO A 73 -6.25 -3.83 18.00
CA PRO A 73 -5.00 -4.47 18.52
C PRO A 73 -4.76 -5.85 17.90
N PHE A 74 -3.53 -6.15 17.57
CA PHE A 74 -3.23 -7.49 16.97
C PHE A 74 -3.23 -8.54 18.08
N ASP A 75 -3.62 -9.74 17.75
CA ASP A 75 -3.66 -10.84 18.77
C ASP A 75 -3.01 -12.11 18.21
N GLY A 76 -1.70 -12.15 18.16
CA GLY A 76 -1.00 -13.38 17.64
C GLY A 76 -0.75 -13.26 16.13
N PRO A 77 -0.09 -14.24 15.55
CA PRO A 77 0.21 -14.22 14.08
C PRO A 77 -1.06 -14.38 13.23
N GLY A 78 -2.10 -14.95 13.78
CA GLY A 78 -3.37 -15.14 13.00
C GLY A 78 -4.21 -13.86 13.09
N GLY A 79 -5.38 -13.86 12.51
CA GLY A 79 -6.24 -12.64 12.56
C GLY A 79 -5.85 -11.70 11.42
N ASN A 80 -6.07 -10.43 11.58
CA ASN A 80 -5.70 -9.46 10.50
C ASN A 80 -4.18 -9.27 10.48
N LEU A 81 -3.60 -9.11 9.31
CA LEU A 81 -2.10 -8.94 9.21
C LEU A 81 -1.72 -7.46 9.15
N ALA A 82 -2.63 -6.60 8.80
CA ALA A 82 -2.28 -5.15 8.70
C ALA A 82 -3.55 -4.34 8.46
N HIS A 83 -3.47 -3.04 8.53
CA HIS A 83 -4.69 -2.22 8.29
C HIS A 83 -4.30 -0.78 7.98
N ALA A 84 -5.25 0.07 7.73
CA ALA A 84 -4.92 1.49 7.39
C ALA A 84 -6.17 2.36 7.53
N PHE A 85 -6.01 3.66 7.47
CA PHE A 85 -7.18 4.57 7.60
C PHE A 85 -7.54 5.13 6.22
N GLN A 86 -8.78 5.51 6.04
CA GLN A 86 -9.22 6.05 4.74
C GLN A 86 -8.39 7.31 4.40
N PRO A 87 -8.16 7.61 3.13
CA PRO A 87 -7.37 8.81 2.77
C PRO A 87 -7.96 10.11 3.37
N GLY A 88 -7.39 10.60 4.44
CA GLY A 88 -7.92 11.85 5.07
C GLY A 88 -6.79 12.55 5.84
N PRO A 89 -7.03 13.76 6.31
CA PRO A 89 -5.99 14.49 7.09
C PRO A 89 -5.69 13.83 8.44
N GLY A 90 -4.67 14.27 9.12
CA GLY A 90 -4.33 13.69 10.45
C GLY A 90 -3.83 12.24 10.28
N ILE A 91 -4.48 11.32 10.95
CA ILE A 91 -4.05 9.89 10.85
C ILE A 91 -4.54 9.30 9.53
N GLY A 92 -5.43 9.97 8.85
CA GLY A 92 -5.95 9.45 7.56
C GLY A 92 -4.79 9.21 6.59
N GLY A 93 -4.85 8.13 5.84
CA GLY A 93 -3.76 7.83 4.86
C GLY A 93 -2.67 7.01 5.54
N ASP A 94 -2.65 7.00 6.84
CA ASP A 94 -1.61 6.22 7.57
C ASP A 94 -1.82 4.73 7.32
N ALA A 95 -0.79 3.93 7.49
CA ALA A 95 -0.93 2.46 7.27
C ALA A 95 0.02 1.71 8.20
N HIS A 96 -0.52 0.87 9.06
CA HIS A 96 0.34 0.11 10.03
C HIS A 96 0.54 -1.34 9.57
N PHE A 97 1.70 -1.89 9.83
CA PHE A 97 1.99 -3.31 9.43
C PHE A 97 2.21 -4.17 10.68
N ASP A 98 1.69 -5.37 10.68
CA ASP A 98 1.89 -6.26 11.86
C ASP A 98 3.38 -6.60 11.96
N GLU A 99 4.01 -6.23 13.04
CA GLU A 99 5.48 -6.50 13.21
C GLU A 99 5.66 -7.77 14.05
N ASP A 100 4.60 -8.37 14.49
CA ASP A 100 4.74 -9.60 15.32
C ASP A 100 5.12 -10.78 14.42
N GLU A 101 4.88 -10.68 13.14
CA GLU A 101 5.24 -11.79 12.19
C GLU A 101 6.59 -11.46 11.53
N ARG A 102 7.25 -12.43 10.96
CA ARG A 102 8.57 -12.13 10.30
C ARG A 102 8.32 -11.71 8.85
N TRP A 103 8.75 -10.53 8.49
CA TRP A 103 8.54 -10.05 7.10
C TRP A 103 9.71 -10.48 6.22
N THR A 104 9.43 -10.98 5.03
CA THR A 104 10.53 -11.43 4.11
C THR A 104 10.33 -10.79 2.74
N ASN A 105 11.31 -10.91 1.86
CA ASN A 105 11.20 -10.30 0.50
C ASN A 105 11.27 -11.38 -0.57
N ASN A 106 10.87 -12.59 -0.25
CA ASN A 106 10.93 -13.68 -1.27
C ASN A 106 9.85 -14.74 -0.99
N PHE A 107 9.95 -15.88 -1.63
CA PHE A 107 8.92 -16.95 -1.45
C PHE A 107 8.84 -17.42 0.02
N ARG A 108 9.47 -16.73 0.92
CA ARG A 108 9.41 -17.15 2.35
C ARG A 108 8.06 -16.78 2.96
N GLU A 109 7.76 -17.34 4.12
CA GLU A 109 6.46 -17.11 4.84
C GLU A 109 5.55 -16.06 4.17
N TYR A 110 5.86 -14.80 4.31
CA TYR A 110 4.98 -13.73 3.71
C TYR A 110 5.84 -12.72 2.95
N ASN A 111 5.27 -12.11 1.93
CA ASN A 111 6.02 -11.09 1.14
C ASN A 111 5.60 -9.69 1.61
N LEU A 112 6.51 -8.91 2.09
CA LEU A 112 6.13 -7.55 2.56
C LEU A 112 5.64 -6.69 1.38
N HIS A 113 6.28 -6.81 0.25
CA HIS A 113 5.86 -5.99 -0.93
C HIS A 113 4.43 -6.29 -1.31
N ARG A 114 4.03 -7.53 -1.26
CA ARG A 114 2.63 -7.88 -1.63
C ARG A 114 1.66 -7.16 -0.71
N VAL A 115 1.95 -7.10 0.56
CA VAL A 115 1.03 -6.40 1.50
C VAL A 115 1.09 -4.90 1.24
N ALA A 116 2.26 -4.36 1.02
CA ALA A 116 2.36 -2.90 0.77
C ALA A 116 1.54 -2.53 -0.47
N ALA A 117 1.59 -3.34 -1.48
CA ALA A 117 0.81 -3.04 -2.71
C ALA A 117 -0.68 -3.02 -2.36
N HIS A 118 -1.10 -3.92 -1.51
CA HIS A 118 -2.53 -3.97 -1.13
C HIS A 118 -2.90 -2.70 -0.34
N GLU A 119 -2.08 -2.32 0.61
CA GLU A 119 -2.39 -1.09 1.39
C GLU A 119 -2.47 0.11 0.45
N LEU A 120 -1.61 0.18 -0.52
CA LEU A 120 -1.66 1.32 -1.48
C LEU A 120 -3.01 1.31 -2.20
N GLY A 121 -3.50 0.16 -2.56
CA GLY A 121 -4.81 0.10 -3.25
C GLY A 121 -5.88 0.72 -2.36
N HIS A 122 -5.80 0.49 -1.07
CA HIS A 122 -6.80 1.09 -0.14
C HIS A 122 -6.60 2.61 -0.10
N SER A 123 -5.37 3.05 -0.13
CA SER A 123 -5.10 4.51 -0.10
C SER A 123 -5.54 5.13 -1.44
N LEU A 124 -5.62 4.33 -2.47
CA LEU A 124 -6.06 4.86 -3.80
C LEU A 124 -7.58 4.81 -3.88
N GLY A 125 -8.21 4.29 -2.87
CA GLY A 125 -9.70 4.22 -2.87
C GLY A 125 -10.17 2.96 -3.58
N LEU A 126 -9.29 2.05 -3.86
CA LEU A 126 -9.71 0.79 -4.56
C LEU A 126 -10.33 -0.16 -3.53
N SER A 127 -11.48 -0.70 -3.84
CA SER A 127 -12.16 -1.63 -2.89
C SER A 127 -11.69 -3.06 -3.15
N HIS A 128 -12.06 -3.97 -2.29
CA HIS A 128 -11.64 -5.39 -2.46
C HIS A 128 -12.30 -5.97 -3.72
N SER A 129 -11.75 -7.04 -4.26
CA SER A 129 -12.33 -7.68 -5.48
C SER A 129 -12.61 -9.16 -5.18
N THR A 130 -13.34 -9.81 -6.05
CA THR A 130 -13.66 -11.26 -5.83
C THR A 130 -12.81 -12.12 -6.78
N ASP A 131 -11.93 -11.51 -7.53
CA ASP A 131 -11.06 -12.28 -8.46
C ASP A 131 -9.85 -12.82 -7.70
N ILE A 132 -9.68 -14.12 -7.67
CA ILE A 132 -8.52 -14.71 -6.93
C ILE A 132 -7.21 -14.12 -7.45
N GLY A 133 -7.17 -13.73 -8.70
CA GLY A 133 -5.91 -13.16 -9.26
C GLY A 133 -5.76 -11.69 -8.87
N ALA A 134 -6.69 -11.15 -8.12
CA ALA A 134 -6.57 -9.72 -7.71
C ALA A 134 -5.67 -9.61 -6.47
N LEU A 135 -4.77 -8.67 -6.46
CA LEU A 135 -3.87 -8.50 -5.29
C LEU A 135 -4.70 -8.00 -4.10
N MET A 136 -5.78 -7.32 -4.37
CA MET A 136 -6.64 -6.78 -3.28
C MET A 136 -7.52 -7.89 -2.73
N TYR A 137 -7.01 -9.08 -2.58
CA TYR A 137 -7.84 -10.19 -2.05
C TYR A 137 -8.13 -9.92 -0.56
N PRO A 138 -9.36 -10.06 -0.09
CA PRO A 138 -9.65 -9.83 1.35
C PRO A 138 -8.63 -10.51 2.27
N SER A 139 -8.63 -11.82 2.30
CA SER A 139 -7.68 -12.56 3.17
C SER A 139 -6.32 -12.66 2.45
N TYR A 140 -5.33 -13.20 3.10
CA TYR A 140 -4.00 -13.33 2.44
C TYR A 140 -3.93 -14.68 1.71
N THR A 141 -3.55 -14.66 0.46
CA THR A 141 -3.45 -15.94 -0.30
C THR A 141 -2.35 -15.81 -1.37
N PHE A 142 -1.78 -16.91 -1.80
CA PHE A 142 -0.71 -16.86 -2.83
C PHE A 142 -1.30 -17.27 -4.18
N SER A 143 -1.12 -16.47 -5.20
CA SER A 143 -1.68 -16.84 -6.54
C SER A 143 -0.84 -16.20 -7.65
N GLY A 144 0.03 -16.98 -8.24
CA GLY A 144 0.89 -16.45 -9.35
C GLY A 144 1.93 -15.48 -8.78
N ASP A 145 2.57 -14.73 -9.64
CA ASP A 145 3.59 -13.75 -9.16
C ASP A 145 2.89 -12.45 -8.76
N VAL A 146 3.60 -11.55 -8.15
CA VAL A 146 2.95 -10.26 -7.74
C VAL A 146 2.94 -9.31 -8.93
N GLN A 147 1.83 -9.21 -9.63
CA GLN A 147 1.76 -8.28 -10.80
C GLN A 147 0.39 -7.62 -10.84
N LEU A 148 0.25 -6.53 -11.54
CA LEU A 148 -1.08 -5.85 -11.61
C LEU A 148 -2.00 -6.67 -12.50
N ALA A 149 -3.20 -6.92 -12.04
CA ALA A 149 -4.17 -7.72 -12.84
C ALA A 149 -5.00 -6.76 -13.70
N GLN A 150 -5.71 -7.29 -14.66
CA GLN A 150 -6.53 -6.42 -15.55
C GLN A 150 -7.56 -5.66 -14.69
N ASP A 151 -8.13 -6.34 -13.74
CA ASP A 151 -9.12 -5.69 -12.86
C ASP A 151 -8.45 -4.50 -12.17
N ASP A 152 -7.22 -4.65 -11.76
CA ASP A 152 -6.53 -3.52 -11.08
C ASP A 152 -6.14 -2.46 -12.11
N ILE A 153 -5.65 -2.86 -13.24
CA ILE A 153 -5.25 -1.86 -14.29
C ILE A 153 -6.50 -1.08 -14.75
N ASP A 154 -7.53 -1.76 -15.14
CA ASP A 154 -8.76 -1.03 -15.60
C ASP A 154 -9.32 -0.16 -14.48
N GLY A 155 -9.31 -0.66 -13.27
CA GLY A 155 -9.88 0.12 -12.14
C GLY A 155 -9.11 1.42 -11.93
N ILE A 156 -7.82 1.36 -11.79
CA ILE A 156 -7.04 2.61 -11.56
C ILE A 156 -7.04 3.48 -12.83
N GLN A 157 -6.97 2.86 -13.98
CA GLN A 157 -6.96 3.67 -15.24
C GLN A 157 -8.33 4.33 -15.43
N ALA A 158 -9.39 3.62 -15.15
CA ALA A 158 -10.74 4.23 -15.32
C ALA A 158 -10.85 5.47 -14.41
N ILE A 159 -10.34 5.40 -13.21
CA ILE A 159 -10.45 6.59 -12.31
C ILE A 159 -9.69 7.78 -12.93
N TYR A 160 -8.46 7.58 -13.32
CA TYR A 160 -7.67 8.70 -13.95
C TYR A 160 -7.71 8.57 -15.47
N GLY A 161 -7.09 7.56 -16.01
CA GLY A 161 -7.07 7.39 -17.48
C GLY A 161 -5.97 6.40 -17.87
N ARG A 162 -5.69 6.30 -19.14
CA ARG A 162 -4.63 5.35 -19.61
C ARG A 162 -3.31 6.11 -19.77
N SER A 163 -2.22 5.54 -19.37
CA SER A 163 -0.92 6.24 -19.51
C SER A 163 -0.51 6.22 -20.99
N GLN A 164 -0.97 7.19 -21.74
CA GLN A 164 -0.64 7.26 -23.20
C GLN A 164 0.66 8.04 -23.42
N ASN A 165 1.74 7.36 -23.67
CA ASN A 165 3.03 8.08 -23.92
C ASN A 165 4.01 7.15 -24.67
N PRO A 166 4.73 7.62 -25.67
CA PRO A 166 5.69 6.72 -26.39
C PRO A 166 6.96 6.51 -25.58
N VAL A 167 7.30 7.48 -24.81
CA VAL A 167 8.52 7.39 -23.94
C VAL A 167 8.09 6.95 -22.53
N GLN A 168 8.74 5.95 -21.99
CA GLN A 168 8.36 5.49 -20.62
C GLN A 168 8.70 6.60 -19.60
N PRO A 169 7.96 6.73 -18.53
CA PRO A 169 8.27 7.78 -17.51
C PRO A 169 9.65 7.55 -16.87
ZN ZN B . -7.77 -4.90 2.34
ZN ZN C . -2.28 0.02 13.82
CA CA D . -1.29 -10.91 12.79
N1 CGS E . -7.13 -8.33 6.26
CC CGS E . -8.15 -9.31 5.74
CA CGS E . -7.30 -6.84 6.21
S4 CGS E . -5.44 -8.89 6.25
C5 CGS E . -8.96 -10.15 6.71
CD CGS E . -8.33 -11.20 7.50
CE CGS E . -9.09 -12.01 8.43
CZ CGS E . -10.49 -11.74 8.54
N11 CGS E . -11.12 -10.75 7.81
CY CGS E . -10.38 -9.98 6.91
C17 CGS E . -4.75 -8.71 4.62
CE2 CGS E . -5.02 -9.70 3.58
CD2 CGS E . -4.46 -9.53 2.25
C20 CGS E . -3.63 -8.36 1.92
CD1 CGS E . -3.37 -7.38 2.99
CE1 CGS E . -3.94 -7.56 4.31
O27 CGS E . -3.09 -8.19 0.63
COM CGS E . -1.83 -8.81 0.38
O32 CGS E . -5.54 -10.28 6.62
O33 CGS E . -4.79 -7.98 7.15
C34 CGS E . -7.23 -6.33 4.75
N35 CGS E . -6.15 -5.61 4.45
CB CGS E . -8.38 -6.13 7.05
CG2 CGS E . -7.91 -4.83 7.69
CG1 CGS E . -8.94 -6.99 8.17
O47 CGS E . -8.09 -6.56 3.91
O48 CGS E . -6.01 -5.12 3.17
HC1 CGS E . -8.84 -8.74 5.11
HC2 CGS E . -7.63 -9.98 5.04
HA CGS E . -6.37 -6.46 6.67
HD CGS E . -7.27 -11.38 7.40
HE CGS E . -8.61 -12.79 9.01
HZ CGS E . -11.11 -12.31 9.21
HY CGS E . -10.91 -9.23 6.36
HE2 CGS E . -5.63 -10.56 3.82
HD2 CGS E . -4.67 -10.28 1.50
HD1 CGS E . -2.77 -6.51 2.79
HE1 CGS E . -3.74 -6.83 5.09
HOM1 CGS E . -1.90 -9.89 0.45
HOM2 CGS E . -1.47 -8.58 -0.62
HOM3 CGS E . -1.07 -8.49 1.08
H49 CGS E . -5.47 -5.46 5.19
HB CGS E . -9.22 -5.87 6.42
HG21 CGS E . -8.39 -4.67 8.65
HG22 CGS E . -8.14 -3.97 7.06
HG23 CGS E . -6.83 -4.84 7.85
HG11 CGS E . -8.65 -8.03 8.04
HG12 CGS E . -10.02 -6.95 8.21
HG13 CGS E . -8.55 -6.66 9.14
H50 CGS E . -5.08 -5.02 2.90
N VAL A 1 -15.82 13.40 3.55
CA VAL A 1 -17.27 13.11 3.39
C VAL A 1 -17.90 14.15 2.45
N LEU A 2 -17.11 15.10 2.00
CA LEU A 2 -17.63 16.14 1.09
C LEU A 2 -18.10 15.48 -0.22
N THR A 3 -17.34 14.52 -0.68
CA THR A 3 -17.71 13.81 -1.95
C THR A 3 -18.51 12.54 -1.60
N GLU A 4 -19.25 12.01 -2.55
CA GLU A 4 -20.04 10.77 -2.27
C GLU A 4 -19.10 9.57 -2.22
N GLY A 5 -19.26 8.71 -1.25
CA GLY A 5 -18.38 7.51 -1.15
C GLY A 5 -17.06 7.91 -0.47
N ASN A 6 -16.01 7.18 -0.74
CA ASN A 6 -14.69 7.52 -0.12
C ASN A 6 -14.04 8.67 -0.90
N PRO A 7 -13.41 9.64 -0.26
CA PRO A 7 -12.77 10.77 -1.00
C PRO A 7 -11.53 10.31 -1.78
N ARG A 8 -11.44 10.67 -3.04
CA ARG A 8 -10.25 10.25 -3.83
C ARG A 8 -9.18 11.34 -3.74
N TRP A 9 -8.00 11.07 -4.20
CA TRP A 9 -6.91 12.10 -4.13
C TRP A 9 -7.06 13.05 -5.31
N GLU A 10 -7.25 14.32 -5.06
CA GLU A 10 -7.40 15.29 -6.18
C GLU A 10 -6.01 15.73 -6.68
N GLN A 11 -4.99 15.41 -5.93
CA GLN A 11 -3.61 15.81 -6.35
C GLN A 11 -3.08 14.78 -7.35
N THR A 12 -2.22 15.19 -8.25
CA THR A 12 -1.65 14.24 -9.24
C THR A 12 -0.30 13.74 -8.73
N HIS A 13 0.15 14.27 -7.63
CA HIS A 13 1.45 13.84 -7.04
C HIS A 13 1.23 13.54 -5.55
N LEU A 14 1.91 12.56 -5.02
CA LEU A 14 1.73 12.21 -3.57
C LEU A 14 3.10 11.97 -2.94
N THR A 15 3.18 12.07 -1.63
CA THR A 15 4.49 11.86 -0.93
C THR A 15 4.32 10.77 0.11
N TYR A 16 5.41 10.12 0.48
CA TYR A 16 5.32 9.04 1.51
C TYR A 16 6.55 9.11 2.40
N ARG A 17 6.47 8.55 3.58
CA ARG A 17 7.64 8.58 4.50
C ARG A 17 7.62 7.35 5.40
N ILE A 18 8.72 6.66 5.49
CA ILE A 18 8.78 5.46 6.39
C ILE A 18 9.24 5.92 7.77
N GLU A 19 8.40 5.79 8.75
CA GLU A 19 8.79 6.24 10.12
C GLU A 19 9.96 5.41 10.65
N ASN A 20 9.97 4.12 10.41
CA ASN A 20 11.09 3.29 10.94
C ASN A 20 11.20 1.98 10.17
N TYR A 21 12.39 1.42 10.11
CA TYR A 21 12.59 0.12 9.38
C TYR A 21 12.55 -1.02 10.41
N THR A 22 11.86 -2.08 10.13
CA THR A 22 11.80 -3.21 11.11
C THR A 22 13.17 -3.92 11.19
N PRO A 23 13.64 -4.28 12.38
CA PRO A 23 14.96 -4.97 12.48
C PRO A 23 14.95 -6.33 11.77
N ASP A 24 13.79 -6.81 11.41
CA ASP A 24 13.68 -8.13 10.72
C ASP A 24 14.47 -8.09 9.40
N LEU A 25 14.40 -6.99 8.70
CA LEU A 25 15.13 -6.87 7.40
C LEU A 25 15.74 -5.47 7.33
N PRO A 26 16.85 -5.29 6.64
CA PRO A 26 17.48 -3.93 6.55
C PRO A 26 16.56 -2.92 5.86
N ARG A 27 17.04 -1.75 5.57
CA ARG A 27 16.19 -0.73 4.91
C ARG A 27 16.26 -0.92 3.39
N ALA A 28 17.40 -1.27 2.87
CA ALA A 28 17.52 -1.48 1.41
C ALA A 28 16.51 -2.54 0.95
N ASP A 29 16.33 -3.57 1.72
CA ASP A 29 15.35 -4.62 1.32
C ASP A 29 13.93 -4.06 1.44
N VAL A 30 13.66 -3.31 2.47
CA VAL A 30 12.30 -2.72 2.63
C VAL A 30 12.10 -1.64 1.57
N ASP A 31 13.09 -0.82 1.34
CA ASP A 31 12.94 0.25 0.30
C ASP A 31 12.66 -0.41 -1.05
N HIS A 32 13.34 -1.50 -1.33
CA HIS A 32 13.13 -2.20 -2.63
C HIS A 32 11.66 -2.64 -2.77
N ALA A 33 11.14 -3.28 -1.77
CA ALA A 33 9.71 -3.73 -1.82
C ALA A 33 8.78 -2.52 -1.93
N ILE A 34 9.00 -1.53 -1.09
CA ILE A 34 8.14 -0.32 -1.12
C ILE A 34 8.40 0.50 -2.38
N GLU A 35 9.63 0.62 -2.79
CA GLU A 35 9.90 1.43 -4.01
C GLU A 35 9.24 0.78 -5.23
N LYS A 36 9.40 -0.50 -5.40
CA LYS A 36 8.76 -1.16 -6.59
C LYS A 36 7.24 -1.07 -6.48
N ALA A 37 6.70 -1.12 -5.29
CA ALA A 37 5.22 -1.04 -5.17
C ALA A 37 4.73 0.28 -5.78
N PHE A 38 5.31 1.38 -5.37
CA PHE A 38 4.87 2.69 -5.95
C PHE A 38 5.14 2.71 -7.46
N GLN A 39 6.26 2.17 -7.89
CA GLN A 39 6.56 2.18 -9.36
C GLN A 39 5.47 1.42 -10.12
N LEU A 40 5.05 0.29 -9.61
CA LEU A 40 4.01 -0.51 -10.32
C LEU A 40 2.72 0.31 -10.48
N TRP A 41 2.30 1.00 -9.44
CA TRP A 41 1.04 1.80 -9.56
C TRP A 41 1.30 3.02 -10.45
N SER A 42 2.43 3.65 -10.31
CA SER A 42 2.74 4.85 -11.14
C SER A 42 2.97 4.44 -12.60
N ASN A 43 3.60 3.32 -12.83
CA ASN A 43 3.89 2.89 -14.24
C ASN A 43 2.60 2.84 -15.06
N VAL A 44 1.48 2.55 -14.45
CA VAL A 44 0.20 2.47 -15.22
C VAL A 44 -0.66 3.69 -14.91
N THR A 45 -0.11 4.69 -14.27
CA THR A 45 -0.90 5.93 -13.96
C THR A 45 0.01 7.16 -14.11
N PRO A 46 -0.52 8.30 -14.55
CA PRO A 46 0.32 9.53 -14.69
C PRO A 46 0.68 10.13 -13.32
N LEU A 47 0.32 9.45 -12.26
CA LEU A 47 0.62 9.96 -10.90
C LEU A 47 2.13 9.83 -10.65
N THR A 48 2.64 10.54 -9.67
CA THR A 48 4.09 10.46 -9.35
C THR A 48 4.23 10.42 -7.83
N PHE A 49 5.26 9.79 -7.32
CA PHE A 49 5.46 9.70 -5.85
C PHE A 49 6.84 10.24 -5.48
N THR A 50 7.01 10.69 -4.26
CA THR A 50 8.32 11.24 -3.84
C THR A 50 8.49 11.08 -2.32
N LYS A 51 9.63 10.60 -1.91
CA LYS A 51 9.90 10.41 -0.45
C LYS A 51 10.25 11.76 0.20
N VAL A 52 9.77 12.00 1.40
CA VAL A 52 10.07 13.27 2.11
C VAL A 52 10.75 12.95 3.45
N SER A 53 11.85 13.59 3.74
CA SER A 53 12.57 13.32 5.02
C SER A 53 12.15 14.36 6.07
N GLU A 54 11.34 15.31 5.69
CA GLU A 54 10.87 16.35 6.67
C GLU A 54 9.45 16.78 6.34
N GLY A 55 8.69 17.20 7.32
CA GLY A 55 7.29 17.64 7.05
C GLY A 55 6.36 16.43 7.10
N GLN A 56 5.07 16.66 7.13
CA GLN A 56 4.11 15.53 7.17
C GLN A 56 3.94 14.97 5.75
N ALA A 57 3.86 13.67 5.62
CA ALA A 57 3.68 13.06 4.28
C ALA A 57 2.24 12.61 4.11
N ASP A 58 1.74 12.65 2.90
CA ASP A 58 0.34 12.24 2.66
C ASP A 58 0.15 10.79 3.10
N ILE A 59 1.09 9.94 2.76
CA ILE A 59 1.00 8.49 3.15
C ILE A 59 2.08 8.17 4.18
N MET A 60 1.69 7.91 5.40
CA MET A 60 2.68 7.58 6.47
C MET A 60 2.68 6.07 6.72
N ILE A 61 3.82 5.44 6.61
CA ILE A 61 3.91 3.96 6.84
C ILE A 61 4.67 3.70 8.14
N SER A 62 4.13 2.88 9.02
CA SER A 62 4.84 2.60 10.30
C SER A 62 4.56 1.18 10.75
N PHE A 63 5.45 0.63 11.55
CA PHE A 63 5.28 -0.76 12.06
C PHE A 63 4.89 -0.70 13.53
N VAL A 64 3.92 -1.49 13.95
CA VAL A 64 3.46 -1.45 15.39
C VAL A 64 3.36 -2.87 15.98
N ARG A 65 3.38 -2.96 17.30
CA ARG A 65 3.28 -4.29 17.99
C ARG A 65 2.08 -4.29 18.96
N GLY A 66 1.35 -5.37 19.01
CA GLY A 66 0.19 -5.46 19.95
C GLY A 66 -0.59 -4.14 20.00
N ASP A 67 -1.00 -3.75 21.18
CA ASP A 67 -1.77 -2.47 21.34
C ASP A 67 -0.83 -1.29 21.12
N HIS A 68 -1.15 -0.44 20.16
CA HIS A 68 -0.28 0.75 19.87
C HIS A 68 -1.15 2.00 19.70
N ARG A 69 -1.79 2.45 20.75
CA ARG A 69 -2.64 3.66 20.63
C ARG A 69 -3.63 3.44 19.48
N ASP A 70 -4.33 2.32 19.49
CA ASP A 70 -5.30 2.03 18.40
C ASP A 70 -6.53 1.34 18.99
N ASN A 71 -7.65 1.40 18.32
CA ASN A 71 -8.89 0.76 18.86
C ASN A 71 -9.05 -0.66 18.31
N SER A 72 -8.05 -1.17 17.63
CA SER A 72 -8.15 -2.57 17.08
C SER A 72 -6.82 -3.30 17.33
N PRO A 73 -6.56 -3.70 18.55
CA PRO A 73 -5.30 -4.43 18.89
C PRO A 73 -5.23 -5.79 18.20
N PHE A 74 -4.05 -6.23 17.84
CA PHE A 74 -3.91 -7.56 17.18
C PHE A 74 -4.03 -8.66 18.23
N ASP A 75 -4.76 -9.70 17.93
CA ASP A 75 -4.93 -10.81 18.92
C ASP A 75 -4.05 -12.01 18.53
N GLY A 76 -2.75 -11.84 18.60
CA GLY A 76 -1.84 -12.96 18.24
C GLY A 76 -1.45 -12.86 16.77
N PRO A 77 -0.72 -13.82 16.27
CA PRO A 77 -0.29 -13.81 14.84
C PRO A 77 -1.48 -14.05 13.88
N GLY A 78 -2.60 -14.46 14.42
CA GLY A 78 -3.79 -14.70 13.54
C GLY A 78 -4.62 -13.43 13.46
N GLY A 79 -5.71 -13.46 12.72
CA GLY A 79 -6.57 -12.24 12.61
C GLY A 79 -6.06 -11.32 11.49
N ASN A 80 -6.21 -10.04 11.68
CA ASN A 80 -5.76 -9.06 10.63
C ASN A 80 -4.24 -8.96 10.63
N LEU A 81 -3.61 -9.04 9.47
CA LEU A 81 -2.12 -8.93 9.42
C LEU A 81 -1.72 -7.46 9.21
N ALA A 82 -2.64 -6.66 8.76
CA ALA A 82 -2.33 -5.21 8.53
C ALA A 82 -3.63 -4.47 8.22
N HIS A 83 -3.61 -3.16 8.29
CA HIS A 83 -4.86 -2.41 8.01
C HIS A 83 -4.54 -0.95 7.69
N ALA A 84 -5.00 -0.48 6.55
CA ALA A 84 -4.76 0.93 6.16
C ALA A 84 -5.85 1.81 6.79
N PHE A 85 -5.66 3.11 6.74
CA PHE A 85 -6.69 4.05 7.29
C PHE A 85 -7.42 4.69 6.12
N GLN A 86 -8.71 4.90 6.24
CA GLN A 86 -9.46 5.49 5.09
C GLN A 86 -8.83 6.85 4.73
N PRO A 87 -8.86 7.24 3.47
CA PRO A 87 -8.27 8.55 3.07
C PRO A 87 -8.95 9.72 3.79
N GLY A 88 -8.19 10.51 4.50
CA GLY A 88 -8.78 11.66 5.23
C GLY A 88 -7.66 12.42 5.95
N PRO A 89 -7.96 13.53 6.59
CA PRO A 89 -6.92 14.30 7.31
C PRO A 89 -6.50 13.61 8.61
N GLY A 90 -5.38 14.01 9.17
CA GLY A 90 -4.91 13.38 10.44
C GLY A 90 -4.38 11.98 10.16
N ILE A 91 -4.55 11.08 11.10
CA ILE A 91 -4.05 9.69 10.93
C ILE A 91 -4.53 9.12 9.58
N GLY A 92 -5.40 9.82 8.91
CA GLY A 92 -5.89 9.31 7.59
C GLY A 92 -4.73 9.14 6.61
N GLY A 93 -4.76 8.11 5.81
CA GLY A 93 -3.66 7.88 4.81
C GLY A 93 -2.56 7.05 5.46
N ASP A 94 -2.56 6.95 6.76
CA ASP A 94 -1.51 6.16 7.44
C ASP A 94 -1.69 4.68 7.13
N ALA A 95 -0.64 3.91 7.31
CA ALA A 95 -0.71 2.44 7.04
C ALA A 95 -0.01 1.70 8.17
N HIS A 96 -0.70 0.78 8.81
CA HIS A 96 -0.08 0.01 9.95
C HIS A 96 0.26 -1.43 9.51
N PHE A 97 1.47 -1.86 9.77
CA PHE A 97 1.91 -3.25 9.39
C PHE A 97 2.18 -4.05 10.67
N ASP A 98 1.69 -5.27 10.72
CA ASP A 98 1.93 -6.12 11.92
C ASP A 98 3.42 -6.39 12.07
N GLU A 99 4.01 -5.97 13.16
CA GLU A 99 5.47 -6.19 13.39
C GLU A 99 5.65 -7.38 14.34
N ASP A 100 4.58 -7.96 14.81
CA ASP A 100 4.70 -9.13 15.74
C ASP A 100 5.10 -10.38 14.98
N GLU A 101 4.88 -10.39 13.69
CA GLU A 101 5.26 -11.58 12.87
C GLU A 101 6.58 -11.28 12.14
N ARG A 102 7.31 -12.30 11.76
CA ARG A 102 8.60 -12.05 11.06
C ARG A 102 8.34 -11.92 9.56
N TRP A 103 8.77 -10.83 8.97
CA TRP A 103 8.53 -10.61 7.51
C TRP A 103 9.70 -11.20 6.71
N THR A 104 9.44 -11.66 5.49
CA THR A 104 10.54 -12.22 4.64
C THR A 104 10.46 -11.60 3.24
N ASN A 105 11.46 -11.82 2.42
CA ASN A 105 11.46 -11.25 1.03
C ASN A 105 11.31 -12.37 0.00
N ASN A 106 10.74 -13.49 0.39
CA ASN A 106 10.56 -14.60 -0.60
C ASN A 106 9.28 -15.38 -0.28
N PHE A 107 9.13 -16.56 -0.84
CA PHE A 107 7.88 -17.36 -0.60
C PHE A 107 7.84 -17.94 0.82
N ARG A 108 8.57 -17.37 1.74
CA ARG A 108 8.54 -17.91 3.13
C ARG A 108 7.24 -17.50 3.84
N GLU A 109 7.22 -17.61 5.14
CA GLU A 109 6.01 -17.25 5.96
C GLU A 109 5.12 -16.22 5.25
N TYR A 110 5.57 -15.00 5.08
CA TYR A 110 4.72 -13.97 4.42
C TYR A 110 5.54 -13.07 3.51
N ASN A 111 4.91 -12.43 2.57
CA ASN A 111 5.62 -11.51 1.64
C ASN A 111 5.28 -10.07 1.99
N LEU A 112 6.22 -9.33 2.50
CA LEU A 112 5.97 -7.90 2.87
C LEU A 112 5.54 -7.11 1.64
N HIS A 113 6.17 -7.33 0.53
CA HIS A 113 5.82 -6.56 -0.70
C HIS A 113 4.35 -6.77 -1.09
N ARG A 114 3.89 -7.99 -1.11
CA ARG A 114 2.46 -8.23 -1.50
C ARG A 114 1.51 -7.50 -0.54
N VAL A 115 1.81 -7.49 0.73
CA VAL A 115 0.93 -6.78 1.69
C VAL A 115 1.04 -5.28 1.45
N ALA A 116 2.24 -4.81 1.20
CA ALA A 116 2.41 -3.35 0.94
C ALA A 116 1.56 -2.95 -0.26
N ALA A 117 1.55 -3.75 -1.30
CA ALA A 117 0.73 -3.42 -2.50
C ALA A 117 -0.75 -3.37 -2.12
N HIS A 118 -1.18 -4.25 -1.26
CA HIS A 118 -2.62 -4.26 -0.86
C HIS A 118 -2.93 -3.00 -0.06
N GLU A 119 -2.16 -2.73 0.95
CA GLU A 119 -2.42 -1.51 1.77
C GLU A 119 -2.37 -0.27 0.88
N LEU A 120 -1.44 -0.21 -0.03
CA LEU A 120 -1.35 0.98 -0.92
C LEU A 120 -2.62 1.06 -1.77
N GLY A 121 -3.11 -0.06 -2.24
CA GLY A 121 -4.35 -0.04 -3.07
C GLY A 121 -5.49 0.57 -2.26
N HIS A 122 -5.55 0.28 -1.00
CA HIS A 122 -6.64 0.85 -0.14
C HIS A 122 -6.46 2.36 -0.08
N SER A 123 -5.24 2.82 -0.06
CA SER A 123 -4.99 4.29 0.00
C SER A 123 -5.41 4.91 -1.34
N LEU A 124 -5.38 4.14 -2.40
CA LEU A 124 -5.78 4.67 -3.74
C LEU A 124 -7.30 4.56 -3.89
N GLY A 125 -7.98 4.03 -2.91
CA GLY A 125 -9.47 3.90 -3.00
C GLY A 125 -9.86 2.62 -3.73
N LEU A 126 -8.94 1.70 -3.92
CA LEU A 126 -9.31 0.43 -4.63
C LEU A 126 -9.99 -0.50 -3.64
N SER A 127 -11.13 -1.01 -3.99
CA SER A 127 -11.87 -1.93 -3.08
C SER A 127 -11.39 -3.37 -3.30
N HIS A 128 -11.81 -4.27 -2.45
CA HIS A 128 -11.39 -5.68 -2.61
C HIS A 128 -12.03 -6.25 -3.87
N SER A 129 -11.44 -7.27 -4.45
CA SER A 129 -12.00 -7.89 -5.70
C SER A 129 -12.23 -9.39 -5.47
N THR A 130 -12.98 -10.02 -6.34
CA THR A 130 -13.25 -11.48 -6.20
C THR A 130 -12.37 -12.26 -7.19
N ASP A 131 -11.56 -11.57 -7.94
CA ASP A 131 -10.69 -12.26 -8.92
C ASP A 131 -9.49 -12.88 -8.20
N ILE A 132 -9.25 -14.15 -8.42
CA ILE A 132 -8.11 -14.82 -7.73
C ILE A 132 -6.79 -14.13 -8.08
N GLY A 133 -6.70 -13.54 -9.25
CA GLY A 133 -5.43 -12.87 -9.64
C GLY A 133 -5.35 -11.46 -9.04
N ALA A 134 -6.31 -11.08 -8.26
CA ALA A 134 -6.27 -9.71 -7.65
C ALA A 134 -5.41 -9.73 -6.37
N LEU A 135 -4.47 -8.82 -6.28
CA LEU A 135 -3.59 -8.77 -5.08
C LEU A 135 -4.43 -8.40 -3.86
N MET A 136 -5.45 -7.63 -4.05
CA MET A 136 -6.30 -7.22 -2.90
C MET A 136 -7.16 -8.40 -2.49
N TYR A 137 -6.58 -9.57 -2.34
CA TYR A 137 -7.38 -10.75 -1.96
C TYR A 137 -7.85 -10.59 -0.50
N PRO A 138 -9.12 -10.79 -0.19
CA PRO A 138 -9.58 -10.62 1.22
C PRO A 138 -8.64 -11.31 2.21
N SER A 139 -8.59 -12.61 2.17
CA SER A 139 -7.70 -13.35 3.09
C SER A 139 -6.27 -13.33 2.53
N TYR A 140 -5.32 -13.79 3.29
CA TYR A 140 -3.91 -13.79 2.78
C TYR A 140 -3.69 -15.05 1.93
N THR A 141 -3.16 -14.90 0.75
CA THR A 141 -2.94 -16.07 -0.14
C THR A 141 -1.71 -15.81 -1.03
N PHE A 142 -1.25 -16.82 -1.74
CA PHE A 142 -0.06 -16.63 -2.62
C PHE A 142 -0.51 -16.23 -4.03
N SER A 143 0.14 -15.26 -4.63
CA SER A 143 -0.24 -14.82 -6.01
C SER A 143 0.71 -15.43 -7.03
N GLY A 144 1.65 -16.21 -6.59
CA GLY A 144 2.62 -16.84 -7.54
C GLY A 144 3.64 -15.79 -8.02
N ASP A 145 3.18 -14.61 -8.33
CA ASP A 145 4.13 -13.54 -8.80
C ASP A 145 3.55 -12.17 -8.44
N VAL A 146 4.40 -11.19 -8.21
CA VAL A 146 3.88 -9.84 -7.85
C VAL A 146 3.61 -9.05 -9.12
N GLN A 147 2.37 -8.98 -9.52
CA GLN A 147 2.02 -8.22 -10.76
C GLN A 147 0.61 -7.64 -10.58
N LEU A 148 0.33 -6.53 -11.21
CA LEU A 148 -1.03 -5.94 -11.06
C LEU A 148 -2.01 -6.75 -11.91
N ALA A 149 -3.25 -6.84 -11.48
CA ALA A 149 -4.25 -7.62 -12.25
C ALA A 149 -4.96 -6.68 -13.23
N GLN A 150 -5.55 -7.22 -14.27
CA GLN A 150 -6.24 -6.36 -15.26
C GLN A 150 -7.36 -5.58 -14.58
N ASP A 151 -8.07 -6.21 -13.69
CA ASP A 151 -9.18 -5.52 -12.99
C ASP A 151 -8.63 -4.30 -12.24
N ASP A 152 -7.48 -4.43 -11.63
CA ASP A 152 -6.91 -3.28 -10.89
C ASP A 152 -6.37 -2.25 -11.88
N ILE A 153 -5.73 -2.71 -12.93
CA ILE A 153 -5.18 -1.76 -13.94
C ILE A 153 -6.34 -0.97 -14.60
N ASP A 154 -7.35 -1.66 -15.04
CA ASP A 154 -8.51 -0.96 -15.68
C ASP A 154 -9.20 -0.05 -14.66
N GLY A 155 -9.33 -0.50 -13.45
CA GLY A 155 -10.03 0.31 -12.41
C GLY A 155 -9.24 1.57 -12.04
N ILE A 156 -8.00 1.43 -11.67
CA ILE A 156 -7.22 2.64 -11.29
C ILE A 156 -7.15 3.60 -12.46
N GLN A 157 -6.98 3.10 -13.65
CA GLN A 157 -6.94 3.99 -14.83
C GLN A 157 -8.30 4.66 -15.01
N ALA A 158 -9.35 3.94 -14.76
CA ALA A 158 -10.72 4.53 -14.92
C ALA A 158 -10.88 5.74 -13.98
N ILE A 159 -10.42 5.62 -12.77
CA ILE A 159 -10.56 6.76 -11.82
C ILE A 159 -9.79 7.98 -12.36
N TYR A 160 -8.56 7.78 -12.76
CA TYR A 160 -7.74 8.90 -13.31
C TYR A 160 -7.74 8.82 -14.84
N GLY A 161 -7.10 7.82 -15.38
CA GLY A 161 -7.05 7.67 -16.85
C GLY A 161 -5.92 6.72 -17.24
N ARG A 162 -5.72 6.51 -18.51
CA ARG A 162 -4.63 5.60 -18.97
C ARG A 162 -3.33 6.40 -19.14
N SER A 163 -2.20 5.77 -18.95
CA SER A 163 -0.92 6.51 -19.11
C SER A 163 -0.66 6.75 -20.59
N GLN A 164 -1.21 7.80 -21.15
CA GLN A 164 -1.00 8.09 -22.60
C GLN A 164 0.14 9.11 -22.76
N ASN A 165 1.26 8.68 -23.29
CA ASN A 165 2.40 9.62 -23.49
C ASN A 165 3.32 9.10 -24.59
N PRO A 166 2.91 9.20 -25.84
CA PRO A 166 3.73 8.72 -26.98
C PRO A 166 4.78 9.76 -27.42
N VAL A 167 5.41 10.41 -26.49
CA VAL A 167 6.44 11.42 -26.84
C VAL A 167 7.82 10.74 -26.95
N GLN A 168 8.44 10.79 -28.11
CA GLN A 168 9.79 10.16 -28.29
C GLN A 168 10.77 11.18 -28.91
N PRO A 169 11.29 12.09 -28.11
CA PRO A 169 12.25 13.11 -28.63
C PRO A 169 13.55 12.47 -29.15
ZN ZN B . -7.76 -5.26 2.35
ZN ZN C . -2.56 -0.33 13.76
CA CA D . -1.86 -10.75 13.31
N1 CGS E . -6.97 -8.69 6.18
CC CGS E . -7.96 -9.73 5.75
CA CGS E . -7.16 -7.22 5.99
S4 CGS E . -5.28 -9.21 6.26
C5 CGS E . -8.77 -10.48 6.80
CD CGS E . -8.13 -11.19 7.89
CE CGS E . -8.88 -11.91 8.88
CZ CGS E . -10.31 -11.89 8.77
N11 CGS E . -10.97 -11.22 7.74
CY CGS E . -10.21 -10.53 6.79
C17 CGS E . -4.53 -9.14 4.64
CE2 CGS E . -4.75 -10.19 3.66
CD2 CGS E . -4.16 -10.08 2.32
C20 CGS E . -3.34 -8.92 1.96
CD1 CGS E . -3.14 -7.87 2.97
CE1 CGS E . -3.73 -7.99 4.29
O27 CGS E . -2.77 -8.79 0.68
COM CGS E . -1.49 -9.40 0.48
O32 CGS E . -5.35 -10.56 6.72
O33 CGS E . -4.67 -8.23 7.10
C34 CGS E . -7.02 -6.83 4.51
N35 CGS E . -5.96 -6.10 4.22
CB CGS E . -8.33 -6.47 6.70
CG2 CGS E . -7.92 -5.09 7.23
CG1 CGS E . -8.92 -7.23 7.88
O47 CGS E . -7.83 -7.15 3.64
O48 CGS E . -5.73 -5.69 2.92
HC1 CGS E . -8.66 -9.24 5.06
HC2 CGS E . -7.43 -10.46 5.14
HA CGS E . -6.29 -6.77 6.47
HD CGS E . -7.04 -11.20 7.95
HE CGS E . -8.40 -12.44 9.68
HZ CGS E . -10.94 -12.40 9.48
HY CGS E . -10.75 -10.02 6.01
HE2 CGS E . -5.34 -11.05 3.93
HD2 CGS E . -4.34 -10.88 1.61
HD1 CGS E . -2.55 -7.00 2.75
HE1 CGS E . -3.57 -7.22 5.03
HOM1 CGS E . -1.58 -10.47 0.32
HOM2 CGS E . -0.99 -8.98 -0.38
HOM3 CGS E . -0.85 -9.25 1.35
H49 CGS E . -5.34 -5.86 4.99
HB CGS E . -9.13 -6.30 6.00
HG21 CGS E . -8.78 -4.57 7.65
HG22 CGS E . -7.50 -4.47 6.43
HG23 CGS E . -7.17 -5.18 8.01
HG11 CGS E . -8.69 -6.72 8.82
HG12 CGS E . -8.52 -8.24 7.93
HG13 CGS E . -10.01 -7.30 7.80
H50 CGS E . -6.46 -5.14 2.57
N VAL A 1 -17.29 17.00 7.11
CA VAL A 1 -15.87 16.74 6.78
C VAL A 1 -15.76 15.57 5.79
N LEU A 2 -16.45 14.49 6.05
CA LEU A 2 -16.37 13.32 5.14
C LEU A 2 -17.09 13.65 3.82
N THR A 3 -16.55 13.20 2.72
CA THR A 3 -17.18 13.49 1.40
C THR A 3 -17.99 12.27 0.94
N GLU A 4 -17.91 11.95 -0.33
CA GLU A 4 -18.66 10.79 -0.87
C GLU A 4 -18.05 9.50 -0.32
N GLY A 5 -18.82 8.45 -0.25
CA GLY A 5 -18.30 7.16 0.29
C GLY A 5 -17.10 6.66 -0.54
N ASN A 6 -16.45 7.53 -1.29
CA ASN A 6 -15.29 7.09 -2.11
C ASN A 6 -14.30 8.26 -2.25
N PRO A 7 -13.63 8.63 -1.19
CA PRO A 7 -12.66 9.76 -1.24
C PRO A 7 -11.50 9.49 -2.21
N ARG A 8 -10.96 10.54 -2.80
CA ARG A 8 -9.83 10.37 -3.75
C ARG A 8 -8.89 11.58 -3.63
N TRP A 9 -7.67 11.43 -4.05
CA TRP A 9 -6.71 12.57 -3.97
C TRP A 9 -6.90 13.46 -5.20
N GLU A 10 -7.04 14.74 -5.00
CA GLU A 10 -7.25 15.66 -6.16
C GLU A 10 -5.93 15.84 -6.91
N GLN A 11 -4.83 15.82 -6.23
CA GLN A 11 -3.52 15.99 -6.92
C GLN A 11 -3.07 14.66 -7.53
N THR A 12 -2.27 14.71 -8.56
CA THR A 12 -1.78 13.44 -9.20
C THR A 12 -0.41 13.09 -8.60
N HIS A 13 0.09 13.95 -7.76
CA HIS A 13 1.42 13.70 -7.11
C HIS A 13 1.19 13.37 -5.64
N LEU A 14 1.78 12.30 -5.15
CA LEU A 14 1.59 11.91 -3.72
C LEU A 14 2.95 11.76 -3.05
N THR A 15 3.01 11.96 -1.75
CA THR A 15 4.32 11.84 -1.02
C THR A 15 4.15 10.83 0.12
N TYR A 16 5.21 10.15 0.49
CA TYR A 16 5.11 9.15 1.59
C TYR A 16 6.40 9.15 2.41
N ARG A 17 6.34 8.62 3.60
CA ARG A 17 7.55 8.60 4.46
C ARG A 17 7.47 7.40 5.41
N ILE A 18 8.54 6.66 5.53
CA ILE A 18 8.54 5.49 6.46
C ILE A 18 8.97 5.99 7.83
N GLU A 19 8.11 5.90 8.80
CA GLU A 19 8.44 6.40 10.15
C GLU A 19 9.58 5.57 10.76
N ASN A 20 9.59 4.29 10.57
CA ASN A 20 10.68 3.48 11.17
C ASN A 20 10.82 2.13 10.45
N TYR A 21 12.02 1.61 10.37
CA TYR A 21 12.24 0.30 9.70
C TYR A 21 12.31 -0.79 10.78
N THR A 22 11.64 -1.88 10.59
CA THR A 22 11.68 -2.96 11.63
C THR A 22 13.08 -3.62 11.60
N PRO A 23 13.62 -4.04 12.72
CA PRO A 23 14.98 -4.67 12.72
C PRO A 23 15.00 -5.99 11.94
N ASP A 24 13.86 -6.47 11.55
CA ASP A 24 13.80 -7.74 10.79
C ASP A 24 14.60 -7.60 9.49
N LEU A 25 14.50 -6.47 8.85
CA LEU A 25 15.24 -6.25 7.55
C LEU A 25 15.88 -4.84 7.58
N PRO A 26 16.97 -4.62 6.87
CA PRO A 26 17.60 -3.26 6.86
C PRO A 26 16.68 -2.23 6.19
N ARG A 27 17.12 -1.02 6.05
CA ARG A 27 16.25 0.02 5.41
C ARG A 27 16.45 0.00 3.90
N ALA A 28 17.66 -0.19 3.44
CA ALA A 28 17.91 -0.20 1.96
C ALA A 28 17.09 -1.30 1.29
N ASP A 29 17.04 -2.48 1.87
CA ASP A 29 16.26 -3.59 1.26
C ASP A 29 14.76 -3.30 1.39
N VAL A 30 14.34 -2.77 2.50
CA VAL A 30 12.91 -2.46 2.71
C VAL A 30 12.49 -1.35 1.76
N ASP A 31 13.32 -0.37 1.57
CA ASP A 31 12.94 0.73 0.66
C ASP A 31 12.68 0.15 -0.74
N HIS A 32 13.50 -0.79 -1.15
CA HIS A 32 13.29 -1.40 -2.50
C HIS A 32 11.91 -2.05 -2.58
N ALA A 33 11.54 -2.80 -1.56
CA ALA A 33 10.21 -3.45 -1.59
C ALA A 33 9.12 -2.39 -1.72
N ILE A 34 9.24 -1.33 -0.96
CA ILE A 34 8.22 -0.25 -1.02
C ILE A 34 8.34 0.52 -2.34
N GLU A 35 9.54 0.78 -2.78
CA GLU A 35 9.73 1.53 -4.04
C GLU A 35 9.28 0.67 -5.22
N LYS A 36 9.57 -0.60 -5.19
CA LYS A 36 9.17 -1.49 -6.31
C LYS A 36 7.64 -1.49 -6.44
N ALA A 37 6.93 -1.53 -5.33
CA ALA A 37 5.43 -1.54 -5.40
C ALA A 37 4.92 -0.25 -6.06
N PHE A 38 5.43 0.88 -5.69
CA PHE A 38 4.94 2.15 -6.31
C PHE A 38 5.20 2.09 -7.82
N GLN A 39 6.31 1.54 -8.22
CA GLN A 39 6.61 1.44 -9.67
C GLN A 39 5.52 0.62 -10.36
N LEU A 40 5.06 -0.44 -9.74
CA LEU A 40 4.01 -1.28 -10.38
C LEU A 40 2.76 -0.42 -10.62
N TRP A 41 2.35 0.36 -9.67
CA TRP A 41 1.13 1.20 -9.87
C TRP A 41 1.46 2.39 -10.79
N SER A 42 2.55 3.05 -10.55
CA SER A 42 2.93 4.23 -11.39
C SER A 42 3.20 3.81 -12.83
N ASN A 43 3.80 2.67 -13.03
CA ASN A 43 4.11 2.22 -14.41
C ASN A 43 2.82 2.07 -15.23
N VAL A 44 1.70 1.89 -14.59
CA VAL A 44 0.41 1.71 -15.32
C VAL A 44 -0.50 2.92 -15.09
N THR A 45 -0.03 3.95 -14.45
CA THR A 45 -0.90 5.15 -14.21
C THR A 45 -0.01 6.43 -14.27
N PRO A 46 -0.55 7.56 -14.68
CA PRO A 46 0.26 8.81 -14.73
C PRO A 46 0.54 9.35 -13.32
N LEU A 47 0.23 8.59 -12.30
CA LEU A 47 0.46 9.05 -10.90
C LEU A 47 1.96 9.01 -10.59
N THR A 48 2.42 9.89 -9.73
CA THR A 48 3.88 9.91 -9.36
C THR A 48 4.01 9.94 -7.84
N PHE A 49 5.06 9.34 -7.32
CA PHE A 49 5.27 9.30 -5.84
C PHE A 49 6.67 9.81 -5.50
N THR A 50 6.85 10.33 -4.31
CA THR A 50 8.19 10.84 -3.91
C THR A 50 8.34 10.83 -2.39
N LYS A 51 9.44 10.32 -1.91
CA LYS A 51 9.68 10.24 -0.43
C LYS A 51 10.05 11.63 0.13
N VAL A 52 9.62 11.92 1.34
CA VAL A 52 9.95 13.25 1.96
C VAL A 52 10.69 13.00 3.27
N SER A 53 11.75 13.74 3.51
CA SER A 53 12.54 13.56 4.76
C SER A 53 12.14 14.60 5.80
N GLU A 54 11.28 15.52 5.45
CA GLU A 54 10.85 16.57 6.44
C GLU A 54 9.37 16.91 6.24
N GLY A 55 8.69 17.25 7.29
CA GLY A 55 7.25 17.61 7.17
C GLY A 55 6.41 16.32 7.18
N GLN A 56 5.11 16.46 7.23
CA GLN A 56 4.24 15.25 7.23
C GLN A 56 4.03 14.78 5.79
N ALA A 57 3.85 13.49 5.59
CA ALA A 57 3.63 12.96 4.20
C ALA A 57 2.17 12.56 4.05
N ASP A 58 1.66 12.60 2.85
CA ASP A 58 0.23 12.22 2.64
C ASP A 58 0.02 10.77 3.08
N ILE A 59 0.91 9.89 2.71
CA ILE A 59 0.78 8.46 3.11
C ILE A 59 1.94 8.09 4.04
N MET A 60 1.64 7.84 5.29
CA MET A 60 2.70 7.47 6.26
C MET A 60 2.76 5.96 6.43
N ILE A 61 3.93 5.39 6.34
CA ILE A 61 4.09 3.91 6.52
C ILE A 61 4.78 3.66 7.86
N SER A 62 4.24 2.80 8.68
CA SER A 62 4.89 2.56 10.01
C SER A 62 4.55 1.14 10.51
N PHE A 63 5.35 0.63 11.41
CA PHE A 63 5.12 -0.74 11.97
C PHE A 63 4.69 -0.61 13.43
N VAL A 64 3.74 -1.41 13.86
CA VAL A 64 3.26 -1.33 15.29
C VAL A 64 3.16 -2.72 15.92
N ARG A 65 2.99 -2.77 17.23
CA ARG A 65 2.87 -4.08 17.94
C ARG A 65 1.75 -3.99 18.98
N GLY A 66 0.96 -5.02 19.12
CA GLY A 66 -0.13 -5.00 20.12
C GLY A 66 -0.92 -3.69 20.03
N ASP A 67 -1.28 -3.14 21.15
CA ASP A 67 -2.07 -1.87 21.16
C ASP A 67 -1.16 -0.69 20.77
N HIS A 68 -1.58 0.11 19.81
CA HIS A 68 -0.75 1.29 19.40
C HIS A 68 -1.64 2.53 19.30
N ARG A 69 -2.24 2.92 20.39
CA ARG A 69 -3.12 4.12 20.39
C ARG A 69 -4.23 3.94 19.35
N ASP A 70 -4.86 2.80 19.36
CA ASP A 70 -5.97 2.52 18.40
C ASP A 70 -7.08 1.73 19.09
N ASN A 71 -8.26 1.69 18.51
CA ASN A 71 -9.38 0.92 19.14
C ASN A 71 -9.47 -0.48 18.53
N SER A 72 -8.49 -0.86 17.76
CA SER A 72 -8.50 -2.21 17.12
C SER A 72 -7.12 -2.87 17.29
N PRO A 73 -6.78 -3.32 18.47
CA PRO A 73 -5.46 -3.96 18.72
C PRO A 73 -5.31 -5.28 17.94
N PHE A 74 -4.10 -5.71 17.71
CA PHE A 74 -3.89 -6.98 16.98
C PHE A 74 -4.14 -8.17 17.91
N ASP A 75 -4.55 -9.28 17.38
CA ASP A 75 -4.82 -10.49 18.22
C ASP A 75 -3.76 -11.56 17.93
N GLY A 76 -2.53 -11.30 18.32
CA GLY A 76 -1.45 -12.29 18.08
C GLY A 76 -1.19 -12.42 16.57
N PRO A 77 -0.39 -13.39 16.16
CA PRO A 77 -0.07 -13.59 14.71
C PRO A 77 -1.33 -13.81 13.86
N GLY A 78 -2.43 -14.13 14.47
CA GLY A 78 -3.68 -14.37 13.69
C GLY A 78 -4.44 -13.05 13.52
N GLY A 79 -5.61 -13.10 12.93
CA GLY A 79 -6.40 -11.85 12.75
C GLY A 79 -5.93 -11.13 11.49
N ASN A 80 -6.06 -9.82 11.48
CA ASN A 80 -5.62 -9.04 10.29
C ASN A 80 -4.10 -8.91 10.28
N LEU A 81 -3.48 -8.93 9.13
CA LEU A 81 -2.00 -8.80 9.08
C LEU A 81 -1.62 -7.33 8.95
N ALA A 82 -2.55 -6.50 8.54
CA ALA A 82 -2.26 -5.05 8.39
C ALA A 82 -3.57 -4.32 8.15
N HIS A 83 -3.57 -3.01 8.26
CA HIS A 83 -4.84 -2.27 8.02
C HIS A 83 -4.54 -0.79 7.78
N ALA A 84 -4.82 -0.32 6.59
CA ALA A 84 -4.60 1.11 6.27
C ALA A 84 -5.85 1.90 6.67
N PHE A 85 -5.82 3.21 6.59
CA PHE A 85 -7.03 4.03 6.94
C PHE A 85 -7.60 4.62 5.65
N GLN A 86 -8.83 5.03 5.66
CA GLN A 86 -9.43 5.60 4.42
C GLN A 86 -8.59 6.80 3.95
N PRO A 87 -8.51 7.05 2.65
CA PRO A 87 -7.71 8.21 2.15
C PRO A 87 -8.24 9.55 2.69
N GLY A 88 -7.57 10.13 3.65
CA GLY A 88 -8.04 11.43 4.20
C GLY A 88 -6.95 12.04 5.11
N PRO A 89 -7.11 13.28 5.51
CA PRO A 89 -6.10 13.94 6.39
C PRO A 89 -5.95 13.25 7.75
N GLY A 90 -5.18 13.84 8.63
CA GLY A 90 -4.99 13.23 9.97
C GLY A 90 -4.40 11.82 9.83
N ILE A 91 -5.03 10.85 10.41
CA ILE A 91 -4.50 9.45 10.32
C ILE A 91 -4.97 8.81 9.00
N GLY A 92 -5.83 9.46 8.27
CA GLY A 92 -6.30 8.87 6.99
C GLY A 92 -5.11 8.67 6.05
N GLY A 93 -5.07 7.57 5.34
CA GLY A 93 -3.94 7.31 4.40
C GLY A 93 -2.78 6.59 5.10
N ASP A 94 -2.79 6.56 6.41
CA ASP A 94 -1.68 5.88 7.14
C ASP A 94 -1.73 4.36 6.91
N ALA A 95 -0.62 3.78 6.55
CA ALA A 95 -0.58 2.30 6.32
C ALA A 95 0.03 1.61 7.55
N HIS A 96 -0.73 0.79 8.24
CA HIS A 96 -0.20 0.10 9.46
C HIS A 96 0.20 -1.34 9.11
N PHE A 97 1.38 -1.77 9.51
CA PHE A 97 1.82 -3.17 9.21
C PHE A 97 2.08 -3.93 10.52
N ASP A 98 1.55 -5.12 10.63
CA ASP A 98 1.76 -5.94 11.87
C ASP A 98 3.24 -6.32 12.00
N GLU A 99 3.86 -6.04 13.12
CA GLU A 99 5.30 -6.38 13.29
C GLU A 99 5.44 -7.67 14.12
N ASP A 100 4.34 -8.30 14.46
CA ASP A 100 4.41 -9.55 15.26
C ASP A 100 4.89 -10.70 14.37
N GLU A 101 4.77 -10.56 13.07
CA GLU A 101 5.23 -11.64 12.15
C GLU A 101 6.58 -11.23 11.55
N ARG A 102 7.35 -12.19 11.10
CA ARG A 102 8.69 -11.86 10.52
C ARG A 102 8.50 -11.53 9.04
N TRP A 103 8.96 -10.39 8.62
CA TRP A 103 8.82 -10.00 7.19
C TRP A 103 10.04 -10.47 6.41
N THR A 104 9.83 -10.96 5.21
CA THR A 104 10.97 -11.44 4.37
C THR A 104 10.87 -10.79 2.99
N ASN A 105 11.93 -10.82 2.23
CA ASN A 105 11.93 -10.20 0.87
C ASN A 105 11.96 -11.29 -0.19
N ASN A 106 11.38 -12.42 0.10
CA ASN A 106 11.38 -13.55 -0.88
C ASN A 106 10.10 -14.38 -0.73
N PHE A 107 10.09 -15.55 -1.29
CA PHE A 107 8.87 -16.41 -1.21
C PHE A 107 8.83 -17.14 0.14
N ARG A 108 9.40 -16.55 1.17
CA ARG A 108 9.38 -17.23 2.50
C ARG A 108 8.00 -17.08 3.15
N GLU A 109 7.93 -17.32 4.43
CA GLU A 109 6.62 -17.25 5.15
C GLU A 109 5.80 -16.01 4.74
N TYR A 110 6.31 -14.81 4.94
CA TYR A 110 5.52 -13.58 4.56
C TYR A 110 6.36 -12.68 3.64
N ASN A 111 5.76 -12.17 2.60
CA ASN A 111 6.49 -11.25 1.67
C ASN A 111 6.03 -9.82 1.97
N LEU A 112 6.92 -8.97 2.39
CA LEU A 112 6.52 -7.58 2.71
C LEU A 112 5.99 -6.90 1.44
N HIS A 113 6.64 -7.14 0.35
CA HIS A 113 6.21 -6.49 -0.93
C HIS A 113 4.79 -6.86 -1.32
N ARG A 114 4.44 -8.12 -1.34
CA ARG A 114 3.06 -8.47 -1.80
C ARG A 114 2.01 -7.79 -0.90
N VAL A 115 2.21 -7.78 0.38
CA VAL A 115 1.21 -7.13 1.28
C VAL A 115 1.28 -5.62 1.10
N ALA A 116 2.46 -5.08 0.95
CA ALA A 116 2.58 -3.60 0.76
C ALA A 116 1.82 -3.19 -0.50
N ALA A 117 1.90 -3.99 -1.54
CA ALA A 117 1.18 -3.65 -2.80
C ALA A 117 -0.33 -3.59 -2.54
N HIS A 118 -0.88 -4.55 -1.85
CA HIS A 118 -2.35 -4.52 -1.60
C HIS A 118 -2.70 -3.37 -0.66
N GLU A 119 -1.93 -3.16 0.37
CA GLU A 119 -2.25 -2.04 1.31
C GLU A 119 -2.29 -0.73 0.54
N LEU A 120 -1.39 -0.53 -0.40
CA LEU A 120 -1.42 0.73 -1.19
C LEU A 120 -2.74 0.82 -1.94
N GLY A 121 -3.23 -0.27 -2.47
CA GLY A 121 -4.52 -0.23 -3.20
C GLY A 121 -5.60 0.34 -2.28
N HIS A 122 -5.57 0.00 -1.03
CA HIS A 122 -6.60 0.53 -0.10
C HIS A 122 -6.41 2.05 0.06
N SER A 123 -5.19 2.52 0.03
CA SER A 123 -4.95 3.99 0.18
C SER A 123 -5.44 4.72 -1.08
N LEU A 124 -5.50 4.03 -2.19
CA LEU A 124 -5.99 4.68 -3.44
C LEU A 124 -7.52 4.68 -3.44
N GLY A 125 -8.11 4.05 -2.46
CA GLY A 125 -9.61 4.02 -2.39
C GLY A 125 -10.14 2.86 -3.23
N LEU A 126 -9.32 1.90 -3.54
CA LEU A 126 -9.80 0.75 -4.35
C LEU A 126 -10.50 -0.24 -3.42
N SER A 127 -11.67 -0.68 -3.79
CA SER A 127 -12.40 -1.65 -2.92
C SER A 127 -11.97 -3.06 -3.26
N HIS A 128 -12.37 -4.01 -2.46
CA HIS A 128 -11.99 -5.43 -2.73
C HIS A 128 -12.71 -5.92 -3.98
N SER A 129 -12.23 -6.99 -4.57
CA SER A 129 -12.87 -7.55 -5.79
C SER A 129 -13.16 -9.03 -5.58
N THR A 130 -13.97 -9.62 -6.43
CA THR A 130 -14.31 -11.07 -6.28
C THR A 130 -13.50 -11.89 -7.29
N ASP A 131 -12.52 -11.28 -7.92
CA ASP A 131 -11.70 -12.02 -8.92
C ASP A 131 -10.60 -12.81 -8.21
N ILE A 132 -10.47 -14.07 -8.53
CA ILE A 132 -9.41 -14.90 -7.88
C ILE A 132 -8.04 -14.31 -8.20
N GLY A 133 -7.84 -13.86 -9.41
CA GLY A 133 -6.50 -13.32 -9.78
C GLY A 133 -6.30 -11.89 -9.23
N ALA A 134 -7.26 -11.34 -8.53
CA ALA A 134 -7.07 -9.97 -7.98
C ALA A 134 -6.30 -10.06 -6.66
N LEU A 135 -5.29 -9.24 -6.48
CA LEU A 135 -4.51 -9.26 -5.22
C LEU A 135 -5.39 -8.72 -4.10
N MET A 136 -6.37 -7.93 -4.45
CA MET A 136 -7.27 -7.32 -3.43
C MET A 136 -8.20 -8.39 -2.85
N TYR A 137 -7.68 -9.52 -2.44
CA TYR A 137 -8.56 -10.58 -1.88
C TYR A 137 -9.07 -10.14 -0.49
N PRO A 138 -10.33 -10.33 -0.15
CA PRO A 138 -10.82 -9.92 1.20
C PRO A 138 -10.23 -10.78 2.32
N SER A 139 -9.15 -11.45 2.04
CA SER A 139 -8.50 -12.32 3.06
C SER A 139 -7.11 -12.68 2.54
N TYR A 140 -6.32 -13.39 3.30
CA TYR A 140 -4.95 -13.74 2.82
C TYR A 140 -5.00 -14.99 1.92
N THR A 141 -4.61 -14.83 0.68
CA THR A 141 -4.62 -15.97 -0.27
C THR A 141 -3.51 -15.77 -1.31
N PHE A 142 -3.32 -16.72 -2.20
CA PHE A 142 -2.26 -16.57 -3.24
C PHE A 142 -2.73 -17.20 -4.56
N SER A 143 -2.20 -16.74 -5.67
CA SER A 143 -2.59 -17.30 -7.01
C SER A 143 -1.32 -17.64 -7.80
N GLY A 144 -0.22 -17.00 -7.49
CA GLY A 144 1.05 -17.27 -8.23
C GLY A 144 2.08 -16.17 -7.91
N ASP A 145 2.61 -15.53 -8.93
CA ASP A 145 3.60 -14.44 -8.69
C ASP A 145 2.87 -13.15 -8.32
N VAL A 146 3.58 -12.14 -7.88
CA VAL A 146 2.90 -10.87 -7.51
C VAL A 146 2.80 -9.97 -8.74
N GLN A 147 1.64 -9.89 -9.33
CA GLN A 147 1.46 -9.02 -10.54
C GLN A 147 0.08 -8.35 -10.46
N LEU A 148 -0.06 -7.18 -11.01
CA LEU A 148 -1.38 -6.50 -10.97
C LEU A 148 -2.33 -7.20 -11.93
N ALA A 149 -3.60 -7.27 -11.59
CA ALA A 149 -4.58 -7.94 -12.48
C ALA A 149 -5.19 -6.91 -13.44
N GLN A 150 -5.70 -7.35 -14.56
CA GLN A 150 -6.31 -6.39 -15.53
C GLN A 150 -7.45 -5.68 -14.83
N ASP A 151 -8.21 -6.39 -14.06
CA ASP A 151 -9.35 -5.76 -13.34
C ASP A 151 -8.83 -4.64 -12.44
N ASP A 152 -7.71 -4.85 -11.79
CA ASP A 152 -7.14 -3.80 -10.90
C ASP A 152 -6.56 -2.67 -11.74
N ILE A 153 -5.89 -2.99 -12.81
CA ILE A 153 -5.31 -1.92 -13.67
C ILE A 153 -6.45 -1.09 -14.28
N ASP A 154 -7.47 -1.72 -14.78
CA ASP A 154 -8.60 -0.95 -15.37
C ASP A 154 -9.26 -0.07 -14.31
N GLY A 155 -9.42 -0.58 -13.12
CA GLY A 155 -10.08 0.21 -12.04
C GLY A 155 -9.30 1.49 -11.76
N ILE A 156 -8.06 1.38 -11.39
CA ILE A 156 -7.27 2.60 -11.09
C ILE A 156 -7.12 3.47 -12.34
N GLN A 157 -6.89 2.87 -13.48
CA GLN A 157 -6.73 3.68 -14.72
C GLN A 157 -8.05 4.36 -15.09
N ALA A 158 -9.15 3.68 -14.94
CA ALA A 158 -10.46 4.31 -15.28
C ALA A 158 -10.68 5.55 -14.41
N ILE A 159 -10.34 5.47 -13.15
CA ILE A 159 -10.54 6.65 -12.26
C ILE A 159 -9.70 7.82 -12.78
N TYR A 160 -8.44 7.56 -13.04
CA TYR A 160 -7.53 8.64 -13.55
C TYR A 160 -7.41 8.52 -15.07
N GLY A 161 -6.69 7.53 -15.53
CA GLY A 161 -6.53 7.33 -17.00
C GLY A 161 -5.27 6.50 -17.27
N ARG A 162 -4.95 6.31 -18.52
CA ARG A 162 -3.75 5.50 -18.87
C ARG A 162 -2.50 6.38 -18.80
N SER A 163 -1.36 5.80 -18.53
CA SER A 163 -0.12 6.60 -18.45
C SER A 163 0.32 7.02 -19.85
N GLN A 164 -0.25 8.07 -20.37
CA GLN A 164 0.11 8.54 -21.75
C GLN A 164 1.09 9.70 -21.67
N ASN A 165 2.21 9.60 -22.33
CA ASN A 165 3.21 10.71 -22.30
C ASN A 165 4.03 10.68 -23.61
N PRO A 166 4.40 11.82 -24.17
CA PRO A 166 5.20 11.80 -25.43
C PRO A 166 6.70 11.56 -25.16
N VAL A 167 7.19 10.41 -25.49
CA VAL A 167 8.64 10.10 -25.25
C VAL A 167 9.47 10.55 -26.44
N GLN A 168 10.58 11.21 -26.19
CA GLN A 168 11.44 11.67 -27.32
C GLN A 168 12.13 10.44 -27.94
N PRO A 169 12.41 10.45 -29.23
CA PRO A 169 13.09 9.27 -29.86
C PRO A 169 14.21 8.72 -28.97
ZN ZN B . -7.68 -5.77 1.74
ZN ZN C . -2.38 -0.17 13.52
CA CA D . -1.12 -10.70 12.78
N1 CGS E . -7.28 -8.18 6.11
CC CGS E . -8.31 -9.16 5.63
CA CGS E . -7.32 -6.69 5.87
S4 CGS E . -5.66 -8.84 6.45
C5 CGS E . -9.15 -9.92 6.64
CD CGS E . -8.65 -11.14 7.26
CE CGS E . -9.45 -11.88 8.22
CZ CGS E . -10.74 -11.36 8.55
N11 CGS E . -11.24 -10.21 7.97
CY CGS E . -10.46 -9.51 7.05
C17 CGS E . -4.73 -8.97 4.94
CE2 CGS E . -4.85 -10.14 4.10
CD2 CGS E . -4.05 -10.26 2.89
C20 CGS E . -3.11 -9.20 2.49
CD1 CGS E . -3.00 -8.03 3.36
CE1 CGS E . -3.80 -7.91 4.56
O27 CGS E . -2.33 -9.32 1.32
COM CGS E . -2.98 -9.09 0.07
O32 CGS E . -5.92 -10.14 6.97
O33 CGS E . -5.08 -7.84 7.30
C34 CGS E . -7.12 -6.38 4.37
N35 CGS E . -5.99 -5.75 4.06
CB CGS E . -8.40 -5.79 6.53
CG2 CGS E . -7.84 -4.50 7.08
CG1 CGS E . -9.13 -6.48 7.68
O47 CGS E . -7.94 -6.66 3.50
O48 CGS E . -5.73 -5.41 2.75
HC1 CGS E . -8.99 -8.61 4.97
HC2 CGS E . -7.80 -9.88 4.98
HA CGS E . -6.41 -6.31 6.33
HD CGS E . -7.68 -11.53 7.01
HE CGS E . -9.08 -12.79 8.69
HZ CGS E . -11.38 -11.86 9.25
HY CGS E . -10.89 -8.62 6.63
HE2 CGS E . -5.53 -10.93 4.37
HD2 CGS E . -4.16 -11.15 2.28
HD1 CGS E . -2.33 -7.21 3.12
HE1 CGS E . -3.72 -7.04 5.20
HOM1 CGS E . -3.85 -9.74 -0.05
HOM2 CGS E . -3.32 -8.06 -0.01
HOM3 CGS E . -2.31 -9.28 -0.77
H49 CGS E . -5.36 -5.53 4.82
HB CGS E . -9.15 -5.54 5.80
HG21 CGS E . -7.66 -3.77 6.27
HG22 CGS E . -6.89 -4.67 7.59
HG23 CGS E . -8.53 -4.04 7.78
HG11 CGS E . -10.16 -6.12 7.76
HG12 CGS E . -8.62 -6.27 8.63
HG13 CGS E . -9.15 -7.56 7.54
H50 CGS E . -6.51 -5.52 2.17
N VAL A 1 -14.37 13.99 3.28
CA VAL A 1 -15.72 14.05 3.91
C VAL A 1 -16.63 14.97 3.09
N LEU A 2 -16.06 15.87 2.34
CA LEU A 2 -16.89 16.80 1.51
C LEU A 2 -17.72 15.98 0.51
N THR A 3 -17.12 14.98 -0.06
CA THR A 3 -17.85 14.15 -1.07
C THR A 3 -18.51 12.96 -0.38
N GLU A 4 -19.58 12.46 -0.93
CA GLU A 4 -20.28 11.31 -0.30
C GLU A 4 -19.46 10.03 -0.51
N GLY A 5 -19.44 9.16 0.46
CA GLY A 5 -18.65 7.89 0.31
C GLY A 5 -17.20 8.15 0.71
N ASN A 6 -16.28 7.29 0.31
CA ASN A 6 -14.86 7.52 0.69
C ASN A 6 -14.26 8.57 -0.26
N PRO A 7 -13.49 9.53 0.23
CA PRO A 7 -12.90 10.54 -0.68
C PRO A 7 -11.85 9.92 -1.62
N ARG A 8 -11.25 10.74 -2.45
CA ARG A 8 -10.22 10.23 -3.40
C ARG A 8 -9.08 11.26 -3.49
N TRP A 9 -7.92 10.87 -3.95
CA TRP A 9 -6.81 11.87 -4.06
C TRP A 9 -6.94 12.62 -5.38
N GLU A 10 -7.19 13.90 -5.32
CA GLU A 10 -7.31 14.70 -6.57
C GLU A 10 -5.94 15.25 -6.97
N GLN A 11 -4.97 15.12 -6.11
CA GLN A 11 -3.60 15.64 -6.43
C GLN A 11 -2.86 14.63 -7.31
N THR A 12 -1.97 15.11 -8.14
CA THR A 12 -1.20 14.17 -9.03
C THR A 12 0.15 13.87 -8.39
N HIS A 13 0.44 14.50 -7.27
CA HIS A 13 1.73 14.26 -6.57
C HIS A 13 1.44 13.84 -5.14
N LEU A 14 2.06 12.79 -4.67
CA LEU A 14 1.82 12.31 -3.28
C LEU A 14 3.17 12.04 -2.61
N THR A 15 3.25 12.21 -1.31
CA THR A 15 4.54 11.97 -0.59
C THR A 15 4.32 10.97 0.54
N TYR A 16 5.35 10.27 0.93
CA TYR A 16 5.21 9.29 2.05
C TYR A 16 6.48 9.31 2.90
N ARG A 17 6.38 8.84 4.12
CA ARG A 17 7.58 8.82 5.02
C ARG A 17 7.50 7.63 5.98
N ILE A 18 8.58 6.90 6.13
CA ILE A 18 8.56 5.72 7.05
C ILE A 18 8.96 6.18 8.46
N GLU A 19 8.12 5.94 9.45
CA GLU A 19 8.45 6.39 10.82
C GLU A 19 9.64 5.61 11.37
N ASN A 20 9.70 4.32 11.14
CA ASN A 20 10.87 3.53 11.67
C ASN A 20 10.97 2.19 10.93
N TYR A 21 12.16 1.66 10.82
CA TYR A 21 12.35 0.35 10.12
C TYR A 21 12.39 -0.77 11.17
N THR A 22 11.76 -1.88 10.88
CA THR A 22 11.78 -3.00 11.87
C THR A 22 13.17 -3.66 11.87
N PRO A 23 13.67 -4.10 13.01
CA PRO A 23 15.02 -4.75 13.06
C PRO A 23 15.05 -6.07 12.27
N ASP A 24 13.91 -6.58 11.89
CA ASP A 24 13.88 -7.87 11.13
C ASP A 24 14.66 -7.72 9.81
N LEU A 25 14.52 -6.60 9.15
CA LEU A 25 15.23 -6.38 7.84
C LEU A 25 15.82 -4.95 7.85
N PRO A 26 16.92 -4.70 7.15
CA PRO A 26 17.52 -3.33 7.14
C PRO A 26 16.60 -2.29 6.46
N ARG A 27 17.05 -1.07 6.35
CA ARG A 27 16.21 -0.01 5.71
C ARG A 27 16.39 -0.02 4.19
N ALA A 28 17.58 -0.31 3.72
CA ALA A 28 17.81 -0.32 2.24
C ALA A 28 16.87 -1.33 1.58
N ASP A 29 16.73 -2.49 2.17
CA ASP A 29 15.83 -3.52 1.57
C ASP A 29 14.38 -3.08 1.71
N VAL A 30 14.05 -2.49 2.82
CA VAL A 30 12.64 -2.04 3.05
C VAL A 30 12.31 -0.87 2.12
N ASP A 31 13.20 0.09 1.98
CA ASP A 31 12.89 1.24 1.09
C ASP A 31 12.64 0.74 -0.34
N HIS A 32 13.40 -0.22 -0.78
CA HIS A 32 13.19 -0.75 -2.15
C HIS A 32 11.77 -1.33 -2.27
N ALA A 33 11.36 -2.11 -1.30
CA ALA A 33 9.99 -2.72 -1.37
C ALA A 33 8.93 -1.61 -1.43
N ILE A 34 9.07 -0.60 -0.62
CA ILE A 34 8.07 0.49 -0.62
C ILE A 34 8.18 1.31 -1.92
N GLU A 35 9.38 1.56 -2.36
CA GLU A 35 9.55 2.36 -3.61
C GLU A 35 9.08 1.53 -4.82
N LYS A 36 9.39 0.26 -4.84
CA LYS A 36 8.98 -0.58 -6.00
C LYS A 36 7.45 -0.58 -6.12
N ALA A 37 6.74 -0.66 -5.02
CA ALA A 37 5.27 -0.68 -5.09
C ALA A 37 4.78 0.63 -5.72
N PHE A 38 5.30 1.77 -5.27
CA PHE A 38 4.85 3.05 -5.89
C PHE A 38 5.17 3.05 -7.38
N GLN A 39 6.32 2.55 -7.75
CA GLN A 39 6.70 2.53 -9.20
C GLN A 39 5.67 1.72 -9.99
N LEU A 40 5.21 0.61 -9.48
CA LEU A 40 4.22 -0.22 -10.22
C LEU A 40 2.96 0.60 -10.49
N TRP A 41 2.48 1.30 -9.51
CA TRP A 41 1.24 2.11 -9.71
C TRP A 41 1.56 3.31 -10.60
N SER A 42 2.69 3.92 -10.41
CA SER A 42 3.06 5.11 -11.24
C SER A 42 3.33 4.66 -12.68
N ASN A 43 3.81 3.46 -12.85
CA ASN A 43 4.12 2.96 -14.22
C ASN A 43 2.87 2.98 -15.10
N VAL A 44 1.72 2.66 -14.56
CA VAL A 44 0.46 2.64 -15.38
C VAL A 44 -0.43 3.83 -15.05
N THR A 45 0.05 4.79 -14.30
CA THR A 45 -0.78 5.98 -13.97
C THR A 45 0.10 7.24 -14.06
N PRO A 46 -0.44 8.39 -14.42
CA PRO A 46 0.39 9.61 -14.51
C PRO A 46 0.72 10.14 -13.10
N LEU A 47 0.38 9.38 -12.10
CA LEU A 47 0.65 9.81 -10.71
C LEU A 47 2.14 9.70 -10.41
N THR A 48 2.62 10.43 -9.43
CA THR A 48 4.07 10.40 -9.07
C THR A 48 4.20 10.36 -7.55
N PHE A 49 5.27 9.78 -7.03
CA PHE A 49 5.45 9.68 -5.55
C PHE A 49 6.86 10.15 -5.15
N THR A 50 7.03 10.59 -3.92
CA THR A 50 8.38 11.09 -3.48
C THR A 50 8.52 10.93 -1.96
N LYS A 51 9.63 10.39 -1.51
CA LYS A 51 9.85 10.20 -0.04
C LYS A 51 10.35 11.51 0.58
N VAL A 52 9.83 11.87 1.74
CA VAL A 52 10.26 13.13 2.42
C VAL A 52 10.86 12.77 3.77
N SER A 53 12.02 13.30 4.09
CA SER A 53 12.68 12.98 5.39
C SER A 53 12.30 14.02 6.43
N GLU A 54 11.50 14.99 6.06
CA GLU A 54 11.09 16.06 7.03
C GLU A 54 9.65 16.48 6.76
N GLY A 55 9.00 17.05 7.75
CA GLY A 55 7.58 17.47 7.56
C GLY A 55 6.69 16.24 7.50
N GLN A 56 5.40 16.40 7.59
CA GLN A 56 4.49 15.23 7.52
C GLN A 56 4.30 14.83 6.07
N ALA A 57 3.88 13.62 5.82
CA ALA A 57 3.67 13.15 4.40
C ALA A 57 2.21 12.75 4.22
N ASP A 58 1.74 12.73 3.01
CA ASP A 58 0.32 12.35 2.76
C ASP A 58 0.09 10.93 3.28
N ILE A 59 1.04 10.05 3.10
CA ILE A 59 0.88 8.64 3.58
C ILE A 59 2.00 8.31 4.58
N MET A 60 1.65 7.97 5.78
CA MET A 60 2.68 7.62 6.81
C MET A 60 2.77 6.09 6.94
N ILE A 61 3.97 5.54 7.00
CA ILE A 61 4.13 4.06 7.13
C ILE A 61 4.83 3.74 8.46
N SER A 62 4.25 2.87 9.25
CA SER A 62 4.88 2.52 10.57
C SER A 62 4.55 1.06 10.93
N PHE A 63 5.39 0.45 11.73
CA PHE A 63 5.15 -0.97 12.15
C PHE A 63 4.66 -0.96 13.60
N VAL A 64 3.70 -1.79 13.92
CA VAL A 64 3.15 -1.83 15.32
C VAL A 64 3.10 -3.27 15.84
N ARG A 65 2.96 -3.42 17.14
CA ARG A 65 2.90 -4.78 17.76
C ARG A 65 1.71 -4.86 18.73
N GLY A 66 0.93 -5.90 18.64
CA GLY A 66 -0.23 -6.07 19.55
C GLY A 66 -1.00 -4.75 19.69
N ASP A 67 -1.38 -4.40 20.88
CA ASP A 67 -2.14 -3.14 21.10
C ASP A 67 -1.24 -1.93 20.89
N HIS A 68 -1.62 -1.01 20.03
CA HIS A 68 -0.78 0.20 19.78
C HIS A 68 -1.66 1.46 19.79
N ARG A 69 -2.47 1.61 20.81
CA ARG A 69 -3.36 2.81 20.92
C ARG A 69 -4.29 2.91 19.71
N ASP A 70 -5.02 1.86 19.41
CA ASP A 70 -5.97 1.90 18.25
C ASP A 70 -7.26 1.18 18.64
N ASN A 71 -8.32 1.39 17.91
CA ASN A 71 -9.61 0.71 18.23
C ASN A 71 -9.67 -0.62 17.49
N SER A 72 -8.59 -1.03 16.88
CA SER A 72 -8.57 -2.33 16.13
C SER A 72 -7.24 -3.06 16.39
N PRO A 73 -7.05 -3.58 17.57
CA PRO A 73 -5.79 -4.32 17.89
C PRO A 73 -5.74 -5.71 17.25
N PHE A 74 -4.57 -6.26 17.11
CA PHE A 74 -4.44 -7.60 16.49
C PHE A 74 -4.86 -8.67 17.50
N ASP A 75 -5.43 -9.75 17.02
CA ASP A 75 -5.87 -10.84 17.94
C ASP A 75 -4.87 -12.00 17.86
N GLY A 76 -3.64 -11.75 18.24
CA GLY A 76 -2.63 -12.84 18.17
C GLY A 76 -2.28 -13.10 16.70
N PRO A 77 -1.63 -14.20 16.41
CA PRO A 77 -1.25 -14.53 14.99
C PRO A 77 -2.46 -14.52 14.05
N GLY A 78 -3.65 -14.69 14.58
CA GLY A 78 -4.87 -14.70 13.71
C GLY A 78 -5.36 -13.26 13.53
N GLY A 79 -6.40 -13.07 12.76
CA GLY A 79 -6.93 -11.69 12.55
C GLY A 79 -6.32 -11.09 11.28
N ASN A 80 -6.43 -9.80 11.09
CA ASN A 80 -5.87 -9.16 9.88
C ASN A 80 -4.35 -9.06 10.02
N LEU A 81 -3.64 -9.09 8.91
CA LEU A 81 -2.16 -8.99 8.96
C LEU A 81 -1.76 -7.52 8.83
N ALA A 82 -2.68 -6.68 8.45
CA ALA A 82 -2.34 -5.24 8.29
C ALA A 82 -3.62 -4.42 8.10
N HIS A 83 -3.52 -3.13 8.20
CA HIS A 83 -4.72 -2.28 8.01
C HIS A 83 -4.30 -0.83 7.75
N ALA A 84 -5.24 0.05 7.55
CA ALA A 84 -4.89 1.48 7.30
C ALA A 84 -6.14 2.34 7.44
N PHE A 85 -5.97 3.64 7.46
CA PHE A 85 -7.14 4.56 7.58
C PHE A 85 -7.53 5.05 6.19
N GLN A 86 -8.76 5.47 6.03
CA GLN A 86 -9.21 5.96 4.70
C GLN A 86 -8.33 7.13 4.26
N PRO A 87 -8.11 7.32 2.97
CA PRO A 87 -7.25 8.45 2.52
C PRO A 87 -7.80 9.80 2.99
N GLY A 88 -7.20 10.38 4.00
CA GLY A 88 -7.69 11.69 4.50
C GLY A 88 -6.58 12.36 5.33
N PRO A 89 -6.78 13.58 5.74
CA PRO A 89 -5.77 14.30 6.55
C PRO A 89 -5.67 13.73 7.97
N GLY A 90 -4.77 14.25 8.76
CA GLY A 90 -4.62 13.73 10.15
C GLY A 90 -4.15 12.27 10.10
N ILE A 91 -4.86 11.39 10.74
CA ILE A 91 -4.46 9.96 10.74
C ILE A 91 -4.86 9.30 9.42
N GLY A 92 -5.64 9.97 8.62
CA GLY A 92 -6.07 9.36 7.33
C GLY A 92 -4.86 9.07 6.44
N GLY A 93 -4.82 7.91 5.83
CA GLY A 93 -3.68 7.56 4.93
C GLY A 93 -2.61 6.79 5.70
N ASP A 94 -2.63 6.84 7.00
CA ASP A 94 -1.58 6.11 7.79
C ASP A 94 -1.71 4.60 7.58
N ALA A 95 -0.66 3.96 7.11
CA ALA A 95 -0.69 2.48 6.90
C ALA A 95 0.02 1.79 8.07
N HIS A 96 -0.60 0.79 8.63
CA HIS A 96 0.02 0.04 9.78
C HIS A 96 0.37 -1.38 9.34
N PHE A 97 1.55 -1.85 9.67
CA PHE A 97 1.97 -3.23 9.25
C PHE A 97 2.14 -4.12 10.50
N ASP A 98 1.56 -5.30 10.48
CA ASP A 98 1.70 -6.22 11.65
C ASP A 98 3.15 -6.73 11.72
N GLU A 99 3.82 -6.51 12.83
CA GLU A 99 5.24 -6.99 12.97
C GLU A 99 5.26 -8.31 13.77
N ASP A 100 4.11 -8.84 14.10
CA ASP A 100 4.08 -10.12 14.88
C ASP A 100 4.46 -11.27 13.96
N GLU A 101 4.43 -11.03 12.67
CA GLU A 101 4.81 -12.10 11.70
C GLU A 101 6.23 -11.80 11.19
N ARG A 102 6.97 -12.80 10.78
CA ARG A 102 8.37 -12.55 10.29
C ARG A 102 8.30 -12.19 8.81
N TRP A 103 8.76 -11.01 8.45
CA TRP A 103 8.70 -10.60 7.02
C TRP A 103 9.94 -11.10 6.27
N THR A 104 9.80 -11.36 4.99
CA THR A 104 10.94 -11.86 4.17
C THR A 104 11.04 -10.99 2.91
N ASN A 105 12.17 -11.05 2.24
CA ASN A 105 12.35 -10.25 0.99
C ASN A 105 12.48 -11.20 -0.19
N ASN A 106 11.78 -12.30 -0.16
CA ASN A 106 11.86 -13.28 -1.30
C ASN A 106 10.53 -14.03 -1.44
N PHE A 107 10.53 -15.13 -2.16
CA PHE A 107 9.27 -15.90 -2.35
C PHE A 107 9.01 -16.77 -1.12
N ARG A 108 9.41 -16.34 0.03
CA ARG A 108 9.18 -17.15 1.26
C ARG A 108 7.73 -17.02 1.70
N GLU A 109 7.44 -17.43 2.91
CA GLU A 109 6.03 -17.39 3.41
C GLU A 109 5.46 -15.97 3.41
N TYR A 110 6.08 -15.05 4.10
CA TYR A 110 5.53 -13.65 4.18
C TYR A 110 6.29 -12.73 3.24
N ASN A 111 5.58 -12.11 2.33
CA ASN A 111 6.21 -11.16 1.36
C ASN A 111 5.78 -9.74 1.74
N LEU A 112 6.69 -8.92 2.22
CA LEU A 112 6.34 -7.54 2.63
C LEU A 112 5.83 -6.73 1.42
N HIS A 113 6.49 -6.82 0.30
CA HIS A 113 6.06 -6.02 -0.88
C HIS A 113 4.62 -6.40 -1.30
N ARG A 114 4.28 -7.64 -1.25
CA ARG A 114 2.90 -8.05 -1.65
C ARG A 114 1.87 -7.32 -0.77
N VAL A 115 2.08 -7.32 0.52
CA VAL A 115 1.12 -6.64 1.43
C VAL A 115 1.22 -5.11 1.23
N ALA A 116 2.41 -4.60 1.08
CA ALA A 116 2.56 -3.14 0.89
C ALA A 116 1.80 -2.69 -0.36
N ALA A 117 1.88 -3.46 -1.40
CA ALA A 117 1.16 -3.10 -2.66
C ALA A 117 -0.35 -3.07 -2.41
N HIS A 118 -0.85 -3.99 -1.65
CA HIS A 118 -2.31 -4.01 -1.38
C HIS A 118 -2.71 -2.84 -0.47
N GLU A 119 -1.90 -2.53 0.51
CA GLU A 119 -2.26 -1.39 1.41
C GLU A 119 -2.35 -0.11 0.58
N LEU A 120 -1.45 0.06 -0.36
CA LEU A 120 -1.51 1.28 -1.20
C LEU A 120 -2.84 1.28 -1.94
N GLY A 121 -3.29 0.14 -2.39
CA GLY A 121 -4.60 0.09 -3.10
C GLY A 121 -5.68 0.73 -2.21
N HIS A 122 -5.64 0.43 -0.93
CA HIS A 122 -6.64 1.03 -0.01
C HIS A 122 -6.43 2.55 0.01
N SER A 123 -5.21 2.99 -0.01
CA SER A 123 -4.94 4.45 0.00
C SER A 123 -5.37 5.05 -1.36
N LEU A 124 -5.42 4.24 -2.38
CA LEU A 124 -5.83 4.76 -3.72
C LEU A 124 -7.36 4.73 -3.84
N GLY A 125 -8.03 4.24 -2.84
CA GLY A 125 -9.52 4.21 -2.88
C GLY A 125 -10.00 2.97 -3.64
N LEU A 126 -9.14 2.03 -3.88
CA LEU A 126 -9.57 0.81 -4.61
C LEU A 126 -10.26 -0.14 -3.62
N SER A 127 -11.41 -0.64 -3.97
CA SER A 127 -12.13 -1.58 -3.05
C SER A 127 -11.67 -3.00 -3.32
N HIS A 128 -12.04 -3.93 -2.49
CA HIS A 128 -11.62 -5.33 -2.71
C HIS A 128 -12.26 -5.85 -4.00
N SER A 129 -11.69 -6.87 -4.60
CA SER A 129 -12.24 -7.42 -5.88
C SER A 129 -12.41 -8.95 -5.75
N THR A 130 -13.24 -9.54 -6.56
CA THR A 130 -13.45 -11.01 -6.48
C THR A 130 -12.70 -11.70 -7.63
N ASP A 131 -11.82 -10.99 -8.28
CA ASP A 131 -11.04 -11.58 -9.40
C ASP A 131 -9.83 -12.34 -8.85
N ILE A 132 -9.63 -13.55 -9.28
CA ILE A 132 -8.49 -14.36 -8.79
C ILE A 132 -7.16 -13.66 -9.11
N GLY A 133 -7.02 -13.14 -10.29
CA GLY A 133 -5.72 -12.48 -10.67
C GLY A 133 -5.58 -11.10 -10.04
N ALA A 134 -6.54 -10.68 -9.26
CA ALA A 134 -6.41 -9.34 -8.60
C ALA A 134 -5.59 -9.49 -7.33
N LEU A 135 -4.72 -8.57 -7.06
CA LEU A 135 -3.90 -8.66 -5.83
C LEU A 135 -4.81 -8.44 -4.62
N MET A 136 -5.88 -7.71 -4.80
CA MET A 136 -6.80 -7.45 -3.67
C MET A 136 -7.63 -8.70 -3.39
N TYR A 137 -6.99 -9.79 -3.06
CA TYR A 137 -7.75 -11.04 -2.77
C TYR A 137 -8.56 -10.84 -1.47
N PRO A 138 -9.81 -11.28 -1.40
CA PRO A 138 -10.58 -11.11 -0.13
C PRO A 138 -9.87 -11.76 1.07
N SER A 139 -8.68 -12.29 0.88
CA SER A 139 -7.95 -12.92 2.03
C SER A 139 -6.46 -12.96 1.72
N TYR A 140 -5.64 -13.37 2.66
CA TYR A 140 -4.17 -13.43 2.42
C TYR A 140 -3.79 -14.76 1.75
N THR A 141 -2.98 -14.70 0.73
CA THR A 141 -2.55 -15.96 0.03
C THR A 141 -1.14 -15.75 -0.57
N PHE A 142 -0.52 -16.80 -1.06
CA PHE A 142 0.85 -16.65 -1.65
C PHE A 142 0.73 -16.52 -3.18
N SER A 143 1.26 -15.46 -3.73
CA SER A 143 1.17 -15.24 -5.21
C SER A 143 2.55 -15.47 -5.85
N GLY A 144 2.58 -15.98 -7.05
CA GLY A 144 3.88 -16.25 -7.73
C GLY A 144 4.55 -14.93 -8.13
N ASP A 145 4.28 -14.44 -9.30
CA ASP A 145 4.90 -13.16 -9.75
C ASP A 145 4.03 -11.99 -9.28
N VAL A 146 4.62 -10.96 -8.74
CA VAL A 146 3.80 -9.80 -8.28
C VAL A 146 3.61 -8.82 -9.44
N GLN A 147 2.44 -8.80 -10.04
CA GLN A 147 2.20 -7.84 -11.17
C GLN A 147 0.78 -7.28 -11.07
N LEU A 148 0.56 -6.08 -11.55
CA LEU A 148 -0.81 -5.49 -11.48
C LEU A 148 -1.69 -6.18 -12.53
N ALA A 149 -2.93 -6.45 -12.20
CA ALA A 149 -3.85 -7.13 -13.15
C ALA A 149 -4.66 -6.08 -13.93
N GLN A 150 -5.35 -6.51 -14.96
CA GLN A 150 -6.17 -5.55 -15.76
C GLN A 150 -7.22 -4.90 -14.87
N ASP A 151 -7.82 -5.67 -14.00
CA ASP A 151 -8.87 -5.11 -13.10
C ASP A 151 -8.27 -3.99 -12.25
N ASP A 152 -7.08 -4.14 -11.77
CA ASP A 152 -6.45 -3.06 -10.95
C ASP A 152 -6.02 -1.92 -11.85
N ILE A 153 -5.43 -2.24 -12.97
CA ILE A 153 -5.00 -1.15 -13.90
C ILE A 153 -6.22 -0.40 -14.43
N ASP A 154 -7.20 -1.10 -14.92
CA ASP A 154 -8.40 -0.41 -15.44
C ASP A 154 -9.09 0.38 -14.32
N GLY A 155 -9.13 -0.18 -13.14
CA GLY A 155 -9.81 0.53 -12.01
C GLY A 155 -9.09 1.84 -11.68
N ILE A 156 -7.82 1.77 -11.39
CA ILE A 156 -7.08 3.01 -11.04
C ILE A 156 -7.05 3.96 -12.25
N GLN A 157 -6.84 3.43 -13.43
CA GLN A 157 -6.81 4.30 -14.64
C GLN A 157 -8.19 4.93 -14.87
N ALA A 158 -9.24 4.20 -14.65
CA ALA A 158 -10.60 4.78 -14.87
C ALA A 158 -10.78 6.01 -13.98
N ILE A 159 -10.35 5.95 -12.75
CA ILE A 159 -10.52 7.13 -11.85
C ILE A 159 -9.75 8.32 -12.42
N TYR A 160 -8.51 8.12 -12.78
CA TYR A 160 -7.68 9.23 -13.34
C TYR A 160 -7.69 9.16 -14.86
N GLY A 161 -7.09 8.14 -15.42
CA GLY A 161 -7.06 8.01 -16.90
C GLY A 161 -6.01 6.98 -17.31
N ARG A 162 -5.86 6.74 -18.58
CA ARG A 162 -4.85 5.74 -19.04
C ARG A 162 -3.52 6.44 -19.32
N SER A 163 -2.43 5.89 -18.86
CA SER A 163 -1.11 6.54 -19.09
C SER A 163 -0.67 6.28 -20.53
N GLN A 164 -1.18 7.05 -21.47
CA GLN A 164 -0.81 6.84 -22.90
C GLN A 164 0.27 7.86 -23.30
N ASN A 165 1.52 7.61 -22.96
CA ASN A 165 2.62 8.56 -23.34
C ASN A 165 4.01 7.88 -23.35
N PRO A 166 4.30 6.95 -22.43
CA PRO A 166 5.64 6.30 -22.41
C PRO A 166 5.70 5.06 -23.34
N VAL A 167 5.86 5.27 -24.62
CA VAL A 167 5.94 4.11 -25.55
C VAL A 167 7.41 3.66 -25.65
N GLN A 168 7.68 2.43 -25.29
CA GLN A 168 9.09 1.93 -25.33
C GLN A 168 9.53 1.74 -26.79
N PRO A 169 10.81 1.88 -27.11
CA PRO A 169 11.28 1.70 -28.51
C PRO A 169 10.71 0.43 -29.15
ZN ZN B . -7.75 -5.14 1.94
ZN ZN C . -2.20 -0.37 13.67
CA CA D . -2.25 -11.36 12.82
N1 CGS E . -7.22 -8.47 5.87
CC CGS E . -8.17 -9.44 5.22
CA CGS E . -7.47 -6.99 5.94
S4 CGS E . -5.51 -8.96 5.90
C5 CGS E . -8.97 -10.39 6.09
CD CGS E . -8.35 -11.11 7.18
CE CGS E . -9.10 -12.03 8.02
CZ CGS E . -10.49 -12.20 7.72
N11 CGS E . -11.12 -11.53 6.67
CY CGS E . -10.37 -10.65 5.88
C17 CGS E . -4.82 -8.75 4.28
CE2 CGS E . -5.00 -9.75 3.25
CD2 CGS E . -4.45 -9.55 1.91
C20 CGS E . -3.72 -8.32 1.59
CD1 CGS E . -3.55 -7.31 2.64
CE1 CGS E . -4.09 -7.53 3.97
O27 CGS E . -3.19 -8.12 0.30
COM CGS E . -1.88 -8.62 0.05
O32 CGS E . -5.57 -10.35 6.24
O33 CGS E . -4.92 -8.04 6.81
C34 CGS E . -7.36 -6.35 4.53
N35 CGS E . -6.31 -5.57 4.35
CB CGS E . -8.63 -6.39 6.76
CG2 CGS E . -8.18 -5.30 7.72
CG1 CGS E . -9.39 -7.43 7.60
O47 CGS E . -8.17 -6.54 3.62
O48 CGS E . -6.11 -4.95 3.13
HC1 CGS E . -8.87 -8.86 4.62
HC2 CGS E . -7.59 -10.02 4.50
HA CGS E . -6.58 -6.61 6.45
HD CGS E . -7.30 -10.97 7.40
HE CGS E . -8.64 -12.56 8.84
HZ CGS E . -11.11 -12.87 8.29
HY CGS E . -10.88 -10.16 5.08
HE2 CGS E . -5.53 -10.66 3.49
HD2 CGS E . -4.60 -10.32 1.17
HD1 CGS E . -3.01 -6.40 2.45
HE1 CGS E . -3.96 -6.79 4.74
HOM1 CGS E . -1.90 -9.68 -0.20
HOM2 CGS E . -1.42 -8.10 -0.80
HOM3 CGS E . -1.24 -8.49 0.91
H49 CGS E . -5.67 -5.46 5.13
HB CGS E . -9.35 -5.94 6.10
HG21 CGS E . -7.19 -5.53 8.13
HG22 CGS E . -8.88 -5.20 8.57
HG23 CGS E . -8.12 -4.34 7.22
HG11 CGS E . -8.73 -8.22 7.92
HG12 CGS E . -10.19 -7.87 7.01
HG13 CGS E . -9.83 -6.96 8.48
H50 CGS E . -6.14 -3.98 3.20
N VAL A 1 -16.90 15.66 9.26
CA VAL A 1 -18.13 14.89 8.89
C VAL A 1 -17.90 14.14 7.57
N LEU A 2 -18.92 13.52 7.05
CA LEU A 2 -18.76 12.78 5.77
C LEU A 2 -18.55 13.78 4.64
N THR A 3 -17.63 13.49 3.74
CA THR A 3 -17.37 14.41 2.60
C THR A 3 -18.28 14.04 1.42
N GLU A 4 -18.40 14.90 0.44
CA GLU A 4 -19.26 14.57 -0.72
C GLU A 4 -18.55 13.55 -1.61
N GLY A 5 -19.24 12.51 -1.99
CA GLY A 5 -18.60 11.48 -2.85
C GLY A 5 -17.71 10.58 -2.00
N ASN A 6 -16.99 9.68 -2.62
CA ASN A 6 -16.08 8.79 -1.83
C ASN A 6 -14.77 9.53 -1.56
N PRO A 7 -14.12 9.30 -0.44
CA PRO A 7 -12.84 10.02 -0.13
C PRO A 7 -11.74 9.65 -1.14
N ARG A 8 -11.24 10.61 -1.87
CA ARG A 8 -10.16 10.32 -2.87
C ARG A 8 -9.20 11.51 -2.92
N TRP A 9 -7.99 11.28 -3.35
CA TRP A 9 -7.01 12.39 -3.42
C TRP A 9 -7.18 13.15 -4.74
N GLU A 10 -7.40 14.43 -4.67
CA GLU A 10 -7.57 15.23 -5.92
C GLU A 10 -6.20 15.70 -6.40
N GLN A 11 -5.17 15.47 -5.64
CA GLN A 11 -3.81 15.91 -6.07
C GLN A 11 -3.22 14.92 -7.06
N THR A 12 -2.38 15.39 -7.94
CA THR A 12 -1.75 14.48 -8.95
C THR A 12 -0.39 14.04 -8.44
N HIS A 13 0.05 14.59 -7.34
CA HIS A 13 1.37 14.21 -6.75
C HIS A 13 1.15 13.89 -5.28
N LEU A 14 1.79 12.88 -4.77
CA LEU A 14 1.61 12.51 -3.34
C LEU A 14 2.99 12.27 -2.69
N THR A 15 3.07 12.37 -1.39
CA THR A 15 4.36 12.16 -0.69
C THR A 15 4.16 11.14 0.43
N TYR A 16 5.19 10.43 0.81
CA TYR A 16 5.03 9.41 1.89
C TYR A 16 6.29 9.39 2.77
N ARG A 17 6.16 8.90 3.96
CA ARG A 17 7.34 8.85 4.88
C ARG A 17 7.26 7.62 5.78
N ILE A 18 8.35 6.92 5.92
CA ILE A 18 8.38 5.74 6.83
C ILE A 18 8.73 6.21 8.23
N GLU A 19 7.80 6.14 9.14
CA GLU A 19 8.08 6.62 10.51
C GLU A 19 9.19 5.79 11.16
N ASN A 20 9.20 4.50 10.95
CA ASN A 20 10.27 3.65 11.57
C ASN A 20 10.48 2.38 10.78
N TYR A 21 11.71 1.95 10.66
CA TYR A 21 12.02 0.70 9.90
C TYR A 21 12.02 -0.47 10.87
N THR A 22 11.43 -1.57 10.48
CA THR A 22 11.40 -2.76 11.37
C THR A 22 12.82 -3.33 11.51
N PRO A 23 13.27 -3.72 12.70
CA PRO A 23 14.63 -4.28 12.84
C PRO A 23 14.75 -5.64 12.13
N ASP A 24 13.64 -6.16 11.69
CA ASP A 24 13.64 -7.47 11.00
C ASP A 24 14.51 -7.38 9.73
N LEU A 25 14.43 -6.29 9.02
CA LEU A 25 15.24 -6.13 7.77
C LEU A 25 15.84 -4.71 7.75
N PRO A 26 17.00 -4.50 7.16
CA PRO A 26 17.58 -3.14 7.13
C PRO A 26 16.62 -2.14 6.48
N ARG A 27 17.02 -0.91 6.37
CA ARG A 27 16.14 0.13 5.76
C ARG A 27 16.37 0.15 4.25
N ALA A 28 17.56 -0.14 3.80
CA ALA A 28 17.82 -0.14 2.35
C ALA A 28 16.89 -1.13 1.65
N ASP A 29 16.72 -2.28 2.24
CA ASP A 29 15.82 -3.30 1.62
C ASP A 29 14.35 -2.90 1.77
N VAL A 30 13.97 -2.36 2.90
CA VAL A 30 12.54 -1.96 3.08
C VAL A 30 12.23 -0.73 2.22
N ASP A 31 13.10 0.24 2.21
CA ASP A 31 12.85 1.47 1.40
C ASP A 31 12.68 1.07 -0.06
N HIS A 32 13.53 0.22 -0.55
CA HIS A 32 13.41 -0.20 -1.98
C HIS A 32 12.03 -0.84 -2.20
N ALA A 33 11.59 -1.67 -1.28
CA ALA A 33 10.25 -2.31 -1.45
C ALA A 33 9.16 -1.22 -1.58
N ILE A 34 9.27 -0.17 -0.80
CA ILE A 34 8.25 0.91 -0.87
C ILE A 34 8.39 1.67 -2.20
N GLU A 35 9.60 1.91 -2.64
CA GLU A 35 9.79 2.65 -3.92
C GLU A 35 9.22 1.82 -5.08
N LYS A 36 9.41 0.52 -5.06
CA LYS A 36 8.86 -0.32 -6.18
C LYS A 36 7.34 -0.25 -6.20
N ALA A 37 6.69 -0.25 -5.07
CA ALA A 37 5.21 -0.20 -5.09
C ALA A 37 4.76 1.11 -5.76
N PHE A 38 5.28 2.23 -5.33
CA PHE A 38 4.89 3.52 -5.93
C PHE A 38 5.23 3.52 -7.42
N GLN A 39 6.40 3.04 -7.77
CA GLN A 39 6.79 3.02 -9.20
C GLN A 39 5.80 2.18 -10.01
N LEU A 40 5.40 1.03 -9.50
CA LEU A 40 4.45 0.19 -10.29
C LEU A 40 3.14 0.95 -10.56
N TRP A 41 2.63 1.70 -9.60
CA TRP A 41 1.36 2.44 -9.86
C TRP A 41 1.66 3.63 -10.78
N SER A 42 2.75 4.30 -10.55
CA SER A 42 3.11 5.48 -11.39
C SER A 42 3.45 5.03 -12.81
N ASN A 43 3.89 3.82 -12.98
CA ASN A 43 4.27 3.31 -14.32
C ASN A 43 3.06 3.35 -15.28
N VAL A 44 1.89 3.02 -14.80
CA VAL A 44 0.68 3.00 -15.70
C VAL A 44 -0.27 4.14 -15.36
N THR A 45 0.17 5.11 -14.59
CA THR A 45 -0.71 6.26 -14.24
C THR A 45 0.15 7.55 -14.23
N PRO A 46 -0.41 8.71 -14.57
CA PRO A 46 0.40 9.96 -14.56
C PRO A 46 0.70 10.43 -13.13
N LEU A 47 0.35 9.65 -12.15
CA LEU A 47 0.60 10.06 -10.73
C LEU A 47 2.09 9.97 -10.41
N THR A 48 2.56 10.79 -9.50
CA THR A 48 4.00 10.77 -9.12
C THR A 48 4.13 10.72 -7.59
N PHE A 49 5.17 10.11 -7.08
CA PHE A 49 5.35 10.01 -5.60
C PHE A 49 6.76 10.47 -5.20
N THR A 50 6.92 10.89 -3.97
CA THR A 50 8.27 11.35 -3.51
C THR A 50 8.37 11.18 -1.98
N LYS A 51 9.41 10.55 -1.53
CA LYS A 51 9.59 10.35 -0.06
C LYS A 51 10.11 11.65 0.57
N VAL A 52 9.60 11.99 1.73
CA VAL A 52 10.05 13.24 2.43
C VAL A 52 10.65 12.86 3.79
N SER A 53 11.76 13.45 4.16
CA SER A 53 12.40 13.12 5.47
C SER A 53 12.01 14.17 6.53
N GLU A 54 11.27 15.19 6.14
CA GLU A 54 10.88 16.23 7.14
C GLU A 54 9.48 16.76 6.80
N GLY A 55 8.78 17.27 7.77
CA GLY A 55 7.41 17.79 7.53
C GLY A 55 6.43 16.63 7.48
N GLN A 56 5.16 16.90 7.39
CA GLN A 56 4.16 15.79 7.33
C GLN A 56 4.11 15.23 5.91
N ALA A 57 3.63 14.02 5.75
CA ALA A 57 3.53 13.40 4.39
C ALA A 57 2.08 12.99 4.13
N ASP A 58 1.69 12.97 2.89
CA ASP A 58 0.29 12.60 2.55
C ASP A 58 -0.03 11.18 3.05
N ILE A 59 0.91 10.27 2.90
CA ILE A 59 0.68 8.87 3.36
C ILE A 59 1.73 8.52 4.41
N MET A 60 1.31 8.21 5.61
CA MET A 60 2.28 7.87 6.69
C MET A 60 2.36 6.36 6.87
N ILE A 61 3.54 5.80 6.84
CA ILE A 61 3.70 4.32 7.02
C ILE A 61 4.36 4.04 8.36
N SER A 62 3.79 3.13 9.13
CA SER A 62 4.36 2.83 10.46
C SER A 62 4.15 1.35 10.79
N PHE A 63 4.93 0.85 11.71
CA PHE A 63 4.82 -0.59 12.13
C PHE A 63 4.30 -0.63 13.57
N VAL A 64 3.42 -1.55 13.88
CA VAL A 64 2.86 -1.63 15.28
C VAL A 64 2.80 -3.08 15.76
N ARG A 65 2.58 -3.29 17.03
CA ARG A 65 2.50 -4.68 17.60
C ARG A 65 1.37 -4.76 18.62
N GLY A 66 0.70 -5.89 18.69
CA GLY A 66 -0.40 -6.07 19.67
C GLY A 66 -1.32 -4.85 19.65
N ASP A 67 -1.92 -4.53 20.76
CA ASP A 67 -2.84 -3.36 20.80
C ASP A 67 -2.02 -2.07 20.72
N HIS A 68 -2.39 -1.19 19.81
CA HIS A 68 -1.65 0.10 19.64
C HIS A 68 -2.64 1.25 19.62
N ARG A 69 -3.39 1.43 20.67
CA ARG A 69 -4.39 2.53 20.72
C ARG A 69 -5.30 2.48 19.49
N ASP A 70 -5.93 1.35 19.26
CA ASP A 70 -6.84 1.22 18.07
C ASP A 70 -8.06 0.36 18.44
N ASN A 71 -9.05 0.32 17.61
CA ASN A 71 -10.27 -0.48 17.92
C ASN A 71 -10.16 -1.85 17.24
N SER A 72 -9.01 -2.16 16.71
CA SER A 72 -8.81 -3.48 16.04
C SER A 72 -7.45 -4.06 16.44
N PRO A 73 -7.30 -4.50 17.66
CA PRO A 73 -6.00 -5.09 18.10
C PRO A 73 -5.71 -6.41 17.39
N PHE A 74 -4.46 -6.68 17.12
CA PHE A 74 -4.11 -7.96 16.43
C PHE A 74 -4.23 -9.12 17.42
N ASP A 75 -4.65 -10.28 16.97
CA ASP A 75 -4.79 -11.46 17.89
C ASP A 75 -3.68 -12.48 17.58
N GLY A 76 -2.47 -12.17 17.94
CA GLY A 76 -1.35 -13.12 17.68
C GLY A 76 -0.95 -13.10 16.19
N PRO A 77 -0.16 -14.06 15.76
CA PRO A 77 0.27 -14.11 14.34
C PRO A 77 -0.90 -14.38 13.39
N GLY A 78 -2.04 -14.73 13.93
CA GLY A 78 -3.24 -15.02 13.08
C GLY A 78 -4.12 -13.78 12.98
N GLY A 79 -5.10 -13.82 12.10
CA GLY A 79 -6.01 -12.64 11.95
C GLY A 79 -5.54 -11.78 10.79
N ASN A 80 -5.81 -10.50 10.85
CA ASN A 80 -5.37 -9.58 9.75
C ASN A 80 -3.86 -9.36 9.84
N LEU A 81 -3.20 -9.28 8.71
CA LEU A 81 -1.71 -9.06 8.73
C LEU A 81 -1.42 -7.55 8.67
N ALA A 82 -2.40 -6.76 8.30
CA ALA A 82 -2.21 -5.29 8.21
C ALA A 82 -3.57 -4.64 7.93
N HIS A 83 -3.66 -3.34 7.98
CA HIS A 83 -4.96 -2.70 7.68
C HIS A 83 -4.75 -1.21 7.40
N ALA A 84 -5.14 -0.78 6.23
CA ALA A 84 -4.98 0.64 5.85
C ALA A 84 -6.15 1.47 6.40
N PHE A 85 -5.99 2.76 6.48
CA PHE A 85 -7.09 3.64 6.96
C PHE A 85 -7.65 4.42 5.76
N GLN A 86 -8.93 4.71 5.75
CA GLN A 86 -9.51 5.44 4.59
C GLN A 86 -8.80 6.81 4.48
N PRO A 87 -8.60 7.35 3.28
CA PRO A 87 -7.91 8.66 3.16
C PRO A 87 -8.62 9.76 3.97
N GLY A 88 -7.91 10.43 4.83
CA GLY A 88 -8.54 11.52 5.63
C GLY A 88 -7.51 12.11 6.59
N PRO A 89 -7.85 13.15 7.30
CA PRO A 89 -6.90 13.80 8.24
C PRO A 89 -6.57 12.89 9.43
N GLY A 90 -5.77 13.37 10.35
CA GLY A 90 -5.40 12.54 11.53
C GLY A 90 -4.74 11.25 11.04
N ILE A 91 -5.21 10.13 11.53
CA ILE A 91 -4.62 8.84 11.10
C ILE A 91 -5.15 8.44 9.72
N GLY A 92 -6.05 9.21 9.18
CA GLY A 92 -6.61 8.87 7.83
C GLY A 92 -5.47 8.86 6.80
N GLY A 93 -5.41 7.84 5.98
CA GLY A 93 -4.33 7.76 4.94
C GLY A 93 -3.14 6.98 5.51
N ASP A 94 -3.05 6.87 6.80
CA ASP A 94 -1.92 6.12 7.41
C ASP A 94 -2.07 4.64 7.09
N ALA A 95 -1.00 3.89 7.18
CA ALA A 95 -1.08 2.43 6.87
C ALA A 95 -0.32 1.65 7.95
N HIS A 96 -1.00 0.74 8.62
CA HIS A 96 -0.33 -0.05 9.71
C HIS A 96 0.12 -1.42 9.21
N PHE A 97 1.31 -1.81 9.56
CA PHE A 97 1.85 -3.15 9.15
C PHE A 97 2.09 -4.00 10.39
N ASP A 98 1.62 -5.21 10.39
CA ASP A 98 1.84 -6.08 11.58
C ASP A 98 3.34 -6.42 11.68
N GLU A 99 3.96 -6.09 12.79
CA GLU A 99 5.43 -6.39 12.95
C GLU A 99 5.61 -7.66 13.80
N ASP A 100 4.54 -8.24 14.24
CA ASP A 100 4.66 -9.47 15.08
C ASP A 100 5.09 -10.65 14.22
N GLU A 101 4.98 -10.53 12.92
CA GLU A 101 5.39 -11.66 12.02
C GLU A 101 6.74 -11.32 11.40
N ARG A 102 7.45 -12.30 10.91
CA ARG A 102 8.79 -12.03 10.30
C ARG A 102 8.62 -11.72 8.81
N TRP A 103 9.07 -10.57 8.37
CA TRP A 103 8.93 -10.21 6.93
C TRP A 103 10.16 -10.69 6.14
N THR A 104 9.99 -10.98 4.88
CA THR A 104 11.14 -11.44 4.03
C THR A 104 11.27 -10.56 2.79
N ASN A 105 12.42 -10.56 2.17
CA ASN A 105 12.65 -9.71 0.95
C ASN A 105 12.73 -10.60 -0.30
N ASN A 106 12.06 -11.71 -0.30
CA ASN A 106 12.11 -12.61 -1.49
C ASN A 106 10.79 -13.36 -1.62
N PHE A 107 10.76 -14.38 -2.42
CA PHE A 107 9.48 -15.14 -2.61
C PHE A 107 9.28 -16.12 -1.45
N ARG A 108 9.74 -15.78 -0.28
CA ARG A 108 9.56 -16.69 0.88
C ARG A 108 8.11 -16.60 1.37
N GLU A 109 7.80 -17.26 2.44
CA GLU A 109 6.41 -17.25 2.96
C GLU A 109 5.85 -15.83 3.00
N TYR A 110 6.48 -14.94 3.74
CA TYR A 110 5.96 -13.55 3.83
C TYR A 110 6.44 -12.70 2.65
N ASN A 111 5.66 -11.71 2.30
CA ASN A 111 6.04 -10.81 1.16
C ASN A 111 5.65 -9.37 1.54
N LEU A 112 6.56 -8.65 2.15
CA LEU A 112 6.24 -7.24 2.56
C LEU A 112 5.89 -6.40 1.34
N HIS A 113 6.65 -6.49 0.29
CA HIS A 113 6.35 -5.67 -0.92
C HIS A 113 4.96 -6.01 -1.45
N ARG A 114 4.63 -7.28 -1.55
CA ARG A 114 3.29 -7.67 -2.08
C ARG A 114 2.22 -7.07 -1.16
N VAL A 115 2.45 -7.09 0.12
CA VAL A 115 1.43 -6.51 1.05
C VAL A 115 1.42 -4.98 0.89
N ALA A 116 2.57 -4.36 0.73
CA ALA A 116 2.59 -2.89 0.58
C ALA A 116 1.76 -2.50 -0.65
N ALA A 117 1.85 -3.25 -1.72
CA ALA A 117 1.05 -2.93 -2.94
C ALA A 117 -0.43 -3.07 -2.61
N HIS A 118 -0.77 -4.08 -1.86
CA HIS A 118 -2.20 -4.31 -1.50
C HIS A 118 -2.65 -3.20 -0.55
N GLU A 119 -1.91 -2.95 0.50
CA GLU A 119 -2.32 -1.87 1.44
C GLU A 119 -2.46 -0.54 0.70
N LEU A 120 -1.55 -0.22 -0.18
CA LEU A 120 -1.67 1.07 -0.93
C LEU A 120 -2.95 1.06 -1.77
N GLY A 121 -3.30 -0.07 -2.33
CA GLY A 121 -4.54 -0.12 -3.16
C GLY A 121 -5.73 0.33 -2.30
N HIS A 122 -5.81 -0.13 -1.08
CA HIS A 122 -6.94 0.29 -0.20
C HIS A 122 -6.85 1.78 0.07
N SER A 123 -5.66 2.29 0.22
CA SER A 123 -5.52 3.75 0.49
C SER A 123 -5.89 4.51 -0.78
N LEU A 124 -5.81 3.85 -1.92
CA LEU A 124 -6.18 4.52 -3.20
C LEU A 124 -7.70 4.39 -3.40
N GLY A 125 -8.37 3.70 -2.50
CA GLY A 125 -9.85 3.55 -2.62
C GLY A 125 -10.18 2.35 -3.53
N LEU A 126 -9.25 1.45 -3.73
CA LEU A 126 -9.55 0.28 -4.61
C LEU A 126 -10.25 -0.81 -3.79
N SER A 127 -11.33 -1.35 -4.32
CA SER A 127 -12.10 -2.40 -3.59
C SER A 127 -11.52 -3.78 -3.90
N HIS A 128 -11.85 -4.77 -3.11
CA HIS A 128 -11.32 -6.14 -3.36
C HIS A 128 -11.89 -6.67 -4.67
N SER A 129 -11.21 -7.63 -5.26
CA SER A 129 -11.70 -8.23 -6.55
C SER A 129 -11.69 -9.75 -6.42
N THR A 130 -12.31 -10.43 -7.35
CA THR A 130 -12.36 -11.93 -7.31
C THR A 130 -11.43 -12.50 -8.38
N ASP A 131 -10.61 -11.66 -8.97
CA ASP A 131 -9.66 -12.15 -10.01
C ASP A 131 -8.43 -12.75 -9.31
N ILE A 132 -8.16 -14.01 -9.55
CA ILE A 132 -7.00 -14.66 -8.89
C ILE A 132 -5.70 -13.94 -9.25
N GLY A 133 -5.63 -13.33 -10.40
CA GLY A 133 -4.36 -12.63 -10.79
C GLY A 133 -4.28 -11.24 -10.15
N ALA A 134 -5.32 -10.81 -9.50
CA ALA A 134 -5.30 -9.47 -8.85
C ALA A 134 -4.65 -9.56 -7.47
N LEU A 135 -3.75 -8.68 -7.17
CA LEU A 135 -3.06 -8.71 -5.85
C LEU A 135 -4.08 -8.46 -4.73
N MET A 136 -5.18 -7.81 -5.05
CA MET A 136 -6.19 -7.54 -4.00
C MET A 136 -6.96 -8.84 -3.70
N TYR A 137 -6.26 -9.87 -3.31
CA TYR A 137 -6.94 -11.17 -2.99
C TYR A 137 -7.74 -10.99 -1.68
N PRO A 138 -8.97 -11.48 -1.58
CA PRO A 138 -9.75 -11.30 -0.31
C PRO A 138 -9.09 -11.99 0.90
N SER A 139 -7.90 -12.51 0.74
CA SER A 139 -7.23 -13.18 1.88
C SER A 139 -5.73 -13.29 1.60
N TYR A 140 -4.96 -13.66 2.59
CA TYR A 140 -3.49 -13.79 2.39
C TYR A 140 -3.15 -15.19 1.86
N THR A 141 -2.34 -15.27 0.84
CA THR A 141 -1.96 -16.60 0.27
C THR A 141 -0.51 -16.56 -0.23
N PHE A 142 0.20 -17.65 -0.11
CA PHE A 142 1.63 -17.67 -0.59
C PHE A 142 1.64 -17.51 -2.12
N SER A 143 0.61 -17.93 -2.79
CA SER A 143 0.59 -17.82 -4.28
C SER A 143 0.27 -16.37 -4.68
N GLY A 144 0.89 -15.87 -5.72
CA GLY A 144 0.62 -14.46 -6.17
C GLY A 144 1.93 -13.79 -6.60
N ASP A 145 2.04 -13.48 -7.86
CA ASP A 145 3.29 -12.80 -8.35
C ASP A 145 3.16 -11.29 -8.13
N VAL A 146 4.25 -10.59 -8.05
CA VAL A 146 4.17 -9.11 -7.83
C VAL A 146 3.99 -8.40 -9.17
N GLN A 147 2.78 -8.32 -9.64
CA GLN A 147 2.52 -7.62 -10.94
C GLN A 147 1.13 -6.99 -10.90
N LEU A 148 0.95 -5.88 -11.56
CA LEU A 148 -0.40 -5.25 -11.56
C LEU A 148 -1.27 -6.00 -12.55
N ALA A 149 -2.47 -6.32 -12.16
CA ALA A 149 -3.38 -7.05 -13.09
C ALA A 149 -4.21 -6.04 -13.88
N GLN A 150 -4.85 -6.49 -14.92
CA GLN A 150 -5.68 -5.56 -15.73
C GLN A 150 -6.78 -4.98 -14.84
N ASP A 151 -7.36 -5.80 -13.99
CA ASP A 151 -8.43 -5.31 -13.08
C ASP A 151 -7.87 -4.18 -12.21
N ASP A 152 -6.66 -4.32 -11.74
CA ASP A 152 -6.06 -3.25 -10.89
C ASP A 152 -5.67 -2.05 -11.77
N ILE A 153 -5.10 -2.30 -12.91
CA ILE A 153 -4.71 -1.17 -13.79
C ILE A 153 -5.97 -0.40 -14.22
N ASP A 154 -6.96 -1.08 -14.67
CA ASP A 154 -8.20 -0.39 -15.11
C ASP A 154 -8.82 0.38 -13.94
N GLY A 155 -8.82 -0.19 -12.76
CA GLY A 155 -9.44 0.51 -11.60
C GLY A 155 -8.76 1.86 -11.33
N ILE A 156 -7.47 1.86 -11.14
CA ILE A 156 -6.76 3.14 -10.86
C ILE A 156 -6.84 4.05 -12.09
N GLN A 157 -6.72 3.50 -13.26
CA GLN A 157 -6.79 4.36 -14.48
C GLN A 157 -8.21 4.91 -14.63
N ALA A 158 -9.20 4.13 -14.34
CA ALA A 158 -10.60 4.63 -14.46
C ALA A 158 -10.80 5.84 -13.53
N ILE A 159 -10.28 5.78 -12.33
CA ILE A 159 -10.45 6.93 -11.39
C ILE A 159 -9.77 8.18 -11.96
N TYR A 160 -8.54 8.06 -12.40
CA TYR A 160 -7.82 9.25 -12.97
C TYR A 160 -7.84 9.20 -14.49
N GLY A 161 -7.28 8.18 -15.08
CA GLY A 161 -7.28 8.08 -16.57
C GLY A 161 -6.19 7.10 -17.02
N ARG A 162 -6.06 6.89 -18.31
CA ARG A 162 -5.02 5.96 -18.82
C ARG A 162 -3.74 6.72 -19.15
N SER A 163 -2.61 6.12 -18.93
CA SER A 163 -1.34 6.80 -19.23
C SER A 163 -1.16 6.86 -20.74
N GLN A 164 -1.66 7.90 -21.35
CA GLN A 164 -1.55 8.02 -22.84
C GLN A 164 -0.29 8.82 -23.19
N ASN A 165 0.75 8.15 -23.62
CA ASN A 165 2.02 8.87 -23.99
C ASN A 165 2.76 8.05 -25.05
N PRO A 166 3.61 8.66 -25.86
CA PRO A 166 4.38 7.90 -26.89
C PRO A 166 5.57 7.17 -26.26
N VAL A 167 5.31 6.14 -25.51
CA VAL A 167 6.40 5.37 -24.84
C VAL A 167 6.95 4.32 -25.80
N GLN A 168 8.24 4.21 -25.91
CA GLN A 168 8.82 3.20 -26.84
C GLN A 168 8.57 1.80 -26.26
N PRO A 169 8.39 0.80 -27.09
CA PRO A 169 8.14 -0.59 -26.59
C PRO A 169 9.24 -1.06 -25.64
ZN ZN B . -7.50 -6.20 1.04
ZN ZN C . -2.87 -0.79 13.43
CA CA D . -1.65 -11.34 12.41
N1 CGS E . -6.76 -8.92 5.42
CC CGS E . -7.61 -10.05 4.88
CA CGS E . -7.05 -7.47 5.16
S4 CGS E . -5.05 -9.31 5.66
C5 CGS E . -8.44 -10.91 5.83
CD CGS E . -7.80 -11.69 6.87
CE CGS E . -8.58 -12.51 7.78
CZ CGS E . -10.00 -12.52 7.62
N11 CGS E . -10.64 -11.78 6.64
CY CGS E . -9.88 -11.00 5.77
C17 CGS E . -4.17 -9.17 4.11
CE2 CGS E . -4.29 -10.21 3.11
CD2 CGS E . -3.60 -10.09 1.84
C20 CGS E . -2.76 -8.92 1.55
CD1 CGS E . -2.66 -7.87 2.58
CE1 CGS E . -3.36 -8.01 3.84
O27 CGS E . -2.09 -8.79 0.32
COM CGS E . -0.78 -9.37 0.23
O32 CGS E . -5.06 -10.67 6.11
O33 CGS E . -4.60 -8.28 6.56
C34 CGS E . -6.83 -7.14 3.66
N35 CGS E . -5.80 -6.37 3.37
CB CGS E . -8.32 -6.78 5.75
CG2 CGS E . -8.09 -5.37 6.26
CG1 CGS E . -8.95 -7.56 6.90
O47 CGS E . -7.57 -7.58 2.76
O48 CGS E . -5.53 -6.04 2.06
HC1 CGS E . -8.29 -9.61 4.14
HC2 CGS E . -6.95 -10.70 4.32
HA CGS E . -6.23 -6.94 5.66
HD CGS E . -6.73 -11.67 6.99
HE CGS E . -8.11 -13.09 8.56
HZ CGS E . -10.64 -13.10 8.26
HY CGS E . -10.41 -10.43 5.02
HE2 CGS E . -4.90 -11.07 3.32
HD2 CGS E . -3.70 -10.89 1.10
HD1 CGS E . -2.06 -7.00 2.41
HE1 CGS E . -3.28 -7.24 4.59
HOM1 CGS E . -0.82 -10.45 0.42
HOM2 CGS E . -0.36 -9.23 -0.77
HOM3 CGS E . -0.10 -8.93 0.95
H49 CGS E . -5.22 -6.06 4.15
HB CGS E . -9.08 -6.72 4.98
HG21 CGS E . -9.04 -4.85 6.41
HG22 CGS E . -7.50 -4.78 5.56
HG23 CGS E . -7.58 -5.38 7.22
HG11 CGS E . -8.67 -8.62 6.85
HG12 CGS E . -10.03 -7.50 6.87
HG13 CGS E . -8.61 -7.17 7.86
H50 CGS E . -6.19 -5.43 1.68
N VAL A 1 -12.13 13.87 -1.51
CA VAL A 1 -11.47 13.99 -0.18
C VAL A 1 -12.51 14.30 0.89
N LEU A 2 -13.33 15.29 0.67
CA LEU A 2 -14.37 15.65 1.68
C LEU A 2 -15.65 14.87 1.38
N THR A 3 -15.67 14.12 0.31
CA THR A 3 -16.91 13.36 -0.03
C THR A 3 -16.93 12.01 0.69
N GLU A 4 -18.00 11.73 1.38
CA GLU A 4 -18.12 10.44 2.12
C GLU A 4 -18.41 9.31 1.14
N GLY A 5 -17.80 8.17 1.32
CA GLY A 5 -18.03 7.01 0.41
C GLY A 5 -16.72 6.63 -0.28
N ASN A 6 -16.14 7.54 -1.02
CA ASN A 6 -14.86 7.22 -1.72
C ASN A 6 -14.05 8.50 -1.95
N PRO A 7 -13.48 9.06 -0.91
CA PRO A 7 -12.67 10.31 -1.05
C PRO A 7 -11.39 10.09 -1.88
N ARG A 8 -11.36 10.57 -3.10
CA ARG A 8 -10.15 10.40 -3.95
C ARG A 8 -9.18 11.56 -3.68
N TRP A 9 -7.93 11.41 -4.02
CA TRP A 9 -6.95 12.51 -3.76
C TRP A 9 -7.01 13.53 -4.92
N GLU A 10 -7.18 14.79 -4.61
CA GLU A 10 -7.25 15.82 -5.67
C GLU A 10 -5.83 16.21 -6.13
N GLN A 11 -4.83 15.75 -5.44
CA GLN A 11 -3.43 16.08 -5.85
C GLN A 11 -2.97 15.14 -6.96
N THR A 12 -2.11 15.60 -7.84
CA THR A 12 -1.59 14.72 -8.94
C THR A 12 -0.23 14.18 -8.52
N HIS A 13 0.26 14.66 -7.41
CA HIS A 13 1.60 14.21 -6.88
C HIS A 13 1.41 13.78 -5.42
N LEU A 14 1.75 12.55 -5.10
CA LEU A 14 1.58 12.06 -3.69
C LEU A 14 2.96 11.89 -3.03
N THR A 15 3.01 11.98 -1.72
CA THR A 15 4.30 11.81 -0.99
C THR A 15 4.08 10.82 0.16
N TYR A 16 5.13 10.20 0.64
CA TYR A 16 4.98 9.22 1.77
C TYR A 16 6.19 9.32 2.68
N ARG A 17 6.07 8.81 3.89
CA ARG A 17 7.20 8.87 4.86
C ARG A 17 7.24 7.59 5.72
N ILE A 18 8.35 6.91 5.73
CA ILE A 18 8.47 5.68 6.57
C ILE A 18 8.90 6.13 7.95
N GLU A 19 8.06 5.97 8.93
CA GLU A 19 8.41 6.41 10.30
C GLU A 19 9.63 5.61 10.79
N ASN A 20 9.66 4.34 10.53
CA ASN A 20 10.82 3.52 10.98
C ASN A 20 10.90 2.24 10.17
N TYR A 21 12.08 1.68 10.06
CA TYR A 21 12.24 0.41 9.30
C TYR A 21 12.19 -0.77 10.28
N THR A 22 11.59 -1.86 9.89
CA THR A 22 11.51 -3.01 10.81
C THR A 22 12.91 -3.63 10.97
N PRO A 23 13.31 -4.02 12.17
CA PRO A 23 14.66 -4.63 12.37
C PRO A 23 14.76 -5.99 11.65
N ASP A 24 13.65 -6.53 11.23
CA ASP A 24 13.68 -7.84 10.54
C ASP A 24 14.51 -7.75 9.26
N LEU A 25 14.40 -6.66 8.54
CA LEU A 25 15.19 -6.50 7.27
C LEU A 25 15.77 -5.07 7.22
N PRO A 26 16.91 -4.86 6.60
CA PRO A 26 17.49 -3.50 6.52
C PRO A 26 16.53 -2.49 5.85
N ARG A 27 16.95 -1.26 5.70
CA ARG A 27 16.07 -0.26 5.05
C ARG A 27 16.27 -0.33 3.53
N ALA A 28 17.46 -0.65 3.10
CA ALA A 28 17.73 -0.72 1.64
C ALA A 28 16.78 -1.73 0.98
N ASP A 29 16.63 -2.89 1.56
CA ASP A 29 15.73 -3.91 0.96
C ASP A 29 14.27 -3.46 1.06
N VAL A 30 13.92 -2.86 2.15
CA VAL A 30 12.52 -2.41 2.32
C VAL A 30 12.22 -1.26 1.36
N ASP A 31 13.16 -0.36 1.19
CA ASP A 31 12.91 0.78 0.26
C ASP A 31 12.62 0.23 -1.14
N HIS A 32 13.33 -0.78 -1.56
CA HIS A 32 13.07 -1.37 -2.91
C HIS A 32 11.63 -1.87 -2.98
N ALA A 33 11.22 -2.62 -1.98
CA ALA A 33 9.84 -3.16 -1.97
C ALA A 33 8.82 -2.01 -1.98
N ILE A 34 9.02 -1.03 -1.14
CA ILE A 34 8.05 0.12 -1.11
C ILE A 34 8.20 0.95 -2.39
N GLU A 35 9.40 1.16 -2.84
CA GLU A 35 9.60 1.97 -4.07
C GLU A 35 9.10 1.17 -5.27
N LYS A 36 9.34 -0.11 -5.28
CA LYS A 36 8.87 -0.93 -6.42
C LYS A 36 7.35 -0.90 -6.51
N ALA A 37 6.67 -0.94 -5.39
CA ALA A 37 5.18 -0.93 -5.44
C ALA A 37 4.68 0.39 -6.05
N PHE A 38 5.23 1.49 -5.64
CA PHE A 38 4.78 2.79 -6.24
C PHE A 38 5.06 2.77 -7.74
N GLN A 39 6.19 2.25 -8.14
CA GLN A 39 6.52 2.19 -9.58
C GLN A 39 5.46 1.38 -10.34
N LEU A 40 5.03 0.29 -9.78
CA LEU A 40 4.01 -0.55 -10.48
C LEU A 40 2.73 0.24 -10.72
N TRP A 41 2.26 0.95 -9.73
CA TRP A 41 1.01 1.75 -9.90
C TRP A 41 1.28 2.99 -10.75
N SER A 42 2.38 3.64 -10.51
CA SER A 42 2.71 4.86 -11.29
C SER A 42 2.92 4.49 -12.75
N ASN A 43 3.52 3.36 -12.99
CA ASN A 43 3.78 2.91 -14.39
C ASN A 43 2.47 2.77 -15.17
N VAL A 44 1.36 2.55 -14.50
CA VAL A 44 0.05 2.39 -15.22
C VAL A 44 -0.87 3.60 -14.99
N THR A 45 -0.36 4.62 -14.36
CA THR A 45 -1.21 5.84 -14.10
C THR A 45 -0.33 7.10 -14.18
N PRO A 46 -0.88 8.25 -14.55
CA PRO A 46 -0.07 9.50 -14.63
C PRO A 46 0.30 10.03 -13.23
N LEU A 47 -0.04 9.32 -12.19
CA LEU A 47 0.28 9.80 -10.81
C LEU A 47 1.79 9.72 -10.57
N THR A 48 2.32 10.56 -9.72
CA THR A 48 3.79 10.53 -9.41
C THR A 48 3.96 10.45 -7.90
N PHE A 49 5.03 9.84 -7.44
CA PHE A 49 5.25 9.70 -5.95
C PHE A 49 6.60 10.27 -5.56
N THR A 50 6.77 10.62 -4.30
CA THR A 50 8.06 11.19 -3.84
C THR A 50 8.25 10.93 -2.35
N LYS A 51 9.38 10.38 -2.00
CA LYS A 51 9.68 10.09 -0.56
C LYS A 51 10.24 11.34 0.11
N VAL A 52 9.87 11.61 1.34
CA VAL A 52 10.39 12.80 2.07
C VAL A 52 11.08 12.34 3.37
N SER A 53 12.16 12.96 3.74
CA SER A 53 12.89 12.54 4.97
C SER A 53 12.46 13.39 6.17
N GLU A 54 11.68 14.41 5.95
CA GLU A 54 11.23 15.27 7.09
C GLU A 54 9.84 15.85 6.79
N GLY A 55 9.09 16.18 7.80
CA GLY A 55 7.73 16.76 7.56
C GLY A 55 6.71 15.64 7.41
N GLN A 56 5.46 15.94 7.58
CA GLN A 56 4.41 14.88 7.44
C GLN A 56 4.09 14.67 5.96
N ALA A 57 4.08 13.44 5.49
CA ALA A 57 3.78 13.19 4.05
C ALA A 57 2.28 12.87 3.88
N ASP A 58 1.82 12.82 2.66
CA ASP A 58 0.37 12.53 2.42
C ASP A 58 0.01 11.16 2.99
N ILE A 59 0.89 10.19 2.85
CA ILE A 59 0.62 8.82 3.39
C ILE A 59 1.71 8.45 4.41
N MET A 60 1.32 8.18 5.63
CA MET A 60 2.33 7.82 6.68
C MET A 60 2.37 6.30 6.84
N ILE A 61 3.55 5.74 6.80
CA ILE A 61 3.72 4.26 6.94
C ILE A 61 4.44 3.98 8.27
N SER A 62 3.93 3.09 9.08
CA SER A 62 4.59 2.81 10.39
C SER A 62 4.41 1.34 10.77
N PHE A 63 5.28 0.83 11.60
CA PHE A 63 5.20 -0.61 12.03
C PHE A 63 4.79 -0.66 13.51
N VAL A 64 3.84 -1.49 13.86
CA VAL A 64 3.38 -1.56 15.30
C VAL A 64 3.34 -3.01 15.80
N ARG A 65 3.36 -3.17 17.10
CA ARG A 65 3.31 -4.54 17.72
C ARG A 65 2.14 -4.62 18.71
N GLY A 66 1.44 -5.73 18.69
CA GLY A 66 0.28 -5.91 19.63
C GLY A 66 -0.63 -4.67 19.62
N ASP A 67 -1.21 -4.36 20.75
CA ASP A 67 -2.12 -3.18 20.83
C ASP A 67 -1.31 -1.90 20.74
N HIS A 68 -1.71 -0.99 19.89
CA HIS A 68 -0.99 0.31 19.72
C HIS A 68 -2.00 1.45 19.78
N ARG A 69 -2.91 1.39 20.71
CA ARG A 69 -3.95 2.47 20.83
C ARG A 69 -4.68 2.65 19.51
N ASP A 70 -5.30 1.60 19.03
CA ASP A 70 -6.05 1.69 17.75
C ASP A 70 -7.34 0.87 17.85
N ASN A 71 -8.20 0.95 16.88
CA ASN A 71 -9.47 0.17 16.93
C ASN A 71 -9.27 -1.18 16.25
N SER A 72 -8.05 -1.53 15.93
CA SER A 72 -7.79 -2.85 15.26
C SER A 72 -6.51 -3.48 15.82
N PRO A 73 -6.54 -3.95 17.04
CA PRO A 73 -5.34 -4.58 17.66
C PRO A 73 -5.05 -5.98 17.07
N PHE A 74 -3.80 -6.32 16.89
CA PHE A 74 -3.47 -7.65 16.33
C PHE A 74 -3.59 -8.71 17.43
N ASP A 75 -3.85 -9.94 17.05
CA ASP A 75 -3.96 -11.04 18.05
C ASP A 75 -2.86 -12.06 17.76
N GLY A 76 -1.65 -11.74 18.13
CA GLY A 76 -0.52 -12.69 17.89
C GLY A 76 -0.38 -12.93 16.38
N PRO A 77 0.34 -13.95 15.99
CA PRO A 77 0.52 -14.24 14.54
C PRO A 77 -0.83 -14.40 13.82
N GLY A 78 -1.89 -14.64 14.56
CA GLY A 78 -3.22 -14.80 13.94
C GLY A 78 -3.87 -13.42 13.76
N GLY A 79 -5.07 -13.37 13.25
CA GLY A 79 -5.72 -12.04 13.07
C GLY A 79 -5.32 -11.44 11.72
N ASN A 80 -5.55 -10.17 11.53
CA ASN A 80 -5.20 -9.53 10.25
C ASN A 80 -3.68 -9.32 10.18
N LEU A 81 -3.13 -9.23 9.00
CA LEU A 81 -1.65 -9.05 8.88
C LEU A 81 -1.33 -7.55 8.77
N ALA A 82 -2.31 -6.75 8.42
CA ALA A 82 -2.06 -5.28 8.32
C ALA A 82 -3.39 -4.55 8.14
N HIS A 83 -3.38 -3.26 8.23
CA HIS A 83 -4.66 -2.51 8.06
C HIS A 83 -4.35 -1.03 7.80
N ALA A 84 -5.37 -0.23 7.62
CA ALA A 84 -5.14 1.22 7.35
C ALA A 84 -6.44 1.99 7.58
N PHE A 85 -6.38 3.29 7.55
CA PHE A 85 -7.60 4.13 7.77
C PHE A 85 -8.16 4.59 6.43
N GLN A 86 -9.42 4.93 6.39
CA GLN A 86 -10.01 5.38 5.10
C GLN A 86 -9.18 6.57 4.58
N PRO A 87 -9.02 6.72 3.29
CA PRO A 87 -8.22 7.87 2.75
C PRO A 87 -8.82 9.21 3.19
N GLY A 88 -8.22 9.87 4.14
CA GLY A 88 -8.75 11.18 4.60
C GLY A 88 -7.65 11.94 5.37
N PRO A 89 -7.89 13.18 5.70
CA PRO A 89 -6.87 13.97 6.47
C PRO A 89 -6.65 13.41 7.89
N GLY A 90 -5.85 14.08 8.68
CA GLY A 90 -5.59 13.59 10.06
C GLY A 90 -4.91 12.22 10.02
N ILE A 91 -5.46 11.26 10.72
CA ILE A 91 -4.85 9.90 10.72
C ILE A 91 -5.27 9.16 9.44
N GLY A 92 -6.21 9.70 8.72
CA GLY A 92 -6.68 9.05 7.46
C GLY A 92 -5.51 8.90 6.48
N GLY A 93 -5.48 7.81 5.76
CA GLY A 93 -4.38 7.57 4.78
C GLY A 93 -3.22 6.81 5.45
N ASP A 94 -3.14 6.88 6.75
CA ASP A 94 -2.04 6.17 7.46
C ASP A 94 -2.20 4.66 7.25
N ALA A 95 -1.11 3.93 7.25
CA ALA A 95 -1.19 2.45 7.06
C ALA A 95 -0.19 1.77 8.00
N HIS A 96 -0.66 0.85 8.81
CA HIS A 96 0.25 0.14 9.76
C HIS A 96 0.52 -1.28 9.27
N PHE A 97 1.68 -1.82 9.57
CA PHE A 97 2.03 -3.21 9.15
C PHE A 97 2.31 -4.07 10.39
N ASP A 98 1.86 -5.30 10.38
CA ASP A 98 2.11 -6.19 11.56
C ASP A 98 3.61 -6.44 11.68
N GLU A 99 4.20 -6.05 12.78
CA GLU A 99 5.66 -6.27 12.97
C GLU A 99 5.89 -7.50 13.85
N ASP A 100 4.82 -8.10 14.32
CA ASP A 100 4.96 -9.32 15.17
C ASP A 100 5.33 -10.52 14.31
N GLU A 101 5.10 -10.42 13.02
CA GLU A 101 5.45 -11.56 12.11
C GLU A 101 6.81 -11.27 11.45
N ARG A 102 7.47 -12.28 10.96
CA ARG A 102 8.80 -12.06 10.31
C ARG A 102 8.61 -11.77 8.81
N TRP A 103 9.03 -10.61 8.36
CA TRP A 103 8.86 -10.26 6.91
C TRP A 103 10.08 -10.75 6.12
N THR A 104 9.87 -11.17 4.89
CA THR A 104 10.99 -11.65 4.02
C THR A 104 11.04 -10.82 2.74
N ASN A 105 12.15 -10.84 2.06
CA ASN A 105 12.30 -10.06 0.79
C ASN A 105 12.33 -11.03 -0.39
N ASN A 106 11.65 -12.14 -0.28
CA ASN A 106 11.64 -13.14 -1.40
C ASN A 106 10.32 -13.89 -1.43
N PHE A 107 10.26 -14.98 -2.16
CA PHE A 107 8.99 -15.75 -2.25
C PHE A 107 8.83 -16.66 -1.03
N ARG A 108 9.39 -16.28 0.09
CA ARG A 108 9.25 -17.11 1.30
C ARG A 108 7.83 -17.00 1.85
N GLU A 109 7.60 -17.50 3.02
CA GLU A 109 6.23 -17.45 3.61
C GLU A 109 5.67 -16.02 3.64
N TYR A 110 6.34 -15.11 4.27
CA TYR A 110 5.82 -13.70 4.34
C TYR A 110 6.27 -12.89 3.13
N ASN A 111 5.52 -11.88 2.76
CA ASN A 111 5.90 -11.03 1.59
C ASN A 111 5.52 -9.58 1.89
N LEU A 112 6.45 -8.78 2.35
CA LEU A 112 6.13 -7.37 2.67
C LEU A 112 5.66 -6.63 1.43
N HIS A 113 6.35 -6.79 0.34
CA HIS A 113 5.97 -6.07 -0.90
C HIS A 113 4.54 -6.45 -1.30
N ARG A 114 4.18 -7.70 -1.16
CA ARG A 114 2.81 -8.13 -1.54
C ARG A 114 1.77 -7.36 -0.72
N VAL A 115 2.02 -7.22 0.56
CA VAL A 115 1.05 -6.50 1.43
C VAL A 115 1.06 -5.02 1.07
N ALA A 116 2.22 -4.48 0.80
CA ALA A 116 2.30 -3.04 0.45
C ALA A 116 1.41 -2.78 -0.78
N ALA A 117 1.45 -3.64 -1.75
CA ALA A 117 0.61 -3.43 -2.95
C ALA A 117 -0.86 -3.43 -2.54
N HIS A 118 -1.25 -4.33 -1.68
CA HIS A 118 -2.66 -4.38 -1.24
C HIS A 118 -2.97 -3.16 -0.37
N GLU A 119 -2.12 -2.86 0.59
CA GLU A 119 -2.39 -1.70 1.47
C GLU A 119 -2.49 -0.41 0.66
N LEU A 120 -1.63 -0.24 -0.32
CA LEU A 120 -1.68 0.99 -1.16
C LEU A 120 -3.00 1.03 -1.92
N GLY A 121 -3.46 -0.08 -2.41
CA GLY A 121 -4.74 -0.09 -3.18
C GLY A 121 -5.84 0.51 -2.31
N HIS A 122 -5.85 0.19 -1.04
CA HIS A 122 -6.89 0.77 -0.13
C HIS A 122 -6.64 2.27 -0.02
N SER A 123 -5.39 2.67 -0.04
CA SER A 123 -5.08 4.12 0.07
C SER A 123 -5.52 4.80 -1.23
N LEU A 124 -5.56 4.06 -2.32
CA LEU A 124 -5.99 4.66 -3.62
C LEU A 124 -7.52 4.65 -3.69
N GLY A 125 -8.18 4.14 -2.67
CA GLY A 125 -9.67 4.13 -2.68
C GLY A 125 -10.20 2.86 -3.34
N LEU A 126 -9.36 1.89 -3.59
CA LEU A 126 -9.86 0.63 -4.23
C LEU A 126 -10.50 -0.25 -3.16
N SER A 127 -11.71 -0.70 -3.40
CA SER A 127 -12.41 -1.55 -2.39
C SER A 127 -12.06 -3.03 -2.64
N HIS A 128 -12.44 -3.90 -1.74
CA HIS A 128 -12.13 -5.34 -1.93
C HIS A 128 -12.91 -5.88 -3.13
N SER A 129 -12.36 -6.85 -3.83
CA SER A 129 -13.06 -7.42 -5.03
C SER A 129 -13.20 -8.95 -4.85
N THR A 130 -14.09 -9.56 -5.60
CA THR A 130 -14.30 -11.05 -5.47
C THR A 130 -13.61 -11.76 -6.63
N ASP A 131 -12.78 -11.07 -7.37
CA ASP A 131 -12.09 -11.73 -8.52
C ASP A 131 -10.90 -12.52 -7.99
N ILE A 132 -10.84 -13.77 -8.34
CA ILE A 132 -9.72 -14.62 -7.85
C ILE A 132 -8.38 -14.05 -8.33
N GLY A 133 -8.31 -13.57 -9.54
CA GLY A 133 -7.02 -13.04 -10.07
C GLY A 133 -6.73 -11.63 -9.53
N ALA A 134 -7.57 -11.09 -8.70
CA ALA A 134 -7.30 -9.73 -8.15
C ALA A 134 -6.36 -9.82 -6.95
N LEU A 135 -5.43 -8.91 -6.83
CA LEU A 135 -4.51 -8.94 -5.68
C LEU A 135 -5.27 -8.59 -4.41
N MET A 136 -6.30 -7.80 -4.53
CA MET A 136 -7.07 -7.40 -3.33
C MET A 136 -7.94 -8.57 -2.84
N TYR A 137 -7.34 -9.70 -2.58
CA TYR A 137 -8.14 -10.87 -2.10
C TYR A 137 -8.65 -10.58 -0.67
N PRO A 138 -9.88 -10.92 -0.32
CA PRO A 138 -10.39 -10.65 1.05
C PRO A 138 -9.48 -11.21 2.15
N SER A 139 -8.45 -11.91 1.78
CA SER A 139 -7.53 -12.48 2.80
C SER A 139 -6.21 -12.86 2.13
N TYR A 140 -5.21 -13.21 2.90
CA TYR A 140 -3.91 -13.59 2.26
C TYR A 140 -3.97 -15.07 1.88
N THR A 141 -4.17 -15.35 0.62
CA THR A 141 -4.23 -16.77 0.17
C THR A 141 -3.87 -16.85 -1.31
N PHE A 142 -3.42 -15.77 -1.90
CA PHE A 142 -3.06 -15.77 -3.34
C PHE A 142 -1.55 -15.96 -3.52
N SER A 143 -1.15 -16.97 -4.25
CA SER A 143 0.31 -17.23 -4.47
C SER A 143 0.63 -17.15 -5.96
N GLY A 144 1.70 -16.49 -6.32
CA GLY A 144 2.04 -16.40 -7.77
C GLY A 144 3.08 -15.30 -7.98
N ASP A 145 3.19 -14.81 -9.18
CA ASP A 145 4.17 -13.74 -9.48
C ASP A 145 3.60 -12.40 -9.03
N VAL A 146 4.44 -11.46 -8.68
CA VAL A 146 3.93 -10.14 -8.23
C VAL A 146 3.64 -9.26 -9.45
N GLN A 147 2.39 -9.21 -9.86
CA GLN A 147 2.01 -8.38 -11.04
C GLN A 147 0.59 -7.84 -10.83
N LEU A 148 0.28 -6.71 -11.40
CA LEU A 148 -1.10 -6.16 -11.24
C LEU A 148 -2.07 -6.94 -12.12
N ALA A 149 -3.30 -7.05 -11.69
CA ALA A 149 -4.32 -7.80 -12.51
C ALA A 149 -5.02 -6.81 -13.43
N GLN A 150 -5.48 -7.25 -14.57
CA GLN A 150 -6.16 -6.32 -15.50
C GLN A 150 -7.36 -5.69 -14.78
N ASP A 151 -8.09 -6.45 -14.02
CA ASP A 151 -9.26 -5.87 -13.31
C ASP A 151 -8.79 -4.64 -12.52
N ASP A 152 -7.59 -4.70 -11.96
CA ASP A 152 -7.07 -3.54 -11.19
C ASP A 152 -6.62 -2.46 -12.17
N ILE A 153 -6.01 -2.83 -13.26
CA ILE A 153 -5.56 -1.82 -14.25
C ILE A 153 -6.79 -1.05 -14.78
N ASP A 154 -7.80 -1.76 -15.19
CA ASP A 154 -9.03 -1.07 -15.70
C ASP A 154 -9.70 -0.24 -14.60
N GLY A 155 -9.74 -0.76 -13.40
CA GLY A 155 -10.41 0.00 -12.29
C GLY A 155 -9.64 1.28 -11.96
N ILE A 156 -8.35 1.19 -11.75
CA ILE A 156 -7.56 2.41 -11.41
C ILE A 156 -7.51 3.37 -12.61
N GLN A 157 -7.38 2.85 -13.80
CA GLN A 157 -7.33 3.76 -14.98
C GLN A 157 -8.67 4.45 -15.15
N ALA A 158 -9.74 3.75 -14.92
CA ALA A 158 -11.08 4.37 -15.07
C ALA A 158 -11.22 5.55 -14.09
N ILE A 159 -10.77 5.39 -12.88
CA ILE A 159 -10.88 6.49 -11.89
C ILE A 159 -10.12 7.73 -12.37
N TYR A 160 -8.90 7.57 -12.79
CA TYR A 160 -8.10 8.74 -13.28
C TYR A 160 -8.12 8.76 -14.81
N GLY A 161 -7.56 7.75 -15.43
CA GLY A 161 -7.54 7.72 -16.92
C GLY A 161 -6.40 6.81 -17.40
N ARG A 162 -6.07 6.89 -18.65
CA ARG A 162 -4.97 6.04 -19.20
C ARG A 162 -3.66 6.84 -19.20
N SER A 163 -2.56 6.23 -18.86
CA SER A 163 -1.26 6.98 -18.86
C SER A 163 -0.81 7.15 -20.31
N GLN A 164 -1.23 8.20 -20.95
CA GLN A 164 -0.83 8.43 -22.36
C GLN A 164 0.50 9.18 -22.37
N ASN A 165 1.57 8.48 -22.13
CA ASN A 165 2.91 9.14 -22.11
C ASN A 165 3.99 8.09 -22.39
N PRO A 166 4.14 7.67 -23.63
CA PRO A 166 5.16 6.64 -23.98
C PRO A 166 6.57 7.23 -24.14
N VAL A 167 7.34 7.23 -23.08
CA VAL A 167 8.73 7.78 -23.16
C VAL A 167 9.62 7.01 -22.17
N GLN A 168 10.70 6.45 -22.65
CA GLN A 168 11.59 5.68 -21.73
C GLN A 168 12.26 6.66 -20.75
N PRO A 169 12.59 6.25 -19.54
CA PRO A 169 13.21 7.18 -18.57
C PRO A 169 14.45 7.87 -19.15
ZN ZN B . -7.84 -5.44 2.17
ZN ZN C . -2.15 -0.36 13.53
CA CA D . -0.97 -11.30 12.57
N1 CGS E . -6.74 -8.63 6.16
CC CGS E . -7.77 -9.65 5.76
CA CGS E . -6.96 -7.14 6.12
S4 CGS E . -5.04 -9.15 6.07
C5 CGS E . -8.42 -10.52 6.83
CD CGS E . -7.65 -11.49 7.56
CE CGS E . -8.25 -12.32 8.59
CZ CGS E . -9.64 -12.14 8.85
N11 CGS E . -10.41 -11.21 8.16
CY CGS E . -9.81 -10.42 7.17
C17 CGS E . -4.46 -9.02 4.39
CE2 CGS E . -4.72 -10.08 3.42
CD2 CGS E . -4.27 -9.95 2.05
C20 CGS E . -3.57 -8.75 1.60
CD1 CGS E . -3.32 -7.68 2.59
CE1 CGS E . -3.77 -7.83 3.96
O27 CGS E . -3.13 -8.60 0.26
COM CGS E . -1.82 -9.07 -0.06
O32 CGS E . -5.08 -10.52 6.47
O33 CGS E . -4.36 -8.19 6.89
C34 CGS E . -6.97 -6.66 4.65
N35 CGS E . -5.95 -5.88 4.31
CB CGS E . -8.07 -6.47 6.99
CG2 CGS E . -7.62 -5.17 7.63
CG1 CGS E . -8.60 -7.37 8.10
O47 CGS E . -7.85 -6.93 3.85
O48 CGS E . -5.88 -5.39 3.03
HC1 CGS E . -8.54 -9.14 5.20
HC2 CGS E . -7.28 -10.32 5.03
HA CGS E . -6.05 -6.72 6.54
HD CGS E . -6.60 -11.61 7.36
HE CGS E . -7.67 -13.05 9.15
HZ CGS E . -10.15 -12.73 9.61
HY CGS E . -10.44 -9.72 6.66
HE2 CGS E . -5.23 -10.97 3.75
HD2 CGS E . -4.48 -10.76 1.35
HD1 CGS E . -2.81 -6.77 2.31
HE1 CGS E . -3.58 -7.05 4.68
HOM1 CGS E . -1.45 -9.77 0.69
HOM2 CGS E . -1.81 -9.58 -1.02
HOM3 CGS E . -1.12 -8.24 -0.12
H49 CGS E . -5.26 -5.68 5.02
HB CGS E . -8.91 -6.24 6.35
HG21 CGS E . -7.66 -4.35 6.91
HG22 CGS E . -6.60 -5.24 8.00
HG23 CGS E . -8.27 -4.90 8.46
HG11 CGS E . -9.65 -7.61 7.94
HG12 CGS E . -8.51 -6.87 9.07
HG13 CGS E . -8.04 -8.31 8.15
H50 CGS E . -5.50 -6.03 2.39
N VAL A 1 -14.34 18.52 2.07
CA VAL A 1 -13.35 17.77 2.91
C VAL A 1 -13.60 16.26 2.76
N LEU A 2 -14.49 15.72 3.55
CA LEU A 2 -14.78 14.26 3.47
C LEU A 2 -15.67 13.98 2.26
N THR A 3 -15.39 12.92 1.53
CA THR A 3 -16.22 12.58 0.34
C THR A 3 -17.31 11.59 0.75
N GLU A 4 -18.54 11.86 0.40
CA GLU A 4 -19.63 10.93 0.78
C GLU A 4 -19.69 9.76 -0.22
N GLY A 5 -19.23 8.60 0.18
CA GLY A 5 -19.27 7.43 -0.73
C GLY A 5 -18.24 7.56 -1.85
N ASN A 6 -17.25 8.39 -1.70
CA ASN A 6 -16.23 8.53 -2.80
C ASN A 6 -14.87 8.96 -2.22
N PRO A 7 -14.21 8.09 -1.50
CA PRO A 7 -12.87 8.42 -0.91
C PRO A 7 -11.76 8.34 -1.97
N ARG A 8 -11.32 9.46 -2.50
CA ARG A 8 -10.23 9.43 -3.53
C ARG A 8 -9.34 10.66 -3.39
N TRP A 9 -8.11 10.57 -3.80
CA TRP A 9 -7.19 11.75 -3.70
C TRP A 9 -7.39 12.63 -4.94
N GLU A 10 -7.75 13.88 -4.75
CA GLU A 10 -7.98 14.77 -5.91
C GLU A 10 -6.65 15.36 -6.39
N GLN A 11 -5.60 15.23 -5.61
CA GLN A 11 -4.28 15.79 -6.02
C GLN A 11 -3.58 14.82 -6.96
N THR A 12 -2.73 15.31 -7.83
CA THR A 12 -2.00 14.41 -8.77
C THR A 12 -0.61 14.11 -8.18
N HIS A 13 -0.28 14.72 -7.08
CA HIS A 13 1.05 14.50 -6.43
C HIS A 13 0.82 14.08 -4.98
N LEU A 14 1.52 13.07 -4.52
CA LEU A 14 1.34 12.61 -3.10
C LEU A 14 2.71 12.40 -2.45
N THR A 15 2.75 12.44 -1.15
CA THR A 15 4.05 12.25 -0.42
C THR A 15 3.88 11.15 0.64
N TYR A 16 4.94 10.49 0.99
CA TYR A 16 4.85 9.42 2.02
C TYR A 16 6.10 9.47 2.90
N ARG A 17 6.04 8.90 4.08
CA ARG A 17 7.22 8.94 4.98
C ARG A 17 7.25 7.69 5.86
N ILE A 18 8.38 7.02 5.92
CA ILE A 18 8.50 5.82 6.78
C ILE A 18 8.90 6.28 8.18
N GLU A 19 8.06 6.09 9.15
CA GLU A 19 8.39 6.54 10.52
C GLU A 19 9.58 5.75 11.08
N ASN A 20 9.63 4.47 10.83
CA ASN A 20 10.77 3.66 11.35
C ASN A 20 10.90 2.36 10.58
N TYR A 21 12.10 1.83 10.50
CA TYR A 21 12.32 0.55 9.76
C TYR A 21 12.36 -0.62 10.76
N THR A 22 11.70 -1.70 10.45
CA THR A 22 11.71 -2.86 11.38
C THR A 22 13.10 -3.52 11.35
N PRO A 23 13.60 -4.02 12.46
CA PRO A 23 14.96 -4.66 12.47
C PRO A 23 14.99 -5.95 11.63
N ASP A 24 13.85 -6.44 11.23
CA ASP A 24 13.80 -7.69 10.42
C ASP A 24 14.60 -7.49 9.13
N LEU A 25 14.48 -6.35 8.50
CA LEU A 25 15.20 -6.10 7.21
C LEU A 25 15.80 -4.68 7.24
N PRO A 26 16.92 -4.43 6.57
CA PRO A 26 17.52 -3.06 6.57
C PRO A 26 16.58 -2.02 5.94
N ARG A 27 17.02 -0.80 5.83
CA ARG A 27 16.16 0.26 5.23
C ARG A 27 16.37 0.31 3.71
N ALA A 28 17.57 0.11 3.26
CA ALA A 28 17.83 0.15 1.80
C ALA A 28 16.95 -0.88 1.09
N ASP A 29 16.84 -2.07 1.62
CA ASP A 29 16.00 -3.11 0.97
C ASP A 29 14.52 -2.73 1.12
N VAL A 30 14.15 -2.20 2.26
CA VAL A 30 12.72 -1.83 2.46
C VAL A 30 12.38 -0.63 1.58
N ASP A 31 13.28 0.32 1.47
CA ASP A 31 12.97 1.50 0.62
C ASP A 31 12.72 1.04 -0.82
N HIS A 32 13.50 0.11 -1.30
CA HIS A 32 13.29 -0.38 -2.69
C HIS A 32 11.88 -0.99 -2.80
N ALA A 33 11.50 -1.80 -1.85
CA ALA A 33 10.15 -2.43 -1.89
C ALA A 33 9.07 -1.33 -1.88
N ILE A 34 9.21 -0.36 -1.02
CA ILE A 34 8.18 0.73 -0.96
C ILE A 34 8.29 1.61 -2.21
N GLU A 35 9.48 1.89 -2.66
CA GLU A 35 9.64 2.73 -3.88
C GLU A 35 9.17 1.93 -5.09
N LYS A 36 9.49 0.67 -5.12
CA LYS A 36 9.07 -0.18 -6.26
C LYS A 36 7.54 -0.22 -6.35
N ALA A 37 6.88 -0.29 -5.24
CA ALA A 37 5.39 -0.34 -5.26
C ALA A 37 4.83 0.94 -5.87
N PHE A 38 5.31 2.08 -5.45
CA PHE A 38 4.79 3.35 -6.04
C PHE A 38 5.06 3.34 -7.55
N GLN A 39 6.21 2.86 -7.95
CA GLN A 39 6.52 2.82 -9.41
C GLN A 39 5.50 1.97 -10.15
N LEU A 40 5.08 0.86 -9.59
CA LEU A 40 4.08 0.02 -10.29
C LEU A 40 2.80 0.82 -10.52
N TRP A 41 2.32 1.49 -9.52
CA TRP A 41 1.06 2.29 -9.69
C TRP A 41 1.35 3.51 -10.56
N SER A 42 2.46 4.15 -10.33
CA SER A 42 2.81 5.37 -11.12
C SER A 42 3.11 4.99 -12.58
N ASN A 43 3.76 3.87 -12.79
CA ASN A 43 4.10 3.46 -14.19
C ASN A 43 2.84 3.33 -15.04
N VAL A 44 1.70 3.10 -14.42
CA VAL A 44 0.44 2.96 -15.21
C VAL A 44 -0.49 4.15 -14.97
N THR A 45 -0.03 5.17 -14.28
CA THR A 45 -0.89 6.37 -14.04
C THR A 45 0.00 7.64 -14.04
N PRO A 46 -0.52 8.79 -14.43
CA PRO A 46 0.31 10.04 -14.41
C PRO A 46 0.56 10.53 -12.97
N LEU A 47 0.17 9.76 -11.99
CA LEU A 47 0.38 10.20 -10.57
C LEU A 47 1.87 10.13 -10.23
N THR A 48 2.30 10.92 -9.27
CA THR A 48 3.75 10.92 -8.87
C THR A 48 3.85 10.87 -7.35
N PHE A 49 4.91 10.29 -6.84
CA PHE A 49 5.08 10.18 -5.35
C PHE A 49 6.47 10.69 -4.95
N THR A 50 6.63 11.12 -3.73
CA THR A 50 7.95 11.62 -3.27
C THR A 50 8.07 11.48 -1.75
N LYS A 51 9.16 10.95 -1.28
CA LYS A 51 9.34 10.78 0.20
C LYS A 51 9.72 12.13 0.82
N VAL A 52 9.27 12.40 2.02
CA VAL A 52 9.63 13.69 2.70
C VAL A 52 10.40 13.39 3.98
N SER A 53 11.47 14.10 4.23
CA SER A 53 12.29 13.85 5.46
C SER A 53 11.82 14.78 6.58
N GLU A 54 10.85 15.60 6.34
CA GLU A 54 10.38 16.54 7.41
C GLU A 54 8.91 16.90 7.16
N GLY A 55 8.23 17.32 8.18
CA GLY A 55 6.79 17.70 8.02
C GLY A 55 5.94 16.43 7.96
N GLN A 56 4.65 16.57 8.06
CA GLN A 56 3.78 15.37 8.00
C GLN A 56 3.57 14.96 6.54
N ALA A 57 3.39 13.70 6.28
CA ALA A 57 3.19 13.22 4.88
C ALA A 57 1.73 12.78 4.70
N ASP A 58 1.21 12.87 3.51
CA ASP A 58 -0.21 12.47 3.28
C ASP A 58 -0.37 11.00 3.65
N ILE A 59 0.59 10.17 3.32
CA ILE A 59 0.50 8.72 3.65
C ILE A 59 1.63 8.35 4.61
N MET A 60 1.30 7.94 5.82
CA MET A 60 2.34 7.56 6.81
C MET A 60 2.45 6.04 6.88
N ILE A 61 3.66 5.53 6.94
CA ILE A 61 3.88 4.05 7.02
C ILE A 61 4.62 3.73 8.32
N SER A 62 4.10 2.83 9.11
CA SER A 62 4.78 2.50 10.40
C SER A 62 4.50 1.04 10.77
N PHE A 63 5.32 0.50 11.64
CA PHE A 63 5.15 -0.92 12.09
C PHE A 63 4.70 -0.92 13.56
N VAL A 64 3.79 -1.79 13.92
CA VAL A 64 3.30 -1.81 15.34
C VAL A 64 3.21 -3.25 15.86
N ARG A 65 3.06 -3.41 17.16
CA ARG A 65 2.96 -4.77 17.78
C ARG A 65 1.80 -4.83 18.77
N GLY A 66 1.16 -5.96 18.89
CA GLY A 66 0.04 -6.11 19.86
C GLY A 66 -0.89 -4.90 19.78
N ASP A 67 -1.52 -4.56 20.89
CA ASP A 67 -2.45 -3.39 20.88
C ASP A 67 -1.67 -2.13 20.51
N HIS A 68 -2.24 -1.30 19.66
CA HIS A 68 -1.55 -0.05 19.24
C HIS A 68 -2.56 1.11 19.22
N ARG A 69 -3.23 1.32 20.32
CA ARG A 69 -4.23 2.43 20.38
C ARG A 69 -5.27 2.27 19.27
N ASP A 70 -5.89 1.12 19.19
CA ASP A 70 -6.93 0.89 18.13
C ASP A 70 -8.02 -0.04 18.68
N ASN A 71 -9.16 -0.07 18.04
CA ASN A 71 -10.26 -0.96 18.53
C ASN A 71 -10.15 -2.33 17.87
N SER A 72 -9.07 -2.58 17.17
CA SER A 72 -8.89 -3.91 16.49
C SER A 72 -7.46 -4.43 16.74
N PRO A 73 -7.15 -4.83 17.96
CA PRO A 73 -5.79 -5.34 18.26
C PRO A 73 -5.48 -6.65 17.52
N PHE A 74 -4.23 -6.93 17.27
CA PHE A 74 -3.88 -8.18 16.55
C PHE A 74 -3.94 -9.36 17.51
N ASP A 75 -4.42 -10.49 17.06
CA ASP A 75 -4.53 -11.70 17.95
C ASP A 75 -3.40 -12.67 17.60
N GLY A 76 -2.17 -12.26 17.77
CA GLY A 76 -1.03 -13.16 17.46
C GLY A 76 -0.85 -13.22 15.93
N PRO A 77 -0.02 -14.10 15.45
CA PRO A 77 0.22 -14.22 13.98
C PRO A 77 -1.09 -14.46 13.21
N GLY A 78 -2.14 -14.81 13.91
CA GLY A 78 -3.44 -15.06 13.23
C GLY A 78 -4.19 -13.72 13.06
N GLY A 79 -5.36 -13.76 12.50
CA GLY A 79 -6.13 -12.50 12.31
C GLY A 79 -5.62 -11.76 11.07
N ASN A 80 -5.87 -10.49 10.98
CA ASN A 80 -5.40 -9.71 9.80
C ASN A 80 -3.89 -9.50 9.88
N LEU A 81 -3.21 -9.46 8.77
CA LEU A 81 -1.73 -9.27 8.79
C LEU A 81 -1.39 -7.78 8.62
N ALA A 82 -2.33 -6.99 8.19
CA ALA A 82 -2.04 -5.54 8.00
C ALA A 82 -3.36 -4.80 7.72
N HIS A 83 -3.38 -3.51 7.92
CA HIS A 83 -4.64 -2.75 7.67
C HIS A 83 -4.31 -1.26 7.56
N ALA A 84 -5.29 -0.42 7.37
CA ALA A 84 -5.01 1.03 7.25
C ALA A 84 -6.31 1.83 7.44
N PHE A 85 -6.20 3.12 7.61
CA PHE A 85 -7.41 3.97 7.81
C PHE A 85 -7.85 4.59 6.49
N GLN A 86 -9.05 5.11 6.43
CA GLN A 86 -9.55 5.72 5.16
C GLN A 86 -8.64 6.90 4.77
N PRO A 87 -8.49 7.19 3.48
CA PRO A 87 -7.63 8.33 3.05
C PRO A 87 -8.18 9.68 3.53
N GLY A 88 -7.61 10.24 4.55
CA GLY A 88 -8.10 11.55 5.06
C GLY A 88 -7.08 12.14 6.03
N PRO A 89 -7.19 13.41 6.37
CA PRO A 89 -6.24 14.04 7.31
C PRO A 89 -6.19 13.30 8.65
N GLY A 90 -5.50 13.85 9.62
CA GLY A 90 -5.42 13.18 10.95
C GLY A 90 -4.76 11.80 10.80
N ILE A 91 -5.35 10.79 11.39
CA ILE A 91 -4.77 9.42 11.30
C ILE A 91 -5.14 8.79 9.95
N GLY A 92 -6.03 9.40 9.22
CA GLY A 92 -6.42 8.82 7.90
C GLY A 92 -5.19 8.65 7.01
N GLY A 93 -5.17 7.60 6.23
CA GLY A 93 -4.00 7.37 5.32
C GLY A 93 -2.90 6.61 6.06
N ASP A 94 -2.93 6.61 7.36
CA ASP A 94 -1.86 5.89 8.13
C ASP A 94 -1.97 4.37 7.90
N ALA A 95 -0.91 3.76 7.44
CA ALA A 95 -0.92 2.28 7.19
C ALA A 95 -0.12 1.57 8.29
N HIS A 96 -0.70 0.58 8.92
CA HIS A 96 0.03 -0.16 10.00
C HIS A 96 0.34 -1.58 9.53
N PHE A 97 1.54 -2.05 9.76
CA PHE A 97 1.94 -3.43 9.32
C PHE A 97 2.24 -4.29 10.55
N ASP A 98 1.79 -5.52 10.56
CA ASP A 98 2.06 -6.41 11.73
C ASP A 98 3.56 -6.71 11.81
N GLU A 99 4.18 -6.41 12.92
CA GLU A 99 5.64 -6.67 13.08
C GLU A 99 5.86 -7.96 13.90
N ASP A 100 4.81 -8.60 14.30
CA ASP A 100 4.96 -9.85 15.11
C ASP A 100 5.41 -11.00 14.21
N GLU A 101 5.23 -10.87 12.93
CA GLU A 101 5.63 -11.95 11.97
C GLU A 101 6.94 -11.56 11.28
N ARG A 102 7.62 -12.50 10.69
CA ARG A 102 8.90 -12.19 9.99
C ARG A 102 8.61 -11.79 8.54
N TRP A 103 9.00 -10.60 8.16
CA TRP A 103 8.74 -10.15 6.76
C TRP A 103 9.92 -10.50 5.85
N THR A 104 9.66 -10.79 4.60
CA THR A 104 10.76 -11.14 3.64
C THR A 104 10.68 -10.23 2.42
N ASN A 105 11.69 -10.25 1.60
CA ASN A 105 11.72 -9.40 0.36
C ASN A 105 11.66 -10.30 -0.86
N ASN A 106 11.00 -11.43 -0.76
CA ASN A 106 10.93 -12.38 -1.91
C ASN A 106 9.61 -13.15 -1.86
N PHE A 107 9.51 -14.23 -2.61
CA PHE A 107 8.25 -15.03 -2.63
C PHE A 107 8.28 -16.05 -1.49
N ARG A 108 8.95 -15.74 -0.41
CA ARG A 108 9.01 -16.68 0.73
C ARG A 108 7.68 -16.66 1.50
N GLU A 109 7.70 -17.09 2.73
CA GLU A 109 6.45 -17.14 3.56
C GLU A 109 5.59 -15.89 3.34
N TYR A 110 6.11 -14.71 3.62
CA TYR A 110 5.28 -13.47 3.44
C TYR A 110 6.07 -12.43 2.62
N ASN A 111 5.46 -11.87 1.60
CA ASN A 111 6.15 -10.84 0.77
C ASN A 111 5.70 -9.45 1.22
N LEU A 112 6.59 -8.68 1.82
CA LEU A 112 6.21 -7.32 2.28
C LEU A 112 5.80 -6.45 1.09
N HIS A 113 6.50 -6.56 -0.01
CA HIS A 113 6.16 -5.73 -1.20
C HIS A 113 4.73 -6.02 -1.64
N ARG A 114 4.33 -7.26 -1.66
CA ARG A 114 2.95 -7.59 -2.09
C ARG A 114 1.95 -6.90 -1.16
N VAL A 115 2.23 -6.88 0.12
CA VAL A 115 1.30 -6.22 1.08
C VAL A 115 1.42 -4.70 0.95
N ALA A 116 2.61 -4.20 0.76
CA ALA A 116 2.77 -2.72 0.63
C ALA A 116 1.96 -2.25 -0.57
N ALA A 117 2.02 -2.96 -1.66
CA ALA A 117 1.24 -2.56 -2.85
C ALA A 117 -0.25 -2.61 -2.51
N HIS A 118 -0.66 -3.61 -1.77
CA HIS A 118 -2.10 -3.73 -1.40
C HIS A 118 -2.52 -2.59 -0.47
N GLU A 119 -1.72 -2.28 0.51
CA GLU A 119 -2.10 -1.19 1.44
C GLU A 119 -2.25 0.11 0.64
N LEU A 120 -1.38 0.33 -0.29
CA LEU A 120 -1.50 1.56 -1.12
C LEU A 120 -2.83 1.52 -1.88
N GLY A 121 -3.23 0.35 -2.31
CA GLY A 121 -4.52 0.25 -3.05
C GLY A 121 -5.63 0.83 -2.18
N HIS A 122 -5.60 0.57 -0.90
CA HIS A 122 -6.65 1.13 0.00
C HIS A 122 -6.54 2.66 -0.02
N SER A 123 -5.33 3.17 -0.03
CA SER A 123 -5.15 4.65 -0.04
C SER A 123 -5.53 5.18 -1.43
N LEU A 124 -5.48 4.34 -2.44
CA LEU A 124 -5.85 4.81 -3.81
C LEU A 124 -7.36 4.70 -3.98
N GLY A 125 -8.04 4.19 -2.99
CA GLY A 125 -9.52 4.06 -3.07
C GLY A 125 -9.91 2.76 -3.78
N LEU A 126 -8.99 1.83 -3.90
CA LEU A 126 -9.33 0.54 -4.58
C LEU A 126 -9.97 -0.42 -3.58
N SER A 127 -11.12 -0.96 -3.91
CA SER A 127 -11.81 -1.91 -3.00
C SER A 127 -11.34 -3.34 -3.27
N HIS A 128 -11.70 -4.26 -2.43
CA HIS A 128 -11.28 -5.68 -2.65
C HIS A 128 -11.98 -6.22 -3.90
N SER A 129 -11.38 -7.18 -4.56
CA SER A 129 -11.99 -7.77 -5.79
C SER A 129 -12.10 -9.30 -5.63
N THR A 130 -12.90 -9.93 -6.45
CA THR A 130 -13.08 -11.41 -6.35
C THR A 130 -12.25 -12.12 -7.43
N ASP A 131 -11.45 -11.39 -8.15
CA ASP A 131 -10.62 -12.03 -9.22
C ASP A 131 -9.35 -12.61 -8.61
N ILE A 132 -9.13 -13.86 -8.87
CA ILE A 132 -7.95 -14.54 -8.35
C ILE A 132 -6.67 -13.84 -8.82
N GLY A 133 -6.70 -13.23 -9.97
CA GLY A 133 -5.47 -12.55 -10.48
C GLY A 133 -5.36 -11.14 -9.86
N ALA A 134 -6.32 -10.74 -9.07
CA ALA A 134 -6.23 -9.39 -8.44
C ALA A 134 -5.37 -9.47 -7.19
N LEU A 135 -4.54 -8.50 -6.97
CA LEU A 135 -3.66 -8.51 -5.77
C LEU A 135 -4.51 -8.32 -4.52
N MET A 136 -5.60 -7.62 -4.64
CA MET A 136 -6.46 -7.38 -3.44
C MET A 136 -7.25 -8.64 -3.10
N TYR A 137 -6.57 -9.72 -2.84
CA TYR A 137 -7.27 -10.98 -2.48
C TYR A 137 -7.85 -10.80 -1.07
N PRO A 138 -9.09 -11.18 -0.81
CA PRO A 138 -9.65 -11.01 0.57
C PRO A 138 -8.64 -11.50 1.62
N SER A 139 -8.31 -12.75 1.60
CA SER A 139 -7.31 -13.31 2.57
C SER A 139 -5.92 -13.29 1.91
N TYR A 140 -4.90 -13.69 2.62
CA TYR A 140 -3.54 -13.69 2.01
C TYR A 140 -3.34 -15.00 1.25
N THR A 141 -2.73 -14.94 0.09
CA THR A 141 -2.51 -16.18 -0.71
C THR A 141 -1.20 -16.08 -1.48
N PHE A 142 -0.74 -17.18 -2.03
CA PHE A 142 0.54 -17.18 -2.79
C PHE A 142 0.25 -16.89 -4.27
N SER A 143 0.88 -15.89 -4.84
CA SER A 143 0.65 -15.54 -6.28
C SER A 143 1.86 -15.95 -7.11
N GLY A 144 3.01 -16.08 -6.51
CA GLY A 144 4.22 -16.49 -7.27
C GLY A 144 4.73 -15.32 -8.12
N ASP A 145 3.91 -14.31 -8.34
CA ASP A 145 4.37 -13.15 -9.17
C ASP A 145 3.60 -11.90 -8.76
N VAL A 146 4.30 -10.86 -8.36
CA VAL A 146 3.61 -9.60 -7.96
C VAL A 146 3.40 -8.72 -9.20
N GLN A 147 2.18 -8.64 -9.68
CA GLN A 147 1.92 -7.79 -10.89
C GLN A 147 0.53 -7.16 -10.75
N LEU A 148 0.30 -6.05 -11.39
CA LEU A 148 -1.05 -5.42 -11.28
C LEU A 148 -2.03 -6.18 -12.17
N ALA A 149 -3.27 -6.24 -11.79
CA ALA A 149 -4.27 -6.97 -12.63
C ALA A 149 -4.93 -5.97 -13.58
N GLN A 150 -5.31 -6.40 -14.75
CA GLN A 150 -5.93 -5.46 -15.71
C GLN A 150 -7.14 -4.81 -15.05
N ASP A 151 -7.87 -5.55 -14.26
CA ASP A 151 -9.04 -4.94 -13.57
C ASP A 151 -8.57 -3.71 -12.80
N ASP A 152 -7.42 -3.78 -12.19
CA ASP A 152 -6.90 -2.61 -11.44
C ASP A 152 -6.45 -1.53 -12.42
N ILE A 153 -5.82 -1.93 -13.50
CA ILE A 153 -5.33 -0.95 -14.50
C ILE A 153 -6.52 -0.18 -15.10
N ASP A 154 -7.52 -0.89 -15.55
CA ASP A 154 -8.71 -0.21 -16.15
C ASP A 154 -9.40 0.68 -15.12
N GLY A 155 -9.49 0.23 -13.90
CA GLY A 155 -10.19 1.04 -12.86
C GLY A 155 -9.34 2.24 -12.44
N ILE A 156 -8.11 2.02 -12.04
CA ILE A 156 -7.27 3.17 -11.60
C ILE A 156 -7.07 4.15 -12.77
N GLN A 157 -6.87 3.65 -13.96
CA GLN A 157 -6.68 4.56 -15.12
C GLN A 157 -7.99 5.33 -15.38
N ALA A 158 -9.10 4.66 -15.28
CA ALA A 158 -10.40 5.34 -15.52
C ALA A 158 -10.57 6.51 -14.53
N ILE A 159 -10.24 6.29 -13.28
CA ILE A 159 -10.39 7.37 -12.28
C ILE A 159 -9.53 8.58 -12.66
N TYR A 160 -8.27 8.39 -12.95
CA TYR A 160 -7.39 9.54 -13.33
C TYR A 160 -7.25 9.60 -14.84
N GLY A 161 -6.72 8.57 -15.44
CA GLY A 161 -6.54 8.56 -16.91
C GLY A 161 -5.48 7.52 -17.29
N ARG A 162 -5.17 7.39 -18.56
CA ARG A 162 -4.14 6.39 -18.98
C ARG A 162 -2.78 7.07 -19.10
N SER A 163 -1.74 6.41 -18.69
CA SER A 163 -0.40 7.02 -18.80
C SER A 163 0.04 6.98 -20.26
N GLN A 164 -0.26 7.99 -21.00
CA GLN A 164 0.13 8.01 -22.44
C GLN A 164 1.65 8.00 -22.53
N ASN A 165 2.25 6.87 -22.31
CA ASN A 165 3.73 6.76 -22.37
C ASN A 165 4.12 5.32 -22.76
N PRO A 166 5.30 5.09 -23.32
CA PRO A 166 5.70 3.70 -23.70
C PRO A 166 6.13 2.88 -22.46
N VAL A 167 5.22 2.12 -21.90
CA VAL A 167 5.56 1.30 -20.70
C VAL A 167 6.16 -0.04 -21.15
N GLN A 168 7.20 -0.47 -20.49
CA GLN A 168 7.84 -1.77 -20.87
C GLN A 168 6.90 -2.92 -20.47
N PRO A 169 6.87 -4.02 -21.21
CA PRO A 169 5.98 -5.16 -20.85
C PRO A 169 6.31 -5.73 -19.45
ZN ZN B . -7.34 -4.99 2.05
ZN ZN C . -2.85 -0.49 13.34
CA CA D . -1.07 -11.22 12.50
N1 CGS E . -6.88 -8.67 5.75
CC CGS E . -7.81 -9.59 5.00
CA CGS E . -7.07 -7.19 5.87
S4 CGS E . -5.21 -9.25 5.92
C5 CGS E . -8.62 -10.63 5.75
CD CGS E . -8.02 -11.87 6.19
CE CGS E . -8.79 -12.88 6.90
CZ CGS E . -10.17 -12.59 7.16
N11 CGS E . -10.77 -11.41 6.76
CY CGS E . -10.01 -10.46 6.07
C17 CGS E . -4.36 -9.13 4.36
CE2 CGS E . -4.25 -10.27 3.47
CD2 CGS E . -3.52 -10.16 2.23
C20 CGS E . -2.89 -8.89 1.83
CD1 CGS E . -3.02 -7.75 2.75
CE1 CGS E . -3.74 -7.87 3.99
O27 CGS E . -2.18 -8.77 0.61
COM CGS E . -2.94 -8.52 -0.56
O32 CGS E . -5.37 -10.62 6.28
O33 CGS E . -4.62 -8.35 6.86
C34 CGS E . -6.84 -6.50 4.50
N35 CGS E . -5.76 -5.73 4.43
CB CGS E . -8.27 -6.59 6.65
CG2 CGS E . -7.91 -5.36 7.48
CG1 CGS E . -8.92 -7.59 7.59
O47 CGS E . -7.60 -6.62 3.54
O48 CGS E . -5.47 -5.07 3.25
HC1 CGS E . -8.49 -8.95 4.44
HC2 CGS E . -7.22 -10.10 4.24
HA CGS E . -6.21 -6.86 6.46
HD CGS E . -6.98 -12.08 5.99
HE CGS E . -8.34 -13.80 7.23
HZ CGS E . -10.80 -13.28 7.69
HY CGS E . -10.51 -9.56 5.78
HE2 CGS E . -4.71 -11.21 3.75
HD2 CGS E . -3.45 -11.03 1.57
HD1 CGS E . -2.57 -6.80 2.51
HE1 CGS E . -3.83 -7.03 4.66
HOM1 CGS E . -2.33 -8.08 -1.35
HOM2 CGS E . -3.36 -9.45 -0.96
HOM3 CGS E . -3.77 -7.85 -0.36
H49 CGS E . -5.18 -5.67 5.24
HB CGS E . -9.03 -6.28 5.95
HG21 CGS E . -6.88 -5.05 7.28
HG22 CGS E . -8.00 -5.58 8.54
HG23 CGS E . -8.56 -4.54 7.24
HG11 CGS E . -8.98 -7.19 8.61
HG12 CGS E . -8.36 -8.52 7.63
HG13 CGS E . -9.94 -7.82 7.28
H50 CGS E . -5.19 -4.15 3.40
N VAL A 1 -18.90 14.01 2.62
CA VAL A 1 -19.67 13.22 1.60
C VAL A 1 -19.77 14.02 0.29
N LEU A 2 -18.79 14.86 -0.01
CA LEU A 2 -18.83 15.63 -1.28
C LEU A 2 -18.85 14.66 -2.46
N THR A 3 -17.96 13.70 -2.47
CA THR A 3 -17.90 12.71 -3.58
C THR A 3 -18.68 11.44 -3.21
N GLU A 4 -19.11 10.69 -4.19
CA GLU A 4 -19.89 9.45 -3.90
C GLU A 4 -18.93 8.38 -3.36
N GLY A 5 -19.35 7.66 -2.36
CA GLY A 5 -18.48 6.58 -1.79
C GLY A 5 -17.40 7.21 -0.91
N ASN A 6 -16.23 6.62 -0.87
CA ASN A 6 -15.13 7.18 -0.03
C ASN A 6 -14.48 8.36 -0.77
N PRO A 7 -14.00 9.38 -0.06
CA PRO A 7 -13.37 10.54 -0.75
C PRO A 7 -12.23 10.12 -1.69
N ARG A 8 -11.55 11.06 -2.27
CA ARG A 8 -10.44 10.71 -3.22
C ARG A 8 -9.34 11.76 -3.13
N TRP A 9 -8.18 11.46 -3.62
CA TRP A 9 -7.06 12.45 -3.58
C TRP A 9 -7.22 13.42 -4.74
N GLU A 10 -7.39 14.67 -4.46
CA GLU A 10 -7.55 15.66 -5.55
C GLU A 10 -6.18 16.04 -6.10
N GLN A 11 -5.12 15.64 -5.44
CA GLN A 11 -3.74 15.98 -5.93
C GLN A 11 -3.26 14.93 -6.94
N THR A 12 -2.52 15.35 -7.93
CA THR A 12 -2.00 14.38 -8.94
C THR A 12 -0.63 13.91 -8.48
N HIS A 13 -0.14 14.46 -7.40
CA HIS A 13 1.20 14.07 -6.87
C HIS A 13 1.07 13.76 -5.38
N LEU A 14 1.74 12.74 -4.92
CA LEU A 14 1.66 12.37 -3.47
C LEU A 14 3.07 12.14 -2.92
N THR A 15 3.20 12.20 -1.61
CA THR A 15 4.53 11.99 -0.97
C THR A 15 4.39 10.90 0.10
N TYR A 16 5.48 10.26 0.45
CA TYR A 16 5.41 9.18 1.48
C TYR A 16 6.66 9.21 2.33
N ARG A 17 6.61 8.68 3.52
CA ARG A 17 7.83 8.68 4.40
C ARG A 17 7.78 7.47 5.33
N ILE A 18 8.87 6.78 5.44
CA ILE A 18 8.91 5.59 6.34
C ILE A 18 9.35 6.04 7.74
N GLU A 19 8.50 5.83 8.72
CA GLU A 19 8.84 6.26 10.11
C GLU A 19 9.97 5.43 10.69
N ASN A 20 9.98 4.14 10.45
CA ASN A 20 11.08 3.30 11.02
C ASN A 20 11.19 1.96 10.29
N TYR A 21 12.37 1.40 10.26
CA TYR A 21 12.58 0.10 9.58
C TYR A 21 12.49 -1.05 10.60
N THR A 22 11.77 -2.08 10.28
CA THR A 22 11.65 -3.23 11.25
C THR A 22 12.99 -3.96 11.33
N PRO A 23 13.39 -4.44 12.49
CA PRO A 23 14.68 -5.18 12.60
C PRO A 23 14.59 -6.54 11.88
N ASP A 24 13.42 -6.93 11.46
CA ASP A 24 13.27 -8.25 10.75
C ASP A 24 14.13 -8.25 9.50
N LEU A 25 14.20 -7.16 8.78
CA LEU A 25 15.03 -7.10 7.54
C LEU A 25 15.74 -5.73 7.48
N PRO A 26 16.89 -5.63 6.85
CA PRO A 26 17.59 -4.32 6.78
C PRO A 26 16.69 -3.24 6.15
N ARG A 27 17.21 -2.06 5.96
CA ARG A 27 16.38 -0.98 5.37
C ARG A 27 16.46 -1.05 3.84
N ALA A 28 17.59 -1.43 3.31
CA ALA A 28 17.73 -1.54 1.83
C ALA A 28 16.70 -2.52 1.27
N ASP A 29 16.55 -3.66 1.89
CA ASP A 29 15.58 -4.67 1.38
C ASP A 29 14.15 -4.17 1.60
N VAL A 30 13.88 -3.54 2.71
CA VAL A 30 12.51 -3.01 2.96
C VAL A 30 12.24 -1.82 2.04
N ASP A 31 13.18 -0.91 1.96
CA ASP A 31 12.99 0.27 1.08
C ASP A 31 12.81 -0.20 -0.37
N HIS A 32 13.58 -1.18 -0.76
CA HIS A 32 13.48 -1.70 -2.15
C HIS A 32 12.06 -2.20 -2.43
N ALA A 33 11.51 -2.97 -1.53
CA ALA A 33 10.13 -3.49 -1.75
C ALA A 33 9.16 -2.32 -1.89
N ILE A 34 9.34 -1.30 -1.12
CA ILE A 34 8.42 -0.13 -1.20
C ILE A 34 8.65 0.62 -2.52
N GLU A 35 9.87 0.74 -2.96
CA GLU A 35 10.13 1.49 -4.23
C GLU A 35 9.46 0.77 -5.42
N LYS A 36 9.54 -0.53 -5.47
CA LYS A 36 8.91 -1.27 -6.61
C LYS A 36 7.39 -1.11 -6.56
N ALA A 37 6.81 -1.12 -5.39
CA ALA A 37 5.34 -0.98 -5.30
C ALA A 37 4.91 0.36 -5.90
N PHE A 38 5.55 1.43 -5.49
CA PHE A 38 5.16 2.76 -6.05
C PHE A 38 5.39 2.76 -7.57
N GLN A 39 6.49 2.22 -8.02
CA GLN A 39 6.76 2.19 -9.49
C GLN A 39 5.66 1.41 -10.21
N LEU A 40 5.21 0.31 -9.66
CA LEU A 40 4.14 -0.48 -10.36
C LEU A 40 2.88 0.39 -10.53
N TRP A 41 2.49 1.11 -9.52
CA TRP A 41 1.25 1.95 -9.62
C TRP A 41 1.51 3.18 -10.51
N SER A 42 2.63 3.82 -10.35
CA SER A 42 2.92 5.03 -11.18
C SER A 42 3.14 4.64 -12.65
N ASN A 43 3.71 3.50 -12.89
CA ASN A 43 3.98 3.06 -14.30
C ASN A 43 2.70 2.99 -15.13
N VAL A 44 1.57 2.74 -14.52
CA VAL A 44 0.28 2.63 -15.30
C VAL A 44 -0.63 3.83 -15.02
N THR A 45 -0.14 4.84 -14.35
CA THR A 45 -0.99 6.05 -14.07
C THR A 45 -0.11 7.32 -14.13
N PRO A 46 -0.66 8.47 -14.51
CA PRO A 46 0.16 9.72 -14.57
C PRO A 46 0.50 10.26 -13.17
N LEU A 47 0.15 9.53 -12.13
CA LEU A 47 0.46 10.01 -10.74
C LEU A 47 1.96 9.93 -10.51
N THR A 48 2.47 10.73 -9.59
CA THR A 48 3.94 10.70 -9.30
C THR A 48 4.14 10.63 -7.78
N PHE A 49 5.12 9.89 -7.33
CA PHE A 49 5.35 9.76 -5.85
C PHE A 49 6.75 10.27 -5.51
N THR A 50 6.95 10.73 -4.31
CA THR A 50 8.30 11.24 -3.92
C THR A 50 8.49 11.10 -2.41
N LYS A 51 9.62 10.57 -2.00
CA LYS A 51 9.88 10.40 -0.54
C LYS A 51 10.28 11.74 0.08
N VAL A 52 9.78 12.03 1.26
CA VAL A 52 10.13 13.32 1.95
C VAL A 52 10.78 13.02 3.30
N SER A 53 11.83 13.72 3.63
CA SER A 53 12.53 13.49 4.92
C SER A 53 12.05 14.50 5.97
N GLU A 54 11.18 15.39 5.59
CA GLU A 54 10.67 16.40 6.57
C GLU A 54 9.26 16.79 6.19
N GLY A 55 8.46 17.19 7.15
CA GLY A 55 7.07 17.60 6.84
C GLY A 55 6.15 16.37 6.85
N GLN A 56 4.88 16.60 6.82
CA GLN A 56 3.92 15.46 6.83
C GLN A 56 3.80 14.88 5.42
N ALA A 57 3.89 13.59 5.29
CA ALA A 57 3.78 12.95 3.95
C ALA A 57 2.32 12.52 3.72
N ASP A 58 1.89 12.52 2.51
CA ASP A 58 0.48 12.12 2.22
C ASP A 58 0.26 10.68 2.69
N ILE A 59 1.23 9.82 2.50
CA ILE A 59 1.09 8.40 2.95
C ILE A 59 2.17 8.10 3.98
N MET A 60 1.79 7.74 5.17
CA MET A 60 2.78 7.42 6.25
C MET A 60 2.93 5.91 6.38
N ILE A 61 4.14 5.43 6.35
CA ILE A 61 4.38 3.95 6.49
C ILE A 61 5.03 3.68 7.84
N SER A 62 4.48 2.81 8.63
CA SER A 62 5.08 2.53 9.95
C SER A 62 4.80 1.09 10.38
N PHE A 63 5.60 0.59 11.30
CA PHE A 63 5.43 -0.80 11.81
C PHE A 63 4.99 -0.74 13.29
N VAL A 64 4.05 -1.56 13.68
CA VAL A 64 3.56 -1.54 15.11
C VAL A 64 3.49 -2.96 15.71
N ARG A 65 3.42 -3.03 17.03
CA ARG A 65 3.35 -4.36 17.73
C ARG A 65 2.19 -4.34 18.74
N GLY A 66 1.52 -5.46 18.94
CA GLY A 66 0.41 -5.52 19.92
C GLY A 66 -0.47 -4.28 19.84
N ASP A 67 -1.01 -3.87 20.95
CA ASP A 67 -1.89 -2.66 20.97
C ASP A 67 -1.03 -1.41 20.78
N HIS A 68 -1.39 -0.57 19.84
CA HIS A 68 -0.60 0.68 19.58
C HIS A 68 -1.53 1.89 19.60
N ARG A 69 -2.27 2.07 20.66
CA ARG A 69 -3.20 3.25 20.77
C ARG A 69 -4.17 3.24 19.58
N ASP A 70 -4.80 2.12 19.32
CA ASP A 70 -5.79 2.04 18.19
C ASP A 70 -7.00 1.21 18.62
N ASN A 71 -8.09 1.30 17.90
CA ASN A 71 -9.32 0.54 18.28
C ASN A 71 -9.30 -0.84 17.60
N SER A 72 -8.17 -1.26 17.08
CA SER A 72 -8.10 -2.59 16.41
C SER A 72 -6.75 -3.28 16.75
N PRO A 73 -6.56 -3.68 17.99
CA PRO A 73 -5.30 -4.37 18.41
C PRO A 73 -5.16 -5.79 17.82
N PHE A 74 -3.95 -6.21 17.56
CA PHE A 74 -3.74 -7.57 16.97
C PHE A 74 -3.98 -8.63 18.05
N ASP A 75 -4.43 -9.79 17.64
CA ASP A 75 -4.69 -10.89 18.62
C ASP A 75 -3.91 -12.14 18.21
N GLY A 76 -2.62 -12.14 18.42
CA GLY A 76 -1.80 -13.34 18.07
C GLY A 76 -1.39 -13.26 16.59
N PRO A 77 -0.74 -14.28 16.09
CA PRO A 77 -0.30 -14.29 14.67
C PRO A 77 -1.49 -14.35 13.72
N GLY A 78 -2.65 -14.66 14.25
CA GLY A 78 -3.87 -14.71 13.40
C GLY A 78 -4.54 -13.35 13.41
N GLY A 79 -5.70 -13.22 12.83
CA GLY A 79 -6.40 -11.91 12.81
C GLY A 79 -5.91 -11.10 11.61
N ASN A 80 -6.07 -9.81 11.65
CA ASN A 80 -5.62 -8.98 10.50
C ASN A 80 -4.09 -8.89 10.51
N LEU A 81 -3.48 -9.04 9.37
CA LEU A 81 -1.99 -8.97 9.28
C LEU A 81 -1.55 -7.54 9.02
N ALA A 82 -2.47 -6.68 8.71
CA ALA A 82 -2.12 -5.27 8.44
C ALA A 82 -3.41 -4.47 8.29
N HIS A 83 -3.35 -3.18 8.42
CA HIS A 83 -4.62 -2.39 8.28
C HIS A 83 -4.30 -0.92 8.01
N ALA A 84 -4.71 -0.45 6.87
CA ALA A 84 -4.50 0.97 6.51
C ALA A 84 -5.68 1.79 7.02
N PHE A 85 -5.60 3.08 6.93
CA PHE A 85 -6.73 3.94 7.39
C PHE A 85 -7.46 4.46 6.15
N GLN A 86 -8.70 4.83 6.29
CA GLN A 86 -9.45 5.32 5.10
C GLN A 86 -8.71 6.57 4.54
N PRO A 87 -8.74 6.79 3.24
CA PRO A 87 -8.03 7.97 2.66
C PRO A 87 -8.50 9.30 3.26
N GLY A 88 -7.72 9.88 4.13
CA GLY A 88 -8.11 11.18 4.74
C GLY A 88 -6.85 11.91 5.21
N PRO A 89 -6.98 13.15 5.61
CA PRO A 89 -5.81 13.94 6.10
C PRO A 89 -5.28 13.43 7.46
N GLY A 90 -4.10 13.83 7.84
CA GLY A 90 -3.55 13.39 9.17
C GLY A 90 -3.27 11.88 9.17
N ILE A 91 -3.87 11.16 10.07
CA ILE A 91 -3.63 9.69 10.15
C ILE A 91 -4.29 9.00 8.97
N GLY A 92 -5.14 9.67 8.26
CA GLY A 92 -5.80 9.03 7.11
C GLY A 92 -4.75 8.64 6.07
N GLY A 93 -4.85 7.46 5.53
CA GLY A 93 -3.86 7.01 4.51
C GLY A 93 -2.67 6.34 5.20
N ASP A 94 -2.60 6.41 6.50
CA ASP A 94 -1.46 5.78 7.22
C ASP A 94 -1.52 4.26 7.03
N ALA A 95 -0.45 3.66 6.59
CA ALA A 95 -0.43 2.19 6.38
C ALA A 95 0.24 1.50 7.58
N HIS A 96 -0.50 0.71 8.32
CA HIS A 96 0.11 0.00 9.49
C HIS A 96 0.48 -1.42 9.09
N PHE A 97 1.65 -1.88 9.49
CA PHE A 97 2.07 -3.29 9.12
C PHE A 97 2.27 -4.10 10.41
N ASP A 98 1.76 -5.31 10.44
CA ASP A 98 1.92 -6.16 11.64
C ASP A 98 3.39 -6.50 11.81
N GLU A 99 4.00 -6.08 12.89
CA GLU A 99 5.45 -6.37 13.12
C GLU A 99 5.56 -7.59 14.04
N ASP A 100 4.46 -8.15 14.45
CA ASP A 100 4.50 -9.34 15.36
C ASP A 100 4.89 -10.57 14.55
N GLU A 101 4.72 -10.55 13.26
CA GLU A 101 5.09 -11.72 12.40
C GLU A 101 6.45 -11.44 11.73
N ARG A 102 7.14 -12.46 11.30
CA ARG A 102 8.46 -12.23 10.65
C ARG A 102 8.25 -11.98 9.16
N TRP A 103 8.73 -10.87 8.67
CA TRP A 103 8.55 -10.55 7.22
C TRP A 103 9.73 -11.12 6.42
N THR A 104 9.49 -11.57 5.21
CA THR A 104 10.60 -12.14 4.37
C THR A 104 10.56 -11.49 2.98
N ASN A 105 11.59 -11.70 2.19
CA ASN A 105 11.66 -11.11 0.82
C ASN A 105 11.59 -12.22 -0.24
N ASN A 106 10.93 -13.31 0.06
CA ASN A 106 10.84 -14.42 -0.94
C ASN A 106 9.56 -15.22 -0.71
N PHE A 107 9.45 -16.36 -1.33
CA PHE A 107 8.22 -17.21 -1.17
C PHE A 107 8.16 -17.82 0.23
N ARG A 108 8.83 -17.23 1.19
CA ARG A 108 8.80 -17.79 2.57
C ARG A 108 7.46 -17.45 3.22
N GLU A 109 7.40 -17.51 4.53
CA GLU A 109 6.13 -17.23 5.28
C GLU A 109 5.26 -16.18 4.54
N TYR A 110 5.60 -14.91 4.65
CA TYR A 110 4.77 -13.85 3.99
C TYR A 110 5.65 -12.92 3.16
N ASN A 111 5.10 -12.36 2.11
CA ASN A 111 5.88 -11.41 1.25
C ASN A 111 5.54 -9.97 1.64
N LEU A 112 6.49 -9.27 2.17
CA LEU A 112 6.24 -7.86 2.59
C LEU A 112 5.81 -7.02 1.38
N HIS A 113 6.42 -7.22 0.25
CA HIS A 113 6.05 -6.41 -0.94
C HIS A 113 4.58 -6.61 -1.29
N ARG A 114 4.10 -7.82 -1.25
CA ARG A 114 2.68 -8.06 -1.60
C ARG A 114 1.77 -7.25 -0.66
N VAL A 115 2.11 -7.19 0.60
CA VAL A 115 1.27 -6.43 1.56
C VAL A 115 1.43 -4.93 1.31
N ALA A 116 2.61 -4.47 1.02
CA ALA A 116 2.80 -3.02 0.77
C ALA A 116 1.93 -2.62 -0.43
N ALA A 117 1.88 -3.45 -1.43
CA ALA A 117 1.05 -3.15 -2.64
C ALA A 117 -0.43 -3.05 -2.26
N HIS A 118 -0.87 -3.91 -1.39
CA HIS A 118 -2.30 -3.90 -0.98
C HIS A 118 -2.62 -2.64 -0.15
N GLU A 119 -1.84 -2.35 0.85
CA GLU A 119 -2.14 -1.13 1.66
C GLU A 119 -2.12 0.12 0.77
N LEU A 120 -1.21 0.19 -0.15
CA LEU A 120 -1.16 1.38 -1.04
C LEU A 120 -2.47 1.48 -1.84
N GLY A 121 -2.99 0.37 -2.31
CA GLY A 121 -4.26 0.41 -3.09
C GLY A 121 -5.38 1.00 -2.21
N HIS A 122 -5.38 0.67 -0.95
CA HIS A 122 -6.43 1.21 -0.05
C HIS A 122 -6.28 2.74 0.03
N SER A 123 -5.06 3.21 0.05
CA SER A 123 -4.84 4.68 0.12
C SER A 123 -5.28 5.32 -1.21
N LEU A 124 -5.33 4.55 -2.26
CA LEU A 124 -5.76 5.10 -3.58
C LEU A 124 -7.28 4.99 -3.71
N GLY A 125 -7.94 4.45 -2.71
CA GLY A 125 -9.43 4.33 -2.75
C GLY A 125 -9.86 3.08 -3.53
N LEU A 126 -8.97 2.14 -3.74
CA LEU A 126 -9.36 0.90 -4.48
C LEU A 126 -9.99 -0.11 -3.51
N SER A 127 -11.12 -0.64 -3.88
CA SER A 127 -11.82 -1.61 -2.99
C SER A 127 -11.33 -3.04 -3.29
N HIS A 128 -11.69 -3.96 -2.44
CA HIS A 128 -11.26 -5.37 -2.65
C HIS A 128 -11.96 -5.92 -3.90
N SER A 129 -11.40 -6.94 -4.51
CA SER A 129 -12.01 -7.53 -5.74
C SER A 129 -12.15 -9.05 -5.55
N THR A 130 -12.94 -9.68 -6.38
CA THR A 130 -13.16 -11.16 -6.25
C THR A 130 -12.35 -11.90 -7.32
N ASP A 131 -11.49 -11.22 -8.01
CA ASP A 131 -10.66 -11.88 -9.06
C ASP A 131 -9.43 -12.51 -8.39
N ILE A 132 -9.21 -13.77 -8.64
CA ILE A 132 -8.04 -14.47 -8.03
C ILE A 132 -6.73 -13.77 -8.44
N GLY A 133 -6.69 -13.17 -9.60
CA GLY A 133 -5.44 -12.49 -10.04
C GLY A 133 -5.35 -11.09 -9.42
N ALA A 134 -6.30 -10.70 -8.63
CA ALA A 134 -6.25 -9.33 -8.01
C ALA A 134 -5.39 -9.35 -6.75
N LEU A 135 -4.51 -8.39 -6.62
CA LEU A 135 -3.64 -8.30 -5.42
C LEU A 135 -4.49 -7.91 -4.20
N MET A 136 -5.54 -7.19 -4.42
CA MET A 136 -6.38 -6.76 -3.28
C MET A 136 -7.20 -7.95 -2.77
N TYR A 137 -6.55 -9.04 -2.48
CA TYR A 137 -7.29 -10.25 -1.98
C TYR A 137 -7.81 -9.95 -0.56
N PRO A 138 -9.08 -10.16 -0.25
CA PRO A 138 -9.54 -9.91 1.14
C PRO A 138 -8.61 -10.59 2.15
N SER A 139 -8.57 -11.89 2.19
CA SER A 139 -7.66 -12.61 3.13
C SER A 139 -6.31 -12.83 2.44
N TYR A 140 -5.36 -13.38 3.14
CA TYR A 140 -4.02 -13.61 2.53
C TYR A 140 -4.02 -14.95 1.80
N THR A 141 -3.60 -14.94 0.55
CA THR A 141 -3.55 -16.21 -0.23
C THR A 141 -2.42 -16.11 -1.26
N PHE A 142 -1.98 -17.22 -1.78
CA PHE A 142 -0.88 -17.18 -2.78
C PHE A 142 -1.43 -16.77 -4.14
N SER A 143 -0.86 -15.74 -4.73
CA SER A 143 -1.33 -15.25 -6.06
C SER A 143 -0.26 -15.53 -7.11
N GLY A 144 0.72 -16.33 -6.78
CA GLY A 144 1.80 -16.63 -7.77
C GLY A 144 2.74 -15.43 -7.86
N ASP A 145 2.97 -14.92 -9.05
CA ASP A 145 3.88 -13.75 -9.19
C ASP A 145 3.11 -12.48 -8.82
N VAL A 146 3.78 -11.52 -8.24
CA VAL A 146 3.09 -10.26 -7.83
C VAL A 146 3.04 -9.28 -9.00
N GLN A 147 1.88 -9.09 -9.57
CA GLN A 147 1.75 -8.15 -10.74
C GLN A 147 0.39 -7.46 -10.68
N LEU A 148 0.23 -6.34 -11.34
CA LEU A 148 -1.09 -5.65 -11.32
C LEU A 148 -2.06 -6.40 -12.22
N ALA A 149 -3.30 -6.47 -11.81
CA ALA A 149 -4.34 -7.16 -12.64
C ALA A 149 -5.08 -6.11 -13.46
N GLN A 150 -5.82 -6.53 -14.44
CA GLN A 150 -6.58 -5.56 -15.29
C GLN A 150 -7.57 -4.82 -14.39
N ASP A 151 -8.16 -5.50 -13.46
CA ASP A 151 -9.14 -4.85 -12.56
C ASP A 151 -8.47 -3.69 -11.84
N ASP A 152 -7.25 -3.88 -11.40
CA ASP A 152 -6.56 -2.79 -10.68
C ASP A 152 -6.10 -1.72 -11.67
N ILE A 153 -5.60 -2.11 -12.81
CA ILE A 153 -5.14 -1.10 -13.81
C ILE A 153 -6.34 -0.30 -14.32
N ASP A 154 -7.35 -0.95 -14.81
CA ASP A 154 -8.56 -0.21 -15.30
C ASP A 154 -9.21 0.55 -14.14
N GLY A 155 -9.27 -0.07 -12.98
CA GLY A 155 -9.93 0.61 -11.82
C GLY A 155 -9.25 1.95 -11.53
N ILE A 156 -8.00 1.95 -11.17
CA ILE A 156 -7.32 3.25 -10.85
C ILE A 156 -7.34 4.16 -12.08
N GLN A 157 -7.11 3.62 -13.24
CA GLN A 157 -7.13 4.49 -14.46
C GLN A 157 -8.53 5.05 -14.66
N ALA A 158 -9.54 4.27 -14.42
CA ALA A 158 -10.92 4.78 -14.61
C ALA A 158 -11.16 5.98 -13.69
N ILE A 159 -10.71 5.92 -12.47
CA ILE A 159 -10.91 7.07 -11.55
C ILE A 159 -10.25 8.31 -12.15
N TYR A 160 -8.99 8.20 -12.54
CA TYR A 160 -8.29 9.38 -13.15
C TYR A 160 -8.34 9.26 -14.68
N GLY A 161 -7.67 8.30 -15.24
CA GLY A 161 -7.68 8.12 -16.71
C GLY A 161 -6.53 7.20 -17.11
N ARG A 162 -6.40 6.88 -18.38
CA ARG A 162 -5.28 5.99 -18.80
C ARG A 162 -4.04 6.84 -19.06
N SER A 163 -2.88 6.30 -18.84
CA SER A 163 -1.64 7.08 -19.07
C SER A 163 -1.43 7.22 -20.57
N GLN A 164 -2.03 8.20 -21.17
CA GLN A 164 -1.85 8.39 -22.64
C GLN A 164 -0.51 9.05 -22.91
N ASN A 165 0.56 8.47 -22.41
CA ASN A 165 1.91 9.06 -22.63
C ASN A 165 2.98 7.95 -22.61
N PRO A 166 3.05 7.15 -23.65
CA PRO A 166 4.07 6.06 -23.71
C PRO A 166 5.45 6.59 -24.14
N VAL A 167 5.77 7.78 -23.73
CA VAL A 167 7.09 8.38 -24.10
C VAL A 167 8.13 8.00 -23.04
N GLN A 168 9.19 7.34 -23.42
CA GLN A 168 10.23 6.96 -22.42
C GLN A 168 11.06 8.21 -22.07
N PRO A 169 11.54 8.34 -20.85
CA PRO A 169 12.34 9.55 -20.47
C PRO A 169 13.43 9.87 -21.51
ZN ZN B . -7.41 -4.98 2.25
ZN ZN C . -1.49 -0.50 13.47
CA CA D . -1.09 -11.07 13.19
N1 CGS E . -7.06 -8.28 6.15
CC CGS E . -8.12 -9.25 5.72
CA CGS E . -7.06 -6.82 5.83
S4 CGS E . -5.44 -8.96 6.47
C5 CGS E . -9.03 -9.88 6.77
CD CGS E . -8.51 -10.51 7.96
CE CGS E . -9.37 -11.10 8.95
CZ CGS E . -10.79 -11.04 8.72
N11 CGS E . -11.33 -10.44 7.60
CY CGS E . -10.47 -9.87 6.65
C17 CGS E . -4.47 -9.03 4.97
CE2 CGS E . -4.59 -10.15 4.05
CD2 CGS E . -3.76 -10.22 2.87
C20 CGS E . -2.78 -9.17 2.57
CD1 CGS E . -2.67 -8.05 3.51
CE1 CGS E . -3.51 -7.98 4.69
O27 CGS E . -1.95 -9.25 1.43
COM CGS E . -2.50 -8.76 0.19
O32 CGS E . -5.72 -10.29 6.94
O33 CGS E . -4.87 -8.01 7.36
C34 CGS E . -6.81 -6.60 4.33
N35 CGS E . -5.64 -6.07 4.02
CB CGS E . -8.13 -5.85 6.42
CG2 CGS E . -7.52 -4.60 7.06
CG1 CGS E . -9.02 -6.49 7.47
O47 CGS E . -7.62 -6.91 3.45
O48 CGS E . -5.32 -5.83 2.71
HC1 CGS E . -8.74 -8.75 4.98
HC2 CGS E . -7.63 -10.05 5.17
HA CGS E . -6.15 -6.44 6.30
HD CGS E . -7.44 -10.55 8.11
HE CGS E . -8.97 -11.59 9.84
HZ CGS E . -11.48 -11.46 9.42
HY CGS E . -10.93 -9.42 5.80
HE2 CGS E . -5.31 -10.93 4.26
HD2 CGS E . -3.87 -11.07 2.22
HD1 CGS E . -1.97 -7.25 3.33
HE1 CGS E . -3.44 -7.15 5.37
HOM1 CGS E . -2.27 -9.46 -0.62
HOM2 CGS E . -3.59 -8.67 0.26
HOM3 CGS E . -2.09 -7.79 -0.07
H49 CGS E . -5.02 -5.85 4.80
HB CGS E . -8.77 -5.51 5.63
HG21 CGS E . -7.44 -3.79 6.34
HG22 CGS E . -6.53 -4.81 7.44
HG23 CGS E . -8.13 -4.26 7.89
HG11 CGS E . -8.74 -7.54 7.63
HG12 CGS E . -10.06 -6.49 7.15
HG13 CGS E . -8.95 -5.98 8.42
H50 CGS E . -6.10 -5.82 2.13
N VAL A 1 -16.79 20.67 -1.05
CA VAL A 1 -16.30 19.78 -2.14
C VAL A 1 -15.81 18.46 -1.54
N LEU A 2 -16.45 18.00 -0.48
CA LEU A 2 -16.03 16.71 0.16
C LEU A 2 -16.97 15.59 -0.28
N THR A 3 -16.43 14.48 -0.71
CA THR A 3 -17.29 13.34 -1.16
C THR A 3 -17.38 12.30 -0.04
N GLU A 4 -18.56 11.95 0.37
CA GLU A 4 -18.70 10.95 1.47
C GLU A 4 -18.50 9.54 0.91
N GLY A 5 -17.64 8.76 1.52
CA GLY A 5 -17.40 7.36 1.03
C GLY A 5 -15.89 7.09 0.92
N ASN A 6 -15.22 7.78 0.02
CA ASN A 6 -13.75 7.54 -0.14
C ASN A 6 -13.09 8.79 -0.75
N PRO A 7 -12.87 9.82 0.02
CA PRO A 7 -12.22 11.06 -0.50
C PRO A 7 -10.95 10.77 -1.33
N ARG A 8 -10.90 11.26 -2.54
CA ARG A 8 -9.69 11.02 -3.40
C ARG A 8 -8.69 12.15 -3.21
N TRP A 9 -7.46 11.94 -3.58
CA TRP A 9 -6.43 13.01 -3.42
C TRP A 9 -6.52 13.96 -4.62
N GLU A 10 -6.58 15.24 -4.35
CA GLU A 10 -6.69 16.23 -5.46
C GLU A 10 -5.30 16.53 -6.04
N GLN A 11 -4.25 16.14 -5.36
CA GLN A 11 -2.88 16.40 -5.90
C GLN A 11 -2.49 15.30 -6.89
N THR A 12 -1.65 15.61 -7.85
CA THR A 12 -1.21 14.58 -8.83
C THR A 12 0.14 14.02 -8.39
N HIS A 13 0.72 14.62 -7.38
CA HIS A 13 2.03 14.16 -6.84
C HIS A 13 1.84 13.80 -5.36
N LEU A 14 2.14 12.59 -4.98
CA LEU A 14 1.96 12.17 -3.55
C LEU A 14 3.33 11.98 -2.90
N THR A 15 3.38 12.09 -1.60
CA THR A 15 4.66 11.90 -0.86
C THR A 15 4.44 10.86 0.24
N TYR A 16 5.48 10.16 0.62
CA TYR A 16 5.34 9.13 1.69
C TYR A 16 6.59 9.13 2.55
N ARG A 17 6.51 8.60 3.75
CA ARG A 17 7.70 8.58 4.65
C ARG A 17 7.61 7.37 5.58
N ILE A 18 8.68 6.61 5.67
CA ILE A 18 8.66 5.43 6.58
C ILE A 18 9.09 5.88 7.98
N GLU A 19 8.24 5.71 8.97
CA GLU A 19 8.59 6.15 10.34
C GLU A 19 9.75 5.31 10.91
N ASN A 20 9.75 4.03 10.67
CA ASN A 20 10.86 3.18 11.21
C ASN A 20 10.93 1.86 10.44
N TYR A 21 12.11 1.30 10.33
CA TYR A 21 12.27 0.01 9.62
C TYR A 21 12.27 -1.13 10.64
N THR A 22 11.51 -2.17 10.41
CA THR A 22 11.48 -3.29 11.40
C THR A 22 12.85 -4.01 11.39
N PRO A 23 13.34 -4.47 12.52
CA PRO A 23 14.67 -5.17 12.55
C PRO A 23 14.61 -6.51 11.79
N ASP A 24 13.44 -6.90 11.35
CA ASP A 24 13.32 -8.18 10.60
C ASP A 24 14.18 -8.14 9.34
N LEU A 25 14.20 -7.01 8.66
CA LEU A 25 15.00 -6.89 7.40
C LEU A 25 15.70 -5.51 7.40
N PRO A 26 16.87 -5.38 6.78
CA PRO A 26 17.54 -4.06 6.75
C PRO A 26 16.61 -2.96 6.19
N ARG A 27 17.06 -1.74 6.13
CA ARG A 27 16.20 -0.64 5.60
C ARG A 27 16.38 -0.55 4.09
N ALA A 28 17.58 -0.73 3.60
CA ALA A 28 17.82 -0.63 2.13
C ALA A 28 16.97 -1.68 1.40
N ASP A 29 16.93 -2.88 1.91
CA ASP A 29 16.14 -3.95 1.25
C ASP A 29 14.65 -3.67 1.40
N VAL A 30 14.22 -3.20 2.53
CA VAL A 30 12.78 -2.92 2.72
C VAL A 30 12.37 -1.72 1.85
N ASP A 31 13.18 -0.69 1.83
CA ASP A 31 12.83 0.50 1.01
C ASP A 31 12.71 0.06 -0.45
N HIS A 32 13.56 -0.82 -0.88
CA HIS A 32 13.51 -1.30 -2.29
C HIS A 32 12.12 -1.88 -2.56
N ALA A 33 11.63 -2.73 -1.68
CA ALA A 33 10.28 -3.33 -1.88
C ALA A 33 9.21 -2.24 -1.95
N ILE A 34 9.33 -1.24 -1.12
CA ILE A 34 8.32 -0.14 -1.11
C ILE A 34 8.44 0.70 -2.39
N GLU A 35 9.64 0.95 -2.84
CA GLU A 35 9.81 1.77 -4.07
C GLU A 35 9.22 1.04 -5.28
N LYS A 36 9.43 -0.25 -5.38
CA LYS A 36 8.85 -1.00 -6.53
C LYS A 36 7.33 -0.94 -6.50
N ALA A 37 6.75 -0.99 -5.33
CA ALA A 37 5.26 -0.94 -5.27
C ALA A 37 4.79 0.37 -5.88
N PHE A 38 5.39 1.48 -5.50
CA PHE A 38 4.96 2.78 -6.10
C PHE A 38 5.20 2.75 -7.62
N GLN A 39 6.31 2.19 -8.04
CA GLN A 39 6.60 2.13 -9.51
C GLN A 39 5.51 1.32 -10.23
N LEU A 40 5.09 0.23 -9.66
CA LEU A 40 4.03 -0.59 -10.34
C LEU A 40 2.76 0.25 -10.53
N TRP A 41 2.36 0.99 -9.54
CA TRP A 41 1.11 1.80 -9.68
C TRP A 41 1.37 3.01 -10.61
N SER A 42 2.50 3.65 -10.48
CA SER A 42 2.80 4.84 -11.34
C SER A 42 3.00 4.41 -12.79
N ASN A 43 3.58 3.26 -13.00
CA ASN A 43 3.83 2.79 -14.39
C ASN A 43 2.50 2.64 -15.15
N VAL A 44 1.40 2.56 -14.44
CA VAL A 44 0.07 2.41 -15.12
C VAL A 44 -0.78 3.67 -14.92
N THR A 45 -0.26 4.66 -14.24
CA THR A 45 -1.04 5.91 -14.02
C THR A 45 -0.10 7.13 -14.05
N PRO A 46 -0.57 8.30 -14.47
CA PRO A 46 0.31 9.51 -14.49
C PRO A 46 0.67 10.01 -13.08
N LEU A 47 0.32 9.25 -12.07
CA LEU A 47 0.61 9.68 -10.67
C LEU A 47 2.11 9.54 -10.40
N THR A 48 2.64 10.36 -9.52
CA THR A 48 4.10 10.29 -9.17
C THR A 48 4.24 10.22 -7.65
N PHE A 49 5.27 9.58 -7.17
CA PHE A 49 5.48 9.46 -5.69
C PHE A 49 6.90 9.91 -5.34
N THR A 50 7.11 10.37 -4.13
CA THR A 50 8.48 10.83 -3.74
C THR A 50 8.65 10.69 -2.23
N LYS A 51 9.78 10.16 -1.82
CA LYS A 51 10.05 9.98 -0.35
C LYS A 51 10.49 11.32 0.25
N VAL A 52 9.90 11.70 1.36
CA VAL A 52 10.27 12.99 2.02
C VAL A 52 10.80 12.69 3.43
N SER A 53 11.92 13.24 3.78
CA SER A 53 12.49 12.99 5.13
C SER A 53 12.08 14.13 6.07
N GLU A 54 11.51 15.17 5.53
CA GLU A 54 11.08 16.33 6.37
C GLU A 54 9.76 16.89 5.81
N GLY A 55 8.96 17.50 6.65
CA GLY A 55 7.65 18.06 6.17
C GLY A 55 6.54 17.03 6.42
N GLN A 56 5.32 17.35 6.07
CA GLN A 56 4.21 16.38 6.29
C GLN A 56 4.16 15.38 5.14
N ALA A 57 4.04 14.11 5.45
CA ALA A 57 3.97 13.07 4.38
C ALA A 57 2.50 12.69 4.17
N ASP A 58 2.06 12.67 2.95
CA ASP A 58 0.63 12.33 2.69
C ASP A 58 0.31 10.93 3.22
N ILE A 59 1.21 9.98 2.97
CA ILE A 59 0.98 8.58 3.44
C ILE A 59 2.11 8.17 4.38
N MET A 60 1.80 7.83 5.61
CA MET A 60 2.86 7.39 6.58
C MET A 60 2.89 5.86 6.67
N ILE A 61 4.06 5.28 6.53
CA ILE A 61 4.20 3.80 6.63
C ILE A 61 4.92 3.47 7.94
N SER A 62 4.37 2.63 8.77
CA SER A 62 5.04 2.30 10.06
C SER A 62 4.68 0.88 10.50
N PHE A 63 5.48 0.33 11.37
CA PHE A 63 5.23 -1.06 11.88
C PHE A 63 4.73 -0.97 13.33
N VAL A 64 3.77 -1.78 13.69
CA VAL A 64 3.21 -1.73 15.08
C VAL A 64 3.16 -3.12 15.71
N ARG A 65 3.09 -3.18 17.03
CA ARG A 65 3.02 -4.48 17.76
C ARG A 65 1.89 -4.44 18.78
N GLY A 66 1.21 -5.55 18.97
CA GLY A 66 0.10 -5.59 19.96
C GLY A 66 -0.76 -4.33 19.87
N ASP A 67 -1.31 -3.89 20.96
CA ASP A 67 -2.15 -2.67 20.95
C ASP A 67 -1.29 -1.45 20.62
N HIS A 68 -1.71 -0.64 19.68
CA HIS A 68 -0.92 0.57 19.30
C HIS A 68 -1.85 1.78 19.20
N ARG A 69 -2.55 2.07 20.25
CA ARG A 69 -3.49 3.23 20.25
C ARG A 69 -4.54 3.08 19.14
N ASP A 70 -5.17 1.93 19.06
CA ASP A 70 -6.21 1.72 18.00
C ASP A 70 -7.36 0.87 18.57
N ASN A 71 -8.48 0.83 17.90
CA ASN A 71 -9.63 0.03 18.39
C ASN A 71 -9.58 -1.38 17.76
N SER A 72 -8.50 -1.70 17.09
CA SER A 72 -8.39 -3.05 16.45
C SER A 72 -7.01 -3.66 16.75
N PRO A 73 -6.77 -4.08 17.97
CA PRO A 73 -5.46 -4.70 18.32
C PRO A 73 -5.25 -6.05 17.62
N PHE A 74 -4.03 -6.42 17.36
CA PHE A 74 -3.78 -7.72 16.67
C PHE A 74 -3.95 -8.88 17.66
N ASP A 75 -4.41 -10.02 17.18
CA ASP A 75 -4.61 -11.20 18.07
C ASP A 75 -3.55 -12.26 17.75
N GLY A 76 -2.35 -12.04 18.16
CA GLY A 76 -1.28 -13.04 17.88
C GLY A 76 -1.18 -13.25 16.37
N PRO A 77 -0.59 -14.35 15.92
CA PRO A 77 -0.46 -14.61 14.46
C PRO A 77 -1.82 -14.64 13.76
N GLY A 78 -2.88 -14.75 14.51
CA GLY A 78 -4.24 -14.78 13.89
C GLY A 78 -4.78 -13.35 13.75
N GLY A 79 -5.97 -13.20 13.22
CA GLY A 79 -6.56 -11.84 13.07
C GLY A 79 -6.10 -11.23 11.75
N ASN A 80 -6.25 -9.94 11.60
CA ASN A 80 -5.82 -9.29 10.33
C ASN A 80 -4.30 -9.15 10.32
N LEU A 81 -3.69 -9.23 9.16
CA LEU A 81 -2.21 -9.14 9.08
C LEU A 81 -1.78 -7.69 8.83
N ALA A 82 -2.68 -6.86 8.37
CA ALA A 82 -2.28 -5.45 8.11
C ALA A 82 -3.54 -4.61 7.80
N HIS A 83 -3.45 -3.32 7.93
CA HIS A 83 -4.63 -2.47 7.64
C HIS A 83 -4.19 -1.01 7.46
N ALA A 84 -5.11 -0.12 7.21
CA ALA A 84 -4.75 1.32 7.01
C ALA A 84 -6.01 2.17 7.14
N PHE A 85 -5.85 3.46 7.24
CA PHE A 85 -7.04 4.37 7.38
C PHE A 85 -7.35 5.02 6.04
N GLN A 86 -8.60 5.06 5.66
CA GLN A 86 -8.98 5.69 4.36
C GLN A 86 -8.55 7.16 4.40
N PRO A 87 -8.22 7.76 3.27
CA PRO A 87 -7.79 9.19 3.26
C PRO A 87 -8.66 10.05 4.18
N GLY A 88 -8.06 10.70 5.15
CA GLY A 88 -8.84 11.54 6.08
C GLY A 88 -7.93 12.59 6.74
N PRO A 89 -8.41 13.28 7.75
CA PRO A 89 -7.61 14.33 8.44
C PRO A 89 -6.55 13.75 9.40
N GLY A 90 -5.29 14.01 9.13
CA GLY A 90 -4.21 13.53 10.02
C GLY A 90 -3.96 12.02 9.85
N ILE A 91 -4.30 11.24 10.85
CA ILE A 91 -4.06 9.77 10.77
C ILE A 91 -4.64 9.20 9.49
N GLY A 92 -5.46 9.93 8.80
CA GLY A 92 -6.05 9.39 7.55
C GLY A 92 -4.94 9.05 6.55
N GLY A 93 -5.00 7.89 5.94
CA GLY A 93 -3.97 7.48 4.94
C GLY A 93 -2.81 6.74 5.63
N ASP A 94 -2.76 6.72 6.94
CA ASP A 94 -1.64 6.01 7.63
C ASP A 94 -1.71 4.50 7.35
N ALA A 95 -0.60 3.92 6.94
CA ALA A 95 -0.58 2.44 6.67
C ALA A 95 0.06 1.73 7.87
N HIS A 96 -0.58 0.72 8.40
CA HIS A 96 -0.02 -0.04 9.56
C HIS A 96 0.28 -1.47 9.13
N PHE A 97 1.45 -1.98 9.46
CA PHE A 97 1.81 -3.39 9.07
C PHE A 97 2.05 -4.21 10.35
N ASP A 98 1.47 -5.39 10.43
CA ASP A 98 1.66 -6.22 11.65
C ASP A 98 3.13 -6.64 11.75
N GLU A 99 3.75 -6.38 12.86
CA GLU A 99 5.20 -6.74 13.04
C GLU A 99 5.32 -8.04 13.84
N ASP A 100 4.22 -8.63 14.24
CA ASP A 100 4.29 -9.89 15.03
C ASP A 100 4.68 -11.05 14.11
N GLU A 101 4.49 -10.90 12.82
CA GLU A 101 4.87 -12.00 11.87
C GLU A 101 6.23 -11.68 11.25
N ARG A 102 6.91 -12.68 10.75
CA ARG A 102 8.25 -12.43 10.14
C ARG A 102 8.08 -12.07 8.67
N TRP A 103 8.42 -10.86 8.31
CA TRP A 103 8.28 -10.42 6.89
C TRP A 103 9.55 -10.73 6.11
N THR A 104 9.44 -10.96 4.82
CA THR A 104 10.64 -11.26 3.97
C THR A 104 10.65 -10.30 2.79
N ASN A 105 11.77 -10.19 2.12
CA ASN A 105 11.86 -9.27 0.94
C ASN A 105 11.93 -10.11 -0.34
N ASN A 106 11.30 -11.26 -0.36
CA ASN A 106 11.34 -12.13 -1.58
C ASN A 106 10.04 -12.94 -1.70
N PHE A 107 10.06 -13.96 -2.52
CA PHE A 107 8.83 -14.80 -2.73
C PHE A 107 8.73 -15.89 -1.65
N ARG A 108 9.27 -15.66 -0.49
CA ARG A 108 9.20 -16.70 0.58
C ARG A 108 7.79 -16.73 1.21
N GLU A 109 7.68 -17.34 2.35
CA GLU A 109 6.36 -17.47 3.02
C GLU A 109 5.58 -16.15 2.99
N TYR A 110 6.11 -15.09 3.54
CA TYR A 110 5.38 -13.78 3.55
C TYR A 110 6.16 -12.75 2.74
N ASN A 111 5.56 -12.19 1.72
CA ASN A 111 6.26 -11.16 0.90
C ASN A 111 5.78 -9.78 1.35
N LEU A 112 6.66 -8.98 1.88
CA LEU A 112 6.22 -7.62 2.34
C LEU A 112 5.66 -6.82 1.16
N HIS A 113 6.27 -6.93 0.02
CA HIS A 113 5.82 -6.17 -1.17
C HIS A 113 4.36 -6.51 -1.55
N ARG A 114 3.96 -7.76 -1.52
CA ARG A 114 2.56 -8.09 -1.93
C ARG A 114 1.57 -7.34 -1.02
N VAL A 115 1.84 -7.30 0.25
CA VAL A 115 0.91 -6.60 1.19
C VAL A 115 1.00 -5.10 0.95
N ALA A 116 2.17 -4.58 0.71
CA ALA A 116 2.29 -3.11 0.46
C ALA A 116 1.44 -2.72 -0.75
N ALA A 117 1.43 -3.53 -1.78
CA ALA A 117 0.60 -3.19 -2.97
C ALA A 117 -0.86 -3.15 -2.57
N HIS A 118 -1.27 -4.07 -1.73
CA HIS A 118 -2.69 -4.12 -1.30
C HIS A 118 -3.02 -2.92 -0.39
N GLU A 119 -2.21 -2.66 0.60
CA GLU A 119 -2.50 -1.51 1.51
C GLU A 119 -2.54 -0.22 0.69
N LEU A 120 -1.65 -0.07 -0.25
CA LEU A 120 -1.66 1.17 -1.08
C LEU A 120 -2.96 1.27 -1.87
N GLY A 121 -3.44 0.17 -2.38
CA GLY A 121 -4.71 0.20 -3.16
C GLY A 121 -5.84 0.74 -2.29
N HIS A 122 -5.88 0.35 -1.04
CA HIS A 122 -6.96 0.86 -0.14
C HIS A 122 -6.82 2.37 -0.04
N SER A 123 -5.62 2.86 0.03
CA SER A 123 -5.41 4.34 0.12
C SER A 123 -5.78 4.98 -1.21
N LEU A 124 -5.69 4.25 -2.29
CA LEU A 124 -6.04 4.81 -3.62
C LEU A 124 -7.56 4.74 -3.82
N GLY A 125 -8.26 4.16 -2.89
CA GLY A 125 -9.75 4.06 -3.04
C GLY A 125 -10.13 2.78 -3.78
N LEU A 126 -9.20 1.87 -3.93
CA LEU A 126 -9.53 0.59 -4.65
C LEU A 126 -10.25 -0.34 -3.68
N SER A 127 -11.38 -0.86 -4.08
CA SER A 127 -12.15 -1.78 -3.20
C SER A 127 -11.67 -3.22 -3.39
N HIS A 128 -12.09 -4.12 -2.55
CA HIS A 128 -11.67 -5.53 -2.72
C HIS A 128 -12.32 -6.11 -3.98
N SER A 129 -11.76 -7.14 -4.56
CA SER A 129 -12.34 -7.75 -5.81
C SER A 129 -12.57 -9.25 -5.59
N THR A 130 -13.37 -9.86 -6.43
CA THR A 130 -13.65 -11.32 -6.29
C THR A 130 -12.88 -12.10 -7.37
N ASP A 131 -11.95 -11.47 -8.02
CA ASP A 131 -11.15 -12.17 -9.08
C ASP A 131 -10.00 -12.92 -8.41
N ILE A 132 -9.82 -14.17 -8.74
CA ILE A 132 -8.72 -14.96 -8.10
C ILE A 132 -7.36 -14.31 -8.41
N GLY A 133 -7.18 -13.80 -9.60
CA GLY A 133 -5.86 -13.19 -9.95
C GLY A 133 -5.74 -11.76 -9.39
N ALA A 134 -6.73 -11.28 -8.69
CA ALA A 134 -6.63 -9.90 -8.13
C ALA A 134 -5.84 -9.92 -6.82
N LEU A 135 -4.84 -9.09 -6.71
CA LEU A 135 -4.04 -9.06 -5.46
C LEU A 135 -4.92 -8.54 -4.32
N MET A 136 -5.90 -7.75 -4.64
CA MET A 136 -6.79 -7.19 -3.59
C MET A 136 -7.69 -8.29 -3.03
N TYR A 137 -7.13 -9.43 -2.73
CA TYR A 137 -7.96 -10.55 -2.19
C TYR A 137 -8.41 -10.19 -0.76
N PRO A 138 -9.69 -10.26 -0.43
CA PRO A 138 -10.10 -9.93 0.97
C PRO A 138 -9.30 -10.74 2.01
N SER A 139 -9.45 -12.03 2.01
CA SER A 139 -8.70 -12.88 2.99
C SER A 139 -7.32 -13.22 2.42
N TYR A 140 -6.45 -13.77 3.22
CA TYR A 140 -5.09 -14.15 2.72
C TYR A 140 -5.15 -15.54 2.08
N THR A 141 -4.54 -15.71 0.95
CA THR A 141 -4.55 -17.04 0.26
C THR A 141 -3.24 -17.24 -0.49
N PHE A 142 -2.96 -18.43 -0.93
CA PHE A 142 -1.68 -18.65 -1.66
C PHE A 142 -1.63 -17.72 -2.86
N SER A 143 -0.49 -17.13 -3.11
CA SER A 143 -0.37 -16.19 -4.27
C SER A 143 0.98 -16.40 -4.96
N GLY A 144 1.07 -16.06 -6.22
CA GLY A 144 2.36 -16.24 -6.96
C GLY A 144 3.18 -14.95 -6.87
N ASP A 145 3.60 -14.42 -7.98
CA ASP A 145 4.41 -13.16 -7.96
C ASP A 145 3.47 -11.96 -7.79
N VAL A 146 4.00 -10.84 -7.37
CA VAL A 146 3.14 -9.63 -7.17
C VAL A 146 3.04 -8.86 -8.49
N GLN A 147 1.87 -8.84 -9.08
CA GLN A 147 1.69 -8.09 -10.37
C GLN A 147 0.29 -7.48 -10.40
N LEU A 148 0.11 -6.37 -11.06
CA LEU A 148 -1.24 -5.76 -11.12
C LEU A 148 -2.10 -6.54 -12.11
N ALA A 149 -3.37 -6.68 -11.82
CA ALA A 149 -4.27 -7.43 -12.75
C ALA A 149 -4.99 -6.43 -13.65
N GLN A 150 -5.57 -6.87 -14.72
CA GLN A 150 -6.28 -5.93 -15.63
C GLN A 150 -7.40 -5.25 -14.84
N ASP A 151 -8.09 -5.99 -14.01
CA ASP A 151 -9.19 -5.39 -13.22
C ASP A 151 -8.65 -4.26 -12.34
N ASP A 152 -7.49 -4.44 -11.75
CA ASP A 152 -6.92 -3.36 -10.88
C ASP A 152 -6.43 -2.21 -11.76
N ILE A 153 -5.82 -2.51 -12.88
CA ILE A 153 -5.32 -1.43 -13.77
C ILE A 153 -6.50 -0.59 -14.28
N ASP A 154 -7.51 -1.23 -14.79
CA ASP A 154 -8.69 -0.47 -15.32
C ASP A 154 -9.33 0.33 -14.18
N GLY A 155 -9.41 -0.24 -13.01
CA GLY A 155 -10.05 0.46 -11.86
C GLY A 155 -9.34 1.79 -11.55
N ILE A 156 -8.05 1.76 -11.34
CA ILE A 156 -7.33 3.02 -11.02
C ILE A 156 -7.31 3.95 -12.24
N GLN A 157 -7.13 3.39 -13.41
CA GLN A 157 -7.11 4.24 -14.63
C GLN A 157 -8.47 4.91 -14.81
N ALA A 158 -9.52 4.20 -14.55
CA ALA A 158 -10.87 4.79 -14.70
C ALA A 158 -11.01 6.02 -13.78
N ILE A 159 -10.53 5.91 -12.57
CA ILE A 159 -10.64 7.09 -11.63
C ILE A 159 -9.85 8.27 -12.20
N TYR A 160 -8.62 8.06 -12.59
CA TYR A 160 -7.80 9.19 -13.15
C TYR A 160 -7.88 9.15 -14.68
N GLY A 161 -7.31 8.13 -15.27
CA GLY A 161 -7.34 8.03 -16.76
C GLY A 161 -6.30 7.01 -17.22
N ARG A 162 -6.11 6.89 -18.50
CA ARG A 162 -5.11 5.91 -19.03
C ARG A 162 -3.75 6.59 -19.15
N SER A 163 -2.69 5.90 -18.85
CA SER A 163 -1.36 6.53 -18.95
C SER A 163 -0.94 6.61 -20.42
N GLN A 164 -1.36 7.65 -21.11
CA GLN A 164 -0.97 7.80 -22.55
C GLN A 164 0.29 8.65 -22.65
N ASN A 165 1.42 8.02 -22.84
CA ASN A 165 2.69 8.78 -22.94
C ASN A 165 3.72 7.91 -23.66
N PRO A 166 4.73 8.49 -24.29
CA PRO A 166 5.75 7.65 -24.98
C PRO A 166 6.76 7.07 -23.98
N VAL A 167 6.33 6.17 -23.15
CA VAL A 167 7.25 5.56 -22.14
C VAL A 167 7.96 4.37 -22.78
N GLN A 168 9.26 4.28 -22.61
CA GLN A 168 10.04 3.15 -23.20
C GLN A 168 10.79 2.41 -22.09
N PRO A 169 10.13 1.53 -21.36
CA PRO A 169 10.81 0.79 -20.25
C PRO A 169 11.84 -0.22 -20.79
ZN ZN B . -7.69 -5.41 1.96
ZN ZN C . -2.40 -0.52 13.31
CA CA D . -1.28 -11.61 12.72
N1 CGS E . -7.30 -8.55 5.98
CC CGS E . -8.39 -9.53 5.59
CA CGS E . -7.28 -7.10 5.60
S4 CGS E . -5.69 -9.25 6.29
C5 CGS E . -9.25 -10.17 6.68
CD CGS E . -8.75 -11.28 7.48
CE CGS E . -9.57 -11.89 8.51
CZ CGS E . -10.89 -11.37 8.71
N11 CGS E . -11.39 -10.32 7.96
CY CGS E . -10.60 -9.74 6.97
C17 CGS E . -4.79 -9.42 4.76
CE2 CGS E . -5.00 -10.56 3.88
CD2 CGS E . -4.23 -10.71 2.66
C20 CGS E . -3.22 -9.71 2.29
CD1 CGS E . -3.03 -8.56 3.17
CE1 CGS E . -3.80 -8.42 4.39
O27 CGS E . -2.46 -9.84 1.10
COM CGS E . -3.10 -9.46 -0.13
O32 CGS E . -5.97 -10.54 6.84
O33 CGS E . -5.08 -8.26 7.11
C34 CGS E . -7.05 -6.95 4.08
N35 CGS E . -5.89 -6.44 3.71
CB CGS E . -8.33 -6.11 6.16
CG2 CGS E . -7.70 -4.79 6.64
CG1 CGS E . -9.14 -6.67 7.33
O47 CGS E . -7.89 -7.27 3.23
O48 CGS E . -5.61 -6.27 2.36
HC1 CGS E . -9.05 -9.01 4.89
HC2 CGS E . -7.93 -10.32 5.01
HA CGS E . -6.35 -6.73 6.04
HD CGS E . -7.77 -11.67 7.31
HE CGS E . -9.20 -12.71 9.10
HZ CGS E . -11.54 -11.79 9.45
HY CGS E . -11.02 -8.92 6.42
HE2 CGS E . -5.73 -11.30 4.15
HD2 CGS E . -4.41 -11.57 2.04
HD1 CGS E . -2.30 -7.79 2.94
HE1 CGS E . -3.65 -7.57 5.04
HOM1 CGS E . -3.00 -8.40 -0.31
HOM2 CGS E . -2.66 -9.99 -0.97
HOM3 CGS E . -4.16 -9.70 -0.11
H49 CGS E . -5.23 -6.20 4.44
HB CGS E . -9.03 -5.85 5.38
HG21 CGS E . -7.17 -4.95 7.57
HG22 CGS E . -8.47 -4.04 6.80
HG23 CGS E . -7.00 -4.41 5.91
HG11 CGS E . -8.73 -6.34 8.27
HG12 CGS E . -9.12 -7.75 7.32
HG13 CGS E . -10.18 -6.35 7.27
H50 CGS E . -5.78 -7.08 1.84
N VAL A 1 -14.54 15.41 -2.64
CA VAL A 1 -15.35 16.48 -2.01
C VAL A 1 -16.84 16.21 -2.27
N LEU A 2 -17.16 15.68 -3.40
CA LEU A 2 -18.59 15.39 -3.71
C LEU A 2 -19.15 14.41 -2.68
N THR A 3 -18.38 13.42 -2.31
CA THR A 3 -18.86 12.41 -1.30
C THR A 3 -18.30 12.75 0.09
N GLU A 4 -19.15 12.86 1.07
CA GLU A 4 -18.68 13.19 2.45
C GLU A 4 -18.07 11.94 3.09
N GLY A 5 -16.92 12.07 3.68
CA GLY A 5 -16.27 10.89 4.34
C GLY A 5 -14.77 10.92 4.03
N ASN A 6 -14.40 10.35 2.92
CA ASN A 6 -12.95 10.32 2.54
C ASN A 6 -12.85 10.26 1.00
N PRO A 7 -13.07 11.36 0.33
CA PRO A 7 -13.01 11.38 -1.16
C PRO A 7 -11.68 10.84 -1.71
N ARG A 8 -11.43 11.07 -2.98
CA ARG A 8 -10.17 10.59 -3.62
C ARG A 8 -9.11 11.70 -3.51
N TRP A 9 -7.88 11.40 -3.88
CA TRP A 9 -6.82 12.45 -3.80
C TRP A 9 -6.92 13.32 -5.05
N GLU A 10 -7.10 14.61 -4.88
CA GLU A 10 -7.22 15.52 -6.05
C GLU A 10 -5.83 15.90 -6.57
N GLN A 11 -4.82 15.57 -5.84
CA GLN A 11 -3.44 15.92 -6.26
C GLN A 11 -2.91 14.87 -7.24
N THR A 12 -2.03 15.26 -8.13
CA THR A 12 -1.45 14.30 -9.10
C THR A 12 -0.10 13.83 -8.57
N HIS A 13 0.31 14.38 -7.45
CA HIS A 13 1.61 13.99 -6.84
C HIS A 13 1.37 13.61 -5.38
N LEU A 14 2.00 12.58 -4.91
CA LEU A 14 1.82 12.14 -3.50
C LEU A 14 3.19 11.86 -2.89
N THR A 15 3.27 11.90 -1.59
CA THR A 15 4.57 11.64 -0.89
C THR A 15 4.36 10.61 0.20
N TYR A 16 5.40 9.90 0.59
CA TYR A 16 5.26 8.87 1.65
C TYR A 16 6.53 8.89 2.50
N ARG A 17 6.45 8.42 3.72
CA ARG A 17 7.65 8.41 4.61
C ARG A 17 7.56 7.24 5.58
N ILE A 18 8.61 6.49 5.74
CA ILE A 18 8.55 5.34 6.70
C ILE A 18 8.93 5.84 8.09
N GLU A 19 8.00 5.75 9.01
CA GLU A 19 8.26 6.25 10.39
C GLU A 19 9.30 5.37 11.10
N ASN A 20 9.26 4.09 10.89
CA ASN A 20 10.24 3.19 11.58
C ASN A 20 10.43 1.91 10.77
N TYR A 21 11.64 1.45 10.68
CA TYR A 21 11.92 0.20 9.90
C TYR A 21 11.89 -1.00 10.84
N THR A 22 11.36 -2.11 10.39
CA THR A 22 11.32 -3.32 11.26
C THR A 22 12.75 -3.90 11.36
N PRO A 23 13.22 -4.30 12.52
CA PRO A 23 14.59 -4.86 12.63
C PRO A 23 14.73 -6.19 11.88
N ASP A 24 13.63 -6.76 11.46
CA ASP A 24 13.68 -8.07 10.72
C ASP A 24 14.51 -7.89 9.45
N LEU A 25 14.35 -6.78 8.77
CA LEU A 25 15.12 -6.54 7.50
C LEU A 25 15.69 -5.12 7.55
N PRO A 26 16.81 -4.85 6.91
CA PRO A 26 17.38 -3.46 6.93
C PRO A 26 16.41 -2.45 6.31
N ARG A 27 16.81 -1.20 6.25
CA ARG A 27 15.92 -0.16 5.66
C ARG A 27 16.12 -0.10 4.15
N ALA A 28 17.31 -0.34 3.68
CA ALA A 28 17.55 -0.27 2.20
C ALA A 28 16.67 -1.29 1.48
N ASP A 29 16.57 -2.49 1.99
CA ASP A 29 15.71 -3.52 1.32
C ASP A 29 14.24 -3.16 1.47
N VAL A 30 13.86 -2.65 2.59
CA VAL A 30 12.42 -2.29 2.79
C VAL A 30 12.06 -1.16 1.83
N ASP A 31 12.93 -0.20 1.68
CA ASP A 31 12.63 0.93 0.74
C ASP A 31 12.45 0.39 -0.68
N HIS A 32 13.25 -0.55 -1.07
CA HIS A 32 13.12 -1.11 -2.44
C HIS A 32 11.74 -1.73 -2.61
N ALA A 33 11.30 -2.48 -1.64
CA ALA A 33 9.94 -3.10 -1.72
C ALA A 33 8.87 -2.01 -1.84
N ILE A 34 8.94 -1.03 -0.98
CA ILE A 34 7.92 0.07 -0.99
C ILE A 34 8.11 0.93 -2.25
N GLU A 35 9.32 1.14 -2.66
CA GLU A 35 9.58 1.99 -3.85
C GLU A 35 8.98 1.31 -5.10
N LYS A 36 9.20 0.03 -5.26
CA LYS A 36 8.64 -0.67 -6.46
C LYS A 36 7.11 -0.62 -6.42
N ALA A 37 6.52 -0.73 -5.27
CA ALA A 37 5.03 -0.70 -5.24
C ALA A 37 4.54 0.63 -5.81
N PHE A 38 5.07 1.73 -5.35
CA PHE A 38 4.63 3.04 -5.91
C PHE A 38 4.92 3.08 -7.42
N GLN A 39 6.07 2.60 -7.82
CA GLN A 39 6.43 2.62 -9.26
C GLN A 39 5.42 1.79 -10.05
N LEU A 40 5.00 0.66 -9.53
CA LEU A 40 4.02 -0.19 -10.26
C LEU A 40 2.74 0.61 -10.49
N TRP A 41 2.31 1.37 -9.52
CA TRP A 41 1.05 2.15 -9.70
C TRP A 41 1.28 3.32 -10.65
N SER A 42 2.37 4.03 -10.48
CA SER A 42 2.66 5.19 -11.37
C SER A 42 2.97 4.72 -12.80
N ASN A 43 3.53 3.56 -12.93
CA ASN A 43 3.89 3.06 -14.30
C ASN A 43 2.65 2.98 -15.18
N VAL A 44 1.50 2.69 -14.62
CA VAL A 44 0.26 2.56 -15.45
C VAL A 44 -0.66 3.77 -15.24
N THR A 45 -0.21 4.79 -14.53
CA THR A 45 -1.08 6.00 -14.33
C THR A 45 -0.20 7.26 -14.25
N PRO A 46 -0.72 8.42 -14.67
CA PRO A 46 0.09 9.68 -14.60
C PRO A 46 0.40 10.11 -13.16
N LEU A 47 0.05 9.30 -12.21
CA LEU A 47 0.32 9.66 -10.80
C LEU A 47 1.82 9.59 -10.54
N THR A 48 2.29 10.30 -9.55
CA THR A 48 3.76 10.28 -9.23
C THR A 48 3.94 10.21 -7.72
N PHE A 49 4.98 9.57 -7.27
CA PHE A 49 5.24 9.44 -5.80
C PHE A 49 6.67 9.89 -5.50
N THR A 50 6.93 10.27 -4.27
CA THR A 50 8.32 10.71 -3.92
C THR A 50 8.57 10.52 -2.41
N LYS A 51 9.74 10.06 -2.07
CA LYS A 51 10.09 9.84 -0.63
C LYS A 51 10.44 11.19 0.00
N VAL A 52 9.93 11.44 1.19
CA VAL A 52 10.23 12.74 1.88
C VAL A 52 10.71 12.47 3.31
N SER A 53 11.80 13.08 3.71
CA SER A 53 12.34 12.86 5.09
C SER A 53 11.99 14.06 5.98
N GLU A 54 11.36 15.07 5.42
CA GLU A 54 10.99 16.28 6.24
C GLU A 54 9.61 16.76 5.82
N GLY A 55 8.91 17.41 6.73
CA GLY A 55 7.54 17.92 6.39
C GLY A 55 6.51 16.81 6.64
N GLN A 56 5.26 17.10 6.44
CA GLN A 56 4.19 16.06 6.67
C GLN A 56 4.06 15.18 5.42
N ALA A 57 3.99 13.89 5.61
CA ALA A 57 3.86 12.95 4.45
C ALA A 57 2.39 12.53 4.31
N ASP A 58 1.88 12.55 3.10
CA ASP A 58 0.45 12.17 2.90
C ASP A 58 0.22 10.73 3.37
N ILE A 59 1.14 9.84 3.07
CA ILE A 59 0.98 8.40 3.48
C ILE A 59 2.14 7.99 4.39
N MET A 60 1.85 7.65 5.63
CA MET A 60 2.93 7.21 6.57
C MET A 60 2.89 5.69 6.73
N ILE A 61 4.03 5.06 6.78
CA ILE A 61 4.09 3.57 6.95
C ILE A 61 4.89 3.23 8.22
N SER A 62 4.33 2.42 9.10
CA SER A 62 5.06 2.07 10.35
C SER A 62 4.76 0.62 10.77
N PHE A 63 5.68 0.00 11.48
CA PHE A 63 5.47 -1.40 11.94
C PHE A 63 5.11 -1.37 13.43
N VAL A 64 4.20 -2.21 13.87
CA VAL A 64 3.78 -2.19 15.32
C VAL A 64 3.63 -3.62 15.85
N ARG A 65 3.46 -3.74 17.16
CA ARG A 65 3.31 -5.09 17.79
C ARG A 65 2.10 -5.12 18.72
N GLY A 66 1.36 -6.20 18.70
CA GLY A 66 0.17 -6.33 19.60
C GLY A 66 -0.61 -5.01 19.66
N ASP A 67 -1.15 -4.70 20.81
CA ASP A 67 -1.93 -3.44 20.97
C ASP A 67 -1.03 -2.22 20.73
N HIS A 68 -1.52 -1.25 20.00
CA HIS A 68 -0.71 -0.03 19.71
C HIS A 68 -1.59 1.22 19.78
N ARG A 69 -2.28 1.39 20.87
CA ARG A 69 -3.16 2.59 21.00
C ARG A 69 -4.11 2.67 19.80
N ASP A 70 -4.85 1.62 19.54
CA ASP A 70 -5.78 1.63 18.37
C ASP A 70 -7.05 0.84 18.72
N ASN A 71 -8.12 1.02 17.99
CA ASN A 71 -9.37 0.27 18.29
C ASN A 71 -9.36 -1.05 17.51
N SER A 72 -8.24 -1.38 16.89
CA SER A 72 -8.15 -2.66 16.11
C SER A 72 -6.81 -3.36 16.45
N PRO A 73 -6.69 -3.87 17.67
CA PRO A 73 -5.44 -4.54 18.11
C PRO A 73 -5.25 -5.93 17.45
N PHE A 74 -4.02 -6.31 17.22
CA PHE A 74 -3.77 -7.64 16.58
C PHE A 74 -3.92 -8.73 17.64
N ASP A 75 -4.57 -9.83 17.30
CA ASP A 75 -4.75 -10.94 18.29
C ASP A 75 -3.81 -12.08 17.95
N GLY A 76 -2.53 -11.88 18.09
CA GLY A 76 -1.56 -12.96 17.79
C GLY A 76 -1.49 -13.19 16.27
N PRO A 77 -0.83 -14.23 15.83
CA PRO A 77 -0.74 -14.52 14.37
C PRO A 77 -2.13 -14.59 13.71
N GLY A 78 -3.17 -14.59 14.49
CA GLY A 78 -4.55 -14.65 13.91
C GLY A 78 -5.04 -13.24 13.61
N GLY A 79 -6.25 -13.10 13.13
CA GLY A 79 -6.78 -11.74 12.84
C GLY A 79 -6.18 -11.24 11.52
N ASN A 80 -6.34 -9.98 11.24
CA ASN A 80 -5.79 -9.43 9.97
C ASN A 80 -4.26 -9.33 10.06
N LEU A 81 -3.59 -9.33 8.94
CA LEU A 81 -2.10 -9.25 8.96
C LEU A 81 -1.67 -7.78 8.86
N ALA A 82 -2.54 -6.93 8.40
CA ALA A 82 -2.19 -5.49 8.29
C ALA A 82 -3.46 -4.70 7.98
N HIS A 83 -3.43 -3.40 8.15
CA HIS A 83 -4.66 -2.58 7.86
C HIS A 83 -4.25 -1.12 7.67
N ALA A 84 -5.20 -0.25 7.49
CA ALA A 84 -4.84 1.18 7.30
C ALA A 84 -6.08 2.06 7.50
N PHE A 85 -5.92 3.35 7.52
CA PHE A 85 -7.08 4.27 7.73
C PHE A 85 -7.52 4.86 6.38
N GLN A 86 -8.73 5.33 6.28
CA GLN A 86 -9.20 5.89 4.98
C GLN A 86 -8.31 7.10 4.60
N PRO A 87 -8.11 7.37 3.33
CA PRO A 87 -7.26 8.53 2.92
C PRO A 87 -7.81 9.86 3.46
N GLY A 88 -7.21 10.40 4.48
CA GLY A 88 -7.68 11.69 5.05
C GLY A 88 -6.52 12.33 5.84
N PRO A 89 -6.70 13.56 6.28
CA PRO A 89 -5.63 14.25 7.05
C PRO A 89 -5.38 13.58 8.41
N GLY A 90 -4.48 14.12 9.20
CA GLY A 90 -4.21 13.52 10.53
C GLY A 90 -3.69 12.08 10.37
N ILE A 91 -4.30 11.14 11.04
CA ILE A 91 -3.83 9.72 10.94
C ILE A 91 -4.34 9.09 9.63
N GLY A 92 -5.19 9.78 8.91
CA GLY A 92 -5.70 9.21 7.63
C GLY A 92 -4.56 8.99 6.64
N GLY A 93 -4.61 7.92 5.89
CA GLY A 93 -3.53 7.62 4.90
C GLY A 93 -2.45 6.77 5.58
N ASP A 94 -2.47 6.70 6.88
CA ASP A 94 -1.44 5.87 7.59
C ASP A 94 -1.67 4.39 7.30
N ALA A 95 -0.65 3.58 7.45
CA ALA A 95 -0.80 2.12 7.18
C ALA A 95 0.08 1.32 8.15
N HIS A 96 -0.52 0.48 8.96
CA HIS A 96 0.27 -0.33 9.95
C HIS A 96 0.51 -1.75 9.42
N PHE A 97 1.66 -2.30 9.72
CA PHE A 97 2.00 -3.69 9.26
C PHE A 97 2.25 -4.56 10.50
N ASP A 98 1.75 -5.77 10.50
CA ASP A 98 1.98 -6.66 11.66
C ASP A 98 3.47 -6.96 11.78
N GLU A 99 4.06 -6.64 12.89
CA GLU A 99 5.52 -6.89 13.08
C GLU A 99 5.73 -8.18 13.86
N ASP A 100 4.66 -8.81 14.27
CA ASP A 100 4.78 -10.07 15.04
C ASP A 100 5.14 -11.22 14.10
N GLU A 101 4.91 -11.04 12.83
CA GLU A 101 5.21 -12.11 11.84
C GLU A 101 6.56 -11.85 11.18
N ARG A 102 7.17 -12.86 10.62
CA ARG A 102 8.50 -12.69 9.97
C ARG A 102 8.28 -12.28 8.52
N TRP A 103 8.74 -11.11 8.16
CA TRP A 103 8.57 -10.63 6.77
C TRP A 103 9.78 -11.05 5.92
N THR A 104 9.57 -11.30 4.66
CA THR A 104 10.69 -11.70 3.76
C THR A 104 10.64 -10.84 2.49
N ASN A 105 11.73 -10.78 1.78
CA ASN A 105 11.79 -9.95 0.54
C ASN A 105 11.82 -10.88 -0.69
N ASN A 106 11.20 -12.02 -0.59
CA ASN A 106 11.18 -12.97 -1.74
C ASN A 106 9.89 -13.80 -1.72
N PHE A 107 9.86 -14.87 -2.47
CA PHE A 107 8.64 -15.73 -2.52
C PHE A 107 8.59 -16.66 -1.32
N ARG A 108 9.10 -16.23 -0.20
CA ARG A 108 9.06 -17.09 1.02
C ARG A 108 7.66 -17.10 1.61
N GLU A 109 7.53 -17.55 2.83
CA GLU A 109 6.20 -17.64 3.49
C GLU A 109 5.40 -16.33 3.34
N TYR A 110 5.91 -15.23 3.83
CA TYR A 110 5.16 -13.93 3.74
C TYR A 110 5.83 -12.97 2.75
N ASN A 111 5.08 -12.40 1.83
CA ASN A 111 5.68 -11.44 0.85
C ASN A 111 5.30 -10.02 1.28
N LEU A 112 6.25 -9.27 1.80
CA LEU A 112 5.94 -7.88 2.26
C LEU A 112 5.57 -6.97 1.07
N HIS A 113 6.27 -7.09 -0.02
CA HIS A 113 5.98 -6.21 -1.19
C HIS A 113 4.54 -6.43 -1.65
N ARG A 114 4.09 -7.64 -1.69
CA ARG A 114 2.69 -7.91 -2.15
C ARG A 114 1.70 -7.19 -1.22
N VAL A 115 1.95 -7.18 0.08
CA VAL A 115 1.02 -6.51 1.03
C VAL A 115 1.10 -4.99 0.84
N ALA A 116 2.27 -4.46 0.61
CA ALA A 116 2.38 -2.98 0.43
C ALA A 116 1.49 -2.55 -0.74
N ALA A 117 1.48 -3.29 -1.80
CA ALA A 117 0.63 -2.92 -2.97
C ALA A 117 -0.85 -3.04 -2.58
N HIS A 118 -1.18 -4.00 -1.75
CA HIS A 118 -2.61 -4.19 -1.34
C HIS A 118 -3.06 -3.02 -0.43
N GLU A 119 -2.28 -2.70 0.57
CA GLU A 119 -2.65 -1.58 1.49
C GLU A 119 -2.76 -0.29 0.70
N LEU A 120 -1.87 -0.08 -0.23
CA LEU A 120 -1.94 1.16 -1.05
C LEU A 120 -3.24 1.13 -1.86
N GLY A 121 -3.62 0.00 -2.33
CA GLY A 121 -4.88 -0.08 -3.13
C GLY A 121 -6.04 0.47 -2.30
N HIS A 122 -6.09 0.16 -1.03
CA HIS A 122 -7.19 0.69 -0.18
C HIS A 122 -7.07 2.21 -0.11
N SER A 123 -5.86 2.72 -0.04
CA SER A 123 -5.67 4.20 0.01
C SER A 123 -6.02 4.79 -1.35
N LEU A 124 -5.91 4.00 -2.38
CA LEU A 124 -6.24 4.50 -3.74
C LEU A 124 -7.75 4.40 -3.94
N GLY A 125 -8.45 3.89 -2.96
CA GLY A 125 -9.94 3.79 -3.08
C GLY A 125 -10.34 2.50 -3.83
N LEU A 126 -9.42 1.60 -4.04
CA LEU A 126 -9.78 0.35 -4.76
C LEU A 126 -10.43 -0.62 -3.78
N SER A 127 -11.56 -1.18 -4.14
CA SER A 127 -12.26 -2.13 -3.23
C SER A 127 -11.74 -3.55 -3.48
N HIS A 128 -12.15 -4.50 -2.69
CA HIS A 128 -11.68 -5.89 -2.89
C HIS A 128 -12.25 -6.46 -4.19
N SER A 129 -11.59 -7.43 -4.75
CA SER A 129 -12.07 -8.05 -6.02
C SER A 129 -12.11 -9.57 -5.85
N THR A 130 -12.88 -10.25 -6.66
CA THR A 130 -12.97 -11.74 -6.54
C THR A 130 -12.10 -12.39 -7.62
N ASP A 131 -11.33 -11.62 -8.33
CA ASP A 131 -10.46 -12.21 -9.40
C ASP A 131 -9.22 -12.84 -8.76
N ILE A 132 -8.91 -14.04 -9.15
CA ILE A 132 -7.73 -14.74 -8.58
C ILE A 132 -6.43 -13.97 -8.87
N GLY A 133 -6.31 -13.38 -10.04
CA GLY A 133 -5.05 -12.65 -10.35
C GLY A 133 -5.06 -11.26 -9.70
N ALA A 134 -6.11 -10.91 -9.01
CA ALA A 134 -6.15 -9.57 -8.36
C ALA A 134 -5.42 -9.64 -7.01
N LEU A 135 -4.52 -8.74 -6.77
CA LEU A 135 -3.81 -8.76 -5.47
C LEU A 135 -4.78 -8.39 -4.36
N MET A 136 -5.80 -7.64 -4.67
CA MET A 136 -6.79 -7.24 -3.63
C MET A 136 -7.67 -8.45 -3.26
N TYR A 137 -7.06 -9.57 -2.97
CA TYR A 137 -7.87 -10.77 -2.59
C TYR A 137 -8.51 -10.50 -1.22
N PRO A 138 -9.79 -10.80 -1.00
CA PRO A 138 -10.41 -10.53 0.32
C PRO A 138 -9.77 -11.35 1.46
N SER A 139 -8.62 -11.93 1.23
CA SER A 139 -7.95 -12.72 2.30
C SER A 139 -6.47 -12.95 1.93
N TYR A 140 -5.70 -13.49 2.84
CA TYR A 140 -4.26 -13.74 2.55
C TYR A 140 -4.12 -15.08 1.78
N THR A 141 -3.19 -15.15 0.85
CA THR A 141 -3.00 -16.42 0.07
C THR A 141 -1.51 -16.65 -0.18
N PHE A 142 -1.06 -17.86 -0.03
CA PHE A 142 0.37 -18.17 -0.24
C PHE A 142 0.73 -18.04 -1.72
N SER A 143 -0.20 -18.28 -2.61
CA SER A 143 0.10 -18.19 -4.06
C SER A 143 -0.37 -16.85 -4.61
N GLY A 144 0.49 -16.15 -5.30
CA GLY A 144 0.11 -14.82 -5.87
C GLY A 144 1.38 -14.05 -6.23
N ASP A 145 1.62 -13.83 -7.50
CA ASP A 145 2.84 -13.08 -7.90
C ASP A 145 2.57 -11.59 -7.75
N VAL A 146 3.59 -10.79 -7.60
CA VAL A 146 3.38 -9.33 -7.45
C VAL A 146 3.27 -8.68 -8.83
N GLN A 147 2.09 -8.62 -9.37
CA GLN A 147 1.88 -8.00 -10.71
C GLN A 147 0.50 -7.34 -10.73
N LEU A 148 0.36 -6.22 -11.38
CA LEU A 148 -0.98 -5.57 -11.42
C LEU A 148 -1.86 -6.35 -12.41
N ALA A 149 -3.08 -6.60 -12.06
CA ALA A 149 -3.98 -7.36 -12.98
C ALA A 149 -4.76 -6.39 -13.86
N GLN A 150 -5.39 -6.88 -14.88
CA GLN A 150 -6.18 -5.98 -15.77
C GLN A 150 -7.26 -5.32 -14.93
N ASP A 151 -7.86 -6.05 -14.03
CA ASP A 151 -8.93 -5.46 -13.19
C ASP A 151 -8.35 -4.28 -12.40
N ASP A 152 -7.16 -4.46 -11.87
CA ASP A 152 -6.52 -3.37 -11.08
C ASP A 152 -6.07 -2.24 -12.03
N ILE A 153 -5.48 -2.57 -13.15
CA ILE A 153 -5.03 -1.52 -14.11
C ILE A 153 -6.25 -0.76 -14.64
N ASP A 154 -7.23 -1.47 -15.11
CA ASP A 154 -8.45 -0.81 -15.63
C ASP A 154 -9.16 -0.06 -14.50
N GLY A 155 -9.18 -0.63 -13.33
CA GLY A 155 -9.86 0.03 -12.17
C GLY A 155 -9.19 1.36 -11.81
N ILE A 156 -7.90 1.37 -11.62
CA ILE A 156 -7.23 2.65 -11.24
C ILE A 156 -7.25 3.61 -12.44
N GLN A 157 -7.07 3.10 -13.63
CA GLN A 157 -7.10 4.00 -14.81
C GLN A 157 -8.51 4.58 -14.98
N ALA A 158 -9.52 3.80 -14.75
CA ALA A 158 -10.90 4.34 -14.89
C ALA A 158 -11.10 5.52 -13.93
N ILE A 159 -10.66 5.38 -12.72
CA ILE A 159 -10.81 6.50 -11.75
C ILE A 159 -10.06 7.74 -12.25
N TYR A 160 -8.81 7.59 -12.61
CA TYR A 160 -8.02 8.77 -13.11
C TYR A 160 -7.96 8.76 -14.64
N GLY A 161 -7.33 7.78 -15.22
CA GLY A 161 -7.23 7.74 -16.71
C GLY A 161 -6.07 6.83 -17.12
N ARG A 162 -5.86 6.67 -18.40
CA ARG A 162 -4.74 5.81 -18.86
C ARG A 162 -3.47 6.65 -18.94
N SER A 163 -2.33 6.03 -18.85
CA SER A 163 -1.06 6.80 -18.92
C SER A 163 -0.83 7.23 -20.36
N GLN A 164 -1.43 8.31 -20.76
CA GLN A 164 -1.27 8.80 -22.16
C GLN A 164 0.05 9.55 -22.31
N ASN A 165 1.06 9.13 -21.60
CA ASN A 165 2.38 9.81 -21.69
C ASN A 165 3.48 8.82 -21.32
N PRO A 166 3.81 7.92 -22.23
CA PRO A 166 4.85 6.89 -21.97
C PRO A 166 6.26 7.46 -22.22
N VAL A 167 6.74 8.29 -21.34
CA VAL A 167 8.10 8.88 -21.51
C VAL A 167 9.13 7.95 -20.84
N GLN A 168 10.19 7.64 -21.54
CA GLN A 168 11.25 6.75 -20.97
C GLN A 168 12.61 7.44 -21.08
N PRO A 169 12.92 8.35 -20.18
CA PRO A 169 14.23 9.08 -20.25
C PRO A 169 15.43 8.13 -20.16
ZN ZN B . -7.68 -5.65 1.70
ZN ZN C . -2.47 -0.62 13.52
CA CA D . -1.43 -11.36 12.59
N1 CGS E . -7.03 -8.72 5.76
CC CGS E . -8.03 -9.73 5.23
CA CGS E . -7.21 -7.24 5.64
S4 CGS E . -5.34 -9.26 5.82
C5 CGS E . -8.96 -10.44 6.19
CD CGS E . -8.47 -10.98 7.44
CE CGS E . -9.35 -11.66 8.37
CZ CGS E . -10.73 -11.79 8.01
N11 CGS E . -11.24 -11.29 6.82
CY CGS E . -10.37 -10.62 5.94
C17 CGS E . -4.60 -9.14 4.20
CE2 CGS E . -4.77 -10.18 3.22
CD2 CGS E . -4.17 -10.07 1.90
C20 CGS E . -3.37 -8.88 1.55
CD1 CGS E . -3.21 -7.83 2.56
CE1 CGS E . -3.82 -7.97 3.87
O27 CGS E . -2.78 -8.75 0.27
COM CGS E . -1.47 -9.31 0.10
O32 CGS E . -5.43 -10.64 6.23
O33 CGS E . -4.73 -8.31 6.70
C34 CGS E . -7.05 -6.78 4.19
N35 CGS E . -5.99 -6.03 3.95
CB CGS E . -8.38 -6.50 6.36
CG2 CGS E . -7.95 -5.18 6.99
CG1 CGS E . -9.06 -7.31 7.47
O47 CGS E . -7.84 -7.06 3.29
O48 CGS E . -5.76 -5.56 2.67
HC1 CGS E . -8.63 -9.21 4.48
HC2 CGS E . -7.46 -10.48 4.68
HA CGS E . -6.34 -6.82 6.16
HD CGS E . -7.43 -10.89 7.70
HE CGS E . -8.98 -12.08 9.30
HZ CGS E . -11.44 -12.29 8.65
HY CGS E . -10.80 -10.25 5.03
HE2 CGS E . -5.35 -11.06 3.48
HD2 CGS E . -4.31 -10.86 1.18
HD1 CGS E . -2.64 -6.94 2.35
HE1 CGS E . -3.70 -7.19 4.60
HOM1 CGS E . -1.43 -10.35 0.43
HOM2 CGS E . -1.17 -9.29 -0.95
HOM3 CGS E . -0.72 -8.76 0.67
H49 CGS E . -5.38 -5.83 4.73
HB CGS E . -9.15 -6.27 5.64
HG21 CGS E . -8.17 -5.17 8.05
HG22 CGS E . -8.48 -4.35 6.52
HG23 CGS E . -6.89 -5.01 6.86
HG11 CGS E . -10.14 -7.35 7.31
HG12 CGS E . -8.87 -6.88 8.44
HG13 CGS E . -8.68 -8.34 7.47
H50 CGS E . -6.45 -4.95 2.37
N VAL A 1 -23.48 18.49 0.85
CA VAL A 1 -22.29 19.10 0.19
C VAL A 1 -21.15 18.09 0.13
N LEU A 2 -21.19 17.09 0.98
CA LEU A 2 -20.11 16.07 0.98
C LEU A 2 -20.31 15.10 -0.18
N THR A 3 -19.28 14.43 -0.59
CA THR A 3 -19.39 13.47 -1.72
C THR A 3 -19.76 12.09 -1.18
N GLU A 4 -20.35 11.25 -1.97
CA GLU A 4 -20.74 9.89 -1.49
C GLU A 4 -19.47 9.05 -1.33
N GLY A 5 -19.37 8.32 -0.26
CA GLY A 5 -18.16 7.48 -0.05
C GLY A 5 -17.03 8.37 0.47
N ASN A 6 -15.82 7.86 0.52
CA ASN A 6 -14.69 8.68 1.02
C ASN A 6 -14.17 9.58 -0.12
N PRO A 7 -13.62 10.75 0.18
CA PRO A 7 -13.10 11.65 -0.88
C PRO A 7 -12.00 10.96 -1.71
N ARG A 8 -11.31 11.72 -2.53
CA ARG A 8 -10.22 11.13 -3.37
C ARG A 8 -9.05 12.12 -3.42
N TRP A 9 -7.89 11.68 -3.85
CA TRP A 9 -6.73 12.61 -3.90
C TRP A 9 -6.82 13.46 -5.17
N GLU A 10 -6.97 14.75 -5.01
CA GLU A 10 -7.08 15.65 -6.20
C GLU A 10 -5.67 16.03 -6.67
N GLN A 11 -4.67 15.71 -5.91
CA GLN A 11 -3.27 16.07 -6.30
C GLN A 11 -2.73 15.03 -7.28
N THR A 12 -1.86 15.44 -8.17
CA THR A 12 -1.25 14.49 -9.15
C THR A 12 0.07 13.99 -8.58
N HIS A 13 0.46 14.51 -7.45
CA HIS A 13 1.74 14.10 -6.80
C HIS A 13 1.45 13.70 -5.35
N LEU A 14 2.06 12.65 -4.87
CA LEU A 14 1.82 12.20 -3.45
C LEU A 14 3.17 11.99 -2.76
N THR A 15 3.21 12.14 -1.46
CA THR A 15 4.49 11.95 -0.71
C THR A 15 4.27 10.92 0.41
N TYR A 16 5.31 10.25 0.83
CA TYR A 16 5.17 9.24 1.91
C TYR A 16 6.40 9.28 2.83
N ARG A 17 6.28 8.76 4.03
CA ARG A 17 7.43 8.78 4.98
C ARG A 17 7.38 7.55 5.88
N ILE A 18 8.47 6.84 6.00
CA ILE A 18 8.49 5.64 6.89
C ILE A 18 8.91 6.13 8.29
N GLU A 19 8.07 5.96 9.26
CA GLU A 19 8.42 6.45 10.63
C GLU A 19 9.66 5.73 11.15
N ASN A 20 9.79 4.45 10.92
CA ASN A 20 10.99 3.73 11.41
C ASN A 20 11.12 2.37 10.69
N TYR A 21 12.33 1.86 10.60
CA TYR A 21 12.54 0.54 9.93
C TYR A 21 12.64 -0.54 11.00
N THR A 22 12.02 -1.66 10.78
CA THR A 22 12.08 -2.76 11.78
C THR A 22 13.49 -3.38 11.78
N PRO A 23 14.01 -3.82 12.92
CA PRO A 23 15.37 -4.44 12.94
C PRO A 23 15.41 -5.76 12.16
N ASP A 24 14.27 -6.31 11.84
CA ASP A 24 14.24 -7.59 11.09
C ASP A 24 14.92 -7.44 9.73
N LEU A 25 14.72 -6.33 9.07
CA LEU A 25 15.35 -6.10 7.73
C LEU A 25 15.92 -4.67 7.69
N PRO A 26 16.98 -4.41 6.94
CA PRO A 26 17.54 -3.03 6.87
C PRO A 26 16.59 -2.06 6.17
N ARG A 27 17.02 -0.85 5.92
CA ARG A 27 16.15 0.15 5.25
C ARG A 27 16.29 0.05 3.73
N ALA A 28 17.48 -0.20 3.24
CA ALA A 28 17.66 -0.30 1.76
C ALA A 28 16.77 -1.41 1.21
N ASP A 29 16.69 -2.53 1.90
CA ASP A 29 15.83 -3.64 1.41
C ASP A 29 14.36 -3.25 1.58
N VAL A 30 14.03 -2.60 2.65
CA VAL A 30 12.62 -2.19 2.88
C VAL A 30 12.24 -1.06 1.92
N ASP A 31 13.07 -0.07 1.79
CA ASP A 31 12.75 1.07 0.87
C ASP A 31 12.58 0.52 -0.56
N HIS A 32 13.44 -0.38 -0.97
CA HIS A 32 13.31 -0.92 -2.34
C HIS A 32 11.95 -1.58 -2.51
N ALA A 33 11.53 -2.37 -1.55
CA ALA A 33 10.21 -3.03 -1.65
C ALA A 33 9.10 -1.96 -1.74
N ILE A 34 9.14 -0.98 -0.88
CA ILE A 34 8.10 0.08 -0.90
C ILE A 34 8.26 0.97 -2.15
N GLU A 35 9.47 1.28 -2.51
CA GLU A 35 9.69 2.13 -3.70
C GLU A 35 9.34 1.34 -4.97
N LYS A 36 9.67 0.07 -5.00
CA LYS A 36 9.35 -0.75 -6.20
C LYS A 36 7.82 -0.77 -6.42
N ALA A 37 7.06 -0.87 -5.37
CA ALA A 37 5.58 -0.91 -5.54
C ALA A 37 5.09 0.40 -6.14
N PHE A 38 5.61 1.51 -5.70
CA PHE A 38 5.14 2.80 -6.28
C PHE A 38 5.41 2.82 -7.78
N GLN A 39 6.53 2.32 -8.22
CA GLN A 39 6.80 2.33 -9.69
C GLN A 39 5.72 1.51 -10.42
N LEU A 40 5.29 0.41 -9.87
CA LEU A 40 4.24 -0.39 -10.55
C LEU A 40 2.98 0.46 -10.72
N TRP A 41 2.64 1.21 -9.73
CA TRP A 41 1.41 2.06 -9.82
C TRP A 41 1.66 3.25 -10.74
N SER A 42 2.78 3.91 -10.60
CA SER A 42 3.08 5.10 -11.46
C SER A 42 3.33 4.66 -12.91
N ASN A 43 3.93 3.52 -13.09
CA ASN A 43 4.21 3.04 -14.49
C ASN A 43 2.92 2.98 -15.29
N VAL A 44 1.81 2.76 -14.65
CA VAL A 44 0.50 2.66 -15.38
C VAL A 44 -0.38 3.87 -15.07
N THR A 45 0.11 4.85 -14.34
CA THR A 45 -0.73 6.05 -14.01
C THR A 45 0.17 7.31 -14.06
N PRO A 46 -0.35 8.46 -14.47
CA PRO A 46 0.49 9.71 -14.50
C PRO A 46 0.81 10.21 -13.08
N LEU A 47 0.48 9.43 -12.08
CA LEU A 47 0.75 9.85 -10.68
C LEU A 47 2.24 9.73 -10.39
N THR A 48 2.72 10.48 -9.41
CA THR A 48 4.17 10.42 -9.05
C THR A 48 4.30 10.34 -7.53
N PHE A 49 5.35 9.73 -7.02
CA PHE A 49 5.52 9.59 -5.54
C PHE A 49 6.92 10.04 -5.12
N THR A 50 7.06 10.53 -3.91
CA THR A 50 8.41 11.00 -3.45
C THR A 50 8.49 10.95 -1.91
N LYS A 51 9.58 10.44 -1.39
CA LYS A 51 9.72 10.38 0.10
C LYS A 51 10.08 11.76 0.64
N VAL A 52 9.61 12.08 1.83
CA VAL A 52 9.91 13.41 2.45
C VAL A 52 10.64 13.19 3.78
N SER A 53 11.68 13.94 4.02
CA SER A 53 12.45 13.78 5.30
C SER A 53 11.99 14.83 6.32
N GLU A 54 11.11 15.72 5.92
CA GLU A 54 10.61 16.76 6.87
C GLU A 54 9.14 17.07 6.58
N GLY A 55 8.39 17.45 7.57
CA GLY A 55 6.95 17.77 7.35
C GLY A 55 6.15 16.47 7.31
N GLN A 56 4.86 16.56 7.33
CA GLN A 56 4.02 15.31 7.29
C GLN A 56 3.91 14.84 5.84
N ALA A 57 3.71 13.56 5.64
CA ALA A 57 3.59 13.02 4.25
C ALA A 57 2.14 12.59 4.00
N ASP A 58 1.71 12.57 2.77
CA ASP A 58 0.30 12.17 2.50
C ASP A 58 0.04 10.76 3.01
N ILE A 59 0.99 9.87 2.83
CA ILE A 59 0.80 8.46 3.32
C ILE A 59 1.90 8.12 4.33
N MET A 60 1.53 7.86 5.55
CA MET A 60 2.55 7.52 6.61
C MET A 60 2.58 5.99 6.79
N ILE A 61 3.75 5.42 6.85
CA ILE A 61 3.88 3.93 7.05
C ILE A 61 4.66 3.66 8.33
N SER A 62 4.13 2.82 9.19
CA SER A 62 4.85 2.52 10.47
C SER A 62 4.56 1.07 10.88
N PHE A 63 5.45 0.49 11.67
CA PHE A 63 5.26 -0.92 12.13
C PHE A 63 4.83 -0.91 13.59
N VAL A 64 3.90 -1.76 13.97
CA VAL A 64 3.41 -1.79 15.38
C VAL A 64 3.34 -3.22 15.90
N ARG A 65 3.27 -3.38 17.20
CA ARG A 65 3.19 -4.75 17.81
C ARG A 65 2.03 -4.81 18.80
N GLY A 66 1.24 -5.85 18.74
CA GLY A 66 0.09 -6.00 19.69
C GLY A 66 -0.65 -4.67 19.85
N ASP A 67 -0.99 -4.33 21.06
CA ASP A 67 -1.70 -3.05 21.31
C ASP A 67 -0.75 -1.88 21.08
N HIS A 68 -1.13 -0.97 20.22
CA HIS A 68 -0.26 0.22 19.92
C HIS A 68 -1.12 1.48 19.83
N ARG A 69 -1.69 1.90 20.93
CA ARG A 69 -2.54 3.13 20.91
C ARG A 69 -3.67 2.95 19.88
N ASP A 70 -4.34 1.84 19.94
CA ASP A 70 -5.47 1.60 18.97
C ASP A 70 -6.58 0.85 19.70
N ASN A 71 -7.80 0.96 19.24
CA ASN A 71 -8.93 0.27 19.90
C ASN A 71 -9.14 -1.12 19.27
N SER A 72 -8.24 -1.53 18.41
CA SER A 72 -8.38 -2.88 17.76
C SER A 72 -7.00 -3.57 17.72
N PRO A 73 -6.53 -4.08 18.83
CA PRO A 73 -5.21 -4.76 18.89
C PRO A 73 -5.16 -6.03 18.02
N PHE A 74 -4.00 -6.52 17.72
CA PHE A 74 -3.88 -7.75 16.90
C PHE A 74 -4.15 -8.97 17.77
N ASP A 75 -4.64 -10.03 17.16
CA ASP A 75 -4.95 -11.28 17.93
C ASP A 75 -3.88 -12.33 17.66
N GLY A 76 -2.67 -12.10 18.09
CA GLY A 76 -1.59 -13.10 17.86
C GLY A 76 -1.34 -13.24 16.36
N PRO A 77 -0.60 -14.25 15.95
CA PRO A 77 -0.31 -14.47 14.51
C PRO A 77 -1.59 -14.62 13.68
N GLY A 78 -2.70 -14.86 14.32
CA GLY A 78 -3.98 -15.00 13.58
C GLY A 78 -4.60 -13.61 13.41
N GLY A 79 -5.75 -13.54 12.78
CA GLY A 79 -6.39 -12.20 12.59
C GLY A 79 -5.87 -11.54 11.31
N ASN A 80 -6.09 -10.26 11.17
CA ASN A 80 -5.62 -9.54 9.96
C ASN A 80 -4.10 -9.35 10.04
N LEU A 81 -3.43 -9.30 8.91
CA LEU A 81 -1.95 -9.12 8.92
C LEU A 81 -1.60 -7.63 8.86
N ALA A 82 -2.56 -6.80 8.56
CA ALA A 82 -2.29 -5.34 8.48
C ALA A 82 -3.60 -4.59 8.30
N HIS A 83 -3.58 -3.28 8.30
CA HIS A 83 -4.86 -2.53 8.12
C HIS A 83 -4.57 -1.06 7.85
N ALA A 84 -5.02 -0.57 6.73
CA ALA A 84 -4.81 0.85 6.37
C ALA A 84 -5.95 1.71 6.94
N PHE A 85 -5.81 3.01 6.88
CA PHE A 85 -6.88 3.93 7.38
C PHE A 85 -7.59 4.54 6.17
N GLN A 86 -8.85 4.85 6.29
CA GLN A 86 -9.57 5.45 5.13
C GLN A 86 -8.88 6.75 4.69
N PRO A 87 -8.91 7.10 3.42
CA PRO A 87 -8.25 8.35 2.96
C PRO A 87 -8.86 9.61 3.60
N GLY A 88 -8.20 10.16 4.57
CA GLY A 88 -8.72 11.38 5.24
C GLY A 88 -7.57 12.09 5.98
N PRO A 89 -7.85 13.20 6.62
CA PRO A 89 -6.80 13.97 7.36
C PRO A 89 -6.39 13.28 8.67
N GLY A 90 -5.50 13.90 9.41
CA GLY A 90 -5.05 13.32 10.71
C GLY A 90 -4.44 11.93 10.50
N ILE A 91 -5.00 10.94 11.14
CA ILE A 91 -4.44 9.56 11.01
C ILE A 91 -4.81 8.97 9.65
N GLY A 92 -5.74 9.56 8.96
CA GLY A 92 -6.16 9.01 7.63
C GLY A 92 -4.95 8.92 6.69
N GLY A 93 -4.94 7.92 5.84
CA GLY A 93 -3.80 7.75 4.88
C GLY A 93 -2.68 6.95 5.54
N ASP A 94 -2.69 6.87 6.84
CA ASP A 94 -1.63 6.10 7.55
C ASP A 94 -1.77 4.61 7.23
N ALA A 95 -0.72 3.85 7.46
CA ALA A 95 -0.78 2.39 7.16
C ALA A 95 -0.04 1.62 8.25
N HIS A 96 -0.72 0.70 8.88
CA HIS A 96 -0.07 -0.10 9.99
C HIS A 96 0.30 -1.49 9.47
N PHE A 97 1.50 -1.95 9.77
CA PHE A 97 1.95 -3.30 9.32
C PHE A 97 2.17 -4.20 10.56
N ASP A 98 1.63 -5.38 10.54
CA ASP A 98 1.81 -6.30 11.71
C ASP A 98 3.30 -6.65 11.84
N GLU A 99 3.89 -6.30 12.95
CA GLU A 99 5.34 -6.60 13.14
C GLU A 99 5.50 -7.85 14.02
N ASP A 100 4.41 -8.43 14.42
CA ASP A 100 4.50 -9.65 15.27
C ASP A 100 4.94 -10.83 14.41
N GLU A 101 4.83 -10.70 13.11
CA GLU A 101 5.25 -11.80 12.19
C GLU A 101 6.59 -11.42 11.55
N ARG A 102 7.34 -12.39 11.12
CA ARG A 102 8.67 -12.09 10.50
C ARG A 102 8.46 -11.75 9.02
N TRP A 103 8.79 -10.55 8.63
CA TRP A 103 8.61 -10.15 7.20
C TRP A 103 9.84 -10.55 6.40
N THR A 104 9.68 -10.88 5.14
CA THR A 104 10.85 -11.28 4.29
C THR A 104 10.85 -10.46 3.00
N ASN A 105 11.95 -10.46 2.29
CA ASN A 105 12.05 -9.69 1.01
C ASN A 105 12.27 -10.67 -0.16
N ASN A 106 11.79 -11.88 -0.03
CA ASN A 106 11.98 -12.89 -1.12
C ASN A 106 10.76 -13.81 -1.19
N PHE A 107 10.90 -14.96 -1.81
CA PHE A 107 9.74 -15.89 -1.94
C PHE A 107 9.58 -16.74 -0.67
N ARG A 108 9.91 -16.22 0.47
CA ARG A 108 9.75 -17.02 1.72
C ARG A 108 8.27 -17.07 2.13
N GLU A 109 8.00 -17.42 3.37
CA GLU A 109 6.59 -17.54 3.83
C GLU A 109 5.82 -16.23 3.64
N TYR A 110 6.29 -15.12 4.20
CA TYR A 110 5.53 -13.83 4.06
C TYR A 110 6.25 -12.88 3.09
N ASN A 111 5.53 -12.36 2.12
CA ASN A 111 6.16 -11.39 1.16
C ASN A 111 5.75 -9.97 1.57
N LEU A 112 6.70 -9.16 1.95
CA LEU A 112 6.36 -7.78 2.38
C LEU A 112 5.90 -6.91 1.19
N HIS A 113 6.53 -7.06 0.05
CA HIS A 113 6.14 -6.20 -1.12
C HIS A 113 4.69 -6.45 -1.51
N ARG A 114 4.25 -7.69 -1.57
CA ARG A 114 2.84 -7.95 -1.98
C ARG A 114 1.89 -7.27 -1.00
N VAL A 115 2.16 -7.34 0.26
CA VAL A 115 1.25 -6.67 1.24
C VAL A 115 1.41 -5.16 1.11
N ALA A 116 2.62 -4.69 0.95
CA ALA A 116 2.85 -3.23 0.80
C ALA A 116 2.09 -2.72 -0.42
N ALA A 117 2.14 -3.46 -1.50
CA ALA A 117 1.42 -3.04 -2.73
C ALA A 117 -0.08 -2.98 -2.47
N HIS A 118 -0.60 -3.91 -1.72
CA HIS A 118 -2.06 -3.90 -1.42
C HIS A 118 -2.40 -2.73 -0.50
N GLU A 119 -1.57 -2.46 0.48
CA GLU A 119 -1.86 -1.34 1.40
C GLU A 119 -1.93 -0.04 0.60
N LEU A 120 -1.06 0.12 -0.34
CA LEU A 120 -1.09 1.36 -1.18
C LEU A 120 -2.40 1.41 -1.95
N GLY A 121 -2.85 0.29 -2.44
CA GLY A 121 -4.13 0.28 -3.21
C GLY A 121 -5.26 0.83 -2.35
N HIS A 122 -5.29 0.48 -1.08
CA HIS A 122 -6.36 1.00 -0.20
C HIS A 122 -6.20 2.52 -0.09
N SER A 123 -4.99 3.00 -0.05
CA SER A 123 -4.77 4.46 0.05
C SER A 123 -5.17 5.12 -1.27
N LEU A 124 -5.14 4.37 -2.34
CA LEU A 124 -5.55 4.94 -3.66
C LEU A 124 -7.07 4.83 -3.79
N GLY A 125 -7.71 4.30 -2.77
CA GLY A 125 -9.19 4.17 -2.80
C GLY A 125 -9.62 2.94 -3.60
N LEU A 126 -8.71 2.03 -3.86
CA LEU A 126 -9.10 0.81 -4.63
C LEU A 126 -9.79 -0.17 -3.68
N SER A 127 -10.96 -0.64 -4.05
CA SER A 127 -11.70 -1.59 -3.17
C SER A 127 -11.26 -3.03 -3.48
N HIS A 128 -11.74 -3.97 -2.71
CA HIS A 128 -11.36 -5.39 -2.93
C HIS A 128 -11.98 -5.91 -4.23
N SER A 129 -11.42 -6.98 -4.77
CA SER A 129 -11.94 -7.56 -6.05
C SER A 129 -12.26 -9.05 -5.84
N THR A 130 -13.05 -9.62 -6.73
CA THR A 130 -13.41 -11.07 -6.59
C THR A 130 -12.53 -11.90 -7.51
N ASP A 131 -11.64 -11.27 -8.22
CA ASP A 131 -10.74 -12.02 -9.14
C ASP A 131 -9.59 -12.61 -8.34
N ILE A 132 -9.53 -13.90 -8.29
CA ILE A 132 -8.48 -14.58 -7.56
C ILE A 132 -7.11 -14.19 -8.10
N GLY A 133 -7.03 -13.78 -9.35
CA GLY A 133 -5.72 -13.39 -9.93
C GLY A 133 -5.39 -11.95 -9.58
N ALA A 134 -6.29 -11.26 -8.93
CA ALA A 134 -6.01 -9.84 -8.56
C ALA A 134 -5.21 -9.80 -7.25
N LEU A 135 -4.32 -8.85 -7.14
CA LEU A 135 -3.51 -8.73 -5.89
C LEU A 135 -4.44 -8.48 -4.71
N MET A 136 -5.50 -7.74 -4.92
CA MET A 136 -6.43 -7.46 -3.79
C MET A 136 -7.18 -8.73 -3.41
N TYR A 137 -6.46 -9.79 -3.11
CA TYR A 137 -7.12 -11.06 -2.72
C TYR A 137 -7.76 -10.89 -1.33
N PRO A 138 -9.01 -11.26 -1.11
CA PRO A 138 -9.61 -11.11 0.25
C PRO A 138 -8.63 -11.58 1.34
N SER A 139 -8.21 -12.81 1.26
CA SER A 139 -7.24 -13.36 2.26
C SER A 139 -5.83 -13.36 1.66
N TYR A 140 -4.84 -13.73 2.41
CA TYR A 140 -3.43 -13.73 1.87
C TYR A 140 -3.15 -15.04 1.13
N THR A 141 -2.72 -14.94 -0.11
CA THR A 141 -2.40 -16.16 -0.90
C THR A 141 -1.28 -15.85 -1.88
N PHE A 142 -0.60 -16.86 -2.37
CA PHE A 142 0.50 -16.64 -3.35
C PHE A 142 -0.01 -16.92 -4.76
N SER A 143 0.05 -15.94 -5.62
CA SER A 143 -0.43 -16.13 -7.02
C SER A 143 0.74 -16.67 -7.86
N GLY A 144 1.65 -15.81 -8.20
CA GLY A 144 2.83 -16.24 -9.00
C GLY A 144 3.79 -15.06 -9.10
N ASP A 145 3.82 -14.39 -10.21
CA ASP A 145 4.73 -13.21 -10.37
C ASP A 145 4.01 -11.96 -9.85
N VAL A 146 4.73 -10.95 -9.46
CA VAL A 146 4.07 -9.71 -8.94
C VAL A 146 3.81 -8.73 -10.09
N GLN A 147 2.58 -8.60 -10.52
CA GLN A 147 2.26 -7.65 -11.63
C GLN A 147 0.83 -7.13 -11.42
N LEU A 148 0.54 -5.94 -11.89
CA LEU A 148 -0.85 -5.41 -11.71
C LEU A 148 -1.78 -6.11 -12.71
N ALA A 149 -3.00 -6.35 -12.34
CA ALA A 149 -3.95 -7.04 -13.28
C ALA A 149 -4.70 -5.99 -14.09
N GLN A 150 -5.31 -6.39 -15.17
CA GLN A 150 -6.06 -5.44 -16.03
C GLN A 150 -7.17 -4.78 -15.21
N ASP A 151 -7.83 -5.52 -14.37
CA ASP A 151 -8.92 -4.94 -13.54
C ASP A 151 -8.36 -3.80 -12.67
N ASP A 152 -7.19 -3.97 -12.12
CA ASP A 152 -6.61 -2.89 -11.26
C ASP A 152 -6.16 -1.72 -12.13
N ILE A 153 -5.57 -2.00 -13.27
CA ILE A 153 -5.12 -0.89 -14.15
C ILE A 153 -6.34 -0.12 -14.68
N ASP A 154 -7.31 -0.82 -15.19
CA ASP A 154 -8.52 -0.13 -15.71
C ASP A 154 -9.22 0.63 -14.58
N GLY A 155 -9.27 0.06 -13.41
CA GLY A 155 -9.95 0.74 -12.26
C GLY A 155 -9.18 2.00 -11.85
N ILE A 156 -7.91 1.89 -11.56
CA ILE A 156 -7.15 3.10 -11.13
C ILE A 156 -7.11 4.12 -12.28
N GLN A 157 -6.95 3.66 -13.49
CA GLN A 157 -6.91 4.61 -14.64
C GLN A 157 -8.30 5.22 -14.82
N ALA A 158 -9.34 4.46 -14.60
CA ALA A 158 -10.71 5.04 -14.76
C ALA A 158 -10.89 6.21 -13.78
N ILE A 159 -10.42 6.06 -12.56
CA ILE A 159 -10.57 7.16 -11.57
C ILE A 159 -9.84 8.41 -12.08
N TYR A 160 -8.61 8.28 -12.49
CA TYR A 160 -7.83 9.46 -12.99
C TYR A 160 -7.85 9.50 -14.52
N GLY A 161 -7.34 8.50 -15.15
CA GLY A 161 -7.32 8.48 -16.64
C GLY A 161 -6.36 7.41 -17.14
N ARG A 162 -6.18 7.31 -18.44
CA ARG A 162 -5.25 6.30 -19.01
C ARG A 162 -3.87 6.90 -19.19
N SER A 163 -2.85 6.15 -18.90
CA SER A 163 -1.47 6.70 -19.07
C SER A 163 -1.19 6.85 -20.57
N GLN A 164 -1.45 8.01 -21.11
CA GLN A 164 -1.21 8.24 -22.57
C GLN A 164 0.29 8.10 -22.90
N ASN A 165 0.98 7.22 -22.23
CA ASN A 165 2.43 7.04 -22.51
C ASN A 165 2.81 5.60 -22.13
N PRO A 166 2.42 4.64 -22.92
CA PRO A 166 2.73 3.21 -22.63
C PRO A 166 4.16 2.83 -23.05
N VAL A 167 5.13 3.28 -22.30
CA VAL A 167 6.55 2.95 -22.61
C VAL A 167 6.94 1.66 -21.90
N GLN A 168 7.36 0.66 -22.63
CA GLN A 168 7.76 -0.63 -21.98
C GLN A 168 9.03 -0.40 -21.14
N PRO A 169 9.23 -1.16 -20.08
CA PRO A 169 10.46 -0.98 -19.24
C PRO A 169 11.73 -0.85 -20.09
ZN ZN B . -7.46 -5.28 1.76
ZN ZN C . -2.28 -0.85 13.82
CA CA D . -1.45 -11.42 12.75
N1 CGS E . -7.05 -8.71 5.63
CC CGS E . -8.00 -9.74 5.06
CA CGS E . -7.16 -7.23 5.38
S4 CGS E . -5.40 -9.27 5.97
C5 CGS E . -9.20 -10.19 5.89
CD CGS E . -9.04 -10.67 7.26
CE CGS E . -10.17 -11.10 8.03
CZ CGS E . -11.46 -11.05 7.42
N11 CGS E . -11.65 -10.60 6.12
CY CGS E . -10.54 -10.18 5.38
C17 CGS E . -4.42 -9.26 4.48
CE2 CGS E . -4.53 -10.35 3.51
CD2 CGS E . -3.72 -10.33 2.31
C20 CGS E . -2.79 -9.22 2.04
CD1 CGS E . -2.72 -8.13 3.02
CE1 CGS E . -3.53 -8.16 4.22
O27 CGS E . -2.01 -9.20 0.86
COM CGS E . -2.60 -8.63 -0.30
O32 CGS E . -5.59 -10.62 6.44
O33 CGS E . -4.90 -8.29 6.88
C34 CGS E . -6.87 -6.92 3.89
N35 CGS E . -5.74 -6.28 3.66
CB CGS E . -8.34 -6.40 5.98
CG2 CGS E . -7.94 -4.99 6.40
CG1 CGS E . -8.97 -7.05 7.20
O47 CGS E . -7.64 -7.23 2.97
O48 CGS E . -5.39 -5.96 2.35
HC1 CGS E . -8.36 -9.35 4.12
HC2 CGS E . -7.40 -10.61 4.81
HA CGS E . -6.30 -6.82 5.91
HD CGS E . -8.06 -10.70 7.70
HE CGS E . -10.05 -11.46 9.05
HZ CGS E . -12.35 -11.36 7.95
HY CGS E . -10.73 -9.84 4.38
HE2 CGS E . -5.21 -11.17 3.69
HD2 CGS E . -3.80 -11.15 1.60
HD1 CGS E . -2.05 -7.30 2.87
HE1 CGS E . -3.45 -7.37 4.95
HOM1 CGS E . -2.87 -7.58 -0.15
HOM2 CGS E . -1.93 -8.67 -1.15
HOM3 CGS E . -3.52 -9.16 -0.58
H49 CGS E . -5.15 -6.06 4.44
HB CGS E . -9.12 -6.29 5.24
HG21 CGS E . -6.95 -4.98 6.84
HG22 CGS E . -8.64 -4.59 7.14
HG23 CGS E . -7.93 -4.31 5.54
HG11 CGS E . -9.64 -7.87 6.91
HG12 CGS E . -9.55 -6.33 7.77
HG13 CGS E . -8.21 -7.47 7.86
H50 CGS E . -4.74 -6.58 1.98
N VAL A 1 -14.99 12.97 5.64
CA VAL A 1 -15.85 12.60 4.50
C VAL A 1 -16.35 13.88 3.80
N LEU A 2 -15.45 14.67 3.24
CA LEU A 2 -15.90 15.91 2.54
C LEU A 2 -16.82 15.51 1.40
N THR A 3 -16.42 14.55 0.60
CA THR A 3 -17.27 14.09 -0.53
C THR A 3 -17.96 12.79 -0.14
N GLU A 4 -19.25 12.68 -0.38
CA GLU A 4 -19.98 11.44 -0.01
C GLU A 4 -19.70 10.36 -1.07
N GLY A 5 -19.08 9.28 -0.68
CA GLY A 5 -18.79 8.18 -1.65
C GLY A 5 -17.36 7.66 -1.43
N ASN A 6 -16.40 8.19 -2.14
CA ASN A 6 -15.00 7.70 -1.97
C ASN A 6 -14.01 8.85 -2.28
N PRO A 7 -13.67 9.67 -1.29
CA PRO A 7 -12.72 10.80 -1.53
C PRO A 7 -11.38 10.36 -2.13
N ARG A 8 -11.13 10.72 -3.36
CA ARG A 8 -9.85 10.34 -4.05
C ARG A 8 -8.83 11.48 -3.92
N TRP A 9 -7.57 11.20 -4.19
CA TRP A 9 -6.54 12.27 -4.09
C TRP A 9 -6.61 13.12 -5.37
N GLU A 10 -6.80 14.41 -5.24
CA GLU A 10 -6.89 15.27 -6.47
C GLU A 10 -5.50 15.65 -6.96
N GLN A 11 -4.48 15.37 -6.19
CA GLN A 11 -3.09 15.73 -6.61
C GLN A 11 -2.52 14.61 -7.50
N THR A 12 -1.67 14.95 -8.43
CA THR A 12 -1.04 13.92 -9.31
C THR A 12 0.33 13.57 -8.72
N HIS A 13 0.68 14.28 -7.68
CA HIS A 13 1.99 14.05 -6.99
C HIS A 13 1.69 13.70 -5.54
N LEU A 14 2.25 12.63 -5.04
CA LEU A 14 2.00 12.22 -3.62
C LEU A 14 3.33 12.02 -2.88
N THR A 15 3.32 12.15 -1.58
CA THR A 15 4.58 11.97 -0.78
C THR A 15 4.33 10.98 0.35
N TYR A 16 5.36 10.28 0.77
CA TYR A 16 5.20 9.28 1.87
C TYR A 16 6.43 9.31 2.78
N ARG A 17 6.29 8.80 3.98
CA ARG A 17 7.45 8.79 4.93
C ARG A 17 7.34 7.61 5.89
N ILE A 18 8.41 6.89 6.09
CA ILE A 18 8.37 5.74 7.04
C ILE A 18 8.67 6.30 8.43
N GLU A 19 7.75 6.15 9.34
CA GLU A 19 7.97 6.71 10.71
C GLU A 19 9.17 6.01 11.38
N ASN A 20 9.30 4.73 11.20
CA ASN A 20 10.44 3.99 11.83
C ASN A 20 10.65 2.65 11.10
N TYR A 21 11.85 2.12 11.15
CA TYR A 21 12.13 0.81 10.46
C TYR A 21 12.10 -0.32 11.50
N THR A 22 11.39 -1.39 11.22
CA THR A 22 11.35 -2.51 12.21
C THR A 22 12.72 -3.22 12.25
N PRO A 23 13.20 -3.64 13.41
CA PRO A 23 14.52 -4.35 13.48
C PRO A 23 14.47 -5.70 12.75
N ASP A 24 13.31 -6.10 12.31
CA ASP A 24 13.19 -7.40 11.60
C ASP A 24 14.07 -7.39 10.35
N LEU A 25 14.10 -6.29 9.65
CA LEU A 25 14.95 -6.18 8.41
C LEU A 25 15.58 -4.79 8.37
N PRO A 26 16.75 -4.62 7.77
CA PRO A 26 17.36 -3.26 7.71
C PRO A 26 16.47 -2.28 6.94
N ARG A 27 16.89 -1.04 6.81
CA ARG A 27 16.06 -0.04 6.08
C ARG A 27 16.38 -0.12 4.59
N ALA A 28 17.60 -0.38 4.24
CA ALA A 28 17.95 -0.47 2.79
C ALA A 28 17.03 -1.50 2.11
N ASP A 29 16.87 -2.64 2.72
CA ASP A 29 16.01 -3.70 2.12
C ASP A 29 14.52 -3.31 2.21
N VAL A 30 14.11 -2.73 3.31
CA VAL A 30 12.68 -2.34 3.45
C VAL A 30 12.37 -1.16 2.52
N ASP A 31 13.28 -0.21 2.41
CA ASP A 31 13.03 0.96 1.53
C ASP A 31 12.82 0.47 0.10
N HIS A 32 13.62 -0.47 -0.34
CA HIS A 32 13.47 -1.00 -1.72
C HIS A 32 12.08 -1.61 -1.87
N ALA A 33 11.64 -2.34 -0.87
CA ALA A 33 10.29 -2.98 -0.94
C ALA A 33 9.21 -1.90 -1.09
N ILE A 34 9.32 -0.82 -0.35
CA ILE A 34 8.31 0.25 -0.44
C ILE A 34 8.49 1.00 -1.76
N GLU A 35 9.72 1.24 -2.15
CA GLU A 35 9.98 1.95 -3.44
C GLU A 35 9.60 1.03 -4.60
N LYS A 36 9.93 -0.23 -4.49
CA LYS A 36 9.60 -1.17 -5.59
C LYS A 36 8.07 -1.19 -5.80
N ALA A 37 7.31 -1.06 -4.75
CA ALA A 37 5.82 -1.05 -4.90
C ALA A 37 5.36 0.21 -5.62
N PHE A 38 5.87 1.34 -5.24
CA PHE A 38 5.46 2.60 -5.91
C PHE A 38 5.80 2.53 -7.40
N GLN A 39 6.93 2.00 -7.75
CA GLN A 39 7.30 1.91 -9.20
C GLN A 39 6.26 1.08 -9.95
N LEU A 40 5.78 0.02 -9.37
CA LEU A 40 4.77 -0.81 -10.09
C LEU A 40 3.54 0.04 -10.39
N TRP A 41 3.10 0.82 -9.46
CA TRP A 41 1.89 1.65 -9.71
C TRP A 41 2.24 2.81 -10.66
N SER A 42 3.38 3.41 -10.48
CA SER A 42 3.79 4.54 -11.36
C SER A 42 4.04 4.03 -12.78
N ASN A 43 4.56 2.85 -12.89
CA ASN A 43 4.87 2.29 -14.24
C ASN A 43 3.59 2.26 -15.08
N VAL A 44 2.44 2.01 -14.49
CA VAL A 44 1.17 1.93 -15.30
C VAL A 44 0.27 3.16 -15.05
N THR A 45 0.76 4.18 -14.39
CA THR A 45 -0.08 5.40 -14.16
C THR A 45 0.81 6.66 -14.20
N PRO A 46 0.30 7.80 -14.64
CA PRO A 46 1.12 9.05 -14.66
C PRO A 46 1.36 9.60 -13.23
N LEU A 47 1.01 8.86 -12.22
CA LEU A 47 1.21 9.34 -10.83
C LEU A 47 2.70 9.35 -10.49
N THR A 48 3.09 10.14 -9.52
CA THR A 48 4.52 10.22 -9.11
C THR A 48 4.59 10.21 -7.58
N PHE A 49 5.65 9.68 -7.03
CA PHE A 49 5.78 9.62 -5.53
C PHE A 49 7.15 10.17 -5.09
N THR A 50 7.26 10.61 -3.87
CA THR A 50 8.56 11.17 -3.38
C THR A 50 8.65 11.05 -1.87
N LYS A 51 9.70 10.45 -1.37
CA LYS A 51 9.85 10.33 0.11
C LYS A 51 10.23 11.69 0.69
N VAL A 52 9.66 12.04 1.82
CA VAL A 52 9.98 13.35 2.46
C VAL A 52 10.40 13.11 3.91
N SER A 53 11.46 13.75 4.35
CA SER A 53 11.94 13.55 5.75
C SER A 53 11.44 14.67 6.67
N GLU A 54 10.71 15.63 6.14
CA GLU A 54 10.19 16.74 6.99
C GLU A 54 8.80 17.14 6.51
N GLY A 55 8.02 17.76 7.36
CA GLY A 55 6.64 18.17 6.96
C GLY A 55 5.70 16.97 7.07
N GLN A 56 4.42 17.18 6.89
CA GLN A 56 3.47 16.05 6.99
C GLN A 56 3.49 15.24 5.70
N ALA A 57 3.47 13.94 5.81
CA ALA A 57 3.49 13.07 4.59
C ALA A 57 2.07 12.66 4.25
N ASP A 58 1.74 12.64 3.00
CA ASP A 58 0.36 12.25 2.61
C ASP A 58 0.10 10.82 3.07
N ILE A 59 1.08 9.95 2.91
CA ILE A 59 0.92 8.52 3.35
C ILE A 59 1.97 8.21 4.41
N MET A 60 1.53 7.84 5.59
CA MET A 60 2.48 7.50 6.70
C MET A 60 2.53 6.00 6.90
N ILE A 61 3.72 5.45 6.98
CA ILE A 61 3.88 3.99 7.18
C ILE A 61 4.58 3.73 8.51
N SER A 62 4.06 2.86 9.32
CA SER A 62 4.70 2.58 10.64
C SER A 62 4.51 1.11 11.01
N PHE A 63 5.34 0.60 11.91
CA PHE A 63 5.24 -0.83 12.35
C PHE A 63 4.77 -0.87 13.80
N VAL A 64 3.89 -1.80 14.14
CA VAL A 64 3.36 -1.86 15.55
C VAL A 64 3.34 -3.31 16.05
N ARG A 65 3.11 -3.47 17.34
CA ARG A 65 3.07 -4.83 17.95
C ARG A 65 1.82 -4.96 18.84
N GLY A 66 1.17 -6.10 18.82
CA GLY A 66 -0.05 -6.29 19.66
C GLY A 66 -0.93 -5.04 19.63
N ASP A 67 -1.55 -4.72 20.74
CA ASP A 67 -2.42 -3.52 20.80
C ASP A 67 -1.53 -2.27 20.67
N HIS A 68 -1.96 -1.32 19.89
CA HIS A 68 -1.15 -0.08 19.70
C HIS A 68 -2.08 1.14 19.72
N ARG A 69 -2.91 1.25 20.71
CA ARG A 69 -3.85 2.41 20.80
C ARG A 69 -4.72 2.48 19.55
N ASP A 70 -5.33 1.38 19.16
CA ASP A 70 -6.20 1.39 17.94
C ASP A 70 -7.48 0.60 18.24
N ASN A 71 -8.45 0.71 17.38
CA ASN A 71 -9.73 -0.03 17.60
C ASN A 71 -9.63 -1.42 16.95
N SER A 72 -8.43 -1.79 16.52
CA SER A 72 -8.23 -3.12 15.88
C SER A 72 -6.94 -3.75 16.39
N PRO A 73 -6.92 -4.22 17.60
CA PRO A 73 -5.71 -4.85 18.16
C PRO A 73 -5.44 -6.24 17.54
N PHE A 74 -4.20 -6.61 17.37
CA PHE A 74 -3.88 -7.94 16.77
C PHE A 74 -4.02 -9.02 17.84
N ASP A 75 -4.39 -10.22 17.45
CA ASP A 75 -4.56 -11.33 18.44
C ASP A 75 -3.75 -12.54 17.98
N GLY A 76 -2.46 -12.49 18.09
CA GLY A 76 -1.62 -13.64 17.66
C GLY A 76 -1.43 -13.60 16.13
N PRO A 77 -0.60 -14.47 15.60
CA PRO A 77 -0.36 -14.52 14.13
C PRO A 77 -1.67 -14.55 13.32
N GLY A 78 -2.78 -14.80 13.97
CA GLY A 78 -4.08 -14.85 13.25
C GLY A 78 -4.70 -13.45 13.19
N GLY A 79 -5.82 -13.33 12.54
CA GLY A 79 -6.48 -11.99 12.44
C GLY A 79 -5.94 -11.25 11.22
N ASN A 80 -6.04 -9.95 11.21
CA ASN A 80 -5.53 -9.17 10.05
C ASN A 80 -4.00 -9.10 10.10
N LEU A 81 -3.36 -9.11 8.97
CA LEU A 81 -1.86 -9.03 8.97
C LEU A 81 -1.45 -7.55 8.88
N ALA A 82 -2.37 -6.70 8.51
CA ALA A 82 -2.05 -5.25 8.40
C ALA A 82 -3.35 -4.46 8.19
N HIS A 83 -3.29 -3.16 8.26
CA HIS A 83 -4.54 -2.36 8.05
C HIS A 83 -4.19 -0.92 7.72
N ALA A 84 -5.17 -0.12 7.44
CA ALA A 84 -4.90 1.31 7.09
C ALA A 84 -6.20 2.10 7.19
N PHE A 85 -6.12 3.40 7.15
CA PHE A 85 -7.35 4.25 7.25
C PHE A 85 -7.71 4.81 5.87
N GLN A 86 -8.97 4.90 5.56
CA GLN A 86 -9.36 5.43 4.22
C GLN A 86 -8.84 6.87 4.09
N PRO A 87 -8.52 7.32 2.90
CA PRO A 87 -8.03 8.72 2.72
C PRO A 87 -8.84 9.72 3.54
N GLY A 88 -8.27 10.27 4.57
CA GLY A 88 -9.02 11.26 5.42
C GLY A 88 -8.03 12.23 6.09
N PRO A 89 -8.53 13.16 6.88
CA PRO A 89 -7.63 14.14 7.55
C PRO A 89 -6.91 13.55 8.77
N GLY A 90 -5.67 13.93 8.94
CA GLY A 90 -4.91 13.42 10.13
C GLY A 90 -4.42 11.99 9.90
N ILE A 91 -4.75 11.12 10.82
CA ILE A 91 -4.32 9.69 10.72
C ILE A 91 -4.81 9.08 9.40
N GLY A 92 -5.65 9.77 8.69
CA GLY A 92 -6.17 9.21 7.40
C GLY A 92 -5.01 8.97 6.43
N GLY A 93 -5.04 7.88 5.71
CA GLY A 93 -3.96 7.57 4.74
C GLY A 93 -2.85 6.78 5.42
N ASP A 94 -2.85 6.72 6.73
CA ASP A 94 -1.78 5.96 7.43
C ASP A 94 -1.92 4.46 7.14
N ALA A 95 -0.86 3.72 7.34
CA ALA A 95 -0.91 2.25 7.07
C ALA A 95 0.04 1.54 8.03
N HIS A 96 -0.49 0.69 8.88
CA HIS A 96 0.38 -0.04 9.85
C HIS A 96 0.68 -1.46 9.34
N PHE A 97 1.80 -2.01 9.76
CA PHE A 97 2.18 -3.39 9.34
C PHE A 97 2.37 -4.26 10.58
N ASP A 98 1.93 -5.49 10.54
CA ASP A 98 2.10 -6.38 11.72
C ASP A 98 3.60 -6.62 11.95
N GLU A 99 4.09 -6.25 13.10
CA GLU A 99 5.56 -6.43 13.39
C GLU A 99 5.76 -7.69 14.24
N ASP A 100 4.71 -8.30 14.69
CA ASP A 100 4.85 -9.54 15.53
C ASP A 100 5.23 -10.73 14.65
N GLU A 101 5.12 -10.59 13.35
CA GLU A 101 5.48 -11.72 12.42
C GLU A 101 6.82 -11.40 11.76
N ARG A 102 7.57 -12.41 11.43
CA ARG A 102 8.90 -12.16 10.78
C ARG A 102 8.71 -11.95 9.29
N TRP A 103 9.12 -10.82 8.80
CA TRP A 103 8.99 -10.53 7.35
C TRP A 103 10.21 -11.03 6.59
N THR A 104 10.03 -11.36 5.32
CA THR A 104 11.18 -11.84 4.49
C THR A 104 11.36 -10.91 3.29
N ASN A 105 12.44 -11.04 2.56
CA ASN A 105 12.69 -10.17 1.37
C ASN A 105 12.55 -11.01 0.09
N ASN A 106 11.76 -12.06 0.14
CA ASN A 106 11.59 -12.91 -1.07
C ASN A 106 10.18 -13.53 -1.08
N PHE A 107 9.97 -14.52 -1.90
CA PHE A 107 8.63 -15.17 -2.00
C PHE A 107 8.47 -16.23 -0.90
N ARG A 108 9.05 -16.00 0.23
CA ARG A 108 8.94 -16.98 1.34
C ARG A 108 7.56 -16.87 1.99
N GLU A 109 7.43 -17.41 3.17
CA GLU A 109 6.12 -17.38 3.88
C GLU A 109 5.59 -15.95 4.00
N TYR A 110 6.34 -15.06 4.60
CA TYR A 110 5.84 -13.66 4.78
C TYR A 110 6.42 -12.77 3.67
N ASN A 111 5.55 -12.19 2.86
CA ASN A 111 6.02 -11.29 1.76
C ASN A 111 5.65 -9.86 2.10
N LEU A 112 6.62 -9.08 2.48
CA LEU A 112 6.35 -7.67 2.85
C LEU A 112 5.99 -6.86 1.60
N HIS A 113 6.70 -7.05 0.52
CA HIS A 113 6.41 -6.28 -0.72
C HIS A 113 5.00 -6.57 -1.21
N ARG A 114 4.62 -7.82 -1.26
CA ARG A 114 3.25 -8.17 -1.74
C ARG A 114 2.21 -7.53 -0.81
N VAL A 115 2.46 -7.53 0.46
CA VAL A 115 1.50 -6.89 1.40
C VAL A 115 1.55 -5.38 1.22
N ALA A 116 2.72 -4.83 1.02
CA ALA A 116 2.82 -3.35 0.82
C ALA A 116 2.00 -2.94 -0.40
N ALA A 117 2.10 -3.68 -1.47
CA ALA A 117 1.32 -3.33 -2.70
C ALA A 117 -0.17 -3.35 -2.37
N HIS A 118 -0.59 -4.27 -1.54
CA HIS A 118 -2.03 -4.35 -1.19
C HIS A 118 -2.43 -3.15 -0.32
N GLU A 119 -1.72 -2.89 0.72
CA GLU A 119 -2.09 -1.73 1.59
C GLU A 119 -2.09 -0.45 0.77
N LEU A 120 -1.12 -0.31 -0.08
CA LEU A 120 -1.07 0.92 -0.93
C LEU A 120 -2.32 0.96 -1.82
N GLY A 121 -2.71 -0.16 -2.37
CA GLY A 121 -3.93 -0.16 -3.25
C GLY A 121 -5.11 0.43 -2.51
N HIS A 122 -5.29 0.09 -1.26
CA HIS A 122 -6.43 0.65 -0.50
C HIS A 122 -6.21 2.16 -0.35
N SER A 123 -4.97 2.59 -0.23
CA SER A 123 -4.67 4.04 -0.08
C SER A 123 -4.99 4.75 -1.39
N LEU A 124 -5.06 4.02 -2.48
CA LEU A 124 -5.40 4.63 -3.79
C LEU A 124 -6.92 4.65 -3.93
N GLY A 125 -7.61 4.11 -2.96
CA GLY A 125 -9.10 4.09 -2.99
C GLY A 125 -9.63 2.90 -3.79
N LEU A 126 -8.86 1.86 -3.97
CA LEU A 126 -9.38 0.69 -4.73
C LEU A 126 -10.21 -0.18 -3.78
N SER A 127 -11.34 -0.66 -4.25
CA SER A 127 -12.20 -1.52 -3.38
C SER A 127 -11.76 -2.99 -3.50
N HIS A 128 -12.18 -3.83 -2.59
CA HIS A 128 -11.76 -5.26 -2.65
C HIS A 128 -12.38 -5.93 -3.88
N SER A 129 -11.73 -6.94 -4.41
CA SER A 129 -12.26 -7.64 -5.62
C SER A 129 -12.38 -9.14 -5.32
N THR A 130 -13.03 -9.89 -6.19
CA THR A 130 -13.20 -11.36 -5.97
C THR A 130 -12.31 -12.13 -6.94
N ASP A 131 -11.43 -11.46 -7.64
CA ASP A 131 -10.56 -12.19 -8.61
C ASP A 131 -9.38 -12.81 -7.88
N ILE A 132 -9.14 -14.07 -8.11
CA ILE A 132 -8.01 -14.76 -7.42
C ILE A 132 -6.67 -14.10 -7.75
N GLY A 133 -6.45 -13.70 -8.98
CA GLY A 133 -5.15 -13.09 -9.36
C GLY A 133 -5.06 -11.64 -8.88
N ALA A 134 -6.13 -11.11 -8.34
CA ALA A 134 -6.09 -9.70 -7.87
C ALA A 134 -5.46 -9.63 -6.48
N LEU A 135 -4.51 -8.77 -6.31
CA LEU A 135 -3.89 -8.63 -4.96
C LEU A 135 -4.97 -8.15 -4.00
N MET A 136 -5.98 -7.53 -4.52
CA MET A 136 -7.08 -7.01 -3.66
C MET A 136 -7.88 -8.18 -3.08
N TYR A 137 -7.23 -9.28 -2.77
CA TYR A 137 -7.96 -10.45 -2.21
C TYR A 137 -8.43 -10.11 -0.76
N PRO A 138 -9.68 -10.28 -0.39
CA PRO A 138 -10.07 -9.97 1.02
C PRO A 138 -9.17 -10.69 2.04
N SER A 139 -9.24 -11.99 2.10
CA SER A 139 -8.39 -12.76 3.06
C SER A 139 -6.99 -12.98 2.48
N TYR A 140 -6.10 -13.53 3.28
CA TYR A 140 -4.71 -13.81 2.78
C TYR A 140 -4.72 -15.10 1.98
N THR A 141 -4.16 -15.08 0.81
CA THR A 141 -4.13 -16.30 -0.06
C THR A 141 -2.89 -16.24 -0.96
N PHE A 142 -2.81 -17.13 -1.93
CA PHE A 142 -1.63 -17.11 -2.85
C PHE A 142 -1.98 -16.35 -4.13
N SER A 143 -1.11 -15.47 -4.57
CA SER A 143 -1.38 -14.68 -5.82
C SER A 143 -0.35 -15.08 -6.89
N GLY A 144 0.34 -16.17 -6.69
CA GLY A 144 1.34 -16.61 -7.71
C GLY A 144 2.48 -15.58 -7.80
N ASP A 145 2.67 -14.99 -8.94
CA ASP A 145 3.78 -13.99 -9.06
C ASP A 145 3.30 -12.62 -8.58
N VAL A 146 4.21 -11.78 -8.13
CA VAL A 146 3.81 -10.43 -7.63
C VAL A 146 3.72 -9.46 -8.81
N GLN A 147 2.57 -9.36 -9.41
CA GLN A 147 2.41 -8.44 -10.58
C GLN A 147 1.02 -7.80 -10.52
N LEU A 148 0.84 -6.68 -11.16
CA LEU A 148 -0.51 -6.04 -11.13
C LEU A 148 -1.45 -6.81 -12.05
N ALA A 149 -2.70 -6.90 -11.68
CA ALA A 149 -3.68 -7.66 -12.53
C ALA A 149 -4.37 -6.70 -13.49
N GLN A 150 -4.97 -7.22 -14.53
CA GLN A 150 -5.68 -6.33 -15.49
C GLN A 150 -6.78 -5.60 -14.74
N ASP A 151 -7.47 -6.30 -13.91
CA ASP A 151 -8.57 -5.66 -13.14
C ASP A 151 -8.01 -4.49 -12.32
N ASP A 152 -6.86 -4.65 -11.72
CA ASP A 152 -6.30 -3.53 -10.91
C ASP A 152 -5.79 -2.42 -11.84
N ILE A 153 -5.14 -2.79 -12.91
CA ILE A 153 -4.63 -1.76 -13.85
C ILE A 153 -5.83 -0.97 -14.40
N ASP A 154 -6.82 -1.66 -14.88
CA ASP A 154 -8.01 -0.95 -15.42
C ASP A 154 -8.66 -0.11 -14.32
N GLY A 155 -8.74 -0.63 -13.12
CA GLY A 155 -9.38 0.14 -12.02
C GLY A 155 -8.62 1.45 -11.77
N ILE A 156 -7.35 1.37 -11.50
CA ILE A 156 -6.58 2.62 -11.23
C ILE A 156 -6.48 3.49 -12.49
N GLN A 157 -6.31 2.89 -13.62
CA GLN A 157 -6.21 3.69 -14.88
C GLN A 157 -7.56 4.34 -15.17
N ALA A 158 -8.63 3.63 -14.99
CA ALA A 158 -9.96 4.23 -15.26
C ALA A 158 -10.15 5.43 -14.34
N ILE A 159 -9.82 5.29 -13.08
CA ILE A 159 -9.99 6.41 -12.11
C ILE A 159 -9.17 7.61 -12.58
N TYR A 160 -7.92 7.40 -12.90
CA TYR A 160 -7.06 8.54 -13.35
C TYR A 160 -7.00 8.57 -14.87
N GLY A 161 -6.39 7.57 -15.46
CA GLY A 161 -6.28 7.53 -16.94
C GLY A 161 -5.14 6.60 -17.34
N ARG A 162 -4.86 6.50 -18.61
CA ARG A 162 -3.75 5.61 -19.09
C ARG A 162 -2.41 6.39 -19.04
N SER A 163 -1.33 5.71 -18.81
CA SER A 163 -0.01 6.41 -18.74
C SER A 163 0.48 6.75 -20.14
N GLN A 164 -0.21 7.62 -20.84
CA GLN A 164 0.24 8.00 -22.20
C GLN A 164 1.03 9.30 -22.11
N ASN A 165 2.17 9.34 -22.72
CA ASN A 165 3.01 10.57 -22.68
C ASN A 165 3.99 10.65 -23.87
N PRO A 166 4.55 9.54 -24.34
CA PRO A 166 5.51 9.61 -25.48
C PRO A 166 4.79 9.56 -26.84
N VAL A 167 4.36 10.69 -27.34
CA VAL A 167 3.65 10.72 -28.65
C VAL A 167 4.69 10.87 -29.77
N GLN A 168 4.79 9.91 -30.65
CA GLN A 168 5.77 10.01 -31.77
C GLN A 168 5.29 10.99 -32.85
N PRO A 169 4.00 11.08 -33.12
CA PRO A 169 3.53 12.02 -34.18
C PRO A 169 3.71 13.48 -33.75
ZN ZN B . -7.54 -5.56 1.48
ZN ZN C . -2.07 -0.46 13.72
CA CA D . -1.60 -11.28 12.77
N1 CGS E . -7.02 -8.35 5.95
CC CGS E . -8.07 -9.36 5.58
CA CGS E . -7.11 -6.89 5.62
S4 CGS E . -5.36 -8.97 6.14
C5 CGS E . -8.87 -10.07 6.69
CD CGS E . -8.27 -11.12 7.51
CE CGS E . -9.03 -11.78 8.55
CZ CGS E . -10.39 -11.38 8.74
N11 CGS E . -10.98 -10.39 7.97
CY CGS E . -10.23 -9.76 6.97
C17 CGS E . -4.52 -9.03 4.56
CE2 CGS E . -4.74 -10.13 3.65
CD2 CGS E . -4.08 -10.14 2.35
C20 CGS E . -3.19 -9.06 1.95
CD1 CGS E . -2.97 -7.96 2.90
CE1 CGS E . -3.63 -7.94 4.19
O27 CGS E . -2.55 -9.07 0.69
COM CGS E . -1.29 -9.73 0.61
O32 CGS E . -5.55 -10.29 6.65
O33 CGS E . -4.76 -7.98 6.99
C34 CGS E . -6.92 -6.66 4.11
N35 CGS E . -5.81 -6.03 3.77
CB CGS E . -8.25 -6.01 6.22
CG2 CGS E . -7.79 -4.60 6.62
CG1 CGS E . -8.91 -6.62 7.43
O47 CGS E . -7.73 -7.01 3.26
O48 CGS E . -5.55 -5.78 2.43
HC1 CGS E . -8.78 -8.87 4.92
HC2 CGS E . -7.59 -10.12 4.96
HA CGS E . -6.22 -6.46 6.08
HD CGS E . -7.25 -11.41 7.36
HE CGS E . -8.60 -12.56 9.17
HZ CGS E . -11.02 -11.82 9.49
HY CGS E . -10.74 -9.00 6.40
HE2 CGS E . -5.40 -10.93 3.93
HD2 CGS E . -4.26 -10.98 1.68
HD1 CGS E . -2.32 -7.13 2.65
HE1 CGS E . -3.47 -7.13 4.88
HOM1 CGS E . -1.13 -10.37 1.48
HOM2 CGS E . -1.25 -10.37 -0.27
HOM3 CGS E . -0.47 -9.03 0.56
H49 CGS E . -5.18 -5.75 4.51
HB CGS E . -9.02 -5.86 5.48
HG21 CGS E . -7.88 -4.46 7.69
HG22 CGS E . -8.38 -3.84 6.13
HG23 CGS E . -6.74 -4.44 6.36
HG11 CGS E . -9.55 -5.89 7.94
HG12 CGS E . -8.18 -6.97 8.14
HG13 CGS E . -9.54 -7.46 7.14
H50 CGS E . -5.73 -4.85 2.19
N VAL A 1 -10.97 14.04 1.59
CA VAL A 1 -11.81 14.99 2.36
C VAL A 1 -13.23 14.44 2.48
N LEU A 2 -14.10 14.81 1.58
CA LEU A 2 -15.50 14.31 1.65
C LEU A 2 -16.09 14.26 0.23
N THR A 3 -15.58 13.42 -0.62
CA THR A 3 -16.10 13.32 -2.02
C THR A 3 -17.16 12.22 -2.10
N GLU A 4 -17.70 12.01 -3.27
CA GLU A 4 -18.74 10.94 -3.43
C GLU A 4 -18.10 9.56 -3.29
N GLY A 5 -18.77 8.65 -2.64
CA GLY A 5 -18.19 7.29 -2.47
C GLY A 5 -16.99 7.38 -1.52
N ASN A 6 -15.97 6.61 -1.78
CA ASN A 6 -14.77 6.68 -0.90
C ASN A 6 -13.92 7.89 -1.32
N PRO A 7 -13.24 8.57 -0.41
CA PRO A 7 -12.42 9.75 -0.79
C PRO A 7 -11.32 9.39 -1.80
N ARG A 8 -10.77 10.39 -2.46
CA ARG A 8 -9.69 10.14 -3.46
C ARG A 8 -8.74 11.35 -3.47
N TRP A 9 -7.52 11.16 -3.90
CA TRP A 9 -6.55 12.29 -3.90
C TRP A 9 -6.73 13.13 -5.17
N GLU A 10 -7.00 14.41 -5.02
CA GLU A 10 -7.20 15.29 -6.21
C GLU A 10 -5.84 15.59 -6.86
N GLN A 11 -4.79 15.62 -6.08
CA GLN A 11 -3.45 15.91 -6.66
C GLN A 11 -2.86 14.64 -7.27
N THR A 12 -1.99 14.78 -8.23
CA THR A 12 -1.37 13.58 -8.87
C THR A 12 0.00 13.32 -8.25
N HIS A 13 0.43 14.19 -7.37
CA HIS A 13 1.76 14.04 -6.71
C HIS A 13 1.54 13.74 -5.22
N LEU A 14 2.19 12.73 -4.69
CA LEU A 14 2.01 12.38 -3.25
C LEU A 14 3.38 12.15 -2.60
N THR A 15 3.47 12.27 -1.30
CA THR A 15 4.78 12.04 -0.60
C THR A 15 4.57 10.96 0.48
N TYR A 16 5.62 10.28 0.85
CA TYR A 16 5.49 9.22 1.89
C TYR A 16 6.76 9.20 2.73
N ARG A 17 6.68 8.66 3.91
CA ARG A 17 7.87 8.61 4.80
C ARG A 17 7.73 7.44 5.76
N ILE A 18 8.76 6.66 5.96
CA ILE A 18 8.67 5.51 6.91
C ILE A 18 9.04 6.01 8.32
N GLU A 19 8.16 5.82 9.28
CA GLU A 19 8.46 6.30 10.66
C GLU A 19 9.61 5.51 11.30
N ASN A 20 9.67 4.22 11.10
CA ASN A 20 10.78 3.42 11.70
C ASN A 20 10.93 2.09 10.97
N TYR A 21 12.08 1.47 11.07
CA TYR A 21 12.30 0.15 10.38
C TYR A 21 12.20 -0.98 11.40
N THR A 22 11.58 -2.07 11.03
CA THR A 22 11.43 -3.21 11.97
C THR A 22 12.76 -3.99 12.04
N PRO A 23 13.18 -4.49 13.18
CA PRO A 23 14.45 -5.25 13.28
C PRO A 23 14.39 -6.57 12.49
N ASP A 24 13.24 -6.98 12.07
CA ASP A 24 13.12 -8.27 11.32
C ASP A 24 13.96 -8.18 10.04
N LEU A 25 13.96 -7.04 9.40
CA LEU A 25 14.75 -6.86 8.14
C LEU A 25 15.49 -5.52 8.22
N PRO A 26 16.62 -5.34 7.55
CA PRO A 26 17.34 -4.04 7.62
C PRO A 26 16.48 -2.90 7.09
N ARG A 27 17.00 -1.70 7.09
CA ARG A 27 16.20 -0.54 6.59
C ARG A 27 16.40 -0.39 5.08
N ALA A 28 17.58 -0.67 4.59
CA ALA A 28 17.84 -0.54 3.12
C ALA A 28 16.90 -1.47 2.33
N ASP A 29 16.64 -2.64 2.85
CA ASP A 29 15.75 -3.60 2.13
C ASP A 29 14.27 -3.19 2.24
N VAL A 30 13.87 -2.63 3.36
CA VAL A 30 12.43 -2.24 3.50
C VAL A 30 12.10 -1.09 2.53
N ASP A 31 12.89 -0.05 2.51
CA ASP A 31 12.58 1.07 1.57
C ASP A 31 12.59 0.55 0.13
N HIS A 32 13.48 -0.36 -0.19
CA HIS A 32 13.54 -0.89 -1.60
C HIS A 32 12.19 -1.52 -1.95
N ALA A 33 11.66 -2.36 -1.10
CA ALA A 33 10.35 -3.02 -1.39
C ALA A 33 9.27 -1.94 -1.56
N ILE A 34 9.29 -0.95 -0.73
CA ILE A 34 8.26 0.13 -0.84
C ILE A 34 8.56 0.98 -2.07
N GLU A 35 9.80 1.12 -2.42
CA GLU A 35 10.14 1.95 -3.61
C GLU A 35 9.59 1.30 -4.88
N LYS A 36 9.70 0.01 -5.02
CA LYS A 36 9.16 -0.67 -6.23
C LYS A 36 7.63 -0.64 -6.21
N ALA A 37 7.03 -0.63 -5.05
CA ALA A 37 5.55 -0.61 -4.99
C ALA A 37 5.04 0.68 -5.65
N PHE A 38 5.60 1.81 -5.31
CA PHE A 38 5.15 3.08 -5.92
C PHE A 38 5.41 3.05 -7.43
N GLN A 39 6.55 2.52 -7.83
CA GLN A 39 6.88 2.47 -9.29
C GLN A 39 5.82 1.67 -10.04
N LEU A 40 5.41 0.55 -9.51
CA LEU A 40 4.38 -0.26 -10.22
C LEU A 40 3.11 0.56 -10.40
N TRP A 41 2.68 1.26 -9.39
CA TRP A 41 1.43 2.06 -9.55
C TRP A 41 1.69 3.23 -10.50
N SER A 42 2.82 3.86 -10.36
CA SER A 42 3.16 5.02 -11.23
C SER A 42 3.41 4.56 -12.66
N ASN A 43 3.95 3.38 -12.83
CA ASN A 43 4.25 2.89 -14.21
C ASN A 43 2.97 2.82 -15.06
N VAL A 44 1.82 2.64 -14.45
CA VAL A 44 0.54 2.54 -15.24
C VAL A 44 -0.34 3.77 -14.99
N THR A 45 0.19 4.77 -14.34
CA THR A 45 -0.63 6.00 -14.10
C THR A 45 0.29 7.23 -14.04
N PRO A 46 -0.20 8.41 -14.42
CA PRO A 46 0.66 9.62 -14.36
C PRO A 46 0.93 10.04 -12.91
N LEU A 47 0.58 9.22 -11.97
CA LEU A 47 0.82 9.59 -10.54
C LEU A 47 2.32 9.53 -10.24
N THR A 48 2.78 10.32 -9.31
CA THR A 48 4.23 10.32 -8.96
C THR A 48 4.36 10.31 -7.44
N PHE A 49 5.41 9.70 -6.93
CA PHE A 49 5.61 9.65 -5.45
C PHE A 49 7.03 10.09 -5.11
N THR A 50 7.23 10.57 -3.92
CA THR A 50 8.59 11.03 -3.52
C THR A 50 8.74 10.94 -2.01
N LYS A 51 9.84 10.43 -1.53
CA LYS A 51 10.04 10.30 -0.07
C LYS A 51 10.42 11.66 0.52
N VAL A 52 10.00 11.95 1.73
CA VAL A 52 10.33 13.26 2.37
C VAL A 52 11.03 13.01 3.71
N SER A 53 12.13 13.69 3.96
CA SER A 53 12.88 13.50 5.23
C SER A 53 12.47 14.57 6.25
N GLU A 54 11.71 15.55 5.83
CA GLU A 54 11.27 16.64 6.76
C GLU A 54 9.83 17.02 6.41
N GLY A 55 9.11 17.57 7.35
CA GLY A 55 7.70 17.97 7.08
C GLY A 55 6.78 16.77 7.23
N GLN A 56 5.50 16.99 7.19
CA GLN A 56 4.53 15.88 7.32
C GLN A 56 4.36 15.17 5.97
N ALA A 57 4.37 13.86 5.96
CA ALA A 57 4.22 13.12 4.68
C ALA A 57 2.73 12.81 4.45
N ASP A 58 2.27 12.86 3.22
CA ASP A 58 0.83 12.58 2.96
C ASP A 58 0.51 11.15 3.42
N ILE A 59 1.40 10.21 3.19
CA ILE A 59 1.17 8.80 3.61
C ILE A 59 2.29 8.36 4.56
N MET A 60 1.97 8.02 5.78
CA MET A 60 3.01 7.54 6.75
C MET A 60 2.96 6.03 6.88
N ILE A 61 4.10 5.39 6.87
CA ILE A 61 4.16 3.89 7.01
C ILE A 61 4.78 3.57 8.37
N SER A 62 4.17 2.71 9.14
CA SER A 62 4.74 2.38 10.49
C SER A 62 4.40 0.94 10.89
N PHE A 63 5.20 0.39 11.75
CA PHE A 63 4.99 -1.01 12.23
C PHE A 63 4.53 -0.96 13.69
N VAL A 64 3.58 -1.78 14.07
CA VAL A 64 3.05 -1.73 15.48
C VAL A 64 2.95 -3.14 16.07
N ARG A 65 2.81 -3.22 17.37
CA ARG A 65 2.71 -4.54 18.06
C ARG A 65 1.56 -4.50 19.08
N GLY A 66 0.88 -5.59 19.27
CA GLY A 66 -0.24 -5.62 20.25
C GLY A 66 -1.12 -4.38 20.08
N ASP A 67 -1.68 -3.89 21.16
CA ASP A 67 -2.57 -2.70 21.08
C ASP A 67 -1.74 -1.44 20.85
N HIS A 68 -2.05 -0.70 19.82
CA HIS A 68 -1.29 0.55 19.51
C HIS A 68 -2.27 1.71 19.37
N ARG A 69 -3.09 1.92 20.37
CA ARG A 69 -4.10 3.03 20.30
C ARG A 69 -4.96 2.85 19.06
N ASP A 70 -5.50 1.68 18.85
CA ASP A 70 -6.34 1.43 17.64
C ASP A 70 -7.57 0.58 18.02
N ASN A 71 -8.60 0.63 17.22
CA ASN A 71 -9.83 -0.17 17.53
C ASN A 71 -9.72 -1.55 16.90
N SER A 72 -8.56 -1.90 16.40
CA SER A 72 -8.36 -3.25 15.79
C SER A 72 -7.02 -3.81 16.26
N PRO A 73 -6.91 -4.21 17.49
CA PRO A 73 -5.64 -4.76 18.01
C PRO A 73 -5.36 -6.18 17.51
N PHE A 74 -4.12 -6.52 17.29
CA PHE A 74 -3.78 -7.89 16.82
C PHE A 74 -3.90 -8.86 17.99
N ASP A 75 -4.25 -10.09 17.73
CA ASP A 75 -4.40 -11.11 18.82
C ASP A 75 -3.70 -12.39 18.42
N GLY A 76 -2.39 -12.39 18.41
CA GLY A 76 -1.63 -13.62 18.03
C GLY A 76 -1.46 -13.65 16.51
N PRO A 77 -1.00 -14.76 15.97
CA PRO A 77 -0.79 -14.87 14.50
C PRO A 77 -2.12 -14.81 13.74
N GLY A 78 -3.22 -14.98 14.42
CA GLY A 78 -4.54 -14.93 13.73
C GLY A 78 -4.99 -13.46 13.58
N GLY A 79 -6.19 -13.24 13.09
CA GLY A 79 -6.68 -11.85 12.92
C GLY A 79 -6.15 -11.27 11.61
N ASN A 80 -6.25 -9.97 11.45
CA ASN A 80 -5.74 -9.31 10.22
C ASN A 80 -4.23 -9.22 10.30
N LEU A 81 -3.56 -9.41 9.21
CA LEU A 81 -2.07 -9.33 9.23
C LEU A 81 -1.62 -7.90 8.94
N ALA A 82 -2.52 -7.07 8.49
CA ALA A 82 -2.14 -5.67 8.17
C ALA A 82 -3.40 -4.84 7.92
N HIS A 83 -3.32 -3.54 8.07
CA HIS A 83 -4.52 -2.69 7.84
C HIS A 83 -4.08 -1.25 7.61
N ALA A 84 -5.01 -0.37 7.33
CA ALA A 84 -4.67 1.05 7.09
C ALA A 84 -5.95 1.88 7.20
N PHE A 85 -5.83 3.17 7.38
CA PHE A 85 -7.05 4.03 7.53
C PHE A 85 -7.44 4.57 6.16
N GLN A 86 -8.70 4.93 6.00
CA GLN A 86 -9.17 5.46 4.69
C GLN A 86 -8.34 6.72 4.35
N PRO A 87 -8.13 7.02 3.08
CA PRO A 87 -7.36 8.23 2.71
C PRO A 87 -8.01 9.52 3.25
N GLY A 88 -7.43 10.12 4.25
CA GLY A 88 -8.03 11.37 4.81
C GLY A 88 -6.99 12.12 5.64
N PRO A 89 -7.34 13.27 6.15
CA PRO A 89 -6.40 14.08 6.99
C PRO A 89 -6.13 13.41 8.36
N GLY A 90 -5.22 13.95 9.11
CA GLY A 90 -4.91 13.35 10.45
C GLY A 90 -4.23 12.00 10.27
N ILE A 91 -4.81 10.96 10.83
CA ILE A 91 -4.21 9.61 10.71
C ILE A 91 -4.65 8.96 9.38
N GLY A 92 -5.61 9.54 8.72
CA GLY A 92 -6.08 8.97 7.41
C GLY A 92 -4.90 8.80 6.45
N GLY A 93 -4.88 7.72 5.71
CA GLY A 93 -3.77 7.49 4.74
C GLY A 93 -2.62 6.74 5.42
N ASP A 94 -2.55 6.78 6.73
CA ASP A 94 -1.44 6.08 7.45
C ASP A 94 -1.56 4.56 7.28
N ALA A 95 -0.49 3.92 6.87
CA ALA A 95 -0.51 2.44 6.71
C ALA A 95 0.03 1.79 7.99
N HIS A 96 -0.51 0.66 8.35
CA HIS A 96 -0.04 -0.05 9.59
C HIS A 96 0.26 -1.51 9.22
N PHE A 97 1.39 -2.02 9.64
CA PHE A 97 1.75 -3.44 9.31
C PHE A 97 1.95 -4.24 10.60
N ASP A 98 1.43 -5.44 10.64
CA ASP A 98 1.59 -6.28 11.85
C ASP A 98 3.07 -6.64 12.01
N GLU A 99 3.65 -6.33 13.15
CA GLU A 99 5.10 -6.63 13.39
C GLU A 99 5.25 -7.90 14.25
N ASP A 100 4.15 -8.51 14.62
CA ASP A 100 4.22 -9.74 15.45
C ASP A 100 4.64 -10.94 14.60
N GLU A 101 4.57 -10.81 13.30
CA GLU A 101 4.97 -11.95 12.40
C GLU A 101 6.30 -11.62 11.73
N ARG A 102 6.95 -12.60 11.16
CA ARG A 102 8.27 -12.35 10.52
C ARG A 102 8.06 -11.95 9.05
N TRP A 103 8.48 -10.76 8.69
CA TRP A 103 8.31 -10.29 7.28
C TRP A 103 9.53 -10.71 6.46
N THR A 104 9.34 -10.97 5.18
CA THR A 104 10.47 -11.39 4.30
C THR A 104 10.56 -10.45 3.09
N ASN A 105 11.58 -10.61 2.31
CA ASN A 105 11.76 -9.76 1.10
C ASN A 105 11.59 -10.60 -0.17
N ASN A 106 10.88 -11.70 -0.06
CA ASN A 106 10.66 -12.57 -1.25
C ASN A 106 9.28 -13.23 -1.14
N PHE A 107 9.03 -14.25 -1.92
CA PHE A 107 7.69 -14.91 -1.89
C PHE A 107 7.66 -16.01 -0.82
N ARG A 108 8.54 -15.95 0.13
CA ARG A 108 8.57 -16.99 1.19
C ARG A 108 7.41 -16.75 2.16
N GLU A 109 7.45 -17.40 3.31
CA GLU A 109 6.39 -17.27 4.37
C GLU A 109 5.42 -16.12 4.09
N TYR A 110 5.87 -14.89 4.20
CA TYR A 110 4.98 -13.72 3.94
C TYR A 110 5.68 -12.73 3.01
N ASN A 111 5.02 -12.32 1.94
CA ASN A 111 5.64 -11.34 1.01
C ASN A 111 5.27 -9.93 1.48
N LEU A 112 6.22 -9.21 2.00
CA LEU A 112 5.94 -7.83 2.49
C LEU A 112 5.65 -6.90 1.30
N HIS A 113 6.38 -7.04 0.22
CA HIS A 113 6.13 -6.14 -0.92
C HIS A 113 4.69 -6.29 -1.43
N ARG A 114 4.23 -7.50 -1.59
CA ARG A 114 2.84 -7.69 -2.08
C ARG A 114 1.84 -7.04 -1.13
N VAL A 115 2.02 -7.19 0.14
CA VAL A 115 1.06 -6.59 1.10
C VAL A 115 1.21 -5.06 1.05
N ALA A 116 2.43 -4.59 0.99
CA ALA A 116 2.63 -3.12 0.94
C ALA A 116 1.94 -2.56 -0.29
N ALA A 117 2.04 -3.24 -1.40
CA ALA A 117 1.36 -2.76 -2.64
C ALA A 117 -0.14 -2.69 -2.40
N HIS A 118 -0.69 -3.66 -1.70
CA HIS A 118 -2.17 -3.66 -1.43
C HIS A 118 -2.51 -2.53 -0.45
N GLU A 119 -1.70 -2.32 0.55
CA GLU A 119 -2.02 -1.26 1.54
C GLU A 119 -2.12 0.09 0.81
N LEU A 120 -1.26 0.34 -0.14
CA LEU A 120 -1.35 1.61 -0.90
C LEU A 120 -2.67 1.64 -1.64
N GLY A 121 -3.09 0.53 -2.17
CA GLY A 121 -4.39 0.49 -2.90
C GLY A 121 -5.49 1.04 -1.99
N HIS A 122 -5.48 0.68 -0.73
CA HIS A 122 -6.52 1.20 0.20
C HIS A 122 -6.37 2.71 0.27
N SER A 123 -5.17 3.19 0.24
CA SER A 123 -4.95 4.65 0.29
C SER A 123 -5.45 5.28 -1.00
N LEU A 124 -5.49 4.53 -2.07
CA LEU A 124 -5.98 5.09 -3.37
C LEU A 124 -7.51 5.03 -3.41
N GLY A 125 -8.13 4.44 -2.42
CA GLY A 125 -9.63 4.37 -2.40
C GLY A 125 -10.12 3.10 -3.11
N LEU A 126 -9.25 2.16 -3.34
CA LEU A 126 -9.68 0.90 -4.04
C LEU A 126 -10.35 -0.03 -3.03
N SER A 127 -11.53 -0.53 -3.36
CA SER A 127 -12.24 -1.46 -2.42
C SER A 127 -11.79 -2.89 -2.69
N HIS A 128 -12.07 -3.81 -1.81
CA HIS A 128 -11.66 -5.22 -2.04
C HIS A 128 -12.43 -5.77 -3.24
N SER A 129 -11.94 -6.83 -3.85
CA SER A 129 -12.63 -7.42 -5.04
C SER A 129 -12.86 -8.92 -4.81
N THR A 130 -13.70 -9.54 -5.61
CA THR A 130 -13.97 -10.99 -5.44
C THR A 130 -13.15 -11.78 -6.47
N ASP A 131 -12.28 -11.11 -7.17
CA ASP A 131 -11.45 -11.80 -8.20
C ASP A 131 -10.24 -12.46 -7.53
N ILE A 132 -10.17 -13.75 -7.59
CA ILE A 132 -9.03 -14.47 -6.97
C ILE A 132 -7.70 -14.03 -7.61
N GLY A 133 -7.74 -13.61 -8.85
CA GLY A 133 -6.47 -13.20 -9.51
C GLY A 133 -6.11 -11.77 -9.12
N ALA A 134 -6.96 -11.10 -8.41
CA ALA A 134 -6.64 -9.70 -8.00
C ALA A 134 -5.74 -9.70 -6.77
N LEU A 135 -4.99 -8.65 -6.57
CA LEU A 135 -4.09 -8.57 -5.40
C LEU A 135 -4.91 -8.42 -4.11
N MET A 136 -6.07 -7.83 -4.21
CA MET A 136 -6.91 -7.63 -3.00
C MET A 136 -7.55 -8.97 -2.59
N TYR A 137 -6.75 -9.95 -2.25
CA TYR A 137 -7.32 -11.25 -1.83
C TYR A 137 -7.98 -11.06 -0.44
N PRO A 138 -9.23 -11.43 -0.24
CA PRO A 138 -9.84 -11.25 1.11
C PRO A 138 -8.91 -11.78 2.20
N SER A 139 -8.77 -13.08 2.30
CA SER A 139 -7.87 -13.66 3.33
C SER A 139 -6.50 -13.92 2.69
N TYR A 140 -5.52 -14.25 3.48
CA TYR A 140 -4.17 -14.52 2.92
C TYR A 140 -4.13 -16.00 2.47
N THR A 141 -3.55 -16.26 1.33
CA THR A 141 -3.48 -17.68 0.84
C THR A 141 -2.21 -17.86 0.02
N PHE A 142 -2.28 -18.61 -1.04
CA PHE A 142 -1.06 -18.85 -1.87
C PHE A 142 -0.51 -17.50 -2.36
N SER A 143 0.80 -17.35 -2.36
CA SER A 143 1.41 -16.06 -2.83
C SER A 143 1.95 -16.27 -4.26
N GLY A 144 1.45 -15.50 -5.20
CA GLY A 144 1.93 -15.66 -6.62
C GLY A 144 2.97 -14.59 -6.93
N ASP A 145 3.10 -14.21 -8.19
CA ASP A 145 4.11 -13.18 -8.56
C ASP A 145 3.55 -11.79 -8.27
N VAL A 146 4.41 -10.84 -8.04
CA VAL A 146 3.93 -9.47 -7.74
C VAL A 146 3.68 -8.71 -9.05
N GLN A 147 2.45 -8.66 -9.48
CA GLN A 147 2.12 -7.94 -10.75
C GLN A 147 0.75 -7.28 -10.59
N LEU A 148 0.47 -6.22 -11.32
CA LEU A 148 -0.86 -5.56 -11.20
C LEU A 148 -1.90 -6.35 -11.98
N ALA A 149 -3.12 -6.38 -11.50
CA ALA A 149 -4.19 -7.12 -12.23
C ALA A 149 -4.87 -6.18 -13.23
N GLN A 150 -5.48 -6.74 -14.25
CA GLN A 150 -6.18 -5.89 -15.26
C GLN A 150 -7.29 -5.11 -14.55
N ASP A 151 -7.98 -5.74 -13.64
CA ASP A 151 -9.06 -5.04 -12.91
C ASP A 151 -8.50 -3.79 -12.23
N ASP A 152 -7.33 -3.89 -11.67
CA ASP A 152 -6.75 -2.70 -10.97
C ASP A 152 -6.24 -1.70 -11.99
N ILE A 153 -5.61 -2.17 -13.04
CA ILE A 153 -5.09 -1.24 -14.08
C ILE A 153 -6.26 -0.47 -14.70
N ASP A 154 -7.28 -1.18 -15.11
CA ASP A 154 -8.46 -0.51 -15.74
C ASP A 154 -9.18 0.36 -14.71
N GLY A 155 -9.29 -0.12 -13.50
CA GLY A 155 -9.99 0.66 -12.45
C GLY A 155 -9.20 1.93 -12.11
N ILE A 156 -7.93 1.81 -11.80
CA ILE A 156 -7.14 3.02 -11.45
C ILE A 156 -7.04 3.95 -12.66
N GLN A 157 -6.85 3.40 -13.83
CA GLN A 157 -6.77 4.24 -15.06
C GLN A 157 -8.12 4.92 -15.29
N ALA A 158 -9.20 4.22 -15.08
CA ALA A 158 -10.54 4.85 -15.30
C ALA A 158 -10.66 6.07 -14.39
N ILE A 159 -10.24 5.97 -13.15
CA ILE A 159 -10.34 7.14 -12.23
C ILE A 159 -9.50 8.30 -12.77
N TYR A 160 -8.25 8.06 -13.12
CA TYR A 160 -7.39 9.17 -13.65
C TYR A 160 -7.40 9.13 -15.18
N GLY A 161 -6.88 8.08 -15.75
CA GLY A 161 -6.85 7.96 -17.24
C GLY A 161 -5.75 6.99 -17.66
N ARG A 162 -5.39 6.98 -18.92
CA ARG A 162 -4.32 6.05 -19.40
C ARG A 162 -2.97 6.79 -19.44
N SER A 163 -1.93 6.14 -19.02
CA SER A 163 -0.59 6.79 -19.03
C SER A 163 -0.07 6.84 -20.47
N GLN A 164 -0.47 7.85 -21.21
CA GLN A 164 0.00 7.98 -22.63
C GLN A 164 1.18 8.95 -22.67
N ASN A 165 2.36 8.47 -22.99
CA ASN A 165 3.53 9.39 -23.03
C ASN A 165 4.67 8.85 -23.94
N PRO A 166 4.93 7.55 -24.02
CA PRO A 166 6.03 7.04 -24.90
C PRO A 166 5.58 6.98 -26.37
N VAL A 167 5.00 8.04 -26.84
CA VAL A 167 4.54 8.09 -28.24
C VAL A 167 5.67 8.60 -29.14
N GLN A 168 6.02 7.84 -30.16
CA GLN A 168 7.10 8.26 -31.09
C GLN A 168 6.56 8.27 -32.53
N PRO A 169 5.84 9.31 -32.91
CA PRO A 169 5.27 9.36 -34.30
C PRO A 169 6.36 9.39 -35.39
ZN ZN B . -7.24 -5.02 2.36
ZN ZN C . -2.21 -0.45 13.43
CA CA D . -1.28 -11.53 13.11
N1 CGS E . -7.19 -8.58 6.06
CC CGS E . -8.18 -9.51 5.41
CA CGS E . -7.18 -7.10 5.87
S4 CGS E . -5.60 -9.30 6.43
C5 CGS E . -9.23 -10.21 6.25
CD CGS E . -8.86 -11.16 7.27
CE CGS E . -9.85 -11.84 8.08
CZ CGS E . -11.22 -11.55 7.84
N11 CGS E . -11.63 -10.64 6.86
CY CGS E . -10.65 -10.00 6.08
C17 CGS E . -4.66 -9.51 4.93
CE2 CGS E . -4.73 -10.75 4.18
CD2 CGS E . -3.95 -10.91 2.96
C20 CGS E . -3.11 -9.82 2.45
CD1 CGS E . -3.07 -8.58 3.21
CE1 CGS E . -3.84 -8.43 4.43
O27 CGS E . -2.37 -9.97 1.26
COM CGS E . -3.03 -9.68 0.03
O32 CGS E . -5.93 -10.57 6.97
O33 CGS E . -4.96 -8.32 7.26
C34 CGS E . -6.80 -6.72 4.43
N35 CGS E . -5.63 -6.13 4.29
CB CGS E . -8.34 -6.21 6.44
CG2 CGS E . -7.84 -5.01 7.24
CG1 CGS E . -9.30 -6.99 7.32
O47 CGS E . -7.52 -6.95 3.45
O48 CGS E . -5.20 -5.76 3.04
HC1 CGS E . -8.68 -8.95 4.62
HC2 CGS E . -7.60 -10.28 4.87
HA CGS E . -6.33 -6.76 6.46
HD CGS E . -7.82 -11.38 7.46
HE CGS E . -9.56 -12.55 8.85
HZ CGS E . -12.01 -12.01 8.40
HY CGS E . -11.01 -9.31 5.35
HE2 CGS E . -5.33 -11.55 4.55
HD2 CGS E . -4.02 -11.85 2.43
HD1 CGS E . -2.46 -7.75 2.88
HE1 CGS E . -3.80 -7.49 4.98
HOM1 CGS E . -3.70 -8.83 0.14
HOM2 CGS E . -2.30 -9.43 -0.75
HOM3 CGS E . -3.62 -10.53 -0.32
H49 CGS E . -5.09 -5.98 5.14
HB CGS E . -8.92 -5.81 5.61
HG21 CGS E . -6.80 -4.78 7.00
HG22 CGS E . -7.90 -5.21 8.31
HG23 CGS E . -8.43 -4.12 7.02
HG11 CGS E . -10.32 -6.58 7.24
HG12 CGS E . -9.01 -6.93 8.37
HG13 CGS E . -9.35 -8.04 7.04
H50 CGS E . -4.45 -5.14 3.08
N VAL A 1 -16.84 12.31 6.14
CA VAL A 1 -17.34 11.93 4.79
C VAL A 1 -18.05 13.13 4.15
N LEU A 2 -17.34 14.22 3.96
CA LEU A 2 -17.98 15.42 3.34
C LEU A 2 -18.48 15.07 1.94
N THR A 3 -17.73 14.31 1.20
CA THR A 3 -18.16 13.93 -0.19
C THR A 3 -18.89 12.59 -0.16
N GLU A 4 -19.61 12.26 -1.19
CA GLU A 4 -20.34 10.96 -1.20
C GLU A 4 -19.34 9.82 -1.38
N GLY A 5 -19.54 8.72 -0.71
CA GLY A 5 -18.60 7.57 -0.85
C GLY A 5 -17.24 7.98 -0.28
N ASN A 6 -16.20 7.27 -0.62
CA ASN A 6 -14.86 7.63 -0.08
C ASN A 6 -14.27 8.78 -0.93
N PRO A 7 -13.64 9.78 -0.35
CA PRO A 7 -13.07 10.89 -1.16
C PRO A 7 -11.99 10.40 -2.13
N ARG A 8 -11.29 11.31 -2.77
CA ARG A 8 -10.21 10.93 -3.72
C ARG A 8 -9.08 11.94 -3.63
N TRP A 9 -7.91 11.61 -4.09
CA TRP A 9 -6.77 12.57 -4.02
C TRP A 9 -6.89 13.56 -5.18
N GLU A 10 -6.99 14.83 -4.89
CA GLU A 10 -7.09 15.85 -5.98
C GLU A 10 -5.71 16.21 -6.49
N GLN A 11 -4.69 15.85 -5.77
CA GLN A 11 -3.30 16.19 -6.21
C GLN A 11 -2.82 15.14 -7.23
N THR A 12 -1.98 15.54 -8.15
CA THR A 12 -1.45 14.57 -9.17
C THR A 12 -0.12 14.03 -8.66
N HIS A 13 0.36 14.54 -7.56
CA HIS A 13 1.65 14.07 -6.97
C HIS A 13 1.42 13.74 -5.50
N LEU A 14 2.03 12.70 -5.00
CA LEU A 14 1.83 12.31 -3.57
C LEU A 14 3.18 12.05 -2.90
N THR A 15 3.22 12.09 -1.58
CA THR A 15 4.50 11.86 -0.85
C THR A 15 4.29 10.79 0.22
N TYR A 16 5.34 10.10 0.61
CA TYR A 16 5.19 9.04 1.66
C TYR A 16 6.45 9.00 2.52
N ARG A 17 6.35 8.48 3.72
CA ARG A 17 7.55 8.41 4.61
C ARG A 17 7.46 7.18 5.52
N ILE A 18 8.56 6.50 5.70
CA ILE A 18 8.58 5.30 6.59
C ILE A 18 8.91 5.80 8.00
N GLU A 19 8.04 5.59 8.95
CA GLU A 19 8.32 6.08 10.33
C GLU A 19 9.54 5.37 10.91
N ASN A 20 9.67 4.09 10.69
CA ASN A 20 10.84 3.35 11.24
C ASN A 20 11.07 2.06 10.45
N TYR A 21 12.30 1.61 10.38
CA TYR A 21 12.60 0.35 9.64
C TYR A 21 12.65 -0.81 10.62
N THR A 22 12.02 -1.91 10.30
CA THR A 22 12.06 -3.07 11.23
C THR A 22 13.48 -3.67 11.23
N PRO A 23 14.05 -4.00 12.38
CA PRO A 23 15.43 -4.58 12.40
C PRO A 23 15.48 -5.97 11.73
N ASP A 24 14.34 -6.54 11.45
CA ASP A 24 14.31 -7.87 10.79
C ASP A 24 15.03 -7.79 9.44
N LEU A 25 14.83 -6.72 8.72
CA LEU A 25 15.50 -6.56 7.39
C LEU A 25 16.10 -5.14 7.31
N PRO A 26 17.18 -4.93 6.59
CA PRO A 26 17.78 -3.56 6.50
C PRO A 26 16.79 -2.57 5.87
N ARG A 27 17.19 -1.34 5.68
CA ARG A 27 16.28 -0.33 5.07
C ARG A 27 16.40 -0.39 3.54
N ALA A 28 17.55 -0.74 3.03
CA ALA A 28 17.73 -0.81 1.56
C ALA A 28 16.72 -1.78 0.95
N ASP A 29 16.54 -2.93 1.56
CA ASP A 29 15.58 -3.92 1.01
C ASP A 29 14.14 -3.40 1.20
N VAL A 30 13.87 -2.79 2.31
CA VAL A 30 12.49 -2.27 2.55
C VAL A 30 12.20 -1.10 1.59
N ASP A 31 13.17 -0.24 1.39
CA ASP A 31 12.94 0.91 0.46
C ASP A 31 12.59 0.37 -0.93
N HIS A 32 13.31 -0.63 -1.37
CA HIS A 32 13.00 -1.21 -2.71
C HIS A 32 11.57 -1.74 -2.72
N ALA A 33 11.18 -2.41 -1.68
CA ALA A 33 9.79 -2.96 -1.61
C ALA A 33 8.77 -1.82 -1.70
N ILE A 34 8.94 -0.79 -0.92
CA ILE A 34 7.98 0.35 -0.96
C ILE A 34 8.16 1.11 -2.28
N GLU A 35 9.38 1.28 -2.73
CA GLU A 35 9.60 2.01 -4.01
C GLU A 35 9.11 1.15 -5.17
N LYS A 36 9.36 -0.14 -5.11
CA LYS A 36 8.91 -1.04 -6.21
C LYS A 36 7.40 -0.98 -6.36
N ALA A 37 6.68 -0.93 -5.26
CA ALA A 37 5.18 -0.89 -5.36
C ALA A 37 4.75 0.42 -6.03
N PHE A 38 5.32 1.52 -5.66
CA PHE A 38 4.92 2.82 -6.28
C PHE A 38 5.19 2.75 -7.79
N GLN A 39 6.29 2.16 -8.19
CA GLN A 39 6.59 2.07 -9.65
C GLN A 39 5.46 1.32 -10.36
N LEU A 40 5.00 0.24 -9.79
CA LEU A 40 3.91 -0.54 -10.45
C LEU A 40 2.65 0.33 -10.59
N TRP A 41 2.28 1.06 -9.58
CA TRP A 41 1.05 1.91 -9.68
C TRP A 41 1.32 3.14 -10.53
N SER A 42 2.48 3.74 -10.38
CA SER A 42 2.80 4.96 -11.17
C SER A 42 3.00 4.61 -12.65
N ASN A 43 3.64 3.50 -12.92
CA ASN A 43 3.90 3.11 -14.34
C ASN A 43 2.58 2.92 -15.11
N VAL A 44 1.48 2.76 -14.42
CA VAL A 44 0.17 2.55 -15.13
C VAL A 44 -0.72 3.79 -14.94
N THR A 45 -0.20 4.81 -14.30
CA THR A 45 -1.01 6.06 -14.10
C THR A 45 -0.08 7.29 -14.14
N PRO A 46 -0.55 8.45 -14.55
CA PRO A 46 0.32 9.66 -14.58
C PRO A 46 0.68 10.15 -13.17
N LEU A 47 0.28 9.42 -12.17
CA LEU A 47 0.57 9.84 -10.77
C LEU A 47 2.06 9.68 -10.48
N THR A 48 2.59 10.49 -9.61
CA THR A 48 4.04 10.41 -9.26
C THR A 48 4.16 10.37 -7.74
N PHE A 49 5.18 9.72 -7.22
CA PHE A 49 5.36 9.63 -5.73
C PHE A 49 6.77 10.10 -5.36
N THR A 50 6.95 10.52 -4.14
CA THR A 50 8.30 11.00 -3.71
C THR A 50 8.45 10.83 -2.18
N LYS A 51 9.52 10.23 -1.76
CA LYS A 51 9.75 10.03 -0.29
C LYS A 51 10.21 11.36 0.32
N VAL A 52 9.70 11.70 1.48
CA VAL A 52 10.11 12.98 2.15
C VAL A 52 10.71 12.66 3.53
N SER A 53 11.83 13.26 3.85
CA SER A 53 12.47 13.01 5.17
C SER A 53 12.10 14.11 6.16
N GLU A 54 11.31 15.06 5.73
CA GLU A 54 10.91 16.17 6.65
C GLU A 54 9.46 16.58 6.37
N GLY A 55 8.77 17.06 7.37
CA GLY A 55 7.36 17.47 7.19
C GLY A 55 6.45 16.24 7.19
N GLN A 56 5.17 16.46 7.34
CA GLN A 56 4.21 15.30 7.35
C GLN A 56 3.91 14.88 5.90
N ALA A 57 3.87 13.60 5.65
CA ALA A 57 3.59 13.10 4.26
C ALA A 57 2.14 12.64 4.16
N ASP A 58 1.56 12.71 3.00
CA ASP A 58 0.15 12.28 2.84
C ASP A 58 0.01 10.80 3.22
N ILE A 59 0.95 9.99 2.79
CA ILE A 59 0.88 8.52 3.12
C ILE A 59 1.91 8.21 4.21
N MET A 60 1.45 7.91 5.40
CA MET A 60 2.39 7.59 6.51
C MET A 60 2.43 6.07 6.73
N ILE A 61 3.61 5.53 6.92
CA ILE A 61 3.76 4.05 7.15
C ILE A 61 4.48 3.80 8.47
N SER A 62 3.96 2.93 9.28
CA SER A 62 4.62 2.63 10.59
C SER A 62 4.42 1.16 10.96
N PHE A 63 5.35 0.58 11.68
CA PHE A 63 5.23 -0.85 12.09
C PHE A 63 4.85 -0.93 13.58
N VAL A 64 3.99 -1.84 13.94
CA VAL A 64 3.57 -1.94 15.38
C VAL A 64 3.48 -3.42 15.81
N ARG A 65 3.34 -3.65 17.09
CA ARG A 65 3.24 -5.06 17.61
C ARG A 65 2.06 -5.15 18.59
N GLY A 66 1.30 -6.22 18.51
CA GLY A 66 0.14 -6.38 19.43
C GLY A 66 -0.66 -5.07 19.50
N ASP A 67 -1.31 -4.83 20.61
CA ASP A 67 -2.11 -3.58 20.75
C ASP A 67 -1.18 -2.38 20.72
N HIS A 68 -1.52 -1.36 19.98
CA HIS A 68 -0.66 -0.14 19.88
C HIS A 68 -1.52 1.12 20.07
N ARG A 69 -2.30 1.16 21.12
CA ARG A 69 -3.16 2.35 21.39
C ARG A 69 -4.10 2.62 20.21
N ASP A 70 -4.84 1.62 19.77
CA ASP A 70 -5.78 1.84 18.63
C ASP A 70 -7.07 1.05 18.86
N ASN A 71 -8.07 1.29 18.05
CA ASN A 71 -9.37 0.57 18.22
C ASN A 71 -9.34 -0.73 17.40
N SER A 72 -8.19 -1.09 16.89
CA SER A 72 -8.07 -2.34 16.10
C SER A 72 -6.75 -3.05 16.49
N PRO A 73 -6.70 -3.63 17.66
CA PRO A 73 -5.46 -4.32 18.12
C PRO A 73 -5.31 -5.70 17.46
N PHE A 74 -4.09 -6.16 17.33
CA PHE A 74 -3.88 -7.49 16.70
C PHE A 74 -4.18 -8.59 17.73
N ASP A 75 -4.86 -9.63 17.31
CA ASP A 75 -5.22 -10.74 18.25
C ASP A 75 -4.27 -11.92 18.02
N GLY A 76 -3.03 -11.75 18.36
CA GLY A 76 -2.05 -12.87 18.18
C GLY A 76 -1.71 -13.01 16.68
N PRO A 77 -0.83 -13.93 16.34
CA PRO A 77 -0.45 -14.14 14.92
C PRO A 77 -1.66 -14.27 13.99
N GLY A 78 -2.80 -14.63 14.54
CA GLY A 78 -4.02 -14.79 13.71
C GLY A 78 -4.75 -13.44 13.62
N GLY A 79 -5.87 -13.40 12.94
CA GLY A 79 -6.63 -12.13 12.83
C GLY A 79 -6.13 -11.32 11.63
N ASN A 80 -6.27 -10.03 11.68
CA ASN A 80 -5.81 -9.17 10.55
C ASN A 80 -4.29 -9.04 10.58
N LEU A 81 -3.66 -9.04 9.44
CA LEU A 81 -2.17 -8.90 9.40
C LEU A 81 -1.80 -7.43 9.28
N ALA A 82 -2.74 -6.60 8.93
CA ALA A 82 -2.44 -5.15 8.77
C ALA A 82 -3.76 -4.39 8.58
N HIS A 83 -3.73 -3.09 8.53
CA HIS A 83 -5.00 -2.34 8.32
C HIS A 83 -4.71 -0.91 7.85
N ALA A 84 -5.16 -0.60 6.67
CA ALA A 84 -4.95 0.77 6.11
C ALA A 84 -6.07 1.69 6.59
N PHE A 85 -5.95 2.97 6.34
CA PHE A 85 -7.01 3.94 6.76
C PHE A 85 -7.56 4.64 5.51
N GLN A 86 -8.82 4.95 5.49
CA GLN A 86 -9.41 5.61 4.29
C GLN A 86 -8.67 6.93 4.03
N PRO A 87 -8.55 7.37 2.79
CA PRO A 87 -7.85 8.65 2.49
C PRO A 87 -8.55 9.84 3.17
N GLY A 88 -7.94 10.40 4.18
CA GLY A 88 -8.58 11.55 4.87
C GLY A 88 -7.58 12.24 5.79
N PRO A 89 -7.93 13.38 6.33
CA PRO A 89 -7.01 14.12 7.25
C PRO A 89 -6.77 13.34 8.55
N GLY A 90 -5.86 13.79 9.37
CA GLY A 90 -5.59 13.07 10.65
C GLY A 90 -4.92 11.73 10.38
N ILE A 91 -5.47 10.66 10.88
CA ILE A 91 -4.87 9.32 10.67
C ILE A 91 -5.24 8.78 9.28
N GLY A 92 -6.10 9.47 8.58
CA GLY A 92 -6.50 8.98 7.22
C GLY A 92 -5.27 8.91 6.30
N GLY A 93 -5.20 7.89 5.47
CA GLY A 93 -4.04 7.76 4.53
C GLY A 93 -2.91 6.97 5.22
N ASP A 94 -2.98 6.84 6.51
CA ASP A 94 -1.92 6.08 7.24
C ASP A 94 -1.99 4.60 6.90
N ALA A 95 -0.95 3.86 7.19
CA ALA A 95 -0.93 2.40 6.88
C ALA A 95 -0.14 1.66 7.95
N HIS A 96 -0.79 0.76 8.67
CA HIS A 96 -0.08 0.01 9.76
C HIS A 96 0.28 -1.39 9.29
N PHE A 97 1.49 -1.84 9.57
CA PHE A 97 1.93 -3.21 9.16
C PHE A 97 2.23 -4.04 10.42
N ASP A 98 1.67 -5.21 10.52
CA ASP A 98 1.96 -6.06 11.73
C ASP A 98 3.42 -6.51 11.69
N GLU A 99 4.13 -6.31 12.77
CA GLU A 99 5.57 -6.73 12.81
C GLU A 99 5.70 -8.05 13.55
N ASP A 100 4.59 -8.62 13.96
CA ASP A 100 4.64 -9.93 14.70
C ASP A 100 4.94 -11.08 13.74
N GLU A 101 4.78 -10.87 12.46
CA GLU A 101 5.05 -11.97 11.48
C GLU A 101 6.48 -11.83 10.95
N ARG A 102 7.06 -12.90 10.49
CA ARG A 102 8.46 -12.83 9.95
C ARG A 102 8.38 -12.40 8.49
N TRP A 103 8.89 -11.25 8.17
CA TRP A 103 8.83 -10.76 6.77
C TRP A 103 10.04 -11.25 5.98
N THR A 104 9.86 -11.53 4.72
CA THR A 104 10.98 -12.03 3.85
C THR A 104 11.18 -11.06 2.70
N ASN A 105 12.23 -11.25 1.94
CA ASN A 105 12.50 -10.34 0.77
C ASN A 105 12.16 -11.07 -0.53
N ASN A 106 11.26 -12.02 -0.46
CA ASN A 106 10.87 -12.78 -1.68
C ASN A 106 9.41 -13.26 -1.54
N PHE A 107 9.00 -14.16 -2.39
CA PHE A 107 7.58 -14.66 -2.34
C PHE A 107 7.49 -15.88 -1.43
N ARG A 108 8.29 -15.97 -0.41
CA ARG A 108 8.22 -17.16 0.49
C ARG A 108 6.99 -17.05 1.39
N GLU A 109 7.02 -17.71 2.52
CA GLU A 109 5.85 -17.70 3.46
C GLU A 109 5.15 -16.33 3.47
N TYR A 110 5.85 -15.27 3.82
CA TYR A 110 5.20 -13.91 3.86
C TYR A 110 5.96 -12.94 2.96
N ASN A 111 5.26 -12.26 2.08
CA ASN A 111 5.93 -11.27 1.17
C ASN A 111 5.55 -9.85 1.59
N LEU A 112 6.48 -9.10 2.13
CA LEU A 112 6.17 -7.71 2.57
C LEU A 112 5.71 -6.86 1.38
N HIS A 113 6.35 -7.00 0.25
CA HIS A 113 5.95 -6.18 -0.92
C HIS A 113 4.48 -6.45 -1.29
N ARG A 114 4.06 -7.68 -1.25
CA ARG A 114 2.64 -7.98 -1.61
C ARG A 114 1.69 -7.23 -0.68
N VAL A 115 2.00 -7.18 0.59
CA VAL A 115 1.09 -6.48 1.55
C VAL A 115 1.14 -4.97 1.29
N ALA A 116 2.30 -4.44 1.03
CA ALA A 116 2.41 -2.98 0.75
C ALA A 116 1.55 -2.64 -0.47
N ALA A 117 1.59 -3.46 -1.48
CA ALA A 117 0.78 -3.20 -2.71
C ALA A 117 -0.71 -3.29 -2.37
N HIS A 118 -1.08 -4.19 -1.50
CA HIS A 118 -2.52 -4.33 -1.14
C HIS A 118 -2.97 -3.11 -0.33
N GLU A 119 -2.22 -2.74 0.67
CA GLU A 119 -2.61 -1.57 1.50
C GLU A 119 -2.70 -0.32 0.61
N LEU A 120 -1.78 -0.18 -0.30
CA LEU A 120 -1.81 1.00 -1.21
C LEU A 120 -3.09 0.96 -2.05
N GLY A 121 -3.49 -0.20 -2.50
CA GLY A 121 -4.74 -0.29 -3.32
C GLY A 121 -5.89 0.32 -2.52
N HIS A 122 -5.96 0.05 -1.25
CA HIS A 122 -7.05 0.63 -0.42
C HIS A 122 -6.89 2.16 -0.38
N SER A 123 -5.66 2.62 -0.29
CA SER A 123 -5.42 4.08 -0.24
C SER A 123 -5.74 4.70 -1.60
N LEU A 124 -5.73 3.92 -2.65
CA LEU A 124 -6.04 4.47 -4.00
C LEU A 124 -7.55 4.45 -4.22
N GLY A 125 -8.30 3.91 -3.27
CA GLY A 125 -9.78 3.86 -3.43
C GLY A 125 -10.21 2.54 -4.07
N LEU A 126 -9.30 1.61 -4.19
CA LEU A 126 -9.66 0.30 -4.80
C LEU A 126 -10.28 -0.61 -3.74
N SER A 127 -11.46 -1.10 -3.98
CA SER A 127 -12.14 -2.00 -2.99
C SER A 127 -11.71 -3.45 -3.25
N HIS A 128 -12.07 -4.35 -2.35
CA HIS A 128 -11.70 -5.77 -2.55
C HIS A 128 -12.43 -6.34 -3.76
N SER A 129 -11.86 -7.34 -4.39
CA SER A 129 -12.51 -7.96 -5.60
C SER A 129 -12.63 -9.46 -5.40
N THR A 130 -13.36 -10.13 -6.25
CA THR A 130 -13.54 -11.61 -6.12
C THR A 130 -12.66 -12.32 -7.16
N ASP A 131 -11.79 -11.60 -7.81
CA ASP A 131 -10.91 -12.23 -8.84
C ASP A 131 -9.70 -12.87 -8.14
N ILE A 132 -9.48 -14.13 -8.35
CA ILE A 132 -8.33 -14.83 -7.71
C ILE A 132 -7.02 -14.17 -8.13
N GLY A 133 -6.96 -13.65 -9.32
CA GLY A 133 -5.68 -13.02 -9.79
C GLY A 133 -5.54 -11.61 -9.23
N ALA A 134 -6.53 -11.11 -8.54
CA ALA A 134 -6.43 -9.74 -7.97
C ALA A 134 -5.66 -9.78 -6.65
N LEU A 135 -4.67 -8.94 -6.51
CA LEU A 135 -3.88 -8.92 -5.24
C LEU A 135 -4.79 -8.49 -4.09
N MET A 136 -5.81 -7.76 -4.40
CA MET A 136 -6.73 -7.29 -3.33
C MET A 136 -7.57 -8.46 -2.82
N TYR A 137 -6.94 -9.57 -2.55
CA TYR A 137 -7.69 -10.76 -2.04
C TYR A 137 -8.17 -10.45 -0.60
N PRO A 138 -9.43 -10.64 -0.26
CA PRO A 138 -9.86 -10.34 1.14
C PRO A 138 -8.92 -10.97 2.18
N SER A 139 -8.87 -12.27 2.24
CA SER A 139 -7.97 -12.95 3.21
C SER A 139 -6.57 -13.11 2.61
N TYR A 140 -5.62 -13.54 3.40
CA TYR A 140 -4.24 -13.72 2.87
C TYR A 140 -4.11 -15.09 2.21
N THR A 141 -3.45 -15.17 1.08
CA THR A 141 -3.28 -16.48 0.39
C THR A 141 -1.94 -16.50 -0.34
N PHE A 142 -1.50 -17.65 -0.76
CA PHE A 142 -0.18 -17.74 -1.46
C PHE A 142 -0.32 -17.21 -2.90
N SER A 143 0.62 -16.41 -3.33
CA SER A 143 0.58 -15.84 -4.72
C SER A 143 1.89 -16.13 -5.45
N GLY A 144 1.82 -16.45 -6.71
CA GLY A 144 3.07 -16.73 -7.47
C GLY A 144 3.81 -15.41 -7.75
N ASP A 145 3.69 -14.90 -8.95
CA ASP A 145 4.38 -13.61 -9.28
C ASP A 145 3.50 -12.43 -8.87
N VAL A 146 4.07 -11.40 -8.32
CA VAL A 146 3.26 -10.22 -7.89
C VAL A 146 3.11 -9.26 -9.07
N GLN A 147 1.92 -9.14 -9.59
CA GLN A 147 1.67 -8.21 -10.73
C GLN A 147 0.29 -7.58 -10.59
N LEU A 148 0.06 -6.45 -11.19
CA LEU A 148 -1.28 -5.81 -11.08
C LEU A 148 -2.26 -6.55 -11.98
N ALA A 149 -3.51 -6.59 -11.61
CA ALA A 149 -4.53 -7.29 -12.44
C ALA A 149 -5.18 -6.29 -13.38
N GLN A 150 -5.75 -6.76 -14.45
CA GLN A 150 -6.42 -5.85 -15.42
C GLN A 150 -7.53 -5.09 -14.69
N ASP A 151 -8.25 -5.76 -13.82
CA ASP A 151 -9.35 -5.09 -13.08
C ASP A 151 -8.80 -3.89 -12.30
N ASP A 152 -7.66 -4.03 -11.68
CA ASP A 152 -7.09 -2.88 -10.91
C ASP A 152 -6.55 -1.82 -11.86
N ILE A 153 -5.90 -2.22 -12.91
CA ILE A 153 -5.34 -1.23 -13.87
C ILE A 153 -6.49 -0.46 -14.53
N ASP A 154 -7.47 -1.15 -15.04
CA ASP A 154 -8.61 -0.45 -15.68
C ASP A 154 -9.31 0.45 -14.67
N GLY A 155 -9.47 -0.01 -13.45
CA GLY A 155 -10.17 0.80 -12.42
C GLY A 155 -9.41 2.09 -12.09
N ILE A 156 -8.16 2.00 -11.72
CA ILE A 156 -7.40 3.23 -11.37
C ILE A 156 -7.28 4.13 -12.62
N GLN A 157 -7.04 3.54 -13.76
CA GLN A 157 -6.91 4.36 -15.00
C GLN A 157 -8.24 5.03 -15.32
N ALA A 158 -9.34 4.35 -15.10
CA ALA A 158 -10.66 4.96 -15.40
C ALA A 158 -10.81 6.23 -14.56
N ILE A 159 -10.48 6.17 -13.29
CA ILE A 159 -10.62 7.38 -12.43
C ILE A 159 -9.73 8.50 -12.99
N TYR A 160 -8.49 8.20 -13.27
CA TYR A 160 -7.56 9.24 -13.82
C TYR A 160 -7.47 9.10 -15.34
N GLY A 161 -6.81 8.07 -15.82
CA GLY A 161 -6.71 7.91 -17.30
C GLY A 161 -5.54 6.97 -17.65
N ARG A 162 -5.14 6.96 -18.90
CA ARG A 162 -4.02 6.08 -19.34
C ARG A 162 -2.70 6.83 -19.22
N SER A 163 -1.66 6.18 -18.77
CA SER A 163 -0.35 6.88 -18.66
C SER A 163 0.27 7.01 -20.04
N GLN A 164 -0.10 8.02 -20.77
CA GLN A 164 0.47 8.23 -22.14
C GLN A 164 1.63 9.22 -22.07
N ASN A 165 2.79 8.83 -22.53
CA ASN A 165 3.96 9.74 -22.50
C ASN A 165 4.91 9.36 -23.65
N PRO A 166 5.67 10.29 -24.20
CA PRO A 166 6.61 9.95 -25.31
C PRO A 166 7.90 9.29 -24.78
N VAL A 167 8.03 8.01 -24.92
CA VAL A 167 9.26 7.31 -24.43
C VAL A 167 10.31 7.28 -25.54
N GLN A 168 11.48 7.80 -25.27
CA GLN A 168 12.55 7.80 -26.31
C GLN A 168 13.07 6.37 -26.51
N PRO A 169 13.53 6.01 -27.69
CA PRO A 169 14.06 4.63 -27.92
C PRO A 169 15.17 4.28 -26.92
ZN ZN B . -7.65 -5.51 2.04
ZN ZN C . -1.85 -0.67 13.66
CA CA D . -1.87 -10.81 13.17
N1 CGS E . -7.17 -8.35 6.31
CC CGS E . -8.19 -9.34 5.79
CA CGS E . -7.31 -6.85 6.18
S4 CGS E . -5.50 -8.94 6.40
C5 CGS E . -9.02 -10.16 6.77
CD CGS E . -8.39 -11.07 7.71
CE CGS E . -9.17 -11.85 8.64
CZ CGS E . -10.60 -11.69 8.62
N11 CGS E . -11.22 -10.83 7.74
CY CGS E . -10.46 -10.08 6.84
C17 CGS E . -4.73 -8.84 4.79
CE2 CGS E . -4.96 -9.87 3.79
CD2 CGS E . -4.34 -9.76 2.48
C20 CGS E . -3.50 -8.61 2.14
CD1 CGS E . -3.29 -7.58 3.16
CE1 CGS E . -3.91 -7.70 4.47
O27 CGS E . -2.90 -8.49 0.87
COM CGS E . -1.61 -9.09 0.71
O32 CGS E . -5.64 -10.30 6.81
O33 CGS E . -4.88 -8.00 7.29
C34 CGS E . -7.18 -6.44 4.70
N35 CGS E . -6.08 -5.75 4.39
CB CGS E . -8.41 -6.07 6.94
CG2 CGS E . -7.84 -4.99 7.86
CG1 CGS E . -9.34 -6.93 7.78
O47 CGS E . -8.03 -6.70 3.84
O48 CGS E . -5.89 -5.32 3.10
HC1 CGS E . -8.86 -8.79 5.13
HC2 CGS E . -7.65 -10.03 5.13
HA CGS E . -6.40 -6.47 6.64
HD CGS E . -7.32 -11.19 7.72
HE CGS E . -8.70 -12.54 9.34
HZ CGS E . -11.23 -12.24 9.28
HY CGS E . -10.98 -9.42 6.17
HE2 CGS E . -5.57 -10.73 4.03
HD2 CGS E . -4.51 -10.55 1.75
HD1 CGS E . -2.67 -6.71 2.96
HE1 CGS E . -3.75 -6.95 5.22
HOM1 CGS E . -1.37 -9.23 -0.35
HOM2 CGS E . -0.83 -8.47 1.15
HOM3 CGS E . -1.56 -10.06 1.19
H49 CGS E . -5.43 -5.56 5.14
HB CGS E . -9.04 -5.54 6.22
HG21 CGS E . -8.28 -4.01 7.65
HG22 CGS E . -6.77 -4.91 7.75
HG23 CGS E . -8.05 -5.23 8.90
HG11 CGS E . -10.08 -6.32 8.28
HG12 CGS E . -8.78 -7.48 8.54
HG13 CGS E . -9.86 -7.66 7.15
H50 CGS E . -5.96 -6.04 2.45
N VAL A 1 -22.40 16.07 -0.66
CA VAL A 1 -22.99 15.15 -1.67
C VAL A 1 -22.15 15.18 -2.94
N LEU A 2 -21.33 16.18 -3.09
CA LEU A 2 -20.49 16.28 -4.31
C LEU A 2 -19.56 15.05 -4.37
N THR A 3 -19.01 14.67 -3.25
CA THR A 3 -18.10 13.47 -3.20
C THR A 3 -18.55 12.53 -2.09
N GLU A 4 -18.52 11.24 -2.32
CA GLU A 4 -18.93 10.28 -1.27
C GLU A 4 -17.82 10.17 -0.22
N GLY A 5 -18.16 10.30 1.04
CA GLY A 5 -17.13 10.21 2.10
C GLY A 5 -16.04 11.26 1.86
N ASN A 6 -14.80 10.90 2.05
CA ASN A 6 -13.70 11.88 1.84
C ASN A 6 -13.35 11.93 0.34
N PRO A 7 -12.97 13.07 -0.20
CA PRO A 7 -12.61 13.13 -1.64
C PRO A 7 -11.38 12.28 -1.98
N ARG A 8 -11.07 12.13 -3.24
CA ARG A 8 -9.89 11.32 -3.64
C ARG A 8 -8.66 12.23 -3.64
N TRP A 9 -7.52 11.73 -4.03
CA TRP A 9 -6.31 12.61 -4.05
C TRP A 9 -6.34 13.45 -5.32
N GLU A 10 -6.40 14.75 -5.17
CA GLU A 10 -6.44 15.63 -6.37
C GLU A 10 -5.02 15.87 -6.87
N GLN A 11 -4.03 15.47 -6.11
CA GLN A 11 -2.62 15.67 -6.54
C GLN A 11 -2.18 14.53 -7.45
N THR A 12 -1.30 14.80 -8.36
CA THR A 12 -0.79 13.72 -9.27
C THR A 12 0.52 13.19 -8.69
N HIS A 13 0.96 13.79 -7.62
CA HIS A 13 2.23 13.36 -6.95
C HIS A 13 1.94 13.11 -5.47
N LEU A 14 2.52 12.09 -4.88
CA LEU A 14 2.27 11.80 -3.44
C LEU A 14 3.60 11.47 -2.75
N THR A 15 3.63 11.62 -1.45
CA THR A 15 4.89 11.33 -0.69
C THR A 15 4.56 10.41 0.49
N TYR A 16 5.53 9.64 0.93
CA TYR A 16 5.30 8.70 2.08
C TYR A 16 6.54 8.70 2.98
N ARG A 17 6.39 8.26 4.20
CA ARG A 17 7.57 8.23 5.13
C ARG A 17 7.45 7.04 6.09
N ILE A 18 8.51 6.31 6.23
CA ILE A 18 8.51 5.15 7.18
C ILE A 18 8.94 5.67 8.54
N GLU A 19 8.12 5.53 9.55
CA GLU A 19 8.50 6.04 10.89
C GLU A 19 9.71 5.28 11.42
N ASN A 20 9.74 3.98 11.22
CA ASN A 20 10.90 3.19 11.72
C ASN A 20 10.98 1.86 10.96
N TYR A 21 12.13 1.26 10.93
CA TYR A 21 12.30 -0.06 10.23
C TYR A 21 12.31 -1.19 11.26
N THR A 22 11.62 -2.26 10.99
CA THR A 22 11.61 -3.39 11.96
C THR A 22 13.02 -4.03 11.99
N PRO A 23 13.52 -4.45 13.14
CA PRO A 23 14.88 -5.07 13.21
C PRO A 23 14.92 -6.43 12.49
N ASP A 24 13.79 -6.95 12.12
CA ASP A 24 13.77 -8.26 11.42
C ASP A 24 14.57 -8.17 10.12
N LEU A 25 14.45 -7.07 9.42
CA LEU A 25 15.17 -6.89 8.13
C LEU A 25 15.78 -5.48 8.08
N PRO A 26 16.89 -5.28 7.39
CA PRO A 26 17.49 -3.91 7.30
C PRO A 26 16.55 -2.92 6.59
N ARG A 27 16.97 -1.70 6.42
CA ARG A 27 16.09 -0.69 5.75
C ARG A 27 16.28 -0.76 4.23
N ALA A 28 17.48 -1.01 3.78
CA ALA A 28 17.72 -1.09 2.31
C ALA A 28 16.78 -2.11 1.70
N ASP A 29 16.60 -3.24 2.33
CA ASP A 29 15.69 -4.28 1.77
C ASP A 29 14.24 -3.80 1.86
N VAL A 30 13.89 -3.15 2.95
CA VAL A 30 12.49 -2.65 3.12
C VAL A 30 12.23 -1.49 2.16
N ASP A 31 13.16 -0.58 2.03
CA ASP A 31 12.95 0.57 1.12
C ASP A 31 12.70 0.06 -0.30
N HIS A 32 13.43 -0.94 -0.69
CA HIS A 32 13.25 -1.51 -2.06
C HIS A 32 11.82 -2.02 -2.22
N ALA A 33 11.35 -2.78 -1.27
CA ALA A 33 9.96 -3.32 -1.36
C ALA A 33 8.93 -2.18 -1.43
N ILE A 34 9.07 -1.18 -0.60
CA ILE A 34 8.08 -0.06 -0.62
C ILE A 34 8.27 0.78 -1.88
N GLU A 35 9.49 1.07 -2.24
CA GLU A 35 9.74 1.90 -3.46
C GLU A 35 9.36 1.08 -4.70
N LYS A 36 9.67 -0.19 -4.71
CA LYS A 36 9.33 -1.02 -5.89
C LYS A 36 7.81 -1.05 -6.09
N ALA A 37 7.06 -1.13 -5.03
CA ALA A 37 5.57 -1.17 -5.18
C ALA A 37 5.07 0.13 -5.81
N PHE A 38 5.53 1.26 -5.34
CA PHE A 38 5.07 2.55 -5.94
C PHE A 38 5.42 2.57 -7.42
N GLN A 39 6.59 2.10 -7.78
CA GLN A 39 6.99 2.12 -9.21
C GLN A 39 5.98 1.30 -10.02
N LEU A 40 5.55 0.18 -9.50
CA LEU A 40 4.55 -0.64 -10.25
C LEU A 40 3.28 0.17 -10.48
N TRP A 41 2.85 0.91 -9.50
CA TRP A 41 1.62 1.72 -9.67
C TRP A 41 1.91 2.90 -10.60
N SER A 42 3.04 3.50 -10.46
CA SER A 42 3.41 4.66 -11.33
C SER A 42 3.65 4.18 -12.76
N ASN A 43 4.24 3.03 -12.91
CA ASN A 43 4.53 2.52 -14.28
C ASN A 43 3.24 2.41 -15.10
N VAL A 44 2.10 2.34 -14.47
CA VAL A 44 0.81 2.22 -15.23
C VAL A 44 -0.01 3.51 -15.07
N THR A 45 0.55 4.52 -14.44
CA THR A 45 -0.21 5.81 -14.27
C THR A 45 0.77 6.99 -14.29
N PRO A 46 0.35 8.17 -14.74
CA PRO A 46 1.26 9.35 -14.75
C PRO A 46 1.58 9.81 -13.32
N LEU A 47 1.12 9.07 -12.35
CA LEU A 47 1.37 9.46 -10.93
C LEU A 47 2.84 9.26 -10.58
N THR A 48 3.29 9.90 -9.53
CA THR A 48 4.72 9.75 -9.11
C THR A 48 4.77 9.67 -7.58
N PHE A 49 5.78 9.05 -7.03
CA PHE A 49 5.89 8.91 -5.55
C PHE A 49 7.29 9.34 -5.09
N THR A 50 7.41 9.83 -3.88
CA THR A 50 8.75 10.29 -3.38
C THR A 50 8.81 10.18 -1.85
N LYS A 51 9.87 9.60 -1.35
CA LYS A 51 10.02 9.45 0.13
C LYS A 51 10.52 10.77 0.73
N VAL A 52 9.99 11.16 1.87
CA VAL A 52 10.42 12.44 2.53
C VAL A 52 11.04 12.10 3.89
N SER A 53 12.15 12.72 4.22
CA SER A 53 12.81 12.43 5.53
C SER A 53 12.40 13.49 6.57
N GLU A 54 11.73 14.52 6.14
CA GLU A 54 11.32 15.60 7.09
C GLU A 54 9.97 16.16 6.67
N GLY A 55 9.28 16.80 7.58
CA GLY A 55 7.95 17.38 7.25
C GLY A 55 6.89 16.27 7.29
N GLN A 56 5.64 16.62 7.18
CA GLN A 56 4.57 15.59 7.23
C GLN A 56 4.46 14.90 5.86
N ALA A 57 4.14 13.63 5.86
CA ALA A 57 4.02 12.88 4.57
C ALA A 57 2.54 12.60 4.29
N ASP A 58 2.15 12.61 3.05
CA ASP A 58 0.73 12.33 2.72
C ASP A 58 0.35 10.93 3.22
N ILE A 59 1.25 9.97 3.08
CA ILE A 59 0.96 8.58 3.54
C ILE A 59 1.96 8.21 4.64
N MET A 60 1.48 7.92 5.83
CA MET A 60 2.40 7.57 6.96
C MET A 60 2.44 6.05 7.13
N ILE A 61 3.61 5.48 7.03
CA ILE A 61 3.75 3.99 7.20
C ILE A 61 4.52 3.71 8.48
N SER A 62 4.01 2.84 9.31
CA SER A 62 4.72 2.52 10.58
C SER A 62 4.42 1.08 10.99
N PHE A 63 5.23 0.54 11.85
CA PHE A 63 5.03 -0.87 12.32
C PHE A 63 4.56 -0.82 13.78
N VAL A 64 3.61 -1.65 14.14
CA VAL A 64 3.09 -1.63 15.56
C VAL A 64 3.06 -3.05 16.13
N ARG A 65 3.03 -3.15 17.44
CA ARG A 65 2.98 -4.49 18.11
C ARG A 65 1.90 -4.46 19.19
N GLY A 66 1.23 -5.55 19.40
CA GLY A 66 0.17 -5.60 20.44
C GLY A 66 -0.72 -4.36 20.34
N ASP A 67 -1.12 -3.81 21.45
CA ASP A 67 -1.99 -2.60 21.44
C ASP A 67 -1.15 -1.35 21.12
N HIS A 68 -1.64 -0.51 20.24
CA HIS A 68 -0.89 0.73 19.87
C HIS A 68 -1.87 1.91 19.80
N ARG A 69 -2.45 2.28 20.91
CA ARG A 69 -3.42 3.42 20.92
C ARG A 69 -4.51 3.21 19.89
N ASP A 70 -5.09 2.03 19.85
CA ASP A 70 -6.17 1.74 18.86
C ASP A 70 -7.26 0.90 19.51
N ASN A 71 -8.41 0.80 18.89
CA ASN A 71 -9.53 -0.02 19.45
C ASN A 71 -9.51 -1.40 18.82
N SER A 72 -8.46 -1.72 18.09
CA SER A 72 -8.37 -3.06 17.43
C SER A 72 -6.97 -3.65 17.66
N PRO A 73 -6.63 -4.01 18.87
CA PRO A 73 -5.29 -4.59 19.17
C PRO A 73 -5.10 -5.96 18.50
N PHE A 74 -3.89 -6.27 18.11
CA PHE A 74 -3.63 -7.59 17.49
C PHE A 74 -3.54 -8.63 18.60
N ASP A 75 -3.99 -9.83 18.36
CA ASP A 75 -3.94 -10.89 19.42
C ASP A 75 -3.50 -12.21 18.82
N GLY A 76 -2.22 -12.37 18.62
CA GLY A 76 -1.69 -13.64 18.04
C GLY A 76 -1.51 -13.51 16.53
N PRO A 77 -0.93 -14.51 15.89
CA PRO A 77 -0.72 -14.46 14.42
C PRO A 77 -2.05 -14.56 13.66
N GLY A 78 -3.13 -14.81 14.35
CA GLY A 78 -4.45 -14.91 13.68
C GLY A 78 -5.07 -13.53 13.53
N GLY A 79 -6.18 -13.43 12.86
CA GLY A 79 -6.84 -12.10 12.68
C GLY A 79 -6.28 -11.39 11.44
N ASN A 80 -6.44 -10.10 11.36
CA ASN A 80 -5.92 -9.35 10.19
C ASN A 80 -4.40 -9.18 10.31
N LEU A 81 -3.69 -9.23 9.21
CA LEU A 81 -2.20 -9.07 9.28
C LEU A 81 -1.82 -7.59 9.15
N ALA A 82 -2.73 -6.77 8.70
CA ALA A 82 -2.41 -5.32 8.54
C ALA A 82 -3.70 -4.57 8.24
N HIS A 83 -3.71 -3.27 8.38
CA HIS A 83 -4.96 -2.50 8.09
C HIS A 83 -4.65 -1.04 7.80
N ALA A 84 -5.02 -0.59 6.64
CA ALA A 84 -4.79 0.84 6.25
C ALA A 84 -5.94 1.70 6.77
N PHE A 85 -5.81 3.00 6.64
CA PHE A 85 -6.89 3.94 7.09
C PHE A 85 -7.47 4.63 5.87
N GLN A 86 -8.74 4.96 5.90
CA GLN A 86 -9.35 5.64 4.73
C GLN A 86 -8.63 6.97 4.48
N PRO A 87 -8.54 7.43 3.24
CA PRO A 87 -7.85 8.72 2.95
C PRO A 87 -8.51 9.91 3.67
N GLY A 88 -7.83 10.50 4.61
CA GLY A 88 -8.42 11.65 5.34
C GLY A 88 -7.35 12.35 6.18
N PRO A 89 -7.66 13.48 6.79
CA PRO A 89 -6.67 14.21 7.64
C PRO A 89 -6.42 13.51 8.98
N GLY A 90 -5.34 13.83 9.64
CA GLY A 90 -5.06 13.20 10.96
C GLY A 90 -4.49 11.80 10.76
N ILE A 91 -5.17 10.80 11.27
CA ILE A 91 -4.66 9.40 11.13
C ILE A 91 -5.04 8.85 9.75
N GLY A 92 -5.88 9.55 9.03
CA GLY A 92 -6.28 9.07 7.67
C GLY A 92 -5.04 8.98 6.78
N GLY A 93 -5.00 8.01 5.92
CA GLY A 93 -3.81 7.86 5.01
C GLY A 93 -2.72 7.05 5.71
N ASP A 94 -2.82 6.90 7.00
CA ASP A 94 -1.78 6.12 7.74
C ASP A 94 -1.86 4.64 7.33
N ALA A 95 -0.83 3.88 7.60
CA ALA A 95 -0.83 2.43 7.25
C ALA A 95 -0.13 1.64 8.35
N HIS A 96 -0.82 0.71 8.97
CA HIS A 96 -0.19 -0.09 10.07
C HIS A 96 0.17 -1.51 9.59
N PHE A 97 1.35 -1.96 9.90
CA PHE A 97 1.78 -3.34 9.51
C PHE A 97 2.04 -4.17 10.77
N ASP A 98 1.49 -5.36 10.86
CA ASP A 98 1.70 -6.21 12.07
C ASP A 98 3.17 -6.63 12.15
N GLU A 99 3.83 -6.33 13.25
CA GLU A 99 5.26 -6.73 13.43
C GLU A 99 5.35 -7.96 14.34
N ASP A 100 4.23 -8.46 14.79
CA ASP A 100 4.26 -9.66 15.67
C ASP A 100 4.59 -10.89 14.82
N GLU A 101 4.39 -10.80 13.54
CA GLU A 101 4.71 -11.93 12.62
C GLU A 101 6.06 -11.67 11.97
N ARG A 102 6.74 -12.70 11.53
CA ARG A 102 8.08 -12.48 10.90
C ARG A 102 7.92 -12.19 9.41
N TRP A 103 8.40 -11.05 8.97
CA TRP A 103 8.28 -10.68 7.52
C TRP A 103 9.47 -11.24 6.75
N THR A 104 9.29 -11.58 5.50
CA THR A 104 10.42 -12.15 4.68
C THR A 104 10.55 -11.35 3.38
N ASN A 105 11.72 -11.39 2.80
CA ASN A 105 11.97 -10.65 1.52
C ASN A 105 12.08 -11.66 0.38
N ASN A 106 11.38 -12.75 0.49
CA ASN A 106 11.45 -13.80 -0.57
C ASN A 106 10.10 -14.52 -0.66
N PHE A 107 10.08 -15.65 -1.32
CA PHE A 107 8.82 -16.41 -1.48
C PHE A 107 8.58 -17.29 -0.24
N ARG A 108 8.99 -16.83 0.91
CA ARG A 108 8.79 -17.64 2.16
C ARG A 108 7.32 -17.58 2.61
N GLU A 109 7.06 -17.94 3.85
CA GLU A 109 5.66 -17.95 4.36
C GLU A 109 4.98 -16.59 4.17
N TYR A 110 5.51 -15.53 4.74
CA TYR A 110 4.85 -14.18 4.61
C TYR A 110 5.64 -13.29 3.67
N ASN A 111 4.96 -12.68 2.72
CA ASN A 111 5.64 -11.77 1.75
C ASN A 111 5.35 -10.32 2.15
N LEU A 112 6.35 -9.56 2.48
CA LEU A 112 6.15 -8.14 2.89
C LEU A 112 5.63 -7.31 1.70
N HIS A 113 6.27 -7.40 0.57
CA HIS A 113 5.86 -6.59 -0.60
C HIS A 113 4.40 -6.91 -1.01
N ARG A 114 4.00 -8.14 -0.98
CA ARG A 114 2.59 -8.46 -1.38
C ARG A 114 1.61 -7.72 -0.48
N VAL A 115 1.89 -7.68 0.80
CA VAL A 115 0.98 -6.97 1.74
C VAL A 115 1.08 -5.47 1.48
N ALA A 116 2.26 -4.98 1.24
CA ALA A 116 2.44 -3.54 0.95
C ALA A 116 1.63 -3.16 -0.29
N ALA A 117 1.63 -4.01 -1.29
CA ALA A 117 0.85 -3.69 -2.53
C ALA A 117 -0.62 -3.55 -2.17
N HIS A 118 -1.12 -4.39 -1.31
CA HIS A 118 -2.56 -4.32 -0.93
C HIS A 118 -2.79 -3.06 -0.08
N GLU A 119 -1.94 -2.81 0.89
CA GLU A 119 -2.13 -1.61 1.76
C GLU A 119 -2.11 -0.36 0.88
N LEU A 120 -1.23 -0.29 -0.08
CA LEU A 120 -1.18 0.90 -0.95
C LEU A 120 -2.50 1.00 -1.74
N GLY A 121 -3.05 -0.12 -2.13
CA GLY A 121 -4.32 -0.09 -2.90
C GLY A 121 -5.42 0.60 -2.08
N HIS A 122 -5.46 0.33 -0.80
CA HIS A 122 -6.50 0.97 0.06
C HIS A 122 -6.24 2.47 0.16
N SER A 123 -5.00 2.86 0.23
CA SER A 123 -4.67 4.32 0.32
C SER A 123 -5.00 4.99 -1.01
N LEU A 124 -5.03 4.25 -2.08
CA LEU A 124 -5.36 4.84 -3.41
C LEU A 124 -6.89 4.85 -3.60
N GLY A 125 -7.61 4.32 -2.64
CA GLY A 125 -9.10 4.30 -2.75
C GLY A 125 -9.56 3.07 -3.51
N LEU A 126 -8.71 2.09 -3.70
CA LEU A 126 -9.13 0.86 -4.45
C LEU A 126 -9.82 -0.08 -3.47
N SER A 127 -11.00 -0.54 -3.80
CA SER A 127 -11.73 -1.46 -2.88
C SER A 127 -11.33 -2.91 -3.16
N HIS A 128 -11.79 -3.84 -2.35
CA HIS A 128 -11.43 -5.27 -2.56
C HIS A 128 -12.06 -5.77 -3.86
N SER A 129 -11.51 -6.84 -4.41
CA SER A 129 -12.05 -7.40 -5.69
C SER A 129 -12.32 -8.90 -5.51
N THR A 130 -13.19 -9.45 -6.31
CA THR A 130 -13.52 -10.91 -6.20
C THR A 130 -12.78 -11.69 -7.30
N ASP A 131 -11.89 -11.05 -8.00
CA ASP A 131 -11.14 -11.74 -9.08
C ASP A 131 -9.98 -12.53 -8.45
N ILE A 132 -9.86 -13.79 -8.80
CA ILE A 132 -8.78 -14.64 -8.22
C ILE A 132 -7.41 -14.05 -8.57
N GLY A 133 -7.24 -13.55 -9.76
CA GLY A 133 -5.92 -13.00 -10.17
C GLY A 133 -5.70 -11.59 -9.59
N ALA A 134 -6.63 -11.08 -8.83
CA ALA A 134 -6.43 -9.71 -8.25
C ALA A 134 -5.58 -9.82 -6.98
N LEU A 135 -4.65 -8.93 -6.82
CA LEU A 135 -3.78 -8.97 -5.60
C LEU A 135 -4.63 -8.65 -4.37
N MET A 136 -5.70 -7.95 -4.57
CA MET A 136 -6.57 -7.61 -3.40
C MET A 136 -7.34 -8.85 -2.96
N TYR A 137 -6.63 -9.88 -2.54
CA TYR A 137 -7.29 -11.14 -2.10
C TYR A 137 -7.98 -10.88 -0.73
N PRO A 138 -9.24 -11.22 -0.55
CA PRO A 138 -9.89 -10.99 0.79
C PRO A 138 -9.01 -11.53 1.94
N SER A 139 -8.72 -12.81 1.93
CA SER A 139 -7.86 -13.42 3.01
C SER A 139 -6.44 -13.65 2.46
N TYR A 140 -5.52 -14.05 3.30
CA TYR A 140 -4.13 -14.30 2.82
C TYR A 140 -4.04 -15.72 2.28
N THR A 141 -3.35 -15.92 1.18
CA THR A 141 -3.24 -17.29 0.60
C THR A 141 -1.96 -17.41 -0.22
N PHE A 142 -1.79 -18.50 -0.92
CA PHE A 142 -0.56 -18.68 -1.75
C PHE A 142 -0.50 -17.57 -2.81
N SER A 143 0.61 -16.91 -2.93
CA SER A 143 0.72 -15.81 -3.93
C SER A 143 1.30 -16.36 -5.24
N GLY A 144 1.03 -15.69 -6.33
CA GLY A 144 1.56 -16.16 -7.66
C GLY A 144 2.72 -15.25 -8.06
N ASP A 145 2.69 -14.69 -9.25
CA ASP A 145 3.79 -13.78 -9.68
C ASP A 145 3.50 -12.37 -9.16
N VAL A 146 4.52 -11.58 -8.91
CA VAL A 146 4.28 -10.20 -8.39
C VAL A 146 4.00 -9.25 -9.55
N GLN A 147 2.77 -9.10 -9.93
CA GLN A 147 2.43 -8.16 -11.05
C GLN A 147 1.03 -7.59 -10.82
N LEU A 148 0.74 -6.44 -11.35
CA LEU A 148 -0.63 -5.86 -11.16
C LEU A 148 -1.60 -6.58 -12.08
N ALA A 149 -2.83 -6.73 -11.66
CA ALA A 149 -3.83 -7.43 -12.50
C ALA A 149 -4.56 -6.42 -13.38
N GLN A 150 -5.19 -6.87 -14.42
CA GLN A 150 -5.93 -5.94 -15.32
C GLN A 150 -7.02 -5.22 -14.51
N ASP A 151 -7.68 -5.93 -13.63
CA ASP A 151 -8.75 -5.30 -12.81
C ASP A 151 -8.16 -4.15 -12.01
N ASP A 152 -6.99 -4.32 -11.44
CA ASP A 152 -6.37 -3.23 -10.64
C ASP A 152 -5.87 -2.12 -11.57
N ILE A 153 -5.27 -2.48 -12.68
CA ILE A 153 -4.75 -1.43 -13.61
C ILE A 153 -5.92 -0.60 -14.15
N ASP A 154 -6.94 -1.23 -14.65
CA ASP A 154 -8.09 -0.47 -15.20
C ASP A 154 -8.71 0.38 -14.10
N GLY A 155 -8.81 -0.14 -12.90
CA GLY A 155 -9.43 0.62 -11.78
C GLY A 155 -8.63 1.91 -11.50
N ILE A 156 -7.38 1.80 -11.14
CA ILE A 156 -6.59 3.03 -10.85
C ILE A 156 -6.55 3.91 -12.09
N GLN A 157 -6.39 3.33 -13.25
CA GLN A 157 -6.37 4.15 -14.48
C GLN A 157 -7.74 4.81 -14.69
N ALA A 158 -8.80 4.10 -14.38
CA ALA A 158 -10.16 4.69 -14.55
C ALA A 158 -10.29 5.95 -13.68
N ILE A 159 -9.83 5.89 -12.45
CA ILE A 159 -9.94 7.07 -11.55
C ILE A 159 -9.17 8.24 -12.17
N TYR A 160 -7.94 8.00 -12.58
CA TYR A 160 -7.12 9.09 -13.19
C TYR A 160 -7.19 8.98 -14.72
N GLY A 161 -6.57 7.97 -15.27
CA GLY A 161 -6.61 7.81 -16.76
C GLY A 161 -5.49 6.86 -17.19
N ARG A 162 -5.34 6.63 -18.46
CA ARG A 162 -4.27 5.71 -18.95
C ARG A 162 -2.98 6.49 -19.19
N SER A 163 -1.85 5.89 -18.95
CA SER A 163 -0.58 6.61 -19.19
C SER A 163 -0.30 6.65 -20.69
N GLN A 164 -0.97 7.52 -21.40
CA GLN A 164 -0.77 7.63 -22.87
C GLN A 164 0.15 8.81 -23.18
N ASN A 165 1.22 8.57 -23.88
CA ASN A 165 2.16 9.67 -24.23
C ASN A 165 2.91 9.31 -25.51
N PRO A 166 2.26 9.40 -26.65
CA PRO A 166 2.91 9.06 -27.94
C PRO A 166 3.74 10.23 -28.48
N VAL A 167 4.61 10.76 -27.67
CA VAL A 167 5.45 11.90 -28.11
C VAL A 167 6.72 11.36 -28.75
N GLN A 168 7.01 11.79 -29.95
CA GLN A 168 8.24 11.31 -30.68
C GLN A 168 9.08 12.52 -31.11
N PRO A 169 9.86 13.09 -30.21
CA PRO A 169 10.71 14.27 -30.58
C PRO A 169 11.71 13.93 -31.69
ZN ZN B . -7.62 -5.26 2.10
ZN ZN C . -2.55 -0.73 13.75
CA CA D . -1.86 -11.31 13.11
N1 CGS E . -7.30 -8.66 5.90
CC CGS E . -8.30 -9.67 5.42
CA CGS E . -7.36 -7.19 5.58
S4 CGS E . -5.68 -9.29 6.29
C5 CGS E . -9.24 -10.34 6.41
CD CGS E . -8.74 -11.26 7.42
CE CGS E . -9.63 -11.90 8.36
CZ CGS E . -11.02 -11.61 8.27
N11 CGS E . -11.53 -10.74 7.33
CY CGS E . -10.66 -10.12 6.42
C17 CGS E . -4.69 -9.46 4.80
CE2 CGS E . -4.75 -10.67 4.00
CD2 CGS E . -3.92 -10.80 2.81
C20 CGS E . -3.03 -9.72 2.39
CD1 CGS E . -2.99 -8.51 3.21
CE1 CGS E . -3.81 -8.39 4.40
O27 CGS E . -2.22 -9.84 1.23
COM CGS E . -2.83 -9.55 -0.03
O32 CGS E . -5.93 -10.58 6.85
O33 CGS E . -5.11 -8.27 7.12
C34 CGS E . -7.03 -6.96 4.08
N35 CGS E . -5.87 -6.37 3.84
CB CGS E . -8.53 -6.31 6.09
CG2 CGS E . -8.10 -4.92 6.54
CG1 CGS E . -9.30 -6.94 7.26
O47 CGS E . -7.78 -7.29 3.16
O48 CGS E . -5.50 -6.11 2.54
HC1 CGS E . -8.91 -9.17 4.66
HC2 CGS E . -7.75 -10.44 4.89
HA CGS E . -6.50 -6.78 6.10
HD CGS E . -7.69 -11.47 7.48
HE CGS E . -9.25 -12.58 9.11
HZ CGS E . -11.73 -12.05 8.95
HY CGS E . -11.10 -9.46 5.71
HE2 CGS E . -5.40 -11.47 4.29
HD2 CGS E . -3.99 -11.71 2.22
HD1 CGS E . -2.35 -7.68 2.95
HE1 CGS E . -3.78 -7.48 5.00
HOM1 CGS E . -2.46 -10.22 -0.81
HOM2 CGS E . -3.92 -9.67 0.02
HOM3 CGS E . -2.63 -8.53 -0.34
H49 CGS E . -5.30 -6.11 4.64
HB CGS E . -9.25 -6.16 5.30
HG21 CGS E . -8.10 -4.86 7.63
HG22 CGS E . -8.76 -4.16 6.15
HG23 CGS E . -7.08 -4.70 6.19
HG11 CGS E . -9.21 -8.02 7.24
HG12 CGS E . -10.34 -6.67 7.22
HG13 CGS E . -8.90 -6.58 8.20
H50 CGS E . -5.07 -6.87 2.12
N VAL A 1 -18.84 11.42 4.55
CA VAL A 1 -18.87 10.67 3.26
C VAL A 1 -19.66 11.49 2.23
N LEU A 2 -19.26 12.70 1.99
CA LEU A 2 -19.98 13.55 0.98
C LEU A 2 -19.92 12.87 -0.39
N THR A 3 -18.79 12.30 -0.72
CA THR A 3 -18.66 11.63 -2.05
C THR A 3 -19.03 10.15 -1.93
N GLU A 4 -19.34 9.51 -3.02
CA GLU A 4 -19.69 8.07 -2.97
C GLU A 4 -18.41 7.26 -2.80
N GLY A 5 -18.37 6.37 -1.86
CA GLY A 5 -17.13 5.56 -1.63
C GLY A 5 -16.17 6.36 -0.74
N ASN A 6 -14.94 5.92 -0.63
CA ASN A 6 -13.97 6.66 0.23
C ASN A 6 -13.44 7.86 -0.57
N PRO A 7 -13.07 8.96 0.08
CA PRO A 7 -12.54 10.14 -0.67
C PRO A 7 -11.26 9.80 -1.43
N ARG A 8 -11.20 10.10 -2.69
CA ARG A 8 -9.98 9.79 -3.49
C ARG A 8 -9.02 10.97 -3.48
N TRP A 9 -7.80 10.77 -3.88
CA TRP A 9 -6.82 11.89 -3.88
C TRP A 9 -7.02 12.74 -5.13
N GLU A 10 -7.20 14.02 -4.94
CA GLU A 10 -7.43 14.93 -6.11
C GLU A 10 -6.09 15.36 -6.70
N GLN A 11 -5.01 15.11 -6.02
CA GLN A 11 -3.67 15.51 -6.55
C GLN A 11 -3.16 14.47 -7.55
N THR A 12 -2.32 14.88 -8.47
CA THR A 12 -1.76 13.91 -9.47
C THR A 12 -0.38 13.44 -9.00
N HIS A 13 0.10 14.04 -7.94
CA HIS A 13 1.44 13.66 -7.37
C HIS A 13 1.25 13.34 -5.89
N LEU A 14 1.97 12.37 -5.38
CA LEU A 14 1.81 12.00 -3.93
C LEU A 14 3.19 11.86 -3.28
N THR A 15 3.24 11.95 -1.97
CA THR A 15 4.53 11.82 -1.25
C THR A 15 4.38 10.77 -0.16
N TYR A 16 5.45 10.12 0.22
CA TYR A 16 5.36 9.06 1.27
C TYR A 16 6.60 9.11 2.17
N ARG A 17 6.49 8.63 3.37
CA ARG A 17 7.66 8.66 4.30
C ARG A 17 7.59 7.48 5.28
N ILE A 18 8.67 6.76 5.43
CA ILE A 18 8.68 5.61 6.38
C ILE A 18 9.11 6.13 7.75
N GLU A 19 8.27 6.01 8.75
CA GLU A 19 8.63 6.52 10.09
C GLU A 19 9.83 5.77 10.67
N ASN A 20 9.89 4.48 10.47
CA ASN A 20 11.05 3.71 11.00
C ASN A 20 11.14 2.35 10.31
N TYR A 21 12.33 1.80 10.24
CA TYR A 21 12.51 0.47 9.58
C TYR A 21 12.54 -0.61 10.66
N THR A 22 11.86 -1.71 10.44
CA THR A 22 11.87 -2.79 11.46
C THR A 22 13.27 -3.44 11.50
N PRO A 23 13.80 -3.77 12.67
CA PRO A 23 15.16 -4.40 12.73
C PRO A 23 15.17 -5.79 12.11
N ASP A 24 14.01 -6.36 11.88
CA ASP A 24 13.94 -7.71 11.28
C ASP A 24 14.61 -7.68 9.91
N LEU A 25 14.43 -6.61 9.18
CA LEU A 25 15.05 -6.50 7.81
C LEU A 25 15.68 -5.10 7.67
N PRO A 26 16.74 -4.93 6.90
CA PRO A 26 17.36 -3.59 6.74
C PRO A 26 16.43 -2.62 6.00
N ARG A 27 16.89 -1.42 5.74
CA ARG A 27 16.03 -0.42 5.04
C ARG A 27 16.18 -0.60 3.52
N ALA A 28 17.36 -0.93 3.07
CA ALA A 28 17.56 -1.10 1.61
C ALA A 28 16.60 -2.16 1.08
N ASP A 29 16.49 -3.28 1.76
CA ASP A 29 15.57 -4.34 1.28
C ASP A 29 14.12 -3.89 1.48
N VAL A 30 13.83 -3.25 2.57
CA VAL A 30 12.43 -2.79 2.82
C VAL A 30 12.11 -1.61 1.88
N ASP A 31 12.99 -0.67 1.77
CA ASP A 31 12.72 0.49 0.88
C ASP A 31 12.51 -0.02 -0.54
N HIS A 32 13.30 -0.98 -0.95
CA HIS A 32 13.15 -1.53 -2.33
C HIS A 32 11.75 -2.10 -2.51
N ALA A 33 11.27 -2.87 -1.57
CA ALA A 33 9.90 -3.46 -1.70
C ALA A 33 8.86 -2.35 -1.81
N ILE A 34 9.01 -1.31 -1.02
CA ILE A 34 8.03 -0.20 -1.09
C ILE A 34 8.19 0.53 -2.41
N GLU A 35 9.40 0.65 -2.87
CA GLU A 35 9.63 1.36 -4.17
C GLU A 35 9.01 0.55 -5.31
N LYS A 36 9.12 -0.75 -5.28
CA LYS A 36 8.52 -1.57 -6.37
C LYS A 36 7.02 -1.33 -6.41
N ALA A 37 6.38 -1.23 -5.27
CA ALA A 37 4.92 -0.99 -5.28
C ALA A 37 4.62 0.35 -5.98
N PHE A 38 5.29 1.41 -5.60
CA PHE A 38 5.03 2.72 -6.25
C PHE A 38 5.39 2.66 -7.74
N GLN A 39 6.48 2.01 -8.09
CA GLN A 39 6.86 1.93 -9.52
C GLN A 39 5.74 1.23 -10.32
N LEU A 40 5.22 0.15 -9.80
CA LEU A 40 4.15 -0.57 -10.54
C LEU A 40 2.92 0.33 -10.77
N TRP A 41 2.50 1.08 -9.78
CA TRP A 41 1.29 1.94 -9.97
C TRP A 41 1.64 3.09 -10.92
N SER A 42 2.80 3.68 -10.76
CA SER A 42 3.19 4.81 -11.64
C SER A 42 3.47 4.32 -13.06
N ASN A 43 3.92 3.11 -13.19
CA ASN A 43 4.24 2.56 -14.55
C ASN A 43 3.00 2.57 -15.45
N VAL A 44 1.83 2.34 -14.90
CA VAL A 44 0.59 2.30 -15.75
C VAL A 44 -0.31 3.51 -15.48
N THR A 45 0.17 4.50 -14.76
CA THR A 45 -0.67 5.72 -14.50
C THR A 45 0.21 6.98 -14.58
N PRO A 46 -0.32 8.12 -15.00
CA PRO A 46 0.50 9.37 -15.06
C PRO A 46 0.86 9.90 -13.66
N LEU A 47 0.58 9.14 -12.64
CA LEU A 47 0.87 9.61 -11.25
C LEU A 47 2.38 9.54 -10.99
N THR A 48 2.86 10.32 -10.06
CA THR A 48 4.31 10.31 -9.70
C THR A 48 4.43 10.31 -8.19
N PHE A 49 5.47 9.72 -7.65
CA PHE A 49 5.63 9.66 -6.16
C PHE A 49 7.00 10.22 -5.77
N THR A 50 7.14 10.68 -4.55
CA THR A 50 8.45 11.23 -4.11
C THR A 50 8.57 11.10 -2.58
N LYS A 51 9.68 10.59 -2.12
CA LYS A 51 9.89 10.42 -0.65
C LYS A 51 10.24 11.78 -0.03
N VAL A 52 9.78 12.03 1.17
CA VAL A 52 10.08 13.33 1.85
C VAL A 52 10.76 13.04 3.20
N SER A 53 11.82 13.75 3.49
CA SER A 53 12.55 13.51 4.77
C SER A 53 12.11 14.51 5.85
N GLU A 54 11.25 15.44 5.51
CA GLU A 54 10.78 16.43 6.52
C GLU A 54 9.32 16.79 6.26
N GLY A 55 8.64 17.30 7.25
CA GLY A 55 7.21 17.67 7.07
C GLY A 55 6.35 16.41 7.07
N GLN A 56 5.05 16.56 7.06
CA GLN A 56 4.16 15.38 7.06
C GLN A 56 4.05 14.85 5.62
N ALA A 57 3.83 13.56 5.46
CA ALA A 57 3.72 12.97 4.08
C ALA A 57 2.27 12.57 3.84
N ASP A 58 1.85 12.54 2.61
CA ASP A 58 0.44 12.15 2.31
C ASP A 58 0.19 10.73 2.83
N ILE A 59 1.14 9.85 2.65
CA ILE A 59 0.98 8.44 3.14
C ILE A 59 2.08 8.13 4.15
N MET A 60 1.72 7.80 5.36
CA MET A 60 2.74 7.46 6.40
C MET A 60 2.77 5.95 6.59
N ILE A 61 3.93 5.34 6.58
CA ILE A 61 4.04 3.85 6.76
C ILE A 61 4.86 3.55 8.01
N SER A 62 4.36 2.71 8.89
CA SER A 62 5.13 2.37 10.12
C SER A 62 4.79 0.96 10.59
N PHE A 63 5.66 0.39 11.38
CA PHE A 63 5.42 -1.00 11.90
C PHE A 63 5.04 -0.91 13.38
N VAL A 64 4.05 -1.68 13.80
CA VAL A 64 3.60 -1.61 15.24
C VAL A 64 3.50 -3.01 15.85
N ARG A 65 3.52 -3.08 17.17
CA ARG A 65 3.42 -4.40 17.88
C ARG A 65 2.31 -4.32 18.94
N GLY A 66 1.51 -5.35 19.05
CA GLY A 66 0.42 -5.35 20.08
C GLY A 66 -0.30 -4.00 20.09
N ASP A 67 -0.67 -3.54 21.25
CA ASP A 67 -1.38 -2.23 21.34
C ASP A 67 -0.42 -1.08 21.03
N HIS A 68 -0.78 -0.24 20.11
CA HIS A 68 0.11 0.92 19.75
C HIS A 68 -0.75 2.19 19.66
N ARG A 69 -1.45 2.51 20.73
CA ARG A 69 -2.29 3.74 20.72
C ARG A 69 -3.27 3.70 19.53
N ASP A 70 -3.99 2.62 19.39
CA ASP A 70 -4.97 2.51 18.25
C ASP A 70 -6.26 1.86 18.75
N ASN A 71 -7.33 2.02 18.01
CA ASN A 71 -8.64 1.44 18.44
C ASN A 71 -8.81 0.04 17.86
N SER A 72 -7.78 -0.51 17.27
CA SER A 72 -7.88 -1.89 16.69
C SER A 72 -6.59 -2.66 17.00
N PRO A 73 -6.39 -3.06 18.23
CA PRO A 73 -5.16 -3.81 18.62
C PRO A 73 -5.10 -5.20 17.98
N PHE A 74 -3.93 -5.71 17.76
CA PHE A 74 -3.79 -7.06 17.15
C PHE A 74 -4.06 -8.13 18.19
N ASP A 75 -4.57 -9.27 17.77
CA ASP A 75 -4.89 -10.38 18.73
C ASP A 75 -4.27 -11.69 18.23
N GLY A 76 -2.98 -11.82 18.34
CA GLY A 76 -2.31 -13.08 17.89
C GLY A 76 -1.83 -12.93 16.44
N PRO A 77 -1.05 -13.87 15.95
CA PRO A 77 -0.53 -13.82 14.55
C PRO A 77 -1.67 -13.92 13.51
N GLY A 78 -2.77 -14.52 13.88
CA GLY A 78 -3.91 -14.66 12.93
C GLY A 78 -4.81 -13.43 13.03
N GLY A 79 -5.87 -13.41 12.28
CA GLY A 79 -6.80 -12.24 12.33
C GLY A 79 -6.34 -11.19 11.33
N ASN A 80 -6.38 -9.94 11.72
CA ASN A 80 -5.97 -8.85 10.81
C ASN A 80 -4.44 -8.81 10.70
N LEU A 81 -3.89 -8.95 9.51
CA LEU A 81 -2.40 -8.92 9.36
C LEU A 81 -1.92 -7.48 9.13
N ALA A 82 -2.80 -6.61 8.74
CA ALA A 82 -2.38 -5.19 8.47
C ALA A 82 -3.63 -4.33 8.29
N HIS A 83 -3.51 -3.04 8.42
CA HIS A 83 -4.71 -2.17 8.24
C HIS A 83 -4.28 -0.72 7.99
N ALA A 84 -5.24 0.16 7.80
CA ALA A 84 -4.89 1.58 7.53
C ALA A 84 -6.12 2.46 7.73
N PHE A 85 -5.95 3.76 7.66
CA PHE A 85 -7.10 4.69 7.84
C PHE A 85 -7.53 5.22 6.47
N GLN A 86 -8.80 5.47 6.28
CA GLN A 86 -9.25 5.98 4.96
C GLN A 86 -8.53 7.30 4.67
N PRO A 87 -8.21 7.61 3.42
CA PRO A 87 -7.51 8.89 3.11
C PRO A 87 -8.17 10.12 3.75
N GLY A 88 -7.52 10.74 4.68
CA GLY A 88 -8.10 11.94 5.34
C GLY A 88 -6.98 12.74 6.01
N PRO A 89 -7.31 13.83 6.67
CA PRO A 89 -6.27 14.67 7.34
C PRO A 89 -5.78 14.04 8.66
N GLY A 90 -4.82 14.66 9.29
CA GLY A 90 -4.30 14.13 10.58
C GLY A 90 -3.63 12.76 10.40
N ILE A 91 -4.12 11.77 11.09
CA ILE A 91 -3.53 10.40 11.00
C ILE A 91 -4.01 9.70 9.72
N GLY A 92 -4.97 10.26 9.05
CA GLY A 92 -5.50 9.62 7.81
C GLY A 92 -4.34 9.37 6.82
N GLY A 93 -4.47 8.36 6.00
CA GLY A 93 -3.41 8.05 5.00
C GLY A 93 -2.36 7.13 5.64
N ASP A 94 -2.31 7.07 6.94
CA ASP A 94 -1.32 6.19 7.62
C ASP A 94 -1.64 4.72 7.38
N ALA A 95 -0.65 3.86 7.50
CA ALA A 95 -0.87 2.40 7.29
C ALA A 95 0.05 1.62 8.23
N HIS A 96 -0.50 0.77 9.06
CA HIS A 96 0.33 0.00 10.03
C HIS A 96 0.52 -1.44 9.53
N PHE A 97 1.68 -2.02 9.81
CA PHE A 97 1.97 -3.43 9.39
C PHE A 97 2.19 -4.29 10.64
N ASP A 98 1.66 -5.49 10.67
CA ASP A 98 1.88 -6.36 11.86
C ASP A 98 3.36 -6.72 11.94
N GLU A 99 4.02 -6.33 13.01
CA GLU A 99 5.48 -6.63 13.14
C GLU A 99 5.69 -7.88 13.99
N ASP A 100 4.63 -8.46 14.49
CA ASP A 100 4.77 -9.68 15.35
C ASP A 100 5.09 -10.88 14.44
N GLU A 101 4.81 -10.75 13.17
CA GLU A 101 5.08 -11.87 12.23
C GLU A 101 6.42 -11.64 11.54
N ARG A 102 7.03 -12.68 11.02
CA ARG A 102 8.36 -12.49 10.34
C ARG A 102 8.14 -12.12 8.87
N TRP A 103 8.54 -10.93 8.50
CA TRP A 103 8.36 -10.48 7.09
C TRP A 103 9.61 -10.86 6.27
N THR A 104 9.43 -11.14 5.00
CA THR A 104 10.60 -11.52 4.14
C THR A 104 10.59 -10.64 2.89
N ASN A 105 11.72 -10.52 2.23
CA ASN A 105 11.82 -9.69 1.00
C ASN A 105 12.09 -10.60 -0.20
N ASN A 106 11.63 -11.81 -0.17
CA ASN A 106 11.88 -12.75 -1.31
C ASN A 106 10.71 -13.72 -1.50
N PHE A 107 10.94 -14.77 -2.24
CA PHE A 107 9.87 -15.77 -2.51
C PHE A 107 9.59 -16.62 -1.26
N ARG A 108 9.87 -16.11 -0.10
CA ARG A 108 9.62 -16.91 1.14
C ARG A 108 8.11 -16.92 1.45
N GLU A 109 7.76 -17.38 2.62
CA GLU A 109 6.30 -17.47 2.99
C GLU A 109 5.63 -16.09 3.00
N TYR A 110 6.11 -15.16 3.80
CA TYR A 110 5.43 -13.81 3.87
C TYR A 110 6.15 -12.78 3.01
N ASN A 111 5.47 -12.24 2.03
CA ASN A 111 6.10 -11.20 1.15
C ASN A 111 5.65 -9.80 1.60
N LEU A 112 6.57 -8.99 2.04
CA LEU A 112 6.21 -7.62 2.50
C LEU A 112 5.65 -6.81 1.34
N HIS A 113 6.21 -6.98 0.16
CA HIS A 113 5.74 -6.21 -1.02
C HIS A 113 4.26 -6.48 -1.32
N ARG A 114 3.81 -7.70 -1.19
CA ARG A 114 2.38 -8.01 -1.49
C ARG A 114 1.46 -7.17 -0.59
N VAL A 115 1.77 -7.07 0.68
CA VAL A 115 0.91 -6.28 1.59
C VAL A 115 1.07 -4.78 1.26
N ALA A 116 2.27 -4.35 0.98
CA ALA A 116 2.50 -2.91 0.67
C ALA A 116 1.66 -2.51 -0.54
N ALA A 117 1.66 -3.34 -1.56
CA ALA A 117 0.87 -3.01 -2.77
C ALA A 117 -0.62 -2.94 -2.41
N HIS A 118 -1.07 -3.81 -1.57
CA HIS A 118 -2.52 -3.82 -1.19
C HIS A 118 -2.85 -2.59 -0.33
N GLU A 119 -2.06 -2.29 0.65
CA GLU A 119 -2.39 -1.12 1.52
C GLU A 119 -2.44 0.14 0.66
N LEU A 120 -1.53 0.28 -0.27
CA LEU A 120 -1.54 1.47 -1.16
C LEU A 120 -2.86 1.49 -1.93
N GLY A 121 -3.30 0.34 -2.37
CA GLY A 121 -4.57 0.27 -3.14
C GLY A 121 -5.70 0.91 -2.32
N HIS A 122 -5.73 0.67 -1.04
CA HIS A 122 -6.79 1.29 -0.20
C HIS A 122 -6.61 2.80 -0.20
N SER A 123 -5.38 3.25 -0.19
CA SER A 123 -5.14 4.73 -0.20
C SER A 123 -5.51 5.30 -1.57
N LEU A 124 -5.46 4.49 -2.60
CA LEU A 124 -5.81 4.99 -3.96
C LEU A 124 -7.33 4.94 -4.13
N GLY A 125 -8.03 4.43 -3.14
CA GLY A 125 -9.52 4.37 -3.23
C GLY A 125 -9.97 3.08 -3.92
N LEU A 126 -9.09 2.11 -4.06
CA LEU A 126 -9.49 0.85 -4.73
C LEU A 126 -10.20 -0.07 -3.73
N SER A 127 -11.35 -0.59 -4.10
CA SER A 127 -12.10 -1.49 -3.17
C SER A 127 -11.64 -2.94 -3.37
N HIS A 128 -12.06 -3.82 -2.49
CA HIS A 128 -11.67 -5.26 -2.63
C HIS A 128 -12.35 -5.85 -3.86
N SER A 129 -11.80 -6.90 -4.42
CA SER A 129 -12.42 -7.54 -5.62
C SER A 129 -12.51 -9.04 -5.41
N THR A 130 -13.35 -9.71 -6.16
CA THR A 130 -13.50 -11.19 -6.01
C THR A 130 -12.69 -11.91 -7.10
N ASP A 131 -11.91 -11.18 -7.86
CA ASP A 131 -11.11 -11.84 -8.93
C ASP A 131 -9.85 -12.45 -8.32
N ILE A 132 -9.59 -13.69 -8.64
CA ILE A 132 -8.39 -14.38 -8.10
C ILE A 132 -7.11 -13.62 -8.51
N GLY A 133 -7.07 -13.15 -9.73
CA GLY A 133 -5.84 -12.43 -10.20
C GLY A 133 -5.76 -11.01 -9.60
N ALA A 134 -6.74 -10.61 -8.84
CA ALA A 134 -6.69 -9.23 -8.24
C ALA A 134 -5.86 -9.26 -6.95
N LEU A 135 -4.94 -8.36 -6.81
CA LEU A 135 -4.10 -8.31 -5.59
C LEU A 135 -4.95 -7.86 -4.39
N MET A 136 -5.95 -7.07 -4.62
CA MET A 136 -6.81 -6.59 -3.50
C MET A 136 -7.75 -7.71 -3.04
N TYR A 137 -7.20 -8.86 -2.71
CA TYR A 137 -8.06 -9.99 -2.26
C TYR A 137 -8.62 -9.64 -0.86
N PRO A 138 -9.87 -9.95 -0.56
CA PRO A 138 -10.41 -9.62 0.79
C PRO A 138 -9.71 -10.45 1.89
N SER A 139 -8.72 -11.22 1.53
CA SER A 139 -8.01 -12.05 2.54
C SER A 139 -6.61 -12.39 2.02
N TYR A 140 -5.82 -13.08 2.81
CA TYR A 140 -4.45 -13.44 2.37
C TYR A 140 -4.46 -14.80 1.66
N THR A 141 -3.78 -14.91 0.55
CA THR A 141 -3.74 -16.21 -0.20
C THR A 141 -2.41 -16.34 -0.94
N PHE A 142 -2.13 -17.50 -1.46
CA PHE A 142 -0.85 -17.69 -2.20
C PHE A 142 -0.96 -17.04 -3.58
N SER A 143 -0.08 -16.13 -3.89
CA SER A 143 -0.12 -15.44 -5.22
C SER A 143 1.19 -15.72 -5.98
N GLY A 144 1.08 -16.10 -7.24
CA GLY A 144 2.31 -16.39 -8.03
C GLY A 144 3.19 -15.13 -8.11
N ASP A 145 3.32 -14.57 -9.28
CA ASP A 145 4.15 -13.35 -9.43
C ASP A 145 3.31 -12.12 -9.04
N VAL A 146 3.95 -11.09 -8.57
CA VAL A 146 3.19 -9.86 -8.16
C VAL A 146 2.98 -8.96 -9.38
N GLN A 147 1.78 -8.91 -9.89
CA GLN A 147 1.49 -8.05 -11.08
C GLN A 147 0.11 -7.42 -10.91
N LEU A 148 -0.10 -6.26 -11.47
CA LEU A 148 -1.44 -5.61 -11.33
C LEU A 148 -2.43 -6.32 -12.25
N ALA A 149 -3.67 -6.38 -11.84
CA ALA A 149 -4.71 -7.03 -12.70
C ALA A 149 -5.34 -5.97 -13.58
N GLN A 150 -5.84 -6.36 -14.72
CA GLN A 150 -6.48 -5.37 -15.63
C GLN A 150 -7.62 -4.68 -14.90
N ASP A 151 -8.37 -5.40 -14.10
CA ASP A 151 -9.47 -4.76 -13.35
C ASP A 151 -8.90 -3.57 -12.57
N ASP A 152 -7.73 -3.72 -12.01
CA ASP A 152 -7.12 -2.59 -11.24
C ASP A 152 -6.65 -1.53 -12.24
N ILE A 153 -6.09 -1.94 -13.35
CA ILE A 153 -5.61 -0.95 -14.35
C ILE A 153 -6.82 -0.13 -14.84
N ASP A 154 -7.86 -0.80 -15.24
CA ASP A 154 -9.07 -0.08 -15.73
C ASP A 154 -9.63 0.80 -14.60
N GLY A 155 -9.64 0.30 -13.39
CA GLY A 155 -10.19 1.09 -12.27
C GLY A 155 -9.31 2.30 -11.96
N ILE A 156 -8.04 2.10 -11.71
CA ILE A 156 -7.15 3.26 -11.41
C ILE A 156 -7.08 4.20 -12.63
N GLN A 157 -7.01 3.65 -13.82
CA GLN A 157 -6.97 4.51 -15.03
C GLN A 157 -8.32 5.20 -15.22
N ALA A 158 -9.39 4.50 -14.96
CA ALA A 158 -10.74 5.11 -15.14
C ALA A 158 -10.86 6.33 -14.22
N ILE A 159 -10.42 6.22 -13.00
CA ILE A 159 -10.51 7.38 -12.07
C ILE A 159 -9.69 8.55 -12.63
N TYR A 160 -8.46 8.30 -12.99
CA TYR A 160 -7.59 9.39 -13.55
C TYR A 160 -7.64 9.36 -15.08
N GLY A 161 -7.06 8.35 -15.67
CA GLY A 161 -7.07 8.26 -17.16
C GLY A 161 -6.03 7.24 -17.63
N ARG A 162 -5.83 7.16 -18.91
CA ARG A 162 -4.83 6.19 -19.45
C ARG A 162 -3.47 6.85 -19.52
N SER A 163 -2.42 6.10 -19.34
CA SER A 163 -1.07 6.70 -19.40
C SER A 163 -0.72 7.01 -20.86
N GLN A 164 -1.08 8.18 -21.32
CA GLN A 164 -0.78 8.55 -22.73
C GLN A 164 0.66 9.05 -22.82
N ASN A 165 1.55 8.51 -22.02
CA ASN A 165 2.97 8.96 -22.06
C ASN A 165 3.87 7.80 -21.59
N PRO A 166 4.03 6.79 -22.40
CA PRO A 166 4.88 5.62 -22.03
C PRO A 166 6.37 5.91 -22.31
N VAL A 167 6.95 6.80 -21.55
CA VAL A 167 8.39 7.13 -21.76
C VAL A 167 9.26 6.14 -20.98
N GLN A 168 10.29 5.63 -21.60
CA GLN A 168 11.18 4.66 -20.89
C GLN A 168 11.99 5.41 -19.83
N PRO A 169 12.36 4.77 -18.73
CA PRO A 169 13.17 5.46 -17.68
C PRO A 169 14.51 5.96 -18.23
ZN ZN B . -7.74 -4.86 2.13
ZN ZN C . -2.16 -0.24 13.82
CA CA D . -1.89 -10.59 13.11
N1 CGS E . -7.08 -8.09 6.19
CC CGS E . -8.22 -8.99 5.78
CA CGS E . -7.11 -6.60 6.13
S4 CGS E . -5.48 -8.85 6.36
C5 CGS E . -9.11 -9.60 6.85
CD CGS E . -8.57 -10.51 7.85
CE CGS E . -9.41 -11.09 8.87
CZ CGS E . -10.79 -10.75 8.87
N11 CGS E . -11.34 -9.89 7.93
CY CGS E . -10.52 -9.33 6.94
C17 CGS E . -4.63 -8.89 4.79
CE2 CGS E . -4.80 -10.01 3.87
CD2 CGS E . -4.06 -10.05 2.62
C20 CGS E . -3.13 -8.97 2.27
CD1 CGS E . -2.97 -7.85 3.21
CE1 CGS E . -3.71 -7.82 4.45
O27 CGS E . -2.40 -9.00 1.05
COM CGS E . -3.07 -8.59 -0.13
O32 CGS E . -5.77 -10.17 6.80
O33 CGS E . -4.80 -7.95 7.25
C34 CGS E . -7.05 -6.12 4.66
N35 CGS E . -5.92 -5.52 4.30
CB CGS E . -8.09 -5.78 7.00
CG2 CGS E . -7.49 -4.49 7.55
CG1 CGS E . -8.64 -6.56 8.19
O47 CGS E . -7.96 -6.28 3.86
O48 CGS E . -5.76 -5.05 3.02
HC1 CGS E . -8.84 -8.43 5.09
HC2 CGS E . -7.79 -9.80 5.18
HA CGS E . -6.13 -6.31 6.54
HD CGS E . -7.53 -10.76 7.84
HE CGS E . -9.00 -11.77 9.62
HZ CGS E . -11.48 -11.15 9.59
HY CGS E . -10.98 -8.68 6.24
HE2 CGS E . -5.48 -10.80 4.12
HD2 CGS E . -4.21 -10.89 1.96
HD1 CGS E . -2.30 -7.03 2.98
HE1 CGS E . -3.60 -6.99 5.14
HOM1 CGS E . -3.68 -9.40 -0.54
HOM2 CGS E . -3.74 -7.74 0.05
HOM3 CGS E . -2.36 -8.29 -0.91
H49 CGS E . -5.21 -5.42 5.02
HB CGS E . -8.95 -5.49 6.40
HG21 CGS E . -7.21 -3.82 6.75
HG22 CGS E . -6.61 -4.69 8.15
HG23 CGS E . -8.21 -3.96 8.19
HG11 CGS E . -9.56 -7.06 7.93
HG12 CGS E . -8.84 -5.90 9.02
HG13 CGS E . -7.93 -7.31 8.52
H50 CGS E . -5.91 -4.09 2.94
N VAL A 1 -18.69 9.39 4.80
CA VAL A 1 -19.07 9.65 3.38
C VAL A 1 -19.31 11.15 3.19
N LEU A 2 -18.41 11.96 3.66
CA LEU A 2 -18.57 13.43 3.50
C LEU A 2 -18.61 13.79 2.02
N THR A 3 -17.78 13.17 1.23
CA THR A 3 -17.76 13.47 -0.23
C THR A 3 -18.70 12.50 -0.98
N GLU A 4 -19.08 12.81 -2.18
CA GLU A 4 -19.97 11.90 -2.94
C GLU A 4 -19.13 10.71 -3.41
N GLY A 5 -19.60 9.51 -3.19
CA GLY A 5 -18.79 8.32 -3.62
C GLY A 5 -17.66 8.10 -2.61
N ASN A 6 -16.72 7.24 -2.93
CA ASN A 6 -15.60 7.00 -1.97
C ASN A 6 -14.56 8.15 -2.10
N PRO A 7 -13.88 8.51 -1.04
CA PRO A 7 -12.87 9.61 -1.14
C PRO A 7 -11.73 9.27 -2.11
N ARG A 8 -11.10 10.26 -2.70
CA ARG A 8 -10.00 9.97 -3.67
C ARG A 8 -8.97 11.11 -3.64
N TRP A 9 -7.76 10.84 -4.07
CA TRP A 9 -6.72 11.92 -4.07
C TRP A 9 -6.90 12.80 -5.31
N GLU A 10 -7.06 14.08 -5.13
CA GLU A 10 -7.25 14.98 -6.30
C GLU A 10 -5.89 15.37 -6.88
N GLN A 11 -4.84 15.12 -6.15
CA GLN A 11 -3.48 15.49 -6.63
C GLN A 11 -2.88 14.36 -7.47
N THR A 12 -2.09 14.69 -8.46
CA THR A 12 -1.47 13.64 -9.33
C THR A 12 -0.08 13.32 -8.78
N HIS A 13 0.35 14.05 -7.77
CA HIS A 13 1.68 13.80 -7.14
C HIS A 13 1.47 13.48 -5.67
N LEU A 14 2.12 12.44 -5.16
CA LEU A 14 1.94 12.07 -3.72
C LEU A 14 3.30 11.85 -3.06
N THR A 15 3.37 11.99 -1.76
CA THR A 15 4.66 11.80 -1.03
C THR A 15 4.46 10.82 0.12
N TYR A 16 5.51 10.17 0.54
CA TYR A 16 5.39 9.20 1.66
C TYR A 16 6.68 9.20 2.49
N ARG A 17 6.62 8.71 3.69
CA ARG A 17 7.84 8.69 4.55
C ARG A 17 7.79 7.48 5.50
N ILE A 18 8.88 6.77 5.61
CA ILE A 18 8.92 5.59 6.53
C ILE A 18 9.38 6.08 7.90
N GLU A 19 8.56 5.93 8.91
CA GLU A 19 8.97 6.40 10.26
C GLU A 19 10.15 5.56 10.78
N ASN A 20 10.12 4.27 10.56
CA ASN A 20 11.23 3.40 11.04
C ASN A 20 11.28 2.10 10.24
N TYR A 21 12.41 1.45 10.22
CA TYR A 21 12.53 0.15 9.49
C TYR A 21 12.46 -1.00 10.51
N THR A 22 11.69 -2.02 10.23
CA THR A 22 11.61 -3.15 11.21
C THR A 22 12.96 -3.88 11.23
N PRO A 23 13.47 -4.27 12.39
CA PRO A 23 14.78 -4.98 12.43
C PRO A 23 14.67 -6.36 11.75
N ASP A 24 13.47 -6.76 11.41
CA ASP A 24 13.30 -8.08 10.75
C ASP A 24 14.09 -8.07 9.43
N LEU A 25 14.06 -6.98 8.72
CA LEU A 25 14.82 -6.89 7.42
C LEU A 25 15.53 -5.52 7.37
N PRO A 26 16.69 -5.42 6.73
CA PRO A 26 17.40 -4.10 6.65
C PRO A 26 16.53 -3.03 5.96
N ARG A 27 17.04 -1.85 5.78
CA ARG A 27 16.24 -0.77 5.13
C ARG A 27 16.39 -0.87 3.61
N ALA A 28 17.55 -1.27 3.14
CA ALA A 28 17.75 -1.38 1.67
C ALA A 28 16.72 -2.36 1.07
N ASP A 29 16.51 -3.48 1.70
CA ASP A 29 15.53 -4.47 1.17
C ASP A 29 14.10 -3.93 1.34
N VAL A 30 13.83 -3.29 2.44
CA VAL A 30 12.46 -2.75 2.67
C VAL A 30 12.22 -1.59 1.71
N ASP A 31 13.21 -0.76 1.51
CA ASP A 31 13.04 0.39 0.59
C ASP A 31 12.67 -0.14 -0.80
N HIS A 32 13.32 -1.18 -1.24
CA HIS A 32 13.01 -1.74 -2.57
C HIS A 32 11.54 -2.20 -2.59
N ALA A 33 11.12 -2.88 -1.56
CA ALA A 33 9.71 -3.36 -1.50
C ALA A 33 8.75 -2.18 -1.60
N ILE A 34 9.00 -1.13 -0.86
CA ILE A 34 8.11 0.05 -0.90
C ILE A 34 8.29 0.78 -2.24
N GLU A 35 9.51 0.94 -2.68
CA GLU A 35 9.75 1.66 -3.96
C GLU A 35 9.26 0.80 -5.13
N LYS A 36 9.49 -0.49 -5.08
CA LYS A 36 9.04 -1.36 -6.18
C LYS A 36 7.52 -1.27 -6.30
N ALA A 37 6.83 -1.23 -5.19
CA ALA A 37 5.35 -1.16 -5.22
C ALA A 37 4.91 0.14 -5.91
N PHE A 38 5.50 1.26 -5.57
CA PHE A 38 5.10 2.53 -6.24
C PHE A 38 5.34 2.43 -7.74
N GLN A 39 6.44 1.84 -8.12
CA GLN A 39 6.76 1.72 -9.58
C GLN A 39 5.67 0.91 -10.29
N LEU A 40 5.21 -0.15 -9.70
CA LEU A 40 4.17 -0.98 -10.37
C LEU A 40 2.91 -0.14 -10.62
N TRP A 41 2.48 0.61 -9.65
CA TRP A 41 1.25 1.43 -9.87
C TRP A 41 1.55 2.61 -10.77
N SER A 42 2.67 3.26 -10.56
CA SER A 42 3.02 4.44 -11.40
C SER A 42 3.28 4.01 -12.84
N ASN A 43 3.89 2.88 -13.03
CA ASN A 43 4.20 2.42 -14.41
C ASN A 43 2.91 2.31 -15.24
N VAL A 44 1.77 2.16 -14.61
CA VAL A 44 0.49 2.04 -15.37
C VAL A 44 -0.37 3.30 -15.16
N THR A 45 0.16 4.32 -14.54
CA THR A 45 -0.64 5.56 -14.33
C THR A 45 0.30 6.78 -14.40
N PRO A 46 -0.18 7.93 -14.84
CA PRO A 46 0.70 9.15 -14.89
C PRO A 46 1.01 9.69 -13.49
N LEU A 47 0.63 8.98 -12.46
CA LEU A 47 0.90 9.46 -11.07
C LEU A 47 2.39 9.38 -10.78
N THR A 48 2.86 10.19 -9.86
CA THR A 48 4.32 10.18 -9.50
C THR A 48 4.43 10.19 -7.97
N PHE A 49 5.48 9.60 -7.44
CA PHE A 49 5.66 9.56 -5.95
C PHE A 49 7.02 10.13 -5.56
N THR A 50 7.17 10.53 -4.32
CA THR A 50 8.46 11.11 -3.87
C THR A 50 8.61 10.91 -2.35
N LYS A 51 9.71 10.34 -1.93
CA LYS A 51 9.93 10.11 -0.47
C LYS A 51 10.42 11.39 0.20
N VAL A 52 9.89 11.72 1.36
CA VAL A 52 10.32 12.96 2.10
C VAL A 52 10.83 12.57 3.48
N SER A 53 11.94 13.12 3.90
CA SER A 53 12.51 12.78 5.24
C SER A 53 12.14 13.85 6.27
N GLU A 54 11.48 14.90 5.86
CA GLU A 54 11.11 15.99 6.84
C GLU A 54 9.72 16.55 6.51
N GLY A 55 9.05 17.10 7.48
CA GLY A 55 7.70 17.66 7.24
C GLY A 55 6.67 16.53 7.23
N GLN A 56 5.41 16.85 7.08
CA GLN A 56 4.39 15.77 7.05
C GLN A 56 4.32 15.18 5.65
N ALA A 57 4.10 13.89 5.54
CA ALA A 57 4.03 13.23 4.20
C ALA A 57 2.57 12.88 3.90
N ASP A 58 2.21 12.85 2.65
CA ASP A 58 0.79 12.53 2.31
C ASP A 58 0.46 11.13 2.84
N ILE A 59 1.38 10.21 2.71
CA ILE A 59 1.15 8.82 3.22
C ILE A 59 2.20 8.49 4.28
N MET A 60 1.78 8.22 5.49
CA MET A 60 2.73 7.88 6.58
C MET A 60 2.78 6.37 6.75
N ILE A 61 3.94 5.80 6.78
CA ILE A 61 4.08 4.32 6.94
C ILE A 61 4.82 4.02 8.24
N SER A 62 4.29 3.14 9.05
CA SER A 62 4.96 2.81 10.34
C SER A 62 4.67 1.36 10.72
N PHE A 63 5.48 0.81 11.58
CA PHE A 63 5.30 -0.60 12.04
C PHE A 63 4.78 -0.59 13.48
N VAL A 64 3.85 -1.46 13.81
CA VAL A 64 3.29 -1.48 15.22
C VAL A 64 3.24 -2.90 15.78
N ARG A 65 3.17 -3.03 17.08
CA ARG A 65 3.11 -4.38 17.74
C ARG A 65 1.94 -4.42 18.73
N GLY A 66 1.20 -5.51 18.73
CA GLY A 66 0.04 -5.65 19.66
C GLY A 66 -0.77 -4.36 19.72
N ASP A 67 -1.25 -4.00 20.88
CA ASP A 67 -2.06 -2.76 21.00
C ASP A 67 -1.16 -1.55 20.74
N HIS A 68 -1.61 -0.66 19.88
CA HIS A 68 -0.79 0.56 19.56
C HIS A 68 -1.70 1.79 19.49
N ARG A 69 -2.47 2.04 20.52
CA ARG A 69 -3.38 3.22 20.49
C ARG A 69 -4.24 3.16 19.23
N ASP A 70 -5.00 2.12 19.08
CA ASP A 70 -5.86 1.97 17.87
C ASP A 70 -7.12 1.19 18.25
N ASN A 71 -8.16 1.30 17.46
CA ASN A 71 -9.42 0.56 17.78
C ASN A 71 -9.39 -0.84 17.14
N SER A 72 -8.26 -1.23 16.62
CA SER A 72 -8.14 -2.58 15.99
C SER A 72 -6.82 -3.24 16.42
N PRO A 73 -6.71 -3.64 17.67
CA PRO A 73 -5.46 -4.29 18.16
C PRO A 73 -5.23 -5.67 17.52
N PHE A 74 -4.00 -6.03 17.27
CA PHE A 74 -3.72 -7.35 16.66
C PHE A 74 -3.85 -8.45 17.72
N ASP A 75 -4.35 -9.60 17.35
CA ASP A 75 -4.49 -10.73 18.33
C ASP A 75 -3.40 -11.76 18.05
N GLY A 76 -2.18 -11.44 18.35
CA GLY A 76 -1.06 -12.40 18.10
C GLY A 76 -0.89 -12.59 16.59
N PRO A 77 -0.16 -13.59 16.17
CA PRO A 77 0.07 -13.85 14.72
C PRO A 77 -1.25 -14.01 13.95
N GLY A 78 -2.35 -14.17 14.63
CA GLY A 78 -3.67 -14.31 13.94
C GLY A 78 -4.34 -12.94 13.83
N GLY A 79 -5.52 -12.87 13.28
CA GLY A 79 -6.21 -11.56 13.15
C GLY A 79 -5.81 -10.89 11.85
N ASN A 80 -5.95 -9.60 11.76
CA ASN A 80 -5.59 -8.87 10.51
C ASN A 80 -4.07 -8.79 10.41
N LEU A 81 -3.54 -8.76 9.20
CA LEU A 81 -2.06 -8.68 9.04
C LEU A 81 -1.64 -7.22 8.84
N ALA A 82 -2.56 -6.39 8.45
CA ALA A 82 -2.22 -4.95 8.23
C ALA A 82 -3.51 -4.19 7.96
N HIS A 83 -3.47 -2.90 7.97
CA HIS A 83 -4.72 -2.13 7.69
C HIS A 83 -4.40 -0.67 7.41
N ALA A 84 -4.82 -0.20 6.27
CA ALA A 84 -4.58 1.21 5.90
C ALA A 84 -5.72 2.08 6.44
N PHE A 85 -5.54 3.37 6.40
CA PHE A 85 -6.60 4.30 6.89
C PHE A 85 -7.26 4.94 5.67
N GLN A 86 -8.48 5.35 5.78
CA GLN A 86 -9.15 5.96 4.61
C GLN A 86 -8.35 7.20 4.17
N PRO A 87 -8.28 7.49 2.89
CA PRO A 87 -7.50 8.69 2.43
C PRO A 87 -8.11 9.99 2.96
N GLY A 88 -7.52 10.54 3.99
CA GLY A 88 -8.07 11.82 4.55
C GLY A 88 -6.96 12.52 5.34
N PRO A 89 -7.23 13.72 5.82
CA PRO A 89 -6.20 14.46 6.62
C PRO A 89 -5.98 13.81 7.99
N GLY A 90 -5.11 14.36 8.78
CA GLY A 90 -4.85 13.77 10.12
C GLY A 90 -4.29 12.36 9.97
N ILE A 91 -4.90 11.40 10.63
CA ILE A 91 -4.40 10.00 10.54
C ILE A 91 -4.75 9.40 9.18
N GLY A 92 -5.61 10.01 8.44
CA GLY A 92 -5.99 9.46 7.11
C GLY A 92 -4.75 9.36 6.22
N GLY A 93 -4.63 8.28 5.48
CA GLY A 93 -3.46 8.10 4.57
C GLY A 93 -2.38 7.30 5.31
N ASP A 94 -2.46 7.20 6.61
CA ASP A 94 -1.45 6.43 7.37
C ASP A 94 -1.58 4.94 7.03
N ALA A 95 -0.56 4.17 7.27
CA ALA A 95 -0.63 2.70 6.96
C ALA A 95 0.14 1.92 8.02
N HIS A 96 -0.52 1.03 8.72
CA HIS A 96 0.16 0.24 9.78
C HIS A 96 0.43 -1.19 9.31
N PHE A 97 1.61 -1.70 9.59
CA PHE A 97 1.97 -3.09 9.16
C PHE A 97 2.20 -3.96 10.41
N ASP A 98 1.68 -5.17 10.40
CA ASP A 98 1.88 -6.07 11.58
C ASP A 98 3.36 -6.41 11.70
N GLU A 99 3.97 -6.05 12.79
CA GLU A 99 5.42 -6.35 12.98
C GLU A 99 5.56 -7.60 13.86
N ASP A 100 4.46 -8.15 14.28
CA ASP A 100 4.49 -9.36 15.15
C ASP A 100 4.85 -10.59 14.32
N GLU A 101 4.79 -10.48 13.01
CA GLU A 101 5.14 -11.63 12.14
C GLU A 101 6.52 -11.39 11.51
N ARG A 102 7.23 -12.42 11.19
CA ARG A 102 8.58 -12.24 10.59
C ARG A 102 8.45 -12.16 9.08
N TRP A 103 8.86 -11.06 8.49
CA TRP A 103 8.75 -10.90 7.01
C TRP A 103 9.96 -11.55 6.34
N THR A 104 9.79 -11.97 5.11
CA THR A 104 10.91 -12.63 4.38
C THR A 104 11.28 -11.80 3.15
N ASN A 105 12.42 -12.07 2.58
CA ASN A 105 12.86 -11.31 1.37
C ASN A 105 12.66 -12.18 0.13
N ASN A 106 11.68 -13.07 0.19
CA ASN A 106 11.41 -13.96 -0.98
C ASN A 106 9.92 -14.31 -1.03
N PHE A 107 9.56 -15.31 -1.79
CA PHE A 107 8.13 -15.71 -1.91
C PHE A 107 7.81 -16.80 -0.88
N ARG A 108 8.43 -16.76 0.27
CA ARG A 108 8.15 -17.80 1.30
C ARG A 108 6.81 -17.51 1.96
N GLU A 109 6.57 -18.12 3.08
CA GLU A 109 5.27 -17.92 3.78
C GLU A 109 4.91 -16.43 3.87
N TYR A 110 5.77 -15.63 4.46
CA TYR A 110 5.43 -14.17 4.60
C TYR A 110 5.92 -13.39 3.37
N ASN A 111 5.24 -12.32 3.03
CA ASN A 111 5.64 -11.49 1.86
C ASN A 111 5.26 -10.03 2.12
N LEU A 112 6.16 -9.27 2.70
CA LEU A 112 5.84 -7.84 3.01
C LEU A 112 5.50 -7.07 1.72
N HIS A 113 6.20 -7.32 0.65
CA HIS A 113 5.90 -6.57 -0.61
C HIS A 113 4.45 -6.83 -1.02
N ARG A 114 3.99 -8.04 -0.92
CA ARG A 114 2.58 -8.34 -1.34
C ARG A 114 1.62 -7.50 -0.49
N VAL A 115 1.85 -7.41 0.79
CA VAL A 115 0.94 -6.62 1.67
C VAL A 115 1.10 -5.13 1.36
N ALA A 116 2.30 -4.69 1.13
CA ALA A 116 2.53 -3.25 0.81
C ALA A 116 1.72 -2.86 -0.44
N ALA A 117 1.73 -3.68 -1.44
CA ALA A 117 0.96 -3.36 -2.67
C ALA A 117 -0.53 -3.26 -2.31
N HIS A 118 -0.99 -4.12 -1.44
CA HIS A 118 -2.43 -4.09 -1.04
C HIS A 118 -2.70 -2.83 -0.22
N GLU A 119 -1.83 -2.49 0.69
CA GLU A 119 -2.06 -1.27 1.52
C GLU A 119 -2.17 -0.06 0.60
N LEU A 120 -1.35 -0.01 -0.40
CA LEU A 120 -1.42 1.14 -1.35
C LEU A 120 -2.77 1.14 -2.05
N GLY A 121 -3.27 -0.01 -2.40
CA GLY A 121 -4.58 -0.05 -3.09
C GLY A 121 -5.64 0.65 -2.23
N HIS A 122 -5.62 0.43 -0.95
CA HIS A 122 -6.61 1.11 -0.06
C HIS A 122 -6.35 2.61 -0.08
N SER A 123 -5.11 2.98 -0.16
CA SER A 123 -4.76 4.42 -0.18
C SER A 123 -5.17 5.04 -1.52
N LEU A 124 -5.18 4.26 -2.57
CA LEU A 124 -5.55 4.82 -3.90
C LEU A 124 -7.07 4.82 -4.04
N GLY A 125 -7.77 4.33 -3.05
CA GLY A 125 -9.25 4.31 -3.12
C GLY A 125 -9.73 3.03 -3.82
N LEU A 126 -8.87 2.07 -4.02
CA LEU A 126 -9.32 0.82 -4.68
C LEU A 126 -9.97 -0.10 -3.64
N SER A 127 -11.15 -0.58 -3.93
CA SER A 127 -11.84 -1.49 -2.96
C SER A 127 -11.42 -2.94 -3.23
N HIS A 128 -11.77 -3.85 -2.36
CA HIS A 128 -11.40 -5.27 -2.59
C HIS A 128 -12.11 -5.76 -3.85
N SER A 129 -11.62 -6.82 -4.47
CA SER A 129 -12.28 -7.35 -5.71
C SER A 129 -12.62 -8.82 -5.52
N THR A 130 -13.45 -9.36 -6.37
CA THR A 130 -13.85 -10.80 -6.23
C THR A 130 -13.04 -11.67 -7.20
N ASP A 131 -12.05 -11.12 -7.82
CA ASP A 131 -11.22 -11.91 -8.76
C ASP A 131 -10.14 -12.67 -8.00
N ILE A 132 -10.06 -13.95 -8.19
CA ILE A 132 -9.04 -14.77 -7.47
C ILE A 132 -7.63 -14.28 -7.81
N GLY A 133 -7.39 -13.88 -9.03
CA GLY A 133 -6.02 -13.44 -9.43
C GLY A 133 -5.76 -11.98 -9.00
N ALA A 134 -6.70 -11.33 -8.36
CA ALA A 134 -6.45 -9.93 -7.94
C ALA A 134 -5.68 -9.92 -6.62
N LEU A 135 -4.72 -9.04 -6.50
CA LEU A 135 -3.92 -8.96 -5.24
C LEU A 135 -4.79 -8.44 -4.09
N MET A 136 -5.76 -7.62 -4.40
CA MET A 136 -6.62 -7.06 -3.33
C MET A 136 -7.60 -8.13 -2.84
N TYR A 137 -7.10 -9.27 -2.43
CA TYR A 137 -8.02 -10.35 -1.95
C TYR A 137 -8.61 -9.93 -0.58
N PRO A 138 -9.90 -10.11 -0.34
CA PRO A 138 -10.47 -9.70 0.97
C PRO A 138 -9.87 -10.48 2.15
N SER A 139 -8.85 -11.24 1.88
CA SER A 139 -8.21 -12.03 2.98
C SER A 139 -6.84 -12.50 2.53
N TYR A 140 -6.11 -13.14 3.40
CA TYR A 140 -4.75 -13.63 3.01
C TYR A 140 -4.89 -14.96 2.27
N THR A 141 -3.93 -15.29 1.44
CA THR A 141 -4.01 -16.57 0.68
C THR A 141 -2.58 -17.08 0.40
N PHE A 142 -2.45 -18.16 -0.34
CA PHE A 142 -1.09 -18.71 -0.63
C PHE A 142 -0.26 -17.66 -1.36
N SER A 143 1.04 -17.69 -1.18
CA SER A 143 1.91 -16.70 -1.87
C SER A 143 1.99 -17.04 -3.36
N GLY A 144 2.35 -16.09 -4.17
CA GLY A 144 2.46 -16.33 -5.63
C GLY A 144 3.29 -15.21 -6.27
N ASP A 145 3.07 -14.90 -7.52
CA ASP A 145 3.86 -13.82 -8.17
C ASP A 145 3.21 -12.47 -7.84
N VAL A 146 4.01 -11.51 -7.45
CA VAL A 146 3.46 -10.16 -7.12
C VAL A 146 3.37 -9.34 -8.40
N GLN A 147 2.21 -9.27 -9.00
CA GLN A 147 2.06 -8.47 -10.25
C GLN A 147 0.66 -7.87 -10.29
N LEU A 148 0.50 -6.73 -10.89
CA LEU A 148 -0.86 -6.13 -10.97
C LEU A 148 -1.66 -6.90 -12.00
N ALA A 149 -2.93 -7.10 -11.76
CA ALA A 149 -3.78 -7.83 -12.73
C ALA A 149 -4.47 -6.84 -13.66
N GLN A 150 -4.98 -7.30 -14.76
CA GLN A 150 -5.67 -6.38 -15.71
C GLN A 150 -6.84 -5.70 -15.00
N ASP A 151 -7.55 -6.42 -14.17
CA ASP A 151 -8.70 -5.81 -13.45
C ASP A 151 -8.21 -4.62 -12.63
N ASP A 152 -7.08 -4.75 -11.98
CA ASP A 152 -6.56 -3.62 -11.15
C ASP A 152 -6.01 -2.51 -12.05
N ILE A 153 -5.32 -2.88 -13.10
CA ILE A 153 -4.75 -1.85 -14.01
C ILE A 153 -5.89 -1.02 -14.61
N ASP A 154 -6.88 -1.67 -15.14
CA ASP A 154 -8.03 -0.92 -15.72
C ASP A 154 -8.73 -0.11 -14.62
N GLY A 155 -8.87 -0.70 -13.46
CA GLY A 155 -9.55 0.01 -12.33
C GLY A 155 -8.87 1.35 -12.03
N ILE A 156 -7.62 1.32 -11.66
CA ILE A 156 -6.93 2.61 -11.34
C ILE A 156 -6.85 3.50 -12.59
N GLN A 157 -6.59 2.94 -13.74
CA GLN A 157 -6.52 3.78 -14.97
C GLN A 157 -7.88 4.41 -15.24
N ALA A 158 -8.92 3.67 -15.04
CA ALA A 158 -10.29 4.22 -15.29
C ALA A 158 -10.52 5.45 -14.41
N ILE A 159 -10.12 5.40 -13.18
CA ILE A 159 -10.32 6.56 -12.27
C ILE A 159 -9.59 7.80 -12.83
N TYR A 160 -8.34 7.65 -13.18
CA TYR A 160 -7.55 8.80 -13.70
C TYR A 160 -7.49 8.75 -15.23
N GLY A 161 -6.91 7.72 -15.78
CA GLY A 161 -6.80 7.61 -17.27
C GLY A 161 -5.63 6.70 -17.63
N ARG A 162 -5.34 6.54 -18.89
CA ARG A 162 -4.21 5.67 -19.30
C ARG A 162 -2.92 6.49 -19.31
N SER A 163 -1.81 5.86 -19.03
CA SER A 163 -0.53 6.61 -19.03
C SER A 163 -0.07 6.87 -20.46
N GLN A 164 -0.79 7.70 -21.17
CA GLN A 164 -0.41 8.03 -22.59
C GLN A 164 0.29 9.38 -22.59
N ASN A 165 1.59 9.39 -22.63
CA ASN A 165 2.32 10.68 -22.62
C ASN A 165 3.70 10.49 -23.25
N PRO A 166 3.78 10.45 -24.56
CA PRO A 166 5.09 10.26 -25.24
C PRO A 166 5.87 11.58 -25.31
N VAL A 167 5.83 12.35 -24.27
CA VAL A 167 6.55 13.64 -24.26
C VAL A 167 8.01 13.41 -23.83
N GLN A 168 8.94 14.04 -24.53
CA GLN A 168 10.37 13.85 -24.18
C GLN A 168 10.67 14.66 -22.90
N PRO A 169 11.60 14.24 -22.06
CA PRO A 169 11.90 15.00 -20.82
C PRO A 169 12.06 16.51 -21.07
ZN ZN B . -7.70 -4.90 2.17
ZN ZN C . -2.64 0.06 13.44
CA CA D . -1.09 -10.99 12.74
N1 CGS E . -7.41 -7.94 6.38
CC CGS E . -8.44 -8.89 5.81
CA CGS E . -7.50 -6.45 6.23
S4 CGS E . -5.76 -8.59 6.47
C5 CGS E . -9.39 -9.59 6.76
CD CGS E . -8.92 -10.31 7.91
CE CGS E . -9.83 -10.98 8.82
CZ CGS E . -11.23 -10.91 8.53
N11 CGS E . -11.72 -10.23 7.43
CY CGS E . -10.83 -9.59 6.57
C17 CGS E . -5.03 -8.57 4.85
CE2 CGS E . -5.31 -9.63 3.91
CD2 CGS E . -4.74 -9.59 2.56
C20 CGS E . -3.90 -8.46 2.15
CD1 CGS E . -3.63 -7.40 3.13
CE1 CGS E . -4.20 -7.47 4.47
O27 CGS E . -3.35 -8.41 0.86
COM CGS E . -2.07 -9.02 0.68
O32 CGS E . -5.95 -9.93 6.93
O33 CGS E . -5.09 -7.64 7.32
C34 CGS E . -7.33 -6.02 4.76
N35 CGS E . -6.21 -5.38 4.46
CB CGS E . -8.57 -5.62 6.97
CG2 CGS E . -8.02 -4.36 7.61
CG1 CGS E . -9.29 -6.40 8.07
O47 CGS E . -8.17 -6.26 3.89
O48 CGS E . -5.98 -4.95 3.17
HC1 CGS E . -9.02 -8.34 5.07
HC2 CGS E . -7.89 -9.65 5.25
HA CGS E . -6.57 -6.09 6.71
HD CGS E . -7.86 -10.36 8.13
HE CGS E . -9.47 -11.52 9.70
HZ CGS E . -11.96 -11.39 9.16
HY CGS E . -11.25 -9.07 5.73
HE2 CGS E . -5.93 -10.46 4.21
HD2 CGS E . -4.97 -10.40 1.88
HD1 CGS E . -3.02 -6.56 2.88
HE1 CGS E . -4.00 -6.68 5.18
HOM1 CGS E . -1.77 -9.01 -0.37
HOM2 CGS E . -1.30 -8.50 1.25
HOM3 CGS E . -2.09 -10.05 1.01
H49 CGS E . -5.56 -5.21 5.22
HB CGS E . -9.34 -5.32 6.27
HG21 CGS E . -7.98 -4.44 8.69
HG22 CGS E . -8.64 -3.49 7.36
HG23 CGS E . -7.01 -4.16 7.26
HG11 CGS E . -9.44 -5.77 8.96
HG12 CGS E . -8.72 -7.27 8.38
HG13 CGS E . -10.27 -6.73 7.74
H50 CGS E . -6.35 -5.57 2.50
N VAL A 1 -15.10 16.89 1.96
CA VAL A 1 -16.16 15.86 1.80
C VAL A 1 -16.64 15.86 0.34
N LEU A 2 -15.74 16.01 -0.59
CA LEU A 2 -16.16 16.03 -2.02
C LEU A 2 -16.80 14.68 -2.37
N THR A 3 -16.22 13.61 -1.91
CA THR A 3 -16.79 12.25 -2.22
C THR A 3 -17.59 11.73 -1.03
N GLU A 4 -18.66 11.04 -1.29
CA GLU A 4 -19.49 10.50 -0.18
C GLU A 4 -18.86 9.22 0.37
N GLY A 5 -18.08 9.32 1.41
CA GLY A 5 -17.47 8.10 2.00
C GLY A 5 -16.33 7.55 1.11
N ASN A 6 -15.73 8.38 0.29
CA ASN A 6 -14.63 7.86 -0.59
C ASN A 6 -13.68 9.01 -0.96
N PRO A 7 -12.91 9.54 -0.03
CA PRO A 7 -11.97 10.64 -0.33
C PRO A 7 -10.93 10.23 -1.38
N ARG A 8 -10.42 11.18 -2.13
CA ARG A 8 -9.39 10.84 -3.16
C ARG A 8 -8.37 11.98 -3.19
N TRP A 9 -7.14 11.68 -3.54
CA TRP A 9 -6.11 12.76 -3.59
C TRP A 9 -6.28 13.53 -4.90
N GLU A 10 -6.41 14.83 -4.83
CA GLU A 10 -6.58 15.64 -6.07
C GLU A 10 -5.21 15.92 -6.69
N GLN A 11 -4.15 15.62 -5.99
CA GLN A 11 -2.79 15.87 -6.54
C GLN A 11 -2.42 14.76 -7.53
N THR A 12 -1.62 15.08 -8.52
CA THR A 12 -1.20 14.04 -9.50
C THR A 12 0.17 13.51 -9.07
N HIS A 13 0.70 14.10 -8.03
CA HIS A 13 2.04 13.67 -7.50
C HIS A 13 1.88 13.46 -6.00
N LEU A 14 2.47 12.42 -5.45
CA LEU A 14 2.33 12.15 -3.99
C LEU A 14 3.68 11.86 -3.35
N THR A 15 3.76 12.02 -2.06
CA THR A 15 5.04 11.76 -1.32
C THR A 15 4.78 10.76 -0.19
N TYR A 16 5.78 10.04 0.21
CA TYR A 16 5.62 9.04 1.30
C TYR A 16 6.87 9.00 2.16
N ARG A 17 6.76 8.58 3.39
CA ARG A 17 7.95 8.53 4.28
C ARG A 17 7.78 7.39 5.29
N ILE A 18 8.80 6.59 5.43
CA ILE A 18 8.74 5.46 6.41
C ILE A 18 9.24 5.97 7.76
N GLU A 19 8.42 5.90 8.78
CA GLU A 19 8.83 6.43 10.11
C GLU A 19 10.01 5.61 10.66
N ASN A 20 9.99 4.33 10.47
CA ASN A 20 11.11 3.48 11.00
C ASN A 20 11.13 2.13 10.29
N TYR A 21 12.27 1.48 10.27
CA TYR A 21 12.39 0.14 9.62
C TYR A 21 12.38 -0.96 10.70
N THR A 22 11.71 -2.04 10.45
CA THR A 22 11.64 -3.15 11.46
C THR A 22 13.00 -3.90 11.49
N PRO A 23 13.43 -4.40 12.64
CA PRO A 23 14.72 -5.16 12.72
C PRO A 23 14.63 -6.50 11.98
N ASP A 24 13.44 -6.90 11.61
CA ASP A 24 13.25 -8.19 10.87
C ASP A 24 14.04 -8.17 9.55
N LEU A 25 14.03 -7.05 8.87
CA LEU A 25 14.77 -6.95 7.56
C LEU A 25 15.47 -5.59 7.49
N PRO A 26 16.57 -5.46 6.77
CA PRO A 26 17.26 -4.14 6.69
C PRO A 26 16.38 -3.08 6.01
N ARG A 27 16.91 -1.90 5.79
CA ARG A 27 16.12 -0.82 5.16
C ARG A 27 16.28 -0.86 3.63
N ALA A 28 17.47 -1.15 3.15
CA ALA A 28 17.68 -1.20 1.68
C ALA A 28 16.72 -2.21 1.06
N ASP A 29 16.61 -3.35 1.65
CA ASP A 29 15.70 -4.39 1.10
C ASP A 29 14.24 -3.95 1.27
N VAL A 30 13.93 -3.35 2.38
CA VAL A 30 12.52 -2.92 2.61
C VAL A 30 12.19 -1.76 1.66
N ASP A 31 13.09 -0.84 1.52
CA ASP A 31 12.84 0.31 0.62
C ASP A 31 12.59 -0.22 -0.80
N HIS A 32 13.33 -1.21 -1.20
CA HIS A 32 13.14 -1.79 -2.56
C HIS A 32 11.71 -2.34 -2.68
N ALA A 33 11.26 -3.07 -1.69
CA ALA A 33 9.87 -3.62 -1.73
C ALA A 33 8.87 -2.46 -1.79
N ILE A 34 9.08 -1.44 -1.00
CA ILE A 34 8.13 -0.28 -1.01
C ILE A 34 8.28 0.49 -2.33
N GLU A 35 9.48 0.64 -2.82
CA GLU A 35 9.67 1.39 -4.09
C GLU A 35 9.03 0.64 -5.25
N LYS A 36 9.18 -0.66 -5.31
CA LYS A 36 8.57 -1.43 -6.43
C LYS A 36 7.05 -1.26 -6.42
N ALA A 37 6.44 -1.29 -5.28
CA ALA A 37 4.96 -1.14 -5.25
C ALA A 37 4.57 0.21 -5.87
N PHE A 38 5.23 1.27 -5.49
CA PHE A 38 4.88 2.60 -6.08
C PHE A 38 5.15 2.57 -7.59
N GLN A 39 6.23 1.96 -7.99
CA GLN A 39 6.54 1.90 -9.45
C GLN A 39 5.43 1.17 -10.19
N LEU A 40 4.94 0.08 -9.66
CA LEU A 40 3.87 -0.69 -10.36
C LEU A 40 2.64 0.20 -10.57
N TRP A 41 2.25 0.96 -9.57
CA TRP A 41 1.04 1.82 -9.74
C TRP A 41 1.35 2.96 -10.71
N SER A 42 2.52 3.54 -10.62
CA SER A 42 2.89 4.66 -11.54
C SER A 42 3.09 4.15 -12.98
N ASN A 43 3.55 2.94 -13.14
CA ASN A 43 3.80 2.42 -14.51
C ASN A 43 2.52 2.43 -15.35
N VAL A 44 1.37 2.23 -14.75
CA VAL A 44 0.09 2.23 -15.54
C VAL A 44 -0.70 3.51 -15.29
N THR A 45 -0.09 4.50 -14.66
CA THR A 45 -0.84 5.79 -14.42
C THR A 45 0.15 6.96 -14.47
N PRO A 46 -0.28 8.15 -14.87
CA PRO A 46 0.64 9.33 -14.91
C PRO A 46 1.01 9.80 -13.49
N LEU A 47 0.52 9.13 -12.49
CA LEU A 47 0.84 9.54 -11.10
C LEU A 47 2.31 9.28 -10.81
N THR A 48 2.88 10.03 -9.90
CA THR A 48 4.32 9.86 -9.56
C THR A 48 4.45 9.83 -8.04
N PHE A 49 5.44 9.13 -7.53
CA PHE A 49 5.64 9.06 -6.05
C PHE A 49 7.09 9.41 -5.73
N THR A 50 7.33 9.98 -4.58
CA THR A 50 8.73 10.35 -4.22
C THR A 50 8.89 10.36 -2.70
N LYS A 51 9.94 9.74 -2.21
CA LYS A 51 10.17 9.70 -0.74
C LYS A 51 10.68 11.05 -0.24
N VAL A 52 10.28 11.44 0.94
CA VAL A 52 10.73 12.75 1.51
C VAL A 52 11.33 12.50 2.90
N SER A 53 12.44 13.11 3.22
CA SER A 53 13.07 12.90 4.55
C SER A 53 12.65 14.00 5.52
N GLU A 54 11.87 14.95 5.08
CA GLU A 54 11.42 16.05 6.00
C GLU A 54 10.00 16.47 5.62
N GLY A 55 9.28 17.06 6.54
CA GLY A 55 7.89 17.49 6.25
C GLY A 55 6.96 16.28 6.31
N GLN A 56 5.69 16.51 6.49
CA GLN A 56 4.73 15.37 6.57
C GLN A 56 4.42 14.87 5.16
N ALA A 57 4.39 13.57 4.99
CA ALA A 57 4.09 12.99 3.64
C ALA A 57 2.62 12.60 3.57
N ASP A 58 2.05 12.67 2.39
CA ASP A 58 0.62 12.31 2.25
C ASP A 58 0.41 10.85 2.67
N ILE A 59 1.32 9.98 2.32
CA ILE A 59 1.21 8.54 2.71
C ILE A 59 2.24 8.24 3.79
N MET A 60 1.80 8.00 5.00
CA MET A 60 2.75 7.70 6.11
C MET A 60 2.79 6.19 6.34
N ILE A 61 3.96 5.63 6.48
CA ILE A 61 4.09 4.14 6.72
C ILE A 61 4.77 3.91 8.06
N SER A 62 4.23 3.06 8.89
CA SER A 62 4.83 2.80 10.22
C SER A 62 4.55 1.36 10.67
N PHE A 63 5.32 0.87 11.60
CA PHE A 63 5.13 -0.52 12.11
C PHE A 63 4.59 -0.46 13.54
N VAL A 64 3.64 -1.30 13.87
CA VAL A 64 3.05 -1.28 15.25
C VAL A 64 2.96 -2.71 15.83
N ARG A 65 2.74 -2.80 17.11
CA ARG A 65 2.64 -4.15 17.78
C ARG A 65 1.52 -4.13 18.83
N GLY A 66 0.93 -5.27 19.11
CA GLY A 66 -0.16 -5.35 20.13
C GLY A 66 -1.13 -4.17 19.98
N ASP A 67 -1.70 -3.72 21.07
CA ASP A 67 -2.64 -2.57 21.00
C ASP A 67 -1.86 -1.33 20.55
N HIS A 68 -2.38 -0.63 19.58
CA HIS A 68 -1.68 0.59 19.06
C HIS A 68 -2.69 1.73 18.86
N ARG A 69 -3.41 2.11 19.88
CA ARG A 69 -4.41 3.21 19.74
C ARG A 69 -5.37 2.89 18.59
N ASP A 70 -5.99 1.74 18.61
CA ASP A 70 -6.94 1.36 17.52
C ASP A 70 -8.09 0.54 18.11
N ASN A 71 -9.20 0.49 17.42
CA ASN A 71 -10.35 -0.31 17.93
C ASN A 71 -10.25 -1.75 17.41
N SER A 72 -9.14 -2.09 16.82
CA SER A 72 -8.94 -3.48 16.29
C SER A 72 -7.54 -3.98 16.64
N PRO A 73 -7.29 -4.30 17.89
CA PRO A 73 -5.95 -4.81 18.29
C PRO A 73 -5.59 -6.13 17.61
N PHE A 74 -4.32 -6.41 17.50
CA PHE A 74 -3.89 -7.68 16.86
C PHE A 74 -4.07 -8.83 17.85
N ASP A 75 -4.34 -10.02 17.35
CA ASP A 75 -4.52 -11.19 18.25
C ASP A 75 -3.49 -12.25 17.88
N GLY A 76 -2.28 -12.06 18.30
CA GLY A 76 -1.22 -13.05 17.98
C GLY A 76 -1.00 -13.11 16.47
N PRO A 77 -0.20 -14.05 16.01
CA PRO A 77 0.08 -14.18 14.55
C PRO A 77 -1.20 -14.34 13.72
N GLY A 78 -2.31 -14.64 14.36
CA GLY A 78 -3.58 -14.81 13.61
C GLY A 78 -4.33 -13.49 13.50
N GLY A 79 -5.46 -13.47 12.83
CA GLY A 79 -6.24 -12.22 12.71
C GLY A 79 -5.74 -11.40 11.51
N ASN A 80 -5.92 -10.11 11.58
CA ASN A 80 -5.49 -9.19 10.48
C ASN A 80 -3.97 -9.06 10.47
N LEU A 81 -3.36 -9.11 9.30
CA LEU A 81 -1.87 -8.98 9.22
C LEU A 81 -1.48 -7.52 8.96
N ALA A 82 -2.40 -6.72 8.46
CA ALA A 82 -2.06 -5.28 8.19
C ALA A 82 -3.34 -4.49 7.89
N HIS A 83 -3.29 -3.19 8.05
CA HIS A 83 -4.50 -2.36 7.77
C HIS A 83 -4.09 -0.89 7.61
N ALA A 84 -5.03 -0.02 7.37
CA ALA A 84 -4.70 1.44 7.20
C ALA A 84 -5.99 2.27 7.31
N PHE A 85 -5.87 3.56 7.43
CA PHE A 85 -7.08 4.43 7.55
C PHE A 85 -7.42 5.02 6.17
N GLN A 86 -8.67 5.35 5.94
CA GLN A 86 -9.07 5.93 4.61
C GLN A 86 -8.28 7.21 4.34
N PRO A 87 -7.99 7.54 3.09
CA PRO A 87 -7.22 8.78 2.78
C PRO A 87 -7.89 10.02 3.39
N GLY A 88 -7.32 10.53 4.45
CA GLY A 88 -7.91 11.73 5.10
C GLY A 88 -6.82 12.45 5.91
N PRO A 89 -7.06 13.65 6.35
CA PRO A 89 -6.05 14.39 7.16
C PRO A 89 -5.77 13.70 8.49
N GLY A 90 -4.91 14.24 9.29
CA GLY A 90 -4.60 13.62 10.60
C GLY A 90 -4.03 12.22 10.43
N ILE A 91 -4.66 11.24 11.01
CA ILE A 91 -4.17 9.84 10.89
C ILE A 91 -4.65 9.21 9.59
N GLY A 92 -5.54 9.86 8.90
CA GLY A 92 -6.05 9.28 7.62
C GLY A 92 -4.89 9.03 6.65
N GLY A 93 -4.92 7.93 5.96
CA GLY A 93 -3.84 7.61 4.98
C GLY A 93 -2.69 6.88 5.67
N ASP A 94 -2.63 6.91 6.98
CA ASP A 94 -1.51 6.21 7.68
C ASP A 94 -1.61 4.69 7.45
N ALA A 95 -0.55 4.09 7.00
CA ALA A 95 -0.55 2.61 6.75
C ALA A 95 0.15 1.90 7.91
N HIS A 96 -0.49 0.93 8.51
CA HIS A 96 0.13 0.19 9.66
C HIS A 96 0.47 -1.25 9.24
N PHE A 97 1.62 -1.74 9.64
CA PHE A 97 2.03 -3.14 9.29
C PHE A 97 2.24 -3.95 10.57
N ASP A 98 1.72 -5.15 10.62
CA ASP A 98 1.90 -6.00 11.84
C ASP A 98 3.38 -6.40 11.97
N GLU A 99 4.01 -6.02 13.05
CA GLU A 99 5.46 -6.36 13.25
C GLU A 99 5.58 -7.58 14.16
N ASP A 100 4.47 -8.12 14.59
CA ASP A 100 4.53 -9.30 15.50
C ASP A 100 4.92 -10.54 14.69
N GLU A 101 4.75 -10.51 13.39
CA GLU A 101 5.12 -11.68 12.55
C GLU A 101 6.46 -11.40 11.86
N ARG A 102 7.14 -12.42 11.41
CA ARG A 102 8.45 -12.20 10.74
C ARG A 102 8.20 -11.90 9.26
N TRP A 103 8.62 -10.75 8.79
CA TRP A 103 8.39 -10.40 7.36
C TRP A 103 9.56 -10.88 6.51
N THR A 104 9.31 -11.29 5.28
CA THR A 104 10.40 -11.77 4.39
C THR A 104 10.42 -10.94 3.10
N ASN A 105 11.52 -10.97 2.38
CA ASN A 105 11.62 -10.18 1.11
C ASN A 105 11.67 -11.15 -0.08
N ASN A 106 11.06 -12.31 0.07
CA ASN A 106 11.06 -13.30 -1.05
C ASN A 106 9.77 -14.12 -1.02
N PHE A 107 9.75 -15.22 -1.72
CA PHE A 107 8.51 -16.05 -1.77
C PHE A 107 8.40 -16.94 -0.52
N ARG A 108 8.90 -16.49 0.59
CA ARG A 108 8.80 -17.33 1.83
C ARG A 108 7.36 -17.29 2.36
N GLU A 109 7.17 -17.75 3.57
CA GLU A 109 5.80 -17.80 4.17
C GLU A 109 5.06 -16.46 4.00
N TYR A 110 5.60 -15.37 4.51
CA TYR A 110 4.88 -14.06 4.39
C TYR A 110 5.56 -13.14 3.37
N ASN A 111 4.81 -12.60 2.45
CA ASN A 111 5.40 -11.66 1.43
C ASN A 111 5.07 -10.22 1.82
N LEU A 112 6.06 -9.45 2.19
CA LEU A 112 5.82 -8.04 2.61
C LEU A 112 5.39 -7.17 1.41
N HIS A 113 6.00 -7.35 0.27
CA HIS A 113 5.62 -6.51 -0.91
C HIS A 113 4.14 -6.75 -1.25
N ARG A 114 3.71 -7.97 -1.18
CA ARG A 114 2.28 -8.28 -1.49
C ARG A 114 1.36 -7.52 -0.54
N VAL A 115 1.68 -7.49 0.73
CA VAL A 115 0.82 -6.79 1.71
C VAL A 115 0.91 -5.28 1.46
N ALA A 116 2.09 -4.78 1.17
CA ALA A 116 2.25 -3.32 0.93
C ALA A 116 1.35 -2.91 -0.25
N ALA A 117 1.34 -3.72 -1.28
CA ALA A 117 0.49 -3.41 -2.47
C ALA A 117 -0.99 -3.35 -2.06
N HIS A 118 -1.40 -4.25 -1.20
CA HIS A 118 -2.83 -4.25 -0.76
C HIS A 118 -3.11 -2.99 0.05
N GLU A 119 -2.28 -2.69 1.00
CA GLU A 119 -2.50 -1.48 1.83
C GLU A 119 -2.49 -0.24 0.94
N LEU A 120 -1.60 -0.15 0.00
CA LEU A 120 -1.59 1.03 -0.89
C LEU A 120 -2.92 1.07 -1.65
N GLY A 121 -3.42 -0.07 -2.03
CA GLY A 121 -4.71 -0.11 -2.77
C GLY A 121 -5.79 0.59 -1.94
N HIS A 122 -5.81 0.35 -0.65
CA HIS A 122 -6.81 1.02 0.21
C HIS A 122 -6.55 2.53 0.19
N SER A 123 -5.31 2.90 0.13
CA SER A 123 -4.95 4.34 0.11
C SER A 123 -5.39 4.96 -1.22
N LEU A 124 -5.47 4.17 -2.26
CA LEU A 124 -5.91 4.71 -3.58
C LEU A 124 -7.44 4.71 -3.64
N GLY A 125 -8.08 4.18 -2.64
CA GLY A 125 -9.58 4.15 -2.66
C GLY A 125 -10.07 2.88 -3.35
N LEU A 126 -9.20 1.91 -3.54
CA LEU A 126 -9.64 0.65 -4.21
C LEU A 126 -10.26 -0.29 -3.17
N SER A 127 -11.43 -0.79 -3.43
CA SER A 127 -12.10 -1.71 -2.47
C SER A 127 -11.68 -3.16 -2.77
N HIS A 128 -12.07 -4.07 -1.93
CA HIS A 128 -11.70 -5.50 -2.16
C HIS A 128 -12.45 -6.01 -3.39
N SER A 129 -11.94 -7.04 -4.02
CA SER A 129 -12.61 -7.61 -5.24
C SER A 129 -12.87 -9.09 -5.03
N THR A 130 -13.72 -9.67 -5.85
CA THR A 130 -14.02 -11.12 -5.71
C THR A 130 -13.17 -11.92 -6.71
N ASP A 131 -12.29 -11.26 -7.43
CA ASP A 131 -11.43 -11.99 -8.41
C ASP A 131 -10.25 -12.63 -7.69
N ILE A 132 -10.09 -13.91 -7.85
CA ILE A 132 -8.97 -14.63 -7.19
C ILE A 132 -7.62 -14.06 -7.65
N GLY A 133 -7.49 -13.75 -8.91
CA GLY A 133 -6.19 -13.22 -9.41
C GLY A 133 -6.00 -11.74 -9.05
N ALA A 134 -6.89 -11.17 -8.28
CA ALA A 134 -6.71 -9.73 -7.90
C ALA A 134 -5.77 -9.62 -6.69
N LEU A 135 -4.95 -8.62 -6.66
CA LEU A 135 -4.01 -8.48 -5.51
C LEU A 135 -4.81 -8.35 -4.21
N MET A 136 -5.90 -7.63 -4.24
CA MET A 136 -6.71 -7.47 -2.99
C MET A 136 -7.39 -8.78 -2.65
N TYR A 137 -6.62 -9.77 -2.29
CA TYR A 137 -7.19 -11.10 -1.93
C TYR A 137 -7.90 -10.95 -0.57
N PRO A 138 -9.17 -11.29 -0.44
CA PRO A 138 -9.86 -11.16 0.89
C PRO A 138 -9.09 -11.84 2.03
N SER A 139 -7.98 -12.47 1.74
CA SER A 139 -7.19 -13.14 2.80
C SER A 139 -5.81 -13.50 2.22
N TYR A 140 -4.88 -13.87 3.05
CA TYR A 140 -3.53 -14.23 2.51
C TYR A 140 -3.54 -15.71 2.11
N THR A 141 -2.98 -16.04 0.98
CA THR A 141 -2.97 -17.45 0.52
C THR A 141 -1.69 -17.69 -0.29
N PHE A 142 -1.66 -18.75 -1.06
CA PHE A 142 -0.44 -19.04 -1.87
C PHE A 142 -0.14 -17.84 -2.77
N SER A 143 1.09 -17.38 -2.80
CA SER A 143 1.44 -16.20 -3.67
C SER A 143 2.22 -16.67 -4.89
N GLY A 144 1.76 -16.31 -6.06
CA GLY A 144 2.47 -16.71 -7.31
C GLY A 144 3.26 -15.50 -7.83
N ASP A 145 3.04 -15.10 -9.06
CA ASP A 145 3.77 -13.92 -9.58
C ASP A 145 3.05 -12.64 -9.12
N VAL A 146 3.78 -11.65 -8.66
CA VAL A 146 3.14 -10.39 -8.19
C VAL A 146 3.01 -9.42 -9.37
N GLN A 147 1.81 -9.22 -9.85
CA GLN A 147 1.58 -8.29 -11.00
C GLN A 147 0.20 -7.64 -10.86
N LEU A 148 -0.02 -6.52 -11.51
CA LEU A 148 -1.35 -5.86 -11.41
C LEU A 148 -2.35 -6.66 -12.25
N ALA A 149 -3.57 -6.74 -11.81
CA ALA A 149 -4.60 -7.49 -12.58
C ALA A 149 -5.36 -6.51 -13.49
N GLN A 150 -6.05 -7.01 -14.47
CA GLN A 150 -6.80 -6.11 -15.39
C GLN A 150 -7.81 -5.31 -14.57
N ASP A 151 -8.45 -5.93 -13.63
CA ASP A 151 -9.45 -5.21 -12.79
C ASP A 151 -8.78 -4.05 -12.06
N ASP A 152 -7.60 -4.26 -11.56
CA ASP A 152 -6.92 -3.15 -10.83
C ASP A 152 -6.42 -2.11 -11.83
N ILE A 153 -5.91 -2.54 -12.96
CA ILE A 153 -5.42 -1.58 -13.99
C ILE A 153 -6.60 -0.75 -14.53
N ASP A 154 -7.65 -1.41 -14.92
CA ASP A 154 -8.82 -0.67 -15.46
C ASP A 154 -9.45 0.21 -14.38
N GLY A 155 -9.54 -0.28 -13.17
CA GLY A 155 -10.16 0.50 -12.07
C GLY A 155 -9.36 1.77 -11.76
N ILE A 156 -8.08 1.63 -11.48
CA ILE A 156 -7.26 2.84 -11.16
C ILE A 156 -7.28 3.79 -12.37
N GLN A 157 -7.22 3.26 -13.56
CA GLN A 157 -7.25 4.14 -14.76
C GLN A 157 -8.62 4.80 -14.87
N ALA A 158 -9.66 4.10 -14.49
CA ALA A 158 -11.02 4.68 -14.57
C ALA A 158 -11.08 5.94 -13.69
N ILE A 159 -10.48 5.89 -12.54
CA ILE A 159 -10.51 7.09 -11.66
C ILE A 159 -9.78 8.24 -12.34
N TYR A 160 -8.59 7.99 -12.81
CA TYR A 160 -7.80 9.04 -13.52
C TYR A 160 -7.96 8.86 -15.03
N GLY A 161 -7.33 7.86 -15.58
CA GLY A 161 -7.43 7.63 -17.05
C GLY A 161 -6.30 6.71 -17.51
N ARG A 162 -6.10 6.56 -18.80
CA ARG A 162 -5.00 5.68 -19.30
C ARG A 162 -3.73 6.50 -19.52
N SER A 163 -2.59 5.92 -19.25
CA SER A 163 -1.32 6.68 -19.45
C SER A 163 -1.03 6.81 -20.94
N GLN A 164 -1.60 7.80 -21.57
CA GLN A 164 -1.39 8.01 -23.03
C GLN A 164 -0.25 9.00 -23.25
N ASN A 165 0.74 8.98 -22.39
CA ASN A 165 1.87 9.93 -22.54
C ASN A 165 3.17 9.28 -22.05
N PRO A 166 3.70 8.33 -22.78
CA PRO A 166 4.96 7.65 -22.38
C PRO A 166 6.19 8.46 -22.83
N VAL A 167 6.20 9.72 -22.52
CA VAL A 167 7.34 10.59 -22.90
C VAL A 167 8.40 10.56 -21.80
N GLN A 168 9.65 10.43 -22.16
CA GLN A 168 10.72 10.38 -21.14
C GLN A 168 10.92 11.79 -20.56
N PRO A 169 11.30 11.92 -19.30
CA PRO A 169 11.49 13.27 -18.70
C PRO A 169 12.53 14.09 -19.49
ZN ZN B . -7.74 -5.10 2.30
ZN ZN C . -2.60 -0.07 13.46
CA CA D . -1.40 -11.20 12.96
N1 CGS E . -6.87 -8.69 5.97
CC CGS E . -7.74 -9.75 5.33
CA CGS E . -7.09 -7.21 5.81
S4 CGS E . -5.19 -9.19 6.27
C5 CGS E . -8.61 -10.63 6.21
CD CGS E . -8.06 -11.81 6.88
CE CGS E . -8.90 -12.65 7.71
CZ CGS E . -10.27 -12.30 7.86
N11 CGS E . -10.82 -11.19 7.23
CY CGS E . -10.01 -10.38 6.43
C17 CGS E . -4.27 -9.23 4.74
CE2 CGS E . -4.12 -10.48 4.02
CD2 CGS E . -3.37 -10.54 2.79
C20 CGS E . -2.76 -9.32 2.22
CD1 CGS E . -2.93 -8.06 2.96
CE1 CGS E . -3.68 -8.02 4.20
O27 CGS E . -2.03 -9.37 1.02
COM CGS E . -2.76 -9.27 -0.20
O32 CGS E . -5.32 -10.50 6.80
O33 CGS E . -4.67 -8.14 7.11
C34 CGS E . -6.91 -6.79 4.33
N35 CGS E . -5.84 -6.04 4.07
CB CGS E . -8.28 -6.49 6.52
CG2 CGS E . -7.95 -5.08 7.01
CG1 CGS E . -8.83 -7.26 7.71
O47 CGS E . -7.69 -7.09 3.43
O48 CGS E . -5.60 -5.62 2.78
HC1 CGS E . -8.37 -9.26 4.60
HC2 CGS E . -7.07 -10.39 4.74
HA CGS E . -6.23 -6.76 6.31
HD CGS E . -7.02 -12.07 6.76
HE CGS E . -8.48 -13.53 8.21
HZ CGS E . -10.94 -12.87 8.46
HY CGS E . -10.46 -9.54 5.96
HE2 CGS E . -4.56 -11.38 4.42
HD2 CGS E . -3.27 -11.48 2.28
HD1 CGS E . -2.50 -7.14 2.60
HE1 CGS E . -3.80 -7.10 4.74
HOM1 CGS E . -3.00 -8.24 -0.45
HOM2 CGS E . -2.19 -9.68 -1.04
HOM3 CGS E . -3.70 -9.83 -0.14
H49 CGS E . -5.23 -5.82 4.85
HB CGS E . -9.11 -6.38 5.82
HG21 CGS E . -8.84 -4.45 7.02
HG22 CGS E . -7.22 -4.60 6.38
HG23 CGS E . -7.56 -5.11 8.03
HG11 CGS E . -9.23 -8.22 7.41
HG12 CGS E . -9.61 -6.70 8.21
HG13 CGS E . -8.03 -7.44 8.44
H50 CGS E . -5.41 -4.66 2.72
N VAL A 1 -19.43 13.48 5.47
CA VAL A 1 -19.65 14.94 5.53
C VAL A 1 -18.67 15.65 4.59
N LEU A 2 -17.43 15.74 4.99
CA LEU A 2 -16.42 16.43 4.13
C LEU A 2 -16.31 15.72 2.77
N THR A 3 -16.35 14.41 2.77
CA THR A 3 -16.23 13.66 1.48
C THR A 3 -17.24 12.50 1.46
N GLU A 4 -17.55 12.01 0.29
CA GLU A 4 -18.50 10.87 0.18
C GLU A 4 -17.81 9.59 0.66
N GLY A 5 -18.56 8.53 0.83
CA GLY A 5 -17.94 7.25 1.30
C GLY A 5 -16.89 6.75 0.30
N ASN A 6 -16.39 7.61 -0.55
CA ASN A 6 -15.35 7.19 -1.53
C ASN A 6 -14.44 8.39 -1.84
N PRO A 7 -13.66 8.82 -0.88
CA PRO A 7 -12.75 9.99 -1.08
C PRO A 7 -11.68 9.75 -2.16
N ARG A 8 -11.11 10.81 -2.68
CA ARG A 8 -10.06 10.67 -3.74
C ARG A 8 -9.02 11.77 -3.57
N TRP A 9 -7.80 11.53 -3.98
CA TRP A 9 -6.75 12.60 -3.84
C TRP A 9 -6.87 13.54 -5.04
N GLU A 10 -6.98 14.82 -4.81
CA GLU A 10 -7.09 15.78 -5.95
C GLU A 10 -5.73 16.08 -6.54
N GLN A 11 -4.68 15.67 -5.88
CA GLN A 11 -3.31 15.94 -6.40
C GLN A 11 -2.90 14.85 -7.39
N THR A 12 -2.09 15.17 -8.36
CA THR A 12 -1.66 14.14 -9.35
C THR A 12 -0.32 13.57 -8.89
N HIS A 13 0.22 14.10 -7.83
CA HIS A 13 1.52 13.62 -7.28
C HIS A 13 1.36 13.33 -5.79
N LEU A 14 1.96 12.29 -5.29
CA LEU A 14 1.82 11.95 -3.84
C LEU A 14 3.20 11.70 -3.23
N THR A 15 3.33 11.92 -1.95
CA THR A 15 4.64 11.71 -1.26
C THR A 15 4.42 10.75 -0.10
N TYR A 16 5.45 10.07 0.33
CA TYR A 16 5.29 9.11 1.45
C TYR A 16 6.57 9.11 2.31
N ARG A 17 6.47 8.67 3.53
CA ARG A 17 7.67 8.65 4.42
C ARG A 17 7.59 7.49 5.41
N ILE A 18 8.66 6.76 5.55
CA ILE A 18 8.67 5.63 6.52
C ILE A 18 9.15 6.16 7.87
N GLU A 19 8.33 6.04 8.89
CA GLU A 19 8.74 6.57 10.22
C GLU A 19 9.93 5.77 10.76
N ASN A 20 9.93 4.48 10.58
CA ASN A 20 11.08 3.66 11.08
C ASN A 20 11.12 2.33 10.34
N TYR A 21 12.27 1.72 10.27
CA TYR A 21 12.40 0.41 9.57
C TYR A 21 12.38 -0.72 10.59
N THR A 22 11.68 -1.78 10.32
CA THR A 22 11.62 -2.91 11.28
C THR A 22 13.02 -3.57 11.33
N PRO A 23 13.51 -3.96 12.49
CA PRO A 23 14.85 -4.60 12.57
C PRO A 23 14.90 -5.95 11.83
N ASP A 24 13.76 -6.49 11.51
CA ASP A 24 13.74 -7.82 10.81
C ASP A 24 14.47 -7.71 9.47
N LEU A 25 14.30 -6.63 8.76
CA LEU A 25 14.97 -6.46 7.42
C LEU A 25 15.58 -5.05 7.36
N PRO A 26 16.67 -4.84 6.64
CA PRO A 26 17.26 -3.48 6.54
C PRO A 26 16.35 -2.51 5.79
N ARG A 27 16.79 -1.31 5.56
CA ARG A 27 15.95 -0.32 4.83
C ARG A 27 16.17 -0.46 3.33
N ALA A 28 17.35 -0.82 2.92
CA ALA A 28 17.64 -0.97 1.47
C ALA A 28 16.66 -1.96 0.83
N ASP A 29 16.44 -3.08 1.48
CA ASP A 29 15.50 -4.09 0.90
C ASP A 29 14.05 -3.64 1.10
N VAL A 30 13.75 -3.07 2.24
CA VAL A 30 12.35 -2.63 2.52
C VAL A 30 11.97 -1.42 1.66
N ASP A 31 12.78 -0.39 1.62
CA ASP A 31 12.40 0.80 0.81
C ASP A 31 12.22 0.37 -0.65
N HIS A 32 13.05 -0.51 -1.16
CA HIS A 32 12.88 -0.95 -2.57
C HIS A 32 11.50 -1.59 -2.73
N ALA A 33 11.10 -2.41 -1.79
CA ALA A 33 9.76 -3.05 -1.87
C ALA A 33 8.69 -1.95 -1.92
N ILE A 34 8.86 -0.94 -1.12
CA ILE A 34 7.87 0.17 -1.10
C ILE A 34 7.97 0.98 -2.40
N GLU A 35 9.18 1.25 -2.84
CA GLU A 35 9.36 2.02 -4.09
C GLU A 35 8.94 1.16 -5.28
N LYS A 36 9.25 -0.11 -5.24
CA LYS A 36 8.87 -1.00 -6.37
C LYS A 36 7.35 -1.00 -6.53
N ALA A 37 6.62 -1.02 -5.45
CA ALA A 37 5.14 -1.05 -5.57
C ALA A 37 4.65 0.25 -6.22
N PHE A 38 5.18 1.37 -5.81
CA PHE A 38 4.74 2.66 -6.41
C PHE A 38 5.03 2.62 -7.91
N GLN A 39 6.16 2.09 -8.29
CA GLN A 39 6.50 2.03 -9.74
C GLN A 39 5.45 1.22 -10.50
N LEU A 40 5.02 0.12 -9.96
CA LEU A 40 3.99 -0.70 -10.68
C LEU A 40 2.72 0.13 -10.88
N TRP A 41 2.29 0.84 -9.87
CA TRP A 41 1.05 1.66 -10.03
C TRP A 41 1.32 2.85 -10.95
N SER A 42 2.45 3.49 -10.80
CA SER A 42 2.79 4.67 -11.64
C SER A 42 3.02 4.24 -13.10
N ASN A 43 3.54 3.07 -13.31
CA ASN A 43 3.80 2.61 -14.70
C ASN A 43 2.52 2.59 -15.53
N VAL A 44 1.40 2.27 -14.92
CA VAL A 44 0.12 2.20 -15.69
C VAL A 44 -0.82 3.35 -15.29
N THR A 45 -0.33 4.36 -14.61
CA THR A 45 -1.22 5.52 -14.24
C THR A 45 -0.40 6.81 -14.30
N PRO A 46 -0.99 7.95 -14.66
CA PRO A 46 -0.24 9.23 -14.71
C PRO A 46 0.14 9.74 -13.32
N LEU A 47 -0.13 8.98 -12.30
CA LEU A 47 0.21 9.42 -10.91
C LEU A 47 1.72 9.37 -10.72
N THR A 48 2.23 10.03 -9.71
CA THR A 48 3.70 10.01 -9.44
C THR A 48 3.91 9.88 -7.94
N PHE A 49 5.01 9.29 -7.54
CA PHE A 49 5.30 9.12 -6.07
C PHE A 49 6.72 9.59 -5.77
N THR A 50 6.95 10.08 -4.58
CA THR A 50 8.31 10.56 -4.22
C THR A 50 8.51 10.50 -2.71
N LYS A 51 9.59 9.90 -2.28
CA LYS A 51 9.85 9.80 -0.81
C LYS A 51 10.35 11.14 -0.27
N VAL A 52 9.94 11.50 0.92
CA VAL A 52 10.40 12.79 1.53
C VAL A 52 11.04 12.50 2.89
N SER A 53 12.17 13.10 3.16
CA SER A 53 12.86 12.85 4.47
C SER A 53 12.51 13.97 5.47
N GLU A 54 11.80 14.98 5.04
CA GLU A 54 11.43 16.09 5.96
C GLU A 54 10.01 16.57 5.65
N GLY A 55 9.32 17.08 6.64
CA GLY A 55 7.94 17.57 6.42
C GLY A 55 6.95 16.39 6.44
N GLN A 56 5.68 16.66 6.47
CA GLN A 56 4.68 15.56 6.49
C GLN A 56 4.49 15.04 5.07
N ALA A 57 4.23 13.76 4.93
CA ALA A 57 4.02 13.16 3.56
C ALA A 57 2.55 12.80 3.39
N ASP A 58 2.09 12.72 2.18
CA ASP A 58 0.65 12.37 1.95
C ASP A 58 0.35 11.00 2.56
N ILE A 59 1.26 10.05 2.43
CA ILE A 59 1.03 8.68 3.00
C ILE A 59 2.12 8.36 4.02
N MET A 60 1.74 8.15 5.25
CA MET A 60 2.75 7.83 6.31
C MET A 60 2.78 6.32 6.52
N ILE A 61 3.94 5.73 6.47
CA ILE A 61 4.05 4.25 6.69
C ILE A 61 4.77 3.99 8.01
N SER A 62 4.21 3.15 8.84
CA SER A 62 4.86 2.87 10.16
C SER A 62 4.57 1.43 10.60
N PHE A 63 5.44 0.89 11.41
CA PHE A 63 5.24 -0.50 11.91
C PHE A 63 4.79 -0.44 13.37
N VAL A 64 3.84 -1.29 13.75
CA VAL A 64 3.33 -1.26 15.16
C VAL A 64 3.33 -2.66 15.77
N ARG A 65 3.29 -2.74 17.08
CA ARG A 65 3.28 -4.07 17.78
C ARG A 65 2.13 -4.09 18.80
N GLY A 66 1.48 -5.21 18.94
CA GLY A 66 0.37 -5.31 19.94
C GLY A 66 -0.56 -4.10 19.82
N ASP A 67 -1.02 -3.61 20.94
CA ASP A 67 -1.92 -2.43 20.92
C ASP A 67 -1.10 -1.16 20.71
N HIS A 68 -1.46 -0.36 19.74
CA HIS A 68 -0.71 0.90 19.47
C HIS A 68 -1.67 2.09 19.47
N ARG A 69 -2.37 2.29 20.55
CA ARG A 69 -3.32 3.44 20.66
C ARG A 69 -4.33 3.38 19.50
N ASP A 70 -4.92 2.23 19.27
CA ASP A 70 -5.93 2.09 18.18
C ASP A 70 -7.08 1.22 18.69
N ASN A 71 -8.21 1.26 18.03
CA ASN A 71 -9.38 0.46 18.48
C ASN A 71 -9.36 -0.94 17.83
N SER A 72 -8.29 -1.27 17.15
CA SER A 72 -8.21 -2.62 16.49
C SER A 72 -6.82 -3.23 16.74
N PRO A 73 -6.55 -3.70 17.94
CA PRO A 73 -5.24 -4.31 18.26
C PRO A 73 -5.05 -5.68 17.57
N PHE A 74 -3.83 -6.08 17.37
CA PHE A 74 -3.58 -7.40 16.70
C PHE A 74 -3.76 -8.52 17.72
N ASP A 75 -4.17 -9.68 17.28
CA ASP A 75 -4.38 -10.84 18.21
C ASP A 75 -3.50 -12.01 17.78
N GLY A 76 -2.23 -11.93 18.03
CA GLY A 76 -1.32 -13.06 17.63
C GLY A 76 -1.35 -13.24 16.11
N PRO A 77 -0.76 -14.30 15.60
CA PRO A 77 -0.74 -14.54 14.13
C PRO A 77 -2.15 -14.52 13.50
N GLY A 78 -3.18 -14.48 14.32
CA GLY A 78 -4.56 -14.45 13.76
C GLY A 78 -4.98 -13.00 13.52
N GLY A 79 -6.19 -12.79 13.08
CA GLY A 79 -6.67 -11.40 12.83
C GLY A 79 -6.09 -10.89 11.51
N ASN A 80 -6.25 -9.63 11.23
CA ASN A 80 -5.71 -9.07 9.97
C ASN A 80 -4.19 -8.94 10.08
N LEU A 81 -3.48 -9.02 8.99
CA LEU A 81 -1.99 -8.90 9.06
C LEU A 81 -1.58 -7.43 8.89
N ALA A 82 -2.48 -6.60 8.47
CA ALA A 82 -2.13 -5.17 8.27
C ALA A 82 -3.41 -4.35 8.06
N HIS A 83 -3.33 -3.06 8.20
CA HIS A 83 -4.54 -2.21 8.00
C HIS A 83 -4.09 -0.77 7.75
N ALA A 84 -5.02 0.12 7.56
CA ALA A 84 -4.65 1.53 7.30
C ALA A 84 -5.88 2.41 7.50
N PHE A 85 -5.70 3.71 7.53
CA PHE A 85 -6.87 4.62 7.74
C PHE A 85 -7.33 5.15 6.38
N GLN A 86 -8.56 5.57 6.29
CA GLN A 86 -9.10 6.08 4.99
C GLN A 86 -8.24 7.27 4.54
N PRO A 87 -8.10 7.51 3.25
CA PRO A 87 -7.30 8.67 2.78
C PRO A 87 -7.89 10.00 3.26
N GLY A 88 -7.31 10.57 4.29
CA GLY A 88 -7.84 11.86 4.83
C GLY A 88 -6.72 12.55 5.61
N PRO A 89 -6.95 13.75 6.09
CA PRO A 89 -5.92 14.47 6.87
C PRO A 89 -5.65 13.81 8.24
N GLY A 90 -4.76 14.35 9.01
CA GLY A 90 -4.47 13.74 10.34
C GLY A 90 -3.89 12.33 10.16
N ILE A 91 -4.42 11.37 10.86
CA ILE A 91 -3.90 9.99 10.73
C ILE A 91 -4.46 9.35 9.46
N GLY A 92 -5.38 10.02 8.80
CA GLY A 92 -5.98 9.46 7.56
C GLY A 92 -4.87 9.21 6.53
N GLY A 93 -4.92 8.09 5.86
CA GLY A 93 -3.88 7.77 4.83
C GLY A 93 -2.68 7.08 5.49
N ASP A 94 -2.57 7.13 6.79
CA ASP A 94 -1.41 6.47 7.46
C ASP A 94 -1.53 4.95 7.33
N ALA A 95 -0.53 4.31 6.79
CA ALA A 95 -0.57 2.81 6.65
C ALA A 95 0.04 2.15 7.88
N HIS A 96 -0.43 0.97 8.23
CA HIS A 96 0.11 0.26 9.43
C HIS A 96 0.42 -1.20 9.07
N PHE A 97 1.58 -1.68 9.45
CA PHE A 97 1.95 -3.11 9.13
C PHE A 97 2.16 -3.89 10.43
N ASP A 98 1.62 -5.09 10.52
CA ASP A 98 1.80 -5.90 11.75
C ASP A 98 3.28 -6.30 11.88
N GLU A 99 3.91 -5.93 12.96
CA GLU A 99 5.35 -6.25 13.15
C GLU A 99 5.49 -7.50 14.04
N ASP A 100 4.40 -8.05 14.49
CA ASP A 100 4.48 -9.24 15.37
C ASP A 100 4.86 -10.47 14.53
N GLU A 101 4.69 -10.38 13.24
CA GLU A 101 5.05 -11.53 12.34
C GLU A 101 6.40 -11.23 11.67
N ARG A 102 7.09 -12.24 11.23
CA ARG A 102 8.43 -11.99 10.57
C ARG A 102 8.21 -11.65 9.10
N TRP A 103 8.61 -10.48 8.69
CA TRP A 103 8.43 -10.06 7.27
C TRP A 103 9.63 -10.51 6.43
N THR A 104 9.40 -10.84 5.19
CA THR A 104 10.52 -11.29 4.31
C THR A 104 10.48 -10.50 3.00
N ASN A 105 11.58 -10.41 2.32
CA ASN A 105 11.64 -9.66 1.02
C ASN A 105 11.84 -10.66 -0.10
N ASN A 106 11.31 -11.85 0.05
CA ASN A 106 11.50 -12.91 -1.00
C ASN A 106 10.25 -13.80 -1.09
N PHE A 107 10.38 -14.93 -1.72
CA PHE A 107 9.20 -15.85 -1.86
C PHE A 107 9.03 -16.69 -0.59
N ARG A 108 9.39 -16.15 0.54
CA ARG A 108 9.25 -16.92 1.81
C ARG A 108 7.77 -16.93 2.24
N GLU A 109 7.52 -17.29 3.47
CA GLU A 109 6.11 -17.38 3.96
C GLU A 109 5.40 -16.02 3.82
N TYR A 110 5.92 -14.97 4.42
CA TYR A 110 5.23 -13.64 4.33
C TYR A 110 5.97 -12.72 3.34
N ASN A 111 5.30 -12.30 2.30
CA ASN A 111 5.94 -11.39 1.31
C ASN A 111 5.57 -9.95 1.65
N LEU A 112 6.52 -9.16 2.07
CA LEU A 112 6.22 -7.75 2.46
C LEU A 112 5.76 -6.95 1.23
N HIS A 113 6.41 -7.13 0.11
CA HIS A 113 6.01 -6.36 -1.10
C HIS A 113 4.55 -6.67 -1.45
N ARG A 114 4.15 -7.91 -1.33
CA ARG A 114 2.75 -8.30 -1.67
C ARG A 114 1.77 -7.51 -0.80
N VAL A 115 2.03 -7.40 0.47
CA VAL A 115 1.09 -6.65 1.36
C VAL A 115 1.20 -5.16 1.04
N ALA A 116 2.39 -4.67 0.78
CA ALA A 116 2.54 -3.22 0.47
C ALA A 116 1.67 -2.84 -0.73
N ALA A 117 1.66 -3.65 -1.76
CA ALA A 117 0.84 -3.33 -2.95
C ALA A 117 -0.64 -3.30 -2.56
N HIS A 118 -1.05 -4.22 -1.74
CA HIS A 118 -2.48 -4.26 -1.31
C HIS A 118 -2.79 -3.07 -0.40
N GLU A 119 -1.97 -2.81 0.59
CA GLU A 119 -2.25 -1.65 1.48
C GLU A 119 -2.28 -0.37 0.66
N LEU A 120 -1.40 -0.22 -0.28
CA LEU A 120 -1.42 0.99 -1.13
C LEU A 120 -2.73 1.01 -1.92
N GLY A 121 -3.22 -0.16 -2.25
CA GLY A 121 -4.51 -0.22 -3.00
C GLY A 121 -5.60 0.45 -2.18
N HIS A 122 -5.60 0.24 -0.89
CA HIS A 122 -6.62 0.87 -0.01
C HIS A 122 -6.41 2.38 -0.01
N SER A 123 -5.19 2.81 -0.09
CA SER A 123 -4.91 4.28 -0.08
C SER A 123 -5.39 4.89 -1.40
N LEU A 124 -5.51 4.08 -2.43
CA LEU A 124 -5.99 4.61 -3.75
C LEU A 124 -7.52 4.54 -3.79
N GLY A 125 -8.12 3.96 -2.77
CA GLY A 125 -9.62 3.87 -2.75
C GLY A 125 -10.08 2.59 -3.46
N LEU A 126 -9.20 1.65 -3.67
CA LEU A 126 -9.62 0.39 -4.36
C LEU A 126 -10.26 -0.57 -3.34
N SER A 127 -11.40 -1.11 -3.67
CA SER A 127 -12.08 -2.06 -2.74
C SER A 127 -11.57 -3.48 -3.03
N HIS A 128 -11.92 -4.43 -2.21
CA HIS A 128 -11.45 -5.83 -2.45
C HIS A 128 -12.13 -6.41 -3.69
N SER A 129 -11.55 -7.43 -4.27
CA SER A 129 -12.12 -8.06 -5.50
C SER A 129 -12.31 -9.56 -5.26
N THR A 130 -13.19 -10.17 -6.01
CA THR A 130 -13.43 -11.65 -5.83
C THR A 130 -12.66 -12.39 -6.93
N ASP A 131 -11.91 -11.69 -7.73
CA ASP A 131 -11.13 -12.35 -8.81
C ASP A 131 -9.85 -12.91 -8.20
N ILE A 132 -9.59 -14.17 -8.42
CA ILE A 132 -8.37 -14.80 -7.85
C ILE A 132 -7.11 -14.10 -8.36
N GLY A 133 -7.08 -13.74 -9.61
CA GLY A 133 -5.86 -13.08 -10.16
C GLY A 133 -5.73 -11.65 -9.64
N ALA A 134 -6.65 -11.18 -8.84
CA ALA A 134 -6.53 -9.79 -8.32
C ALA A 134 -5.59 -9.78 -7.11
N LEU A 135 -4.77 -8.77 -6.99
CA LEU A 135 -3.82 -8.69 -5.84
C LEU A 135 -4.60 -8.51 -4.54
N MET A 136 -5.69 -7.80 -4.58
CA MET A 136 -6.48 -7.57 -3.33
C MET A 136 -7.24 -8.84 -2.94
N TYR A 137 -6.55 -9.90 -2.61
CA TYR A 137 -7.24 -11.16 -2.22
C TYR A 137 -7.87 -10.96 -0.81
N PRO A 138 -9.09 -11.41 -0.56
CA PRO A 138 -9.70 -11.25 0.79
C PRO A 138 -8.91 -12.00 1.88
N SER A 139 -7.78 -12.54 1.54
CA SER A 139 -6.97 -13.27 2.55
C SER A 139 -5.52 -13.35 2.05
N TYR A 140 -4.62 -13.87 2.84
CA TYR A 140 -3.20 -13.94 2.39
C TYR A 140 -2.96 -15.23 1.62
N THR A 141 -2.52 -15.12 0.39
CA THR A 141 -2.25 -16.32 -0.45
C THR A 141 -1.13 -16.00 -1.43
N PHE A 142 -0.47 -17.00 -1.95
CA PHE A 142 0.64 -16.76 -2.92
C PHE A 142 0.13 -16.96 -4.34
N SER A 143 0.31 -15.97 -5.20
CA SER A 143 -0.18 -16.07 -6.61
C SER A 143 1.03 -16.21 -7.55
N GLY A 144 2.16 -16.57 -7.03
CA GLY A 144 3.37 -16.72 -7.90
C GLY A 144 4.02 -15.36 -8.13
N ASP A 145 4.05 -14.91 -9.37
CA ASP A 145 4.68 -13.59 -9.67
C ASP A 145 3.72 -12.46 -9.32
N VAL A 146 4.21 -11.40 -8.76
CA VAL A 146 3.34 -10.25 -8.39
C VAL A 146 3.22 -9.30 -9.58
N GLN A 147 2.02 -9.12 -10.09
CA GLN A 147 1.81 -8.20 -11.24
C GLN A 147 0.41 -7.60 -11.13
N LEU A 148 0.16 -6.49 -11.77
CA LEU A 148 -1.19 -5.89 -11.68
C LEU A 148 -2.14 -6.69 -12.58
N ALA A 149 -3.35 -6.92 -12.12
CA ALA A 149 -4.33 -7.69 -12.95
C ALA A 149 -5.18 -6.72 -13.77
N GLN A 150 -5.86 -7.21 -14.77
CA GLN A 150 -6.70 -6.32 -15.60
C GLN A 150 -7.76 -5.62 -14.73
N ASP A 151 -8.34 -6.35 -13.81
CA ASP A 151 -9.37 -5.74 -12.92
C ASP A 151 -8.75 -4.55 -12.18
N ASP A 152 -7.53 -4.67 -11.75
CA ASP A 152 -6.88 -3.54 -11.02
C ASP A 152 -6.49 -2.44 -12.02
N ILE A 153 -5.98 -2.81 -13.16
CA ILE A 153 -5.58 -1.77 -14.15
C ILE A 153 -6.82 -0.97 -14.59
N ASP A 154 -7.87 -1.66 -14.97
CA ASP A 154 -9.10 -0.95 -15.41
C ASP A 154 -9.68 -0.14 -14.24
N GLY A 155 -9.65 -0.68 -13.06
CA GLY A 155 -10.22 0.03 -11.88
C GLY A 155 -9.46 1.32 -11.59
N ILE A 156 -8.17 1.25 -11.39
CA ILE A 156 -7.40 2.49 -11.08
C ILE A 156 -7.39 3.43 -12.29
N GLN A 157 -7.26 2.90 -13.48
CA GLN A 157 -7.24 3.78 -14.67
C GLN A 157 -8.63 4.39 -14.90
N ALA A 158 -9.66 3.63 -14.71
CA ALA A 158 -11.03 4.17 -14.92
C ALA A 158 -11.27 5.37 -13.99
N ILE A 159 -10.89 5.23 -12.75
CA ILE A 159 -11.09 6.34 -11.78
C ILE A 159 -10.32 7.57 -12.25
N TYR A 160 -9.07 7.43 -12.60
CA TYR A 160 -8.25 8.59 -13.07
C TYR A 160 -8.25 8.63 -14.59
N GLY A 161 -7.62 7.67 -15.21
CA GLY A 161 -7.55 7.65 -16.70
C GLY A 161 -6.46 6.69 -17.14
N ARG A 162 -6.26 6.54 -18.42
CA ARG A 162 -5.19 5.62 -18.91
C ARG A 162 -3.89 6.39 -19.06
N SER A 163 -2.77 5.76 -18.86
CA SER A 163 -1.46 6.47 -18.98
C SER A 163 -1.18 6.77 -20.45
N GLN A 164 -1.69 7.86 -20.95
CA GLN A 164 -1.45 8.21 -22.38
C GLN A 164 -0.09 8.89 -22.52
N ASN A 165 0.87 8.47 -21.74
CA ASN A 165 2.24 9.09 -21.84
C ASN A 165 3.29 8.05 -21.41
N PRO A 166 3.53 7.06 -22.22
CA PRO A 166 4.54 6.01 -21.89
C PRO A 166 5.97 6.47 -22.22
N VAL A 167 6.31 7.67 -21.83
CA VAL A 167 7.68 8.20 -22.11
C VAL A 167 8.65 7.77 -21.01
N GLN A 168 9.86 7.44 -21.37
CA GLN A 168 10.86 7.01 -20.35
C GLN A 168 11.30 8.23 -19.53
N PRO A 169 11.67 8.06 -18.27
CA PRO A 169 12.11 9.22 -17.45
C PRO A 169 13.15 10.09 -18.19
ZN ZN B . -7.52 -5.22 1.73
ZN ZN C . -1.85 -0.07 13.40
CA CA D . -1.42 -11.18 12.74
N1 CGS E . -6.89 -8.53 5.53
CC CGS E . -7.78 -9.57 4.90
CA CGS E . -7.05 -7.05 5.33
S4 CGS E . -5.25 -9.08 5.94
C5 CGS E . -8.94 -10.17 5.69
CD CGS E . -8.73 -10.77 6.99
CE CGS E . -9.82 -11.36 7.75
CZ CGS E . -11.12 -11.31 7.17
N11 CGS E . -11.35 -10.74 5.93
CY CGS E . -10.30 -10.19 5.21
C17 CGS E . -4.23 -9.13 4.48
CE2 CGS E . -4.15 -10.33 3.68
CD2 CGS E . -3.25 -10.39 2.54
C20 CGS E . -2.42 -9.23 2.17
CD1 CGS E . -2.52 -8.03 2.99
CE1 CGS E . -3.42 -7.99 4.13
O27 CGS E . -1.54 -9.29 1.06
COM CGS E . -2.10 -9.06 -0.24
O32 CGS E . -5.45 -10.39 6.46
O33 CGS E . -4.77 -8.05 6.82
C34 CGS E . -6.77 -6.66 3.86
N35 CGS E . -5.67 -5.97 3.64
CB CGS E . -8.25 -6.28 5.93
CG2 CGS E . -7.87 -4.92 6.52
CG1 CGS E . -8.99 -7.06 7.04
O47 CGS E . -7.51 -6.98 2.93
O48 CGS E . -5.34 -5.58 2.35
HC1 CGS E . -8.19 -9.14 3.99
HC2 CGS E . -7.14 -10.38 4.57
HA CGS E . -6.20 -6.62 5.88
HD CGS E . -7.73 -10.81 7.42
HE CGS E . -9.65 -11.80 8.72
HZ CGS E . -11.98 -11.72 7.67
HY CGS E . -10.52 -9.76 4.25
HE2 CGS E . -4.75 -11.19 3.93
HD2 CGS E . -3.21 -11.31 1.96
HD1 CGS E . -1.94 -7.15 2.77
HE1 CGS E . -3.50 -7.09 4.74
HOM1 CGS E . -1.85 -9.88 -0.92
HOM2 CGS E . -3.18 -8.98 -0.19
HOM3 CGS E . -1.70 -8.14 -0.68
H49 CGS E . -5.10 -5.73 4.45
HB CGS E . -8.99 -6.09 5.17
HG21 CGS E . -7.86 -4.16 5.74
HG22 CGS E . -6.90 -4.96 6.99
HG23 CGS E . -8.60 -4.61 7.27
HG11 CGS E . -9.96 -7.40 6.69
HG12 CGS E . -9.14 -6.43 7.92
HG13 CGS E . -8.41 -7.92 7.35
H50 CGS E . -4.46 -5.87 2.08
N VAL A 1 -17.14 12.49 4.06
CA VAL A 1 -18.33 11.84 3.47
C VAL A 1 -18.99 12.80 2.46
N LEU A 2 -18.41 13.94 2.25
CA LEU A 2 -19.00 14.92 1.28
C LEU A 2 -19.07 14.28 -0.10
N THR A 3 -18.03 13.58 -0.48
CA THR A 3 -18.02 12.93 -1.83
C THR A 3 -18.59 11.51 -1.71
N GLU A 4 -19.07 10.95 -2.78
CA GLU A 4 -19.63 9.57 -2.73
C GLU A 4 -18.49 8.57 -2.52
N GLY A 5 -18.68 7.60 -1.67
CA GLY A 5 -17.60 6.61 -1.43
C GLY A 5 -16.47 7.26 -0.65
N ASN A 6 -15.27 6.76 -0.78
CA ASN A 6 -14.12 7.36 -0.04
C ASN A 6 -13.59 8.57 -0.82
N PRO A 7 -13.07 9.58 -0.15
CA PRO A 7 -12.53 10.77 -0.88
C PRO A 7 -11.36 10.40 -1.79
N ARG A 8 -11.36 10.84 -3.01
CA ARG A 8 -10.25 10.52 -3.94
C ARG A 8 -9.17 11.60 -3.81
N TRP A 9 -7.96 11.30 -4.19
CA TRP A 9 -6.88 12.33 -4.09
C TRP A 9 -6.97 13.26 -5.29
N GLU A 10 -7.12 14.54 -5.08
CA GLU A 10 -7.24 15.49 -6.22
C GLU A 10 -5.84 15.88 -6.70
N GLN A 11 -4.82 15.55 -5.97
CA GLN A 11 -3.44 15.90 -6.40
C GLN A 11 -2.93 14.84 -7.37
N THR A 12 -2.17 15.22 -8.36
CA THR A 12 -1.63 14.23 -9.34
C THR A 12 -0.27 13.76 -8.82
N HIS A 13 0.19 14.33 -7.74
CA HIS A 13 1.51 13.95 -7.15
C HIS A 13 1.30 13.59 -5.68
N LEU A 14 2.00 12.59 -5.19
CA LEU A 14 1.84 12.17 -3.75
C LEU A 14 3.21 11.91 -3.13
N THR A 15 3.30 12.00 -1.82
CA THR A 15 4.59 11.75 -1.12
C THR A 15 4.38 10.78 0.03
N TYR A 16 5.41 10.07 0.40
CA TYR A 16 5.29 9.09 1.52
C TYR A 16 6.56 9.14 2.36
N ARG A 17 6.51 8.68 3.58
CA ARG A 17 7.73 8.71 4.45
C ARG A 17 7.74 7.51 5.40
N ILE A 18 8.87 6.89 5.55
CA ILE A 18 8.98 5.71 6.46
C ILE A 18 9.28 6.20 7.88
N GLU A 19 8.41 5.92 8.81
CA GLU A 19 8.65 6.39 10.21
C GLU A 19 9.80 5.62 10.84
N ASN A 20 9.90 4.34 10.59
CA ASN A 20 11.01 3.57 11.21
C ASN A 20 11.19 2.22 10.51
N TYR A 21 12.41 1.72 10.51
CA TYR A 21 12.69 0.41 9.85
C TYR A 21 12.67 -0.71 10.89
N THR A 22 11.97 -1.77 10.63
CA THR A 22 11.92 -2.90 11.60
C THR A 22 13.25 -3.68 11.54
N PRO A 23 13.74 -4.22 12.64
CA PRO A 23 15.02 -4.99 12.60
C PRO A 23 14.89 -6.28 11.78
N ASP A 24 13.69 -6.64 11.41
CA ASP A 24 13.50 -7.89 10.63
C ASP A 24 14.29 -7.80 9.31
N LEU A 25 14.27 -6.65 8.69
CA LEU A 25 15.01 -6.48 7.40
C LEU A 25 15.69 -5.10 7.38
N PRO A 26 16.80 -4.93 6.69
CA PRO A 26 17.50 -3.61 6.65
C PRO A 26 16.61 -2.51 6.03
N ARG A 27 17.15 -1.33 5.86
CA ARG A 27 16.33 -0.23 5.26
C ARG A 27 16.46 -0.26 3.73
N ALA A 28 17.62 -0.59 3.23
CA ALA A 28 17.82 -0.64 1.76
C ALA A 28 16.84 -1.66 1.16
N ASP A 29 16.70 -2.80 1.78
CA ASP A 29 15.78 -3.84 1.24
C ASP A 29 14.32 -3.39 1.42
N VAL A 30 14.02 -2.79 2.52
CA VAL A 30 12.62 -2.33 2.77
C VAL A 30 12.29 -1.15 1.84
N ASP A 31 13.20 -0.25 1.65
CA ASP A 31 12.93 0.90 0.74
C ASP A 31 12.62 0.38 -0.65
N HIS A 32 13.35 -0.62 -1.09
CA HIS A 32 13.11 -1.19 -2.43
C HIS A 32 11.67 -1.71 -2.51
N ALA A 33 11.24 -2.43 -1.51
CA ALA A 33 9.86 -2.98 -1.52
C ALA A 33 8.84 -1.83 -1.63
N ILE A 34 9.08 -0.75 -0.94
CA ILE A 34 8.12 0.39 -0.99
C ILE A 34 8.25 1.10 -2.35
N GLU A 35 9.45 1.30 -2.81
CA GLU A 35 9.64 1.99 -4.11
C GLU A 35 9.14 1.09 -5.24
N LYS A 36 9.40 -0.18 -5.15
CA LYS A 36 8.95 -1.13 -6.21
C LYS A 36 7.43 -1.10 -6.34
N ALA A 37 6.72 -1.02 -5.24
CA ALA A 37 5.23 -1.01 -5.33
C ALA A 37 4.74 0.28 -6.00
N PHE A 38 5.31 1.41 -5.63
CA PHE A 38 4.88 2.68 -6.27
C PHE A 38 5.12 2.60 -7.78
N GLN A 39 6.22 2.02 -8.18
CA GLN A 39 6.51 1.91 -9.64
C GLN A 39 5.41 1.12 -10.33
N LEU A 40 4.91 0.08 -9.70
CA LEU A 40 3.82 -0.72 -10.34
C LEU A 40 2.59 0.16 -10.58
N TRP A 41 2.22 0.96 -9.61
CA TRP A 41 1.01 1.82 -9.77
C TRP A 41 1.31 3.02 -10.70
N SER A 42 2.45 3.62 -10.55
CA SER A 42 2.77 4.81 -11.41
C SER A 42 2.93 4.36 -12.87
N ASN A 43 3.52 3.22 -13.09
CA ASN A 43 3.74 2.74 -14.49
C ASN A 43 2.40 2.57 -15.23
N VAL A 44 1.30 2.55 -14.52
CA VAL A 44 -0.03 2.37 -15.21
C VAL A 44 -0.89 3.62 -15.05
N THR A 45 -0.38 4.64 -14.41
CA THR A 45 -1.18 5.90 -14.24
C THR A 45 -0.22 7.11 -14.29
N PRO A 46 -0.68 8.26 -14.75
CA PRO A 46 0.21 9.46 -14.81
C PRO A 46 0.58 9.99 -13.40
N LEU A 47 0.24 9.26 -12.37
CA LEU A 47 0.55 9.72 -10.99
C LEU A 47 2.05 9.59 -10.73
N THR A 48 2.56 10.39 -9.83
CA THR A 48 4.02 10.33 -9.50
C THR A 48 4.16 10.28 -7.97
N PHE A 49 5.17 9.60 -7.48
CA PHE A 49 5.38 9.49 -6.01
C PHE A 49 6.81 9.88 -5.66
N THR A 50 7.03 10.33 -4.46
CA THR A 50 8.41 10.74 -4.05
C THR A 50 8.54 10.63 -2.53
N LYS A 51 9.62 10.05 -2.06
CA LYS A 51 9.82 9.92 -0.60
C LYS A 51 10.34 11.24 -0.04
N VAL A 52 9.80 11.68 1.08
CA VAL A 52 10.25 12.97 1.70
C VAL A 52 10.73 12.69 3.13
N SER A 53 11.90 13.17 3.48
CA SER A 53 12.43 12.93 4.86
C SER A 53 12.09 14.13 5.74
N GLU A 54 11.43 15.12 5.20
CA GLU A 54 11.07 16.32 6.00
C GLU A 54 9.70 16.83 5.57
N GLY A 55 9.01 17.49 6.45
CA GLY A 55 7.66 18.02 6.10
C GLY A 55 6.60 16.93 6.27
N GLN A 56 5.37 17.24 6.02
CA GLN A 56 4.28 16.22 6.17
C GLN A 56 4.23 15.31 4.94
N ALA A 57 4.03 14.03 5.16
CA ALA A 57 3.95 13.07 4.02
C ALA A 57 2.48 12.71 3.79
N ASP A 58 2.05 12.66 2.56
CA ASP A 58 0.62 12.33 2.29
C ASP A 58 0.31 10.95 2.86
N ILE A 59 1.23 10.01 2.70
CA ILE A 59 1.01 8.63 3.22
C ILE A 59 2.11 8.26 4.23
N MET A 60 1.76 7.96 5.46
CA MET A 60 2.79 7.59 6.48
C MET A 60 2.83 6.07 6.64
N ILE A 61 4.01 5.50 6.75
CA ILE A 61 4.15 4.01 6.91
C ILE A 61 4.92 3.71 8.19
N SER A 62 4.43 2.81 9.01
CA SER A 62 5.14 2.48 10.28
C SER A 62 4.85 1.03 10.68
N PHE A 63 5.73 0.43 11.45
CA PHE A 63 5.52 -0.98 11.91
C PHE A 63 5.08 -0.96 13.38
N VAL A 64 4.13 -1.78 13.77
CA VAL A 64 3.66 -1.78 15.20
C VAL A 64 3.63 -3.21 15.76
N ARG A 65 3.64 -3.33 17.07
CA ARG A 65 3.62 -4.67 17.73
C ARG A 65 2.51 -4.73 18.79
N GLY A 66 1.82 -5.84 18.87
CA GLY A 66 0.74 -5.98 19.88
C GLY A 66 -0.11 -4.71 19.96
N ASP A 67 -0.44 -4.30 21.16
CA ASP A 67 -1.25 -3.06 21.33
C ASP A 67 -0.39 -1.84 21.05
N HIS A 68 -0.85 -0.97 20.20
CA HIS A 68 -0.07 0.27 19.85
C HIS A 68 -1.01 1.47 19.78
N ARG A 69 -1.60 1.84 20.89
CA ARG A 69 -2.52 3.01 20.88
C ARG A 69 -3.59 2.81 19.80
N ASP A 70 -4.27 1.69 19.82
CA ASP A 70 -5.32 1.43 18.79
C ASP A 70 -6.49 0.70 19.45
N ASN A 71 -7.64 0.70 18.83
CA ASN A 71 -8.83 0.01 19.44
C ASN A 71 -8.97 -1.38 18.83
N SER A 72 -7.98 -1.82 18.09
CA SER A 72 -8.04 -3.18 17.46
C SER A 72 -6.67 -3.85 17.57
N PRO A 73 -6.25 -4.22 18.76
CA PRO A 73 -4.93 -4.89 18.95
C PRO A 73 -4.82 -6.21 18.17
N PHE A 74 -3.63 -6.63 17.85
CA PHE A 74 -3.46 -7.90 17.09
C PHE A 74 -3.67 -9.09 18.03
N ASP A 75 -4.32 -10.12 17.56
CA ASP A 75 -4.57 -11.32 18.41
C ASP A 75 -3.58 -12.44 18.04
N GLY A 76 -2.31 -12.18 18.18
CA GLY A 76 -1.29 -13.21 17.85
C GLY A 76 -1.10 -13.28 16.33
N PRO A 77 -0.22 -14.14 15.87
CA PRO A 77 0.04 -14.28 14.40
C PRO A 77 -1.27 -14.45 13.61
N GLY A 78 -2.35 -14.69 14.29
CA GLY A 78 -3.66 -14.87 13.60
C GLY A 78 -4.38 -13.53 13.48
N GLY A 79 -5.53 -13.51 12.87
CA GLY A 79 -6.29 -12.24 12.73
C GLY A 79 -5.84 -11.49 11.47
N ASN A 80 -5.99 -10.20 11.46
CA ASN A 80 -5.57 -9.41 10.27
C ASN A 80 -4.04 -9.31 10.24
N LEU A 81 -3.46 -9.22 9.08
CA LEU A 81 -1.98 -9.12 8.98
C LEU A 81 -1.57 -7.64 8.93
N ALA A 82 -2.49 -6.77 8.60
CA ALA A 82 -2.13 -5.32 8.53
C ALA A 82 -3.41 -4.48 8.35
N HIS A 83 -3.32 -3.19 8.51
CA HIS A 83 -4.53 -2.34 8.34
C HIS A 83 -4.11 -0.89 8.09
N ALA A 84 -5.06 -0.04 7.80
CA ALA A 84 -4.73 1.38 7.51
C ALA A 84 -6.01 2.21 7.58
N PHE A 85 -5.89 3.50 7.67
CA PHE A 85 -7.10 4.38 7.74
C PHE A 85 -7.42 4.89 6.33
N GLN A 86 -8.67 5.18 6.08
CA GLN A 86 -9.06 5.68 4.72
C GLN A 86 -8.31 7.00 4.44
N PRO A 87 -8.03 7.31 3.19
CA PRO A 87 -7.31 8.57 2.86
C PRO A 87 -7.98 9.80 3.48
N GLY A 88 -7.42 10.33 4.54
CA GLY A 88 -8.02 11.53 5.19
C GLY A 88 -6.94 12.27 5.97
N PRO A 89 -7.27 13.42 6.53
CA PRO A 89 -6.28 14.19 7.32
C PRO A 89 -5.99 13.54 8.68
N GLY A 90 -5.02 14.05 9.40
CA GLY A 90 -4.71 13.47 10.74
C GLY A 90 -4.10 12.07 10.57
N ILE A 91 -4.66 11.09 11.20
CA ILE A 91 -4.12 9.72 11.08
C ILE A 91 -4.52 9.12 9.74
N GLY A 92 -5.41 9.75 9.03
CA GLY A 92 -5.83 9.21 7.71
C GLY A 92 -4.61 9.03 6.81
N GLY A 93 -4.65 8.07 5.93
CA GLY A 93 -3.49 7.84 5.01
C GLY A 93 -2.41 7.00 5.72
N ASP A 94 -2.43 6.96 7.02
CA ASP A 94 -1.41 6.16 7.74
C ASP A 94 -1.65 4.67 7.48
N ALA A 95 -0.63 3.87 7.52
CA ALA A 95 -0.81 2.41 7.27
C ALA A 95 0.11 1.63 8.22
N HIS A 96 -0.46 0.74 9.00
CA HIS A 96 0.34 -0.04 9.98
C HIS A 96 0.63 -1.45 9.45
N PHE A 97 1.81 -1.96 9.73
CA PHE A 97 2.19 -3.33 9.27
C PHE A 97 2.37 -4.24 10.49
N ASP A 98 1.78 -5.42 10.48
CA ASP A 98 1.94 -6.34 11.65
C ASP A 98 3.41 -6.76 11.74
N GLU A 99 4.08 -6.44 12.82
CA GLU A 99 5.51 -6.81 12.97
C GLU A 99 5.64 -8.07 13.83
N ASP A 100 4.55 -8.62 14.27
CA ASP A 100 4.63 -9.85 15.12
C ASP A 100 4.98 -11.06 14.25
N GLU A 101 4.82 -10.95 12.96
CA GLU A 101 5.15 -12.07 12.04
C GLU A 101 6.52 -11.83 11.39
N ARG A 102 7.14 -12.86 10.90
CA ARG A 102 8.48 -12.69 10.26
C ARG A 102 8.29 -12.32 8.79
N TRP A 103 8.80 -11.19 8.38
CA TRP A 103 8.64 -10.74 6.96
C TRP A 103 9.80 -11.27 6.12
N THR A 104 9.56 -11.56 4.86
CA THR A 104 10.64 -12.07 3.96
C THR A 104 10.66 -11.26 2.67
N ASN A 105 11.72 -11.37 1.92
CA ASN A 105 11.85 -10.62 0.62
C ASN A 105 11.79 -11.61 -0.53
N ASN A 106 11.05 -12.67 -0.37
CA ASN A 106 10.94 -13.70 -1.45
C ASN A 106 9.56 -14.37 -1.38
N PHE A 107 9.38 -15.48 -2.04
CA PHE A 107 8.04 -16.15 -2.04
C PHE A 107 7.95 -17.11 -0.84
N ARG A 108 8.70 -16.87 0.19
CA ARG A 108 8.65 -17.77 1.38
C ARG A 108 7.38 -17.48 2.21
N GLU A 109 7.38 -17.91 3.44
CA GLU A 109 6.19 -17.72 4.36
C GLU A 109 5.32 -16.53 3.93
N TYR A 110 5.81 -15.32 4.05
CA TYR A 110 4.99 -14.12 3.67
C TYR A 110 5.86 -13.12 2.91
N ASN A 111 5.30 -12.45 1.94
CA ASN A 111 6.07 -11.44 1.15
C ASN A 111 5.64 -10.04 1.57
N LEU A 112 6.55 -9.25 2.07
CA LEU A 112 6.19 -7.87 2.52
C LEU A 112 5.73 -7.02 1.32
N HIS A 113 6.39 -7.15 0.20
CA HIS A 113 6.00 -6.34 -0.99
C HIS A 113 4.55 -6.65 -1.38
N ARG A 114 4.17 -7.90 -1.34
CA ARG A 114 2.77 -8.26 -1.71
C ARG A 114 1.80 -7.52 -0.79
N VAL A 115 2.07 -7.52 0.49
CA VAL A 115 1.15 -6.83 1.44
C VAL A 115 1.26 -5.32 1.25
N ALA A 116 2.44 -4.81 1.04
CA ALA A 116 2.59 -3.34 0.84
C ALA A 116 1.77 -2.93 -0.38
N ALA A 117 1.80 -3.71 -1.43
CA ALA A 117 1.00 -3.36 -2.64
C ALA A 117 -0.48 -3.33 -2.26
N HIS A 118 -0.90 -4.23 -1.41
CA HIS A 118 -2.34 -4.27 -1.00
C HIS A 118 -2.67 -3.06 -0.12
N GLU A 119 -1.84 -2.77 0.86
CA GLU A 119 -2.12 -1.60 1.74
C GLU A 119 -2.17 -0.32 0.90
N LEU A 120 -1.28 -0.19 -0.05
CA LEU A 120 -1.30 1.01 -0.91
C LEU A 120 -2.61 1.07 -1.70
N GLY A 121 -3.09 -0.06 -2.14
CA GLY A 121 -4.35 -0.06 -2.91
C GLY A 121 -5.44 0.61 -2.07
N HIS A 122 -5.51 0.30 -0.80
CA HIS A 122 -6.55 0.93 0.06
C HIS A 122 -6.22 2.41 0.25
N SER A 123 -4.96 2.77 0.16
CA SER A 123 -4.59 4.20 0.34
C SER A 123 -5.07 4.97 -0.90
N LEU A 124 -5.27 4.28 -1.99
CA LEU A 124 -5.75 4.97 -3.23
C LEU A 124 -7.27 5.04 -3.20
N GLY A 125 -7.89 4.39 -2.25
CA GLY A 125 -9.39 4.44 -2.16
C GLY A 125 -10.02 3.31 -2.98
N LEU A 126 -9.28 2.28 -3.30
CA LEU A 126 -9.87 1.16 -4.10
C LEU A 126 -10.63 0.22 -3.15
N SER A 127 -11.75 -0.30 -3.58
CA SER A 127 -12.53 -1.23 -2.69
C SER A 127 -12.03 -2.65 -2.87
N HIS A 128 -12.43 -3.54 -2.01
CA HIS A 128 -11.99 -4.96 -2.13
C HIS A 128 -12.60 -5.57 -3.39
N SER A 129 -11.95 -6.57 -3.96
CA SER A 129 -12.47 -7.24 -5.19
C SER A 129 -12.59 -8.74 -4.92
N THR A 130 -13.47 -9.41 -5.63
CA THR A 130 -13.64 -10.89 -5.41
C THR A 130 -12.88 -11.66 -6.49
N ASP A 131 -12.06 -11.00 -7.27
CA ASP A 131 -11.30 -11.71 -8.35
C ASP A 131 -10.04 -12.35 -7.77
N ILE A 132 -9.81 -13.59 -8.09
CA ILE A 132 -8.60 -14.30 -7.56
C ILE A 132 -7.33 -13.57 -8.01
N GLY A 133 -7.28 -13.11 -9.22
CA GLY A 133 -6.05 -12.41 -9.71
C GLY A 133 -5.95 -11.00 -9.13
N ALA A 134 -6.96 -10.56 -8.43
CA ALA A 134 -6.90 -9.19 -7.84
C ALA A 134 -6.13 -9.23 -6.52
N LEU A 135 -5.16 -8.38 -6.36
CA LEU A 135 -4.36 -8.35 -5.10
C LEU A 135 -5.27 -7.95 -3.94
N MET A 136 -6.33 -7.25 -4.23
CA MET A 136 -7.24 -6.81 -3.14
C MET A 136 -8.06 -8.01 -2.66
N TYR A 137 -7.42 -9.13 -2.47
CA TYR A 137 -8.16 -10.34 -2.02
C TYR A 137 -8.61 -10.13 -0.55
N PRO A 138 -9.89 -10.35 -0.21
CA PRO A 138 -10.32 -10.14 1.20
C PRO A 138 -9.33 -10.77 2.19
N SER A 139 -9.17 -12.07 2.13
CA SER A 139 -8.23 -12.77 3.07
C SER A 139 -6.89 -12.99 2.36
N TYR A 140 -5.89 -13.44 3.07
CA TYR A 140 -4.57 -13.68 2.42
C TYR A 140 -4.57 -15.07 1.78
N THR A 141 -3.88 -15.23 0.68
CA THR A 141 -3.84 -16.56 0.00
C THR A 141 -2.39 -16.89 -0.39
N PHE A 142 -1.99 -18.12 -0.18
CA PHE A 142 -0.60 -18.52 -0.52
C PHE A 142 -0.34 -18.35 -2.02
N SER A 143 -1.27 -18.75 -2.85
CA SER A 143 -1.07 -18.63 -4.32
C SER A 143 -1.37 -17.20 -4.78
N GLY A 144 -0.93 -16.86 -5.97
CA GLY A 144 -1.17 -15.49 -6.52
C GLY A 144 0.17 -14.76 -6.68
N ASP A 145 0.50 -14.37 -7.89
CA ASP A 145 1.77 -13.64 -8.12
C ASP A 145 1.58 -12.16 -7.81
N VAL A 146 2.64 -11.42 -7.66
CA VAL A 146 2.49 -9.97 -7.36
C VAL A 146 2.37 -9.18 -8.66
N GLN A 147 1.17 -8.99 -9.16
CA GLN A 147 0.99 -8.22 -10.42
C GLN A 147 -0.35 -7.49 -10.37
N LEU A 148 -0.45 -6.38 -11.04
CA LEU A 148 -1.74 -5.64 -11.03
C LEU A 148 -2.72 -6.35 -11.96
N ALA A 149 -3.96 -6.39 -11.60
CA ALA A 149 -4.98 -7.06 -12.45
C ALA A 149 -5.61 -6.01 -13.37
N GLN A 150 -6.26 -6.43 -14.42
CA GLN A 150 -6.89 -5.46 -15.35
C GLN A 150 -7.92 -4.61 -14.58
N ASP A 151 -8.66 -5.24 -13.72
CA ASP A 151 -9.68 -4.50 -12.94
C ASP A 151 -9.00 -3.38 -12.13
N ASP A 152 -7.86 -3.64 -11.57
CA ASP A 152 -7.16 -2.58 -10.78
C ASP A 152 -6.59 -1.53 -11.74
N ILE A 153 -6.02 -1.96 -12.85
CA ILE A 153 -5.45 -1.00 -13.82
C ILE A 153 -6.57 -0.15 -14.43
N ASP A 154 -7.58 -0.78 -14.96
CA ASP A 154 -8.70 -0.01 -15.57
C ASP A 154 -9.41 0.83 -14.49
N GLY A 155 -9.58 0.28 -13.33
CA GLY A 155 -10.28 1.03 -12.24
C GLY A 155 -9.51 2.30 -11.89
N ILE A 156 -8.26 2.19 -11.55
CA ILE A 156 -7.48 3.40 -11.18
C ILE A 156 -7.32 4.34 -12.39
N GLN A 157 -7.09 3.79 -13.56
CA GLN A 157 -6.94 4.66 -14.76
C GLN A 157 -8.27 5.37 -15.05
N ALA A 158 -9.35 4.67 -14.90
CA ALA A 158 -10.68 5.30 -15.17
C ALA A 158 -10.87 6.52 -14.27
N ILE A 159 -10.54 6.41 -13.01
CA ILE A 159 -10.69 7.57 -12.09
C ILE A 159 -9.78 8.72 -12.56
N TYR A 160 -8.52 8.42 -12.79
CA TYR A 160 -7.57 9.48 -13.23
C TYR A 160 -7.49 9.51 -14.76
N GLY A 161 -6.91 8.49 -15.34
CA GLY A 161 -6.80 8.46 -16.83
C GLY A 161 -5.76 7.41 -17.25
N ARG A 162 -5.53 7.27 -18.53
CA ARG A 162 -4.53 6.25 -19.00
C ARG A 162 -3.15 6.90 -19.10
N SER A 163 -2.11 6.17 -18.76
CA SER A 163 -0.74 6.74 -18.83
C SER A 163 -0.30 6.87 -20.29
N GLN A 164 -0.67 7.95 -20.94
CA GLN A 164 -0.26 8.14 -22.35
C GLN A 164 1.09 8.86 -22.40
N ASN A 165 2.12 8.20 -22.85
CA ASN A 165 3.47 8.85 -22.90
C ASN A 165 4.31 8.19 -24.00
N PRO A 166 4.05 8.49 -25.25
CA PRO A 166 4.83 7.89 -26.37
C PRO A 166 6.14 8.65 -26.64
N VAL A 167 6.88 8.93 -25.60
CA VAL A 167 8.17 9.67 -25.76
C VAL A 167 9.31 8.69 -26.05
N GLN A 168 10.12 8.97 -27.05
CA GLN A 168 11.25 8.05 -27.38
C GLN A 168 12.30 8.14 -26.26
N PRO A 169 13.03 7.08 -25.96
CA PRO A 169 14.06 7.14 -24.89
C PRO A 169 14.95 8.39 -25.00
ZN ZN B . -7.79 -5.23 2.09
ZN ZN C . -1.68 -0.61 13.76
CA CA D . -1.10 -11.36 12.55
N1 CGS E . -7.19 -8.23 6.23
CC CGS E . -8.28 -9.14 5.69
CA CGS E . -7.25 -6.73 6.22
S4 CGS E . -5.56 -8.92 6.27
C5 CGS E . -9.65 -9.20 6.36
CD CGS E . -9.82 -9.81 7.67
CE CGS E . -11.12 -9.88 8.32
CZ CGS E . -12.24 -9.31 7.61
N11 CGS E . -12.10 -8.73 6.37
CY CGS E . -10.84 -8.67 5.76
C17 CGS E . -4.82 -8.85 4.65
CE2 CGS E . -5.05 -9.90 3.67
CD2 CGS E . -4.43 -9.82 2.35
C20 CGS E . -3.57 -8.69 1.98
CD1 CGS E . -3.35 -7.65 2.99
CE1 CGS E . -3.97 -7.73 4.30
O27 CGS E . -2.97 -8.61 0.71
COM CGS E . -1.69 -9.23 0.56
O32 CGS E . -5.78 -10.28 6.66
O33 CGS E . -4.86 -8.04 7.16
C34 CGS E . -7.23 -6.20 4.77
N35 CGS E . -6.12 -5.56 4.40
CB CGS E . -8.24 -5.97 7.16
CG2 CGS E . -7.73 -4.61 7.64
CG1 CGS E . -8.60 -6.76 8.41
O47 CGS E . -8.16 -6.34 3.98
O48 CGS E . -6.01 -5.06 3.13
HC1 CGS E . -8.43 -8.87 4.65
HC2 CGS E . -7.87 -10.14 5.66
HA CGS E . -6.28 -6.44 6.63
HD CGS E . -8.97 -10.24 8.19
HE CGS E . -11.26 -10.34 9.29
HZ CGS E . -13.23 -9.33 8.03
HY CGS E . -10.79 -8.21 4.81
HE2 CGS E . -5.68 -10.73 3.92
HD2 CGS E . -4.62 -10.62 1.64
HD1 CGS E . -2.73 -6.79 2.77
HE1 CGS E . -3.80 -6.95 5.03
HOM1 CGS E . -1.37 -9.70 1.49
HOM2 CGS E . -1.71 -10.00 -0.21
HOM3 CGS E . -0.93 -8.50 0.28
H49 CGS E . -5.39 -5.49 5.10
HB CGS E . -9.17 -5.78 6.63
HG21 CGS E . -6.71 -4.69 8.03
HG22 CGS E . -8.36 -4.22 8.43
HG23 CGS E . -7.72 -3.89 6.83
HG11 CGS E . -8.51 -7.83 8.23
HG12 CGS E . -9.62 -6.56 8.71
HG13 CGS E . -7.94 -6.50 9.24
H50 CGS E . -5.23 -4.48 3.02
N VAL A 1 -13.52 21.38 3.06
CA VAL A 1 -12.66 20.54 2.17
C VAL A 1 -13.17 19.09 2.18
N LEU A 2 -14.41 18.88 2.56
CA LEU A 2 -14.96 17.49 2.59
C LEU A 2 -15.75 17.24 1.30
N THR A 3 -15.38 16.23 0.56
CA THR A 3 -16.09 15.91 -0.71
C THR A 3 -17.19 14.88 -0.47
N GLU A 4 -18.26 14.97 -1.21
CA GLU A 4 -19.38 13.99 -1.04
C GLU A 4 -18.97 12.64 -1.63
N GLY A 5 -19.32 11.56 -0.96
CA GLY A 5 -18.95 10.21 -1.47
C GLY A 5 -17.59 9.79 -0.91
N ASN A 6 -16.82 9.05 -1.66
CA ASN A 6 -15.49 8.60 -1.17
C ASN A 6 -14.45 9.73 -1.45
N PRO A 7 -13.76 10.26 -0.45
CA PRO A 7 -12.77 11.35 -0.71
C PRO A 7 -11.53 10.84 -1.46
N ARG A 8 -11.43 11.17 -2.72
CA ARG A 8 -10.26 10.72 -3.53
C ARG A 8 -9.19 11.82 -3.47
N TRP A 9 -7.96 11.50 -3.79
CA TRP A 9 -6.90 12.54 -3.76
C TRP A 9 -6.94 13.31 -5.08
N GLU A 10 -7.17 14.60 -5.02
CA GLU A 10 -7.24 15.41 -6.28
C GLU A 10 -5.82 15.76 -6.72
N GLN A 11 -4.85 15.53 -5.89
CA GLN A 11 -3.45 15.87 -6.27
C GLN A 11 -2.89 14.76 -7.17
N THR A 12 -2.07 15.12 -8.13
CA THR A 12 -1.48 14.09 -9.05
C THR A 12 -0.11 13.69 -8.50
N HIS A 13 0.35 14.40 -7.51
CA HIS A 13 1.68 14.09 -6.88
C HIS A 13 1.47 13.85 -5.39
N LEU A 14 1.81 12.68 -4.91
CA LEU A 14 1.63 12.36 -3.47
C LEU A 14 2.99 12.14 -2.82
N THR A 15 3.05 12.14 -1.52
CA THR A 15 4.35 11.93 -0.80
C THR A 15 4.14 10.84 0.25
N TYR A 16 5.18 10.16 0.64
CA TYR A 16 5.03 9.09 1.67
C TYR A 16 6.28 9.07 2.56
N ARG A 17 6.18 8.52 3.74
CA ARG A 17 7.36 8.52 4.66
C ARG A 17 7.35 7.27 5.55
N ILE A 18 8.46 6.58 5.63
CA ILE A 18 8.54 5.38 6.50
C ILE A 18 8.94 5.85 7.90
N GLU A 19 8.10 5.67 8.89
CA GLU A 19 8.44 6.15 10.25
C GLU A 19 9.67 5.42 10.77
N ASN A 20 9.76 4.13 10.58
CA ASN A 20 10.95 3.39 11.09
C ASN A 20 11.06 2.03 10.40
N TYR A 21 12.23 1.44 10.43
CA TYR A 21 12.43 0.10 9.79
C TYR A 21 12.38 -0.98 10.86
N THR A 22 11.71 -2.07 10.59
CA THR A 22 11.64 -3.16 11.59
C THR A 22 12.99 -3.91 11.62
N PRO A 23 13.46 -4.35 12.77
CA PRO A 23 14.77 -5.08 12.82
C PRO A 23 14.73 -6.38 11.99
N ASP A 24 13.57 -6.78 11.57
CA ASP A 24 13.46 -8.03 10.77
C ASP A 24 14.30 -7.91 9.49
N LEU A 25 14.28 -6.75 8.87
CA LEU A 25 15.07 -6.56 7.61
C LEU A 25 15.72 -5.15 7.66
N PRO A 26 16.86 -4.94 7.01
CA PRO A 26 17.49 -3.60 7.03
C PRO A 26 16.62 -2.54 6.35
N ARG A 27 17.14 -1.36 6.14
CA ARG A 27 16.34 -0.29 5.48
C ARG A 27 16.50 -0.38 3.97
N ALA A 28 17.67 -0.74 3.51
CA ALA A 28 17.89 -0.86 2.04
C ALA A 28 16.93 -1.90 1.44
N ASP A 29 16.76 -3.00 2.11
CA ASP A 29 15.86 -4.06 1.57
C ASP A 29 14.41 -3.58 1.66
N VAL A 30 14.05 -2.91 2.72
CA VAL A 30 12.65 -2.44 2.86
C VAL A 30 12.38 -1.32 1.86
N ASP A 31 13.30 -0.40 1.69
CA ASP A 31 13.07 0.69 0.71
C ASP A 31 12.87 0.09 -0.68
N HIS A 32 13.63 -0.91 -1.01
CA HIS A 32 13.49 -1.54 -2.36
C HIS A 32 12.07 -2.08 -2.51
N ALA A 33 11.60 -2.84 -1.56
CA ALA A 33 10.21 -3.41 -1.65
C ALA A 33 9.19 -2.26 -1.74
N ILE A 34 9.39 -1.23 -0.98
CA ILE A 34 8.43 -0.08 -1.00
C ILE A 34 8.55 0.67 -2.33
N GLU A 35 9.74 0.85 -2.83
CA GLU A 35 9.89 1.61 -4.10
C GLU A 35 9.24 0.82 -5.25
N LYS A 36 9.40 -0.47 -5.29
CA LYS A 36 8.77 -1.27 -6.39
C LYS A 36 7.25 -1.14 -6.31
N ALA A 37 6.69 -1.16 -5.14
CA ALA A 37 5.21 -1.06 -5.02
C ALA A 37 4.73 0.27 -5.62
N PHE A 38 5.29 1.38 -5.20
CA PHE A 38 4.85 2.68 -5.77
C PHE A 38 5.15 2.71 -7.27
N GLN A 39 6.30 2.23 -7.68
CA GLN A 39 6.64 2.23 -9.13
C GLN A 39 5.62 1.41 -9.91
N LEU A 40 5.23 0.27 -9.40
CA LEU A 40 4.24 -0.57 -10.15
C LEU A 40 2.94 0.23 -10.35
N TRP A 41 2.50 0.94 -9.36
CA TRP A 41 1.23 1.72 -9.52
C TRP A 41 1.49 2.92 -10.43
N SER A 42 2.62 3.57 -10.27
CA SER A 42 2.93 4.77 -11.11
C SER A 42 3.20 4.34 -12.56
N ASN A 43 3.77 3.18 -12.76
CA ASN A 43 4.07 2.73 -14.15
C ASN A 43 2.78 2.67 -14.99
N VAL A 44 1.65 2.48 -14.35
CA VAL A 44 0.35 2.38 -15.12
C VAL A 44 -0.51 3.62 -14.85
N THR A 45 0.00 4.61 -14.18
CA THR A 45 -0.81 5.84 -13.92
C THR A 45 0.11 7.09 -13.93
N PRO A 46 -0.41 8.25 -14.30
CA PRO A 46 0.43 9.49 -14.30
C PRO A 46 0.78 9.94 -12.87
N LEU A 47 0.36 9.18 -11.89
CA LEU A 47 0.64 9.56 -10.47
C LEU A 47 2.13 9.38 -10.16
N THR A 48 2.63 10.16 -9.24
CA THR A 48 4.08 10.05 -8.85
C THR A 48 4.18 10.13 -7.33
N PHE A 49 5.12 9.44 -6.74
CA PHE A 49 5.27 9.47 -5.24
C PHE A 49 6.66 9.98 -4.86
N THR A 50 6.72 11.06 -4.12
CA THR A 50 8.03 11.63 -3.69
C THR A 50 8.38 11.15 -2.28
N LYS A 51 9.59 10.69 -2.08
CA LYS A 51 10.00 10.22 -0.72
C LYS A 51 10.36 11.45 0.13
N VAL A 52 9.79 11.56 1.31
CA VAL A 52 10.11 12.72 2.20
C VAL A 52 10.52 12.18 3.57
N SER A 53 11.63 12.63 4.09
CA SER A 53 12.10 12.15 5.43
C SER A 53 11.73 13.18 6.51
N GLU A 54 11.09 14.26 6.12
CA GLU A 54 10.73 15.31 7.12
C GLU A 54 9.37 15.91 6.75
N GLY A 55 8.70 16.51 7.70
CA GLY A 55 7.38 17.12 7.40
C GLY A 55 6.30 16.03 7.36
N GLN A 56 5.05 16.42 7.30
CA GLN A 56 3.96 15.41 7.25
C GLN A 56 3.78 14.93 5.79
N ALA A 57 3.74 13.64 5.59
CA ALA A 57 3.58 13.10 4.20
C ALA A 57 2.11 12.75 3.96
N ASP A 58 1.69 12.75 2.72
CA ASP A 58 0.26 12.41 2.42
C ASP A 58 -0.05 11.00 2.91
N ILE A 59 0.87 10.08 2.74
CA ILE A 59 0.63 8.67 3.20
C ILE A 59 1.69 8.32 4.24
N MET A 60 1.25 7.97 5.43
CA MET A 60 2.21 7.62 6.52
C MET A 60 2.33 6.11 6.64
N ILE A 61 3.54 5.60 6.62
CA ILE A 61 3.75 4.13 6.75
C ILE A 61 4.46 3.85 8.08
N SER A 62 3.92 2.97 8.90
CA SER A 62 4.57 2.68 10.20
C SER A 62 4.33 1.22 10.61
N PHE A 63 5.16 0.70 11.46
CA PHE A 63 5.01 -0.71 11.93
C PHE A 63 4.53 -0.68 13.39
N VAL A 64 3.58 -1.52 13.74
CA VAL A 64 3.04 -1.51 15.14
C VAL A 64 3.00 -2.93 15.74
N ARG A 65 2.94 -3.02 17.05
CA ARG A 65 2.88 -4.35 17.73
C ARG A 65 1.77 -4.32 18.79
N GLY A 66 1.07 -5.40 18.95
CA GLY A 66 -0.03 -5.45 19.97
C GLY A 66 -0.90 -4.19 19.88
N ASP A 67 -1.42 -3.75 21.00
CA ASP A 67 -2.29 -2.53 20.99
C ASP A 67 -1.43 -1.29 20.71
N HIS A 68 -1.82 -0.49 19.75
CA HIS A 68 -1.04 0.75 19.42
C HIS A 68 -2.00 1.92 19.22
N ARG A 69 -2.77 2.25 20.22
CA ARG A 69 -3.74 3.39 20.10
C ARG A 69 -4.66 3.19 18.89
N ASP A 70 -5.30 2.06 18.80
CA ASP A 70 -6.23 1.81 17.65
C ASP A 70 -7.44 1.00 18.14
N ASN A 71 -8.52 1.00 17.40
CA ASN A 71 -9.73 0.23 17.84
C ASN A 71 -9.71 -1.16 17.22
N SER A 72 -8.60 -1.57 16.66
CA SER A 72 -8.50 -2.93 16.05
C SER A 72 -7.15 -3.56 16.39
N PRO A 73 -6.92 -3.91 17.63
CA PRO A 73 -5.63 -4.54 18.04
C PRO A 73 -5.47 -5.96 17.48
N PHE A 74 -4.27 -6.37 17.19
CA PHE A 74 -4.03 -7.74 16.66
C PHE A 74 -4.17 -8.74 17.80
N ASP A 75 -4.59 -9.95 17.51
CA ASP A 75 -4.75 -10.99 18.58
C ASP A 75 -3.95 -12.24 18.19
N GLY A 76 -2.65 -12.17 18.29
CA GLY A 76 -1.80 -13.36 17.96
C GLY A 76 -1.41 -13.32 16.47
N PRO A 77 -0.47 -14.15 16.06
CA PRO A 77 -0.03 -14.17 14.64
C PRO A 77 -1.20 -14.40 13.68
N GLY A 78 -2.32 -14.85 14.19
CA GLY A 78 -3.51 -15.08 13.31
C GLY A 78 -4.36 -13.82 13.27
N GLY A 79 -5.41 -13.81 12.49
CA GLY A 79 -6.27 -12.59 12.41
C GLY A 79 -5.84 -11.72 11.23
N ASN A 80 -6.05 -10.43 11.32
CA ASN A 80 -5.65 -9.53 10.20
C ASN A 80 -4.14 -9.34 10.21
N LEU A 81 -3.52 -9.31 9.06
CA LEU A 81 -2.03 -9.13 9.00
C LEU A 81 -1.69 -7.65 8.84
N ALA A 82 -2.61 -6.85 8.38
CA ALA A 82 -2.31 -5.40 8.20
C ALA A 82 -3.60 -4.63 7.94
N HIS A 83 -3.59 -3.34 8.15
CA HIS A 83 -4.82 -2.54 7.90
C HIS A 83 -4.45 -1.06 7.72
N ALA A 84 -5.43 -0.22 7.51
CA ALA A 84 -5.13 1.23 7.32
C ALA A 84 -6.42 2.04 7.50
N PHE A 85 -6.30 3.34 7.61
CA PHE A 85 -7.52 4.20 7.78
C PHE A 85 -7.96 4.70 6.40
N GLN A 86 -9.24 4.91 6.23
CA GLN A 86 -9.73 5.40 4.91
C GLN A 86 -9.08 6.76 4.59
N PRO A 87 -8.87 7.07 3.34
CA PRO A 87 -8.24 8.38 2.98
C PRO A 87 -8.88 9.55 3.75
N GLY A 88 -8.12 10.21 4.58
CA GLY A 88 -8.68 11.35 5.34
C GLY A 88 -7.54 12.14 6.00
N PRO A 89 -7.82 13.26 6.61
CA PRO A 89 -6.76 14.06 7.27
C PRO A 89 -6.28 13.40 8.56
N GLY A 90 -5.26 13.93 9.17
CA GLY A 90 -4.75 13.34 10.45
C GLY A 90 -4.23 11.92 10.20
N ILE A 91 -4.79 10.95 10.86
CA ILE A 91 -4.32 9.56 10.68
C ILE A 91 -4.93 8.95 9.42
N GLY A 92 -5.85 9.63 8.79
CA GLY A 92 -6.46 9.09 7.55
C GLY A 92 -5.37 8.81 6.51
N GLY A 93 -5.42 7.66 5.88
CA GLY A 93 -4.39 7.32 4.85
C GLY A 93 -3.20 6.62 5.51
N ASP A 94 -3.13 6.64 6.81
CA ASP A 94 -1.99 5.97 7.51
C ASP A 94 -2.07 4.45 7.32
N ALA A 95 -1.02 3.84 6.82
CA ALA A 95 -1.03 2.37 6.61
C ALA A 95 -0.27 1.69 7.75
N HIS A 96 -0.89 0.74 8.41
CA HIS A 96 -0.21 0.03 9.54
C HIS A 96 0.14 -1.40 9.11
N PHE A 97 1.33 -1.85 9.45
CA PHE A 97 1.76 -3.24 9.08
C PHE A 97 2.00 -4.05 10.36
N ASP A 98 1.45 -5.23 10.44
CA ASP A 98 1.65 -6.06 11.66
C ASP A 98 3.12 -6.47 11.77
N GLU A 99 3.78 -6.12 12.85
CA GLU A 99 5.23 -6.47 13.02
C GLU A 99 5.37 -7.70 13.93
N ASP A 100 4.28 -8.27 14.33
CA ASP A 100 4.37 -9.47 15.23
C ASP A 100 4.83 -10.67 14.40
N GLU A 101 4.70 -10.59 13.10
CA GLU A 101 5.12 -11.73 12.22
C GLU A 101 6.47 -11.39 11.59
N ARG A 102 7.20 -12.38 11.15
CA ARG A 102 8.54 -12.11 10.54
C ARG A 102 8.37 -11.83 9.04
N TRP A 103 8.86 -10.70 8.58
CA TRP A 103 8.73 -10.35 7.14
C TRP A 103 9.94 -10.88 6.36
N THR A 104 9.72 -11.26 5.12
CA THR A 104 10.86 -11.79 4.28
C THR A 104 10.89 -11.07 2.93
N ASN A 105 12.02 -11.08 2.27
CA ASN A 105 12.15 -10.41 0.94
C ASN A 105 12.28 -11.48 -0.14
N ASN A 106 11.69 -12.62 0.07
CA ASN A 106 11.79 -13.72 -0.94
C ASN A 106 10.47 -14.51 -0.97
N PHE A 107 10.49 -15.71 -1.48
CA PHE A 107 9.23 -16.52 -1.56
C PHE A 107 9.02 -17.31 -0.27
N ARG A 108 9.72 -16.98 0.78
CA ARG A 108 9.53 -17.75 2.05
C ARG A 108 8.23 -17.33 2.73
N GLU A 109 8.07 -17.75 3.96
CA GLU A 109 6.84 -17.44 4.80
C GLU A 109 5.85 -16.50 4.09
N TYR A 110 6.04 -15.21 4.23
CA TYR A 110 5.08 -14.23 3.59
C TYR A 110 5.86 -13.15 2.85
N ASN A 111 5.27 -12.59 1.81
CA ASN A 111 5.97 -11.52 1.04
C ASN A 111 5.47 -10.15 1.51
N LEU A 112 6.34 -9.36 2.08
CA LEU A 112 5.91 -8.01 2.56
C LEU A 112 5.50 -7.14 1.36
N HIS A 113 6.22 -7.23 0.27
CA HIS A 113 5.87 -6.39 -0.90
C HIS A 113 4.43 -6.70 -1.34
N ARG A 114 4.05 -7.95 -1.36
CA ARG A 114 2.65 -8.28 -1.78
C ARG A 114 1.67 -7.60 -0.82
N VAL A 115 1.98 -7.57 0.44
CA VAL A 115 1.07 -6.92 1.42
C VAL A 115 1.04 -5.41 1.18
N ALA A 116 2.18 -4.82 0.90
CA ALA A 116 2.21 -3.36 0.66
C ALA A 116 1.34 -3.03 -0.56
N ALA A 117 1.39 -3.86 -1.58
CA ALA A 117 0.55 -3.57 -2.77
C ALA A 117 -0.91 -3.55 -2.36
N HIS A 118 -1.31 -4.45 -1.49
CA HIS A 118 -2.74 -4.47 -1.03
C HIS A 118 -3.00 -3.24 -0.14
N GLU A 119 -2.15 -2.99 0.83
CA GLU A 119 -2.38 -1.80 1.72
C GLU A 119 -2.39 -0.52 0.90
N LEU A 120 -1.49 -0.39 -0.05
CA LEU A 120 -1.47 0.86 -0.88
C LEU A 120 -2.79 0.94 -1.64
N GLY A 121 -3.28 -0.17 -2.14
CA GLY A 121 -4.56 -0.14 -2.90
C GLY A 121 -5.68 0.47 -2.03
N HIS A 122 -5.73 0.13 -0.78
CA HIS A 122 -6.78 0.70 0.11
C HIS A 122 -6.53 2.20 0.26
N SER A 123 -5.29 2.62 0.33
CA SER A 123 -5.01 4.07 0.46
C SER A 123 -5.37 4.76 -0.86
N LEU A 124 -5.43 4.02 -1.92
CA LEU A 124 -5.80 4.63 -3.24
C LEU A 124 -7.32 4.63 -3.38
N GLY A 125 -8.02 4.13 -2.41
CA GLY A 125 -9.52 4.12 -2.48
C GLY A 125 -10.02 2.86 -3.18
N LEU A 126 -9.17 1.90 -3.40
CA LEU A 126 -9.63 0.65 -4.08
C LEU A 126 -10.29 -0.27 -3.05
N SER A 127 -11.47 -0.73 -3.33
CA SER A 127 -12.18 -1.64 -2.37
C SER A 127 -11.78 -3.09 -2.64
N HIS A 128 -12.16 -3.98 -1.77
CA HIS A 128 -11.79 -5.42 -1.98
C HIS A 128 -12.52 -5.94 -3.22
N SER A 129 -11.97 -6.96 -3.83
CA SER A 129 -12.60 -7.54 -5.06
C SER A 129 -12.82 -9.05 -4.84
N THR A 130 -13.78 -9.62 -5.52
CA THR A 130 -14.05 -11.09 -5.35
C THR A 130 -13.41 -11.86 -6.51
N ASP A 131 -12.61 -11.20 -7.30
CA ASP A 131 -11.94 -11.90 -8.44
C ASP A 131 -10.70 -12.63 -7.93
N ILE A 132 -10.59 -13.90 -8.22
CA ILE A 132 -9.40 -14.67 -7.74
C ILE A 132 -8.10 -14.06 -8.26
N GLY A 133 -8.08 -13.63 -9.49
CA GLY A 133 -6.82 -13.06 -10.06
C GLY A 133 -6.55 -11.64 -9.52
N ALA A 134 -7.44 -11.11 -8.71
CA ALA A 134 -7.20 -9.74 -8.17
C ALA A 134 -6.28 -9.84 -6.95
N LEU A 135 -5.37 -8.91 -6.80
CA LEU A 135 -4.44 -8.94 -5.63
C LEU A 135 -5.24 -8.64 -4.36
N MET A 136 -6.30 -7.89 -4.47
CA MET A 136 -7.08 -7.55 -3.25
C MET A 136 -7.88 -8.78 -2.79
N TYR A 137 -7.22 -9.90 -2.62
CA TYR A 137 -7.93 -11.12 -2.17
C TYR A 137 -8.35 -10.97 -0.69
N PRO A 138 -9.55 -11.37 -0.29
CA PRO A 138 -9.97 -11.24 1.14
C PRO A 138 -8.96 -11.88 2.11
N SER A 139 -7.91 -12.48 1.59
CA SER A 139 -6.92 -13.13 2.51
C SER A 139 -5.58 -13.33 1.79
N TYR A 140 -4.59 -13.79 2.50
CA TYR A 140 -3.24 -14.00 1.87
C TYR A 140 -3.19 -15.40 1.26
N THR A 141 -2.63 -15.51 0.07
CA THR A 141 -2.53 -16.84 -0.59
C THR A 141 -1.24 -16.90 -1.42
N PHE A 142 -0.79 -18.09 -1.72
CA PHE A 142 0.47 -18.23 -2.52
C PHE A 142 0.24 -17.66 -3.92
N SER A 143 1.20 -16.97 -4.47
CA SER A 143 1.05 -16.38 -5.84
C SER A 143 2.34 -16.55 -6.63
N GLY A 144 2.24 -16.78 -7.91
CA GLY A 144 3.46 -16.96 -8.75
C GLY A 144 4.28 -15.68 -8.74
N ASP A 145 4.40 -15.02 -9.86
CA ASP A 145 5.21 -13.75 -9.91
C ASP A 145 4.34 -12.60 -9.41
N VAL A 146 4.95 -11.57 -8.90
CA VAL A 146 4.15 -10.40 -8.39
C VAL A 146 3.92 -9.39 -9.51
N GLN A 147 2.70 -9.31 -9.99
CA GLN A 147 2.37 -8.33 -11.07
C GLN A 147 0.94 -7.86 -10.88
N LEU A 148 0.58 -6.70 -11.39
CA LEU A 148 -0.81 -6.23 -11.20
C LEU A 148 -1.73 -7.00 -12.14
N ALA A 149 -2.95 -7.24 -11.73
CA ALA A 149 -3.90 -7.97 -12.62
C ALA A 149 -4.68 -6.95 -13.44
N GLN A 150 -5.15 -7.34 -14.60
CA GLN A 150 -5.90 -6.38 -15.45
C GLN A 150 -7.10 -5.82 -14.69
N ASP A 151 -7.77 -6.64 -13.92
CA ASP A 151 -8.93 -6.14 -13.16
C ASP A 151 -8.49 -4.91 -12.33
N ASP A 152 -7.32 -4.97 -11.75
CA ASP A 152 -6.83 -3.80 -10.96
C ASP A 152 -6.45 -2.66 -11.90
N ILE A 153 -5.84 -2.97 -13.02
CA ILE A 153 -5.45 -1.89 -13.96
C ILE A 153 -6.71 -1.14 -14.43
N ASP A 154 -7.73 -1.85 -14.82
CA ASP A 154 -8.97 -1.15 -15.27
C ASP A 154 -9.56 -0.30 -14.14
N GLY A 155 -9.53 -0.80 -12.94
CA GLY A 155 -10.11 -0.04 -11.80
C GLY A 155 -9.32 1.25 -11.53
N ILE A 156 -8.02 1.15 -11.38
CA ILE A 156 -7.23 2.38 -11.09
C ILE A 156 -7.27 3.31 -12.30
N GLN A 157 -7.19 2.78 -13.50
CA GLN A 157 -7.23 3.64 -14.70
C GLN A 157 -8.61 4.31 -14.82
N ALA A 158 -9.66 3.59 -14.53
CA ALA A 158 -11.01 4.20 -14.63
C ALA A 158 -11.12 5.40 -13.69
N ILE A 159 -10.63 5.29 -12.49
CA ILE A 159 -10.71 6.43 -11.54
C ILE A 159 -9.97 7.65 -12.11
N TYR A 160 -8.75 7.47 -12.55
CA TYR A 160 -7.98 8.62 -13.13
C TYR A 160 -8.08 8.58 -14.66
N GLY A 161 -7.51 7.56 -15.25
CA GLY A 161 -7.56 7.44 -16.74
C GLY A 161 -6.39 6.56 -17.20
N ARG A 162 -6.14 6.49 -18.48
CA ARG A 162 -5.01 5.66 -18.99
C ARG A 162 -3.75 6.50 -19.07
N SER A 163 -2.60 5.94 -18.75
CA SER A 163 -1.35 6.73 -18.82
C SER A 163 -0.97 6.94 -20.28
N GLN A 164 -1.62 7.87 -20.94
CA GLN A 164 -1.31 8.14 -22.37
C GLN A 164 -0.43 9.38 -22.47
N ASN A 165 0.78 9.22 -22.96
CA ASN A 165 1.70 10.38 -23.10
C ASN A 165 2.72 10.06 -24.21
N PRO A 166 3.10 11.00 -25.05
CA PRO A 166 4.10 10.70 -26.12
C PRO A 166 5.54 10.72 -25.59
N VAL A 167 5.75 10.15 -24.43
CA VAL A 167 7.11 10.11 -23.84
C VAL A 167 7.84 8.84 -24.28
N GLN A 168 8.95 8.99 -24.94
CA GLN A 168 9.72 7.79 -25.39
C GLN A 168 10.33 7.10 -24.17
N PRO A 169 10.52 5.80 -24.18
CA PRO A 169 11.10 5.10 -23.00
C PRO A 169 12.31 5.86 -22.41
ZN ZN B . -7.67 -5.40 2.02
ZN ZN C . -2.52 -0.35 13.38
CA CA D . -1.77 -11.27 12.92
N1 CGS E . -6.69 -8.84 5.80
CC CGS E . -7.64 -9.85 5.20
CA CGS E . -6.88 -7.35 5.71
S4 CGS E . -4.98 -9.36 5.86
C5 CGS E . -8.58 -10.65 6.10
CD CGS E . -8.07 -11.46 7.18
CE CGS E . -8.97 -12.22 8.04
CZ CGS E . -10.37 -12.13 7.78
N11 CGS E . -10.88 -11.36 6.75
CY CGS E . -10.01 -10.64 5.93
C17 CGS E . -4.26 -9.24 4.23
CE2 CGS E . -4.47 -10.29 3.25
CD2 CGS E . -3.90 -10.18 1.91
C20 CGS E . -3.12 -8.99 1.53
CD1 CGS E . -2.93 -7.94 2.54
CE1 CGS E . -3.49 -8.07 3.87
O27 CGS E . -2.57 -8.87 0.24
COM CGS E . -1.28 -9.44 0.02
O32 CGS E . -5.06 -10.72 6.27
O33 CGS E . -4.37 -8.39 6.72
C34 CGS E . -6.78 -6.87 4.25
N35 CGS E . -5.71 -6.13 3.96
CB CGS E . -8.00 -6.60 6.50
CG2 CGS E . -7.46 -5.71 7.62
CG1 CGS E . -9.04 -7.52 7.13
O47 CGS E . -7.61 -7.13 3.39
O48 CGS E . -5.53 -5.66 2.67
HC1 CGS E . -8.23 -9.32 4.45
HC2 CGS E . -7.04 -10.56 4.63
HA CGS E . -5.97 -6.94 6.18
HD CGS E . -7.01 -11.51 7.36
HE CGS E . -8.58 -12.83 8.85
HZ CGS E . -11.09 -12.67 8.37
HY CGS E . -10.45 -10.05 5.15
HE2 CGS E . -5.03 -11.17 3.52
HD2 CGS E . -4.07 -10.97 1.20
HD1 CGS E . -2.36 -7.04 2.31
HE1 CGS E . -3.35 -7.29 4.61
HOM1 CGS E . -0.85 -9.78 0.96
HOM2 CGS E . -1.35 -10.29 -0.65
HOM3 CGS E . -0.60 -8.72 -0.43
H49 CGS E . -5.06 -5.95 4.71
HB CGS E . -8.53 -5.95 5.82
HG21 CGS E . -6.41 -5.91 7.80
HG22 CGS E . -8.01 -5.89 8.54
HG23 CGS E . -7.56 -4.66 7.36
HG11 CGS E . -9.65 -7.98 6.38
HG12 CGS E . -9.68 -6.95 7.80
HG13 CGS E . -8.56 -8.30 7.71
H50 CGS E . -6.36 -5.67 2.16
N VAL A 1 -20.89 16.53 4.21
CA VAL A 1 -20.86 15.59 3.05
C VAL A 1 -20.26 16.31 1.83
N LEU A 2 -18.98 16.54 1.83
CA LEU A 2 -18.35 17.23 0.67
C LEU A 2 -18.57 16.40 -0.59
N THR A 3 -18.37 15.11 -0.49
CA THR A 3 -18.55 14.22 -1.68
C THR A 3 -19.10 12.87 -1.22
N GLU A 4 -18.83 11.83 -1.94
CA GLU A 4 -19.33 10.49 -1.54
C GLU A 4 -18.54 10.00 -0.32
N GLY A 5 -19.08 9.06 0.42
CA GLY A 5 -18.36 8.55 1.62
C GLY A 5 -17.07 7.85 1.20
N ASN A 6 -16.68 7.98 -0.04
CA ASN A 6 -15.42 7.32 -0.52
C ASN A 6 -14.77 8.23 -1.57
N PRO A 7 -14.19 9.34 -1.16
CA PRO A 7 -13.55 10.28 -2.12
C PRO A 7 -12.27 9.70 -2.75
N ARG A 8 -11.55 10.51 -3.46
CA ARG A 8 -10.29 10.04 -4.12
C ARG A 8 -9.24 11.16 -4.03
N TRP A 9 -8.02 10.87 -4.37
CA TRP A 9 -6.96 11.93 -4.30
C TRP A 9 -7.07 12.81 -5.55
N GLU A 10 -7.30 14.08 -5.36
CA GLU A 10 -7.42 15.01 -6.53
C GLU A 10 -6.03 15.42 -7.00
N GLN A 11 -5.02 15.11 -6.24
CA GLN A 11 -3.64 15.49 -6.65
C GLN A 11 -3.11 14.48 -7.67
N THR A 12 -2.27 14.91 -8.58
CA THR A 12 -1.72 13.96 -9.59
C THR A 12 -0.35 13.46 -9.10
N HIS A 13 0.13 14.03 -8.02
CA HIS A 13 1.45 13.60 -7.46
C HIS A 13 1.27 13.33 -5.97
N LEU A 14 1.77 12.22 -5.49
CA LEU A 14 1.62 11.88 -4.04
C LEU A 14 3.00 11.70 -3.41
N THR A 15 3.10 11.88 -2.12
CA THR A 15 4.41 11.72 -1.41
C THR A 15 4.23 10.72 -0.27
N TYR A 16 5.28 10.05 0.12
CA TYR A 16 5.15 9.04 1.22
C TYR A 16 6.43 9.04 2.05
N ARG A 17 6.38 8.53 3.25
CA ARG A 17 7.60 8.52 4.10
C ARG A 17 7.53 7.35 5.10
N ILE A 18 8.59 6.60 5.21
CA ILE A 18 8.59 5.44 6.17
C ILE A 18 9.02 5.96 7.55
N GLU A 19 8.16 5.81 8.53
CA GLU A 19 8.50 6.31 9.90
C GLU A 19 9.69 5.55 10.48
N ASN A 20 9.77 4.27 10.26
CA ASN A 20 10.92 3.49 10.82
C ASN A 20 11.05 2.17 10.07
N TYR A 21 12.25 1.65 9.96
CA TYR A 21 12.47 0.36 9.24
C TYR A 21 12.47 -0.79 10.24
N THR A 22 11.87 -1.90 9.88
CA THR A 22 11.83 -3.07 10.81
C THR A 22 13.25 -3.69 10.92
N PRO A 23 13.70 -4.07 12.11
CA PRO A 23 15.05 -4.68 12.23
C PRO A 23 15.13 -6.05 11.53
N ASP A 24 14.00 -6.62 11.19
CA ASP A 24 14.00 -7.94 10.50
C ASP A 24 14.76 -7.83 9.19
N LEU A 25 14.58 -6.74 8.47
CA LEU A 25 15.29 -6.54 7.17
C LEU A 25 15.84 -5.11 7.13
N PRO A 26 16.96 -4.86 6.46
CA PRO A 26 17.52 -3.48 6.40
C PRO A 26 16.56 -2.50 5.71
N ARG A 27 16.99 -1.29 5.50
CA ARG A 27 16.11 -0.28 4.82
C ARG A 27 16.27 -0.37 3.31
N ALA A 28 17.47 -0.63 2.83
CA ALA A 28 17.67 -0.73 1.37
C ALA A 28 16.74 -1.81 0.81
N ASP A 29 16.59 -2.90 1.51
CA ASP A 29 15.69 -3.99 1.03
C ASP A 29 14.24 -3.52 1.14
N VAL A 30 13.89 -2.83 2.19
CA VAL A 30 12.48 -2.37 2.36
C VAL A 30 12.19 -1.30 1.31
N ASP A 31 13.10 -0.37 1.12
CA ASP A 31 12.86 0.69 0.11
C ASP A 31 12.68 0.05 -1.27
N HIS A 32 13.46 -0.96 -1.57
CA HIS A 32 13.33 -1.62 -2.89
C HIS A 32 11.92 -2.19 -3.05
N ALA A 33 11.45 -2.92 -2.07
CA ALA A 33 10.08 -3.50 -2.15
C ALA A 33 9.02 -2.39 -2.25
N ILE A 34 9.12 -1.38 -1.43
CA ILE A 34 8.11 -0.29 -1.45
C ILE A 34 8.27 0.54 -2.74
N GLU A 35 9.48 0.77 -3.18
CA GLU A 35 9.67 1.59 -4.41
C GLU A 35 9.06 0.85 -5.62
N LYS A 36 9.25 -0.43 -5.71
CA LYS A 36 8.66 -1.18 -6.87
C LYS A 36 7.13 -1.13 -6.81
N ALA A 37 6.56 -1.19 -5.64
CA ALA A 37 5.08 -1.15 -5.55
C ALA A 37 4.56 0.15 -6.15
N PHE A 38 5.13 1.27 -5.78
CA PHE A 38 4.67 2.55 -6.37
C PHE A 38 4.91 2.53 -7.88
N GLN A 39 6.03 2.03 -8.30
CA GLN A 39 6.32 1.98 -9.77
C GLN A 39 5.26 1.14 -10.48
N LEU A 40 4.86 0.04 -9.90
CA LEU A 40 3.81 -0.79 -10.57
C LEU A 40 2.53 0.02 -10.75
N TRP A 41 2.16 0.79 -9.75
CA TRP A 41 0.91 1.60 -9.89
C TRP A 41 1.17 2.80 -10.82
N SER A 42 2.31 3.43 -10.69
CA SER A 42 2.63 4.60 -11.56
C SER A 42 2.84 4.15 -13.02
N ASN A 43 3.42 3.00 -13.21
CA ASN A 43 3.67 2.51 -14.59
C ASN A 43 2.38 2.44 -15.40
N VAL A 44 1.27 2.18 -14.75
CA VAL A 44 -0.04 2.06 -15.47
C VAL A 44 -0.93 3.27 -15.14
N THR A 45 -0.40 4.26 -14.46
CA THR A 45 -1.21 5.47 -14.12
C THR A 45 -0.33 6.73 -14.27
N PRO A 46 -0.87 7.85 -14.72
CA PRO A 46 -0.05 9.09 -14.86
C PRO A 46 0.34 9.65 -13.48
N LEU A 47 -0.03 8.96 -12.43
CA LEU A 47 0.31 9.46 -11.06
C LEU A 47 1.82 9.30 -10.82
N THR A 48 2.37 10.11 -9.96
CA THR A 48 3.83 10.03 -9.65
C THR A 48 4.01 9.99 -8.13
N PHE A 49 4.96 9.24 -7.65
CA PHE A 49 5.21 9.15 -6.17
C PHE A 49 6.62 9.64 -5.87
N THR A 50 6.83 10.17 -4.69
CA THR A 50 8.19 10.66 -4.33
C THR A 50 8.37 10.61 -2.81
N LYS A 51 9.46 10.07 -2.37
CA LYS A 51 9.71 9.98 -0.89
C LYS A 51 10.15 11.35 -0.36
N VAL A 52 9.75 11.67 0.84
CA VAL A 52 10.13 12.99 1.45
C VAL A 52 10.86 12.74 2.77
N SER A 53 11.94 13.44 3.00
CA SER A 53 12.73 13.24 4.26
C SER A 53 12.30 14.26 5.32
N GLU A 54 11.47 15.21 4.96
CA GLU A 54 11.04 16.23 5.95
C GLU A 54 9.63 16.71 5.60
N GLY A 55 8.95 17.28 6.56
CA GLY A 55 7.57 17.78 6.29
C GLY A 55 6.57 16.63 6.44
N GLN A 56 5.31 16.91 6.32
CA GLN A 56 4.29 15.83 6.45
C GLN A 56 4.13 15.10 5.12
N ALA A 57 4.01 13.80 5.16
CA ALA A 57 3.85 13.01 3.89
C ALA A 57 2.38 12.66 3.70
N ASP A 58 1.90 12.66 2.49
CA ASP A 58 0.47 12.33 2.25
C ASP A 58 0.18 10.92 2.77
N ILE A 59 1.10 10.00 2.56
CA ILE A 59 0.90 8.60 3.05
C ILE A 59 2.02 8.24 4.01
N MET A 60 1.69 7.93 5.25
CA MET A 60 2.75 7.54 6.24
C MET A 60 2.75 6.02 6.43
N ILE A 61 3.91 5.43 6.40
CA ILE A 61 4.02 3.94 6.59
C ILE A 61 4.83 3.68 7.85
N SER A 62 4.32 2.87 8.74
CA SER A 62 5.07 2.57 10.00
C SER A 62 4.78 1.15 10.45
N PHE A 63 5.71 0.55 11.16
CA PHE A 63 5.51 -0.84 11.65
C PHE A 63 5.13 -0.77 13.14
N VAL A 64 4.18 -1.57 13.57
CA VAL A 64 3.74 -1.54 15.00
C VAL A 64 3.56 -2.96 15.54
N ARG A 65 3.49 -3.09 16.85
CA ARG A 65 3.30 -4.43 17.48
C ARG A 65 2.32 -4.32 18.65
N GLY A 66 1.49 -5.31 18.83
CA GLY A 66 0.51 -5.28 19.96
C GLY A 66 -0.19 -3.92 20.03
N ASP A 67 -0.44 -3.45 21.21
CA ASP A 67 -1.13 -2.13 21.37
C ASP A 67 -0.19 -1.01 20.93
N HIS A 68 -0.63 -0.16 20.03
CA HIS A 68 0.22 0.97 19.54
C HIS A 68 -0.63 2.24 19.47
N ARG A 69 -1.14 2.69 20.59
CA ARG A 69 -1.98 3.92 20.60
C ARG A 69 -3.15 3.74 19.62
N ASP A 70 -3.85 2.64 19.73
CA ASP A 70 -5.01 2.37 18.83
C ASP A 70 -6.11 1.68 19.63
N ASN A 71 -7.35 1.92 19.30
CA ASN A 71 -8.46 1.28 20.05
C ASN A 71 -8.79 -0.07 19.40
N SER A 72 -7.97 -0.50 18.49
CA SER A 72 -8.20 -1.82 17.81
C SER A 72 -6.87 -2.58 17.70
N PRO A 73 -6.38 -3.11 18.81
CA PRO A 73 -5.09 -3.85 18.80
C PRO A 73 -5.19 -5.19 18.05
N PHE A 74 -4.07 -5.78 17.75
CA PHE A 74 -4.10 -7.08 17.01
C PHE A 74 -4.45 -8.21 17.98
N ASP A 75 -5.10 -9.24 17.49
CA ASP A 75 -5.47 -10.38 18.38
C ASP A 75 -4.51 -11.54 18.14
N GLY A 76 -3.26 -11.35 18.48
CA GLY A 76 -2.25 -12.44 18.28
C GLY A 76 -1.67 -12.34 16.87
N PRO A 77 -0.62 -13.09 16.58
CA PRO A 77 0.00 -13.05 15.23
C PRO A 77 -1.00 -13.43 14.13
N GLY A 78 -2.11 -14.03 14.49
CA GLY A 78 -3.12 -14.42 13.47
C GLY A 78 -4.13 -13.27 13.31
N GLY A 79 -5.14 -13.48 12.51
CA GLY A 79 -6.17 -12.40 12.32
C GLY A 79 -5.72 -11.43 11.23
N ASN A 80 -5.93 -10.17 11.44
CA ASN A 80 -5.53 -9.15 10.44
C ASN A 80 -4.01 -8.98 10.45
N LEU A 81 -3.36 -9.17 9.32
CA LEU A 81 -1.87 -9.02 9.29
C LEU A 81 -1.49 -7.57 9.00
N ALA A 82 -2.42 -6.76 8.57
CA ALA A 82 -2.09 -5.33 8.27
C ALA A 82 -3.38 -4.54 8.04
N HIS A 83 -3.33 -3.24 8.19
CA HIS A 83 -4.55 -2.43 7.98
C HIS A 83 -4.16 -0.96 7.79
N ALA A 84 -5.12 -0.09 7.59
CA ALA A 84 -4.80 1.34 7.39
C ALA A 84 -6.04 2.20 7.61
N PHE A 85 -5.91 3.50 7.49
CA PHE A 85 -7.07 4.42 7.70
C PHE A 85 -7.59 4.92 6.35
N GLN A 86 -8.82 5.34 6.29
CA GLN A 86 -9.38 5.84 5.00
C GLN A 86 -8.55 7.04 4.52
N PRO A 87 -8.43 7.26 3.23
CA PRO A 87 -7.63 8.42 2.72
C PRO A 87 -8.14 9.76 3.26
N GLY A 88 -7.44 10.33 4.21
CA GLY A 88 -7.87 11.63 4.78
C GLY A 88 -6.65 12.31 5.44
N PRO A 89 -6.76 13.56 5.79
CA PRO A 89 -5.62 14.28 6.44
C PRO A 89 -5.33 13.74 7.83
N GLY A 90 -4.38 14.31 8.52
CA GLY A 90 -4.05 13.84 9.89
C GLY A 90 -3.58 12.38 9.85
N ILE A 91 -4.23 11.52 10.58
CA ILE A 91 -3.83 10.08 10.60
C ILE A 91 -4.37 9.37 9.35
N GLY A 92 -5.27 9.99 8.65
CA GLY A 92 -5.83 9.35 7.42
C GLY A 92 -4.70 9.09 6.41
N GLY A 93 -4.78 8.00 5.70
CA GLY A 93 -3.72 7.68 4.69
C GLY A 93 -2.60 6.88 5.35
N ASP A 94 -2.53 6.89 6.66
CA ASP A 94 -1.46 6.14 7.37
C ASP A 94 -1.67 4.64 7.15
N ALA A 95 -0.64 3.86 7.29
CA ALA A 95 -0.77 2.38 7.09
C ALA A 95 0.08 1.65 8.13
N HIS A 96 -0.53 0.77 8.89
CA HIS A 96 0.23 0.02 9.94
C HIS A 96 0.53 -1.40 9.44
N PHE A 97 1.73 -1.87 9.65
CA PHE A 97 2.11 -3.25 9.20
C PHE A 97 2.39 -4.12 10.43
N ASP A 98 1.80 -5.27 10.50
CA ASP A 98 2.04 -6.16 11.66
C ASP A 98 3.50 -6.63 11.64
N GLU A 99 4.26 -6.28 12.66
CA GLU A 99 5.70 -6.70 12.69
C GLU A 99 5.83 -7.95 13.57
N ASP A 100 4.74 -8.45 14.08
CA ASP A 100 4.82 -9.67 14.93
C ASP A 100 5.08 -10.88 14.03
N GLU A 101 4.85 -10.73 12.75
CA GLU A 101 5.11 -11.85 11.79
C GLU A 101 6.48 -11.61 11.15
N ARG A 102 7.10 -12.63 10.62
CA ARG A 102 8.44 -12.43 9.99
C ARG A 102 8.24 -11.99 8.53
N TRP A 103 8.75 -10.85 8.18
CA TRP A 103 8.59 -10.34 6.78
C TRP A 103 9.78 -10.83 5.93
N THR A 104 9.51 -11.22 4.71
CA THR A 104 10.61 -11.70 3.80
C THR A 104 10.60 -10.91 2.50
N ASN A 105 11.62 -11.07 1.69
CA ASN A 105 11.70 -10.34 0.38
C ASN A 105 11.59 -11.35 -0.77
N ASN A 106 10.91 -12.44 -0.54
CA ASN A 106 10.76 -13.47 -1.62
C ASN A 106 9.41 -14.19 -1.48
N PHE A 107 9.26 -15.32 -2.11
CA PHE A 107 7.95 -16.06 -2.03
C PHE A 107 7.92 -16.98 -0.82
N ARG A 108 8.65 -16.64 0.22
CA ARG A 108 8.65 -17.50 1.43
C ARG A 108 7.35 -17.29 2.23
N GLU A 109 7.36 -17.60 3.49
CA GLU A 109 6.15 -17.47 4.35
C GLU A 109 5.26 -16.30 3.90
N TYR A 110 5.76 -15.08 3.97
CA TYR A 110 4.93 -13.90 3.55
C TYR A 110 5.77 -12.94 2.71
N ASN A 111 5.18 -12.37 1.70
CA ASN A 111 5.91 -11.41 0.82
C ASN A 111 5.57 -9.98 1.25
N LEU A 112 6.54 -9.24 1.71
CA LEU A 112 6.27 -7.84 2.15
C LEU A 112 5.70 -7.02 0.99
N HIS A 113 6.27 -7.14 -0.17
CA HIS A 113 5.79 -6.34 -1.33
C HIS A 113 4.32 -6.66 -1.62
N ARG A 114 3.93 -7.90 -1.55
CA ARG A 114 2.51 -8.26 -1.84
C ARG A 114 1.58 -7.53 -0.87
N VAL A 115 1.91 -7.49 0.38
CA VAL A 115 1.03 -6.79 1.36
C VAL A 115 1.10 -5.28 1.10
N ALA A 116 2.26 -4.78 0.82
CA ALA A 116 2.39 -3.32 0.54
C ALA A 116 1.50 -2.96 -0.65
N ALA A 117 1.46 -3.77 -1.66
CA ALA A 117 0.59 -3.47 -2.83
C ALA A 117 -0.87 -3.41 -2.38
N HIS A 118 -1.27 -4.29 -1.51
CA HIS A 118 -2.68 -4.29 -1.02
C HIS A 118 -2.91 -3.03 -0.17
N GLU A 119 -2.02 -2.76 0.75
CA GLU A 119 -2.21 -1.56 1.61
C GLU A 119 -2.24 -0.31 0.72
N LEU A 120 -1.39 -0.23 -0.25
CA LEU A 120 -1.37 0.96 -1.14
C LEU A 120 -2.70 1.03 -1.91
N GLY A 121 -3.20 -0.09 -2.35
CA GLY A 121 -4.49 -0.07 -3.10
C GLY A 121 -5.57 0.60 -2.25
N HIS A 122 -5.57 0.32 -0.97
CA HIS A 122 -6.58 0.96 -0.08
C HIS A 122 -6.36 2.47 -0.07
N SER A 123 -5.12 2.88 -0.11
CA SER A 123 -4.83 4.35 -0.11
C SER A 123 -5.30 4.95 -1.44
N LEU A 124 -5.34 4.16 -2.48
CA LEU A 124 -5.80 4.70 -3.80
C LEU A 124 -7.33 4.68 -3.81
N GLY A 125 -7.93 4.17 -2.76
CA GLY A 125 -9.42 4.13 -2.70
C GLY A 125 -9.94 2.83 -3.31
N LEU A 126 -9.08 1.90 -3.59
CA LEU A 126 -9.55 0.60 -4.19
C LEU A 126 -10.10 -0.29 -3.07
N SER A 127 -11.30 -0.76 -3.23
CA SER A 127 -11.92 -1.64 -2.19
C SER A 127 -11.55 -3.10 -2.46
N HIS A 128 -11.91 -3.98 -1.57
CA HIS A 128 -11.58 -5.42 -1.76
C HIS A 128 -12.37 -5.97 -2.96
N SER A 129 -11.90 -7.04 -3.56
CA SER A 129 -12.60 -7.63 -4.74
C SER A 129 -12.76 -9.13 -4.56
N THR A 130 -13.68 -9.74 -5.27
CA THR A 130 -13.92 -11.21 -5.14
C THR A 130 -13.26 -11.95 -6.32
N ASP A 131 -12.45 -11.29 -7.08
CA ASP A 131 -11.80 -11.97 -8.24
C ASP A 131 -10.61 -12.80 -7.76
N ILE A 132 -10.51 -14.02 -8.20
CA ILE A 132 -9.40 -14.91 -7.76
C ILE A 132 -8.04 -14.33 -8.15
N GLY A 133 -7.92 -13.75 -9.31
CA GLY A 133 -6.60 -13.19 -9.74
C GLY A 133 -6.37 -11.79 -9.16
N ALA A 134 -7.27 -11.29 -8.34
CA ALA A 134 -7.07 -9.93 -7.77
C ALA A 134 -6.14 -10.01 -6.55
N LEU A 135 -5.21 -9.10 -6.45
CA LEU A 135 -4.27 -9.09 -5.29
C LEU A 135 -5.03 -8.70 -4.02
N MET A 136 -6.06 -7.92 -4.15
CA MET A 136 -6.82 -7.48 -2.96
C MET A 136 -7.62 -8.66 -2.42
N TYR A 137 -6.98 -9.78 -2.20
CA TYR A 137 -7.69 -10.97 -1.68
C TYR A 137 -8.08 -10.69 -0.21
N PRO A 138 -9.28 -11.03 0.23
CA PRO A 138 -9.66 -10.76 1.66
C PRO A 138 -8.81 -11.59 2.64
N SER A 139 -7.77 -12.22 2.14
CA SER A 139 -6.90 -13.04 3.02
C SER A 139 -5.55 -13.25 2.33
N TYR A 140 -4.61 -13.87 2.97
CA TYR A 140 -3.28 -14.07 2.33
C TYR A 140 -3.31 -15.35 1.49
N THR A 141 -3.07 -15.22 0.20
CA THR A 141 -3.08 -16.41 -0.69
C THR A 141 -2.10 -16.16 -1.86
N PHE A 142 -1.73 -17.21 -2.56
CA PHE A 142 -0.80 -17.05 -3.71
C PHE A 142 -1.33 -17.85 -4.91
N SER A 143 -1.05 -17.40 -6.10
CA SER A 143 -1.53 -18.13 -7.31
C SER A 143 -0.51 -17.98 -8.44
N GLY A 144 0.54 -17.25 -8.20
CA GLY A 144 1.57 -17.05 -9.26
C GLY A 144 2.53 -15.94 -8.84
N ASP A 145 3.06 -15.22 -9.79
CA ASP A 145 4.01 -14.11 -9.45
C ASP A 145 3.20 -12.89 -9.02
N VAL A 146 3.84 -11.92 -8.40
CA VAL A 146 3.10 -10.71 -7.95
C VAL A 146 2.99 -9.71 -9.11
N GLN A 147 1.81 -9.54 -9.65
CA GLN A 147 1.62 -8.59 -10.78
C GLN A 147 0.24 -7.94 -10.63
N LEU A 148 0.02 -6.81 -11.26
CA LEU A 148 -1.32 -6.15 -11.13
C LEU A 148 -2.36 -6.95 -11.92
N ALA A 149 -3.58 -6.96 -11.45
CA ALA A 149 -4.65 -7.71 -12.17
C ALA A 149 -5.35 -6.77 -13.15
N GLN A 150 -5.84 -7.28 -14.24
CA GLN A 150 -6.54 -6.38 -15.21
C GLN A 150 -7.67 -5.67 -14.48
N ASP A 151 -8.35 -6.36 -13.62
CA ASP A 151 -9.45 -5.72 -12.86
C ASP A 151 -8.88 -4.47 -12.17
N ASP A 152 -7.69 -4.58 -11.64
CA ASP A 152 -7.07 -3.41 -10.95
C ASP A 152 -6.62 -2.38 -12.00
N ILE A 153 -6.08 -2.83 -13.10
CA ILE A 153 -5.63 -1.87 -14.14
C ILE A 153 -6.84 -1.10 -14.67
N ASP A 154 -7.87 -1.78 -15.07
CA ASP A 154 -9.09 -1.11 -15.61
C ASP A 154 -9.74 -0.22 -14.54
N GLY A 155 -9.79 -0.69 -13.31
CA GLY A 155 -10.44 0.12 -12.24
C GLY A 155 -9.66 1.39 -11.94
N ILE A 156 -8.38 1.29 -11.71
CA ILE A 156 -7.58 2.51 -11.39
C ILE A 156 -7.46 3.40 -12.63
N GLN A 157 -7.26 2.82 -13.78
CA GLN A 157 -7.13 3.64 -15.01
C GLN A 157 -8.46 4.32 -15.35
N ALA A 158 -9.55 3.64 -15.19
CA ALA A 158 -10.87 4.27 -15.49
C ALA A 158 -11.04 5.50 -14.60
N ILE A 159 -10.74 5.38 -13.35
CA ILE A 159 -10.88 6.54 -12.42
C ILE A 159 -9.99 7.69 -12.90
N TYR A 160 -8.75 7.41 -13.17
CA TYR A 160 -7.81 8.47 -13.64
C TYR A 160 -7.73 8.43 -15.16
N GLY A 161 -7.05 7.45 -15.70
CA GLY A 161 -6.93 7.35 -17.18
C GLY A 161 -5.71 6.49 -17.54
N ARG A 162 -5.36 6.45 -18.78
CA ARG A 162 -4.17 5.64 -19.20
C ARG A 162 -2.91 6.46 -19.04
N SER A 163 -1.77 5.83 -18.90
CA SER A 163 -0.51 6.59 -18.73
C SER A 163 -0.13 7.24 -20.06
N GLN A 164 -0.66 8.40 -20.32
CA GLN A 164 -0.35 9.12 -21.60
C GLN A 164 0.81 10.08 -21.37
N ASN A 165 1.74 9.71 -20.54
CA ASN A 165 2.91 10.59 -20.24
C ASN A 165 4.15 9.70 -19.99
N PRO A 166 5.16 9.72 -20.86
CA PRO A 166 6.35 8.85 -20.62
C PRO A 166 7.28 9.43 -19.56
N VAL A 167 7.76 8.60 -18.67
CA VAL A 167 8.68 9.07 -17.60
C VAL A 167 10.12 9.07 -18.11
N GLN A 168 10.92 10.01 -17.66
CA GLN A 168 12.34 10.09 -18.10
C GLN A 168 13.25 10.09 -16.86
N PRO A 169 13.50 8.93 -16.26
CA PRO A 169 14.35 8.87 -15.05
C PRO A 169 15.83 9.15 -15.37
ZN ZN B . -7.39 -5.13 2.42
ZN ZN C . -2.27 -0.40 13.66
CA CA D . -1.70 -10.35 13.28
N1 CGS E . -6.77 -8.70 6.00
CC CGS E . -7.80 -9.69 5.53
CA CGS E . -6.87 -7.22 5.80
S4 CGS E . -5.13 -9.33 6.28
C5 CGS E . -8.81 -10.23 6.53
CD CGS E . -8.40 -10.80 7.80
CE CGS E . -9.35 -11.32 8.75
CZ CGS E . -10.74 -11.25 8.40
N11 CGS E . -11.17 -10.71 7.20
CY CGS E . -10.24 -10.21 6.29
C17 CGS E . -4.20 -9.39 4.76
CE2 CGS E . -4.22 -10.57 3.92
CD2 CGS E . -3.42 -10.62 2.72
C20 CGS E . -2.58 -9.48 2.31
CD1 CGS E . -2.58 -8.30 3.18
CE1 CGS E . -3.39 -8.26 4.38
O27 CGS E . -1.80 -9.53 1.15
COM CGS E . -2.44 -9.17 -0.08
O32 CGS E . -5.35 -10.65 6.78
O33 CGS E . -4.56 -8.35 7.15
C34 CGS E . -6.65 -6.86 4.31
N35 CGS E . -5.52 -6.22 4.05
CB CGS E . -8.03 -6.40 6.46
CG2 CGS E . -7.63 -4.99 6.89
CG1 CGS E . -8.61 -7.09 7.69
O47 CGS E . -7.44 -7.15 3.42
O48 CGS E . -5.23 -5.85 2.75
HC1 CGS E . -8.34 -9.23 4.71
HC2 CGS E . -7.27 -10.53 5.09
HA CGS E . -5.99 -6.83 6.31
HD CGS E . -7.35 -10.86 8.05
HE CGS E . -9.04 -11.75 9.69
HZ CGS E . -11.51 -11.62 9.06
HY CGS E . -10.61 -9.80 5.38
HE2 CGS E . -4.84 -11.41 4.21
HD2 CGS E . -3.45 -11.52 2.11
HD1 CGS E . -1.98 -7.43 2.93
HE1 CGS E . -3.38 -7.38 5.01
HOM1 CGS E . -3.52 -9.15 0.03
HOM2 CGS E . -2.12 -8.19 -0.42
HOM3 CGS E . -2.20 -9.90 -0.87
H49 CGS E . -4.90 -6.01 4.83
HB CGS E . -8.84 -6.29 5.75
HG21 CGS E . -8.42 -4.29 6.69
HG22 CGS E . -6.73 -4.67 6.36
HG23 CGS E . -7.41 -4.97 7.96
HG11 CGS E . -9.66 -7.35 7.53
HG12 CGS E . -8.56 -6.44 8.56
HG13 CGS E . -8.08 -8.01 7.93
H50 CGS E . -4.51 -6.38 2.36
N VAL A 1 -20.63 10.24 4.15
CA VAL A 1 -21.50 11.45 3.97
C VAL A 1 -20.61 12.70 3.90
N LEU A 2 -19.41 12.61 4.40
CA LEU A 2 -18.49 13.79 4.36
C LEU A 2 -18.27 14.18 2.89
N THR A 3 -18.07 13.20 2.04
CA THR A 3 -17.86 13.49 0.59
C THR A 3 -18.54 12.39 -0.23
N GLU A 4 -18.03 12.09 -1.39
CA GLU A 4 -18.66 11.03 -2.22
C GLU A 4 -18.37 9.66 -1.59
N GLY A 5 -19.21 8.70 -1.81
CA GLY A 5 -18.99 7.35 -1.23
C GLY A 5 -17.68 6.75 -1.76
N ASN A 6 -16.91 7.52 -2.48
CA ASN A 6 -15.62 7.00 -3.02
C ASN A 6 -14.61 8.15 -3.04
N PRO A 7 -14.08 8.53 -1.90
CA PRO A 7 -13.09 9.64 -1.86
C PRO A 7 -11.86 9.35 -2.73
N ARG A 8 -11.26 10.36 -3.28
CA ARG A 8 -10.07 10.15 -4.15
C ARG A 8 -9.08 11.29 -3.91
N TRP A 9 -7.84 11.09 -4.26
CA TRP A 9 -6.83 12.16 -4.06
C TRP A 9 -6.91 13.15 -5.23
N GLU A 10 -7.00 14.43 -4.94
CA GLU A 10 -7.09 15.43 -6.04
C GLU A 10 -5.69 15.75 -6.58
N GLN A 11 -4.67 15.34 -5.89
CA GLN A 11 -3.28 15.62 -6.35
C GLN A 11 -2.88 14.59 -7.40
N THR A 12 -2.04 14.95 -8.33
CA THR A 12 -1.59 14.00 -9.38
C THR A 12 -0.24 13.39 -8.97
N HIS A 13 0.32 13.92 -7.91
CA HIS A 13 1.62 13.42 -7.40
C HIS A 13 1.48 13.17 -5.90
N LEU A 14 2.11 12.15 -5.38
CA LEU A 14 1.98 11.84 -3.91
C LEU A 14 3.36 11.55 -3.32
N THR A 15 3.50 11.72 -2.02
CA THR A 15 4.82 11.46 -1.34
C THR A 15 4.59 10.51 -0.17
N TYR A 16 5.59 9.79 0.23
CA TYR A 16 5.43 8.83 1.37
C TYR A 16 6.70 8.84 2.23
N ARG A 17 6.60 8.40 3.46
CA ARG A 17 7.80 8.39 4.34
C ARG A 17 7.71 7.21 5.33
N ILE A 18 8.76 6.44 5.42
CA ILE A 18 8.76 5.30 6.38
C ILE A 18 9.29 5.82 7.72
N GLU A 19 8.50 5.73 8.75
CA GLU A 19 8.94 6.24 10.08
C GLU A 19 10.10 5.39 10.61
N ASN A 20 10.05 4.09 10.43
CA ASN A 20 11.16 3.23 10.95
C ASN A 20 11.19 1.91 10.19
N TYR A 21 12.36 1.33 10.05
CA TYR A 21 12.48 0.02 9.33
C TYR A 21 12.51 -1.11 10.35
N THR A 22 11.78 -2.17 10.12
CA THR A 22 11.77 -3.28 11.10
C THR A 22 13.15 -3.98 11.10
N PRO A 23 13.67 -4.41 12.23
CA PRO A 23 15.00 -5.08 12.25
C PRO A 23 14.96 -6.44 11.54
N ASP A 24 13.78 -6.93 11.25
CA ASP A 24 13.66 -8.25 10.57
C ASP A 24 14.37 -8.22 9.22
N LEU A 25 14.24 -7.12 8.49
CA LEU A 25 14.91 -7.02 7.15
C LEU A 25 15.56 -5.63 7.01
N PRO A 26 16.64 -5.50 6.28
CA PRO A 26 17.29 -4.17 6.12
C PRO A 26 16.33 -3.14 5.50
N ARG A 27 16.78 -1.92 5.30
CA ARG A 27 15.89 -0.88 4.71
C ARG A 27 15.97 -0.96 3.18
N ALA A 28 17.11 -1.32 2.65
CA ALA A 28 17.23 -1.39 1.16
C ALA A 28 16.20 -2.38 0.62
N ASP A 29 16.00 -3.49 1.29
CA ASP A 29 15.01 -4.48 0.82
C ASP A 29 13.60 -3.92 1.01
N VAL A 30 13.36 -3.25 2.09
CA VAL A 30 12.00 -2.68 2.32
C VAL A 30 11.76 -1.54 1.33
N ASP A 31 12.74 -0.70 1.11
CA ASP A 31 12.56 0.41 0.14
C ASP A 31 12.25 -0.17 -1.24
N HIS A 32 12.91 -1.25 -1.60
CA HIS A 32 12.65 -1.87 -2.92
C HIS A 32 11.18 -2.30 -3.01
N ALA A 33 10.71 -2.99 -2.01
CA ALA A 33 9.29 -3.45 -2.02
C ALA A 33 8.36 -2.24 -2.09
N ILE A 34 8.61 -1.24 -1.29
CA ILE A 34 7.74 -0.03 -1.32
C ILE A 34 7.96 0.73 -2.63
N GLU A 35 9.20 0.90 -3.02
CA GLU A 35 9.49 1.64 -4.29
C GLU A 35 9.05 0.80 -5.48
N LYS A 36 9.29 -0.48 -5.44
CA LYS A 36 8.90 -1.36 -6.57
C LYS A 36 7.37 -1.32 -6.73
N ALA A 37 6.66 -1.31 -5.64
CA ALA A 37 5.17 -1.28 -5.72
C ALA A 37 4.72 0.04 -6.37
N PHE A 38 5.28 1.15 -5.97
CA PHE A 38 4.86 2.45 -6.59
C PHE A 38 5.14 2.39 -8.09
N GLN A 39 6.24 1.84 -8.50
CA GLN A 39 6.56 1.78 -9.95
C GLN A 39 5.46 1.00 -10.68
N LEU A 40 5.00 -0.07 -10.10
CA LEU A 40 3.93 -0.86 -10.77
C LEU A 40 2.69 0.01 -10.99
N TRP A 41 2.30 0.79 -10.02
CA TRP A 41 1.09 1.65 -10.17
C TRP A 41 1.39 2.81 -11.12
N SER A 42 2.54 3.41 -10.99
CA SER A 42 2.89 4.57 -11.87
C SER A 42 3.14 4.09 -13.31
N ASN A 43 3.53 2.86 -13.47
CA ASN A 43 3.82 2.35 -14.84
C ASN A 43 2.58 2.43 -15.73
N VAL A 44 1.40 2.21 -15.18
CA VAL A 44 0.15 2.26 -16.02
C VAL A 44 -0.68 3.48 -15.64
N THR A 45 -0.12 4.42 -14.91
CA THR A 45 -0.89 5.66 -14.53
C THR A 45 0.05 6.88 -14.59
N PRO A 46 -0.45 8.05 -14.96
CA PRO A 46 0.44 9.25 -15.00
C PRO A 46 0.79 9.74 -13.59
N LEU A 47 0.40 9.00 -12.60
CA LEU A 47 0.70 9.41 -11.20
C LEU A 47 2.19 9.23 -10.91
N THR A 48 2.72 10.00 -9.99
CA THR A 48 4.17 9.89 -9.63
C THR A 48 4.30 9.79 -8.11
N PHE A 49 5.29 9.09 -7.64
CA PHE A 49 5.50 8.93 -6.17
C PHE A 49 6.93 9.34 -5.84
N THR A 50 7.16 9.86 -4.65
CA THR A 50 8.53 10.29 -4.28
C THR A 50 8.69 10.22 -2.76
N LYS A 51 9.77 9.62 -2.30
CA LYS A 51 9.99 9.52 -0.83
C LYS A 51 10.55 10.86 -0.31
N VAL A 52 10.14 11.26 0.86
CA VAL A 52 10.64 12.54 1.46
C VAL A 52 11.28 12.25 2.81
N SER A 53 12.42 12.82 3.08
CA SER A 53 13.11 12.56 4.39
C SER A 53 12.78 13.68 5.39
N GLU A 54 12.04 14.68 4.96
CA GLU A 54 11.70 15.80 5.89
C GLU A 54 10.27 16.30 5.61
N GLY A 55 9.61 16.84 6.59
CA GLY A 55 8.22 17.35 6.38
C GLY A 55 7.24 16.17 6.40
N GLN A 56 5.97 16.46 6.50
CA GLN A 56 4.96 15.37 6.51
C GLN A 56 4.66 14.92 5.09
N ALA A 57 4.52 13.64 4.86
CA ALA A 57 4.22 13.13 3.50
C ALA A 57 2.73 12.81 3.40
N ASP A 58 2.19 12.74 2.21
CA ASP A 58 0.75 12.44 2.06
C ASP A 58 0.44 11.07 2.69
N ILE A 59 1.32 10.12 2.52
CA ILE A 59 1.10 8.75 3.09
C ILE A 59 2.15 8.46 4.15
N MET A 60 1.73 8.21 5.36
CA MET A 60 2.70 7.90 6.46
C MET A 60 2.75 6.38 6.68
N ILE A 61 3.91 5.79 6.56
CA ILE A 61 4.04 4.31 6.77
C ILE A 61 4.82 4.07 8.06
N SER A 62 4.32 3.23 8.93
CA SER A 62 5.04 2.95 10.21
C SER A 62 4.77 1.52 10.68
N PHE A 63 5.69 0.97 11.43
CA PHE A 63 5.53 -0.42 11.95
C PHE A 63 5.16 -0.34 13.45
N VAL A 64 4.22 -1.16 13.90
CA VAL A 64 3.81 -1.08 15.35
C VAL A 64 3.65 -2.49 15.94
N ARG A 65 3.49 -2.57 17.24
CA ARG A 65 3.33 -3.89 17.93
C ARG A 65 2.16 -3.82 18.93
N GLY A 66 1.43 -4.88 19.06
CA GLY A 66 0.29 -4.91 20.03
C GLY A 66 -0.48 -3.58 20.01
N ASP A 67 -1.00 -3.19 21.15
CA ASP A 67 -1.76 -1.90 21.21
C ASP A 67 -0.80 -0.73 20.98
N HIS A 68 -1.15 0.14 20.07
CA HIS A 68 -0.28 1.32 19.76
C HIS A 68 -1.16 2.56 19.64
N ARG A 69 -1.90 2.88 20.67
CA ARG A 69 -2.80 4.07 20.63
C ARG A 69 -3.76 3.94 19.44
N ASP A 70 -4.42 2.83 19.36
CA ASP A 70 -5.39 2.61 18.24
C ASP A 70 -6.61 1.85 18.76
N ASN A 71 -7.71 1.91 18.06
CA ASN A 71 -8.94 1.20 18.51
C ASN A 71 -8.97 -0.21 17.91
N SER A 72 -7.89 -0.64 17.30
CA SER A 72 -7.87 -2.00 16.69
C SER A 72 -6.53 -2.69 16.99
N PRO A 73 -6.34 -3.13 18.22
CA PRO A 73 -5.08 -3.83 18.60
C PRO A 73 -5.00 -5.23 17.98
N PHE A 74 -3.83 -5.69 17.69
CA PHE A 74 -3.68 -7.04 17.09
C PHE A 74 -3.88 -8.11 18.17
N ASP A 75 -4.57 -9.18 17.86
CA ASP A 75 -4.81 -10.25 18.87
C ASP A 75 -3.83 -11.41 18.62
N GLY A 76 -2.55 -11.14 18.72
CA GLY A 76 -1.55 -12.21 18.49
C GLY A 76 -1.30 -12.37 16.99
N PRO A 77 -0.49 -13.32 16.59
CA PRO A 77 -0.20 -13.53 15.15
C PRO A 77 -1.47 -13.73 14.32
N GLY A 78 -2.58 -13.96 14.98
CA GLY A 78 -3.86 -14.17 14.24
C GLY A 78 -4.57 -12.82 14.06
N GLY A 79 -5.61 -12.80 13.26
CA GLY A 79 -6.35 -11.52 13.05
C GLY A 79 -5.84 -10.82 11.79
N ASN A 80 -5.91 -9.51 11.76
CA ASN A 80 -5.43 -8.75 10.57
C ASN A 80 -3.90 -8.66 10.59
N LEU A 81 -3.28 -8.76 9.44
CA LEU A 81 -1.79 -8.67 9.40
C LEU A 81 -1.38 -7.21 9.21
N ALA A 82 -2.30 -6.38 8.80
CA ALA A 82 -1.98 -4.95 8.61
C ALA A 82 -3.28 -4.17 8.37
N HIS A 83 -3.23 -2.87 8.43
CA HIS A 83 -4.48 -2.09 8.21
C HIS A 83 -4.12 -0.63 7.88
N ALA A 84 -5.11 0.19 7.69
CA ALA A 84 -4.84 1.62 7.34
C ALA A 84 -6.10 2.44 7.55
N PHE A 85 -5.99 3.75 7.48
CA PHE A 85 -7.19 4.62 7.69
C PHE A 85 -7.70 5.12 6.34
N GLN A 86 -8.97 5.43 6.25
CA GLN A 86 -9.54 5.91 4.96
C GLN A 86 -8.83 7.22 4.54
N PRO A 87 -8.73 7.51 3.26
CA PRO A 87 -8.04 8.75 2.81
C PRO A 87 -8.64 10.01 3.45
N GLY A 88 -7.93 10.63 4.35
CA GLY A 88 -8.44 11.86 5.00
C GLY A 88 -7.27 12.63 5.63
N PRO A 89 -7.47 13.87 6.00
CA PRO A 89 -6.37 14.68 6.61
C PRO A 89 -5.98 14.16 8.00
N GLY A 90 -4.83 14.52 8.48
CA GLY A 90 -4.39 14.05 9.82
C GLY A 90 -3.88 12.62 9.74
N ILE A 91 -4.41 11.73 10.55
CA ILE A 91 -3.93 10.32 10.52
C ILE A 91 -4.53 9.60 9.31
N GLY A 92 -5.50 10.19 8.67
CA GLY A 92 -6.13 9.54 7.48
C GLY A 92 -5.07 9.30 6.40
N GLY A 93 -5.15 8.18 5.73
CA GLY A 93 -4.16 7.87 4.65
C GLY A 93 -2.96 7.12 5.23
N ASP A 94 -2.82 7.13 6.53
CA ASP A 94 -1.67 6.42 7.16
C ASP A 94 -1.84 4.91 7.00
N ALA A 95 -0.78 4.15 7.10
CA ALA A 95 -0.88 2.67 6.96
C ALA A 95 0.10 2.00 7.92
N HIS A 96 -0.40 1.14 8.78
CA HIS A 96 0.48 0.46 9.78
C HIS A 96 0.72 -1.00 9.36
N PHE A 97 1.88 -1.53 9.68
CA PHE A 97 2.21 -2.94 9.35
C PHE A 97 2.38 -3.74 10.64
N ASP A 98 1.82 -4.92 10.71
CA ASP A 98 1.97 -5.75 11.94
C ASP A 98 3.44 -6.16 12.05
N GLU A 99 4.11 -5.72 13.09
CA GLU A 99 5.55 -6.06 13.26
C GLU A 99 5.69 -7.28 14.18
N ASP A 100 4.60 -7.81 14.65
CA ASP A 100 4.69 -9.00 15.55
C ASP A 100 5.02 -10.26 14.75
N GLU A 101 4.82 -10.22 13.45
CA GLU A 101 5.12 -11.42 12.60
C GLU A 101 6.46 -11.22 11.88
N ARG A 102 7.07 -12.29 11.43
CA ARG A 102 8.38 -12.16 10.73
C ARG A 102 8.13 -11.95 9.23
N TRP A 103 8.60 -10.85 8.70
CA TRP A 103 8.38 -10.57 7.25
C TRP A 103 9.52 -11.18 6.44
N THR A 104 9.25 -11.60 5.22
CA THR A 104 10.30 -12.21 4.36
C THR A 104 10.38 -11.46 3.02
N ASN A 105 11.48 -11.60 2.33
CA ASN A 105 11.66 -10.91 1.01
C ASN A 105 11.69 -11.96 -0.10
N ASN A 106 10.98 -13.04 0.07
CA ASN A 106 10.98 -14.12 -0.95
C ASN A 106 9.62 -14.82 -0.98
N PHE A 107 9.55 -15.98 -1.60
CA PHE A 107 8.26 -16.71 -1.68
C PHE A 107 8.00 -17.45 -0.37
N ARG A 108 8.47 -16.94 0.72
CA ARG A 108 8.25 -17.63 2.02
C ARG A 108 6.82 -17.39 2.50
N GLU A 109 6.56 -17.66 3.76
CA GLU A 109 5.17 -17.51 4.30
C GLU A 109 4.64 -16.09 4.19
N TYR A 110 5.31 -15.11 4.76
CA TYR A 110 4.79 -13.70 4.71
C TYR A 110 5.59 -12.85 3.73
N ASN A 111 4.93 -12.29 2.75
CA ASN A 111 5.64 -11.41 1.75
C ASN A 111 5.31 -9.95 2.07
N LEU A 112 6.28 -9.18 2.41
CA LEU A 112 6.02 -7.74 2.74
C LEU A 112 5.54 -6.99 1.50
N HIS A 113 6.13 -7.27 0.36
CA HIS A 113 5.72 -6.54 -0.88
C HIS A 113 4.24 -6.79 -1.18
N ARG A 114 3.77 -7.99 -1.00
CA ARG A 114 2.33 -8.27 -1.29
C ARG A 114 1.46 -7.40 -0.38
N VAL A 115 1.84 -7.23 0.85
CA VAL A 115 1.01 -6.39 1.79
C VAL A 115 1.11 -4.93 1.38
N ALA A 116 2.28 -4.48 1.02
CA ALA A 116 2.45 -3.04 0.63
C ALA A 116 1.55 -2.75 -0.58
N ALA A 117 1.54 -3.62 -1.55
CA ALA A 117 0.70 -3.40 -2.75
C ALA A 117 -0.77 -3.32 -2.34
N HIS A 118 -1.19 -4.13 -1.41
CA HIS A 118 -2.61 -4.11 -0.97
C HIS A 118 -2.89 -2.79 -0.22
N GLU A 119 -2.03 -2.41 0.68
CA GLU A 119 -2.27 -1.15 1.44
C GLU A 119 -2.35 0.03 0.47
N LEU A 120 -1.52 0.04 -0.53
CA LEU A 120 -1.57 1.17 -1.50
C LEU A 120 -2.93 1.19 -2.17
N GLY A 121 -3.46 0.05 -2.51
CA GLY A 121 -4.80 0.00 -3.17
C GLY A 121 -5.85 0.67 -2.26
N HIS A 122 -5.79 0.40 -0.98
CA HIS A 122 -6.77 1.04 -0.05
C HIS A 122 -6.52 2.54 -0.05
N SER A 123 -5.30 2.96 -0.12
CA SER A 123 -5.00 4.41 -0.13
C SER A 123 -5.48 5.01 -1.45
N LEU A 124 -5.57 4.20 -2.47
CA LEU A 124 -6.05 4.71 -3.80
C LEU A 124 -7.58 4.65 -3.81
N GLY A 125 -8.18 4.15 -2.77
CA GLY A 125 -9.66 4.07 -2.71
C GLY A 125 -10.17 2.83 -3.44
N LEU A 126 -9.31 1.90 -3.76
CA LEU A 126 -9.77 0.68 -4.48
C LEU A 126 -10.36 -0.30 -3.45
N SER A 127 -11.52 -0.84 -3.73
CA SER A 127 -12.16 -1.79 -2.78
C SER A 127 -11.67 -3.21 -3.04
N HIS A 128 -12.03 -4.14 -2.20
CA HIS A 128 -11.58 -5.54 -2.40
C HIS A 128 -12.25 -6.13 -3.65
N SER A 129 -11.69 -7.17 -4.21
CA SER A 129 -12.27 -7.81 -5.43
C SER A 129 -12.43 -9.31 -5.18
N THR A 130 -13.24 -9.97 -5.98
CA THR A 130 -13.45 -11.44 -5.79
C THR A 130 -12.60 -12.23 -6.79
N ASP A 131 -11.80 -11.56 -7.58
CA ASP A 131 -10.96 -12.28 -8.56
C ASP A 131 -9.69 -12.80 -7.87
N ILE A 132 -9.39 -14.07 -8.03
CA ILE A 132 -8.18 -14.64 -7.37
C ILE A 132 -6.92 -13.91 -7.85
N GLY A 133 -6.91 -13.43 -9.06
CA GLY A 133 -5.69 -12.73 -9.58
C GLY A 133 -5.63 -11.31 -9.02
N ALA A 134 -6.60 -10.91 -8.24
CA ALA A 134 -6.57 -9.53 -7.67
C ALA A 134 -5.68 -9.51 -6.43
N LEU A 135 -4.77 -8.58 -6.35
CA LEU A 135 -3.88 -8.51 -5.16
C LEU A 135 -4.72 -8.11 -3.94
N MET A 136 -5.78 -7.41 -4.16
CA MET A 136 -6.64 -6.97 -3.02
C MET A 136 -7.43 -8.16 -2.50
N TYR A 137 -6.80 -9.31 -2.34
CA TYR A 137 -7.54 -10.49 -1.85
C TYR A 137 -7.90 -10.29 -0.36
N PRO A 138 -9.12 -10.57 0.08
CA PRO A 138 -9.45 -10.38 1.52
C PRO A 138 -8.42 -11.06 2.43
N SER A 139 -8.28 -12.35 2.34
CA SER A 139 -7.30 -13.08 3.19
C SER A 139 -5.90 -12.96 2.54
N TYR A 140 -4.89 -13.46 3.19
CA TYR A 140 -3.51 -13.37 2.62
C TYR A 140 -3.29 -14.55 1.66
N THR A 141 -2.85 -14.27 0.46
CA THR A 141 -2.60 -15.35 -0.53
C THR A 141 -1.46 -14.94 -1.46
N PHE A 142 -1.03 -15.81 -2.34
CA PHE A 142 0.09 -15.48 -3.28
C PHE A 142 -0.32 -15.85 -4.71
N SER A 143 0.19 -15.14 -5.69
CA SER A 143 -0.14 -15.41 -7.12
C SER A 143 1.14 -15.61 -7.91
N GLY A 144 2.21 -15.95 -7.25
CA GLY A 144 3.50 -16.15 -7.97
C GLY A 144 4.21 -14.80 -8.12
N ASP A 145 4.29 -14.28 -9.31
CA ASP A 145 4.96 -12.96 -9.51
C ASP A 145 3.98 -11.84 -9.16
N VAL A 146 4.48 -10.69 -8.79
CA VAL A 146 3.57 -9.56 -8.44
C VAL A 146 3.24 -8.75 -9.69
N GLN A 147 2.02 -8.83 -10.14
CA GLN A 147 1.60 -8.06 -11.35
C GLN A 147 0.19 -7.53 -11.13
N LEU A 148 -0.14 -6.41 -11.72
CA LEU A 148 -1.51 -5.85 -11.53
C LEU A 148 -2.50 -6.67 -12.35
N ALA A 149 -3.71 -6.81 -11.87
CA ALA A 149 -4.73 -7.60 -12.62
C ALA A 149 -5.51 -6.66 -13.54
N GLN A 150 -6.21 -7.20 -14.50
CA GLN A 150 -6.99 -6.33 -15.42
C GLN A 150 -8.01 -5.55 -14.61
N ASP A 151 -8.63 -6.18 -13.65
CA ASP A 151 -9.65 -5.45 -12.83
C ASP A 151 -8.99 -4.25 -12.15
N ASP A 152 -7.79 -4.41 -11.65
CA ASP A 152 -7.11 -3.26 -10.98
C ASP A 152 -6.64 -2.25 -12.03
N ILE A 153 -6.13 -2.72 -13.14
CA ILE A 153 -5.65 -1.80 -14.19
C ILE A 153 -6.84 -1.02 -14.75
N ASP A 154 -7.88 -1.70 -15.17
CA ASP A 154 -9.08 -0.99 -15.71
C ASP A 154 -9.66 -0.07 -14.62
N GLY A 155 -9.68 -0.53 -13.40
CA GLY A 155 -10.25 0.30 -12.30
C GLY A 155 -9.42 1.56 -12.08
N ILE A 156 -8.15 1.42 -11.79
CA ILE A 156 -7.32 2.63 -11.56
C ILE A 156 -7.24 3.47 -12.84
N GLN A 157 -7.13 2.84 -13.98
CA GLN A 157 -7.08 3.61 -15.25
C GLN A 157 -8.42 4.29 -15.51
N ALA A 158 -9.50 3.62 -15.22
CA ALA A 158 -10.83 4.24 -15.46
C ALA A 158 -10.95 5.52 -14.63
N ILE A 159 -10.52 5.48 -13.40
CA ILE A 159 -10.60 6.70 -12.54
C ILE A 159 -9.80 7.83 -13.19
N TYR A 160 -8.57 7.58 -13.56
CA TYR A 160 -7.74 8.64 -14.20
C TYR A 160 -7.78 8.47 -15.71
N GLY A 161 -7.16 7.43 -16.21
CA GLY A 161 -7.15 7.19 -17.68
C GLY A 161 -5.94 6.31 -18.02
N ARG A 162 -5.64 6.16 -19.28
CA ARG A 162 -4.46 5.32 -19.68
C ARG A 162 -3.18 6.16 -19.64
N SER A 163 -2.05 5.51 -19.53
CA SER A 163 -0.78 6.28 -19.49
C SER A 163 -0.47 6.77 -20.91
N GLN A 164 -1.07 7.85 -21.31
CA GLN A 164 -0.82 8.40 -22.67
C GLN A 164 0.48 9.20 -22.64
N ASN A 165 1.44 8.75 -21.86
CA ASN A 165 2.74 9.48 -21.76
C ASN A 165 3.87 8.45 -21.56
N PRO A 166 4.41 7.90 -22.62
CA PRO A 166 5.51 6.90 -22.50
C PRO A 166 6.87 7.57 -22.28
N VAL A 167 7.03 8.27 -21.19
CA VAL A 167 8.32 8.95 -20.91
C VAL A 167 8.52 9.04 -19.39
N GLN A 168 9.68 8.66 -18.92
CA GLN A 168 9.93 8.73 -17.45
C GLN A 168 10.05 10.20 -17.01
N PRO A 169 9.69 10.54 -15.79
CA PRO A 169 9.79 11.95 -15.32
C PRO A 169 11.24 12.47 -15.39
ZN ZN B . -7.73 -5.10 2.28
ZN ZN C . -1.99 0.43 13.65
CA CA D . -1.75 -10.64 13.27
N1 CGS E . -6.63 -8.22 6.33
CC CGS E . -7.63 -9.26 5.88
CA CGS E . -6.79 -6.74 6.16
S4 CGS E . -4.94 -8.77 6.34
C5 CGS E . -8.44 -10.04 6.92
CD CGS E . -7.79 -10.70 8.04
CE CGS E . -8.55 -11.44 9.02
CZ CGS E . -9.98 -11.48 8.87
N11 CGS E . -10.62 -10.85 7.82
CY CGS E . -9.88 -10.15 6.87
C17 CGS E . -4.25 -8.67 4.70
CE2 CGS E . -4.49 -9.70 3.71
CD2 CGS E . -3.94 -9.60 2.36
C20 CGS E . -3.12 -8.44 1.99
CD1 CGS E . -2.88 -7.40 3.00
CE1 CGS E . -3.45 -7.52 4.33
O27 CGS E . -2.58 -8.33 0.69
COM CGS E . -1.29 -8.93 0.48
O32 CGS E . -5.01 -10.13 6.76
O33 CGS E . -4.30 -7.81 7.18
C34 CGS E . -6.81 -6.37 4.66
N35 CGS E . -5.75 -5.70 4.23
CB CGS E . -7.83 -5.92 7.00
CG2 CGS E . -7.18 -5.12 8.12
CG1 CGS E . -8.93 -6.76 7.64
O47 CGS E . -7.72 -6.67 3.89
O48 CGS E . -5.68 -5.32 2.90
HC1 CGS E . -8.33 -8.76 5.21
HC2 CGS E . -7.10 -9.98 5.26
HA CGS E . -5.85 -6.32 6.52
HD CGS E . -6.72 -10.67 8.14
HE CGS E . -8.07 -11.94 9.85
HZ CGS E . -10.60 -12.00 9.56
HY CGS E . -10.41 -9.67 6.08
HE2 CGS E . -5.10 -10.56 3.98
HD2 CGS E . -4.14 -10.39 1.65
HD1 CGS E . -2.29 -6.53 2.76
HE1 CGS E . -3.27 -6.75 5.07
HOM1 CGS E . -0.50 -8.32 0.91
HOM2 CGS E . -1.23 -9.91 0.93
HOM3 CGS E . -1.09 -9.04 -0.59
H49 CGS E . -5.04 -5.48 4.90
HB CGS E . -8.32 -5.20 6.36
HG21 CGS E . -6.19 -4.77 7.83
HG22 CGS E . -7.09 -5.72 9.02
HG23 CGS E . -7.78 -4.25 8.37
HG11 CGS E . -9.72 -6.13 8.03
HG12 CGS E . -8.54 -7.34 8.47
HG13 CGS E . -9.37 -7.44 6.92
H50 CGS E . -5.01 -4.64 2.74
N VAL A 1 -18.68 19.15 2.65
CA VAL A 1 -17.76 18.96 1.51
C VAL A 1 -17.34 17.49 1.45
N LEU A 2 -18.21 16.60 1.78
CA LEU A 2 -17.87 15.14 1.75
C LEU A 2 -18.34 14.54 0.42
N THR A 3 -17.56 13.69 -0.18
CA THR A 3 -17.95 13.08 -1.48
C THR A 3 -18.66 11.74 -1.22
N GLU A 4 -19.42 11.26 -2.16
CA GLU A 4 -20.13 9.96 -1.96
C GLU A 4 -19.10 8.83 -2.01
N GLY A 5 -19.22 7.88 -1.13
CA GLY A 5 -18.24 6.75 -1.13
C GLY A 5 -16.93 7.23 -0.48
N ASN A 6 -15.85 6.55 -0.73
CA ASN A 6 -14.56 6.98 -0.14
C ASN A 6 -13.99 8.16 -0.96
N PRO A 7 -13.26 9.07 -0.34
CA PRO A 7 -12.70 10.23 -1.11
C PRO A 7 -11.60 9.79 -2.08
N ARG A 8 -11.01 10.72 -2.79
CA ARG A 8 -9.92 10.37 -3.74
C ARG A 8 -8.89 11.51 -3.75
N TRP A 9 -7.67 11.23 -4.14
CA TRP A 9 -6.64 12.29 -4.17
C TRP A 9 -6.75 13.05 -5.49
N GLU A 10 -7.00 14.33 -5.42
CA GLU A 10 -7.12 15.14 -6.67
C GLU A 10 -5.73 15.53 -7.16
N GLN A 11 -4.73 15.30 -6.36
CA GLN A 11 -3.33 15.67 -6.77
C GLN A 11 -2.76 14.61 -7.71
N THR A 12 -1.80 14.99 -8.52
CA THR A 12 -1.18 14.02 -9.47
C THR A 12 0.14 13.54 -8.87
N HIS A 13 0.51 14.10 -7.74
CA HIS A 13 1.78 13.70 -7.05
C HIS A 13 1.47 13.40 -5.58
N LEU A 14 2.10 12.39 -5.01
CA LEU A 14 1.83 12.05 -3.58
C LEU A 14 3.18 11.84 -2.87
N THR A 15 3.19 12.01 -1.57
CA THR A 15 4.46 11.83 -0.78
C THR A 15 4.20 10.85 0.37
N TYR A 16 5.22 10.18 0.82
CA TYR A 16 5.04 9.21 1.95
C TYR A 16 6.30 9.20 2.81
N ARG A 17 6.20 8.70 4.02
CA ARG A 17 7.40 8.69 4.91
C ARG A 17 7.35 7.47 5.84
N ILE A 18 8.43 6.72 5.90
CA ILE A 18 8.46 5.53 6.78
C ILE A 18 8.91 5.98 8.17
N GLU A 19 8.10 5.79 9.17
CA GLU A 19 8.50 6.24 10.54
C GLU A 19 9.70 5.44 11.04
N ASN A 20 9.74 4.16 10.80
CA ASN A 20 10.90 3.36 11.28
C ASN A 20 10.97 2.02 10.55
N TYR A 21 12.15 1.44 10.48
CA TYR A 21 12.31 0.13 9.79
C TYR A 21 12.38 -0.98 10.85
N THR A 22 11.70 -2.07 10.63
CA THR A 22 11.72 -3.18 11.63
C THR A 22 13.11 -3.85 11.62
N PRO A 23 13.64 -4.26 12.76
CA PRO A 23 14.99 -4.92 12.78
C PRO A 23 14.98 -6.25 12.01
N ASP A 24 13.82 -6.73 11.64
CA ASP A 24 13.74 -8.01 10.90
C ASP A 24 14.50 -7.89 9.57
N LEU A 25 14.40 -6.77 8.91
CA LEU A 25 15.12 -6.60 7.60
C LEU A 25 15.70 -5.17 7.54
N PRO A 26 16.81 -4.96 6.84
CA PRO A 26 17.40 -3.59 6.74
C PRO A 26 16.46 -2.60 6.05
N ARG A 27 16.89 -1.39 5.87
CA ARG A 27 16.04 -0.36 5.20
C ARG A 27 16.22 -0.46 3.68
N ALA A 28 17.39 -0.80 3.24
CA ALA A 28 17.63 -0.92 1.76
C ALA A 28 16.67 -1.95 1.17
N ASP A 29 16.43 -3.03 1.85
CA ASP A 29 15.51 -4.06 1.32
C ASP A 29 14.05 -3.60 1.45
N VAL A 30 13.71 -2.97 2.55
CA VAL A 30 12.29 -2.53 2.74
C VAL A 30 11.94 -1.36 1.81
N ASP A 31 12.74 -0.33 1.76
CA ASP A 31 12.40 0.81 0.86
C ASP A 31 12.31 0.30 -0.58
N HIS A 32 13.16 -0.60 -0.96
CA HIS A 32 13.10 -1.14 -2.35
C HIS A 32 11.74 -1.81 -2.56
N ALA A 33 11.34 -2.66 -1.64
CA ALA A 33 10.03 -3.35 -1.78
C ALA A 33 8.89 -2.32 -1.82
N ILE A 34 8.89 -1.36 -0.94
CA ILE A 34 7.81 -0.33 -0.93
C ILE A 34 7.96 0.58 -2.16
N GLU A 35 9.16 0.94 -2.50
CA GLU A 35 9.35 1.83 -3.68
C GLU A 35 8.95 1.08 -4.95
N LYS A 36 9.27 -0.17 -5.03
CA LYS A 36 8.90 -0.97 -6.24
C LYS A 36 7.37 -0.97 -6.40
N ALA A 37 6.66 -1.09 -5.32
CA ALA A 37 5.17 -1.10 -5.41
C ALA A 37 4.68 0.22 -6.01
N PHE A 38 5.20 1.33 -5.56
CA PHE A 38 4.75 2.63 -6.14
C PHE A 38 5.06 2.65 -7.64
N GLN A 39 6.19 2.13 -8.01
CA GLN A 39 6.55 2.10 -9.46
C GLN A 39 5.50 1.31 -10.24
N LEU A 40 5.03 0.22 -9.70
CA LEU A 40 4.01 -0.59 -10.44
C LEU A 40 2.76 0.27 -10.69
N TRP A 41 2.33 1.03 -9.73
CA TRP A 41 1.12 1.86 -9.94
C TRP A 41 1.45 3.02 -10.89
N SER A 42 2.60 3.61 -10.73
CA SER A 42 2.99 4.75 -11.62
C SER A 42 3.25 4.25 -13.04
N ASN A 43 3.76 3.06 -13.17
CA ASN A 43 4.06 2.52 -14.53
C ASN A 43 2.79 2.44 -15.39
N VAL A 44 1.63 2.38 -14.78
CA VAL A 44 0.36 2.29 -15.59
C VAL A 44 -0.47 3.57 -15.43
N THR A 45 0.03 4.55 -14.72
CA THR A 45 -0.74 5.82 -14.54
C THR A 45 0.23 7.01 -14.41
N PRO A 46 -0.17 8.21 -14.82
CA PRO A 46 0.74 9.39 -14.70
C PRO A 46 0.99 9.78 -13.23
N LEU A 47 0.55 8.97 -12.31
CA LEU A 47 0.75 9.28 -10.86
C LEU A 47 2.23 9.15 -10.52
N THR A 48 2.70 9.93 -9.56
CA THR A 48 4.15 9.85 -9.16
C THR A 48 4.24 9.90 -7.64
N PHE A 49 5.29 9.34 -7.08
CA PHE A 49 5.44 9.33 -5.59
C PHE A 49 6.83 9.83 -5.21
N THR A 50 6.99 10.28 -3.98
CA THR A 50 8.32 10.79 -3.55
C THR A 50 8.46 10.67 -2.02
N LYS A 51 9.50 10.03 -1.57
CA LYS A 51 9.72 9.87 -0.10
C LYS A 51 10.23 11.18 0.48
N VAL A 52 9.82 11.52 1.68
CA VAL A 52 10.31 12.79 2.32
C VAL A 52 11.03 12.44 3.62
N SER A 53 12.12 13.10 3.92
CA SER A 53 12.88 12.80 5.16
C SER A 53 12.47 13.76 6.28
N GLU A 54 11.74 14.78 5.96
CA GLU A 54 11.30 15.76 7.02
C GLU A 54 9.92 16.33 6.67
N GLY A 55 9.21 16.82 7.64
CA GLY A 55 7.86 17.40 7.38
C GLY A 55 6.82 16.28 7.38
N GLN A 56 5.56 16.62 7.33
CA GLN A 56 4.50 15.57 7.34
C GLN A 56 4.35 15.00 5.93
N ALA A 57 3.71 13.86 5.80
CA ALA A 57 3.53 13.24 4.45
C ALA A 57 2.07 12.83 4.25
N ASP A 58 1.61 12.81 3.03
CA ASP A 58 0.20 12.43 2.76
C ASP A 58 -0.06 11.01 3.27
N ILE A 59 0.89 10.12 3.08
CA ILE A 59 0.72 8.71 3.54
C ILE A 59 1.77 8.40 4.61
N MET A 60 1.34 8.05 5.79
CA MET A 60 2.30 7.72 6.89
C MET A 60 2.41 6.20 7.02
N ILE A 61 3.61 5.67 7.00
CA ILE A 61 3.81 4.19 7.11
C ILE A 61 4.61 3.85 8.37
N SER A 62 4.14 2.94 9.17
CA SER A 62 4.89 2.58 10.41
C SER A 62 4.64 1.10 10.76
N PHE A 63 5.51 0.54 11.56
CA PHE A 63 5.36 -0.89 11.97
C PHE A 63 4.97 -0.94 13.45
N VAL A 64 4.05 -1.81 13.82
CA VAL A 64 3.60 -1.88 15.26
C VAL A 64 3.54 -3.33 15.75
N ARG A 65 3.53 -3.52 17.06
CA ARG A 65 3.46 -4.89 17.65
C ARG A 65 2.34 -4.96 18.69
N GLY A 66 1.65 -6.06 18.76
CA GLY A 66 0.55 -6.22 19.75
C GLY A 66 -0.30 -4.95 19.82
N ASP A 67 -0.76 -4.60 20.99
CA ASP A 67 -1.61 -3.38 21.15
C ASP A 67 -0.74 -2.13 20.96
N HIS A 68 -1.19 -1.20 20.14
CA HIS A 68 -0.41 0.05 19.90
C HIS A 68 -1.34 1.26 19.99
N ARG A 69 -2.05 1.40 21.06
CA ARG A 69 -2.98 2.56 21.21
C ARG A 69 -3.92 2.62 20.01
N ASP A 70 -4.55 1.53 19.69
CA ASP A 70 -5.49 1.50 18.53
C ASP A 70 -6.72 0.66 18.89
N ASN A 71 -7.76 0.75 18.12
CA ASN A 71 -9.00 -0.03 18.44
C ASN A 71 -8.93 -1.41 17.78
N SER A 72 -7.79 -1.77 17.23
CA SER A 72 -7.65 -3.11 16.57
C SER A 72 -6.32 -3.75 17.00
N PRO A 73 -6.21 -4.19 18.23
CA PRO A 73 -4.95 -4.83 18.71
C PRO A 73 -4.66 -6.14 17.97
N PHE A 74 -3.41 -6.40 17.66
CA PHE A 74 -3.07 -7.66 16.95
C PHE A 74 -3.13 -8.83 17.93
N ASP A 75 -3.62 -9.96 17.49
CA ASP A 75 -3.72 -11.16 18.39
C ASP A 75 -2.73 -12.22 17.92
N GLY A 76 -1.47 -12.01 18.19
CA GLY A 76 -0.44 -13.01 17.78
C GLY A 76 -0.41 -13.12 16.25
N PRO A 77 0.43 -13.98 15.72
CA PRO A 77 0.51 -14.16 14.24
C PRO A 77 -0.86 -14.38 13.60
N GLY A 78 -1.84 -14.76 14.39
CA GLY A 78 -3.20 -14.98 13.82
C GLY A 78 -3.91 -13.63 13.67
N GLY A 79 -5.08 -13.64 13.09
CA GLY A 79 -5.82 -12.35 12.90
C GLY A 79 -5.42 -11.73 11.56
N ASN A 80 -5.66 -10.45 11.40
CA ASN A 80 -5.31 -9.78 10.12
C ASN A 80 -3.80 -9.57 10.03
N LEU A 81 -3.28 -9.37 8.84
CA LEU A 81 -1.81 -9.16 8.70
C LEU A 81 -1.49 -7.67 8.72
N ALA A 82 -2.45 -6.84 8.43
CA ALA A 82 -2.18 -5.37 8.44
C ALA A 82 -3.49 -4.61 8.24
N HIS A 83 -3.45 -3.31 8.32
CA HIS A 83 -4.69 -2.51 8.12
C HIS A 83 -4.30 -1.06 7.84
N ALA A 84 -5.26 -0.22 7.55
CA ALA A 84 -4.92 1.20 7.27
C ALA A 84 -6.19 2.05 7.36
N PHE A 85 -6.03 3.34 7.39
CA PHE A 85 -7.22 4.25 7.49
C PHE A 85 -7.53 4.83 6.10
N GLN A 86 -8.78 5.09 5.83
CA GLN A 86 -9.14 5.64 4.49
C GLN A 86 -8.40 6.97 4.29
N PRO A 87 -8.08 7.33 3.05
CA PRO A 87 -7.36 8.62 2.80
C PRO A 87 -8.11 9.83 3.38
N GLY A 88 -7.48 10.55 4.27
CA GLY A 88 -8.15 11.74 4.87
C GLY A 88 -7.17 12.46 5.81
N PRO A 89 -7.57 13.60 6.35
CA PRO A 89 -6.68 14.35 7.28
C PRO A 89 -6.48 13.63 8.61
N GLY A 90 -5.61 14.13 9.44
CA GLY A 90 -5.38 13.48 10.76
C GLY A 90 -4.67 12.14 10.57
N ILE A 91 -5.23 11.09 11.09
CA ILE A 91 -4.61 9.74 10.96
C ILE A 91 -4.90 9.16 9.57
N GLY A 92 -5.77 9.79 8.82
CA GLY A 92 -6.11 9.26 7.47
C GLY A 92 -4.84 9.12 6.63
N GLY A 93 -4.78 8.10 5.81
CA GLY A 93 -3.58 7.88 4.95
C GLY A 93 -2.57 7.02 5.71
N ASP A 94 -2.69 6.92 7.00
CA ASP A 94 -1.73 6.10 7.79
C ASP A 94 -1.91 4.62 7.44
N ALA A 95 -0.87 3.84 7.58
CA ALA A 95 -0.96 2.39 7.27
C ALA A 95 -0.05 1.62 8.22
N HIS A 96 -0.61 0.71 8.98
CA HIS A 96 0.21 -0.08 9.96
C HIS A 96 0.49 -1.48 9.42
N PHE A 97 1.68 -1.98 9.65
CA PHE A 97 2.06 -3.35 9.18
C PHE A 97 2.28 -4.25 10.39
N ASP A 98 1.78 -5.47 10.34
CA ASP A 98 1.98 -6.40 11.48
C ASP A 98 3.45 -6.73 11.60
N GLU A 99 4.06 -6.35 12.69
CA GLU A 99 5.52 -6.60 12.89
C GLU A 99 5.70 -7.85 13.77
N ASP A 100 4.62 -8.45 14.20
CA ASP A 100 4.73 -9.66 15.06
C ASP A 100 5.13 -10.87 14.19
N GLU A 101 4.90 -10.77 12.91
CA GLU A 101 5.27 -11.91 12.00
C GLU A 101 6.62 -11.60 11.35
N ARG A 102 7.29 -12.61 10.86
CA ARG A 102 8.63 -12.37 10.22
C ARG A 102 8.44 -12.02 8.74
N TRP A 103 8.93 -10.89 8.33
CA TRP A 103 8.78 -10.46 6.90
C TRP A 103 9.98 -10.96 6.10
N THR A 104 9.78 -11.23 4.82
CA THR A 104 10.90 -11.72 3.95
C THR A 104 10.99 -10.84 2.70
N ASN A 105 12.11 -10.84 2.04
CA ASN A 105 12.28 -10.01 0.80
C ASN A 105 12.34 -10.93 -0.42
N ASN A 106 11.69 -12.06 -0.38
CA ASN A 106 11.72 -13.00 -1.54
C ASN A 106 10.41 -13.78 -1.61
N PHE A 107 10.37 -14.84 -2.37
CA PHE A 107 9.10 -15.63 -2.50
C PHE A 107 8.92 -16.55 -1.30
N ARG A 108 9.33 -16.14 -0.13
CA ARG A 108 9.16 -17.00 1.07
C ARG A 108 7.71 -16.98 1.55
N GLU A 109 7.47 -17.44 2.74
CA GLU A 109 6.09 -17.50 3.29
C GLU A 109 5.44 -16.11 3.33
N TYR A 110 6.05 -15.16 4.00
CA TYR A 110 5.45 -13.80 4.11
C TYR A 110 6.10 -12.84 3.12
N ASN A 111 5.33 -12.28 2.22
CA ASN A 111 5.89 -11.31 1.22
C ASN A 111 5.51 -9.88 1.63
N LEU A 112 6.45 -9.12 2.10
CA LEU A 112 6.17 -7.73 2.52
C LEU A 112 5.68 -6.91 1.32
N HIS A 113 6.32 -7.05 0.20
CA HIS A 113 5.92 -6.29 -1.01
C HIS A 113 4.47 -6.60 -1.39
N ARG A 114 4.09 -7.85 -1.36
CA ARG A 114 2.71 -8.22 -1.75
C ARG A 114 1.71 -7.52 -0.83
N VAL A 115 1.97 -7.50 0.44
CA VAL A 115 1.03 -6.82 1.38
C VAL A 115 1.10 -5.31 1.15
N ALA A 116 2.27 -4.79 0.94
CA ALA A 116 2.40 -3.32 0.71
C ALA A 116 1.59 -2.91 -0.52
N ALA A 117 1.63 -3.70 -1.55
CA ALA A 117 0.85 -3.36 -2.78
C ALA A 117 -0.65 -3.36 -2.45
N HIS A 118 -1.08 -4.28 -1.63
CA HIS A 118 -2.53 -4.35 -1.28
C HIS A 118 -2.91 -3.13 -0.41
N GLU A 119 -2.13 -2.81 0.58
CA GLU A 119 -2.47 -1.65 1.43
C GLU A 119 -2.54 -0.39 0.57
N LEU A 120 -1.64 -0.24 -0.36
CA LEU A 120 -1.67 0.96 -1.24
C LEU A 120 -3.01 0.99 -1.99
N GLY A 121 -3.47 -0.15 -2.45
CA GLY A 121 -4.76 -0.18 -3.18
C GLY A 121 -5.87 0.44 -2.33
N HIS A 122 -5.89 0.14 -1.05
CA HIS A 122 -6.93 0.73 -0.18
C HIS A 122 -6.72 2.25 -0.11
N SER A 123 -5.49 2.68 -0.06
CA SER A 123 -5.22 4.14 -0.01
C SER A 123 -5.58 4.77 -1.34
N LEU A 124 -5.62 3.99 -2.39
CA LEU A 124 -5.98 4.54 -3.73
C LEU A 124 -7.51 4.52 -3.89
N GLY A 125 -8.20 4.03 -2.89
CA GLY A 125 -9.69 4.00 -2.97
C GLY A 125 -10.15 2.72 -3.67
N LEU A 126 -9.26 1.80 -3.93
CA LEU A 126 -9.68 0.54 -4.61
C LEU A 126 -10.28 -0.40 -3.56
N SER A 127 -11.46 -0.90 -3.80
CA SER A 127 -12.12 -1.82 -2.83
C SER A 127 -11.69 -3.26 -3.12
N HIS A 128 -12.10 -4.19 -2.30
CA HIS A 128 -11.73 -5.61 -2.53
C HIS A 128 -12.40 -6.14 -3.79
N SER A 129 -11.89 -7.21 -4.35
CA SER A 129 -12.47 -7.80 -5.59
C SER A 129 -12.60 -9.31 -5.42
N THR A 130 -13.38 -9.96 -6.25
CA THR A 130 -13.55 -11.44 -6.14
C THR A 130 -12.70 -12.14 -7.20
N ASP A 131 -11.87 -11.39 -7.90
CA ASP A 131 -11.00 -12.02 -8.94
C ASP A 131 -9.78 -12.63 -8.25
N ILE A 132 -9.57 -13.91 -8.42
CA ILE A 132 -8.40 -14.57 -7.77
C ILE A 132 -7.09 -13.92 -8.23
N GLY A 133 -7.05 -13.41 -9.44
CA GLY A 133 -5.78 -12.79 -9.93
C GLY A 133 -5.64 -11.37 -9.39
N ALA A 134 -6.64 -10.87 -8.71
CA ALA A 134 -6.54 -9.48 -8.17
C ALA A 134 -5.80 -9.51 -6.82
N LEU A 135 -4.84 -8.64 -6.64
CA LEU A 135 -4.08 -8.61 -5.36
C LEU A 135 -5.01 -8.13 -4.24
N MET A 136 -6.01 -7.39 -4.60
CA MET A 136 -6.94 -6.86 -3.57
C MET A 136 -7.83 -7.98 -3.04
N TYR A 137 -7.29 -9.15 -2.86
CA TYR A 137 -8.10 -10.29 -2.35
C TYR A 137 -8.45 -10.02 -0.87
N PRO A 138 -9.70 -10.11 -0.44
CA PRO A 138 -10.03 -9.86 0.98
C PRO A 138 -9.07 -10.60 1.92
N SER A 139 -9.14 -11.91 1.95
CA SER A 139 -8.24 -12.68 2.84
C SER A 139 -6.88 -12.85 2.17
N TYR A 140 -5.90 -13.33 2.88
CA TYR A 140 -4.54 -13.51 2.29
C TYR A 140 -4.45 -14.89 1.64
N THR A 141 -3.82 -14.98 0.49
CA THR A 141 -3.71 -16.29 -0.21
C THR A 141 -2.39 -16.34 -0.99
N PHE A 142 -1.93 -17.51 -1.33
CA PHE A 142 -0.65 -17.63 -2.07
C PHE A 142 -0.84 -17.17 -3.52
N SER A 143 0.20 -16.63 -4.12
CA SER A 143 0.08 -16.15 -5.54
C SER A 143 1.45 -16.20 -6.21
N GLY A 144 1.49 -16.22 -7.51
CA GLY A 144 2.79 -16.27 -8.22
C GLY A 144 3.55 -14.95 -8.00
N ASP A 145 3.90 -14.27 -9.06
CA ASP A 145 4.63 -12.98 -8.92
C ASP A 145 3.63 -11.86 -8.63
N VAL A 146 4.10 -10.77 -8.06
CA VAL A 146 3.17 -9.64 -7.75
C VAL A 146 3.05 -8.72 -8.97
N GLN A 147 1.92 -8.74 -9.62
CA GLN A 147 1.70 -7.86 -10.81
C GLN A 147 0.28 -7.33 -10.77
N LEU A 148 0.02 -6.19 -11.37
CA LEU A 148 -1.37 -5.66 -11.35
C LEU A 148 -2.24 -6.47 -12.32
N ALA A 149 -3.48 -6.64 -11.99
CA ALA A 149 -4.39 -7.42 -12.89
C ALA A 149 -5.10 -6.46 -13.84
N GLN A 150 -5.56 -6.93 -14.96
CA GLN A 150 -6.25 -6.04 -15.92
C GLN A 150 -7.47 -5.42 -15.23
N ASP A 151 -8.16 -6.18 -14.42
CA ASP A 151 -9.35 -5.62 -13.72
C ASP A 151 -8.90 -4.37 -12.95
N ASP A 152 -7.75 -4.40 -12.34
CA ASP A 152 -7.27 -3.22 -11.58
C ASP A 152 -6.86 -2.13 -12.58
N ILE A 153 -6.25 -2.50 -13.66
CA ILE A 153 -5.81 -1.50 -14.67
C ILE A 153 -7.04 -0.74 -15.20
N ASP A 154 -8.05 -1.44 -15.62
CA ASP A 154 -9.27 -0.75 -16.15
C ASP A 154 -9.89 0.14 -15.07
N GLY A 155 -9.91 -0.33 -13.85
CA GLY A 155 -10.53 0.48 -12.75
C GLY A 155 -9.66 1.70 -12.41
N ILE A 156 -8.41 1.50 -12.11
CA ILE A 156 -7.54 2.65 -11.74
C ILE A 156 -7.43 3.62 -12.93
N GLN A 157 -7.33 3.11 -14.14
CA GLN A 157 -7.24 4.03 -15.31
C GLN A 157 -8.55 4.80 -15.46
N ALA A 158 -9.65 4.15 -15.24
CA ALA A 158 -10.97 4.82 -15.38
C ALA A 158 -11.06 6.00 -14.40
N ILE A 159 -10.64 5.80 -13.18
CA ILE A 159 -10.70 6.90 -12.18
C ILE A 159 -9.87 8.10 -12.65
N TYR A 160 -8.63 7.88 -13.04
CA TYR A 160 -7.77 9.01 -13.50
C TYR A 160 -7.72 9.04 -15.02
N GLY A 161 -7.25 8.00 -15.63
CA GLY A 161 -7.17 7.97 -17.12
C GLY A 161 -6.12 6.96 -17.57
N ARG A 162 -5.88 6.86 -18.85
CA ARG A 162 -4.87 5.90 -19.36
C ARG A 162 -3.51 6.60 -19.46
N SER A 163 -2.44 5.88 -19.28
CA SER A 163 -1.10 6.51 -19.37
C SER A 163 -0.79 6.81 -20.84
N GLN A 164 -1.27 7.92 -21.34
CA GLN A 164 -1.03 8.29 -22.76
C GLN A 164 0.25 9.12 -22.86
N ASN A 165 1.22 8.85 -22.04
CA ASN A 165 2.50 9.62 -22.09
C ASN A 165 3.67 8.69 -21.81
N PRO A 166 4.01 7.84 -22.75
CA PRO A 166 5.14 6.89 -22.58
C PRO A 166 6.49 7.55 -22.93
N VAL A 167 6.82 8.62 -22.27
CA VAL A 167 8.11 9.30 -22.56
C VAL A 167 9.23 8.67 -21.73
N GLN A 168 10.21 8.11 -22.37
CA GLN A 168 11.33 7.49 -21.62
C GLN A 168 12.25 8.59 -21.08
N PRO A 169 12.89 8.40 -19.95
CA PRO A 169 13.79 9.45 -19.40
C PRO A 169 14.70 10.05 -20.48
ZN ZN B . -7.77 -5.46 1.96
ZN ZN C . -2.18 -0.58 13.68
CA CA D . -1.13 -11.22 12.68
N1 CGS E . -7.05 -8.46 6.06
CC CGS E . -8.12 -9.43 5.62
CA CGS E . -7.21 -6.97 6.03
S4 CGS E . -5.37 -9.07 5.98
C5 CGS E . -8.88 -10.22 6.67
CD CGS E . -8.18 -11.01 7.68
CE CGS E . -8.90 -11.75 8.69
CZ CGS E . -10.33 -11.71 8.66
N11 CGS E . -11.03 -10.97 7.72
CY CGS E . -10.32 -10.25 6.75
C17 CGS E . -4.73 -8.90 4.32
CE2 CGS E . -4.97 -9.93 3.32
CD2 CGS E . -4.44 -9.78 1.97
C20 CGS E . -3.65 -8.60 1.61
CD1 CGS E . -3.43 -7.57 2.63
CE1 CGS E . -3.96 -7.73 3.97
O27 CGS E . -3.14 -8.44 0.31
COM CGS E . -1.85 -9.02 0.06
O32 CGS E . -5.48 -10.44 6.33
O33 CGS E . -4.67 -8.16 6.85
C34 CGS E . -7.17 -6.47 4.57
N35 CGS E . -6.11 -5.73 4.26
CB CGS E . -8.30 -6.28 6.88
CG2 CGS E . -7.84 -4.95 7.50
CG1 CGS E . -8.80 -7.14 8.04
O47 CGS E . -8.05 -6.70 3.75
O48 CGS E . -5.99 -5.23 2.98
HC1 CGS E . -8.83 -8.87 5.02
HC2 CGS E . -7.66 -10.14 4.93
HA CGS E . -6.28 -6.60 6.47
HD CGS E . -7.10 -11.04 7.70
HE CGS E . -8.38 -12.34 9.44
HZ CGS E . -10.93 -12.24 9.37
HY CGS E . -10.89 -9.69 6.04
HE2 CGS E . -5.55 -10.80 3.58
HD2 CGS E . -4.63 -10.56 1.26
HD1 CGS E . -2.86 -6.68 2.41
HE1 CGS E . -3.79 -6.97 4.72
HOM1 CGS E . -1.53 -9.64 0.90
HOM2 CGS E . -1.86 -9.65 -0.83
HOM3 CGS E . -1.10 -8.24 -0.09
H49 CGS E . -5.41 -5.57 4.98
HB CGS E . -9.15 -6.05 6.27
HG21 CGS E . -7.99 -4.13 6.79
HG22 CGS E . -6.78 -4.99 7.74
HG23 CGS E . -8.39 -4.73 8.41
HG11 CGS E . -9.68 -7.70 7.74
HG12 CGS E . -9.06 -6.52 8.90
HG13 CGS E . -8.04 -7.85 8.35
H50 CGS E . -5.16 -5.50 2.55
N VAL A 1 -13.53 17.23 0.98
CA VAL A 1 -14.74 16.61 1.61
C VAL A 1 -15.96 16.87 0.72
N LEU A 2 -15.75 17.14 -0.54
CA LEU A 2 -16.90 17.40 -1.44
C LEU A 2 -17.79 16.16 -1.48
N THR A 3 -17.21 15.00 -1.50
CA THR A 3 -18.00 13.74 -1.54
C THR A 3 -18.14 13.20 -0.11
N GLU A 4 -19.29 12.70 0.24
CA GLU A 4 -19.46 12.16 1.61
C GLU A 4 -18.80 10.79 1.69
N GLY A 5 -18.04 10.52 2.74
CA GLY A 5 -17.38 9.18 2.88
C GLY A 5 -15.86 9.33 2.84
N ASN A 6 -15.26 9.15 1.70
CA ASN A 6 -13.77 9.25 1.60
C ASN A 6 -13.37 9.67 0.18
N PRO A 7 -13.39 10.95 -0.14
CA PRO A 7 -13.00 11.40 -1.50
C PRO A 7 -11.62 10.85 -1.93
N ARG A 8 -11.33 10.85 -3.20
CA ARG A 8 -10.02 10.33 -3.67
C ARG A 8 -8.98 11.46 -3.68
N TRP A 9 -7.76 11.17 -4.06
CA TRP A 9 -6.71 12.23 -4.08
C TRP A 9 -6.79 13.02 -5.39
N GLU A 10 -7.01 14.31 -5.32
CA GLU A 10 -7.10 15.11 -6.57
C GLU A 10 -5.69 15.47 -7.03
N GLN A 11 -4.70 15.22 -6.20
CA GLN A 11 -3.31 15.56 -6.60
C GLN A 11 -2.74 14.48 -7.51
N THR A 12 -1.84 14.85 -8.39
CA THR A 12 -1.24 13.87 -9.33
C THR A 12 0.10 13.39 -8.77
N HIS A 13 0.53 13.96 -7.68
CA HIS A 13 1.83 13.56 -7.05
C HIS A 13 1.59 13.31 -5.57
N LEU A 14 2.20 12.28 -5.03
CA LEU A 14 2.00 11.95 -3.59
C LEU A 14 3.35 11.69 -2.92
N THR A 15 3.41 11.83 -1.62
CA THR A 15 4.69 11.60 -0.88
C THR A 15 4.43 10.60 0.26
N TYR A 16 5.44 9.90 0.70
CA TYR A 16 5.24 8.91 1.80
C TYR A 16 6.48 8.89 2.69
N ARG A 17 6.35 8.45 3.91
CA ARG A 17 7.54 8.42 4.83
C ARG A 17 7.42 7.24 5.79
N ILE A 18 8.45 6.44 5.88
CA ILE A 18 8.40 5.31 6.85
C ILE A 18 8.84 5.85 8.20
N GLU A 19 8.03 5.69 9.21
CA GLU A 19 8.39 6.23 10.55
C GLU A 19 9.67 5.56 11.07
N ASN A 20 9.80 4.28 10.88
CA ASN A 20 11.04 3.59 11.37
C ASN A 20 11.21 2.24 10.68
N TYR A 21 12.42 1.78 10.55
CA TYR A 21 12.67 0.46 9.88
C TYR A 21 12.83 -0.62 10.95
N THR A 22 12.22 -1.75 10.76
CA THR A 22 12.33 -2.83 11.77
C THR A 22 13.73 -3.47 11.71
N PRO A 23 14.30 -3.89 12.82
CA PRO A 23 15.64 -4.54 12.78
C PRO A 23 15.61 -5.84 11.97
N ASP A 24 14.44 -6.34 11.71
CA ASP A 24 14.33 -7.60 10.93
C ASP A 24 14.92 -7.41 9.54
N LEU A 25 14.70 -6.29 8.90
CA LEU A 25 15.24 -6.08 7.52
C LEU A 25 15.86 -4.67 7.42
N PRO A 26 16.87 -4.47 6.59
CA PRO A 26 17.47 -3.11 6.46
C PRO A 26 16.51 -2.12 5.81
N ARG A 27 16.93 -0.89 5.65
CA ARG A 27 16.06 0.14 5.03
C ARG A 27 16.17 0.08 3.51
N ALA A 28 17.34 -0.20 3.02
CA ALA A 28 17.53 -0.26 1.55
C ALA A 28 16.57 -1.29 0.94
N ASP A 29 16.47 -2.44 1.56
CA ASP A 29 15.58 -3.51 1.04
C ASP A 29 14.12 -3.09 1.24
N VAL A 30 13.82 -2.50 2.36
CA VAL A 30 12.42 -2.08 2.63
C VAL A 30 12.05 -0.92 1.71
N ASP A 31 12.92 0.05 1.56
CA ASP A 31 12.59 1.19 0.66
C ASP A 31 12.34 0.66 -0.75
N HIS A 32 13.14 -0.29 -1.18
CA HIS A 32 12.96 -0.87 -2.55
C HIS A 32 11.58 -1.53 -2.64
N ALA A 33 11.22 -2.32 -1.66
CA ALA A 33 9.89 -2.99 -1.70
C ALA A 33 8.77 -1.95 -1.75
N ILE A 34 8.84 -0.96 -0.93
CA ILE A 34 7.77 0.08 -0.92
C ILE A 34 7.87 0.93 -2.20
N GLU A 35 9.06 1.28 -2.60
CA GLU A 35 9.21 2.12 -3.83
C GLU A 35 8.85 1.28 -5.06
N LYS A 36 9.25 0.03 -5.08
CA LYS A 36 8.92 -0.83 -6.25
C LYS A 36 7.40 -0.93 -6.38
N ALA A 37 6.70 -1.03 -5.29
CA ALA A 37 5.21 -1.11 -5.37
C ALA A 37 4.68 0.17 -6.04
N PHE A 38 5.18 1.31 -5.63
CA PHE A 38 4.71 2.58 -6.26
C PHE A 38 5.03 2.57 -7.76
N GLN A 39 6.18 2.08 -8.12
CA GLN A 39 6.54 2.06 -9.56
C GLN A 39 5.49 1.27 -10.36
N LEU A 40 5.04 0.16 -9.83
CA LEU A 40 4.03 -0.64 -10.57
C LEU A 40 2.78 0.21 -10.81
N TRP A 41 2.37 0.96 -9.82
CA TRP A 41 1.17 1.82 -10.00
C TRP A 41 1.50 2.98 -10.93
N SER A 42 2.67 3.55 -10.79
CA SER A 42 3.07 4.70 -11.67
C SER A 42 3.30 4.22 -13.11
N ASN A 43 3.69 2.99 -13.26
CA ASN A 43 3.96 2.46 -14.64
C ASN A 43 2.72 2.53 -15.52
N VAL A 44 1.55 2.35 -14.96
CA VAL A 44 0.29 2.39 -15.76
C VAL A 44 -0.51 3.66 -15.45
N THR A 45 0.01 4.57 -14.65
CA THR A 45 -0.74 5.84 -14.35
C THR A 45 0.26 7.00 -14.32
N PRO A 46 -0.14 8.21 -14.69
CA PRO A 46 0.79 9.37 -14.68
C PRO A 46 1.09 9.86 -13.25
N LEU A 47 0.63 9.14 -12.26
CA LEU A 47 0.89 9.56 -10.85
C LEU A 47 2.37 9.39 -10.53
N THR A 48 2.85 10.10 -9.54
CA THR A 48 4.29 10.01 -9.16
C THR A 48 4.38 9.93 -7.64
N PHE A 49 5.37 9.23 -7.14
CA PHE A 49 5.54 9.09 -5.67
C PHE A 49 6.98 9.45 -5.28
N THR A 50 7.17 9.98 -4.11
CA THR A 50 8.54 10.35 -3.68
C THR A 50 8.63 10.34 -2.15
N LYS A 51 9.67 9.76 -1.63
CA LYS A 51 9.82 9.71 -0.15
C LYS A 51 10.26 11.08 0.37
N VAL A 52 9.82 11.46 1.55
CA VAL A 52 10.23 12.79 2.12
C VAL A 52 10.91 12.56 3.48
N SER A 53 12.01 13.22 3.72
CA SER A 53 12.73 13.06 5.02
C SER A 53 12.36 14.18 5.99
N GLU A 54 11.60 15.15 5.53
CA GLU A 54 11.19 16.29 6.42
C GLU A 54 9.74 16.70 6.10
N GLY A 55 9.07 17.32 7.04
CA GLY A 55 7.66 17.74 6.79
C GLY A 55 6.75 16.52 6.87
N GLN A 56 5.46 16.75 6.93
CA GLN A 56 4.49 15.62 7.00
C GLN A 56 4.30 15.01 5.61
N ALA A 57 4.05 13.72 5.54
CA ALA A 57 3.86 13.05 4.22
C ALA A 57 2.37 12.68 4.07
N ASP A 58 1.87 12.69 2.86
CA ASP A 58 0.43 12.35 2.65
C ASP A 58 0.14 10.93 3.14
N ILE A 59 1.04 10.00 2.89
CA ILE A 59 0.83 8.59 3.35
C ILE A 59 1.84 8.27 4.44
N MET A 60 1.38 7.94 5.62
CA MET A 60 2.30 7.62 6.75
C MET A 60 2.39 6.10 6.94
N ILE A 61 3.57 5.55 6.85
CA ILE A 61 3.74 4.07 7.03
C ILE A 61 4.52 3.80 8.33
N SER A 62 4.01 2.93 9.16
CA SER A 62 4.73 2.62 10.44
C SER A 62 4.50 1.16 10.83
N PHE A 63 5.40 0.61 11.59
CA PHE A 63 5.27 -0.82 12.03
C PHE A 63 4.85 -0.84 13.50
N VAL A 64 3.97 -1.73 13.86
CA VAL A 64 3.48 -1.79 15.28
C VAL A 64 3.56 -3.22 15.83
N ARG A 65 3.54 -3.33 17.14
CA ARG A 65 3.60 -4.66 17.80
C ARG A 65 2.51 -4.74 18.88
N GLY A 66 1.79 -5.83 18.95
CA GLY A 66 0.73 -5.97 20.00
C GLY A 66 -0.15 -4.71 20.01
N ASP A 67 -0.50 -4.24 21.18
CA ASP A 67 -1.38 -3.03 21.28
C ASP A 67 -0.55 -1.77 21.02
N HIS A 68 -1.02 -0.92 20.13
CA HIS A 68 -0.28 0.35 19.82
C HIS A 68 -1.25 1.53 19.85
N ARG A 69 -2.06 1.62 20.88
CA ARG A 69 -3.03 2.75 20.98
C ARG A 69 -3.90 2.78 19.73
N ASP A 70 -4.61 1.70 19.47
CA ASP A 70 -5.50 1.64 18.27
C ASP A 70 -6.78 0.88 18.62
N ASN A 71 -7.81 1.01 17.82
CA ASN A 71 -9.08 0.29 18.11
C ASN A 71 -9.06 -1.08 17.43
N SER A 72 -7.93 -1.46 16.90
CA SER A 72 -7.82 -2.79 16.22
C SER A 72 -6.47 -3.42 16.57
N PRO A 73 -6.29 -3.83 17.82
CA PRO A 73 -5.01 -4.46 18.25
C PRO A 73 -4.86 -5.88 17.70
N PHE A 74 -3.64 -6.29 17.45
CA PHE A 74 -3.40 -7.67 16.94
C PHE A 74 -3.48 -8.63 18.11
N ASP A 75 -3.87 -9.86 17.86
CA ASP A 75 -3.97 -10.85 18.97
C ASP A 75 -3.35 -12.17 18.53
N GLY A 76 -2.04 -12.24 18.50
CA GLY A 76 -1.37 -13.49 18.07
C GLY A 76 -1.08 -13.43 16.57
N PRO A 77 -0.50 -14.47 16.01
CA PRO A 77 -0.19 -14.48 14.56
C PRO A 77 -1.45 -14.60 13.69
N GLY A 78 -2.56 -14.98 14.27
CA GLY A 78 -3.80 -15.11 13.46
C GLY A 78 -4.51 -13.75 13.35
N GLY A 79 -5.66 -13.73 12.77
CA GLY A 79 -6.39 -12.44 12.63
C GLY A 79 -5.89 -11.68 11.41
N ASN A 80 -6.09 -10.39 11.38
CA ASN A 80 -5.62 -9.57 10.21
C ASN A 80 -4.11 -9.41 10.30
N LEU A 81 -3.44 -9.41 9.17
CA LEU A 81 -1.95 -9.26 9.18
C LEU A 81 -1.61 -7.77 9.11
N ALA A 82 -2.56 -6.96 8.73
CA ALA A 82 -2.29 -5.50 8.65
C ALA A 82 -3.61 -4.76 8.39
N HIS A 83 -3.60 -3.46 8.36
CA HIS A 83 -4.87 -2.73 8.10
C HIS A 83 -4.58 -1.28 7.70
N ALA A 84 -5.02 -0.92 6.53
CA ALA A 84 -4.81 0.48 6.03
C ALA A 84 -5.92 1.38 6.59
N PHE A 85 -5.77 2.68 6.45
CA PHE A 85 -6.82 3.62 6.94
C PHE A 85 -7.50 4.25 5.72
N GLN A 86 -8.79 4.49 5.80
CA GLN A 86 -9.51 5.09 4.63
C GLN A 86 -8.89 6.45 4.29
N PRO A 87 -8.84 6.83 3.02
CA PRO A 87 -8.25 8.15 2.67
C PRO A 87 -8.95 9.32 3.38
N GLY A 88 -8.19 10.15 4.05
CA GLY A 88 -8.79 11.31 4.76
C GLY A 88 -7.70 12.02 5.57
N PRO A 89 -8.03 13.11 6.23
CA PRO A 89 -7.04 13.85 7.06
C PRO A 89 -6.71 13.14 8.39
N GLY A 90 -5.89 13.74 9.20
CA GLY A 90 -5.53 13.11 10.52
C GLY A 90 -4.88 11.75 10.29
N ILE A 91 -5.43 10.72 10.86
CA ILE A 91 -4.85 9.35 10.67
C ILE A 91 -5.19 8.83 9.28
N GLY A 92 -6.10 9.45 8.60
CA GLY A 92 -6.47 8.98 7.24
C GLY A 92 -5.22 8.86 6.36
N GLY A 93 -5.13 7.81 5.57
CA GLY A 93 -3.95 7.64 4.67
C GLY A 93 -2.85 6.87 5.38
N ASP A 94 -2.93 6.72 6.66
CA ASP A 94 -1.87 5.97 7.39
C ASP A 94 -1.94 4.48 7.03
N ALA A 95 -0.89 3.75 7.30
CA ALA A 95 -0.88 2.29 6.96
C ALA A 95 -0.13 1.54 8.07
N HIS A 96 -0.77 0.60 8.73
CA HIS A 96 -0.10 -0.16 9.83
C HIS A 96 0.28 -1.56 9.36
N PHE A 97 1.49 -1.99 9.64
CA PHE A 97 1.96 -3.36 9.25
C PHE A 97 2.23 -4.18 10.51
N ASP A 98 1.69 -5.37 10.60
CA ASP A 98 1.94 -6.20 11.80
C ASP A 98 3.42 -6.60 11.83
N GLU A 99 4.11 -6.24 12.87
CA GLU A 99 5.56 -6.58 12.99
C GLU A 99 5.73 -7.82 13.88
N ASP A 100 4.64 -8.41 14.28
CA ASP A 100 4.72 -9.61 15.17
C ASP A 100 5.18 -10.83 14.38
N GLU A 101 5.04 -10.77 13.09
CA GLU A 101 5.47 -11.91 12.21
C GLU A 101 6.78 -11.52 11.54
N ARG A 102 7.52 -12.47 11.05
CA ARG A 102 8.82 -12.14 10.37
C ARG A 102 8.56 -11.79 8.90
N TRP A 103 8.90 -10.58 8.51
CA TRP A 103 8.71 -10.16 7.09
C TRP A 103 9.95 -10.53 6.28
N THR A 104 9.78 -10.82 5.01
CA THR A 104 10.95 -11.18 4.13
C THR A 104 11.00 -10.22 2.93
N ASN A 105 12.08 -10.24 2.20
CA ASN A 105 12.23 -9.36 1.01
C ASN A 105 12.06 -10.19 -0.26
N ASN A 106 11.37 -11.28 -0.15
CA ASN A 106 11.17 -12.18 -1.34
C ASN A 106 9.82 -12.90 -1.22
N PHE A 107 9.61 -13.93 -2.01
CA PHE A 107 8.31 -14.68 -1.98
C PHE A 107 8.36 -15.84 -0.98
N ARG A 108 9.18 -15.74 0.03
CA ARG A 108 9.28 -16.83 1.03
C ARG A 108 8.07 -16.78 1.96
N GLU A 109 8.19 -17.34 3.14
CA GLU A 109 7.08 -17.38 4.15
C GLU A 109 6.06 -16.24 3.93
N TYR A 110 6.46 -15.00 4.11
CA TYR A 110 5.49 -13.86 3.92
C TYR A 110 6.11 -12.80 3.01
N ASN A 111 5.38 -12.35 2.02
CA ASN A 111 5.93 -11.31 1.09
C ASN A 111 5.48 -9.92 1.55
N LEU A 112 6.40 -9.10 1.98
CA LEU A 112 6.01 -7.73 2.43
C LEU A 112 5.55 -6.89 1.23
N HIS A 113 6.21 -7.01 0.11
CA HIS A 113 5.81 -6.20 -1.08
C HIS A 113 4.36 -6.54 -1.46
N ARG A 114 4.01 -7.79 -1.45
CA ARG A 114 2.62 -8.17 -1.83
C ARG A 114 1.62 -7.49 -0.90
N VAL A 115 1.92 -7.45 0.37
CA VAL A 115 1.01 -6.79 1.33
C VAL A 115 1.06 -5.29 1.08
N ALA A 116 2.22 -4.76 0.82
CA ALA A 116 2.33 -3.30 0.56
C ALA A 116 1.48 -2.94 -0.66
N ALA A 117 1.50 -3.78 -1.68
CA ALA A 117 0.68 -3.51 -2.89
C ALA A 117 -0.80 -3.44 -2.50
N HIS A 118 -1.22 -4.30 -1.61
CA HIS A 118 -2.64 -4.28 -1.21
C HIS A 118 -2.95 -3.02 -0.39
N GLU A 119 -2.14 -2.72 0.60
CA GLU A 119 -2.41 -1.51 1.44
C GLU A 119 -2.38 -0.25 0.57
N LEU A 120 -1.46 -0.18 -0.35
CA LEU A 120 -1.39 1.02 -1.23
C LEU A 120 -2.69 1.13 -2.03
N GLY A 121 -3.21 0.02 -2.49
CA GLY A 121 -4.48 0.06 -3.28
C GLY A 121 -5.59 0.68 -2.43
N HIS A 122 -5.64 0.36 -1.16
CA HIS A 122 -6.69 0.96 -0.29
C HIS A 122 -6.46 2.48 -0.28
N SER A 123 -5.22 2.88 -0.23
CA SER A 123 -4.91 4.33 -0.23
C SER A 123 -5.26 4.92 -1.59
N LEU A 124 -5.27 4.11 -2.61
CA LEU A 124 -5.63 4.61 -3.97
C LEU A 124 -7.15 4.61 -4.11
N GLY A 125 -7.85 4.19 -3.09
CA GLY A 125 -9.35 4.20 -3.14
C GLY A 125 -9.87 2.90 -3.76
N LEU A 126 -9.05 1.89 -3.88
CA LEU A 126 -9.51 0.61 -4.49
C LEU A 126 -10.20 -0.22 -3.40
N SER A 127 -11.43 -0.62 -3.62
CA SER A 127 -12.16 -1.44 -2.59
C SER A 127 -11.87 -2.92 -2.83
N HIS A 128 -12.20 -3.76 -1.89
CA HIS A 128 -11.94 -5.22 -2.07
C HIS A 128 -12.85 -5.77 -3.17
N SER A 129 -12.44 -6.80 -3.85
CA SER A 129 -13.27 -7.40 -4.94
C SER A 129 -13.44 -8.90 -4.67
N THR A 130 -14.31 -9.54 -5.40
CA THR A 130 -14.54 -11.01 -5.20
C THR A 130 -13.76 -11.80 -6.25
N ASP A 131 -13.02 -11.13 -7.09
CA ASP A 131 -12.26 -11.84 -8.14
C ASP A 131 -10.98 -12.42 -7.54
N ILE A 132 -10.83 -13.70 -7.58
CA ILE A 132 -9.61 -14.34 -7.00
C ILE A 132 -8.35 -13.80 -7.70
N GLY A 133 -8.38 -13.63 -9.00
CA GLY A 133 -7.18 -13.15 -9.73
C GLY A 133 -6.85 -11.71 -9.35
N ALA A 134 -7.66 -11.08 -8.55
CA ALA A 134 -7.36 -9.67 -8.14
C ALA A 134 -6.38 -9.68 -6.97
N LEU A 135 -5.61 -8.63 -6.79
CA LEU A 135 -4.66 -8.58 -5.64
C LEU A 135 -5.45 -8.48 -4.35
N MET A 136 -6.66 -7.98 -4.43
CA MET A 136 -7.49 -7.83 -3.21
C MET A 136 -8.01 -9.20 -2.75
N TYR A 137 -7.14 -10.11 -2.41
CA TYR A 137 -7.64 -11.44 -1.96
C TYR A 137 -8.29 -11.24 -0.57
N PRO A 138 -9.54 -11.61 -0.35
CA PRO A 138 -10.17 -11.42 1.00
C PRO A 138 -9.32 -11.99 2.17
N SER A 139 -8.21 -12.59 1.87
CA SER A 139 -7.34 -13.16 2.95
C SER A 139 -5.95 -13.42 2.38
N TYR A 140 -5.03 -13.81 3.22
CA TYR A 140 -3.64 -14.09 2.73
C TYR A 140 -3.57 -15.53 2.24
N THR A 141 -3.07 -15.77 1.06
CA THR A 141 -3.00 -17.17 0.52
C THR A 141 -1.84 -17.28 -0.48
N PHE A 142 -1.51 -18.48 -0.85
CA PHE A 142 -0.40 -18.69 -1.83
C PHE A 142 -0.72 -17.98 -3.15
N SER A 143 0.18 -17.14 -3.61
CA SER A 143 -0.04 -16.39 -4.89
C SER A 143 1.20 -16.56 -5.77
N GLY A 144 1.02 -16.68 -7.06
CA GLY A 144 2.21 -16.84 -7.96
C GLY A 144 3.04 -15.57 -7.87
N ASP A 145 3.35 -14.95 -8.99
CA ASP A 145 4.16 -13.71 -8.94
C ASP A 145 3.25 -12.53 -8.61
N VAL A 146 3.80 -11.49 -8.06
CA VAL A 146 2.98 -10.30 -7.72
C VAL A 146 2.92 -9.36 -8.92
N GLN A 147 1.76 -9.26 -9.55
CA GLN A 147 1.62 -8.35 -10.73
C GLN A 147 0.23 -7.71 -10.67
N LEU A 148 0.05 -6.59 -11.31
CA LEU A 148 -1.28 -5.94 -11.28
C LEU A 148 -2.25 -6.75 -12.14
N ALA A 149 -3.49 -6.79 -11.75
CA ALA A 149 -4.50 -7.57 -12.53
C ALA A 149 -5.20 -6.62 -13.51
N GLN A 150 -5.86 -7.16 -14.49
CA GLN A 150 -6.58 -6.30 -15.46
C GLN A 150 -7.63 -5.49 -14.69
N ASP A 151 -8.29 -6.11 -13.75
CA ASP A 151 -9.31 -5.37 -12.95
C ASP A 151 -8.68 -4.16 -12.25
N ASP A 152 -7.50 -4.31 -11.71
CA ASP A 152 -6.83 -3.16 -11.02
C ASP A 152 -6.38 -2.12 -12.05
N ILE A 153 -5.85 -2.56 -13.16
CA ILE A 153 -5.39 -1.62 -14.22
C ILE A 153 -6.59 -0.84 -14.76
N ASP A 154 -7.65 -1.53 -15.12
CA ASP A 154 -8.85 -0.83 -15.65
C ASP A 154 -9.49 0.01 -14.54
N GLY A 155 -9.53 -0.50 -13.35
CA GLY A 155 -10.16 0.25 -12.23
C GLY A 155 -9.36 1.52 -11.92
N ILE A 156 -8.08 1.38 -11.69
CA ILE A 156 -7.25 2.59 -11.38
C ILE A 156 -7.22 3.53 -12.59
N GLN A 157 -7.13 3.01 -13.77
CA GLN A 157 -7.12 3.89 -14.98
C GLN A 157 -8.48 4.60 -15.08
N ALA A 158 -9.55 3.92 -14.80
CA ALA A 158 -10.89 4.54 -14.90
C ALA A 158 -10.98 5.74 -13.95
N ILE A 159 -10.46 5.62 -12.76
CA ILE A 159 -10.53 6.75 -11.80
C ILE A 159 -9.80 7.96 -12.39
N TYR A 160 -8.61 7.76 -12.90
CA TYR A 160 -7.85 8.91 -13.49
C TYR A 160 -7.94 8.89 -15.02
N GLY A 161 -7.40 7.88 -15.64
CA GLY A 161 -7.43 7.80 -17.13
C GLY A 161 -6.34 6.84 -17.59
N ARG A 162 -6.07 6.78 -18.86
CA ARG A 162 -5.00 5.86 -19.37
C ARG A 162 -3.68 6.63 -19.43
N SER A 163 -2.59 5.98 -19.17
CA SER A 163 -1.28 6.68 -19.18
C SER A 163 -0.90 7.03 -20.60
N GLN A 164 -1.34 8.15 -21.09
CA GLN A 164 -0.97 8.56 -22.47
C GLN A 164 0.36 9.30 -22.40
N ASN A 165 1.44 8.59 -22.58
CA ASN A 165 2.79 9.22 -22.51
C ASN A 165 3.80 8.41 -23.32
N PRO A 166 4.08 8.78 -24.56
CA PRO A 166 5.06 8.00 -25.37
C PRO A 166 6.52 8.36 -25.01
N VAL A 167 6.87 8.20 -23.76
CA VAL A 167 8.25 8.52 -23.30
C VAL A 167 8.68 7.48 -22.25
N GLN A 168 9.83 6.90 -22.39
CA GLN A 168 10.27 5.89 -21.40
C GLN A 168 10.52 6.58 -20.05
N PRO A 169 10.29 5.92 -18.93
CA PRO A 169 10.51 6.57 -17.60
C PRO A 169 11.86 7.29 -17.51
ZN ZN B . -7.54 -5.13 2.34
ZN ZN C . -2.31 -0.75 13.63
CA CA D . -1.44 -11.39 12.96
N1 CGS E . -7.17 -8.68 6.07
CC CGS E . -8.17 -9.65 5.47
CA CGS E . -7.25 -7.18 5.90
S4 CGS E . -5.55 -9.34 6.37
C5 CGS E . -9.14 -10.40 6.37
CD CGS E . -8.69 -11.35 7.36
CE CGS E . -9.60 -12.07 8.22
CZ CGS E . -11.00 -11.81 8.05
N11 CGS E . -11.47 -10.91 7.12
CY CGS E . -10.57 -10.22 6.30
C17 CGS E . -4.62 -9.43 4.84
CE2 CGS E . -4.66 -10.62 4.01
CD2 CGS E . -3.90 -10.68 2.77
C20 CGS E . -3.07 -9.54 2.34
CD1 CGS E . -3.05 -8.35 3.19
CE1 CGS E . -3.81 -8.29 4.43
O27 CGS E . -2.33 -9.59 1.15
COM CGS E . -3.00 -9.19 -0.06
O32 CGS E . -5.81 -10.66 6.87
O33 CGS E . -4.96 -8.38 7.24
C34 CGS E . -6.98 -6.79 4.43
N35 CGS E . -5.84 -6.14 4.23
CB CGS E . -8.39 -6.35 6.55
CG2 CGS E . -7.89 -5.14 7.32
CG1 CGS E . -9.27 -7.16 7.49
O47 CGS E . -7.76 -7.04 3.51
O48 CGS E . -5.51 -5.74 2.94
HC1 CGS E . -8.75 -9.10 4.73
HC2 CGS E . -7.59 -10.38 4.90
HA CGS E . -6.37 -6.83 6.43
HD CGS E . -7.62 -11.54 7.48
HE CGS E . -9.25 -12.78 8.96
HZ CGS E . -11.73 -12.30 8.65
HY CGS E . -10.98 -9.53 5.58
HE2 CGS E . -5.26 -11.46 4.31
HD2 CGS E . -3.94 -11.58 2.17
HD1 CGS E . -2.46 -7.48 2.92
HE1 CGS E . -3.79 -7.41 5.05
HOM1 CGS E . -3.97 -9.68 -0.14
HOM2 CGS E . -3.17 -8.10 -0.07
HOM3 CGS E . -2.42 -9.44 -0.94
H49 CGS E . -5.25 -5.98 5.03
HB CGS E . -9.04 -5.98 5.77
HG21 CGS E . -7.49 -5.43 8.28
HG22 CGS E . -8.70 -4.43 7.49
HG23 CGS E . -7.11 -4.62 6.77
HG11 CGS E . -10.09 -7.62 6.96
HG12 CGS E . -9.69 -6.52 8.27
HG13 CGS E . -8.69 -7.95 7.97
H50 CGS E . -6.18 -5.15 2.56
N VAL A 1 -14.68 22.27 5.07
CA VAL A 1 -15.74 21.43 4.45
C VAL A 1 -15.43 21.25 2.96
N LEU A 2 -14.23 21.56 2.55
CA LEU A 2 -13.86 21.40 1.11
C LEU A 2 -14.04 19.94 0.71
N THR A 3 -13.61 19.04 1.55
CA THR A 3 -13.73 17.59 1.24
C THR A 3 -14.98 17.02 1.90
N GLU A 4 -15.86 16.42 1.14
CA GLU A 4 -17.10 15.84 1.74
C GLU A 4 -16.77 14.48 2.36
N GLY A 5 -16.92 14.36 3.66
CA GLY A 5 -16.63 13.06 4.32
C GLY A 5 -15.21 12.60 3.97
N ASN A 6 -15.08 11.71 3.01
CA ASN A 6 -13.73 11.20 2.62
C ASN A 6 -13.67 11.01 1.09
N PRO A 7 -13.44 12.07 0.34
CA PRO A 7 -13.38 11.96 -1.14
C PRO A 7 -12.10 11.28 -1.64
N ARG A 8 -11.88 11.28 -2.92
CA ARG A 8 -10.66 10.64 -3.48
C ARG A 8 -9.52 11.67 -3.55
N TRP A 9 -8.38 11.27 -4.04
CA TRP A 9 -7.24 12.24 -4.12
C TRP A 9 -7.38 13.09 -5.40
N GLU A 10 -7.51 14.38 -5.26
CA GLU A 10 -7.64 15.25 -6.46
C GLU A 10 -6.25 15.61 -6.98
N GLN A 11 -5.23 15.30 -6.23
CA GLN A 11 -3.85 15.63 -6.66
C GLN A 11 -3.31 14.55 -7.59
N THR A 12 -2.43 14.92 -8.49
CA THR A 12 -1.83 13.91 -9.43
C THR A 12 -0.49 13.45 -8.86
N HIS A 13 -0.08 14.04 -7.75
CA HIS A 13 1.22 13.67 -7.11
C HIS A 13 0.95 13.37 -5.64
N LEU A 14 1.62 12.38 -5.08
CA LEU A 14 1.40 12.03 -3.63
C LEU A 14 2.75 11.79 -2.95
N THR A 15 2.77 11.87 -1.65
CA THR A 15 4.04 11.67 -0.88
C THR A 15 3.82 10.62 0.21
N TYR A 16 4.87 9.99 0.65
CA TYR A 16 4.73 8.96 1.74
C TYR A 16 5.97 8.98 2.63
N ARG A 17 5.85 8.46 3.83
CA ARG A 17 7.03 8.47 4.75
C ARG A 17 6.96 7.26 5.69
N ILE A 18 8.06 6.57 5.85
CA ILE A 18 8.10 5.40 6.76
C ILE A 18 8.48 5.88 8.16
N GLU A 19 7.63 5.70 9.13
CA GLU A 19 7.95 6.19 10.50
C GLU A 19 9.13 5.42 11.09
N ASN A 20 9.17 4.12 10.87
CA ASN A 20 10.30 3.31 11.43
C ASN A 20 10.49 2.04 10.60
N TYR A 21 11.69 1.51 10.57
CA TYR A 21 11.96 0.26 9.81
C TYR A 21 12.01 -0.91 10.78
N THR A 22 11.33 -1.99 10.49
CA THR A 22 11.35 -3.16 11.42
C THR A 22 12.76 -3.79 11.39
N PRO A 23 13.31 -4.19 12.53
CA PRO A 23 14.68 -4.79 12.53
C PRO A 23 14.71 -6.13 11.77
N ASP A 24 13.58 -6.65 11.39
CA ASP A 24 13.54 -7.94 10.65
C ASP A 24 14.33 -7.78 9.35
N LEU A 25 14.19 -6.65 8.70
CA LEU A 25 14.93 -6.41 7.42
C LEU A 25 15.51 -4.98 7.48
N PRO A 26 16.65 -4.72 6.85
CA PRO A 26 17.22 -3.34 6.87
C PRO A 26 16.26 -2.31 6.25
N ARG A 27 16.70 -1.08 6.13
CA ARG A 27 15.80 -0.04 5.54
C ARG A 27 16.00 0.02 4.03
N ALA A 28 17.21 -0.15 3.56
CA ALA A 28 17.46 -0.11 2.09
C ALA A 28 16.60 -1.15 1.38
N ASP A 29 16.56 -2.36 1.89
CA ASP A 29 15.73 -3.42 1.25
C ASP A 29 14.24 -3.13 1.44
N VAL A 30 13.86 -2.66 2.59
CA VAL A 30 12.41 -2.36 2.84
C VAL A 30 11.98 -1.16 2.01
N ASP A 31 12.77 -0.11 2.02
CA ASP A 31 12.40 1.10 1.22
C ASP A 31 12.27 0.72 -0.25
N HIS A 32 13.16 -0.11 -0.73
CA HIS A 32 13.09 -0.53 -2.16
C HIS A 32 11.76 -1.23 -2.42
N ALA A 33 11.33 -2.07 -1.51
CA ALA A 33 10.03 -2.79 -1.69
C ALA A 33 8.90 -1.76 -1.79
N ILE A 34 8.96 -0.73 -0.99
CA ILE A 34 7.89 0.32 -1.02
C ILE A 34 8.03 1.12 -2.32
N GLU A 35 9.22 1.37 -2.77
CA GLU A 35 9.41 2.16 -4.01
C GLU A 35 8.85 1.38 -5.21
N LYS A 36 9.09 0.10 -5.28
CA LYS A 36 8.54 -0.70 -6.41
C LYS A 36 7.02 -0.65 -6.39
N ALA A 37 6.43 -0.74 -5.23
CA ALA A 37 4.94 -0.73 -5.18
C ALA A 37 4.41 0.57 -5.79
N PHE A 38 4.92 1.70 -5.38
CA PHE A 38 4.43 2.97 -5.97
C PHE A 38 4.72 2.97 -7.46
N GLN A 39 5.87 2.51 -7.86
CA GLN A 39 6.22 2.47 -9.31
C GLN A 39 5.22 1.61 -10.08
N LEU A 40 4.84 0.48 -9.53
CA LEU A 40 3.87 -0.39 -10.27
C LEU A 40 2.56 0.36 -10.52
N TRP A 41 2.09 1.12 -9.56
CA TRP A 41 0.82 1.88 -9.79
C TRP A 41 1.10 3.03 -10.74
N SER A 42 2.21 3.70 -10.59
CA SER A 42 2.55 4.84 -11.48
C SER A 42 2.87 4.33 -12.89
N ASN A 43 3.31 3.11 -13.02
CA ASN A 43 3.66 2.57 -14.36
C ASN A 43 2.45 2.58 -15.28
N VAL A 44 1.27 2.33 -14.76
CA VAL A 44 0.05 2.32 -15.61
C VAL A 44 -0.81 3.54 -15.30
N THR A 45 -0.28 4.48 -14.54
CA THR A 45 -1.06 5.73 -14.22
C THR A 45 -0.11 6.94 -14.25
N PRO A 46 -0.58 8.12 -14.64
CA PRO A 46 0.30 9.33 -14.67
C PRO A 46 0.62 9.84 -13.25
N LEU A 47 0.21 9.12 -12.25
CA LEU A 47 0.48 9.57 -10.85
C LEU A 47 1.98 9.42 -10.54
N THR A 48 2.47 10.19 -9.60
CA THR A 48 3.91 10.12 -9.21
C THR A 48 4.02 10.10 -7.69
N PHE A 49 5.02 9.46 -7.16
CA PHE A 49 5.18 9.38 -5.67
C PHE A 49 6.57 9.87 -5.28
N THR A 50 6.72 10.35 -4.07
CA THR A 50 8.06 10.87 -3.65
C THR A 50 8.22 10.71 -2.13
N LYS A 51 9.39 10.28 -1.72
CA LYS A 51 9.67 10.08 -0.27
C LYS A 51 9.96 11.45 0.37
N VAL A 52 9.42 11.70 1.54
CA VAL A 52 9.67 13.02 2.23
C VAL A 52 10.30 12.75 3.60
N SER A 53 11.34 13.48 3.94
CA SER A 53 12.02 13.26 5.25
C SER A 53 11.54 14.27 6.29
N GLU A 54 10.71 15.22 5.89
CA GLU A 54 10.20 16.22 6.88
C GLU A 54 8.76 16.59 6.54
N GLY A 55 7.99 17.00 7.51
CA GLY A 55 6.58 17.37 7.24
C GLY A 55 5.71 16.11 7.18
N GLN A 56 4.42 16.25 7.24
CA GLN A 56 3.54 15.06 7.18
C GLN A 56 3.37 14.65 5.72
N ALA A 57 3.23 13.37 5.47
CA ALA A 57 3.05 12.89 4.07
C ALA A 57 1.59 12.48 3.86
N ASP A 58 1.12 12.48 2.65
CA ASP A 58 -0.29 12.09 2.40
C ASP A 58 -0.50 10.67 2.90
N ILE A 59 0.48 9.80 2.70
CA ILE A 59 0.34 8.38 3.15
C ILE A 59 1.39 8.07 4.23
N MET A 60 0.95 7.74 5.41
CA MET A 60 1.89 7.41 6.52
C MET A 60 2.02 5.89 6.68
N ILE A 61 3.22 5.38 6.72
CA ILE A 61 3.45 3.91 6.86
C ILE A 61 4.15 3.63 8.20
N SER A 62 3.65 2.70 8.97
CA SER A 62 4.29 2.40 10.29
C SER A 62 4.12 0.93 10.66
N PHE A 63 4.94 0.45 11.56
CA PHE A 63 4.87 -0.98 12.00
C PHE A 63 4.43 -1.02 13.47
N VAL A 64 3.57 -1.94 13.85
CA VAL A 64 3.10 -2.01 15.28
C VAL A 64 3.06 -3.45 15.78
N ARG A 65 2.80 -3.63 17.06
CA ARG A 65 2.74 -5.01 17.65
C ARG A 65 1.56 -5.13 18.62
N GLY A 66 0.91 -6.27 18.62
CA GLY A 66 -0.25 -6.48 19.54
C GLY A 66 -1.14 -5.24 19.60
N ASP A 67 -1.62 -4.89 20.76
CA ASP A 67 -2.49 -3.68 20.87
C ASP A 67 -1.65 -2.42 20.69
N HIS A 68 -2.08 -1.54 19.83
CA HIS A 68 -1.31 -0.28 19.59
C HIS A 68 -2.25 0.92 19.52
N ARG A 69 -2.97 1.20 20.59
CA ARG A 69 -3.88 2.36 20.59
C ARG A 69 -4.80 2.30 19.37
N ASP A 70 -5.44 1.18 19.15
CA ASP A 70 -6.36 1.04 17.99
C ASP A 70 -7.56 0.17 18.38
N ASN A 71 -8.64 0.27 17.64
CA ASN A 71 -9.84 -0.55 17.96
C ASN A 71 -9.72 -1.89 17.24
N SER A 72 -8.58 -2.18 16.66
CA SER A 72 -8.38 -3.47 15.94
C SER A 72 -7.03 -4.08 16.36
N PRO A 73 -6.94 -4.62 17.54
CA PRO A 73 -5.67 -5.22 18.02
C PRO A 73 -5.37 -6.55 17.30
N PHE A 74 -4.12 -6.83 17.06
CA PHE A 74 -3.77 -8.11 16.37
C PHE A 74 -3.93 -9.28 17.35
N ASP A 75 -4.40 -10.40 16.88
CA ASP A 75 -4.58 -11.58 17.78
C ASP A 75 -3.45 -12.58 17.57
N GLY A 76 -2.24 -12.20 17.91
CA GLY A 76 -1.09 -13.13 17.73
C GLY A 76 -0.83 -13.37 16.24
N PRO A 77 -0.04 -14.35 15.90
CA PRO A 77 0.26 -14.65 14.46
C PRO A 77 -1.02 -14.83 13.65
N GLY A 78 -2.11 -15.12 14.28
CA GLY A 78 -3.40 -15.31 13.54
C GLY A 78 -4.08 -13.95 13.38
N GLY A 79 -5.17 -13.90 12.65
CA GLY A 79 -5.88 -12.61 12.45
C GLY A 79 -5.38 -11.93 11.18
N ASN A 80 -5.65 -10.67 11.02
CA ASN A 80 -5.22 -9.94 9.80
C ASN A 80 -3.71 -9.69 9.86
N LEU A 81 -3.07 -9.59 8.72
CA LEU A 81 -1.60 -9.35 8.69
C LEU A 81 -1.35 -7.83 8.62
N ALA A 82 -2.35 -7.07 8.27
CA ALA A 82 -2.18 -5.59 8.18
C ALA A 82 -3.55 -4.94 7.98
N HIS A 83 -3.63 -3.63 8.06
CA HIS A 83 -4.96 -2.97 7.88
C HIS A 83 -4.76 -1.48 7.57
N ALA A 84 -5.28 -1.04 6.44
CA ALA A 84 -5.14 0.39 6.06
C ALA A 84 -6.27 1.22 6.66
N PHE A 85 -6.22 2.53 6.51
CA PHE A 85 -7.29 3.42 7.04
C PHE A 85 -8.09 4.01 5.88
N GLN A 86 -9.30 4.45 6.13
CA GLN A 86 -10.12 5.02 5.03
C GLN A 86 -9.38 6.22 4.39
N PRO A 87 -9.49 6.45 3.10
CA PRO A 87 -8.78 7.59 2.45
C PRO A 87 -9.33 8.96 2.90
N GLY A 88 -8.71 9.58 3.86
CA GLY A 88 -9.18 10.92 4.33
C GLY A 88 -8.04 11.62 5.07
N PRO A 89 -8.22 12.87 5.44
CA PRO A 89 -7.16 13.62 6.17
C PRO A 89 -6.88 13.01 7.55
N GLY A 90 -6.05 13.64 8.33
CA GLY A 90 -5.74 13.12 9.69
C GLY A 90 -5.12 11.71 9.57
N ILE A 91 -5.58 10.79 10.37
CA ILE A 91 -5.01 9.41 10.31
C ILE A 91 -5.44 8.71 9.02
N GLY A 92 -6.40 9.25 8.31
CA GLY A 92 -6.84 8.59 7.05
C GLY A 92 -5.66 8.48 6.08
N GLY A 93 -5.59 7.42 5.32
CA GLY A 93 -4.46 7.24 4.35
C GLY A 93 -3.31 6.51 5.03
N ASP A 94 -3.35 6.39 6.33
CA ASP A 94 -2.25 5.69 7.05
C ASP A 94 -2.28 4.20 6.72
N ALA A 95 -1.18 3.51 6.95
CA ALA A 95 -1.13 2.04 6.66
C ALA A 95 -0.34 1.33 7.74
N HIS A 96 -0.97 0.46 8.49
CA HIS A 96 -0.26 -0.27 9.59
C HIS A 96 0.11 -1.68 9.12
N PHE A 97 1.27 -2.17 9.52
CA PHE A 97 1.71 -3.54 9.12
C PHE A 97 1.98 -4.37 10.39
N ASP A 98 1.50 -5.59 10.42
CA ASP A 98 1.73 -6.44 11.62
C ASP A 98 3.21 -6.80 11.71
N GLU A 99 3.85 -6.42 12.78
CA GLU A 99 5.31 -6.73 12.94
C GLU A 99 5.47 -8.02 13.76
N ASP A 100 4.38 -8.61 14.17
CA ASP A 100 4.48 -9.85 14.99
C ASP A 100 4.88 -11.03 14.09
N GLU A 101 4.71 -10.89 12.80
CA GLU A 101 5.11 -11.99 11.87
C GLU A 101 6.49 -11.69 11.29
N ARG A 102 7.15 -12.67 10.75
CA ARG A 102 8.52 -12.44 10.18
C ARG A 102 8.39 -11.98 8.73
N TRP A 103 8.88 -10.79 8.44
CA TRP A 103 8.80 -10.28 7.04
C TRP A 103 10.02 -10.77 6.26
N THR A 104 9.84 -11.14 5.02
CA THR A 104 10.97 -11.64 4.19
C THR A 104 11.01 -10.88 2.86
N ASN A 105 12.10 -11.00 2.14
CA ASN A 105 12.22 -10.31 0.81
C ASN A 105 12.38 -11.35 -0.29
N ASN A 106 11.80 -12.51 -0.12
CA ASN A 106 11.91 -13.57 -1.16
C ASN A 106 10.63 -14.42 -1.17
N PHE A 107 10.69 -15.58 -1.76
CA PHE A 107 9.47 -16.45 -1.81
C PHE A 107 9.29 -17.20 -0.50
N ARG A 108 9.64 -16.60 0.60
CA ARG A 108 9.47 -17.30 1.91
C ARG A 108 8.01 -17.27 2.34
N GLU A 109 7.76 -17.60 3.58
CA GLU A 109 6.36 -17.64 4.11
C GLU A 109 5.59 -16.35 3.77
N TYR A 110 6.08 -15.21 4.19
CA TYR A 110 5.33 -13.93 3.95
C TYR A 110 6.14 -12.94 3.10
N ASN A 111 5.48 -12.26 2.18
CA ASN A 111 6.17 -11.26 1.31
C ASN A 111 5.74 -9.85 1.74
N LEU A 112 6.66 -9.04 2.18
CA LEU A 112 6.30 -7.66 2.62
C LEU A 112 5.82 -6.82 1.43
N HIS A 113 6.48 -6.92 0.32
CA HIS A 113 6.06 -6.11 -0.87
C HIS A 113 4.62 -6.43 -1.28
N ARG A 114 4.25 -7.69 -1.28
CA ARG A 114 2.87 -8.04 -1.69
C ARG A 114 1.85 -7.35 -0.78
N VAL A 115 2.12 -7.31 0.49
CA VAL A 115 1.16 -6.66 1.43
C VAL A 115 1.20 -5.15 1.19
N ALA A 116 2.36 -4.60 0.97
CA ALA A 116 2.44 -3.14 0.72
C ALA A 116 1.55 -2.78 -0.47
N ALA A 117 1.59 -3.59 -1.49
CA ALA A 117 0.75 -3.31 -2.69
C ALA A 117 -0.73 -3.38 -2.33
N HIS A 118 -1.11 -4.25 -1.43
CA HIS A 118 -2.55 -4.34 -1.06
C HIS A 118 -2.97 -3.09 -0.28
N GLU A 119 -2.31 -2.80 0.80
CA GLU A 119 -2.70 -1.59 1.59
C GLU A 119 -2.63 -0.34 0.70
N LEU A 120 -1.64 -0.24 -0.14
CA LEU A 120 -1.54 0.94 -1.03
C LEU A 120 -2.78 0.99 -1.94
N GLY A 121 -3.24 -0.13 -2.41
CA GLY A 121 -4.44 -0.14 -3.29
C GLY A 121 -5.62 0.44 -2.50
N HIS A 122 -5.74 0.12 -1.25
CA HIS A 122 -6.86 0.67 -0.43
C HIS A 122 -6.70 2.18 -0.34
N SER A 123 -5.48 2.66 -0.32
CA SER A 123 -5.26 4.12 -0.24
C SER A 123 -5.72 4.76 -1.56
N LEU A 124 -5.70 4.00 -2.63
CA LEU A 124 -6.14 4.55 -3.94
C LEU A 124 -7.66 4.44 -4.05
N GLY A 125 -8.30 3.81 -3.11
CA GLY A 125 -9.79 3.69 -3.15
C GLY A 125 -10.20 2.44 -3.93
N LEU A 126 -9.31 1.50 -4.10
CA LEU A 126 -9.68 0.27 -4.85
C LEU A 126 -10.38 -0.71 -3.90
N SER A 127 -11.47 -1.30 -4.33
CA SER A 127 -12.21 -2.26 -3.47
C SER A 127 -11.63 -3.67 -3.63
N HIS A 128 -12.00 -4.59 -2.78
CA HIS A 128 -11.47 -5.98 -2.89
C HIS A 128 -12.05 -6.63 -4.16
N SER A 129 -11.39 -7.66 -4.65
CA SER A 129 -11.87 -8.37 -5.87
C SER A 129 -11.87 -9.87 -5.61
N THR A 130 -12.65 -10.63 -6.36
CA THR A 130 -12.70 -12.11 -6.16
C THR A 130 -11.84 -12.81 -7.22
N ASP A 131 -11.07 -12.06 -7.97
CA ASP A 131 -10.23 -12.70 -9.02
C ASP A 131 -8.95 -13.24 -8.38
N ILE A 132 -8.63 -14.48 -8.62
CA ILE A 132 -7.41 -15.07 -8.02
C ILE A 132 -6.17 -14.29 -8.48
N GLY A 133 -6.20 -13.68 -9.62
CA GLY A 133 -5.00 -12.93 -10.11
C GLY A 133 -4.98 -11.51 -9.51
N ALA A 134 -6.00 -11.13 -8.79
CA ALA A 134 -6.03 -9.77 -8.19
C ALA A 134 -5.24 -9.78 -6.88
N LEU A 135 -4.38 -8.82 -6.68
CA LEU A 135 -3.58 -8.75 -5.43
C LEU A 135 -4.51 -8.41 -4.26
N MET A 136 -5.58 -7.72 -4.53
CA MET A 136 -6.50 -7.35 -3.43
C MET A 136 -7.33 -8.56 -3.01
N TYR A 137 -6.70 -9.69 -2.84
CA TYR A 137 -7.45 -10.91 -2.44
C TYR A 137 -7.92 -10.77 -0.97
N PRO A 138 -9.16 -11.12 -0.64
CA PRO A 138 -9.62 -11.00 0.77
C PRO A 138 -8.61 -11.59 1.77
N SER A 139 -8.43 -12.88 1.77
CA SER A 139 -7.48 -13.53 2.72
C SER A 139 -6.05 -13.49 2.14
N TYR A 140 -5.08 -13.89 2.91
CA TYR A 140 -3.68 -13.90 2.40
C TYR A 140 -3.43 -15.19 1.62
N THR A 141 -2.78 -15.10 0.49
CA THR A 141 -2.51 -16.32 -0.33
C THR A 141 -1.16 -16.19 -1.03
N PHE A 142 -0.58 -17.28 -1.43
CA PHE A 142 0.75 -17.22 -2.11
C PHE A 142 0.56 -16.86 -3.59
N SER A 143 1.25 -15.85 -4.05
CA SER A 143 1.14 -15.42 -5.48
C SER A 143 2.51 -15.60 -6.15
N GLY A 144 2.56 -16.37 -7.21
CA GLY A 144 3.85 -16.59 -7.91
C GLY A 144 4.52 -15.25 -8.24
N ASP A 145 4.32 -14.74 -9.43
CA ASP A 145 4.95 -13.45 -9.81
C ASP A 145 4.08 -12.29 -9.32
N VAL A 146 4.69 -11.23 -8.86
CA VAL A 146 3.91 -10.06 -8.35
C VAL A 146 3.62 -9.10 -9.50
N GLN A 147 2.39 -9.03 -9.95
CA GLN A 147 2.03 -8.11 -11.07
C GLN A 147 0.61 -7.59 -10.87
N LEU A 148 0.31 -6.43 -11.40
CA LEU A 148 -1.07 -5.89 -11.25
C LEU A 148 -2.01 -6.65 -12.19
N ALA A 149 -3.25 -6.79 -11.82
CA ALA A 149 -4.20 -7.52 -12.69
C ALA A 149 -4.92 -6.53 -13.62
N GLN A 150 -5.49 -7.02 -14.68
CA GLN A 150 -6.21 -6.13 -15.62
C GLN A 150 -7.34 -5.44 -14.85
N ASP A 151 -8.01 -6.16 -13.99
CA ASP A 151 -9.11 -5.57 -13.20
C ASP A 151 -8.58 -4.38 -12.38
N ASP A 152 -7.41 -4.51 -11.83
CA ASP A 152 -6.85 -3.39 -11.01
C ASP A 152 -6.41 -2.25 -11.94
N ILE A 153 -5.83 -2.57 -13.06
CA ILE A 153 -5.39 -1.49 -14.00
C ILE A 153 -6.63 -0.76 -14.53
N ASP A 154 -7.61 -1.48 -14.99
CA ASP A 154 -8.83 -0.83 -15.52
C ASP A 154 -9.50 -0.01 -14.42
N GLY A 155 -9.54 -0.52 -13.22
CA GLY A 155 -10.19 0.22 -12.10
C GLY A 155 -9.46 1.52 -11.79
N ILE A 156 -8.20 1.45 -11.48
CA ILE A 156 -7.44 2.70 -11.16
C ILE A 156 -7.47 3.64 -12.37
N GLN A 157 -7.34 3.12 -13.56
CA GLN A 157 -7.37 4.00 -14.77
C GLN A 157 -8.74 4.67 -14.86
N ALA A 158 -9.78 3.95 -14.56
CA ALA A 158 -11.15 4.55 -14.65
C ALA A 158 -11.25 5.74 -13.69
N ILE A 159 -10.72 5.64 -12.50
CA ILE A 159 -10.83 6.80 -11.56
C ILE A 159 -10.12 8.00 -12.17
N TYR A 160 -8.89 7.84 -12.60
CA TYR A 160 -8.14 8.97 -13.21
C TYR A 160 -8.27 8.89 -14.73
N GLY A 161 -7.62 7.92 -15.34
CA GLY A 161 -7.70 7.78 -16.82
C GLY A 161 -6.60 6.85 -17.30
N ARG A 162 -6.40 6.77 -18.59
CA ARG A 162 -5.34 5.86 -19.14
C ARG A 162 -4.03 6.64 -19.31
N SER A 163 -2.93 6.01 -19.03
CA SER A 163 -1.62 6.72 -19.18
C SER A 163 -1.27 6.81 -20.66
N GLN A 164 -1.77 7.82 -21.34
CA GLN A 164 -1.47 7.97 -22.80
C GLN A 164 -0.33 8.98 -22.99
N ASN A 165 0.90 8.52 -23.03
CA ASN A 165 2.06 9.46 -23.22
C ASN A 165 3.26 8.67 -23.79
N PRO A 166 4.17 9.30 -24.53
CA PRO A 166 5.36 8.57 -25.06
C PRO A 166 6.43 8.38 -23.99
N VAL A 167 6.39 7.28 -23.28
CA VAL A 167 7.40 7.04 -22.21
C VAL A 167 8.67 6.42 -22.80
N GLN A 168 9.82 6.85 -22.35
CA GLN A 168 11.10 6.28 -22.88
C GLN A 168 11.22 4.78 -22.54
N PRO A 169 11.19 4.36 -21.29
CA PRO A 169 11.29 2.90 -20.97
C PRO A 169 10.37 2.05 -21.85
ZN ZN B . -7.71 -5.51 1.90
ZN ZN C . -2.37 -0.87 13.41
CA CA D . -1.41 -11.74 12.37
N1 CGS E . -6.68 -8.89 5.76
CC CGS E . -7.67 -9.91 5.28
CA CGS E . -6.91 -7.40 5.69
S4 CGS E . -4.98 -9.39 5.80
C5 CGS E . -8.57 -10.62 6.28
CD CGS E . -8.04 -11.21 7.50
CE CGS E . -8.89 -11.88 8.45
CZ CGS E . -10.30 -11.94 8.16
N11 CGS E . -10.84 -11.37 7.02
CY CGS E . -9.99 -10.74 6.10
C17 CGS E . -4.25 -9.24 4.18
CE2 CGS E . -4.39 -10.30 3.19
CD2 CGS E . -3.80 -10.14 1.86
C20 CGS E . -3.07 -8.92 1.50
CD1 CGS E . -2.94 -7.87 2.52
CE1 CGS E . -3.53 -8.03 3.83
O27 CGS E . -2.50 -8.77 0.22
COM CGS E . -1.18 -9.29 0.04
O32 CGS E . -5.04 -10.77 6.18
O33 CGS E . -4.38 -8.46 6.69
C34 CGS E . -6.82 -6.92 4.23
N35 CGS E . -5.78 -6.15 3.94
CB CGS E . -8.06 -6.72 6.48
CG2 CGS E . -7.68 -5.36 7.06
CG1 CGS E . -8.60 -7.57 7.63
O47 CGS E . -7.65 -7.21 3.37
O48 CGS E . -5.62 -5.67 2.65
HC1 CGS E . -8.29 -9.44 4.53
HC2 CGS E . -7.10 -10.68 4.74
HA CGS E . -6.02 -6.97 6.16
HD CGS E . -6.98 -11.17 7.70
HE CGS E . -8.49 -12.32 9.35
HZ CGS E . -10.99 -12.41 8.83
HY CGS E . -10.46 -10.32 5.23
HE2 CGS E . -4.93 -11.19 3.44
HD2 CGS E . -3.92 -10.95 1.14
HD1 CGS E . -2.40 -6.96 2.30
HE1 CGS E . -3.43 -7.26 4.58
HOM1 CGS E . -0.81 -9.77 0.94
HOM2 CGS E . -1.16 -10.04 -0.76
HOM3 CGS E . -0.47 -8.50 -0.24
H49 CGS E . -5.14 -5.95 4.70
HB CGS E . -8.89 -6.54 5.82
HG21 CGS E . -8.46 -4.98 7.71
HG22 CGS E . -7.51 -4.63 6.28
HG23 CGS E . -6.77 -5.44 7.65
HG11 CGS E . -8.38 -8.62 7.47
HG12 CGS E . -9.68 -7.46 7.72
HG13 CGS E . -8.15 -7.27 8.58
H50 CGS E . -5.34 -6.36 2.03
#